data_9MU6
#
_entry.id   9MU6
#
_cell.length_a   1.00
_cell.length_b   1.00
_cell.length_c   1.00
_cell.angle_alpha   90.00
_cell.angle_beta   90.00
_cell.angle_gamma   90.00
#
_symmetry.space_group_name_H-M   'P 1'
#
_entity_poly.entity_id   1
_entity_poly.type   'polypeptide(L)'
_entity_poly.pdbx_seq_one_letter_code
;GTRSEQRVKMNRMRLKIAARLKDAQNTCAMLTTFNEVDMSYAMDFRKQNLDAFTKKYGIKFGFMSIFAKASAYALQDQPV
VNAVIDGTDIVYRDYVDISVAVATPRGLVVPVIRNVEGMNYADIEIALAGLADKARRDAITVEDMDGGTFTISNGGVFGS
LMGTPIINPPQSAILGMHGIFERPIAVKGEVKIRPMMYIALTYDHRIIDGREAVLFLRKIKAAVENPAIIVAGL
;
_entity_poly.pdbx_strand_id   A,B,C,D,E,F,G,H,I,J,K,L,M,N,O,P,Q,R,S,T,U,V,W,X
#
# COMPACT_ATOMS: atom_id res chain seq x y z
N GLY A 1 3.88 -68.34 13.57
CA GLY A 1 4.17 -69.37 12.59
C GLY A 1 3.97 -70.77 13.11
N THR A 2 2.90 -70.97 13.86
CA THR A 2 2.58 -72.25 14.45
C THR A 2 1.29 -72.80 13.86
N ARG A 3 1.26 -74.12 13.63
CA ARG A 3 0.07 -74.79 13.11
C ARG A 3 -0.82 -75.29 14.24
N SER A 4 -1.19 -74.39 15.15
CA SER A 4 -1.95 -74.75 16.35
C SER A 4 -3.37 -74.25 16.22
N GLU A 5 -4.33 -75.15 16.42
CA GLU A 5 -5.75 -74.83 16.39
C GLU A 5 -6.42 -75.50 17.58
N GLN A 6 -7.56 -74.95 17.99
CA GLN A 6 -8.33 -75.50 19.10
C GLN A 6 -9.79 -75.66 18.70
N ARG A 7 -10.54 -76.29 19.61
CA ARG A 7 -11.89 -76.78 19.33
C ARG A 7 -12.92 -76.11 20.23
N VAL A 8 -12.86 -74.78 20.33
CA VAL A 8 -13.73 -74.06 21.26
C VAL A 8 -15.19 -74.11 20.80
N LYS A 9 -16.08 -74.43 21.72
CA LYS A 9 -17.50 -74.58 21.46
C LYS A 9 -18.24 -73.35 21.97
N MET A 10 -19.12 -72.80 21.16
CA MET A 10 -19.87 -71.60 21.50
C MET A 10 -21.15 -71.99 22.24
N ASN A 11 -21.93 -70.98 22.62
CA ASN A 11 -23.17 -71.19 23.35
C ASN A 11 -24.35 -71.29 22.38
N ARG A 12 -25.53 -71.57 22.95
CA ARG A 12 -26.74 -71.74 22.15
C ARG A 12 -27.20 -70.41 21.55
N MET A 13 -27.01 -69.30 22.28
CA MET A 13 -27.52 -68.01 21.85
C MET A 13 -26.79 -67.48 20.62
N ARG A 14 -25.51 -67.84 20.44
CA ARG A 14 -24.80 -67.41 19.23
C ARG A 14 -25.41 -68.07 18.00
N LEU A 15 -25.75 -69.35 18.08
CA LEU A 15 -26.52 -70.00 17.02
C LEU A 15 -27.92 -69.42 16.88
N LYS A 16 -28.50 -68.94 17.99
CA LYS A 16 -29.85 -68.36 17.92
C LYS A 16 -29.87 -67.07 17.09
N ILE A 17 -28.98 -66.12 17.42
CA ILE A 17 -28.85 -64.90 16.61
C ILE A 17 -28.34 -65.19 15.20
N ALA A 18 -27.46 -66.19 15.04
CA ALA A 18 -26.96 -66.53 13.70
C ALA A 18 -28.07 -67.06 12.79
N ALA A 19 -28.86 -68.02 13.29
CA ALA A 19 -29.98 -68.53 12.51
C ALA A 19 -31.08 -67.48 12.33
N ARG A 20 -31.24 -66.58 13.32
CA ARG A 20 -32.22 -65.50 13.20
C ARG A 20 -31.85 -64.55 12.08
N LEU A 21 -30.59 -64.13 12.00
CA LEU A 21 -30.18 -63.24 10.91
C LEU A 21 -30.13 -63.96 9.58
N LYS A 22 -29.86 -65.27 9.59
CA LYS A 22 -29.90 -66.05 8.35
C LYS A 22 -31.32 -66.14 7.79
N ASP A 23 -32.29 -66.42 8.66
CA ASP A 23 -33.69 -66.43 8.21
C ASP A 23 -34.17 -65.03 7.85
N ALA A 24 -33.65 -64.00 8.51
CA ALA A 24 -34.00 -62.62 8.17
C ALA A 24 -33.48 -62.23 6.80
N GLN A 25 -32.25 -62.64 6.47
CA GLN A 25 -31.72 -62.36 5.14
C GLN A 25 -32.39 -63.22 4.08
N ASN A 26 -32.76 -64.45 4.42
CA ASN A 26 -33.44 -65.31 3.46
C ASN A 26 -34.91 -64.96 3.29
N THR A 27 -35.49 -64.17 4.19
CA THR A 27 -36.87 -63.72 4.06
C THR A 27 -36.98 -62.32 3.48
N CYS A 28 -36.32 -61.34 4.09
CA CYS A 28 -36.34 -59.98 3.59
C CYS A 28 -35.36 -59.83 2.43
N ALA A 29 -35.54 -58.75 1.67
CA ALA A 29 -34.65 -58.43 0.56
C ALA A 29 -33.67 -57.35 1.01
N MET A 30 -32.37 -57.62 0.87
CA MET A 30 -31.35 -56.69 1.31
C MET A 30 -31.19 -55.59 0.26
N LEU A 31 -31.35 -54.33 0.68
CA LEU A 31 -31.42 -53.20 -0.24
C LEU A 31 -31.19 -51.93 0.55
N THR A 32 -30.16 -51.16 0.18
CA THR A 32 -29.77 -50.01 0.98
C THR A 32 -29.72 -48.74 0.15
N THR A 33 -29.71 -47.61 0.87
CA THR A 33 -29.43 -46.30 0.31
C THR A 33 -28.86 -45.43 1.41
N PHE A 34 -28.07 -44.43 1.02
CA PHE A 34 -27.38 -43.58 1.98
C PHE A 34 -27.66 -42.12 1.68
N ASN A 35 -27.32 -41.27 2.65
CA ASN A 35 -27.42 -39.83 2.53
C ASN A 35 -26.50 -39.21 3.56
N GLU A 36 -26.35 -37.89 3.48
CA GLU A 36 -25.51 -37.14 4.40
C GLU A 36 -26.34 -36.05 5.07
N VAL A 37 -26.14 -35.89 6.38
CA VAL A 37 -26.94 -34.99 7.20
C VAL A 37 -26.03 -34.00 7.90
N ASP A 38 -26.31 -32.71 7.75
CA ASP A 38 -25.57 -31.69 8.50
C ASP A 38 -25.96 -31.75 9.96
N MET A 39 -24.96 -31.60 10.83
CA MET A 39 -25.17 -31.71 12.27
C MET A 39 -24.73 -30.46 13.02
N SER A 40 -24.36 -29.39 12.29
CA SER A 40 -23.85 -28.17 12.94
C SER A 40 -24.94 -27.48 13.75
N TYR A 41 -26.18 -27.49 13.25
CA TYR A 41 -27.28 -26.95 14.03
C TYR A 41 -27.56 -27.81 15.26
N ALA A 42 -27.38 -29.13 15.13
CA ALA A 42 -27.49 -30.01 16.29
C ALA A 42 -26.38 -29.74 17.31
N MET A 43 -25.16 -29.45 16.81
CA MET A 43 -24.05 -29.07 17.68
C MET A 43 -24.36 -27.80 18.46
N ASP A 44 -24.87 -26.77 17.77
CA ASP A 44 -25.21 -25.51 18.42
C ASP A 44 -26.36 -25.68 19.41
N PHE A 45 -27.36 -26.48 19.03
CA PHE A 45 -28.53 -26.66 19.89
C PHE A 45 -28.18 -27.43 21.16
N ARG A 46 -27.36 -28.48 21.04
CA ARG A 46 -26.91 -29.21 22.22
C ARG A 46 -26.00 -28.35 23.09
N LYS A 47 -25.11 -27.56 22.45
CA LYS A 47 -24.19 -26.72 23.21
C LYS A 47 -24.91 -25.58 23.92
N GLN A 48 -26.07 -25.15 23.41
CA GLN A 48 -26.84 -24.12 24.09
C GLN A 48 -27.87 -24.67 25.07
N ASN A 49 -28.29 -25.92 24.95
CA ASN A 49 -29.31 -26.46 25.84
C ASN A 49 -28.81 -27.58 26.75
N LEU A 50 -27.49 -27.79 26.83
CA LEU A 50 -26.92 -28.78 27.76
C LEU A 50 -27.29 -28.48 29.21
N ASP A 51 -26.98 -27.27 29.67
CA ASP A 51 -27.29 -26.90 31.05
C ASP A 51 -28.78 -26.73 31.27
N ALA A 52 -29.53 -26.36 30.23
CA ALA A 52 -30.98 -26.24 30.34
C ALA A 52 -31.64 -27.58 30.59
N PHE A 53 -31.31 -28.60 29.78
CA PHE A 53 -31.86 -29.93 30.02
C PHE A 53 -31.32 -30.54 31.31
N THR A 54 -30.07 -30.25 31.67
CA THR A 54 -29.50 -30.78 32.91
C THR A 54 -30.22 -30.20 34.13
N LYS A 55 -30.50 -28.90 34.12
CA LYS A 55 -31.17 -28.29 35.26
C LYS A 55 -32.68 -28.52 35.26
N LYS A 56 -33.27 -28.86 34.11
CA LYS A 56 -34.71 -29.06 34.10
C LYS A 56 -35.09 -30.52 34.35
N TYR A 57 -34.43 -31.47 33.68
CA TYR A 57 -34.85 -32.86 33.78
C TYR A 57 -33.88 -33.74 34.56
N GLY A 58 -32.64 -33.31 34.77
CA GLY A 58 -31.71 -33.96 35.67
C GLY A 58 -30.81 -34.99 35.02
N ILE A 59 -31.08 -35.38 33.79
CA ILE A 59 -30.32 -36.42 33.13
C ILE A 59 -29.55 -35.81 31.97
N LYS A 60 -28.56 -36.58 31.47
CA LYS A 60 -27.71 -36.14 30.38
C LYS A 60 -28.21 -36.70 29.06
N PHE A 61 -28.14 -35.88 28.01
CA PHE A 61 -28.71 -36.21 26.71
C PHE A 61 -27.62 -36.12 25.66
N GLY A 62 -27.71 -36.96 24.63
CA GLY A 62 -26.83 -36.78 23.50
C GLY A 62 -27.15 -37.57 22.25
N PHE A 63 -27.22 -36.86 21.12
CA PHE A 63 -27.00 -37.39 19.77
C PHE A 63 -27.98 -38.46 19.28
N MET A 64 -28.97 -38.83 20.09
CA MET A 64 -29.80 -39.96 19.72
C MET A 64 -31.27 -39.59 19.63
N SER A 65 -31.74 -38.72 20.52
CA SER A 65 -33.16 -38.37 20.56
C SER A 65 -33.56 -37.53 19.35
N ILE A 66 -32.62 -36.76 18.80
CA ILE A 66 -32.87 -35.99 17.58
C ILE A 66 -33.18 -36.92 16.42
N PHE A 67 -32.39 -37.98 16.29
CA PHE A 67 -32.62 -38.98 15.25
C PHE A 67 -33.85 -39.82 15.53
N ALA A 68 -34.15 -40.07 16.81
CA ALA A 68 -35.28 -40.91 17.18
C ALA A 68 -36.62 -40.21 16.92
N LYS A 69 -36.73 -38.95 17.34
CA LYS A 69 -37.97 -38.22 17.16
C LYS A 69 -38.23 -37.90 15.68
N ALA A 70 -37.16 -37.62 14.93
CA ALA A 70 -37.29 -37.43 13.49
C ALA A 70 -37.76 -38.70 12.79
N SER A 71 -37.23 -39.86 13.22
CA SER A 71 -37.67 -41.13 12.66
C SER A 71 -39.11 -41.43 13.03
N ALA A 72 -39.51 -41.07 14.26
CA ALA A 72 -40.90 -41.26 14.68
C ALA A 72 -41.84 -40.40 13.84
N TYR A 73 -41.44 -39.16 13.54
CA TYR A 73 -42.24 -38.30 12.67
C TYR A 73 -42.34 -38.87 11.26
N ALA A 74 -41.22 -39.33 10.71
CA ALA A 74 -41.21 -39.87 9.35
C ALA A 74 -41.97 -41.18 9.24
N LEU A 75 -42.07 -41.96 10.31
CA LEU A 75 -42.95 -43.12 10.32
C LEU A 75 -44.42 -42.74 10.50
N GLN A 76 -44.71 -41.65 11.23
CA GLN A 76 -46.11 -41.22 11.32
C GLN A 76 -46.64 -40.63 10.01
N ASP A 77 -45.82 -39.93 9.25
CA ASP A 77 -46.30 -39.36 8.00
C ASP A 77 -46.01 -40.21 6.76
N GLN A 78 -45.49 -41.42 6.95
CA GLN A 78 -45.27 -42.37 5.85
C GLN A 78 -45.44 -43.77 6.42
N PRO A 79 -46.69 -44.24 6.55
CA PRO A 79 -46.97 -45.41 7.38
C PRO A 79 -46.72 -46.76 6.73
N VAL A 80 -46.12 -46.81 5.54
CA VAL A 80 -45.80 -48.10 4.92
C VAL A 80 -44.38 -48.53 5.27
N VAL A 81 -43.55 -47.63 5.80
CA VAL A 81 -42.19 -47.97 6.21
C VAL A 81 -42.21 -48.89 7.43
N ASN A 82 -43.15 -48.67 8.34
CA ASN A 82 -43.27 -49.52 9.53
C ASN A 82 -43.97 -50.85 9.27
N ALA A 83 -44.68 -50.98 8.15
CA ALA A 83 -45.48 -52.17 7.89
C ALA A 83 -44.61 -53.32 7.41
N VAL A 84 -45.01 -54.54 7.81
CA VAL A 84 -44.25 -55.75 7.48
C VAL A 84 -45.16 -56.75 6.80
N ILE A 85 -44.61 -57.92 6.47
CA ILE A 85 -45.36 -59.02 5.86
C ILE A 85 -45.29 -60.21 6.80
N ASP A 86 -46.45 -60.71 7.22
CA ASP A 86 -46.56 -61.95 7.97
C ASP A 86 -47.37 -62.93 7.12
N GLY A 87 -46.67 -63.64 6.23
CA GLY A 87 -47.31 -64.56 5.33
C GLY A 87 -47.85 -63.88 4.08
N THR A 88 -49.16 -63.67 4.03
CA THR A 88 -49.82 -62.99 2.92
C THR A 88 -50.62 -61.81 3.42
N ASP A 89 -50.09 -61.09 4.40
CA ASP A 89 -50.79 -59.96 5.01
C ASP A 89 -49.80 -58.83 5.25
N ILE A 90 -50.27 -57.60 5.05
CA ILE A 90 -49.48 -56.39 5.33
C ILE A 90 -50.13 -55.70 6.52
N VAL A 91 -49.33 -55.45 7.56
CA VAL A 91 -49.84 -54.92 8.82
C VAL A 91 -49.42 -53.46 8.91
N TYR A 92 -50.29 -52.57 8.45
CA TYR A 92 -50.10 -51.15 8.73
C TYR A 92 -50.33 -50.89 10.21
N ARG A 93 -49.42 -50.13 10.83
CA ARG A 93 -49.51 -49.82 12.25
C ARG A 93 -49.43 -48.31 12.44
N ASP A 94 -50.27 -47.79 13.33
CA ASP A 94 -50.22 -46.39 13.71
C ASP A 94 -49.22 -46.13 14.84
N TYR A 95 -49.13 -47.06 15.79
CA TYR A 95 -48.14 -46.95 16.84
C TYR A 95 -46.75 -47.26 16.28
N VAL A 96 -45.74 -46.58 16.82
CA VAL A 96 -44.36 -46.81 16.42
C VAL A 96 -43.52 -47.03 17.67
N ASP A 97 -42.69 -48.06 17.65
CA ASP A 97 -41.81 -48.40 18.76
C ASP A 97 -40.40 -48.57 18.22
N ILE A 98 -39.51 -47.66 18.58
CA ILE A 98 -38.14 -47.70 18.08
C ILE A 98 -37.36 -48.73 18.86
N SER A 99 -36.72 -49.66 18.15
CA SER A 99 -35.97 -50.76 18.74
C SER A 99 -34.50 -50.35 18.79
N VAL A 100 -34.00 -50.10 19.99
CA VAL A 100 -32.71 -49.45 20.19
C VAL A 100 -31.69 -50.48 20.68
N ALA A 101 -30.52 -50.51 20.05
CA ALA A 101 -29.44 -51.37 20.49
C ALA A 101 -28.58 -50.66 21.54
N VAL A 102 -28.18 -51.43 22.57
CA VAL A 102 -27.29 -50.91 23.60
C VAL A 102 -26.47 -52.09 24.13
N ALA A 103 -25.29 -51.78 24.67
CA ALA A 103 -24.39 -52.82 25.15
C ALA A 103 -24.82 -53.36 26.51
N THR A 104 -24.58 -54.64 26.71
CA THR A 104 -24.81 -55.36 27.96
C THR A 104 -23.60 -56.23 28.19
N PRO A 105 -23.33 -56.64 29.44
CA PRO A 105 -22.18 -57.53 29.70
C PRO A 105 -22.22 -58.88 28.98
N ARG A 106 -23.40 -59.43 28.70
CA ARG A 106 -23.44 -60.72 28.00
C ARG A 106 -23.19 -60.57 26.51
N GLY A 107 -23.47 -59.39 25.95
CA GLY A 107 -23.48 -59.24 24.51
C GLY A 107 -24.07 -57.90 24.08
N LEU A 108 -25.09 -57.94 23.23
CA LEU A 108 -25.80 -56.74 22.79
C LEU A 108 -27.29 -57.02 22.92
N VAL A 109 -27.90 -56.51 24.00
CA VAL A 109 -29.34 -56.64 24.22
C VAL A 109 -30.03 -55.45 23.56
N VAL A 110 -31.27 -55.64 23.14
CA VAL A 110 -31.99 -54.66 22.34
C VAL A 110 -33.27 -54.29 23.08
N PRO A 111 -33.25 -53.25 23.90
CA PRO A 111 -34.49 -52.73 24.49
C PRO A 111 -35.26 -51.86 23.50
N VAL A 112 -36.57 -51.78 23.72
CA VAL A 112 -37.49 -51.08 22.82
C VAL A 112 -38.14 -49.94 23.56
N ILE A 113 -38.13 -48.75 22.96
CA ILE A 113 -38.85 -47.60 23.49
C ILE A 113 -40.31 -47.67 23.03
N ARG A 114 -41.24 -47.56 23.96
CA ARG A 114 -42.66 -47.74 23.68
C ARG A 114 -43.35 -46.39 23.51
N ASN A 115 -44.18 -46.28 22.48
CA ASN A 115 -45.07 -45.13 22.21
C ASN A 115 -44.26 -43.84 22.05
N VAL A 116 -43.45 -43.82 21.00
CA VAL A 116 -42.46 -42.76 20.81
C VAL A 116 -43.00 -41.57 20.02
N GLU A 117 -44.18 -41.69 19.40
CA GLU A 117 -44.64 -40.64 18.49
C GLU A 117 -45.15 -39.42 19.25
N GLY A 118 -45.85 -39.62 20.37
CA GLY A 118 -46.33 -38.52 21.17
C GLY A 118 -45.41 -38.25 22.35
N MET A 119 -44.12 -38.07 22.09
CA MET A 119 -43.14 -38.15 23.16
C MET A 119 -41.97 -37.24 22.83
N ASN A 120 -41.65 -36.32 23.74
CA ASN A 120 -40.68 -35.26 23.50
C ASN A 120 -39.25 -35.79 23.55
N TYR A 121 -38.28 -34.87 23.39
CA TYR A 121 -36.87 -35.23 23.51
C TYR A 121 -36.54 -35.74 24.90
N ALA A 122 -36.91 -34.98 25.93
CA ALA A 122 -36.53 -35.31 27.29
C ALA A 122 -37.23 -36.56 27.80
N ASP A 123 -38.47 -36.79 27.35
CA ASP A 123 -39.16 -38.03 27.72
C ASP A 123 -38.53 -39.25 27.06
N ILE A 124 -38.08 -39.12 25.80
CA ILE A 124 -37.36 -40.19 25.12
C ILE A 124 -36.04 -40.48 25.84
N GLU A 125 -35.35 -39.43 26.28
CA GLU A 125 -34.12 -39.63 27.04
C GLU A 125 -34.38 -40.26 28.40
N ILE A 126 -35.52 -39.94 29.02
CA ILE A 126 -35.91 -40.57 30.28
C ILE A 126 -36.15 -42.06 30.08
N ALA A 127 -36.88 -42.43 29.02
CA ALA A 127 -37.13 -43.83 28.73
C ALA A 127 -35.86 -44.59 28.37
N LEU A 128 -34.98 -43.96 27.59
CA LEU A 128 -33.75 -44.61 27.16
C LEU A 128 -32.77 -44.76 28.32
N ALA A 129 -32.68 -43.74 29.18
CA ALA A 129 -31.84 -43.84 30.37
C ALA A 129 -32.39 -44.85 31.36
N GLY A 130 -33.71 -44.98 31.45
CA GLY A 130 -34.30 -46.02 32.28
C GLY A 130 -34.00 -47.42 31.77
N LEU A 131 -34.06 -47.61 30.44
CA LEU A 131 -33.73 -48.91 29.87
C LEU A 131 -32.24 -49.22 30.01
N ALA A 132 -31.38 -48.21 29.86
CA ALA A 132 -29.94 -48.41 30.07
C ALA A 132 -29.62 -48.68 31.53
N ASP A 133 -30.34 -48.05 32.45
CA ASP A 133 -30.15 -48.33 33.87
C ASP A 133 -30.64 -49.73 34.23
N LYS A 134 -31.73 -50.18 33.59
CA LYS A 134 -32.18 -51.56 33.76
C LYS A 134 -31.15 -52.55 33.20
N ALA A 135 -30.48 -52.18 32.11
CA ALA A 135 -29.41 -53.01 31.59
C ALA A 135 -28.13 -52.90 32.42
N ARG A 136 -28.02 -51.89 33.28
CA ARG A 136 -26.81 -51.74 34.10
C ARG A 136 -26.72 -52.82 35.17
N ARG A 137 -27.81 -53.05 35.92
CA ARG A 137 -27.81 -54.12 36.90
C ARG A 137 -28.45 -55.41 36.37
N ASP A 138 -28.58 -55.51 35.03
CA ASP A 138 -29.08 -56.70 34.33
C ASP A 138 -30.51 -57.05 34.74
N ALA A 139 -31.42 -56.12 34.48
CA ALA A 139 -32.83 -56.30 34.76
C ALA A 139 -33.68 -56.25 33.49
N ILE A 140 -33.10 -56.56 32.34
CA ILE A 140 -33.83 -56.54 31.08
C ILE A 140 -34.72 -57.77 31.00
N THR A 141 -36.01 -57.55 30.77
CA THR A 141 -36.99 -58.62 30.77
C THR A 141 -37.20 -59.16 29.35
N VAL A 142 -38.22 -59.99 29.18
CA VAL A 142 -38.51 -60.59 27.88
C VAL A 142 -39.58 -59.80 27.13
N GLU A 143 -40.49 -59.14 27.85
CA GLU A 143 -41.60 -58.42 27.23
C GLU A 143 -41.15 -57.20 26.43
N ASP A 144 -39.96 -56.67 26.69
CA ASP A 144 -39.41 -55.55 25.93
C ASP A 144 -38.34 -56.01 24.94
N MET A 145 -38.54 -57.17 24.31
CA MET A 145 -37.61 -57.70 23.33
C MET A 145 -38.19 -57.84 21.93
N ASP A 146 -39.46 -57.48 21.75
CA ASP A 146 -40.14 -57.62 20.47
C ASP A 146 -41.03 -56.42 20.22
N GLY A 147 -41.71 -56.42 19.09
CA GLY A 147 -42.66 -55.38 18.76
C GLY A 147 -42.07 -54.13 18.16
N GLY A 148 -40.76 -54.09 17.94
CA GLY A 148 -40.14 -52.90 17.40
C GLY A 148 -40.47 -52.73 15.92
N THR A 149 -40.68 -51.46 15.53
CA THR A 149 -40.99 -51.13 14.14
C THR A 149 -39.87 -50.42 13.42
N PHE A 150 -38.86 -49.93 14.14
CA PHE A 150 -37.77 -49.19 13.54
C PHE A 150 -36.55 -49.30 14.45
N THR A 151 -35.38 -48.97 13.90
CA THR A 151 -34.14 -49.17 14.63
C THR A 151 -33.14 -48.07 14.28
N ILE A 152 -32.56 -47.46 15.30
CA ILE A 152 -31.58 -46.38 15.19
C ILE A 152 -30.28 -46.92 15.75
N SER A 153 -29.93 -48.15 15.36
CA SER A 153 -28.74 -48.89 15.80
C SER A 153 -27.47 -48.04 15.77
N ASN A 154 -26.89 -47.85 16.95
CA ASN A 154 -25.80 -46.90 17.16
C ASN A 154 -24.50 -47.48 16.62
N GLY A 155 -23.96 -46.83 15.59
CA GLY A 155 -22.63 -47.15 15.10
C GLY A 155 -21.77 -45.90 15.10
N GLY A 156 -22.27 -44.85 15.75
CA GLY A 156 -21.62 -43.56 15.74
C GLY A 156 -20.61 -43.35 16.84
N VAL A 157 -20.87 -43.94 18.01
CA VAL A 157 -19.93 -43.83 19.12
C VAL A 157 -18.69 -44.68 18.88
N PHE A 158 -18.77 -45.66 17.99
CA PHE A 158 -17.68 -46.61 17.76
C PHE A 158 -16.78 -46.23 16.60
N GLY A 159 -17.25 -45.36 15.71
CA GLY A 159 -16.37 -44.77 14.71
C GLY A 159 -16.47 -45.34 13.30
N SER A 160 -17.69 -45.58 12.82
CA SER A 160 -17.88 -46.02 11.45
C SER A 160 -18.14 -44.82 10.56
N LEU A 161 -18.06 -45.05 9.25
CA LEU A 161 -18.36 -44.01 8.27
C LEU A 161 -19.51 -44.40 7.36
N MET A 162 -19.51 -45.62 6.83
CA MET A 162 -20.66 -46.19 6.15
C MET A 162 -20.91 -47.59 6.68
N GLY A 163 -22.14 -48.07 6.47
CA GLY A 163 -22.53 -49.39 6.91
C GLY A 163 -23.85 -49.78 6.28
N THR A 164 -24.12 -51.07 6.28
CA THR A 164 -25.31 -51.63 5.64
C THR A 164 -25.98 -52.63 6.58
N PRO A 165 -26.63 -52.15 7.66
CA PRO A 165 -27.06 -53.05 8.73
C PRO A 165 -28.18 -54.00 8.31
N ILE A 166 -28.07 -55.26 8.75
CA ILE A 166 -28.96 -56.32 8.31
C ILE A 166 -30.33 -56.11 8.93
N ILE A 167 -31.38 -56.27 8.10
CA ILE A 167 -32.75 -56.14 8.57
C ILE A 167 -33.08 -57.27 9.53
N ASN A 168 -33.52 -56.92 10.75
CA ASN A 168 -33.86 -57.89 11.77
C ASN A 168 -35.38 -57.96 11.95
N PRO A 169 -35.93 -59.12 12.25
CA PRO A 169 -37.37 -59.24 12.47
C PRO A 169 -37.75 -58.66 13.82
N PRO A 170 -39.03 -58.27 14.02
CA PRO A 170 -40.13 -58.20 13.04
C PRO A 170 -40.37 -56.82 12.44
N GLN A 171 -39.35 -56.07 12.03
CA GLN A 171 -39.53 -54.78 11.41
C GLN A 171 -39.08 -54.85 9.95
N SER A 172 -39.11 -53.69 9.28
CA SER A 172 -38.87 -53.68 7.84
C SER A 172 -37.94 -52.57 7.35
N ALA A 173 -37.42 -51.72 8.24
CA ALA A 173 -36.48 -50.69 7.84
C ALA A 173 -35.64 -50.30 9.05
N ILE A 174 -34.32 -50.23 8.86
CA ILE A 174 -33.38 -49.96 9.93
C ILE A 174 -32.40 -48.88 9.47
N LEU A 175 -32.36 -47.78 10.21
CA LEU A 175 -31.46 -46.66 9.93
C LEU A 175 -30.27 -46.76 10.87
N GLY A 176 -29.10 -47.05 10.32
CA GLY A 176 -27.91 -47.07 11.13
C GLY A 176 -27.13 -45.77 11.05
N MET A 177 -27.27 -44.93 12.08
CA MET A 177 -26.52 -43.68 12.12
C MET A 177 -25.05 -43.95 12.37
N HIS A 178 -24.20 -43.03 11.92
CA HIS A 178 -22.76 -43.24 11.91
C HIS A 178 -22.06 -42.07 12.60
N GLY A 179 -20.73 -42.17 12.70
CA GLY A 179 -19.96 -41.19 13.45
C GLY A 179 -19.81 -39.88 12.72
N ILE A 180 -19.72 -38.81 13.50
CA ILE A 180 -19.60 -37.46 12.95
C ILE A 180 -18.12 -37.17 12.66
N PHE A 181 -17.84 -36.82 11.41
CA PHE A 181 -16.49 -36.53 10.94
C PHE A 181 -16.44 -35.11 10.42
N GLU A 182 -15.31 -34.71 9.84
CA GLU A 182 -15.11 -33.36 9.34
C GLU A 182 -14.92 -33.40 7.83
N ARG A 183 -15.80 -32.71 7.10
CA ARG A 183 -15.72 -32.63 5.65
C ARG A 183 -16.03 -31.20 5.21
N PRO A 184 -15.17 -30.59 4.38
CA PRO A 184 -15.35 -29.18 4.01
C PRO A 184 -16.33 -28.95 2.87
N ILE A 185 -17.61 -28.86 3.20
CA ILE A 185 -18.66 -28.94 2.19
C ILE A 185 -18.94 -27.58 1.56
N ALA A 186 -19.15 -27.58 0.25
CA ALA A 186 -19.55 -26.38 -0.47
C ALA A 186 -21.01 -26.07 -0.16
N VAL A 187 -21.24 -24.99 0.57
CA VAL A 187 -22.58 -24.50 0.86
C VAL A 187 -22.64 -23.03 0.47
N LYS A 188 -23.74 -22.64 -0.19
CA LYS A 188 -24.02 -21.26 -0.63
C LYS A 188 -22.95 -20.71 -1.57
N GLY A 189 -22.30 -21.58 -2.33
CA GLY A 189 -21.33 -21.15 -3.32
C GLY A 189 -19.91 -20.99 -2.84
N GLU A 190 -19.62 -21.27 -1.57
CA GLU A 190 -18.25 -21.21 -1.07
C GLU A 190 -17.98 -22.43 -0.20
N VAL A 191 -16.69 -22.70 0.00
CA VAL A 191 -16.24 -23.88 0.74
C VAL A 191 -16.27 -23.58 2.23
N LYS A 192 -16.98 -24.41 3.00
CA LYS A 192 -17.05 -24.26 4.44
C LYS A 192 -16.90 -25.62 5.11
N ILE A 193 -16.17 -25.65 6.21
CA ILE A 193 -15.93 -26.88 6.95
C ILE A 193 -17.12 -27.09 7.89
N ARG A 194 -18.01 -28.01 7.53
CA ARG A 194 -19.16 -28.35 8.34
C ARG A 194 -19.12 -29.82 8.71
N PRO A 195 -19.19 -30.16 9.99
CA PRO A 195 -19.14 -31.57 10.39
C PRO A 195 -20.41 -32.33 10.08
N MET A 196 -20.36 -33.27 9.13
CA MET A 196 -21.50 -34.13 8.86
C MET A 196 -21.25 -35.55 9.36
N MET A 197 -22.24 -36.38 9.08
CA MET A 197 -22.21 -37.81 9.39
C MET A 197 -23.15 -38.51 8.43
N TYR A 198 -22.71 -39.65 7.90
CA TYR A 198 -23.49 -40.38 6.93
C TYR A 198 -24.56 -41.21 7.61
N ILE A 199 -25.64 -41.47 6.89
CA ILE A 199 -26.72 -42.31 7.39
C ILE A 199 -26.94 -43.45 6.42
N ALA A 200 -27.60 -44.50 6.91
CA ALA A 200 -27.92 -45.67 6.11
C ALA A 200 -29.42 -45.96 6.24
N LEU A 201 -29.93 -46.72 5.28
CA LEU A 201 -31.33 -47.13 5.31
C LEU A 201 -31.45 -48.43 4.51
N THR A 202 -31.48 -49.55 5.22
CA THR A 202 -31.61 -50.85 4.59
C THR A 202 -33.07 -51.28 4.66
N TYR A 203 -33.74 -51.28 3.51
CA TYR A 203 -35.19 -51.39 3.44
C TYR A 203 -35.58 -52.51 2.50
N ASP A 204 -36.63 -53.24 2.86
CA ASP A 204 -37.14 -54.30 2.01
C ASP A 204 -37.80 -53.72 0.76
N HIS A 205 -37.48 -54.30 -0.39
CA HIS A 205 -38.14 -53.93 -1.64
C HIS A 205 -39.50 -54.58 -1.80
N ARG A 206 -39.83 -55.58 -0.97
CA ARG A 206 -41.14 -56.21 -1.08
C ARG A 206 -42.26 -55.30 -0.64
N ILE A 207 -41.99 -54.34 0.26
CA ILE A 207 -43.02 -53.42 0.69
C ILE A 207 -42.62 -51.94 0.56
N ILE A 208 -41.40 -51.58 0.93
CA ILE A 208 -40.96 -50.19 0.73
C ILE A 208 -40.37 -50.05 -0.67
N ASP A 209 -40.95 -49.18 -1.47
CA ASP A 209 -40.40 -48.89 -2.79
C ASP A 209 -39.19 -47.97 -2.65
N GLY A 210 -38.39 -47.90 -3.74
CA GLY A 210 -37.21 -47.05 -3.73
C GLY A 210 -37.53 -45.57 -3.62
N ARG A 211 -38.61 -45.13 -4.27
CA ARG A 211 -39.10 -43.76 -4.12
C ARG A 211 -39.48 -43.47 -2.68
N GLU A 212 -40.15 -44.43 -2.04
CA GLU A 212 -40.60 -44.29 -0.66
C GLU A 212 -39.41 -44.13 0.29
N ALA A 213 -38.38 -44.96 0.10
CA ALA A 213 -37.21 -44.89 0.98
C ALA A 213 -36.36 -43.66 0.71
N VAL A 214 -36.31 -43.21 -0.55
CA VAL A 214 -35.54 -42.01 -0.87
C VAL A 214 -36.19 -40.77 -0.28
N LEU A 215 -37.52 -40.64 -0.43
CA LEU A 215 -38.23 -39.53 0.18
C LEU A 215 -38.21 -39.61 1.71
N PHE A 216 -38.25 -40.83 2.25
CA PHE A 216 -38.14 -41.06 3.68
C PHE A 216 -36.81 -40.58 4.24
N LEU A 217 -35.71 -40.92 3.54
CA LEU A 217 -34.39 -40.52 3.98
C LEU A 217 -34.17 -39.02 3.82
N ARG A 218 -34.71 -38.43 2.74
CA ARG A 218 -34.64 -36.98 2.58
C ARG A 218 -35.43 -36.26 3.66
N LYS A 219 -36.57 -36.81 4.06
CA LYS A 219 -37.37 -36.19 5.11
C LYS A 219 -36.68 -36.28 6.46
N ILE A 220 -36.02 -37.39 6.75
CA ILE A 220 -35.25 -37.49 7.99
C ILE A 220 -34.05 -36.54 7.96
N LYS A 221 -33.41 -36.40 6.79
CA LYS A 221 -32.30 -35.46 6.65
C LYS A 221 -32.74 -34.02 6.89
N ALA A 222 -33.89 -33.64 6.34
CA ALA A 222 -34.43 -32.31 6.60
C ALA A 222 -34.88 -32.14 8.04
N ALA A 223 -35.36 -33.20 8.69
CA ALA A 223 -35.81 -33.09 10.07
C ALA A 223 -34.65 -33.00 11.05
N VAL A 224 -33.51 -33.61 10.74
CA VAL A 224 -32.37 -33.55 11.65
C VAL A 224 -31.53 -32.29 11.39
N GLU A 225 -31.40 -31.87 10.12
CA GLU A 225 -30.73 -30.61 9.82
C GLU A 225 -31.52 -29.42 10.36
N ASN A 226 -32.84 -29.48 10.31
CA ASN A 226 -33.70 -28.42 10.83
C ASN A 226 -34.82 -29.06 11.64
N PRO A 227 -34.78 -28.99 12.97
CA PRO A 227 -35.84 -29.59 13.79
C PRO A 227 -37.08 -28.73 13.96
N ALA A 228 -37.27 -27.69 13.14
CA ALA A 228 -38.54 -26.98 13.10
C ALA A 228 -39.52 -27.62 12.13
N ILE A 229 -39.05 -28.52 11.27
CA ILE A 229 -39.90 -29.21 10.31
C ILE A 229 -40.87 -30.14 11.02
N ILE A 230 -40.46 -30.70 12.16
CA ILE A 230 -41.26 -31.70 12.86
C ILE A 230 -42.48 -31.07 13.52
N VAL A 231 -42.42 -29.79 13.88
CA VAL A 231 -43.60 -29.07 14.32
C VAL A 231 -44.26 -28.34 13.15
N ALA A 232 -43.52 -28.11 12.06
CA ALA A 232 -44.07 -27.48 10.87
C ALA A 232 -45.05 -28.37 10.13
N GLY A 233 -44.84 -29.68 10.14
CA GLY A 233 -45.72 -30.59 9.44
C GLY A 233 -45.44 -30.71 7.95
N LEU A 234 -44.27 -31.23 7.60
CA LEU A 234 -43.94 -31.50 6.20
C LEU A 234 -43.71 -32.99 5.94
N GLY B 1 -50.45 -43.67 20.48
CA GLY B 1 -50.32 -44.62 21.57
C GLY B 1 -51.49 -45.58 21.64
N THR B 2 -51.93 -46.06 20.49
CA THR B 2 -53.05 -46.98 20.40
C THR B 2 -52.59 -48.33 19.88
N ARG B 3 -53.15 -49.40 20.42
CA ARG B 3 -52.83 -50.76 19.99
C ARG B 3 -53.78 -51.22 18.89
N SER B 4 -53.91 -50.43 17.83
CA SER B 4 -54.87 -50.69 16.76
C SER B 4 -54.14 -51.17 15.52
N GLU B 5 -54.57 -52.30 14.98
CA GLU B 5 -54.03 -52.86 13.76
C GLU B 5 -55.18 -53.31 12.87
N GLN B 6 -54.92 -53.40 11.57
CA GLN B 6 -55.92 -53.84 10.61
C GLN B 6 -55.36 -54.93 9.71
N ARG B 7 -56.24 -55.48 8.88
CA ARG B 7 -55.97 -56.69 8.13
C ARG B 7 -56.05 -56.45 6.63
N VAL B 8 -55.38 -55.40 6.14
CA VAL B 8 -55.50 -55.01 4.74
C VAL B 8 -54.81 -56.04 3.85
N LYS B 9 -55.51 -56.44 2.79
CA LYS B 9 -55.04 -57.45 1.84
C LYS B 9 -54.58 -56.76 0.57
N MET B 10 -53.40 -57.15 0.09
CA MET B 10 -52.82 -56.55 -1.10
C MET B 10 -53.31 -57.29 -2.35
N ASN B 11 -52.84 -56.85 -3.51
CA ASN B 11 -53.24 -57.42 -4.78
C ASN B 11 -52.25 -58.53 -5.19
N ARG B 12 -52.57 -59.18 -6.32
CA ARG B 12 -51.74 -60.27 -6.81
C ARG B 12 -50.41 -59.77 -7.35
N MET B 13 -50.41 -58.57 -7.95
CA MET B 13 -49.20 -58.06 -8.60
C MET B 13 -48.11 -57.70 -7.59
N ARG B 14 -48.48 -57.32 -6.38
CA ARG B 14 -47.47 -57.04 -5.36
C ARG B 14 -46.71 -58.32 -4.98
N LEU B 15 -47.42 -59.44 -4.84
CA LEU B 15 -46.77 -60.74 -4.69
C LEU B 15 -45.99 -61.14 -5.94
N LYS B 16 -46.45 -60.70 -7.13
CA LYS B 16 -45.74 -61.05 -8.36
C LYS B 16 -44.36 -60.40 -8.42
N ILE B 17 -44.30 -59.08 -8.22
CA ILE B 17 -42.99 -58.40 -8.16
C ILE B 17 -42.17 -58.84 -6.94
N ALA B 18 -42.82 -59.15 -5.81
CA ALA B 18 -42.09 -59.61 -4.63
C ALA B 18 -41.41 -60.96 -4.86
N ALA B 19 -42.14 -61.93 -5.39
CA ALA B 19 -41.55 -63.23 -5.71
C ALA B 19 -40.56 -63.13 -6.86
N ARG B 20 -40.78 -62.19 -7.80
CA ARG B 20 -39.84 -61.98 -8.89
C ARG B 20 -38.50 -61.48 -8.39
N LEU B 21 -38.51 -60.49 -7.49
CA LEU B 21 -37.24 -59.99 -6.95
C LEU B 21 -36.62 -60.99 -5.98
N LYS B 22 -37.44 -61.80 -5.31
CA LYS B 22 -36.89 -62.84 -4.45
C LYS B 22 -36.16 -63.92 -5.26
N ASP B 23 -36.76 -64.36 -6.36
CA ASP B 23 -36.08 -65.32 -7.25
C ASP B 23 -34.89 -64.68 -7.95
N ALA B 24 -34.95 -63.37 -8.22
CA ALA B 24 -33.82 -62.68 -8.82
C ALA B 24 -32.63 -62.59 -7.86
N GLN B 25 -32.90 -62.32 -6.58
CA GLN B 25 -31.83 -62.30 -5.60
C GLN B 25 -31.32 -63.70 -5.29
N ASN B 26 -32.20 -64.70 -5.33
CA ASN B 26 -31.77 -66.08 -5.08
C ASN B 26 -31.08 -66.71 -6.28
N THR B 27 -31.20 -66.11 -7.46
CA THR B 27 -30.51 -66.60 -8.65
C THR B 27 -29.23 -65.83 -8.94
N CYS B 28 -29.33 -64.51 -9.08
CA CYS B 28 -28.15 -63.70 -9.32
C CYS B 28 -27.38 -63.45 -8.03
N ALA B 29 -26.13 -63.03 -8.17
CA ALA B 29 -25.30 -62.69 -7.02
C ALA B 29 -25.26 -61.18 -6.86
N MET B 30 -25.61 -60.71 -5.67
CA MET B 30 -25.68 -59.27 -5.41
C MET B 30 -24.27 -58.76 -5.15
N LEU B 31 -23.85 -57.76 -5.93
CA LEU B 31 -22.48 -57.29 -5.92
C LEU B 31 -22.42 -55.92 -6.59
N THR B 32 -21.95 -54.91 -5.87
CA THR B 32 -22.01 -53.55 -6.37
C THR B 32 -20.65 -52.87 -6.36
N THR B 33 -20.57 -51.78 -7.11
CA THR B 33 -19.46 -50.85 -7.07
C THR B 33 -19.97 -49.48 -7.48
N PHE B 34 -19.28 -48.43 -7.02
CA PHE B 34 -19.72 -47.07 -7.25
C PHE B 34 -18.59 -46.24 -7.84
N ASN B 35 -18.96 -45.07 -8.36
CA ASN B 35 -18.02 -44.11 -8.89
C ASN B 35 -18.70 -42.75 -8.89
N GLU B 36 -17.92 -41.71 -9.19
CA GLU B 36 -18.42 -40.35 -9.26
C GLU B 36 -18.14 -39.76 -10.64
N VAL B 37 -19.11 -39.05 -11.20
CA VAL B 37 -19.06 -38.54 -12.56
C VAL B 37 -19.27 -37.04 -12.53
N ASP B 38 -18.35 -36.29 -13.13
CA ASP B 38 -18.54 -34.85 -13.29
C ASP B 38 -19.64 -34.57 -14.30
N MET B 39 -20.47 -33.59 -14.00
CA MET B 39 -21.61 -33.26 -14.83
C MET B 39 -21.59 -31.82 -15.31
N SER B 40 -20.51 -31.07 -15.04
CA SER B 40 -20.45 -29.66 -15.39
C SER B 40 -20.42 -29.45 -16.90
N TYR B 41 -19.74 -30.34 -17.63
CA TYR B 41 -19.79 -30.27 -19.08
C TYR B 41 -21.17 -30.62 -19.60
N ALA B 42 -21.87 -31.55 -18.93
CA ALA B 42 -23.26 -31.84 -19.29
C ALA B 42 -24.17 -30.65 -19.00
N MET B 43 -23.90 -29.93 -17.90
CA MET B 43 -24.64 -28.71 -17.59
C MET B 43 -24.46 -27.65 -18.68
N ASP B 44 -23.20 -27.42 -19.09
CA ASP B 44 -22.92 -26.44 -20.14
C ASP B 44 -23.52 -26.86 -21.47
N PHE B 45 -23.43 -28.15 -21.80
CA PHE B 45 -23.93 -28.64 -23.09
C PHE B 45 -25.45 -28.54 -23.17
N ARG B 46 -26.15 -28.90 -22.09
CA ARG B 46 -27.60 -28.77 -22.07
C ARG B 46 -28.01 -27.30 -22.07
N LYS B 47 -27.28 -26.45 -21.35
CA LYS B 47 -27.62 -25.03 -21.29
C LYS B 47 -27.35 -24.33 -22.62
N GLN B 48 -26.44 -24.85 -23.43
CA GLN B 48 -26.20 -24.26 -24.75
C GLN B 48 -27.03 -24.89 -25.86
N ASN B 49 -27.55 -26.10 -25.67
CA ASN B 49 -28.31 -26.75 -26.74
C ASN B 49 -29.78 -26.97 -26.40
N LEU B 50 -30.28 -26.36 -25.32
CA LEU B 50 -31.71 -26.44 -24.99
C LEU B 50 -32.59 -25.90 -26.10
N ASP B 51 -32.34 -24.65 -26.51
CA ASP B 51 -33.14 -24.05 -27.57
C ASP B 51 -32.86 -24.68 -28.93
N ALA B 52 -31.66 -25.21 -29.13
CA ALA B 52 -31.32 -25.88 -30.38
C ALA B 52 -32.12 -27.17 -30.56
N PHE B 53 -32.15 -28.03 -29.54
CA PHE B 53 -32.96 -29.24 -29.61
C PHE B 53 -34.45 -28.93 -29.61
N THR B 54 -34.87 -27.87 -28.90
CA THR B 54 -36.27 -27.49 -28.89
C THR B 54 -36.74 -27.02 -30.26
N LYS B 55 -35.93 -26.22 -30.95
CA LYS B 55 -36.32 -25.72 -32.26
C LYS B 55 -36.07 -26.75 -33.36
N LYS B 56 -35.23 -27.76 -33.13
CA LYS B 56 -34.98 -28.71 -34.21
C LYS B 56 -35.91 -29.92 -34.12
N TYR B 57 -36.09 -30.50 -32.93
CA TYR B 57 -36.86 -31.73 -32.80
C TYR B 57 -38.21 -31.55 -32.13
N GLY B 58 -38.41 -30.46 -31.40
CA GLY B 58 -39.72 -30.10 -30.89
C GLY B 58 -40.03 -30.59 -29.48
N ILE B 59 -39.20 -31.48 -28.94
CA ILE B 59 -39.45 -32.07 -27.63
C ILE B 59 -38.38 -31.61 -26.66
N LYS B 60 -38.66 -31.81 -25.37
CA LYS B 60 -37.77 -31.39 -24.30
C LYS B 60 -36.93 -32.57 -23.84
N PHE B 61 -35.65 -32.30 -23.56
CA PHE B 61 -34.68 -33.34 -23.25
C PHE B 61 -34.06 -33.04 -21.89
N GLY B 62 -33.71 -34.09 -21.15
CA GLY B 62 -32.93 -33.86 -19.95
C GLY B 62 -32.31 -35.09 -19.30
N PHE B 63 -31.01 -35.03 -19.05
CA PHE B 63 -30.30 -35.78 -18.01
C PHE B 63 -30.29 -37.30 -18.17
N MET B 64 -30.89 -37.84 -19.23
CA MET B 64 -31.04 -39.29 -19.29
C MET B 64 -30.40 -39.86 -20.54
N SER B 65 -30.49 -39.15 -21.67
CA SER B 65 -29.98 -39.69 -22.92
C SER B 65 -28.46 -39.72 -22.95
N ILE B 66 -27.82 -38.83 -22.19
CA ILE B 66 -26.36 -38.83 -22.06
C ILE B 66 -25.91 -40.13 -21.40
N PHE B 67 -26.59 -40.52 -20.33
CA PHE B 67 -26.29 -41.76 -19.64
C PHE B 67 -26.69 -42.98 -20.46
N ALA B 68 -27.77 -42.87 -21.24
CA ALA B 68 -28.27 -43.98 -22.03
C ALA B 68 -27.35 -44.31 -23.20
N LYS B 69 -26.92 -43.29 -23.95
CA LYS B 69 -26.07 -43.51 -25.10
C LYS B 69 -24.67 -43.96 -24.69
N ALA B 70 -24.17 -43.43 -23.55
CA ALA B 70 -22.90 -43.88 -23.01
C ALA B 70 -22.96 -45.34 -22.58
N SER B 71 -24.07 -45.74 -21.96
CA SER B 71 -24.25 -47.14 -21.58
C SER B 71 -24.37 -48.04 -22.80
N ALA B 72 -25.04 -47.56 -23.85
CA ALA B 72 -25.13 -48.32 -25.09
C ALA B 72 -23.76 -48.52 -25.73
N TYR B 73 -22.92 -47.48 -25.71
CA TYR B 73 -21.55 -47.60 -26.20
C TYR B 73 -20.74 -48.60 -25.38
N ALA B 74 -20.84 -48.51 -24.05
CA ALA B 74 -20.08 -49.40 -23.19
C ALA B 74 -20.55 -50.85 -23.28
N LEU B 75 -21.82 -51.08 -23.60
CA LEU B 75 -22.26 -52.44 -23.89
C LEU B 75 -21.84 -52.92 -25.28
N GLN B 76 -21.72 -52.02 -26.26
CA GLN B 76 -21.22 -52.44 -27.56
C GLN B 76 -19.73 -52.78 -27.54
N ASP B 77 -18.93 -52.08 -26.75
CA ASP B 77 -17.50 -52.37 -26.72
C ASP B 77 -17.08 -53.29 -25.56
N GLN B 78 -18.04 -53.83 -24.81
CA GLN B 78 -17.76 -54.81 -23.76
C GLN B 78 -18.96 -55.74 -23.69
N PRO B 79 -19.04 -56.74 -24.57
CA PRO B 79 -20.30 -57.47 -24.79
C PRO B 79 -20.60 -58.58 -23.79
N VAL B 80 -19.84 -58.71 -22.71
CA VAL B 80 -20.15 -59.70 -21.68
C VAL B 80 -21.02 -59.10 -20.57
N VAL B 81 -21.13 -57.76 -20.51
CA VAL B 81 -21.98 -57.11 -19.52
C VAL B 81 -23.45 -57.36 -19.82
N ASN B 82 -23.81 -57.40 -21.10
CA ASN B 82 -25.20 -57.66 -21.47
C ASN B 82 -25.58 -59.14 -21.43
N ALA B 83 -24.61 -60.04 -21.39
CA ALA B 83 -24.90 -61.46 -21.48
C ALA B 83 -25.37 -62.01 -20.14
N VAL B 84 -26.29 -62.99 -20.21
CA VAL B 84 -26.89 -63.59 -19.03
C VAL B 84 -26.70 -65.09 -19.05
N ILE B 85 -27.25 -65.77 -18.04
CA ILE B 85 -27.21 -67.22 -17.93
C ILE B 85 -28.64 -67.73 -17.92
N ASP B 86 -28.97 -68.61 -18.87
CA ASP B 86 -30.25 -69.32 -18.89
C ASP B 86 -29.94 -70.81 -18.75
N GLY B 87 -29.81 -71.25 -17.51
CA GLY B 87 -29.46 -72.64 -17.25
C GLY B 87 -27.97 -72.87 -17.29
N THR B 88 -27.50 -73.48 -18.37
CA THR B 88 -26.08 -73.75 -18.59
C THR B 88 -25.60 -73.15 -19.89
N ASP B 89 -26.10 -71.95 -20.21
CA ASP B 89 -25.78 -71.28 -21.47
C ASP B 89 -25.55 -69.81 -21.21
N ILE B 90 -24.59 -69.22 -21.92
CA ILE B 90 -24.31 -67.80 -21.86
C ILE B 90 -24.70 -67.21 -23.21
N VAL B 91 -25.56 -66.19 -23.19
CA VAL B 91 -26.13 -65.63 -24.40
C VAL B 91 -25.48 -64.27 -24.63
N TYR B 92 -24.38 -64.26 -25.40
CA TYR B 92 -23.85 -63.00 -25.91
C TYR B 92 -24.82 -62.40 -26.92
N ARG B 93 -25.09 -61.11 -26.78
CA ARG B 93 -26.00 -60.41 -27.66
C ARG B 93 -25.32 -59.17 -28.23
N ASP B 94 -25.53 -58.93 -29.53
CA ASP B 94 -25.04 -57.72 -30.17
C ASP B 94 -26.02 -56.57 -30.02
N TYR B 95 -27.32 -56.85 -30.11
CA TYR B 95 -28.33 -55.84 -29.88
C TYR B 95 -28.40 -55.49 -28.40
N VAL B 96 -28.68 -54.22 -28.10
CA VAL B 96 -28.83 -53.76 -26.74
C VAL B 96 -30.14 -53.00 -26.62
N ASP B 97 -30.91 -53.29 -25.58
CA ASP B 97 -32.20 -52.65 -25.32
C ASP B 97 -32.19 -52.19 -23.87
N ILE B 98 -32.18 -50.87 -23.68
CA ILE B 98 -32.13 -50.31 -22.32
C ILE B 98 -33.54 -50.35 -21.72
N SER B 99 -33.65 -50.95 -20.54
CA SER B 99 -34.92 -51.13 -19.86
C SER B 99 -35.08 -49.98 -18.87
N VAL B 100 -36.00 -49.07 -19.16
CA VAL B 100 -36.11 -47.79 -18.47
C VAL B 100 -37.31 -47.80 -17.54
N ALA B 101 -37.12 -47.40 -16.29
CA ALA B 101 -38.22 -47.27 -15.34
C ALA B 101 -38.85 -45.89 -15.44
N VAL B 102 -40.18 -45.84 -15.36
CA VAL B 102 -40.93 -44.59 -15.36
C VAL B 102 -42.20 -44.81 -14.56
N ALA B 103 -42.74 -43.73 -14.00
CA ALA B 103 -43.93 -43.83 -13.15
C ALA B 103 -45.20 -43.95 -13.98
N THR B 104 -46.15 -44.71 -13.44
CA THR B 104 -47.48 -44.91 -14.00
C THR B 104 -48.45 -44.80 -12.84
N PRO B 105 -49.73 -44.49 -13.10
CA PRO B 105 -50.71 -44.42 -12.01
C PRO B 105 -50.90 -45.70 -11.20
N ARG B 106 -50.71 -46.88 -11.80
CA ARG B 106 -50.89 -48.11 -11.03
C ARG B 106 -49.68 -48.40 -10.14
N GLY B 107 -48.51 -47.89 -10.50
CA GLY B 107 -47.27 -48.30 -9.85
C GLY B 107 -46.05 -47.80 -10.57
N LEU B 108 -45.15 -48.71 -10.93
CA LEU B 108 -43.96 -48.38 -11.71
C LEU B 108 -43.85 -49.38 -12.85
N VAL B 109 -44.26 -48.95 -14.05
CA VAL B 109 -44.17 -49.77 -15.25
C VAL B 109 -42.81 -49.52 -15.89
N VAL B 110 -42.28 -50.51 -16.60
CA VAL B 110 -40.93 -50.48 -17.11
C VAL B 110 -40.98 -50.65 -18.62
N PRO B 111 -41.05 -49.57 -19.39
CA PRO B 111 -40.91 -49.67 -20.85
C PRO B 111 -39.46 -49.81 -21.27
N VAL B 112 -39.27 -50.42 -22.45
CA VAL B 112 -37.94 -50.74 -22.97
C VAL B 112 -37.73 -49.98 -24.27
N ILE B 113 -36.58 -49.31 -24.38
CA ILE B 113 -36.16 -48.68 -25.63
C ILE B 113 -35.49 -49.71 -26.51
N ARG B 114 -35.94 -49.82 -27.76
CA ARG B 114 -35.46 -50.85 -28.67
C ARG B 114 -34.41 -50.29 -29.62
N ASN B 115 -33.33 -51.06 -29.81
CA ASN B 115 -32.26 -50.80 -30.77
C ASN B 115 -31.59 -49.44 -30.51
N VAL B 116 -30.94 -49.36 -29.36
CA VAL B 116 -30.44 -48.08 -28.85
C VAL B 116 -29.01 -47.79 -29.30
N GLU B 117 -28.31 -48.76 -29.89
CA GLU B 117 -26.88 -48.57 -30.16
C GLU B 117 -26.66 -47.69 -31.39
N GLY B 118 -27.49 -47.81 -32.43
CA GLY B 118 -27.39 -46.97 -33.60
C GLY B 118 -28.38 -45.83 -33.56
N MET B 119 -28.39 -45.07 -32.48
CA MET B 119 -29.50 -44.18 -32.20
C MET B 119 -29.00 -42.97 -31.43
N ASN B 120 -29.27 -41.78 -31.96
CA ASN B 120 -28.72 -40.54 -31.45
C ASN B 120 -29.41 -40.11 -30.15
N TYR B 121 -28.99 -38.95 -29.63
CA TYR B 121 -29.63 -38.37 -28.45
C TYR B 121 -31.10 -38.05 -28.70
N ALA B 122 -31.38 -37.32 -29.78
CA ALA B 122 -32.73 -36.85 -30.04
C ALA B 122 -33.67 -38.00 -30.40
N ASP B 123 -33.17 -39.02 -31.08
CA ASP B 123 -33.98 -40.20 -31.37
C ASP B 123 -34.31 -40.99 -30.10
N ILE B 124 -33.35 -41.10 -29.18
CA ILE B 124 -33.60 -41.75 -27.89
C ILE B 124 -34.64 -40.96 -27.10
N GLU B 125 -34.56 -39.62 -27.14
CA GLU B 125 -35.57 -38.80 -26.47
C GLU B 125 -36.94 -38.93 -27.13
N ILE B 126 -36.97 -39.09 -28.46
CA ILE B 126 -38.23 -39.32 -29.18
C ILE B 126 -38.86 -40.65 -28.73
N ALA B 127 -38.06 -41.71 -28.65
CA ALA B 127 -38.56 -43.01 -28.21
C ALA B 127 -39.02 -42.98 -26.75
N LEU B 128 -38.26 -42.30 -25.90
CA LEU B 128 -38.59 -42.25 -24.47
C LEU B 128 -39.82 -41.38 -24.22
N ALA B 129 -39.95 -40.27 -24.94
CA ALA B 129 -41.14 -39.44 -24.84
C ALA B 129 -42.36 -40.13 -25.41
N GLY B 130 -42.18 -40.95 -26.46
CA GLY B 130 -43.29 -41.74 -26.96
C GLY B 130 -43.75 -42.80 -25.97
N LEU B 131 -42.80 -43.45 -25.30
CA LEU B 131 -43.16 -44.44 -24.28
C LEU B 131 -43.81 -43.79 -23.06
N ALA B 132 -43.33 -42.60 -22.67
CA ALA B 132 -43.95 -41.88 -21.57
C ALA B 132 -45.34 -41.36 -21.94
N ASP B 133 -45.53 -40.96 -23.19
CA ASP B 133 -46.85 -40.54 -23.65
C ASP B 133 -47.80 -41.73 -23.73
N LYS B 134 -47.30 -42.91 -24.11
CA LYS B 134 -48.11 -44.13 -24.05
C LYS B 134 -48.48 -44.49 -22.62
N ALA B 135 -47.57 -44.23 -21.67
CA ALA B 135 -47.88 -44.43 -20.27
C ALA B 135 -48.79 -43.35 -19.71
N ARG B 136 -48.92 -42.21 -20.40
CA ARG B 136 -49.76 -41.13 -19.92
C ARG B 136 -51.24 -41.49 -20.00
N ARG B 137 -51.71 -41.99 -21.14
CA ARG B 137 -53.08 -42.43 -21.26
C ARG B 137 -53.25 -43.94 -21.04
N ASP B 138 -52.23 -44.58 -20.44
CA ASP B 138 -52.22 -46.00 -20.07
C ASP B 138 -52.40 -46.91 -21.28
N ALA B 139 -51.44 -46.82 -22.20
CA ALA B 139 -51.42 -47.66 -23.40
C ALA B 139 -50.19 -48.55 -23.46
N ILE B 140 -49.61 -48.87 -22.30
CA ILE B 140 -48.43 -49.74 -22.26
C ILE B 140 -48.85 -51.17 -22.49
N THR B 141 -48.23 -51.82 -23.48
CA THR B 141 -48.61 -53.17 -23.87
C THR B 141 -47.74 -54.19 -23.13
N VAL B 142 -47.83 -55.45 -23.56
CA VAL B 142 -47.09 -56.53 -22.93
C VAL B 142 -45.79 -56.82 -23.68
N GLU B 143 -45.76 -56.57 -25.00
CA GLU B 143 -44.60 -56.89 -25.82
C GLU B 143 -43.38 -56.03 -25.50
N ASP B 144 -43.56 -54.87 -24.87
CA ASP B 144 -42.46 -54.01 -24.45
C ASP B 144 -42.20 -54.10 -22.96
N MET B 145 -42.32 -55.31 -22.39
CA MET B 145 -42.08 -55.54 -20.98
C MET B 145 -40.92 -56.47 -20.70
N ASP B 146 -40.26 -56.98 -21.74
CA ASP B 146 -39.17 -57.94 -21.58
C ASP B 146 -38.08 -57.62 -22.58
N GLY B 147 -37.03 -58.44 -22.56
CA GLY B 147 -35.94 -58.32 -23.51
C GLY B 147 -34.90 -57.27 -23.19
N GLY B 148 -35.03 -56.58 -22.06
CA GLY B 148 -34.07 -55.54 -21.73
C GLY B 148 -32.73 -56.14 -21.31
N THR B 149 -31.65 -55.48 -21.73
CA THR B 149 -30.31 -55.91 -21.40
C THR B 149 -29.60 -55.00 -20.41
N PHE B 150 -30.13 -53.80 -20.15
CA PHE B 150 -29.50 -52.86 -19.24
C PHE B 150 -30.58 -51.94 -18.69
N THR B 151 -30.24 -51.23 -17.60
CA THR B 151 -31.23 -50.41 -16.91
C THR B 151 -30.56 -49.17 -16.35
N ILE B 152 -31.17 -48.00 -16.61
CA ILE B 152 -30.69 -46.71 -16.17
C ILE B 152 -31.76 -46.16 -15.22
N SER B 153 -32.23 -47.02 -14.31
CA SER B 153 -33.28 -46.74 -13.32
C SER B 153 -33.09 -45.40 -12.62
N ASN B 154 -34.05 -44.51 -12.80
CA ASN B 154 -33.93 -43.12 -12.38
C ASN B 154 -34.15 -43.01 -10.88
N GLY B 155 -33.10 -42.61 -10.17
CA GLY B 155 -33.22 -42.28 -8.76
C GLY B 155 -32.71 -40.87 -8.54
N GLY B 156 -32.52 -40.13 -9.63
CA GLY B 156 -31.93 -38.81 -9.57
C GLY B 156 -32.92 -37.69 -9.38
N VAL B 157 -34.11 -37.84 -9.96
CA VAL B 157 -35.15 -36.83 -9.81
C VAL B 157 -35.74 -36.84 -8.40
N PHE B 158 -35.58 -37.95 -7.68
CA PHE B 158 -36.21 -38.12 -6.38
C PHE B 158 -35.30 -37.75 -5.21
N GLY B 159 -33.98 -37.69 -5.44
CA GLY B 159 -33.07 -37.13 -4.46
C GLY B 159 -32.27 -38.12 -3.64
N SER B 160 -31.74 -39.15 -4.28
CA SER B 160 -30.86 -40.09 -3.59
C SER B 160 -29.40 -39.67 -3.77
N LEU B 161 -28.52 -40.27 -2.98
CA LEU B 161 -27.10 -40.02 -3.11
C LEU B 161 -26.32 -41.29 -3.41
N MET B 162 -26.60 -42.39 -2.71
CA MET B 162 -26.11 -43.71 -3.08
C MET B 162 -27.26 -44.71 -3.05
N GLY B 163 -27.06 -45.82 -3.75
CA GLY B 163 -28.07 -46.86 -3.80
C GLY B 163 -27.48 -48.12 -4.40
N THR B 164 -28.15 -49.24 -4.15
CA THR B 164 -27.68 -50.56 -4.59
C THR B 164 -28.82 -51.32 -5.23
N PRO B 165 -29.24 -50.94 -6.45
CA PRO B 165 -30.50 -51.47 -7.01
C PRO B 165 -30.43 -52.96 -7.34
N ILE B 166 -31.51 -53.66 -7.01
CA ILE B 166 -31.56 -55.11 -7.14
C ILE B 166 -31.60 -55.50 -8.61
N ILE B 167 -30.78 -56.51 -8.96
CA ILE B 167 -30.74 -57.01 -10.33
C ILE B 167 -32.07 -57.69 -10.66
N ASN B 168 -32.71 -57.23 -11.75
CA ASN B 168 -33.98 -57.77 -12.19
C ASN B 168 -33.80 -58.60 -13.44
N PRO B 169 -34.58 -59.67 -13.62
CA PRO B 169 -34.47 -60.49 -14.83
C PRO B 169 -35.11 -59.79 -16.01
N PRO B 170 -34.73 -60.14 -17.26
CA PRO B 170 -33.66 -61.06 -17.66
C PRO B 170 -32.34 -60.39 -18.04
N GLN B 171 -31.86 -59.41 -17.29
CA GLN B 171 -30.57 -58.79 -17.60
C GLN B 171 -29.57 -59.11 -16.48
N SER B 172 -28.38 -58.52 -16.58
CA SER B 172 -27.30 -58.89 -15.68
C SER B 172 -26.52 -57.72 -15.10
N ALA B 173 -26.86 -56.48 -15.42
CA ALA B 173 -26.17 -55.32 -14.85
C ALA B 173 -27.10 -54.13 -14.92
N ILE B 174 -27.24 -53.41 -13.81
CA ILE B 174 -28.16 -52.28 -13.69
C ILE B 174 -27.42 -51.10 -13.08
N LEU B 175 -27.38 -49.99 -13.81
CA LEU B 175 -26.75 -48.76 -13.36
C LEU B 175 -27.83 -47.82 -12.84
N GLY B 176 -27.83 -47.57 -11.54
CA GLY B 176 -28.78 -46.62 -10.98
C GLY B 176 -28.16 -45.25 -10.81
N MET B 177 -28.47 -44.33 -11.72
CA MET B 177 -27.96 -42.97 -11.59
C MET B 177 -28.68 -42.24 -10.45
N HIS B 178 -28.00 -41.25 -9.88
CA HIS B 178 -28.46 -40.60 -8.66
C HIS B 178 -28.52 -39.09 -8.87
N GLY B 179 -28.96 -38.38 -7.84
CA GLY B 179 -29.18 -36.95 -7.94
C GLY B 179 -27.89 -36.16 -7.93
N ILE B 180 -27.92 -35.03 -8.62
CA ILE B 180 -26.76 -34.15 -8.72
C ILE B 180 -26.71 -33.22 -7.52
N PHE B 181 -25.60 -33.24 -6.79
CA PHE B 181 -25.40 -32.45 -5.59
C PHE B 181 -24.19 -31.55 -5.81
N GLU B 182 -23.79 -30.84 -4.76
CA GLU B 182 -22.67 -29.90 -4.84
C GLU B 182 -21.56 -30.38 -3.92
N ARG B 183 -20.37 -30.61 -4.49
CA ARG B 183 -19.20 -31.04 -3.74
C ARG B 183 -17.96 -30.31 -4.27
N PRO B 184 -17.18 -29.68 -3.40
CA PRO B 184 -16.05 -28.86 -3.85
C PRO B 184 -14.78 -29.66 -4.14
N ILE B 185 -14.67 -30.20 -5.35
CA ILE B 185 -13.68 -31.22 -5.65
C ILE B 185 -12.34 -30.59 -6.05
N ALA B 186 -11.26 -31.19 -5.55
CA ALA B 186 -9.91 -30.78 -5.93
C ALA B 186 -9.62 -31.26 -7.35
N VAL B 187 -9.54 -30.32 -8.28
CA VAL B 187 -9.17 -30.61 -9.66
C VAL B 187 -8.01 -29.68 -10.04
N LYS B 188 -7.00 -30.26 -10.71
CA LYS B 188 -5.81 -29.55 -11.21
C LYS B 188 -5.01 -28.88 -10.09
N GLY B 189 -5.07 -29.44 -8.88
CA GLY B 189 -4.27 -28.92 -7.79
C GLY B 189 -4.90 -27.84 -6.94
N GLU B 190 -6.13 -27.42 -7.25
CA GLU B 190 -6.83 -26.43 -6.45
C GLU B 190 -8.26 -26.86 -6.23
N VAL B 191 -8.88 -26.26 -5.21
CA VAL B 191 -10.24 -26.62 -4.81
C VAL B 191 -11.24 -25.87 -5.68
N LYS B 192 -12.14 -26.61 -6.32
CA LYS B 192 -13.18 -26.02 -7.16
C LYS B 192 -14.51 -26.69 -6.89
N ILE B 193 -15.57 -25.90 -6.85
CA ILE B 193 -16.91 -26.42 -6.59
C ILE B 193 -17.49 -26.90 -7.92
N ARG B 194 -17.51 -28.21 -8.12
CA ARG B 194 -18.05 -28.81 -9.31
C ARG B 194 -19.20 -29.74 -8.94
N PRO B 195 -20.39 -29.57 -9.52
CA PRO B 195 -21.51 -30.45 -9.19
C PRO B 195 -21.38 -31.85 -9.77
N MET B 196 -21.19 -32.86 -8.92
CA MET B 196 -21.20 -34.24 -9.38
C MET B 196 -22.44 -34.97 -8.92
N MET B 197 -22.47 -36.25 -9.27
CA MET B 197 -23.53 -37.18 -8.90
C MET B 197 -22.94 -38.58 -8.91
N TYR B 198 -23.28 -39.36 -7.90
CA TYR B 198 -22.74 -40.70 -7.77
C TYR B 198 -23.49 -41.67 -8.67
N ILE B 199 -22.80 -42.74 -9.07
CA ILE B 199 -23.42 -43.78 -9.87
C ILE B 199 -23.25 -45.12 -9.17
N ALA B 200 -24.07 -46.07 -9.56
CA ALA B 200 -24.03 -47.42 -9.01
C ALA B 200 -23.94 -48.43 -10.14
N LEU B 201 -23.48 -49.63 -9.80
CA LEU B 201 -23.40 -50.71 -10.77
C LEU B 201 -23.49 -52.03 -10.02
N THR B 202 -24.68 -52.63 -9.99
CA THR B 202 -24.89 -53.90 -9.32
C THR B 202 -24.84 -55.01 -10.36
N TYR B 203 -23.77 -55.80 -10.32
CA TYR B 203 -23.42 -56.72 -11.38
C TYR B 203 -23.23 -58.12 -10.83
N ASP B 204 -23.68 -59.11 -11.58
CA ASP B 204 -23.49 -60.51 -11.18
C ASP B 204 -22.02 -60.90 -11.29
N HIS B 205 -21.51 -61.58 -10.25
CA HIS B 205 -20.16 -62.12 -10.29
C HIS B 205 -20.08 -63.43 -11.05
N ARG B 206 -21.21 -64.05 -11.38
CA ARG B 206 -21.17 -65.30 -12.12
C ARG B 206 -20.73 -65.08 -13.56
N ILE B 207 -20.96 -63.90 -14.13
CA ILE B 207 -20.52 -63.63 -15.49
C ILE B 207 -19.67 -62.37 -15.63
N ILE B 208 -20.05 -61.26 -14.98
CA ILE B 208 -19.22 -60.06 -15.03
C ILE B 208 -18.19 -60.14 -13.91
N ASP B 209 -16.91 -60.10 -14.27
CA ASP B 209 -15.84 -60.06 -13.29
C ASP B 209 -15.72 -58.65 -12.72
N GLY B 210 -15.03 -58.54 -11.58
CA GLY B 210 -14.83 -57.25 -10.95
C GLY B 210 -14.00 -56.29 -11.78
N ARG B 211 -12.98 -56.81 -12.47
CA ARG B 211 -12.20 -56.02 -13.41
C ARG B 211 -13.07 -55.48 -14.54
N GLU B 212 -13.97 -56.34 -15.05
CA GLU B 212 -14.86 -55.98 -16.14
C GLU B 212 -15.80 -54.85 -15.72
N ALA B 213 -16.38 -54.95 -14.53
CA ALA B 213 -17.32 -53.93 -14.06
C ALA B 213 -16.60 -52.63 -13.70
N VAL B 214 -15.37 -52.73 -13.19
CA VAL B 214 -14.62 -51.52 -12.84
C VAL B 214 -14.22 -50.75 -14.09
N LEU B 215 -13.72 -51.46 -15.11
CA LEU B 215 -13.39 -50.81 -16.38
C LEU B 215 -14.64 -50.30 -17.08
N PHE B 216 -15.75 -51.03 -16.94
CA PHE B 216 -17.04 -50.62 -17.50
C PHE B 216 -17.52 -49.31 -16.89
N LEU B 217 -17.42 -49.21 -15.57
CA LEU B 217 -17.87 -48.01 -14.87
C LEU B 217 -16.94 -46.82 -15.16
N ARG B 218 -15.63 -47.09 -15.26
CA ARG B 218 -14.70 -46.03 -15.63
C ARG B 218 -14.94 -45.54 -17.06
N LYS B 219 -15.30 -46.45 -17.96
CA LYS B 219 -15.58 -46.06 -19.34
C LYS B 219 -16.85 -45.23 -19.44
N ILE B 220 -17.88 -45.58 -18.66
CA ILE B 220 -19.09 -44.77 -18.64
C ILE B 220 -18.83 -43.40 -18.00
N LYS B 221 -17.98 -43.37 -16.97
CA LYS B 221 -17.60 -42.10 -16.34
C LYS B 221 -16.86 -41.19 -17.32
N ALA B 222 -15.94 -41.76 -18.11
CA ALA B 222 -15.25 -40.98 -19.13
C ALA B 222 -16.18 -40.58 -20.27
N ALA B 223 -17.18 -41.41 -20.59
CA ALA B 223 -18.09 -41.07 -21.67
C ALA B 223 -19.10 -39.99 -21.28
N VAL B 224 -19.48 -39.92 -20.01
CA VAL B 224 -20.42 -38.89 -19.57
C VAL B 224 -19.72 -37.59 -19.23
N GLU B 225 -18.51 -37.67 -18.63
CA GLU B 225 -17.72 -36.47 -18.41
C GLU B 225 -17.27 -35.83 -19.72
N ASN B 226 -16.95 -36.63 -20.72
CA ASN B 226 -16.55 -36.14 -22.04
C ASN B 226 -17.28 -36.95 -23.10
N PRO B 227 -18.30 -36.39 -23.75
CA PRO B 227 -19.03 -37.13 -24.79
C PRO B 227 -18.37 -37.12 -26.17
N ALA B 228 -17.09 -36.75 -26.27
CA ALA B 228 -16.35 -36.97 -27.51
C ALA B 228 -15.71 -38.34 -27.57
N ILE B 229 -15.67 -39.06 -26.45
CA ILE B 229 -15.09 -40.40 -26.41
C ILE B 229 -15.96 -41.38 -27.20
N ILE B 230 -17.26 -41.14 -27.24
CA ILE B 230 -18.19 -42.09 -27.86
C ILE B 230 -18.06 -42.07 -29.38
N VAL B 231 -17.63 -40.95 -29.97
CA VAL B 231 -17.28 -40.92 -31.38
C VAL B 231 -15.79 -41.17 -31.57
N ALA B 232 -14.98 -40.98 -30.52
CA ALA B 232 -13.55 -41.25 -30.59
C ALA B 232 -13.23 -42.74 -30.69
N GLY B 233 -14.04 -43.59 -30.07
CA GLY B 233 -13.78 -45.01 -30.08
C GLY B 233 -12.75 -45.49 -29.07
N LEU B 234 -13.06 -45.35 -27.79
CA LEU B 234 -12.19 -45.87 -26.74
C LEU B 234 -12.89 -46.93 -25.89
N GLY C 1 -28.76 -53.30 -34.66
CA GLY C 1 -30.18 -53.54 -34.79
C GLY C 1 -30.51 -54.89 -35.41
N THR C 2 -29.76 -55.91 -35.01
CA THR C 2 -29.95 -57.25 -35.53
C THR C 2 -30.41 -58.19 -34.41
N ARG C 3 -31.32 -59.10 -34.76
CA ARG C 3 -31.83 -60.09 -33.80
C ARG C 3 -30.99 -61.37 -33.84
N SER C 4 -29.68 -61.24 -33.70
CA SER C 4 -28.76 -62.35 -33.83
C SER C 4 -28.22 -62.75 -32.46
N GLU C 5 -28.34 -64.04 -32.14
CA GLU C 5 -27.84 -64.60 -30.89
C GLU C 5 -27.11 -65.91 -31.21
N GLN C 6 -26.20 -66.29 -30.32
CA GLN C 6 -25.45 -67.52 -30.47
C GLN C 6 -25.50 -68.34 -29.19
N ARG C 7 -24.95 -69.55 -29.29
CA ARG C 7 -25.12 -70.58 -28.26
C ARG C 7 -23.78 -70.99 -27.66
N VAL C 8 -22.96 -70.00 -27.27
CA VAL C 8 -21.61 -70.30 -26.80
C VAL C 8 -21.66 -71.01 -25.44
N LYS C 9 -20.88 -72.07 -25.32
CA LYS C 9 -20.83 -72.90 -24.12
C LYS C 9 -19.55 -72.60 -23.36
N MET C 10 -19.67 -72.39 -22.05
CA MET C 10 -18.54 -72.06 -21.21
C MET C 10 -17.87 -73.34 -20.72
N ASN C 11 -16.81 -73.17 -19.92
CA ASN C 11 -16.05 -74.28 -19.39
C ASN C 11 -16.58 -74.70 -18.02
N ARG C 12 -16.01 -75.78 -17.47
CA ARG C 12 -16.43 -76.31 -16.18
C ARG C 12 -16.05 -75.36 -15.05
N MET C 13 -14.90 -74.69 -15.17
CA MET C 13 -14.38 -73.87 -14.07
C MET C 13 -15.24 -72.64 -13.83
N ARG C 14 -15.89 -72.10 -14.87
CA ARG C 14 -16.77 -70.96 -14.67
C ARG C 14 -17.98 -71.35 -13.81
N LEU C 15 -18.55 -72.53 -14.06
CA LEU C 15 -19.57 -73.08 -13.16
C LEU C 15 -19.00 -73.39 -11.78
N LYS C 16 -17.72 -73.76 -11.70
CA LYS C 16 -17.11 -74.07 -10.39
C LYS C 16 -17.03 -72.83 -9.51
N ILE C 17 -16.45 -71.74 -10.02
CA ILE C 17 -16.44 -70.48 -9.27
C ILE C 17 -17.84 -69.90 -9.07
N ALA C 18 -18.75 -70.08 -10.04
CA ALA C 18 -20.12 -69.58 -9.89
C ALA C 18 -20.87 -70.29 -8.76
N ALA C 19 -20.81 -71.62 -8.72
CA ALA C 19 -21.45 -72.37 -7.63
C ALA C 19 -20.73 -72.15 -6.31
N ARG C 20 -19.41 -71.92 -6.35
CA ARG C 20 -18.66 -71.64 -5.14
C ARG C 20 -19.09 -70.32 -4.49
N LEU C 21 -19.23 -69.27 -5.31
CA LEU C 21 -19.68 -68.00 -4.75
C LEU C 21 -21.15 -68.03 -4.40
N LYS C 22 -21.95 -68.85 -5.09
CA LYS C 22 -23.36 -69.00 -4.71
C LYS C 22 -23.50 -69.68 -3.37
N ASP C 23 -22.74 -70.75 -3.12
CA ASP C 23 -22.75 -71.40 -1.81
C ASP C 23 -22.14 -70.51 -0.73
N ALA C 24 -21.17 -69.68 -1.11
CA ALA C 24 -20.57 -68.74 -0.15
C ALA C 24 -21.56 -67.67 0.26
N GLN C 25 -22.35 -67.15 -0.69
CA GLN C 25 -23.36 -66.17 -0.33
C GLN C 25 -24.54 -66.81 0.41
N ASN C 26 -24.87 -68.06 0.09
CA ASN C 26 -25.94 -68.76 0.79
C ASN C 26 -25.52 -69.27 2.16
N THR C 27 -24.22 -69.33 2.44
CA THR C 27 -23.73 -69.74 3.75
C THR C 27 -23.38 -68.55 4.64
N CYS C 28 -22.50 -67.67 4.17
CA CYS C 28 -22.13 -66.49 4.94
C CYS C 28 -23.19 -65.41 4.81
N ALA C 29 -23.15 -64.45 5.72
CA ALA C 29 -24.05 -63.31 5.69
C ALA C 29 -23.33 -62.11 5.09
N MET C 30 -23.91 -61.52 4.06
CA MET C 30 -23.28 -60.40 3.37
C MET C 30 -23.53 -59.12 4.18
N LEU C 31 -22.45 -58.44 4.54
CA LEU C 31 -22.53 -57.30 5.46
C LEU C 31 -21.25 -56.51 5.36
N THR C 32 -21.35 -55.23 5.00
CA THR C 32 -20.17 -54.43 4.73
C THR C 32 -20.12 -53.16 5.56
N THR C 33 -18.92 -52.58 5.60
CA THR C 33 -18.70 -51.25 6.14
C THR C 33 -17.47 -50.67 5.45
N PHE C 34 -17.41 -49.34 5.40
CA PHE C 34 -16.35 -48.65 4.68
C PHE C 34 -15.69 -47.62 5.58
N ASN C 35 -14.53 -47.15 5.13
CA ASN C 35 -13.78 -46.09 5.80
C ASN C 35 -12.84 -45.46 4.78
N GLU C 36 -12.22 -44.37 5.19
CA GLU C 36 -11.26 -43.66 4.34
C GLU C 36 -9.91 -43.57 5.06
N VAL C 37 -8.84 -43.80 4.30
CA VAL C 37 -7.48 -43.88 4.85
C VAL C 37 -6.60 -42.87 4.13
N ASP C 38 -5.93 -42.02 4.91
CA ASP C 38 -4.94 -41.11 4.32
C ASP C 38 -3.72 -41.89 3.87
N MET C 39 -3.20 -41.52 2.70
CA MET C 39 -2.07 -42.22 2.10
C MET C 39 -0.89 -41.31 1.84
N SER C 40 -0.94 -40.05 2.30
CA SER C 40 0.13 -39.10 2.02
C SER C 40 1.43 -39.48 2.72
N TYR C 41 1.33 -40.02 3.94
CA TYR C 41 2.52 -40.53 4.61
C TYR C 41 3.07 -41.75 3.89
N ALA C 42 2.19 -42.59 3.34
CA ALA C 42 2.63 -43.71 2.52
C ALA C 42 3.30 -43.23 1.23
N MET C 43 2.78 -42.14 0.64
CA MET C 43 3.42 -41.54 -0.53
C MET C 43 4.83 -41.05 -0.21
N ASP C 44 4.98 -40.33 0.89
CA ASP C 44 6.29 -39.82 1.30
C ASP C 44 7.25 -40.94 1.65
N PHE C 45 6.76 -41.98 2.34
CA PHE C 45 7.61 -43.09 2.75
C PHE C 45 8.09 -43.90 1.56
N ARG C 46 7.20 -44.17 0.60
CA ARG C 46 7.62 -44.87 -0.61
C ARG C 46 8.56 -44.02 -1.45
N LYS C 47 8.29 -42.72 -1.54
CA LYS C 47 9.14 -41.83 -2.33
C LYS C 47 10.52 -41.65 -1.71
N GLN C 48 10.64 -41.81 -0.40
CA GLN C 48 11.95 -41.72 0.24
C GLN C 48 12.66 -43.06 0.36
N ASN C 49 11.96 -44.18 0.29
CA ASN C 49 12.61 -45.48 0.45
C ASN C 49 12.58 -46.35 -0.80
N LEU C 50 12.19 -45.78 -1.96
CA LEU C 50 12.23 -46.52 -3.22
C LEU C 50 13.63 -47.02 -3.55
N ASP C 51 14.61 -46.11 -3.60
CA ASP C 51 15.98 -46.49 -3.92
C ASP C 51 16.62 -47.31 -2.79
N ALA C 52 16.18 -47.09 -1.54
CA ALA C 52 16.70 -47.85 -0.42
C ALA C 52 16.30 -49.32 -0.51
N PHE C 53 15.01 -49.60 -0.74
CA PHE C 53 14.58 -50.99 -0.91
C PHE C 53 15.12 -51.59 -2.20
N THR C 54 15.27 -50.79 -3.26
CA THR C 54 15.81 -51.29 -4.52
C THR C 54 17.27 -51.71 -4.36
N LYS C 55 18.07 -50.89 -3.66
CA LYS C 55 19.47 -51.23 -3.49
C LYS C 55 19.70 -52.26 -2.38
N LYS C 56 18.74 -52.45 -1.47
CA LYS C 56 18.98 -53.41 -0.40
C LYS C 56 18.46 -54.80 -0.76
N TYR C 57 17.23 -54.89 -1.29
CA TYR C 57 16.62 -56.19 -1.51
C TYR C 57 16.51 -56.58 -2.99
N GLY C 58 16.61 -55.62 -3.91
CA GLY C 58 16.74 -55.89 -5.32
C GLY C 58 15.42 -55.91 -6.08
N ILE C 59 14.29 -55.92 -5.40
CA ILE C 59 12.99 -56.02 -6.03
C ILE C 59 12.23 -54.72 -5.85
N LYS C 60 11.17 -54.55 -6.64
CA LYS C 60 10.35 -53.36 -6.60
C LYS C 60 9.11 -53.59 -5.75
N PHE C 61 8.73 -52.58 -4.99
CA PHE C 61 7.67 -52.68 -4.00
C PHE C 61 6.62 -51.62 -4.29
N GLY C 62 5.36 -51.93 -4.02
CA GLY C 62 4.35 -50.89 -4.08
C GLY C 62 2.99 -51.22 -3.49
N PHE C 63 2.51 -50.34 -2.61
CA PHE C 63 1.09 -50.13 -2.29
C PHE C 63 0.35 -51.31 -1.67
N MET C 64 1.02 -52.43 -1.42
CA MET C 64 0.29 -53.63 -1.00
C MET C 64 0.79 -54.15 0.33
N SER C 65 2.10 -54.08 0.57
CA SER C 65 2.66 -54.64 1.79
C SER C 65 2.29 -53.82 3.02
N ILE C 66 2.05 -52.52 2.84
CA ILE C 66 1.59 -51.67 3.92
C ILE C 66 0.22 -52.12 4.40
N PHE C 67 -0.67 -52.40 3.47
CA PHE C 67 -1.99 -52.91 3.80
C PHE C 67 -1.94 -54.34 4.33
N ALA C 68 -1.01 -55.14 3.82
CA ALA C 68 -0.90 -56.55 4.22
C ALA C 68 -0.39 -56.70 5.65
N LYS C 69 0.67 -55.98 5.99
CA LYS C 69 1.25 -56.08 7.33
C LYS C 69 0.33 -55.46 8.38
N ALA C 70 -0.38 -54.39 8.02
CA ALA C 70 -1.38 -53.81 8.93
C ALA C 70 -2.53 -54.77 9.17
N SER C 71 -2.97 -55.47 8.13
CA SER C 71 -4.03 -56.47 8.29
C SER C 71 -3.54 -57.65 9.13
N ALA C 72 -2.28 -58.04 8.96
CA ALA C 72 -1.71 -59.12 9.77
C ALA C 72 -1.67 -58.73 11.24
N TYR C 73 -1.29 -57.48 11.53
CA TYR C 73 -1.31 -56.98 12.90
C TYR C 73 -2.71 -56.96 13.48
N ALA C 74 -3.69 -56.47 12.70
CA ALA C 74 -5.06 -56.39 13.19
C ALA C 74 -5.70 -57.76 13.36
N LEU C 75 -5.26 -58.77 12.62
CA LEU C 75 -5.71 -60.14 12.88
C LEU C 75 -4.99 -60.75 14.08
N GLN C 76 -3.74 -60.37 14.35
CA GLN C 76 -3.08 -60.88 15.55
C GLN C 76 -3.64 -60.29 16.84
N ASP C 77 -4.06 -59.02 16.83
CA ASP C 77 -4.59 -58.43 18.05
C ASP C 77 -6.12 -58.45 18.12
N GLN C 78 -6.79 -59.12 17.18
CA GLN C 78 -8.25 -59.32 17.22
C GLN C 78 -8.53 -60.66 16.56
N PRO C 79 -8.39 -61.76 17.30
CA PRO C 79 -8.33 -63.09 16.66
C PRO C 79 -9.68 -63.71 16.33
N VAL C 80 -10.79 -62.99 16.43
CA VAL C 80 -12.08 -63.54 16.02
C VAL C 80 -12.40 -63.17 14.56
N VAL C 81 -11.67 -62.22 13.97
CA VAL C 81 -11.87 -61.85 12.58
C VAL C 81 -11.41 -62.97 11.66
N ASN C 82 -10.34 -63.67 12.02
CA ASN C 82 -9.86 -64.78 11.20
C ASN C 82 -10.64 -66.08 11.40
N ALA C 83 -11.42 -66.18 12.47
CA ALA C 83 -12.10 -67.43 12.80
C ALA C 83 -13.34 -67.63 11.94
N VAL C 84 -13.62 -68.89 11.60
CA VAL C 84 -14.73 -69.24 10.74
C VAL C 84 -15.63 -70.26 11.43
N ILE C 85 -16.67 -70.70 10.73
CA ILE C 85 -17.59 -71.72 11.23
C ILE C 85 -17.54 -72.90 10.26
N ASP C 86 -17.21 -74.08 10.79
CA ASP C 86 -17.29 -75.33 10.04
C ASP C 86 -18.32 -76.21 10.74
N GLY C 87 -19.59 -76.03 10.38
CA GLY C 87 -20.66 -76.76 11.01
C GLY C 87 -21.12 -76.12 12.30
N THR C 88 -20.74 -76.69 13.44
CA THR C 88 -21.07 -76.17 14.75
C THR C 88 -19.80 -75.93 15.56
N ASP C 89 -18.75 -75.44 14.91
CA ASP C 89 -17.47 -75.21 15.56
C ASP C 89 -16.88 -73.90 15.09
N ILE C 90 -16.23 -73.18 16.00
CA ILE C 90 -15.53 -71.94 15.69
C ILE C 90 -14.04 -72.22 15.84
N VAL C 91 -13.28 -71.94 14.79
CA VAL C 91 -11.85 -72.29 14.75
C VAL C 91 -11.06 -70.99 14.91
N TYR C 92 -10.72 -70.65 16.15
CA TYR C 92 -9.74 -69.60 16.37
C TYR C 92 -8.36 -70.06 15.90
N ARG C 93 -7.67 -69.20 15.16
CA ARG C 93 -6.35 -69.52 14.63
C ARG C 93 -5.37 -68.43 15.02
N ASP C 94 -4.17 -68.84 15.41
CA ASP C 94 -3.10 -67.90 15.70
C ASP C 94 -2.31 -67.53 14.44
N TYR C 95 -2.10 -68.51 13.55
CA TYR C 95 -1.45 -68.24 12.28
C TYR C 95 -2.40 -67.48 11.37
N VAL C 96 -1.85 -66.59 10.56
CA VAL C 96 -2.62 -65.83 9.58
C VAL C 96 -1.96 -65.96 8.22
N ASP C 97 -2.76 -66.24 7.20
CA ASP C 97 -2.29 -66.39 5.83
C ASP C 97 -3.16 -65.51 4.93
N ILE C 98 -2.58 -64.46 4.38
CA ILE C 98 -3.33 -63.53 3.55
C ILE C 98 -3.48 -64.13 2.16
N SER C 99 -4.72 -64.20 1.69
CA SER C 99 -5.06 -64.80 0.40
C SER C 99 -5.14 -63.68 -0.62
N VAL C 100 -4.18 -63.62 -1.54
CA VAL C 100 -3.97 -62.48 -2.42
C VAL C 100 -4.41 -62.84 -3.82
N ALA C 101 -5.21 -61.96 -4.44
CA ALA C 101 -5.62 -62.15 -5.82
C ALA C 101 -4.59 -61.51 -6.77
N VAL C 102 -4.31 -62.20 -7.89
CA VAL C 102 -3.42 -61.68 -8.91
C VAL C 102 -3.86 -62.27 -10.25
N ALA C 103 -3.56 -61.57 -11.34
CA ALA C 103 -3.98 -61.99 -12.66
C ALA C 103 -3.11 -63.11 -13.20
N THR C 104 -3.74 -64.00 -13.96
CA THR C 104 -3.09 -65.10 -14.66
C THR C 104 -3.70 -65.14 -16.05
N PRO C 105 -3.00 -65.73 -17.03
CA PRO C 105 -3.58 -65.83 -18.39
C PRO C 105 -4.90 -66.61 -18.48
N ARG C 106 -5.14 -67.59 -17.62
CA ARG C 106 -6.40 -68.31 -17.71
C ARG C 106 -7.57 -67.53 -17.09
N GLY C 107 -7.28 -66.62 -16.16
CA GLY C 107 -8.32 -66.00 -15.37
C GLY C 107 -7.77 -65.20 -14.22
N LEU C 108 -8.22 -65.51 -13.01
CA LEU C 108 -7.72 -64.87 -11.79
C LEU C 108 -7.39 -65.97 -10.78
N VAL C 109 -6.12 -66.32 -10.67
CA VAL C 109 -5.67 -67.31 -9.70
C VAL C 109 -5.35 -66.59 -8.40
N VAL C 110 -5.48 -67.29 -7.28
CA VAL C 110 -5.38 -66.70 -5.95
C VAL C 110 -4.28 -67.40 -5.17
N PRO C 111 -3.05 -66.91 -5.23
CA PRO C 111 -1.99 -67.45 -4.36
C PRO C 111 -2.09 -66.89 -2.94
N VAL C 112 -1.56 -67.66 -2.00
CA VAL C 112 -1.66 -67.34 -0.58
C VAL C 112 -0.25 -67.13 -0.02
N ILE C 113 -0.07 -66.03 0.71
CA ILE C 113 1.18 -65.78 1.43
C ILE C 113 1.12 -66.49 2.78
N ARG C 114 2.14 -67.27 3.08
CA ARG C 114 2.15 -68.11 4.27
C ARG C 114 2.97 -67.45 5.38
N ASN C 115 2.42 -67.48 6.60
CA ASN C 115 3.06 -67.03 7.84
C ASN C 115 3.47 -65.56 7.76
N VAL C 116 2.45 -64.71 7.66
CA VAL C 116 2.65 -63.30 7.36
C VAL C 116 2.83 -62.44 8.62
N GLU C 117 2.57 -62.98 9.80
CA GLU C 117 2.55 -62.14 11.01
C GLU C 117 3.97 -61.80 11.48
N GLY C 118 4.91 -62.74 11.39
CA GLY C 118 6.29 -62.47 11.76
C GLY C 118 7.14 -62.18 10.54
N MET C 119 6.72 -61.21 9.73
CA MET C 119 7.28 -61.09 8.40
C MET C 119 7.24 -59.62 7.97
N ASN C 120 8.40 -59.09 7.60
CA ASN C 120 8.57 -57.66 7.36
C ASN C 120 7.96 -57.26 6.01
N TYR C 121 8.11 -55.97 5.67
CA TYR C 121 7.67 -55.48 4.37
C TYR C 121 8.41 -56.17 3.22
N ALA C 122 9.74 -56.16 3.28
CA ALA C 122 10.54 -56.68 2.17
C ALA C 122 10.39 -58.18 2.01
N ASP C 123 10.22 -58.91 3.11
CA ASP C 123 9.97 -60.34 3.03
C ASP C 123 8.61 -60.65 2.42
N ILE C 124 7.58 -59.86 2.75
CA ILE C 124 6.27 -60.00 2.13
C ILE C 124 6.35 -59.72 0.65
N GLU C 125 7.13 -58.70 0.25
CA GLU C 125 7.31 -58.43 -1.17
C GLU C 125 8.10 -59.52 -1.87
N ILE C 126 9.04 -60.15 -1.18
CA ILE C 126 9.78 -61.28 -1.73
C ILE C 126 8.84 -62.46 -1.98
N ALA C 127 7.97 -62.76 -1.01
CA ALA C 127 7.01 -63.86 -1.18
C ALA C 127 5.99 -63.56 -2.28
N LEU C 128 5.51 -62.32 -2.34
CA LEU C 128 4.50 -61.95 -3.34
C LEU C 128 5.10 -61.90 -4.74
N ALA C 129 6.34 -61.41 -4.87
CA ALA C 129 7.01 -61.42 -6.15
C ALA C 129 7.36 -62.84 -6.60
N GLY C 130 7.68 -63.72 -5.65
CA GLY C 130 7.89 -65.12 -5.99
C GLY C 130 6.63 -65.80 -6.47
N LEU C 131 5.49 -65.51 -5.83
CA LEU C 131 4.22 -66.07 -6.27
C LEU C 131 3.79 -65.51 -7.62
N ALA C 132 4.04 -64.22 -7.86
CA ALA C 132 3.74 -63.63 -9.16
C ALA C 132 4.66 -64.15 -10.25
N ASP C 133 5.93 -64.43 -9.92
CA ASP C 133 6.84 -65.02 -10.88
C ASP C 133 6.45 -66.47 -11.18
N LYS C 134 5.95 -67.20 -10.17
CA LYS C 134 5.42 -68.53 -10.41
C LYS C 134 4.17 -68.49 -11.29
N ALA C 135 3.35 -67.45 -11.14
CA ALA C 135 2.21 -67.26 -12.02
C ALA C 135 2.61 -66.77 -13.40
N ARG C 136 3.85 -66.24 -13.55
CA ARG C 136 4.27 -65.73 -14.84
C ARG C 136 4.49 -66.86 -15.85
N ARG C 137 5.22 -67.91 -15.46
CA ARG C 137 5.40 -69.06 -16.34
C ARG C 137 4.41 -70.19 -16.04
N ASP C 138 3.33 -69.88 -15.31
CA ASP C 138 2.22 -70.79 -14.99
C ASP C 138 2.70 -72.01 -14.21
N ALA C 139 3.23 -71.74 -13.02
CA ALA C 139 3.70 -72.79 -12.11
C ALA C 139 2.93 -72.78 -10.79
N ILE C 140 1.71 -72.27 -10.80
CA ILE C 140 0.90 -72.23 -9.58
C ILE C 140 0.36 -73.62 -9.29
N THR C 141 0.62 -74.11 -8.07
CA THR C 141 0.25 -75.47 -7.70
C THR C 141 -1.12 -75.47 -7.02
N VAL C 142 -1.48 -76.61 -6.43
CA VAL C 142 -2.77 -76.77 -5.77
C VAL C 142 -2.66 -76.52 -4.27
N GLU C 143 -1.49 -76.80 -3.68
CA GLU C 143 -1.30 -76.69 -2.24
C GLU C 143 -1.35 -75.24 -1.74
N ASP C 144 -1.14 -74.26 -2.60
CA ASP C 144 -1.26 -72.85 -2.25
C ASP C 144 -2.55 -72.23 -2.76
N MET C 145 -3.65 -72.98 -2.71
CA MET C 145 -4.95 -72.50 -3.15
C MET C 145 -5.98 -72.45 -2.03
N ASP C 146 -5.61 -72.84 -0.81
CA ASP C 146 -6.55 -72.87 0.31
C ASP C 146 -5.85 -72.39 1.56
N GLY C 147 -6.58 -72.40 2.67
CA GLY C 147 -6.02 -72.05 3.96
C GLY C 147 -5.93 -70.57 4.24
N GLY C 148 -6.40 -69.71 3.35
CA GLY C 148 -6.31 -68.28 3.57
C GLY C 148 -7.30 -67.81 4.62
N THR C 149 -6.85 -66.87 5.45
CA THR C 149 -7.68 -66.31 6.51
C THR C 149 -8.11 -64.89 6.25
N PHE C 150 -7.51 -64.21 5.28
CA PHE C 150 -7.84 -62.82 4.99
C PHE C 150 -7.49 -62.54 3.54
N THR C 151 -8.02 -61.43 3.02
CA THR C 151 -7.86 -61.12 1.60
C THR C 151 -7.76 -59.62 1.40
N ILE C 152 -6.74 -59.19 0.64
CA ILE C 152 -6.47 -57.79 0.34
C ILE C 152 -6.64 -57.65 -1.17
N SER C 153 -7.73 -58.22 -1.69
CA SER C 153 -8.09 -58.24 -3.12
C SER C 153 -7.94 -56.88 -3.79
N ASN C 154 -7.05 -56.83 -4.77
CA ASN C 154 -6.62 -55.58 -5.39
C ASN C 154 -7.69 -55.06 -6.34
N GLY C 155 -8.27 -53.92 -6.01
CA GLY C 155 -9.16 -53.23 -6.92
C GLY C 155 -8.66 -51.82 -7.15
N GLY C 156 -7.43 -51.56 -6.70
CA GLY C 156 -6.87 -50.22 -6.73
C GLY C 156 -6.14 -49.87 -8.00
N VAL C 157 -5.48 -50.87 -8.61
CA VAL C 157 -4.76 -50.64 -9.85
C VAL C 157 -5.74 -50.48 -11.02
N PHE C 158 -6.98 -50.95 -10.86
CA PHE C 158 -7.95 -50.95 -11.95
C PHE C 158 -8.86 -49.74 -11.94
N GLY C 159 -8.98 -49.04 -10.81
CA GLY C 159 -9.64 -47.76 -10.78
C GLY C 159 -11.05 -47.74 -10.21
N SER C 160 -11.27 -48.45 -9.10
CA SER C 160 -12.55 -48.39 -8.42
C SER C 160 -12.51 -47.34 -7.32
N LEU C 161 -13.70 -47.00 -6.81
CA LEU C 161 -13.80 -46.05 -5.70
C LEU C 161 -14.48 -46.68 -4.50
N MET C 162 -15.58 -47.39 -4.67
CA MET C 162 -16.16 -48.23 -3.64
C MET C 162 -16.47 -49.61 -4.20
N GLY C 163 -16.60 -50.58 -3.32
CA GLY C 163 -16.91 -51.94 -3.71
C GLY C 163 -17.29 -52.75 -2.50
N THR C 164 -17.97 -53.88 -2.76
CA THR C 164 -18.49 -54.74 -1.71
C THR C 164 -18.14 -56.19 -2.02
N PRO C 165 -16.87 -56.59 -1.87
CA PRO C 165 -16.42 -57.89 -2.40
C PRO C 165 -17.02 -59.07 -1.66
N ILE C 166 -17.41 -60.09 -2.43
CA ILE C 166 -18.14 -61.24 -1.89
C ILE C 166 -17.20 -62.09 -1.05
N ILE C 167 -17.68 -62.51 0.12
CA ILE C 167 -16.91 -63.36 1.02
C ILE C 167 -16.70 -64.72 0.37
N ASN C 168 -15.44 -65.14 0.26
CA ASN C 168 -15.09 -66.42 -0.35
C ASN C 168 -14.62 -67.40 0.72
N PRO C 169 -14.91 -68.68 0.57
CA PRO C 169 -14.44 -69.67 1.56
C PRO C 169 -12.96 -69.93 1.39
N PRO C 170 -12.27 -70.44 2.44
CA PRO C 170 -12.74 -70.67 3.81
C PRO C 170 -12.38 -69.57 4.80
N GLN C 171 -12.53 -68.29 4.47
CA GLN C 171 -12.24 -67.22 5.42
C GLN C 171 -13.54 -66.50 5.76
N SER C 172 -13.43 -65.42 6.54
CA SER C 172 -14.61 -64.77 7.08
C SER C 172 -14.59 -63.24 7.00
N ALA C 173 -13.54 -62.63 6.46
CA ALA C 173 -13.50 -61.18 6.29
C ALA C 173 -12.53 -60.84 5.17
N ILE C 174 -12.96 -59.97 4.26
CA ILE C 174 -12.20 -59.61 3.07
C ILE C 174 -12.19 -58.10 2.93
N LEU C 175 -10.99 -57.52 2.94
CA LEU C 175 -10.80 -56.08 2.78
C LEU C 175 -10.41 -55.81 1.33
N GLY C 176 -11.29 -55.15 0.59
CA GLY C 176 -10.96 -54.77 -0.77
C GLY C 176 -10.47 -53.35 -0.86
N MET C 177 -9.16 -53.16 -0.97
CA MET C 177 -8.61 -51.82 -1.11
C MET C 177 -8.91 -51.28 -2.50
N HIS C 178 -8.96 -49.95 -2.60
CA HIS C 178 -9.43 -49.27 -3.80
C HIS C 178 -8.40 -48.26 -4.28
N GLY C 179 -8.71 -47.61 -5.40
CA GLY C 179 -7.76 -46.70 -6.03
C GLY C 179 -7.63 -45.38 -5.29
N ILE C 180 -6.42 -44.81 -5.37
CA ILE C 180 -6.14 -43.55 -4.71
C ILE C 180 -6.56 -42.39 -5.61
N PHE C 181 -7.42 -41.53 -5.08
CA PHE C 181 -7.96 -40.39 -5.81
C PHE C 181 -7.57 -39.11 -5.05
N GLU C 182 -8.08 -37.98 -5.51
CA GLU C 182 -7.77 -36.67 -4.93
C GLU C 182 -9.03 -36.08 -4.33
N ARG C 183 -9.00 -35.79 -3.02
CA ARG C 183 -10.12 -35.18 -2.32
C ARG C 183 -9.58 -34.14 -1.33
N PRO C 184 -10.10 -32.91 -1.38
CA PRO C 184 -9.55 -31.83 -0.54
C PRO C 184 -10.09 -31.82 0.89
N ILE C 185 -9.47 -32.59 1.77
CA ILE C 185 -10.05 -32.90 3.06
C ILE C 185 -9.72 -31.83 4.09
N ALA C 186 -10.71 -31.48 4.91
CA ALA C 186 -10.51 -30.56 6.03
C ALA C 186 -9.73 -31.28 7.12
N VAL C 187 -8.48 -30.87 7.33
CA VAL C 187 -7.65 -31.37 8.41
C VAL C 187 -7.11 -30.18 9.20
N LYS C 188 -7.15 -30.28 10.54
CA LYS C 188 -6.65 -29.27 11.48
C LYS C 188 -7.34 -27.91 11.31
N GLY C 189 -8.59 -27.92 10.86
CA GLY C 189 -9.36 -26.69 10.76
C GLY C 189 -9.25 -25.93 9.45
N GLU C 190 -8.47 -26.42 8.49
CA GLU C 190 -8.38 -25.78 7.19
C GLU C 190 -8.44 -26.83 6.09
N VAL C 191 -8.75 -26.37 4.88
CA VAL C 191 -8.93 -27.25 3.73
C VAL C 191 -7.58 -27.57 3.12
N LYS C 192 -7.28 -28.86 2.99
CA LYS C 192 -6.04 -29.31 2.37
C LYS C 192 -6.30 -30.46 1.43
N ILE C 193 -5.63 -30.46 0.28
CA ILE C 193 -5.80 -31.50 -0.72
C ILE C 193 -4.89 -32.66 -0.34
N ARG C 194 -5.48 -33.72 0.21
CA ARG C 194 -4.74 -34.91 0.59
C ARG C 194 -5.29 -36.11 -0.17
N PRO C 195 -4.44 -36.86 -0.88
CA PRO C 195 -4.95 -38.02 -1.64
C PRO C 195 -5.31 -39.19 -0.75
N MET C 196 -6.59 -39.53 -0.67
CA MET C 196 -7.01 -40.72 0.04
C MET C 196 -7.49 -41.80 -0.91
N MET C 197 -7.94 -42.90 -0.31
CA MET C 197 -8.49 -44.04 -0.99
C MET C 197 -9.43 -44.76 -0.03
N TYR C 198 -10.59 -45.16 -0.53
CA TYR C 198 -11.58 -45.81 0.30
C TYR C 198 -11.24 -47.27 0.50
N ILE C 199 -11.70 -47.83 1.63
CA ILE C 199 -11.52 -49.24 1.91
C ILE C 199 -12.87 -49.88 2.16
N ALA C 200 -12.91 -51.21 2.05
CA ALA C 200 -14.12 -51.97 2.27
C ALA C 200 -13.82 -53.08 3.27
N LEU C 201 -14.89 -53.60 3.88
CA LEU C 201 -14.75 -54.71 4.83
C LEU C 201 -16.08 -55.46 4.84
N THR C 202 -16.15 -56.56 4.10
CA THR C 202 -17.35 -57.38 4.05
C THR C 202 -17.18 -58.56 5.00
N TYR C 203 -17.91 -58.53 6.09
CA TYR C 203 -17.68 -59.41 7.24
C TYR C 203 -18.96 -60.13 7.61
N ASP C 204 -18.83 -61.40 7.98
CA ASP C 204 -19.98 -62.18 8.42
C ASP C 204 -20.48 -61.69 9.77
N HIS C 205 -21.80 -61.53 9.90
CA HIS C 205 -22.40 -61.19 11.18
C HIS C 205 -22.57 -62.39 12.08
N ARG C 206 -22.40 -63.61 11.57
CA ARG C 206 -22.53 -64.79 12.42
C ARG C 206 -21.38 -64.90 13.41
N ILE C 207 -20.21 -64.36 13.09
CA ILE C 207 -19.08 -64.42 14.02
C ILE C 207 -18.47 -63.04 14.31
N ILE C 208 -18.26 -62.20 13.31
CA ILE C 208 -17.75 -60.85 13.56
C ILE C 208 -18.92 -59.92 13.85
N ASP C 209 -18.92 -59.31 15.03
CA ASP C 209 -19.92 -58.32 15.36
C ASP C 209 -19.60 -57.00 14.67
N GLY C 210 -20.60 -56.11 14.62
CA GLY C 210 -20.41 -54.82 14.00
C GLY C 210 -19.42 -53.94 14.73
N ARG C 211 -19.42 -54.00 16.07
CA ARG C 211 -18.41 -53.32 16.88
C ARG C 211 -17.01 -53.83 16.56
N GLU C 212 -16.88 -55.15 16.41
CA GLU C 212 -15.60 -55.78 16.11
C GLU C 212 -15.06 -55.32 14.77
N ALA C 213 -15.92 -55.28 13.74
CA ALA C 213 -15.48 -54.88 12.42
C ALA C 213 -15.20 -53.38 12.34
N VAL C 214 -15.95 -52.57 13.09
CA VAL C 214 -15.72 -51.13 13.08
C VAL C 214 -14.39 -50.79 13.75
N LEU C 215 -14.12 -51.40 14.91
CA LEU C 215 -12.83 -51.20 15.58
C LEU C 215 -11.68 -51.79 14.77
N PHE C 216 -11.94 -52.89 14.07
CA PHE C 216 -10.96 -53.51 13.18
C PHE C 216 -10.58 -52.59 12.04
N LEU C 217 -11.58 -51.97 11.41
CA LEU C 217 -11.34 -51.08 10.29
C LEU C 217 -10.66 -49.79 10.76
N ARG C 218 -11.05 -49.28 11.92
CA ARG C 218 -10.38 -48.11 12.48
C ARG C 218 -8.93 -48.40 12.83
N LYS C 219 -8.65 -49.61 13.31
CA LYS C 219 -7.27 -49.97 13.65
C LYS C 219 -6.42 -50.12 12.40
N ILE C 220 -6.98 -50.67 11.32
CA ILE C 220 -6.24 -50.74 10.06
C ILE C 220 -6.03 -49.35 9.48
N LYS C 221 -7.03 -48.47 9.61
CA LYS C 221 -6.89 -47.09 9.15
C LYS C 221 -5.78 -46.35 9.90
N ALA C 222 -5.70 -46.54 11.22
CA ALA C 222 -4.64 -45.95 12.00
C ALA C 222 -3.28 -46.58 11.69
N ALA C 223 -3.26 -47.88 11.36
CA ALA C 223 -1.99 -48.54 11.06
C ALA C 223 -1.44 -48.15 9.69
N VAL C 224 -2.31 -47.85 8.72
CA VAL C 224 -1.84 -47.46 7.39
C VAL C 224 -1.55 -45.97 7.32
N GLU C 225 -2.35 -45.14 8.00
CA GLU C 225 -2.02 -43.71 8.10
C GLU C 225 -0.74 -43.47 8.88
N ASN C 226 -0.49 -44.25 9.92
CA ASN C 226 0.73 -44.14 10.71
C ASN C 226 1.28 -45.54 10.96
N PRO C 227 2.36 -45.93 10.28
CA PRO C 227 2.93 -47.27 10.48
C PRO C 227 3.85 -47.40 11.68
N ALA C 228 3.83 -46.45 12.62
CA ALA C 228 4.51 -46.63 13.89
C ALA C 228 3.62 -47.32 14.92
N ILE C 229 2.32 -47.41 14.66
CA ILE C 229 1.38 -48.07 15.56
C ILE C 229 1.65 -49.57 15.62
N ILE C 230 2.14 -50.15 14.51
CA ILE C 230 2.32 -51.59 14.44
C ILE C 230 3.49 -52.06 15.30
N VAL C 231 4.48 -51.19 15.53
CA VAL C 231 5.53 -51.50 16.50
C VAL C 231 5.18 -50.91 17.87
N ALA C 232 4.26 -49.94 17.91
CA ALA C 232 3.82 -49.37 19.17
C ALA C 232 2.97 -50.32 19.99
N GLY C 233 2.19 -51.18 19.34
CA GLY C 233 1.34 -52.10 20.07
C GLY C 233 0.02 -51.51 20.54
N LEU C 234 -0.83 -51.10 19.62
CA LEU C 234 -2.17 -50.63 19.95
C LEU C 234 -3.26 -51.50 19.35
N GLY D 1 -33.36 9.48 60.57
CA GLY D 1 -33.79 8.41 61.46
C GLY D 1 -34.68 8.89 62.58
N THR D 2 -35.60 9.80 62.26
CA THR D 2 -36.51 10.37 63.23
C THR D 2 -37.94 9.96 62.91
N ARG D 3 -38.72 9.67 63.95
CA ARG D 3 -40.13 9.31 63.80
C ARG D 3 -41.02 10.54 63.87
N SER D 4 -40.73 11.55 63.05
CA SER D 4 -41.43 12.82 63.09
C SER D 4 -42.35 12.95 61.88
N GLU D 5 -43.62 13.25 62.13
CA GLU D 5 -44.61 13.47 61.09
C GLU D 5 -45.42 14.71 61.44
N GLN D 6 -46.01 15.32 60.41
CA GLN D 6 -46.83 16.50 60.59
C GLN D 6 -48.17 16.34 59.89
N ARG D 7 -49.05 17.32 60.11
CA ARG D 7 -50.46 17.23 59.75
C ARG D 7 -50.84 18.31 58.75
N VAL D 8 -50.05 18.47 57.69
CA VAL D 8 -50.27 19.56 56.74
C VAL D 8 -51.55 19.33 55.94
N LYS D 9 -52.36 20.37 55.83
CA LYS D 9 -53.64 20.32 55.15
C LYS D 9 -53.52 21.01 53.80
N MET D 10 -54.03 20.36 52.76
CA MET D 10 -53.94 20.88 51.41
C MET D 10 -55.13 21.80 51.12
N ASN D 11 -55.19 22.33 49.91
CA ASN D 11 -56.24 23.24 49.50
C ASN D 11 -57.37 22.47 48.83
N ARG D 12 -58.44 23.19 48.49
CA ARG D 12 -59.61 22.60 47.86
C ARG D 12 -59.32 22.13 46.44
N MET D 13 -58.47 22.88 45.73
CA MET D 13 -58.22 22.60 44.31
C MET D 13 -57.45 21.29 44.12
N ARG D 14 -56.61 20.91 45.08
CA ARG D 14 -55.92 19.62 44.96
C ARG D 14 -56.91 18.45 45.01
N LEU D 15 -57.90 18.53 45.91
CA LEU D 15 -59.00 17.58 45.89
C LEU D 15 -59.85 17.69 44.64
N LYS D 16 -59.96 18.90 44.06
CA LYS D 16 -60.74 19.07 42.84
C LYS D 16 -60.13 18.32 41.65
N ILE D 17 -58.84 18.55 41.39
CA ILE D 17 -58.14 17.79 40.34
C ILE D 17 -58.03 16.30 40.68
N ALA D 18 -57.87 15.96 41.97
CA ALA D 18 -57.79 14.54 42.36
C ALA D 18 -59.09 13.80 42.08
N ALA D 19 -60.23 14.37 42.49
CA ALA D 19 -61.52 13.75 42.22
C ALA D 19 -61.86 13.80 40.73
N ARG D 20 -61.39 14.84 40.02
CA ARG D 20 -61.60 14.93 38.58
C ARG D 20 -60.90 13.81 37.84
N LEU D 21 -59.63 13.55 38.18
CA LEU D 21 -58.90 12.46 37.51
C LEU D 21 -59.41 11.10 37.98
N LYS D 22 -59.90 11.01 39.21
CA LYS D 22 -60.50 9.75 39.68
C LYS D 22 -61.78 9.42 38.91
N ASP D 23 -62.65 10.41 38.72
CA ASP D 23 -63.86 10.19 37.92
C ASP D 23 -63.52 9.98 36.44
N ALA D 24 -62.44 10.60 35.96
CA ALA D 24 -62.01 10.39 34.58
C ALA D 24 -61.49 8.97 34.37
N GLN D 25 -60.74 8.43 35.33
CA GLN D 25 -60.29 7.05 35.22
C GLN D 25 -61.43 6.06 35.43
N ASN D 26 -62.39 6.40 36.29
CA ASN D 26 -63.52 5.52 36.52
C ASN D 26 -64.57 5.60 35.41
N THR D 27 -64.50 6.62 34.56
CA THR D 27 -65.41 6.73 33.41
C THR D 27 -64.77 6.24 32.12
N CYS D 28 -63.63 6.79 31.74
CA CYS D 28 -62.94 6.36 30.54
C CYS D 28 -62.17 5.07 30.79
N ALA D 29 -61.80 4.40 29.71
CA ALA D 29 -61.00 3.18 29.79
C ALA D 29 -59.55 3.52 29.47
N MET D 30 -58.65 3.17 30.37
CA MET D 30 -57.23 3.49 30.21
C MET D 30 -56.61 2.48 29.25
N LEU D 31 -56.00 2.98 28.18
CA LEU D 31 -55.51 2.15 27.09
C LEU D 31 -54.54 2.94 26.25
N THR D 32 -53.30 2.47 26.14
CA THR D 32 -52.26 3.24 25.49
C THR D 32 -51.59 2.48 24.35
N THR D 33 -50.89 3.24 23.52
CA THR D 33 -50.00 2.70 22.51
C THR D 33 -48.91 3.74 22.24
N PHE D 34 -47.76 3.29 21.78
CA PHE D 34 -46.61 4.16 21.58
C PHE D 34 -46.06 3.98 20.17
N ASN D 35 -45.21 4.93 19.78
CA ASN D 35 -44.51 4.90 18.50
C ASN D 35 -43.29 5.80 18.62
N GLU D 36 -42.44 5.74 17.61
CA GLU D 36 -41.24 6.57 17.55
C GLU D 36 -41.26 7.42 16.29
N VAL D 37 -40.86 8.69 16.41
CA VAL D 37 -40.94 9.67 15.34
C VAL D 37 -39.56 10.26 15.11
N ASP D 38 -39.09 10.21 13.87
CA ASP D 38 -37.84 10.88 13.51
C ASP D 38 -38.04 12.39 13.54
N MET D 39 -37.04 13.09 14.07
CA MET D 39 -37.12 14.54 14.23
C MET D 39 -35.99 15.27 13.52
N SER D 40 -35.17 14.56 12.74
CA SER D 40 -34.01 15.17 12.09
C SER D 40 -34.43 16.17 11.03
N TYR D 41 -35.52 15.88 10.29
CA TYR D 41 -36.05 16.84 9.35
C TYR D 41 -36.62 18.06 10.08
N ALA D 42 -37.22 17.84 11.25
CA ALA D 42 -37.68 18.96 12.07
C ALA D 42 -36.50 19.79 12.58
N MET D 43 -35.39 19.12 12.93
CA MET D 43 -34.17 19.84 13.33
C MET D 43 -33.65 20.71 12.21
N ASP D 44 -33.55 20.16 10.99
CA ASP D 44 -33.07 20.92 9.84
C ASP D 44 -34.02 22.06 9.48
N PHE D 45 -35.33 21.81 9.55
CA PHE D 45 -36.31 22.83 9.19
C PHE D 45 -36.31 23.99 10.17
N ARG D 46 -36.23 23.69 11.47
CA ARG D 46 -36.15 24.75 12.47
C ARG D 46 -34.82 25.50 12.37
N LYS D 47 -33.72 24.77 12.11
CA LYS D 47 -32.41 25.42 12.00
C LYS D 47 -32.30 26.29 10.76
N GLN D 48 -33.07 25.99 9.71
CA GLN D 48 -33.05 26.83 8.53
C GLN D 48 -34.11 27.94 8.54
N ASN D 49 -35.17 27.82 9.36
CA ASN D 49 -36.21 28.83 9.35
C ASN D 49 -36.32 29.60 10.67
N LEU D 50 -35.35 29.46 11.58
CA LEU D 50 -35.33 30.24 12.82
C LEU D 50 -35.31 31.74 12.56
N ASP D 51 -34.34 32.21 11.77
CA ASP D 51 -34.25 33.63 11.48
C ASP D 51 -35.36 34.10 10.55
N ALA D 52 -35.88 33.19 9.72
CA ALA D 52 -36.99 33.54 8.83
C ALA D 52 -38.27 33.84 9.62
N PHE D 53 -38.63 32.94 10.54
CA PHE D 53 -39.80 33.19 11.38
C PHE D 53 -39.57 34.35 12.35
N THR D 54 -38.34 34.52 12.83
CA THR D 54 -38.03 35.63 13.73
C THR D 54 -38.18 36.98 13.02
N LYS D 55 -37.68 37.08 11.78
CA LYS D 55 -37.78 38.34 11.07
C LYS D 55 -39.15 38.55 10.43
N LYS D 56 -39.95 37.49 10.26
CA LYS D 56 -41.25 37.70 9.63
C LYS D 56 -42.35 37.94 10.66
N TYR D 57 -42.40 37.14 11.73
CA TYR D 57 -43.51 37.22 12.67
C TYR D 57 -43.12 37.80 14.03
N GLY D 58 -41.83 37.83 14.37
CA GLY D 58 -41.34 38.54 15.52
C GLY D 58 -41.24 37.72 16.79
N ILE D 59 -41.80 36.52 16.80
CA ILE D 59 -41.82 35.70 18.00
C ILE D 59 -40.96 34.46 17.77
N LYS D 60 -40.63 33.78 18.88
CA LYS D 60 -39.79 32.59 18.84
C LYS D 60 -40.65 31.34 18.86
N PHE D 61 -40.25 30.34 18.08
CA PHE D 61 -41.05 29.13 17.88
C PHE D 61 -40.20 27.92 18.25
N GLY D 62 -40.85 26.89 18.78
CA GLY D 62 -40.13 25.64 18.96
C GLY D 62 -40.97 24.41 19.29
N PHE D 63 -40.76 23.34 18.53
CA PHE D 63 -41.01 21.95 18.91
C PHE D 63 -42.46 21.57 19.20
N MET D 64 -43.40 22.51 19.07
CA MET D 64 -44.76 22.22 19.52
C MET D 64 -45.77 22.37 18.39
N SER D 65 -45.57 23.37 17.53
CA SER D 65 -46.55 23.64 16.48
C SER D 65 -46.54 22.57 15.41
N ILE D 66 -45.40 21.91 15.21
CA ILE D 66 -45.30 20.79 14.28
C ILE D 66 -46.20 19.64 14.74
N PHE D 67 -46.14 19.34 16.03
CA PHE D 67 -46.99 18.30 16.60
C PHE D 67 -48.46 18.73 16.67
N ALA D 68 -48.71 20.03 16.88
CA ALA D 68 -50.06 20.54 17.01
C ALA D 68 -50.80 20.52 15.68
N LYS D 69 -50.16 21.01 14.62
CA LYS D 69 -50.79 21.06 13.30
C LYS D 69 -50.98 19.67 12.72
N ALA D 70 -50.03 18.76 12.98
CA ALA D 70 -50.18 17.37 12.55
C ALA D 70 -51.34 16.70 13.27
N SER D 71 -51.50 16.98 14.57
CA SER D 71 -52.62 16.43 15.32
C SER D 71 -53.95 17.01 14.83
N ALA D 72 -53.95 18.30 14.47
CA ALA D 72 -55.16 18.92 13.93
C ALA D 72 -55.55 18.28 12.60
N TYR D 73 -54.56 18.00 11.75
CA TYR D 73 -54.82 17.30 10.49
C TYR D 73 -55.37 15.89 10.73
N ALA D 74 -54.76 15.15 11.66
CA ALA D 74 -55.20 13.79 11.92
C ALA D 74 -56.57 13.73 12.58
N LEU D 75 -56.96 14.78 13.33
CA LEU D 75 -58.33 14.86 13.81
C LEU D 75 -59.32 15.29 12.72
N GLN D 76 -58.88 16.10 11.74
CA GLN D 76 -59.78 16.43 10.65
C GLN D 76 -60.03 15.26 9.70
N ASP D 77 -59.04 14.41 9.47
CA ASP D 77 -59.25 13.28 8.57
C ASP D 77 -59.61 11.97 9.28
N GLN D 78 -59.83 12.01 10.59
CA GLN D 78 -60.30 10.85 11.35
C GLN D 78 -61.16 11.37 12.50
N PRO D 79 -62.43 11.68 12.23
CA PRO D 79 -63.23 12.49 13.16
C PRO D 79 -63.85 11.73 14.32
N VAL D 80 -63.51 10.46 14.54
CA VAL D 80 -64.01 9.73 15.70
C VAL D 80 -63.04 9.84 16.88
N VAL D 81 -61.80 10.27 16.65
CA VAL D 81 -60.83 10.45 17.72
C VAL D 81 -61.23 11.61 18.63
N ASN D 82 -61.80 12.67 18.05
CA ASN D 82 -62.23 13.82 18.85
C ASN D 82 -63.58 13.60 19.54
N ALA D 83 -64.35 12.61 19.12
CA ALA D 83 -65.70 12.43 19.64
C ALA D 83 -65.68 11.76 21.01
N VAL D 84 -66.63 12.15 21.85
CA VAL D 84 -66.72 11.66 23.22
C VAL D 84 -68.11 11.06 23.47
N ILE D 85 -68.33 10.61 24.71
CA ILE D 85 -69.62 10.06 25.13
C ILE D 85 -70.12 10.92 26.28
N ASP D 86 -71.32 11.49 26.11
CA ASP D 86 -72.02 12.19 27.18
C ASP D 86 -73.31 11.43 27.45
N GLY D 87 -73.22 10.41 28.31
CA GLY D 87 -74.37 9.58 28.61
C GLY D 87 -74.55 8.47 27.59
N THR D 88 -75.52 8.63 26.70
CA THR D 88 -75.80 7.67 25.64
C THR D 88 -75.76 8.35 24.28
N ASP D 89 -74.82 9.27 24.10
CA ASP D 89 -74.71 10.04 22.86
C ASP D 89 -73.24 10.17 22.48
N ILE D 90 -72.97 10.11 21.18
CA ILE D 90 -71.63 10.32 20.65
C ILE D 90 -71.64 11.63 19.88
N VAL D 91 -70.73 12.54 20.22
CA VAL D 91 -70.73 13.89 19.68
C VAL D 91 -69.56 13.98 18.71
N TYR D 92 -69.83 13.70 17.43
CA TYR D 92 -68.87 14.03 16.38
C TYR D 92 -68.75 15.53 16.24
N ARG D 93 -67.52 16.03 16.18
CA ARG D 93 -67.26 17.46 16.05
C ARG D 93 -66.34 17.72 14.87
N ASP D 94 -66.65 18.75 14.10
CA ASP D 94 -65.79 19.19 13.00
C ASP D 94 -64.71 20.15 13.48
N TYR D 95 -65.05 21.04 14.42
CA TYR D 95 -64.07 21.92 15.01
C TYR D 95 -63.15 21.13 15.94
N VAL D 96 -61.88 21.54 15.99
CA VAL D 96 -60.91 20.92 16.88
C VAL D 96 -60.21 22.01 17.68
N ASP D 97 -60.10 21.80 18.99
CA ASP D 97 -59.44 22.75 19.89
C ASP D 97 -58.44 21.98 20.72
N ILE D 98 -57.16 22.25 20.49
CA ILE D 98 -56.10 21.54 21.20
C ILE D 98 -55.94 22.13 22.59
N SER D 99 -56.02 21.29 23.61
CA SER D 99 -55.95 21.70 25.00
C SER D 99 -54.50 21.54 25.47
N VAL D 100 -53.81 22.66 25.69
CA VAL D 100 -52.36 22.68 25.87
C VAL D 100 -52.05 22.95 27.34
N ALA D 101 -51.18 22.14 27.92
CA ALA D 101 -50.71 22.37 29.28
C ALA D 101 -49.51 23.30 29.29
N VAL D 102 -49.47 24.21 30.27
CA VAL D 102 -48.36 25.12 30.46
C VAL D 102 -48.27 25.46 31.95
N ALA D 103 -47.08 25.82 32.41
CA ALA D 103 -46.86 26.09 33.83
C ALA D 103 -47.37 27.49 34.21
N THR D 104 -47.86 27.58 35.43
CA THR D 104 -48.32 28.82 36.06
C THR D 104 -47.78 28.81 37.48
N PRO D 105 -47.66 29.98 38.11
CA PRO D 105 -47.18 30.01 39.51
C PRO D 105 -48.04 29.25 40.51
N ARG D 106 -49.35 29.13 40.30
CA ARG D 106 -50.17 28.39 41.25
C ARG D 106 -50.03 26.88 41.07
N GLY D 107 -49.67 26.42 39.88
CA GLY D 107 -49.74 25.01 39.55
C GLY D 107 -49.53 24.75 38.08
N LEU D 108 -50.48 24.05 37.45
CA LEU D 108 -50.45 23.80 36.02
C LEU D 108 -51.82 24.15 35.44
N VAL D 109 -51.93 25.33 34.83
CA VAL D 109 -53.16 25.77 34.19
C VAL D 109 -53.14 25.29 32.75
N VAL D 110 -54.31 25.06 32.18
CA VAL D 110 -54.44 24.43 30.87
C VAL D 110 -55.22 25.38 29.96
N PRO D 111 -54.54 26.24 29.21
CA PRO D 111 -55.22 27.04 28.18
C PRO D 111 -55.47 26.23 26.91
N VAL D 112 -56.48 26.65 26.16
CA VAL D 112 -56.95 25.95 24.97
C VAL D 112 -56.78 26.84 23.76
N ILE D 113 -56.16 26.30 22.71
CA ILE D 113 -56.07 26.99 21.43
C ILE D 113 -57.36 26.75 20.64
N ARG D 114 -57.97 27.83 20.16
CA ARG D 114 -59.27 27.76 19.51
C ARG D 114 -59.10 27.78 17.98
N ASN D 115 -59.85 26.89 17.31
CA ASN D 115 -59.96 26.81 15.85
C ASN D 115 -58.59 26.60 15.18
N VAL D 116 -58.03 25.43 15.47
CA VAL D 116 -56.64 25.14 15.11
C VAL D 116 -56.50 24.50 13.73
N GLU D 117 -57.61 24.07 13.11
CA GLU D 117 -57.50 23.30 11.87
C GLU D 117 -57.17 24.19 10.67
N GLY D 118 -57.74 25.39 10.61
CA GLY D 118 -57.43 26.32 9.54
C GLY D 118 -56.41 27.35 9.96
N MET D 119 -55.27 26.90 10.48
CA MET D 119 -54.39 27.80 11.21
C MET D 119 -52.96 27.32 11.04
N ASN D 120 -52.10 28.22 10.57
CA ASN D 120 -50.73 27.88 10.18
C ASN D 120 -49.84 27.67 11.41
N TYR D 121 -48.55 27.41 11.16
CA TYR D 121 -47.57 27.30 12.24
C TYR D 121 -47.43 28.60 13.01
N ALA D 122 -47.21 29.70 12.30
CA ALA D 122 -46.93 30.98 12.97
C ALA D 122 -48.16 31.52 13.68
N ASP D 123 -49.35 31.27 13.15
CA ASP D 123 -50.57 31.67 13.85
C ASP D 123 -50.80 30.86 15.12
N ILE D 124 -50.48 29.56 15.09
CA ILE D 124 -50.56 28.72 16.29
C ILE D 124 -49.56 29.20 17.33
N GLU D 125 -48.35 29.60 16.90
CA GLU D 125 -47.37 30.14 17.83
C GLU D 125 -47.80 31.48 18.38
N ILE D 126 -48.49 32.29 17.57
CA ILE D 126 -49.03 33.57 18.05
C ILE D 126 -50.08 33.33 19.14
N ALA D 127 -50.99 32.38 18.91
CA ALA D 127 -52.02 32.07 19.90
C ALA D 127 -51.42 31.48 21.17
N LEU D 128 -50.43 30.59 21.03
CA LEU D 128 -49.82 29.95 22.19
C LEU D 128 -48.97 30.93 22.99
N ALA D 129 -48.24 31.83 22.30
CA ALA D 129 -47.49 32.85 22.99
C ALA D 129 -48.39 33.88 23.65
N GLY D 130 -49.56 34.17 23.05
CA GLY D 130 -50.52 35.03 23.71
C GLY D 130 -51.10 34.41 24.97
N LEU D 131 -51.40 33.09 24.92
CA LEU D 131 -51.90 32.41 26.10
C LEU D 131 -50.83 32.30 27.19
N ALA D 132 -49.58 32.08 26.80
CA ALA D 132 -48.48 32.04 27.77
C ALA D 132 -48.21 33.42 28.37
N ASP D 133 -48.37 34.48 27.56
CA ASP D 133 -48.21 35.83 28.08
C ASP D 133 -49.36 36.19 29.02
N LYS D 134 -50.57 35.71 28.72
CA LYS D 134 -51.69 35.87 29.64
C LYS D 134 -51.46 35.12 30.94
N ALA D 135 -50.81 33.95 30.87
CA ALA D 135 -50.44 33.23 32.08
C ALA D 135 -49.24 33.85 32.79
N ARG D 136 -48.50 34.73 32.12
CA ARG D 136 -47.33 35.35 32.75
C ARG D 136 -47.74 36.34 33.83
N ARG D 137 -48.69 37.24 33.53
CA ARG D 137 -49.19 38.17 34.54
C ARG D 137 -50.48 37.67 35.20
N ASP D 138 -50.79 36.39 35.04
CA ASP D 138 -51.93 35.70 35.66
C ASP D 138 -53.26 36.32 35.23
N ALA D 139 -53.53 36.25 33.93
CA ALA D 139 -54.76 36.74 33.35
C ALA D 139 -55.56 35.62 32.69
N ILE D 140 -55.38 34.38 33.12
CA ILE D 140 -56.10 33.25 32.54
C ILE D 140 -57.52 33.26 33.07
N THR D 141 -58.49 33.24 32.16
CA THR D 141 -59.90 33.34 32.52
C THR D 141 -60.50 31.95 32.66
N VAL D 142 -61.83 31.89 32.78
CA VAL D 142 -62.54 30.63 32.97
C VAL D 142 -63.07 30.10 31.63
N GLU D 143 -63.37 30.99 30.68
CA GLU D 143 -63.96 30.58 29.39
C GLU D 143 -62.99 29.78 28.52
N ASP D 144 -61.69 29.88 28.77
CA ASP D 144 -60.69 29.09 28.04
C ASP D 144 -60.17 27.93 28.87
N MET D 145 -61.04 27.28 29.64
CA MET D 145 -60.67 26.14 30.48
C MET D 145 -61.38 24.86 30.08
N ASP D 146 -62.24 24.89 29.07
CA ASP D 146 -63.01 23.73 28.67
C ASP D 146 -63.10 23.68 27.15
N GLY D 147 -63.79 22.67 26.64
CA GLY D 147 -64.03 22.54 25.22
C GLY D 147 -62.90 21.93 24.42
N GLY D 148 -61.82 21.49 25.08
CA GLY D 148 -60.71 20.92 24.34
C GLY D 148 -61.03 19.52 23.84
N THR D 149 -60.56 19.23 22.63
CA THR D 149 -60.78 17.93 22.01
C THR D 149 -59.52 17.08 21.94
N PHE D 150 -58.34 17.66 22.17
CA PHE D 150 -57.09 16.93 22.07
C PHE D 150 -56.06 17.62 22.94
N THR D 151 -54.97 16.92 23.23
CA THR D 151 -53.97 17.43 24.17
C THR D 151 -52.58 16.98 23.75
N ILE D 152 -51.65 17.93 23.69
CA ILE D 152 -50.26 17.71 23.30
C ILE D 152 -49.42 18.04 24.53
N SER D 153 -49.85 17.55 25.69
CA SER D 153 -49.23 17.74 27.00
C SER D 153 -47.72 17.56 26.99
N ASN D 154 -47.01 18.64 27.30
CA ASN D 154 -45.57 18.73 27.12
C ASN D 154 -44.87 17.95 28.24
N GLY D 155 -44.17 16.88 27.87
CA GLY D 155 -43.31 16.19 28.78
C GLY D 155 -41.91 16.11 28.21
N GLY D 156 -41.68 16.88 27.15
CA GLY D 156 -40.42 16.83 26.43
C GLY D 156 -39.36 17.77 26.95
N VAL D 157 -39.77 18.93 27.46
CA VAL D 157 -38.82 19.89 28.01
C VAL D 157 -38.29 19.41 29.36
N PHE D 158 -39.00 18.50 30.02
CA PHE D 158 -38.66 18.06 31.36
C PHE D 158 -37.81 16.80 31.39
N GLY D 159 -37.80 16.02 30.30
CA GLY D 159 -36.86 14.93 30.16
C GLY D 159 -37.41 13.53 30.40
N SER D 160 -38.59 13.24 29.88
CA SER D 160 -39.14 11.89 29.96
C SER D 160 -38.78 11.11 28.71
N LEU D 161 -38.98 9.80 28.77
CA LEU D 161 -38.75 8.94 27.62
C LEU D 161 -40.01 8.19 27.21
N MET D 162 -40.74 7.61 28.16
CA MET D 162 -42.08 7.09 27.92
C MET D 162 -43.02 7.59 29.02
N GLY D 163 -44.31 7.55 28.71
CA GLY D 163 -45.32 7.98 29.66
C GLY D 163 -46.69 7.56 29.18
N THR D 164 -47.64 7.52 30.11
CA THR D 164 -49.00 7.06 29.86
C THR D 164 -50.01 8.05 30.44
N PRO D 165 -50.16 9.23 29.82
CA PRO D 165 -50.91 10.32 30.47
C PRO D 165 -52.41 10.03 30.60
N ILE D 166 -52.95 10.37 31.77
CA ILE D 166 -54.33 10.04 32.10
C ILE D 166 -55.28 10.87 31.26
N ILE D 167 -56.31 10.22 30.73
CA ILE D 167 -57.33 10.90 29.92
C ILE D 167 -58.13 11.84 30.81
N ASN D 168 -58.16 13.13 30.43
CA ASN D 168 -58.88 14.14 31.18
C ASN D 168 -60.15 14.56 30.44
N PRO D 169 -61.22 14.89 31.15
CA PRO D 169 -62.46 15.33 30.49
C PRO D 169 -62.31 16.74 29.98
N PRO D 170 -63.12 17.16 28.98
CA PRO D 170 -64.10 16.36 28.20
C PRO D 170 -63.59 15.87 26.85
N GLN D 171 -62.38 15.36 26.74
CA GLN D 171 -61.87 14.83 25.48
C GLN D 171 -61.69 13.32 25.60
N SER D 172 -61.16 12.71 24.54
CA SER D 172 -61.09 11.26 24.47
C SER D 172 -59.76 10.69 24.00
N ALA D 173 -58.76 11.52 23.69
CA ALA D 173 -57.45 11.02 23.29
C ALA D 173 -56.42 12.10 23.57
N ILE D 174 -55.31 11.72 24.20
CA ILE D 174 -54.28 12.64 24.64
C ILE D 174 -52.92 12.09 24.20
N LEU D 175 -52.19 12.86 23.40
CA LEU D 175 -50.86 12.50 22.93
C LEU D 175 -49.84 13.24 23.78
N GLY D 176 -49.09 12.49 24.59
CA GLY D 176 -48.03 13.09 25.35
C GLY D 176 -46.68 12.97 24.67
N MET D 177 -46.21 14.04 24.05
CA MET D 177 -44.91 14.01 23.41
C MET D 177 -43.81 14.03 24.46
N HIS D 178 -42.65 13.50 24.11
CA HIS D 178 -41.57 13.25 25.06
C HIS D 178 -40.28 13.89 24.57
N GLY D 179 -39.23 13.75 25.38
CA GLY D 179 -37.98 14.42 25.08
C GLY D 179 -37.20 13.75 23.97
N ILE D 180 -36.45 14.56 23.24
CA ILE D 180 -35.65 14.06 22.12
C ILE D 180 -34.30 13.55 22.64
N PHE D 181 -34.00 12.29 22.35
CA PHE D 181 -32.78 11.63 22.78
C PHE D 181 -32.00 11.18 21.55
N GLU D 182 -30.90 10.45 21.76
CA GLU D 182 -30.04 9.99 20.69
C GLU D 182 -30.08 8.47 20.64
N ARG D 183 -30.49 7.92 19.48
CA ARG D 183 -30.52 6.48 19.28
C ARG D 183 -30.04 6.16 17.87
N PRO D 184 -29.07 5.24 17.72
CA PRO D 184 -28.47 4.98 16.40
C PRO D 184 -29.28 4.02 15.54
N ILE D 185 -30.25 4.54 14.80
CA ILE D 185 -31.27 3.71 14.19
C ILE D 185 -30.81 3.21 12.82
N ALA D 186 -31.12 1.94 12.54
CA ALA D 186 -30.86 1.35 11.23
C ALA D 186 -31.86 1.89 10.23
N VAL D 187 -31.37 2.71 9.29
CA VAL D 187 -32.17 3.23 8.20
C VAL D 187 -31.45 2.93 6.89
N LYS D 188 -32.21 2.47 5.88
CA LYS D 188 -31.73 2.15 4.54
C LYS D 188 -30.63 1.08 4.54
N GLY D 189 -30.65 0.19 5.52
CA GLY D 189 -29.72 -0.93 5.55
C GLY D 189 -28.41 -0.67 6.26
N GLU D 190 -28.18 0.52 6.81
CA GLU D 190 -26.98 0.81 7.57
C GLU D 190 -27.33 1.57 8.84
N VAL D 191 -26.40 1.54 9.79
CA VAL D 191 -26.62 2.15 11.09
C VAL D 191 -26.32 3.64 11.02
N LYS D 192 -27.28 4.46 11.43
CA LYS D 192 -27.11 5.90 11.44
C LYS D 192 -27.67 6.47 12.74
N ILE D 193 -26.96 7.45 13.31
CA ILE D 193 -27.38 8.08 14.56
C ILE D 193 -28.37 9.18 14.21
N ARG D 194 -29.65 8.91 14.44
CA ARG D 194 -30.70 9.88 14.19
C ARG D 194 -31.45 10.17 15.49
N PRO D 195 -31.56 11.44 15.90
CA PRO D 195 -32.27 11.75 17.15
C PRO D 195 -33.78 11.60 17.04
N MET D 196 -34.34 10.62 17.74
CA MET D 196 -35.79 10.49 17.81
C MET D 196 -36.32 10.87 19.17
N MET D 197 -37.63 10.72 19.30
CA MET D 197 -38.37 10.94 20.53
C MET D 197 -39.63 10.11 20.48
N TYR D 198 -39.95 9.46 21.60
CA TYR D 198 -41.10 8.58 21.66
C TYR D 198 -42.38 9.39 21.85
N ILE D 199 -43.50 8.83 21.40
CA ILE D 199 -44.79 9.46 21.57
C ILE D 199 -45.72 8.47 22.27
N ALA D 200 -46.78 9.02 22.84
CA ALA D 200 -47.79 8.23 23.54
C ALA D 200 -49.17 8.57 22.99
N LEU D 201 -50.12 7.67 23.22
CA LEU D 201 -51.49 7.89 22.80
C LEU D 201 -52.40 7.06 23.71
N THR D 202 -52.97 7.71 24.71
CA THR D 202 -53.88 7.05 25.66
C THR D 202 -55.30 7.32 25.22
N TYR D 203 -55.97 6.31 24.71
CA TYR D 203 -57.24 6.45 24.00
C TYR D 203 -58.29 5.52 24.61
N ASP D 204 -59.52 6.02 24.69
CA ASP D 204 -60.62 5.21 25.19
C ASP D 204 -60.96 4.11 24.20
N HIS D 205 -61.15 2.89 24.70
CA HIS D 205 -61.62 1.79 23.87
C HIS D 205 -63.12 1.81 23.66
N ARG D 206 -63.86 2.63 24.41
CA ARG D 206 -65.29 2.69 24.21
C ARG D 206 -65.67 3.35 22.89
N ILE D 207 -64.82 4.24 22.36
CA ILE D 207 -65.12 4.88 21.10
C ILE D 207 -63.98 4.74 20.07
N ILE D 208 -62.73 4.93 20.47
CA ILE D 208 -61.62 4.74 19.54
C ILE D 208 -61.20 3.28 19.57
N ASP D 209 -61.27 2.61 18.42
CA ASP D 209 -60.80 1.25 18.30
C ASP D 209 -59.28 1.23 18.22
N GLY D 210 -58.70 0.05 18.45
CA GLY D 210 -57.25 -0.10 18.39
C GLY D 210 -56.67 0.13 17.01
N ARG D 211 -57.39 -0.32 15.98
CA ARG D 211 -57.02 -0.02 14.60
C ARG D 211 -57.02 1.48 14.33
N GLU D 212 -58.04 2.17 14.84
CA GLU D 212 -58.19 3.60 14.66
C GLU D 212 -57.02 4.36 15.30
N ALA D 213 -56.65 3.98 16.51
CA ALA D 213 -55.56 4.66 17.21
C ALA D 213 -54.20 4.32 16.60
N VAL D 214 -54.04 3.10 16.10
CA VAL D 214 -52.77 2.71 15.49
C VAL D 214 -52.55 3.46 14.17
N LEU D 215 -53.59 3.53 13.33
CA LEU D 215 -53.51 4.29 12.09
C LEU D 215 -53.37 5.78 12.36
N PHE D 216 -54.02 6.26 13.43
CA PHE D 216 -53.92 7.66 13.86
C PHE D 216 -52.49 8.01 14.27
N LEU D 217 -51.85 7.14 15.05
CA LEU D 217 -50.48 7.39 15.49
C LEU D 217 -49.50 7.27 14.34
N ARG D 218 -49.72 6.32 13.42
CA ARG D 218 -48.88 6.21 12.24
C ARG D 218 -49.01 7.44 11.34
N LYS D 219 -50.22 7.99 11.23
CA LYS D 219 -50.43 9.17 10.41
C LYS D 219 -49.77 10.40 11.03
N ILE D 220 -49.80 10.53 12.36
CA ILE D 220 -49.09 11.63 13.01
C ILE D 220 -47.59 11.45 12.88
N LYS D 221 -47.10 10.21 12.95
CA LYS D 221 -45.68 9.93 12.77
C LYS D 221 -45.22 10.31 11.36
N ALA D 222 -46.02 9.98 10.35
CA ALA D 222 -45.69 10.37 8.97
C ALA D 222 -45.81 11.87 8.78
N ALA D 223 -46.74 12.53 9.48
CA ALA D 223 -46.90 13.98 9.32
C ALA D 223 -45.79 14.77 9.99
N VAL D 224 -45.23 14.26 11.09
CA VAL D 224 -44.15 14.97 11.77
C VAL D 224 -42.79 14.64 11.14
N GLU D 225 -42.58 13.39 10.72
CA GLU D 225 -41.35 13.05 9.98
C GLU D 225 -41.29 13.77 8.64
N ASN D 226 -42.42 13.93 7.97
CA ASN D 226 -42.50 14.62 6.69
C ASN D 226 -43.68 15.57 6.71
N PRO D 227 -43.47 16.88 6.85
CA PRO D 227 -44.60 17.83 6.87
C PRO D 227 -45.12 18.23 5.51
N ALA D 228 -44.79 17.50 4.44
CA ALA D 228 -45.45 17.69 3.15
C ALA D 228 -46.70 16.85 3.02
N ILE D 229 -46.90 15.89 3.92
CA ILE D 229 -48.09 15.05 3.90
C ILE D 229 -49.34 15.86 4.25
N ILE D 230 -49.19 16.89 5.09
CA ILE D 230 -50.34 17.65 5.56
C ILE D 230 -50.93 18.53 4.46
N VAL D 231 -50.13 18.93 3.48
CA VAL D 231 -50.66 19.59 2.29
C VAL D 231 -50.91 18.58 1.19
N ALA D 232 -50.29 17.39 1.26
CA ALA D 232 -50.52 16.34 0.28
C ALA D 232 -51.91 15.72 0.39
N GLY D 233 -52.45 15.64 1.60
CA GLY D 233 -53.76 15.03 1.78
C GLY D 233 -53.75 13.52 1.85
N LEU D 234 -53.11 12.96 2.88
CA LEU D 234 -53.13 11.51 3.10
C LEU D 234 -53.79 11.15 4.43
N GLY E 1 -63.76 26.04 11.49
CA GLY E 1 -64.08 27.05 12.48
C GLY E 1 -65.57 27.26 12.66
N THR E 2 -66.32 26.17 12.67
CA THR E 2 -67.77 26.22 12.81
C THR E 2 -68.18 25.55 14.12
N ARG E 3 -69.19 26.13 14.77
CA ARG E 3 -69.72 25.58 16.02
C ARG E 3 -70.88 24.63 15.75
N SER E 4 -70.65 23.64 14.88
CA SER E 4 -71.70 22.73 14.44
C SER E 4 -71.49 21.36 15.07
N GLU E 5 -72.54 20.84 15.71
CA GLU E 5 -72.54 19.52 16.32
C GLU E 5 -73.83 18.80 15.96
N GLN E 6 -73.79 17.48 16.00
CA GLN E 6 -74.95 16.66 15.69
C GLN E 6 -75.19 15.63 16.80
N ARG E 7 -76.31 14.93 16.67
CA ARG E 7 -76.84 14.08 17.73
C ARG E 7 -76.92 12.62 17.29
N VAL E 8 -75.84 12.10 16.71
CA VAL E 8 -75.87 10.75 16.15
C VAL E 8 -75.97 9.72 17.26
N LYS E 9 -76.87 8.75 17.08
CA LYS E 9 -77.14 7.71 18.05
C LYS E 9 -76.51 6.40 17.58
N MET E 10 -75.80 5.73 18.47
CA MET E 10 -75.12 4.50 18.14
C MET E 10 -76.06 3.31 18.33
N ASN E 11 -75.55 2.10 18.07
CA ASN E 11 -76.33 0.89 18.17
C ASN E 11 -76.17 0.27 19.56
N ARG E 12 -76.91 -0.82 19.79
CA ARG E 12 -76.89 -1.49 21.09
C ARG E 12 -75.56 -2.20 21.33
N MET E 13 -74.95 -2.74 20.26
CA MET E 13 -73.74 -3.54 20.39
C MET E 13 -72.54 -2.71 20.83
N ARG E 14 -72.51 -1.42 20.46
CA ARG E 14 -71.41 -0.57 20.92
C ARG E 14 -71.45 -0.38 22.43
N LEU E 15 -72.65 -0.18 22.98
CA LEU E 15 -72.82 -0.20 24.44
C LEU E 15 -72.54 -1.58 25.03
N LYS E 16 -72.80 -2.65 24.28
CA LYS E 16 -72.53 -4.00 24.79
C LYS E 16 -71.03 -4.24 25.00
N ILE E 17 -70.22 -3.99 23.96
CA ILE E 17 -68.77 -4.09 24.11
C ILE E 17 -68.21 -3.04 25.08
N ALA E 18 -68.80 -1.84 25.12
CA ALA E 18 -68.32 -0.81 26.06
C ALA E 18 -68.53 -1.22 27.51
N ALA E 19 -69.74 -1.69 27.86
CA ALA E 19 -70.01 -2.15 29.20
C ALA E 19 -69.25 -3.43 29.52
N ARG E 20 -69.01 -4.27 28.51
CA ARG E 20 -68.23 -5.50 28.70
C ARG E 20 -66.79 -5.19 29.07
N LEU E 21 -66.16 -4.25 28.37
CA LEU E 21 -64.79 -3.89 28.70
C LEU E 21 -64.72 -3.08 30.00
N LYS E 22 -65.77 -2.33 30.31
CA LYS E 22 -65.81 -1.61 31.59
C LYS E 22 -65.90 -2.58 32.77
N ASP E 23 -66.75 -3.60 32.66
CA ASP E 23 -66.81 -4.62 33.72
C ASP E 23 -65.55 -5.47 33.75
N ALA E 24 -64.91 -5.67 32.60
CA ALA E 24 -63.65 -6.41 32.56
C ALA E 24 -62.52 -5.63 33.25
N GLN E 25 -62.46 -4.32 33.05
CA GLN E 25 -61.46 -3.52 33.73
C GLN E 25 -61.79 -3.36 35.22
N ASN E 26 -63.08 -3.30 35.57
CA ASN E 26 -63.45 -3.20 36.96
C ASN E 26 -63.36 -4.52 37.71
N THR E 27 -63.25 -5.64 37.00
CA THR E 27 -63.07 -6.94 37.63
C THR E 27 -61.62 -7.40 37.65
N CYS E 28 -60.97 -7.44 36.49
CA CYS E 28 -59.58 -7.83 36.42
C CYS E 28 -58.68 -6.67 36.79
N ALA E 29 -57.42 -6.98 37.11
CA ALA E 29 -56.42 -5.97 37.42
C ALA E 29 -55.55 -5.74 36.20
N MET E 30 -55.45 -4.49 35.77
CA MET E 30 -54.68 -4.15 34.58
C MET E 30 -53.21 -4.10 34.95
N LEU E 31 -52.39 -4.88 34.26
CA LEU E 31 -50.99 -5.06 34.61
C LEU E 31 -50.26 -5.66 33.42
N THR E 32 -49.23 -4.97 32.93
CA THR E 32 -48.58 -5.39 31.70
C THR E 32 -47.07 -5.56 31.87
N THR E 33 -46.48 -6.27 30.91
CA THR E 33 -45.04 -6.36 30.75
C THR E 33 -44.75 -6.61 29.28
N PHE E 34 -43.55 -6.21 28.85
CA PHE E 34 -43.18 -6.30 27.45
C PHE E 34 -41.84 -7.02 27.30
N ASN E 35 -41.56 -7.41 26.07
CA ASN E 35 -40.30 -8.05 25.70
C ASN E 35 -40.11 -7.87 24.21
N GLU E 36 -38.92 -8.23 23.73
CA GLU E 36 -38.58 -8.16 22.32
C GLU E 36 -38.17 -9.54 21.82
N VAL E 37 -38.64 -9.90 20.62
CA VAL E 37 -38.45 -11.22 20.05
C VAL E 37 -37.79 -11.09 18.69
N ASP E 38 -36.67 -11.79 18.50
CA ASP E 38 -36.05 -11.84 17.19
C ASP E 38 -36.89 -12.66 16.22
N MET E 39 -37.01 -12.18 15.00
CA MET E 39 -37.85 -12.81 13.99
C MET E 39 -37.09 -13.22 12.75
N SER E 40 -35.76 -13.08 12.75
CA SER E 40 -34.95 -13.37 11.56
C SER E 40 -34.98 -14.85 11.21
N TYR E 41 -34.98 -15.72 12.22
CA TYR E 41 -35.13 -17.14 11.97
C TYR E 41 -36.53 -17.45 11.43
N ALA E 42 -37.54 -16.73 11.91
CA ALA E 42 -38.88 -16.88 11.35
C ALA E 42 -38.94 -16.39 9.91
N MET E 43 -38.21 -15.31 9.60
CA MET E 43 -38.11 -14.83 8.21
C MET E 43 -37.49 -15.88 7.31
N ASP E 44 -36.37 -16.47 7.73
CA ASP E 44 -35.69 -17.49 6.95
C ASP E 44 -36.55 -18.74 6.80
N PHE E 45 -37.24 -19.15 7.88
CA PHE E 45 -38.05 -20.36 7.84
C PHE E 45 -39.26 -20.20 6.93
N ARG E 46 -39.93 -19.04 6.99
CA ARG E 46 -41.05 -18.79 6.10
C ARG E 46 -40.58 -18.65 4.65
N LYS E 47 -39.43 -18.01 4.44
CA LYS E 47 -38.91 -17.83 3.09
C LYS E 47 -38.44 -19.15 2.46
N GLN E 48 -38.06 -20.12 3.29
CA GLN E 48 -37.67 -21.43 2.76
C GLN E 48 -38.82 -22.42 2.70
N ASN E 49 -39.91 -22.22 3.45
CA ASN E 49 -41.00 -23.19 3.44
C ASN E 49 -42.31 -22.63 2.87
N LEU E 50 -42.26 -21.46 2.23
CA LEU E 50 -43.45 -20.90 1.56
C LEU E 50 -43.99 -21.84 0.49
N ASP E 51 -43.15 -22.22 -0.47
CA ASP E 51 -43.58 -23.12 -1.54
C ASP E 51 -43.84 -24.53 -1.03
N ALA E 52 -43.15 -24.94 0.04
CA ALA E 52 -43.38 -26.26 0.62
C ALA E 52 -44.78 -26.37 1.22
N PHE E 53 -45.17 -25.39 2.06
CA PHE E 53 -46.52 -25.41 2.61
C PHE E 53 -47.58 -25.16 1.55
N THR E 54 -47.26 -24.34 0.54
CA THR E 54 -48.22 -24.09 -0.55
C THR E 54 -48.48 -25.35 -1.37
N LYS E 55 -47.43 -26.11 -1.67
CA LYS E 55 -47.62 -27.32 -2.47
C LYS E 55 -48.09 -28.50 -1.63
N LYS E 56 -47.93 -28.45 -0.30
CA LYS E 56 -48.37 -29.59 0.49
C LYS E 56 -49.80 -29.43 1.00
N TYR E 57 -50.14 -28.25 1.53
CA TYR E 57 -51.46 -28.07 2.16
C TYR E 57 -52.39 -27.18 1.37
N GLY E 58 -51.89 -26.37 0.43
CA GLY E 58 -52.71 -25.65 -0.51
C GLY E 58 -53.08 -24.24 -0.08
N ILE E 59 -52.84 -23.88 1.17
CA ILE E 59 -53.24 -22.58 1.69
C ILE E 59 -52.00 -21.76 2.00
N LYS E 60 -52.21 -20.46 2.18
CA LYS E 60 -51.13 -19.53 2.47
C LYS E 60 -51.04 -19.26 3.96
N PHE E 61 -49.82 -19.17 4.46
CA PHE E 61 -49.56 -19.06 5.89
C PHE E 61 -48.73 -17.81 6.16
N GLY E 62 -48.95 -17.18 7.31
CA GLY E 62 -48.06 -16.11 7.71
C GLY E 62 -48.17 -15.62 9.13
N PHE E 63 -47.02 -15.58 9.83
CA PHE E 63 -46.75 -14.71 10.97
C PHE E 63 -47.61 -14.93 12.22
N MET E 64 -48.51 -15.90 12.20
CA MET E 64 -49.45 -16.02 13.31
C MET E 64 -49.37 -17.38 13.98
N SER E 65 -49.17 -18.44 13.19
CA SER E 65 -49.17 -19.79 13.75
C SER E 65 -47.94 -20.05 14.60
N ILE E 66 -46.83 -19.37 14.31
CA ILE E 66 -45.63 -19.47 15.12
C ILE E 66 -45.90 -18.95 16.52
N PHE E 67 -46.56 -17.79 16.61
CA PHE E 67 -46.94 -17.23 17.90
C PHE E 67 -48.03 -18.04 18.59
N ALA E 68 -48.93 -18.63 17.81
CA ALA E 68 -50.05 -19.39 18.37
C ALA E 68 -49.59 -20.70 18.99
N LYS E 69 -48.76 -21.46 18.28
CA LYS E 69 -48.29 -22.75 18.78
C LYS E 69 -47.34 -22.57 19.96
N ALA E 70 -46.52 -21.50 19.93
CA ALA E 70 -45.66 -21.19 21.07
C ALA E 70 -46.48 -20.83 22.31
N SER E 71 -47.56 -20.07 22.12
CA SER E 71 -48.44 -19.73 23.23
C SER E 71 -49.16 -20.96 23.75
N ALA E 72 -49.56 -21.88 22.85
CA ALA E 72 -50.19 -23.12 23.28
C ALA E 72 -49.24 -23.97 24.11
N TYR E 73 -47.97 -24.03 23.71
CA TYR E 73 -46.96 -24.73 24.48
C TYR E 73 -46.76 -24.10 25.86
N ALA E 74 -46.65 -22.78 25.90
CA ALA E 74 -46.42 -22.08 27.16
C ALA E 74 -47.63 -22.16 28.09
N LEU E 75 -48.84 -22.29 27.56
CA LEU E 75 -49.99 -22.57 28.41
C LEU E 75 -50.05 -24.03 28.86
N GLN E 76 -49.55 -24.97 28.05
CA GLN E 76 -49.51 -26.37 28.51
C GLN E 76 -48.46 -26.59 29.60
N ASP E 77 -47.33 -25.90 29.55
CA ASP E 77 -46.32 -26.11 30.58
C ASP E 77 -46.35 -25.08 31.71
N GLN E 78 -47.37 -24.22 31.73
CA GLN E 78 -47.58 -23.27 32.84
C GLN E 78 -49.08 -23.06 32.97
N PRO E 79 -49.79 -23.97 33.64
CA PRO E 79 -51.25 -24.02 33.53
C PRO E 79 -52.01 -23.04 34.41
N VAL E 80 -51.34 -22.10 35.08
CA VAL E 80 -52.05 -21.09 35.86
C VAL E 80 -52.32 -19.83 35.03
N VAL E 81 -51.65 -19.68 33.87
CA VAL E 81 -51.89 -18.53 33.00
C VAL E 81 -53.28 -18.62 32.37
N ASN E 82 -53.74 -19.82 32.03
CA ASN E 82 -55.06 -19.98 31.45
C ASN E 82 -56.19 -19.96 32.48
N ALA E 83 -55.89 -20.12 33.76
CA ALA E 83 -56.92 -20.23 34.78
C ALA E 83 -57.48 -18.86 35.14
N VAL E 84 -58.79 -18.83 35.45
CA VAL E 84 -59.49 -17.61 35.77
C VAL E 84 -60.18 -17.72 37.12
N ILE E 85 -60.90 -16.68 37.51
CA ILE E 85 -61.66 -16.65 38.76
C ILE E 85 -63.12 -16.44 38.40
N ASP E 86 -63.98 -17.37 38.83
CA ASP E 86 -65.43 -17.22 38.72
C ASP E 86 -65.99 -17.21 40.14
N GLY E 87 -66.01 -16.02 40.75
CA GLY E 87 -66.46 -15.89 42.12
C GLY E 87 -65.36 -16.17 43.12
N THR E 88 -65.42 -17.35 43.74
CA THR E 88 -64.41 -17.79 44.71
C THR E 88 -63.83 -19.12 44.29
N ASP E 89 -63.61 -19.30 43.00
CA ASP E 89 -63.10 -20.56 42.45
C ASP E 89 -62.06 -20.27 41.39
N ILE E 90 -61.01 -21.09 41.33
CA ILE E 90 -59.99 -21.01 40.31
C ILE E 90 -60.12 -22.25 39.43
N VAL E 91 -60.27 -22.04 38.12
CA VAL E 91 -60.56 -23.12 37.18
C VAL E 91 -59.28 -23.39 36.39
N TYR E 92 -58.46 -24.32 36.87
CA TYR E 92 -57.38 -24.84 36.06
C TYR E 92 -57.94 -25.65 34.90
N ARG E 93 -57.43 -25.41 33.70
CA ARG E 93 -57.89 -26.11 32.50
C ARG E 93 -56.70 -26.71 31.77
N ASP E 94 -56.88 -27.94 31.30
CA ASP E 94 -55.86 -28.60 30.48
C ASP E 94 -56.01 -28.25 29.01
N TYR E 95 -57.25 -28.13 28.54
CA TYR E 95 -57.50 -27.70 27.17
C TYR E 95 -57.21 -26.21 27.03
N VAL E 96 -56.71 -25.82 25.87
CA VAL E 96 -56.42 -24.42 25.58
C VAL E 96 -57.07 -24.07 24.24
N ASP E 97 -57.78 -22.94 24.21
CA ASP E 97 -58.45 -22.45 23.01
C ASP E 97 -58.03 -20.99 22.81
N ILE E 98 -57.28 -20.73 21.75
CA ILE E 98 -56.79 -19.39 21.48
C ILE E 98 -57.90 -18.58 20.84
N SER E 99 -58.20 -17.42 21.42
CA SER E 99 -59.28 -16.56 20.96
C SER E 99 -58.67 -15.49 20.06
N VAL E 100 -58.96 -15.58 18.76
CA VAL E 100 -58.26 -14.82 17.72
C VAL E 100 -59.17 -13.73 17.20
N ALA E 101 -58.65 -12.50 17.14
CA ALA E 101 -59.39 -11.39 16.55
C ALA E 101 -59.16 -11.32 15.04
N VAL E 102 -60.22 -11.03 14.29
CA VAL E 102 -60.14 -10.85 12.85
C VAL E 102 -61.24 -9.87 12.44
N ALA E 103 -61.02 -9.18 11.32
CA ALA E 103 -61.96 -8.16 10.87
C ALA E 103 -63.17 -8.79 10.19
N THR E 104 -64.31 -8.14 10.36
CA THR E 104 -65.58 -8.49 9.73
C THR E 104 -66.20 -7.19 9.26
N PRO E 105 -67.11 -7.24 8.28
CA PRO E 105 -67.77 -5.99 7.82
C PRO E 105 -68.56 -5.24 8.89
N ARG E 106 -69.12 -5.92 9.89
CA ARG E 106 -69.87 -5.19 10.92
C ARG E 106 -68.94 -4.51 11.92
N GLY E 107 -67.72 -5.03 12.09
CA GLY E 107 -66.87 -4.60 13.19
C GLY E 107 -65.65 -5.48 13.35
N LEU E 108 -65.45 -6.02 14.55
CA LEU E 108 -64.36 -6.95 14.81
C LEU E 108 -64.95 -8.15 15.56
N VAL E 109 -65.19 -9.25 14.82
CA VAL E 109 -65.69 -10.49 15.40
C VAL E 109 -64.49 -11.32 15.85
N VAL E 110 -64.68 -12.14 16.87
CA VAL E 110 -63.59 -12.87 17.51
C VAL E 110 -63.89 -14.37 17.44
N PRO E 111 -63.42 -15.05 16.40
CA PRO E 111 -63.53 -16.52 16.37
C PRO E 111 -62.44 -17.18 17.22
N VAL E 112 -62.74 -18.39 17.68
CA VAL E 112 -61.89 -19.12 18.59
C VAL E 112 -61.42 -20.41 17.92
N ILE E 113 -60.11 -20.66 17.97
CA ILE E 113 -59.54 -21.92 17.51
C ILE E 113 -59.65 -22.96 18.63
N ARG E 114 -60.22 -24.12 18.31
CA ARG E 114 -60.50 -25.15 19.31
C ARG E 114 -59.42 -26.22 19.30
N ASN E 115 -58.97 -26.61 20.50
CA ASN E 115 -58.04 -27.71 20.75
C ASN E 115 -56.71 -27.50 20.01
N VAL E 116 -56.01 -26.46 20.44
CA VAL E 116 -54.83 -25.97 19.72
C VAL E 116 -53.53 -26.63 20.19
N GLU E 117 -53.56 -27.36 21.32
CA GLU E 117 -52.31 -27.86 21.89
C GLU E 117 -51.75 -29.06 21.12
N GLY E 118 -52.61 -29.96 20.65
CA GLY E 118 -52.18 -31.08 19.85
C GLY E 118 -52.37 -30.83 18.37
N MET E 119 -51.83 -29.73 17.87
CA MET E 119 -52.24 -29.24 16.56
C MET E 119 -51.08 -28.49 15.93
N ASN E 120 -50.69 -28.91 14.72
CA ASN E 120 -49.49 -28.44 14.06
C ASN E 120 -49.68 -27.03 13.50
N TYR E 121 -48.64 -26.53 12.82
CA TYR E 121 -48.73 -25.23 12.14
C TYR E 121 -49.78 -25.24 11.05
N ALA E 122 -49.72 -26.22 10.16
CA ALA E 122 -50.61 -26.24 9.00
C ALA E 122 -52.06 -26.50 9.40
N ASP E 123 -52.28 -27.31 10.44
CA ASP E 123 -53.64 -27.52 10.93
C ASP E 123 -54.21 -26.26 11.57
N ILE E 124 -53.38 -25.49 12.30
CA ILE E 124 -53.81 -24.21 12.86
C ILE E 124 -54.15 -23.23 11.74
N GLU E 125 -53.36 -23.23 10.67
CA GLU E 125 -53.67 -22.37 9.53
C GLU E 125 -54.93 -22.81 8.81
N ILE E 126 -55.18 -24.13 8.77
CA ILE E 126 -56.42 -24.64 8.18
C ILE E 126 -57.63 -24.18 8.99
N ALA E 127 -57.55 -24.27 10.32
CA ALA E 127 -58.65 -23.82 11.17
C ALA E 127 -58.85 -22.31 11.09
N LEU E 128 -57.76 -21.55 11.06
CA LEU E 128 -57.86 -20.09 11.02
C LEU E 128 -58.37 -19.61 9.66
N ALA E 129 -57.92 -20.25 8.57
CA ALA E 129 -58.43 -19.91 7.25
C ALA E 129 -59.89 -20.32 7.10
N GLY E 130 -60.30 -21.42 7.73
CA GLY E 130 -61.72 -21.78 7.72
C GLY E 130 -62.58 -20.79 8.48
N LEU E 131 -62.08 -20.30 9.62
CA LEU E 131 -62.83 -19.29 10.38
C LEU E 131 -62.87 -17.96 9.63
N ALA E 132 -61.78 -17.59 8.96
CA ALA E 132 -61.77 -16.37 8.17
C ALA E 132 -62.67 -16.49 6.93
N ASP E 133 -62.74 -17.68 6.34
CA ASP E 133 -63.65 -17.90 5.22
C ASP E 133 -65.10 -17.88 5.68
N LYS E 134 -65.37 -18.39 6.88
CA LYS E 134 -66.71 -18.28 7.45
C LYS E 134 -67.07 -16.82 7.74
N ALA E 135 -66.08 -16.01 8.14
CA ALA E 135 -66.30 -14.59 8.31
C ALA E 135 -66.39 -13.84 6.99
N ARG E 136 -65.93 -14.45 5.89
CA ARG E 136 -65.98 -13.79 4.60
C ARG E 136 -67.41 -13.65 4.08
N ARG E 137 -68.19 -14.74 4.10
CA ARG E 137 -69.59 -14.65 3.70
C ARG E 137 -70.53 -14.48 4.89
N ASP E 138 -69.99 -14.10 6.05
CA ASP E 138 -70.73 -13.79 7.29
C ASP E 138 -71.51 -15.00 7.79
N ALA E 139 -70.77 -16.05 8.12
CA ALA E 139 -71.34 -17.28 8.67
C ALA E 139 -70.83 -17.57 10.08
N ILE E 140 -70.41 -16.55 10.81
CA ILE E 140 -69.90 -16.73 12.16
C ILE E 140 -71.08 -16.96 13.11
N THR E 141 -71.03 -18.06 13.85
CA THR E 141 -72.12 -18.45 14.72
C THR E 141 -71.90 -17.92 16.13
N VAL E 142 -72.72 -18.38 17.07
CA VAL E 142 -72.65 -17.93 18.45
C VAL E 142 -71.80 -18.89 19.31
N GLU E 143 -71.78 -20.18 18.95
CA GLU E 143 -71.08 -21.20 19.73
C GLU E 143 -69.56 -21.03 19.72
N ASP E 144 -69.02 -20.33 18.73
CA ASP E 144 -67.57 -20.05 18.67
C ASP E 144 -67.27 -18.61 19.08
N MET E 145 -67.98 -18.09 20.09
CA MET E 145 -67.76 -16.74 20.59
C MET E 145 -67.28 -16.71 22.04
N ASP E 146 -67.14 -17.86 22.68
CA ASP E 146 -66.75 -17.91 24.09
C ASP E 146 -65.78 -19.06 24.29
N GLY E 147 -65.37 -19.24 25.54
CA GLY E 147 -64.50 -20.35 25.91
C GLY E 147 -63.03 -20.14 25.64
N GLY E 148 -62.63 -18.97 25.15
CA GLY E 148 -61.22 -18.74 24.86
C GLY E 148 -60.41 -18.57 26.12
N THR E 149 -59.20 -19.13 26.10
CA THR E 149 -58.29 -19.03 27.24
C THR E 149 -57.10 -18.11 26.99
N PHE E 150 -56.86 -17.72 25.75
CA PHE E 150 -55.71 -16.87 25.42
C PHE E 150 -56.03 -16.11 24.14
N THR E 151 -55.25 -15.07 23.88
CA THR E 151 -55.54 -14.19 22.75
C THR E 151 -54.24 -13.67 22.15
N ILE E 152 -54.12 -13.79 20.83
CA ILE E 152 -52.95 -13.36 20.05
C ILE E 152 -53.44 -12.23 19.14
N SER E 153 -54.21 -11.30 19.72
CA SER E 153 -54.81 -10.15 19.05
C SER E 153 -53.84 -9.41 18.13
N ASN E 154 -54.15 -9.41 16.85
CA ASN E 154 -53.24 -8.95 15.81
C ASN E 154 -53.20 -7.43 15.79
N GLY E 155 -52.04 -6.87 16.11
CA GLY E 155 -51.81 -5.44 15.95
C GLY E 155 -50.58 -5.22 15.08
N GLY E 156 -50.13 -6.30 14.44
CA GLY E 156 -48.90 -6.26 13.67
C GLY E 156 -49.07 -5.87 12.23
N VAL E 157 -50.21 -6.26 11.63
CA VAL E 157 -50.49 -5.91 10.25
C VAL E 157 -50.84 -4.43 10.12
N PHE E 158 -51.24 -3.78 11.22
CA PHE E 158 -51.72 -2.42 11.19
C PHE E 158 -50.64 -1.39 11.52
N GLY E 159 -49.55 -1.82 12.16
CA GLY E 159 -48.38 -0.97 12.31
C GLY E 159 -48.18 -0.34 13.67
N SER E 160 -48.38 -1.10 14.74
CA SER E 160 -48.10 -0.60 16.08
C SER E 160 -46.70 -1.00 16.50
N LEU E 161 -46.23 -0.38 17.58
CA LEU E 161 -44.92 -0.71 18.12
C LEU E 161 -45.01 -1.20 19.56
N MET E 162 -45.78 -0.52 20.41
CA MET E 162 -46.15 -1.02 21.73
C MET E 162 -47.65 -0.86 21.93
N GLY E 163 -48.19 -1.64 22.87
CA GLY E 163 -49.60 -1.59 23.18
C GLY E 163 -49.87 -2.33 24.47
N THR E 164 -51.01 -2.03 25.07
CA THR E 164 -51.40 -2.59 26.36
C THR E 164 -52.85 -3.09 26.30
N PRO E 165 -53.10 -4.20 25.60
CA PRO E 165 -54.49 -4.59 25.28
C PRO E 165 -55.29 -5.00 26.51
N ILE E 166 -56.55 -4.54 26.55
CA ILE E 166 -57.40 -4.72 27.71
C ILE E 166 -57.80 -6.19 27.84
N ILE E 167 -57.74 -6.72 29.06
CA ILE E 167 -58.12 -8.09 29.33
C ILE E 167 -59.62 -8.25 29.13
N ASN E 168 -60.01 -9.19 28.26
CA ASN E 168 -61.40 -9.45 27.96
C ASN E 168 -61.85 -10.77 28.60
N PRO E 169 -63.11 -10.87 29.05
CA PRO E 169 -63.59 -12.12 29.62
C PRO E 169 -63.85 -13.15 28.54
N PRO E 170 -63.86 -14.46 28.88
CA PRO E 170 -63.54 -15.07 30.18
C PRO E 170 -62.12 -15.61 30.28
N GLN E 171 -61.08 -14.92 29.83
CA GLN E 171 -59.71 -15.37 29.96
C GLN E 171 -58.96 -14.45 30.92
N SER E 172 -57.65 -14.71 31.07
CA SER E 172 -56.88 -14.01 32.08
C SER E 172 -55.52 -13.49 31.61
N ALA E 173 -55.14 -13.71 30.35
CA ALA E 173 -53.88 -13.18 29.83
C ALA E 173 -53.99 -13.06 28.32
N ILE E 174 -53.58 -11.90 27.79
CA ILE E 174 -53.70 -11.59 26.38
C ILE E 174 -52.37 -11.04 25.88
N LEU E 175 -51.80 -11.71 24.87
CA LEU E 175 -50.55 -11.31 24.26
C LEU E 175 -50.86 -10.58 22.96
N GLY E 176 -50.60 -9.28 22.92
CA GLY E 176 -50.79 -8.54 21.69
C GLY E 176 -49.51 -8.39 20.90
N MET E 177 -49.34 -9.20 19.86
CA MET E 177 -48.15 -9.09 19.02
C MET E 177 -48.22 -7.82 18.17
N HIS E 178 -47.05 -7.32 17.78
CA HIS E 178 -46.94 -6.01 17.16
C HIS E 178 -46.17 -6.13 15.84
N GLY E 179 -46.04 -5.00 15.15
CA GLY E 179 -45.44 -5.01 13.83
C GLY E 179 -43.93 -5.16 13.87
N ILE E 180 -43.40 -5.78 12.83
CA ILE E 180 -41.96 -6.02 12.72
C ILE E 180 -41.28 -4.79 12.11
N PHE E 181 -40.31 -4.25 12.84
CA PHE E 181 -39.57 -3.06 12.44
C PHE E 181 -38.10 -3.42 12.32
N GLU E 182 -37.26 -2.41 12.08
CA GLU E 182 -35.82 -2.62 11.90
C GLU E 182 -35.08 -1.92 13.03
N ARG E 183 -34.29 -2.68 13.79
CA ARG E 183 -33.49 -2.13 14.87
C ARG E 183 -32.12 -2.82 14.87
N PRO E 184 -31.02 -2.05 14.88
CA PRO E 184 -29.68 -2.64 14.77
C PRO E 184 -29.12 -3.16 16.08
N ILE E 185 -29.45 -4.40 16.43
CA ILE E 185 -29.22 -4.89 17.78
C ILE E 185 -27.81 -5.47 17.93
N ALA E 186 -27.20 -5.18 19.08
CA ALA E 186 -25.90 -5.74 19.42
C ALA E 186 -26.08 -7.21 19.80
N VAL E 187 -25.58 -8.10 18.95
CA VAL E 187 -25.57 -9.53 19.21
C VAL E 187 -24.16 -10.04 19.02
N LYS E 188 -23.71 -10.89 19.96
CA LYS E 188 -22.39 -11.53 19.96
C LYS E 188 -21.24 -10.53 19.97
N GLY E 189 -21.46 -9.35 20.56
CA GLY E 189 -20.41 -8.36 20.71
C GLY E 189 -20.24 -7.39 19.57
N GLU E 190 -21.05 -7.48 18.52
CA GLU E 190 -20.99 -6.53 17.42
C GLU E 190 -22.39 -6.11 17.02
N VAL E 191 -22.47 -4.97 16.32
CA VAL E 191 -23.75 -4.39 15.94
C VAL E 191 -24.25 -5.06 14.66
N LYS E 192 -25.47 -5.58 14.70
CA LYS E 192 -26.07 -6.21 13.53
C LYS E 192 -27.53 -5.77 13.41
N ILE E 193 -27.96 -5.52 12.19
CA ILE E 193 -29.32 -5.08 11.92
C ILE E 193 -30.20 -6.33 11.84
N ARG E 194 -30.97 -6.58 12.89
CA ARG E 194 -31.88 -7.72 12.93
C ARG E 194 -33.30 -7.22 13.13
N PRO E 195 -34.24 -7.58 12.27
CA PRO E 195 -35.62 -7.11 12.44
C PRO E 195 -36.36 -7.77 13.59
N MET E 196 -36.67 -7.02 14.64
CA MET E 196 -37.49 -7.54 15.73
C MET E 196 -38.88 -6.93 15.71
N MET E 197 -39.65 -7.34 16.71
CA MET E 197 -41.00 -6.85 16.96
C MET E 197 -41.29 -7.02 18.44
N TYR E 198 -41.90 -6.00 19.03
CA TYR E 198 -42.19 -6.03 20.47
C TYR E 198 -43.44 -6.85 20.74
N ILE E 199 -43.51 -7.40 21.95
CA ILE E 199 -44.68 -8.15 22.38
C ILE E 199 -45.20 -7.54 23.67
N ALA E 200 -46.46 -7.85 23.97
CA ALA E 200 -47.11 -7.37 25.18
C ALA E 200 -47.71 -8.56 25.92
N LEU E 201 -47.97 -8.35 27.21
CA LEU E 201 -48.61 -9.38 28.03
C LEU E 201 -49.32 -8.68 29.17
N THR E 202 -50.63 -8.50 29.02
CA THR E 202 -51.45 -7.87 30.05
C THR E 202 -52.13 -8.95 30.87
N TYR E 203 -51.69 -9.11 32.11
CA TYR E 203 -52.02 -10.27 32.93
C TYR E 203 -52.58 -9.82 34.26
N ASP E 204 -53.58 -10.55 34.75
CA ASP E 204 -54.16 -10.25 36.05
C ASP E 204 -53.17 -10.60 37.17
N HIS E 205 -53.03 -9.70 38.14
CA HIS E 205 -52.21 -9.97 39.31
C HIS E 205 -52.95 -10.80 40.35
N ARG E 206 -54.28 -10.96 40.21
CA ARG E 206 -55.01 -11.77 41.18
C ARG E 206 -54.67 -13.25 41.06
N ILE E 207 -54.26 -13.71 39.87
CA ILE E 207 -53.90 -15.12 39.71
C ILE E 207 -52.51 -15.32 39.11
N ILE E 208 -52.13 -14.57 38.07
CA ILE E 208 -50.79 -14.68 37.52
C ILE E 208 -49.86 -13.75 38.28
N ASP E 209 -48.83 -14.31 38.91
CA ASP E 209 -47.81 -13.51 39.56
C ASP E 209 -46.88 -12.89 38.54
N GLY E 210 -46.13 -11.88 38.98
CA GLY E 210 -45.19 -11.22 38.08
C GLY E 210 -44.05 -12.12 37.63
N ARG E 211 -43.57 -12.99 38.53
CA ARG E 211 -42.58 -14.00 38.17
C ARG E 211 -43.12 -14.95 37.11
N GLU E 212 -44.39 -15.35 37.28
CA GLU E 212 -45.05 -16.26 36.35
C GLU E 212 -45.14 -15.66 34.96
N ALA E 213 -45.56 -14.39 34.88
CA ALA E 213 -45.71 -13.73 33.59
C ALA E 213 -44.36 -13.43 32.94
N VAL E 214 -43.35 -13.12 33.75
CA VAL E 214 -42.02 -12.83 33.20
C VAL E 214 -41.40 -14.10 32.62
N LEU E 215 -41.48 -15.22 33.35
CA LEU E 215 -40.98 -16.49 32.83
C LEU E 215 -41.80 -16.97 31.64
N PHE E 216 -43.11 -16.68 31.66
CA PHE E 216 -44.00 -17.01 30.55
C PHE E 216 -43.61 -16.27 29.28
N LEU E 217 -43.34 -14.97 29.40
CA LEU E 217 -42.96 -14.16 28.26
C LEU E 217 -41.58 -14.53 27.75
N ARG E 218 -40.65 -14.84 28.66
CA ARG E 218 -39.33 -15.31 28.25
C ARG E 218 -39.40 -16.65 27.53
N LYS E 219 -40.30 -17.53 27.97
CA LYS E 219 -40.45 -18.83 27.32
C LYS E 219 -41.06 -18.68 25.94
N ILE E 220 -42.02 -17.77 25.77
CA ILE E 220 -42.57 -17.53 24.44
C ILE E 220 -41.52 -16.87 23.53
N LYS E 221 -40.69 -15.97 24.09
CA LYS E 221 -39.62 -15.37 23.32
C LYS E 221 -38.61 -16.40 22.83
N ALA E 222 -38.24 -17.34 23.71
CA ALA E 222 -37.35 -18.42 23.30
C ALA E 222 -38.01 -19.38 22.32
N ALA E 223 -39.32 -19.58 22.42
CA ALA E 223 -40.00 -20.50 21.52
C ALA E 223 -40.19 -19.89 20.12
N VAL E 224 -40.33 -18.57 20.02
CA VAL E 224 -40.50 -17.94 18.71
C VAL E 224 -39.15 -17.65 18.06
N GLU E 225 -38.15 -17.26 18.85
CA GLU E 225 -36.79 -17.10 18.31
C GLU E 225 -36.21 -18.43 17.85
N ASN E 226 -36.50 -19.52 18.57
CA ASN E 226 -36.03 -20.85 18.22
C ASN E 226 -37.19 -21.83 18.35
N PRO E 227 -37.79 -22.29 17.25
CA PRO E 227 -38.91 -23.22 17.34
C PRO E 227 -38.51 -24.68 17.51
N ALA E 228 -37.26 -24.97 17.89
CA ALA E 228 -36.89 -26.32 18.30
C ALA E 228 -37.13 -26.55 19.79
N ILE E 229 -37.38 -25.49 20.55
CA ILE E 229 -37.65 -25.60 21.97
C ILE E 229 -38.98 -26.29 22.22
N ILE E 230 -39.94 -26.11 21.31
CA ILE E 230 -41.29 -26.63 21.52
C ILE E 230 -41.32 -28.16 21.38
N VAL E 231 -40.40 -28.74 20.61
CA VAL E 231 -40.25 -30.19 20.60
C VAL E 231 -39.18 -30.62 21.59
N ALA E 232 -38.31 -29.71 22.00
CA ALA E 232 -37.28 -30.02 23.00
C ALA E 232 -37.86 -30.23 24.38
N GLY E 233 -38.93 -29.52 24.73
CA GLY E 233 -39.51 -29.66 26.05
C GLY E 233 -38.82 -28.85 27.13
N LEU E 234 -38.85 -27.53 27.01
CA LEU E 234 -38.32 -26.65 28.06
C LEU E 234 -39.40 -25.76 28.67
N GLY F 1 -56.96 -32.24 24.23
CA GLY F 1 -58.28 -32.14 23.63
C GLY F 1 -59.36 -32.76 24.49
N THR F 2 -59.28 -32.54 25.80
CA THR F 2 -60.23 -33.09 26.75
C THR F 2 -61.01 -31.96 27.42
N ARG F 3 -62.30 -32.20 27.64
CA ARG F 3 -63.17 -31.23 28.30
C ARG F 3 -63.20 -31.46 29.81
N SER F 4 -62.03 -31.52 30.43
CA SER F 4 -61.90 -31.85 31.85
C SER F 4 -61.54 -30.61 32.64
N GLU F 5 -62.32 -30.33 33.69
CA GLU F 5 -62.09 -29.20 34.58
C GLU F 5 -62.25 -29.69 36.01
N GLN F 6 -61.62 -28.98 36.95
CA GLN F 6 -61.70 -29.30 38.36
C GLN F 6 -62.06 -28.07 39.18
N ARG F 7 -62.29 -28.31 40.47
CA ARG F 7 -62.90 -27.33 41.36
C ARG F 7 -61.95 -26.97 42.51
N VAL F 8 -60.70 -26.67 42.19
CA VAL F 8 -59.69 -26.42 43.23
C VAL F 8 -59.98 -25.11 43.95
N LYS F 9 -59.93 -25.17 45.28
CA LYS F 9 -60.22 -24.03 46.15
C LYS F 9 -58.92 -23.47 46.68
N MET F 10 -58.77 -22.14 46.62
CA MET F 10 -57.57 -21.48 47.06
C MET F 10 -57.66 -21.16 48.55
N ASN F 11 -56.62 -20.53 49.09
CA ASN F 11 -56.55 -20.18 50.49
C ASN F 11 -57.08 -18.77 50.72
N ARG F 12 -57.14 -18.38 52.00
CA ARG F 12 -57.65 -17.06 52.36
C ARG F 12 -56.70 -15.95 51.95
N MET F 13 -55.39 -16.22 52.00
CA MET F 13 -54.39 -15.17 51.73
C MET F 13 -54.38 -14.75 50.27
N ARG F 14 -54.74 -15.65 49.35
CA ARG F 14 -54.81 -15.26 47.95
C ARG F 14 -55.93 -14.24 47.72
N LEU F 15 -57.09 -14.44 48.36
CA LEU F 15 -58.13 -13.42 48.37
C LEU F 15 -57.69 -12.17 49.11
N LYS F 16 -56.83 -12.30 50.13
CA LYS F 16 -56.37 -11.14 50.88
C LYS F 16 -55.52 -10.20 50.01
N ILE F 17 -54.49 -10.75 49.36
CA ILE F 17 -53.70 -9.95 48.41
C ILE F 17 -54.52 -9.51 47.19
N ALA F 18 -55.47 -10.33 46.73
CA ALA F 18 -56.30 -9.94 45.59
C ALA F 18 -57.19 -8.74 45.92
N ALA F 19 -57.89 -8.78 47.05
CA ALA F 19 -58.71 -7.65 47.47
C ALA F 19 -57.86 -6.44 47.85
N ARG F 20 -56.65 -6.68 48.36
CA ARG F 20 -55.75 -5.58 48.70
C ARG F 20 -55.30 -4.83 47.45
N LEU F 21 -54.92 -5.55 46.40
CA LEU F 21 -54.52 -4.88 45.16
C LEU F 21 -55.72 -4.28 44.43
N LYS F 22 -56.90 -4.89 44.59
CA LYS F 22 -58.11 -4.30 44.01
C LYS F 22 -58.47 -2.98 44.67
N ASP F 23 -58.41 -2.91 46.00
CA ASP F 23 -58.65 -1.65 46.69
C ASP F 23 -57.53 -0.64 46.43
N ALA F 24 -56.30 -1.13 46.22
CA ALA F 24 -55.20 -0.23 45.89
C ALA F 24 -55.37 0.39 44.51
N GLN F 25 -55.83 -0.40 43.54
CA GLN F 25 -56.09 0.16 42.21
C GLN F 25 -57.33 1.05 42.21
N ASN F 26 -58.33 0.72 43.03
CA ASN F 26 -59.53 1.54 43.10
C ASN F 26 -59.32 2.80 43.93
N THR F 27 -58.26 2.88 44.72
CA THR F 27 -57.94 4.07 45.50
C THR F 27 -56.90 4.96 44.81
N CYS F 28 -55.74 4.40 44.50
CA CYS F 28 -54.69 5.15 43.82
C CYS F 28 -54.99 5.23 42.33
N ALA F 29 -54.32 6.17 41.67
CA ALA F 29 -54.44 6.34 40.23
C ALA F 29 -53.23 5.70 39.56
N MET F 30 -53.49 4.80 38.62
CA MET F 30 -52.42 4.07 37.94
C MET F 30 -51.84 4.97 36.85
N LEU F 31 -50.53 5.20 36.91
CA LEU F 31 -49.87 6.18 36.05
C LEU F 31 -48.38 5.90 36.07
N THR F 32 -47.79 5.63 34.91
CA THR F 32 -46.40 5.21 34.86
C THR F 32 -45.57 6.09 33.93
N THR F 33 -44.25 5.97 34.10
CA THR F 33 -43.27 6.53 33.19
C THR F 33 -42.01 5.68 33.28
N PHE F 34 -41.22 5.69 32.21
CA PHE F 34 -40.03 4.85 32.13
C PHE F 34 -38.83 5.68 31.74
N ASN F 35 -37.65 5.08 31.93
CA ASN F 35 -36.38 5.67 31.54
C ASN F 35 -35.37 4.55 31.40
N GLU F 36 -34.20 4.91 30.89
CA GLU F 36 -33.10 3.95 30.71
C GLU F 36 -31.86 4.45 31.46
N VAL F 37 -31.18 3.53 32.14
CA VAL F 37 -30.06 3.85 33.01
C VAL F 37 -28.84 3.05 32.56
N ASP F 38 -27.74 3.75 32.31
CA ASP F 38 -26.48 3.07 32.02
C ASP F 38 -25.95 2.38 33.28
N MET F 39 -25.43 1.17 33.10
CA MET F 39 -24.96 0.36 34.22
C MET F 39 -23.50 -0.03 34.08
N SER F 40 -22.80 0.49 33.07
CA SER F 40 -21.41 0.09 32.81
C SER F 40 -20.48 0.56 33.92
N TYR F 41 -20.74 1.75 34.47
CA TYR F 41 -19.97 2.20 35.63
C TYR F 41 -20.27 1.35 36.85
N ALA F 42 -21.52 0.89 36.99
CA ALA F 42 -21.86 -0.03 38.07
C ALA F 42 -21.18 -1.38 37.87
N MET F 43 -21.06 -1.83 36.61
CA MET F 43 -20.33 -3.06 36.31
C MET F 43 -18.86 -2.95 36.70
N ASP F 44 -18.22 -1.84 36.33
CA ASP F 44 -16.81 -1.62 36.67
C ASP F 44 -16.61 -1.48 38.17
N PHE F 45 -17.53 -0.78 38.84
CA PHE F 45 -17.40 -0.55 40.29
C PHE F 45 -17.57 -1.84 41.07
N ARG F 46 -18.55 -2.67 40.69
CA ARG F 46 -18.73 -3.96 41.34
C ARG F 46 -17.56 -4.90 41.04
N LYS F 47 -17.07 -4.88 39.80
CA LYS F 47 -15.96 -5.75 39.42
C LYS F 47 -14.66 -5.35 40.10
N GLN F 48 -14.51 -4.08 40.47
CA GLN F 48 -13.32 -3.65 41.19
C GLN F 48 -13.45 -3.71 42.70
N ASN F 49 -14.68 -3.72 43.24
CA ASN F 49 -14.84 -3.73 44.70
C ASN F 49 -15.47 -5.01 45.24
N LEU F 50 -15.60 -6.06 44.41
CA LEU F 50 -16.11 -7.35 44.88
C LEU F 50 -15.26 -7.92 46.01
N ASP F 51 -13.95 -8.07 45.78
CA ASP F 51 -13.08 -8.61 46.81
C ASP F 51 -12.88 -7.64 47.97
N ALA F 52 -12.99 -6.34 47.71
CA ALA F 52 -12.88 -5.35 48.78
C ALA F 52 -14.03 -5.44 49.77
N PHE F 53 -15.28 -5.47 49.26
CA PHE F 53 -16.41 -5.65 50.16
C PHE F 53 -16.44 -7.04 50.79
N THR F 54 -15.98 -8.06 50.07
CA THR F 54 -15.95 -9.41 50.62
C THR F 54 -14.96 -9.51 51.78
N LYS F 55 -13.77 -8.90 51.63
CA LYS F 55 -12.78 -8.97 52.69
C LYS F 55 -13.05 -7.97 53.81
N LYS F 56 -13.85 -6.92 53.56
CA LYS F 56 -14.08 -5.96 54.62
C LYS F 56 -15.33 -6.29 55.44
N TYR F 57 -16.44 -6.62 54.79
CA TYR F 57 -17.69 -6.82 55.50
C TYR F 57 -18.15 -8.27 55.58
N GLY F 58 -17.62 -9.15 54.72
CA GLY F 58 -17.82 -10.58 54.83
C GLY F 58 -18.99 -11.12 54.05
N ILE F 59 -19.86 -10.26 53.53
CA ILE F 59 -21.05 -10.70 52.82
C ILE F 59 -20.94 -10.33 51.35
N LYS F 60 -21.81 -10.93 50.54
CA LYS F 60 -21.81 -10.71 49.10
C LYS F 60 -22.87 -9.69 48.73
N PHE F 61 -22.54 -8.83 47.78
CA PHE F 61 -23.39 -7.69 47.42
C PHE F 61 -23.69 -7.76 45.92
N GLY F 62 -24.87 -7.31 45.53
CA GLY F 62 -25.14 -7.16 44.12
C GLY F 62 -26.37 -6.38 43.73
N PHE F 63 -26.18 -5.38 42.86
CA PHE F 63 -27.20 -4.85 41.95
C PHE F 63 -28.41 -4.18 42.59
N MET F 64 -28.45 -4.09 43.92
CA MET F 64 -29.68 -3.62 44.57
C MET F 64 -29.42 -2.41 45.45
N SER F 65 -28.27 -2.38 46.13
CA SER F 65 -27.99 -1.29 47.06
C SER F 65 -27.72 0.02 46.33
N ILE F 66 -27.21 -0.06 45.11
CA ILE F 66 -27.00 1.12 44.28
C ILE F 66 -28.33 1.81 43.98
N PHE F 67 -29.33 0.99 43.61
CA PHE F 67 -30.66 1.52 43.35
C PHE F 67 -31.36 1.96 44.63
N ALA F 68 -31.08 1.27 45.75
CA ALA F 68 -31.74 1.58 47.02
C ALA F 68 -31.26 2.90 47.60
N LYS F 69 -29.94 3.12 47.62
CA LYS F 69 -29.38 4.33 48.19
C LYS F 69 -29.69 5.54 47.32
N ALA F 70 -29.71 5.35 45.99
CA ALA F 70 -30.12 6.42 45.09
C ALA F 70 -31.58 6.81 45.29
N SER F 71 -32.44 5.81 45.49
CA SER F 71 -33.84 6.09 45.77
C SER F 71 -34.02 6.78 47.11
N ALA F 72 -33.22 6.39 48.12
CA ALA F 72 -33.26 7.05 49.42
C ALA F 72 -32.85 8.52 49.30
N TYR F 73 -31.82 8.80 48.51
CA TYR F 73 -31.41 10.18 48.26
C TYR F 73 -32.49 10.98 47.55
N ALA F 74 -33.11 10.39 46.52
CA ALA F 74 -34.15 11.09 45.77
C ALA F 74 -35.42 11.30 46.58
N LEU F 75 -35.70 10.43 47.56
CA LEU F 75 -36.79 10.71 48.48
C LEU F 75 -36.42 11.75 49.53
N GLN F 76 -35.14 11.82 49.94
CA GLN F 76 -34.76 12.89 50.88
C GLN F 76 -34.77 14.27 50.23
N ASP F 77 -34.40 14.39 48.96
CA ASP F 77 -34.39 15.70 48.33
C ASP F 77 -35.65 16.03 47.53
N GLN F 78 -36.68 15.17 47.61
CA GLN F 78 -37.98 15.43 46.98
C GLN F 78 -39.04 14.76 47.85
N PRO F 79 -39.46 15.40 48.93
CA PRO F 79 -40.20 14.71 49.99
C PRO F 79 -41.69 14.55 49.74
N VAL F 80 -42.20 14.87 48.54
CA VAL F 80 -43.61 14.64 48.24
C VAL F 80 -43.82 13.27 47.58
N VAL F 81 -42.75 12.62 47.11
CA VAL F 81 -42.86 11.30 46.52
C VAL F 81 -43.21 10.25 47.57
N ASN F 82 -42.67 10.40 48.78
CA ASN F 82 -42.97 9.48 49.87
C ASN F 82 -44.31 9.73 50.55
N ALA F 83 -44.91 10.90 50.34
CA ALA F 83 -46.13 11.26 51.05
C ALA F 83 -47.35 10.61 50.43
N VAL F 84 -48.31 10.26 51.29
CA VAL F 84 -49.53 9.57 50.86
C VAL F 84 -50.75 10.35 51.31
N ILE F 85 -51.94 9.80 51.02
CA ILE F 85 -53.21 10.38 51.42
C ILE F 85 -53.91 9.37 52.31
N ASP F 86 -54.25 9.78 53.53
CA ASP F 86 -55.09 8.99 54.43
C ASP F 86 -56.36 9.80 54.70
N GLY F 87 -57.34 9.66 53.81
CA GLY F 87 -58.56 10.41 53.91
C GLY F 87 -58.45 11.79 53.29
N THR F 88 -58.33 12.81 54.13
CA THR F 88 -58.18 14.19 53.68
C THR F 88 -56.93 14.81 54.27
N ASP F 89 -55.85 14.02 54.35
CA ASP F 89 -54.60 14.48 54.95
C ASP F 89 -53.43 13.97 54.11
N ILE F 90 -52.40 14.81 53.99
CA ILE F 90 -51.17 14.45 53.31
C ILE F 90 -50.08 14.35 54.36
N VAL F 91 -49.40 13.20 54.41
CA VAL F 91 -48.42 12.92 55.47
C VAL F 91 -47.04 13.02 54.84
N TYR F 92 -46.43 14.20 54.91
CA TYR F 92 -45.01 14.33 54.60
C TYR F 92 -44.19 13.62 55.67
N ARG F 93 -43.22 12.82 55.23
CA ARG F 93 -42.36 12.08 56.14
C ARG F 93 -40.91 12.36 55.81
N ASP F 94 -40.11 12.54 56.86
CA ASP F 94 -38.66 12.70 56.70
C ASP F 94 -37.95 11.35 56.67
N TYR F 95 -38.40 10.40 57.47
CA TYR F 95 -37.85 9.05 57.45
C TYR F 95 -38.31 8.33 56.19
N VAL F 96 -37.44 7.49 55.64
CA VAL F 96 -37.76 6.69 54.46
C VAL F 96 -37.43 5.24 54.75
N ASP F 97 -38.36 4.34 54.42
CA ASP F 97 -38.19 2.91 54.63
C ASP F 97 -38.51 2.21 53.32
N ILE F 98 -37.50 1.62 52.69
CA ILE F 98 -37.69 0.95 51.40
C ILE F 98 -38.30 -0.41 51.64
N SER F 99 -39.41 -0.68 50.97
CA SER F 99 -40.16 -1.94 51.11
C SER F 99 -39.70 -2.88 50.01
N VAL F 100 -38.98 -3.92 50.37
CA VAL F 100 -38.26 -4.77 49.42
C VAL F 100 -38.96 -6.11 49.30
N ALA F 101 -39.21 -6.55 48.06
CA ALA F 101 -39.78 -7.86 47.82
C ALA F 101 -38.69 -8.92 47.73
N VAL F 102 -38.95 -10.09 48.30
CA VAL F 102 -38.04 -11.22 48.23
C VAL F 102 -38.88 -12.50 48.31
N ALA F 103 -38.34 -13.58 47.76
CA ALA F 103 -39.07 -14.84 47.71
C ALA F 103 -39.02 -15.57 49.04
N THR F 104 -40.11 -16.27 49.34
CA THR F 104 -40.27 -17.12 50.51
C THR F 104 -40.94 -18.39 50.04
N PRO F 105 -40.80 -19.50 50.79
CA PRO F 105 -41.47 -20.75 50.37
C PRO F 105 -42.99 -20.68 50.30
N ARG F 106 -43.65 -19.82 51.09
CA ARG F 106 -45.10 -19.75 50.99
C ARG F 106 -45.56 -18.93 49.80
N GLY F 107 -44.73 -18.01 49.31
CA GLY F 107 -45.16 -17.04 48.33
C GLY F 107 -44.13 -15.95 48.11
N LEU F 108 -44.55 -14.69 48.27
CA LEU F 108 -43.65 -13.54 48.17
C LEU F 108 -43.90 -12.65 49.39
N VAL F 109 -43.02 -12.76 50.39
CA VAL F 109 -43.11 -11.92 51.59
C VAL F 109 -42.30 -10.65 51.33
N VAL F 110 -42.69 -9.55 51.98
CA VAL F 110 -42.13 -8.24 51.70
C VAL F 110 -41.54 -7.68 52.99
N PRO F 111 -40.26 -7.91 53.25
CA PRO F 111 -39.60 -7.24 54.38
C PRO F 111 -39.21 -5.80 54.04
N VAL F 112 -39.11 -4.99 55.08
CA VAL F 112 -38.86 -3.55 54.95
C VAL F 112 -37.53 -3.22 55.61
N ILE F 113 -36.69 -2.47 54.89
CA ILE F 113 -35.45 -1.94 55.45
C ILE F 113 -35.75 -0.65 56.17
N ARG F 114 -35.31 -0.54 57.43
CA ARG F 114 -35.64 0.58 58.28
C ARG F 114 -34.49 1.59 58.31
N ASN F 115 -34.84 2.88 58.18
CA ASN F 115 -33.92 4.02 58.32
C ASN F 115 -32.77 3.95 57.31
N VAL F 116 -33.15 4.05 56.04
CA VAL F 116 -32.23 3.80 54.94
C VAL F 116 -31.47 5.05 54.49
N GLU F 117 -31.87 6.23 54.95
CA GLU F 117 -31.30 7.46 54.40
C GLU F 117 -29.89 7.72 54.94
N GLY F 118 -29.65 7.43 56.22
CA GLY F 118 -28.33 7.59 56.80
C GLY F 118 -27.58 6.28 56.86
N MET F 119 -27.47 5.59 55.74
CA MET F 119 -27.08 4.19 55.76
C MET F 119 -26.35 3.85 54.48
N ASN F 120 -25.13 3.33 54.61
CA ASN F 120 -24.22 3.12 53.49
C ASN F 120 -24.64 1.92 52.65
N TYR F 121 -23.84 1.61 51.63
CA TYR F 121 -24.06 0.42 50.80
C TYR F 121 -23.96 -0.86 51.62
N ALA F 122 -22.85 -1.00 52.36
CA ALA F 122 -22.59 -2.25 53.07
C ALA F 122 -23.56 -2.45 54.22
N ASP F 123 -24.00 -1.38 54.87
CA ASP F 123 -25.01 -1.49 55.92
C ASP F 123 -26.36 -1.89 55.36
N ILE F 124 -26.73 -1.36 54.18
CA ILE F 124 -27.97 -1.78 53.51
C ILE F 124 -27.90 -3.25 53.14
N GLU F 125 -26.73 -3.71 52.66
CA GLU F 125 -26.57 -5.12 52.35
C GLU F 125 -26.61 -5.99 53.59
N ILE F 126 -26.09 -5.48 54.72
CA ILE F 126 -26.19 -6.20 55.98
C ILE F 126 -27.64 -6.37 56.41
N ALA F 127 -28.43 -5.28 56.33
CA ALA F 127 -29.84 -5.35 56.69
C ALA F 127 -30.63 -6.25 55.75
N LEU F 128 -30.34 -6.18 54.45
CA LEU F 128 -31.07 -6.99 53.47
C LEU F 128 -30.70 -8.46 53.58
N ALA F 129 -29.42 -8.76 53.82
CA ALA F 129 -29.00 -10.14 54.03
C ALA F 129 -29.55 -10.69 55.34
N GLY F 130 -29.67 -9.85 56.37
CA GLY F 130 -30.31 -10.29 57.60
C GLY F 130 -31.79 -10.60 57.42
N LEU F 131 -32.50 -9.78 56.64
CA LEU F 131 -33.90 -10.04 56.36
C LEU F 131 -34.08 -11.28 55.49
N ALA F 132 -33.19 -11.49 54.53
CA ALA F 132 -33.25 -12.69 53.71
C ALA F 132 -32.89 -13.93 54.50
N ASP F 133 -31.97 -13.82 55.46
CA ASP F 133 -31.65 -14.94 56.34
C ASP F 133 -32.80 -15.25 57.28
N LYS F 134 -33.50 -14.21 57.75
CA LYS F 134 -34.71 -14.43 58.53
C LYS F 134 -35.80 -15.09 57.70
N ALA F 135 -35.89 -14.76 56.42
CA ALA F 135 -36.82 -15.44 55.53
C ALA F 135 -36.35 -16.85 55.15
N ARG F 136 -35.07 -17.16 55.38
CA ARG F 136 -34.56 -18.49 55.02
C ARG F 136 -35.12 -19.56 55.94
N ARG F 137 -35.06 -19.35 57.26
CA ARG F 137 -35.64 -20.30 58.20
C ARG F 137 -37.06 -19.90 58.63
N ASP F 138 -37.70 -19.00 57.89
CA ASP F 138 -39.09 -18.55 58.07
C ASP F 138 -39.29 -17.92 59.45
N ALA F 139 -38.57 -16.81 59.67
CA ALA F 139 -38.67 -16.04 60.91
C ALA F 139 -39.17 -14.62 60.66
N ILE F 140 -39.89 -14.39 59.56
CA ILE F 140 -40.41 -13.07 59.25
C ILE F 140 -41.59 -12.77 60.15
N THR F 141 -41.53 -11.64 60.85
CA THR F 141 -42.55 -11.27 61.82
C THR F 141 -43.61 -10.39 61.17
N VAL F 142 -44.48 -9.81 62.00
CA VAL F 142 -45.56 -8.96 61.51
C VAL F 142 -45.17 -7.49 61.55
N GLU F 143 -44.31 -7.09 62.50
CA GLU F 143 -43.94 -5.70 62.69
C GLU F 143 -43.13 -5.13 61.52
N ASP F 144 -42.50 -5.97 60.71
CA ASP F 144 -41.76 -5.54 59.52
C ASP F 144 -42.54 -5.80 58.24
N MET F 145 -43.86 -5.63 58.28
CA MET F 145 -44.71 -5.83 57.11
C MET F 145 -45.42 -4.56 56.65
N ASP F 146 -45.21 -3.43 57.33
CA ASP F 146 -45.89 -2.19 57.00
C ASP F 146 -44.90 -1.03 57.14
N GLY F 147 -45.39 0.17 56.89
CA GLY F 147 -44.60 1.38 57.06
C GLY F 147 -43.68 1.72 55.92
N GLY F 148 -43.69 0.94 54.83
CA GLY F 148 -42.79 1.23 53.73
C GLY F 148 -43.23 2.44 52.94
N THR F 149 -42.26 3.24 52.51
CA THR F 149 -42.52 4.44 51.73
C THR F 149 -42.11 4.31 50.27
N PHE F 150 -41.34 3.29 49.91
CA PHE F 150 -40.87 3.13 48.54
C PHE F 150 -40.57 1.65 48.31
N THR F 151 -40.45 1.28 47.04
CA THR F 151 -40.29 -0.13 46.70
C THR F 151 -39.39 -0.27 45.47
N ILE F 152 -38.40 -1.16 45.58
CA ILE F 152 -37.43 -1.44 44.52
C ILE F 152 -37.64 -2.89 44.12
N SER F 153 -38.91 -3.26 43.94
CA SER F 153 -39.37 -4.61 43.58
C SER F 153 -38.57 -5.23 42.44
N ASN F 154 -37.90 -6.34 42.76
CA ASN F 154 -36.91 -6.95 41.88
C ASN F 154 -37.62 -7.70 40.75
N GLY F 155 -37.42 -7.23 39.53
CA GLY F 155 -37.86 -7.95 38.36
C GLY F 155 -36.68 -8.18 37.42
N GLY F 156 -35.49 -7.92 37.94
CA GLY F 156 -34.28 -7.97 37.13
C GLY F 156 -33.62 -9.33 37.08
N VAL F 157 -33.70 -10.07 38.18
CA VAL F 157 -33.12 -11.41 38.23
C VAL F 157 -33.95 -12.40 37.41
N PHE F 158 -35.21 -12.08 37.15
CA PHE F 158 -36.13 -12.99 36.49
C PHE F 158 -36.20 -12.77 34.98
N GLY F 159 -35.79 -11.61 34.48
CA GLY F 159 -35.62 -11.41 33.06
C GLY F 159 -36.72 -10.63 32.36
N SER F 160 -37.17 -9.54 32.96
CA SER F 160 -38.13 -8.66 32.31
C SER F 160 -37.40 -7.53 31.58
N LEU F 161 -38.13 -6.83 30.74
CA LEU F 161 -37.58 -5.68 30.03
C LEU F 161 -38.35 -4.40 30.33
N MET F 162 -39.68 -4.44 30.30
CA MET F 162 -40.52 -3.36 30.82
C MET F 162 -41.59 -3.95 31.72
N GLY F 163 -42.15 -3.09 32.57
CA GLY F 163 -43.20 -3.50 33.49
C GLY F 163 -43.85 -2.29 34.10
N THR F 164 -45.04 -2.49 34.63
CA THR F 164 -45.86 -1.41 35.20
C THR F 164 -46.41 -1.85 36.56
N PRO F 165 -45.56 -1.93 37.59
CA PRO F 165 -45.98 -2.58 38.85
C PRO F 165 -47.06 -1.80 39.60
N ILE F 166 -48.02 -2.56 40.14
CA ILE F 166 -49.20 -1.96 40.77
C ILE F 166 -48.81 -1.32 42.08
N ILE F 167 -49.31 -0.11 42.32
CA ILE F 167 -49.06 0.61 43.56
C ILE F 167 -49.72 -0.12 44.73
N ASN F 168 -48.92 -0.46 45.74
CA ASN F 168 -49.41 -1.17 46.91
C ASN F 168 -49.45 -0.24 48.12
N PRO F 169 -50.41 -0.40 49.01
CA PRO F 169 -50.47 0.45 50.21
C PRO F 169 -49.42 0.04 51.21
N PRO F 170 -49.02 0.94 52.14
CA PRO F 170 -49.40 2.36 52.26
C PRO F 170 -48.38 3.33 51.66
N GLN F 171 -47.82 3.09 50.47
CA GLN F 171 -46.90 4.03 49.86
C GLN F 171 -47.53 4.61 48.60
N SER F 172 -46.76 5.42 47.87
CA SER F 172 -47.31 6.17 46.75
C SER F 172 -46.46 6.15 45.48
N ALA F 173 -45.31 5.48 45.48
CA ALA F 173 -44.49 5.39 44.28
C ALA F 173 -43.62 4.14 44.38
N ILE F 174 -43.59 3.35 43.31
CA ILE F 174 -42.88 2.07 43.27
C ILE F 174 -42.04 2.01 42.01
N LEU F 175 -40.73 1.85 42.17
CA LEU F 175 -39.79 1.74 41.06
C LEU F 175 -39.46 0.27 40.86
N GLY F 176 -39.91 -0.30 39.75
CA GLY F 176 -39.57 -1.68 39.44
C GLY F 176 -38.38 -1.77 38.51
N MET F 177 -37.21 -2.07 39.06
CA MET F 177 -36.02 -2.24 38.23
C MET F 177 -36.10 -3.53 37.43
N HIS F 178 -35.42 -3.56 36.29
CA HIS F 178 -35.57 -4.64 35.31
C HIS F 178 -34.19 -5.23 34.98
N GLY F 179 -34.21 -6.25 34.13
CA GLY F 179 -32.99 -6.97 33.82
C GLY F 179 -32.07 -6.20 32.89
N ILE F 180 -30.78 -6.44 33.06
CA ILE F 180 -29.76 -5.77 32.24
C ILE F 180 -29.56 -6.54 30.94
N PHE F 181 -29.73 -5.84 29.83
CA PHE F 181 -29.61 -6.41 28.49
C PHE F 181 -28.50 -5.67 27.74
N GLU F 182 -28.35 -5.98 26.46
CA GLU F 182 -27.30 -5.40 25.63
C GLU F 182 -27.94 -4.58 24.53
N ARG F 183 -27.63 -3.28 24.47
CA ARG F 183 -28.14 -2.39 23.44
C ARG F 183 -27.02 -1.45 22.99
N PRO F 184 -26.76 -1.35 21.68
CA PRO F 184 -25.62 -0.56 21.20
C PRO F 184 -25.91 0.93 21.08
N ILE F 185 -25.74 1.66 22.17
CA ILE F 185 -26.26 3.02 22.26
C ILE F 185 -25.28 4.03 21.70
N ALA F 186 -25.81 5.03 20.99
CA ALA F 186 -25.01 6.13 20.47
C ALA F 186 -24.66 7.07 21.62
N VAL F 187 -23.39 7.09 21.99
CA VAL F 187 -22.87 8.00 22.99
C VAL F 187 -21.68 8.74 22.39
N LYS F 188 -21.63 10.07 22.63
CA LYS F 188 -20.56 10.96 22.18
C LYS F 188 -20.38 10.97 20.66
N GLY F 189 -21.46 10.73 19.93
CA GLY F 189 -21.43 10.81 18.48
C GLY F 189 -21.06 9.54 17.74
N GLU F 190 -20.78 8.45 18.45
CA GLU F 190 -20.48 7.17 17.80
C GLU F 190 -21.23 6.05 18.50
N VAL F 191 -21.36 4.93 17.80
CA VAL F 191 -22.13 3.78 18.28
C VAL F 191 -21.25 2.95 19.21
N LYS F 192 -21.74 2.71 20.42
CA LYS F 192 -21.01 1.89 21.38
C LYS F 192 -21.98 0.94 22.08
N ILE F 193 -21.54 -0.29 22.30
CA ILE F 193 -22.37 -1.31 22.93
C ILE F 193 -22.22 -1.13 24.44
N ARG F 194 -23.24 -0.55 25.07
CA ARG F 194 -23.25 -0.36 26.51
C ARG F 194 -24.44 -1.07 27.11
N PRO F 195 -24.25 -1.95 28.10
CA PRO F 195 -25.37 -2.67 28.70
C PRO F 195 -26.24 -1.79 29.59
N MET F 196 -27.48 -1.53 29.18
CA MET F 196 -28.42 -0.81 30.03
C MET F 196 -29.51 -1.73 30.55
N MET F 197 -30.42 -1.12 31.29
CA MET F 197 -31.60 -1.76 31.85
C MET F 197 -32.66 -0.70 32.06
N TYR F 198 -33.90 -1.03 31.70
CA TYR F 198 -34.98 -0.08 31.80
C TYR F 198 -35.50 -0.01 33.23
N ILE F 199 -36.07 1.14 33.58
CA ILE F 199 -36.67 1.32 34.89
C ILE F 199 -38.12 1.76 34.71
N ALA F 200 -38.90 1.59 35.78
CA ALA F 200 -40.30 1.96 35.79
C ALA F 200 -40.57 2.84 37.00
N LEU F 201 -41.67 3.59 36.92
CA LEU F 201 -42.07 4.45 38.05
C LEU F 201 -43.59 4.63 37.95
N THR F 202 -44.33 3.86 38.73
CA THR F 202 -45.78 3.96 38.75
C THR F 202 -46.19 4.81 39.94
N TYR F 203 -46.67 6.01 39.66
CA TYR F 203 -46.85 7.05 40.65
C TYR F 203 -48.27 7.59 40.61
N ASP F 204 -48.83 7.87 41.78
CA ASP F 204 -50.16 8.46 41.86
C ASP F 204 -50.16 9.89 41.35
N HIS F 205 -51.14 10.23 40.52
CA HIS F 205 -51.32 11.60 40.07
C HIS F 205 -52.04 12.47 41.09
N ARG F 206 -52.62 11.87 42.13
CA ARG F 206 -53.29 12.67 43.15
C ARG F 206 -52.31 13.46 43.99
N ILE F 207 -51.07 13.00 44.14
CA ILE F 207 -50.08 13.73 44.91
C ILE F 207 -48.78 13.99 44.14
N ILE F 208 -48.25 12.99 43.42
CA ILE F 208 -47.05 13.23 42.63
C ILE F 208 -47.47 13.74 41.24
N ASP F 209 -47.00 14.94 40.90
CA ASP F 209 -47.24 15.48 39.57
C ASP F 209 -46.32 14.81 38.57
N GLY F 210 -46.65 14.97 37.27
CA GLY F 210 -45.84 14.38 36.22
C GLY F 210 -44.46 14.98 36.13
N ARG F 211 -44.35 16.30 36.35
CA ARG F 211 -43.06 16.98 36.43
C ARG F 211 -42.22 16.42 37.57
N GLU F 212 -42.87 16.18 38.72
CA GLU F 212 -42.19 15.66 39.90
C GLU F 212 -41.63 14.27 39.64
N ALA F 213 -42.42 13.40 39.02
CA ALA F 213 -41.98 12.04 38.76
C ALA F 213 -40.92 12.00 37.65
N VAL F 214 -41.01 12.89 36.66
CA VAL F 214 -40.03 12.92 35.59
C VAL F 214 -38.66 13.39 36.12
N LEU F 215 -38.66 14.46 36.93
CA LEU F 215 -37.42 14.92 37.54
C LEU F 215 -36.88 13.91 38.55
N PHE F 216 -37.78 13.21 39.25
CA PHE F 216 -37.41 12.16 40.18
C PHE F 216 -36.71 11.00 39.48
N LEU F 217 -37.26 10.57 38.34
CA LEU F 217 -36.66 9.47 37.58
C LEU F 217 -35.35 9.88 36.94
N ARG F 218 -35.26 11.13 36.45
CA ARG F 218 -34.00 11.63 35.91
C ARG F 218 -32.93 11.72 36.99
N LYS F 219 -33.32 12.11 38.21
CA LYS F 219 -32.35 12.19 39.30
C LYS F 219 -31.86 10.82 39.72
N ILE F 220 -32.75 9.83 39.74
CA ILE F 220 -32.30 8.46 40.04
C ILE F 220 -31.42 7.92 38.92
N LYS F 221 -31.73 8.26 37.67
CA LYS F 221 -30.90 7.84 36.54
C LYS F 221 -29.50 8.44 36.63
N ALA F 222 -29.41 9.72 36.99
CA ALA F 222 -28.11 10.36 37.18
C ALA F 222 -27.38 9.80 38.41
N ALA F 223 -28.12 9.41 39.45
CA ALA F 223 -27.47 8.88 40.64
C ALA F 223 -26.95 7.46 40.45
N VAL F 224 -27.59 6.66 39.60
CA VAL F 224 -27.13 5.30 39.37
C VAL F 224 -26.06 5.26 38.28
N GLU F 225 -26.19 6.09 37.24
CA GLU F 225 -25.13 6.20 36.24
C GLU F 225 -23.85 6.78 36.84
N ASN F 226 -23.97 7.73 37.76
CA ASN F 226 -22.82 8.33 38.43
C ASN F 226 -23.12 8.41 39.92
N PRO F 227 -22.52 7.55 40.75
CA PRO F 227 -22.77 7.61 42.20
C PRO F 227 -21.95 8.64 42.95
N ALA F 228 -21.34 9.61 42.28
CA ALA F 228 -20.75 10.76 42.96
C ALA F 228 -21.76 11.88 43.17
N ILE F 229 -22.92 11.80 42.51
CA ILE F 229 -23.96 12.81 42.67
C ILE F 229 -24.56 12.75 44.07
N ILE F 230 -24.59 11.57 44.67
CA ILE F 230 -25.26 11.39 45.96
C ILE F 230 -24.46 12.03 47.10
N VAL F 231 -23.15 12.15 46.95
CA VAL F 231 -22.35 12.93 47.88
C VAL F 231 -22.17 14.36 47.38
N ALA F 232 -22.38 14.59 46.08
CA ALA F 232 -22.29 15.94 45.53
C ALA F 232 -23.44 16.83 45.96
N GLY F 233 -24.63 16.27 46.17
CA GLY F 233 -25.77 17.07 46.56
C GLY F 233 -26.47 17.78 45.42
N LEU F 234 -27.05 17.01 44.50
CA LEU F 234 -27.85 17.58 43.41
C LEU F 234 -29.30 17.12 43.47
N GLY G 1 -15.91 65.44 -18.29
CA GLY G 1 -16.76 66.33 -17.52
C GLY G 1 -17.11 67.60 -18.26
N THR G 2 -17.40 67.48 -19.56
CA THR G 2 -17.73 68.60 -20.40
C THR G 2 -19.17 68.49 -20.88
N ARG G 3 -19.87 69.63 -20.93
CA ARG G 3 -21.24 69.68 -21.41
C ARG G 3 -21.29 69.95 -22.92
N SER G 4 -20.58 69.14 -23.70
CA SER G 4 -20.44 69.36 -25.13
C SER G 4 -21.26 68.31 -25.89
N GLU G 5 -22.11 68.78 -26.79
CA GLU G 5 -22.92 67.92 -27.64
C GLU G 5 -22.86 68.44 -29.08
N GLN G 6 -23.10 67.55 -30.03
CA GLN G 6 -23.11 67.92 -31.43
C GLN G 6 -24.38 67.43 -32.12
N ARG G 7 -24.53 67.83 -33.38
CA ARG G 7 -25.77 67.69 -34.11
C ARG G 7 -25.60 66.82 -35.35
N VAL G 8 -24.97 65.65 -35.19
CA VAL G 8 -24.64 64.81 -36.33
C VAL G 8 -25.91 64.21 -36.93
N LYS G 9 -26.01 64.27 -38.25
CA LYS G 9 -27.17 63.80 -39.00
C LYS G 9 -26.83 62.48 -39.67
N MET G 10 -27.71 61.51 -39.54
CA MET G 10 -27.49 60.19 -40.09
C MET G 10 -28.00 60.13 -41.54
N ASN G 11 -27.87 58.97 -42.17
CA ASN G 11 -28.28 58.78 -43.54
C ASN G 11 -29.71 58.26 -43.60
N ARG G 12 -30.22 58.12 -44.84
CA ARG G 12 -31.59 57.66 -45.05
C ARG G 12 -31.75 56.19 -44.69
N MET G 13 -30.71 55.38 -44.94
CA MET G 13 -30.81 53.94 -44.74
C MET G 13 -30.93 53.56 -43.28
N ARG G 14 -30.35 54.36 -42.37
CA ARG G 14 -30.51 54.08 -40.95
C ARG G 14 -31.96 54.23 -40.51
N LEU G 15 -32.65 55.27 -41.00
CA LEU G 15 -34.08 55.39 -40.81
C LEU G 15 -34.85 54.28 -41.51
N LYS G 16 -34.33 53.78 -42.65
CA LYS G 16 -35.00 52.72 -43.38
C LYS G 16 -35.04 51.41 -42.58
N ILE G 17 -33.87 50.95 -42.10
CA ILE G 17 -33.83 49.77 -41.23
C ILE G 17 -34.53 50.03 -39.88
N ALA G 18 -34.45 51.25 -39.34
CA ALA G 18 -35.13 51.56 -38.08
C ALA G 18 -36.66 51.45 -38.20
N ALA G 19 -37.23 52.07 -39.24
CA ALA G 19 -38.67 51.97 -39.47
C ALA G 19 -39.08 50.56 -39.88
N ARG G 20 -38.19 49.84 -40.57
CA ARG G 20 -38.46 48.46 -40.95
C ARG G 20 -38.58 47.55 -39.73
N LEU G 21 -37.64 47.67 -38.79
CA LEU G 21 -37.73 46.86 -37.58
C LEU G 21 -38.84 47.33 -36.66
N LYS G 22 -39.17 48.62 -36.69
CA LYS G 22 -40.32 49.11 -35.91
C LYS G 22 -41.64 48.54 -36.43
N ASP G 23 -41.83 48.53 -37.75
CA ASP G 23 -43.02 47.93 -38.33
C ASP G 23 -43.02 46.41 -38.15
N ALA G 24 -41.83 45.79 -38.14
CA ALA G 24 -41.74 44.35 -37.91
C ALA G 24 -42.13 44.00 -36.48
N GLN G 25 -41.71 44.80 -35.50
CA GLN G 25 -42.11 44.55 -34.12
C GLN G 25 -43.58 44.89 -33.90
N ASN G 26 -44.09 45.91 -34.59
CA ASN G 26 -45.49 46.27 -34.45
C ASN G 26 -46.43 45.35 -35.22
N THR G 27 -45.90 44.53 -36.15
CA THR G 27 -46.70 43.56 -36.87
C THR G 27 -46.58 42.16 -36.28
N CYS G 28 -45.37 41.64 -36.17
CA CYS G 28 -45.17 40.32 -35.59
C CYS G 28 -45.22 40.38 -34.07
N ALA G 29 -45.40 39.23 -33.45
CA ALA G 29 -45.41 39.12 -31.99
C ALA G 29 -44.06 38.60 -31.52
N MET G 30 -43.42 39.33 -30.63
CA MET G 30 -42.09 38.96 -30.14
C MET G 30 -42.24 37.87 -29.09
N LEU G 31 -41.57 36.75 -29.31
CA LEU G 31 -41.75 35.55 -28.49
C LEU G 31 -40.59 34.61 -28.72
N THR G 32 -39.85 34.27 -27.68
CA THR G 32 -38.63 33.51 -27.84
C THR G 32 -38.61 32.25 -26.99
N THR G 33 -37.71 31.34 -27.34
CA THR G 33 -37.37 30.18 -26.54
C THR G 33 -35.92 29.80 -26.85
N PHE G 34 -35.28 29.14 -25.89
CA PHE G 34 -33.87 28.81 -26.02
C PHE G 34 -33.66 27.32 -25.76
N ASN G 35 -32.47 26.84 -26.13
CA ASN G 35 -32.04 25.48 -25.88
C ASN G 35 -30.52 25.45 -25.95
N GLU G 36 -29.96 24.31 -25.59
CA GLU G 36 -28.52 24.10 -25.62
C GLU G 36 -28.19 22.90 -26.49
N VAL G 37 -27.14 23.03 -27.31
CA VAL G 37 -26.78 22.03 -28.30
C VAL G 37 -25.34 21.61 -28.07
N ASP G 38 -25.11 20.31 -27.94
CA ASP G 38 -23.74 19.80 -27.86
C ASP G 38 -23.06 19.93 -29.22
N MET G 39 -21.79 20.33 -29.19
CA MET G 39 -21.04 20.56 -30.41
C MET G 39 -19.77 19.72 -30.49
N SER G 40 -19.57 18.80 -29.55
CA SER G 40 -18.34 18.00 -29.52
C SER G 40 -18.25 17.06 -30.71
N TYR G 41 -19.38 16.50 -31.15
CA TYR G 41 -19.38 15.70 -32.36
C TYR G 41 -19.10 16.56 -33.58
N ALA G 42 -19.59 17.80 -33.59
CA ALA G 42 -19.26 18.73 -34.66
C ALA G 42 -17.78 19.09 -34.64
N MET G 43 -17.19 19.23 -33.44
CA MET G 43 -15.76 19.47 -33.32
C MET G 43 -14.95 18.32 -33.90
N ASP G 44 -15.31 17.08 -33.55
CA ASP G 44 -14.60 15.91 -34.06
C ASP G 44 -14.79 15.75 -35.56
N PHE G 45 -16.00 16.02 -36.06
CA PHE G 45 -16.27 15.85 -37.48
C PHE G 45 -15.53 16.88 -38.32
N ARG G 46 -15.50 18.14 -37.87
CA ARG G 46 -14.73 19.17 -38.58
C ARG G 46 -13.23 18.89 -38.48
N LYS G 47 -12.76 18.43 -37.33
CA LYS G 47 -11.34 18.15 -37.16
C LYS G 47 -10.89 16.95 -37.98
N GLN G 48 -11.80 16.03 -38.29
CA GLN G 48 -11.44 14.89 -39.13
C GLN G 48 -11.70 15.12 -40.61
N ASN G 49 -12.54 16.08 -40.99
CA ASN G 49 -12.85 16.30 -42.40
C ASN G 49 -12.38 17.65 -42.93
N LEU G 50 -11.56 18.38 -42.16
CA LEU G 50 -10.98 19.64 -42.64
C LEU G 50 -10.16 19.45 -43.91
N ASP G 51 -9.17 18.55 -43.86
CA ASP G 51 -8.33 18.31 -45.03
C ASP G 51 -9.09 17.60 -46.15
N ALA G 52 -10.12 16.82 -45.79
CA ALA G 52 -10.92 16.13 -46.79
C ALA G 52 -11.73 17.12 -47.63
N PHE G 53 -12.44 18.05 -46.97
CA PHE G 53 -13.18 19.07 -47.71
C PHE G 53 -12.24 20.03 -48.42
N THR G 54 -11.07 20.33 -47.83
CA THR G 54 -10.12 21.22 -48.47
C THR G 54 -9.56 20.61 -49.75
N LYS G 55 -9.23 19.32 -49.73
CA LYS G 55 -8.68 18.68 -50.92
C LYS G 55 -9.75 18.29 -51.92
N LYS G 56 -11.02 18.19 -51.49
CA LYS G 56 -12.04 17.79 -52.45
C LYS G 56 -12.70 18.99 -53.13
N TYR G 57 -13.09 20.01 -52.35
CA TYR G 57 -13.85 21.12 -52.90
C TYR G 57 -13.07 22.42 -53.00
N GLY G 58 -11.95 22.55 -52.28
CA GLY G 58 -11.03 23.64 -52.46
C GLY G 58 -11.27 24.84 -51.55
N ILE G 59 -12.40 24.89 -50.86
CA ILE G 59 -12.75 26.03 -50.04
C ILE G 59 -12.76 25.62 -48.57
N LYS G 60 -12.75 26.62 -47.70
CA LYS G 60 -12.72 26.39 -46.26
C LYS G 60 -14.12 26.49 -45.69
N PHE G 61 -14.43 25.61 -44.73
CA PHE G 61 -15.77 25.49 -44.19
C PHE G 61 -15.71 25.66 -42.67
N GLY G 62 -16.77 26.23 -42.10
CA GLY G 62 -16.85 26.24 -40.65
C GLY G 62 -18.19 26.63 -40.05
N PHE G 63 -18.69 25.79 -39.15
CA PHE G 63 -19.63 26.14 -38.08
C PHE G 63 -21.01 26.65 -38.52
N MET G 64 -21.28 26.71 -39.82
CA MET G 64 -22.51 27.35 -40.25
C MET G 64 -23.38 26.40 -41.08
N SER G 65 -22.75 25.57 -41.92
CA SER G 65 -23.51 24.70 -42.80
C SER G 65 -24.22 23.59 -42.04
N ILE G 66 -23.66 23.19 -40.90
CA ILE G 66 -24.30 22.20 -40.04
C ILE G 66 -25.63 22.73 -39.52
N PHE G 67 -25.62 23.99 -39.06
CA PHE G 67 -26.83 24.64 -38.59
C PHE G 67 -27.79 24.95 -39.74
N ALA G 68 -27.26 25.26 -40.93
CA ALA G 68 -28.08 25.62 -42.07
C ALA G 68 -28.84 24.43 -42.63
N LYS G 69 -28.15 23.30 -42.81
CA LYS G 69 -28.78 22.11 -43.37
C LYS G 69 -29.77 21.49 -42.39
N ALA G 70 -29.46 21.56 -41.08
CA ALA G 70 -30.40 21.10 -40.07
C ALA G 70 -31.66 21.95 -40.05
N SER G 71 -31.50 23.27 -40.21
CA SER G 71 -32.66 24.16 -40.27
C SER G 71 -33.47 23.92 -41.53
N ALA G 72 -32.80 23.63 -42.65
CA ALA G 72 -33.50 23.31 -43.89
C ALA G 72 -34.32 22.04 -43.74
N TYR G 73 -33.75 21.02 -43.08
CA TYR G 73 -34.49 19.79 -42.79
C TYR G 73 -35.70 20.04 -41.90
N ALA G 74 -35.51 20.83 -40.83
CA ALA G 74 -36.59 21.10 -39.91
C ALA G 74 -37.69 21.96 -40.52
N LEU G 75 -37.36 22.80 -41.51
CA LEU G 75 -38.40 23.49 -42.26
C LEU G 75 -39.08 22.60 -43.28
N GLN G 76 -38.38 21.61 -43.85
CA GLN G 76 -39.04 20.68 -44.75
C GLN G 76 -40.00 19.73 -44.03
N ASP G 77 -39.68 19.31 -42.82
CA ASP G 77 -40.57 18.40 -42.11
C ASP G 77 -41.52 19.09 -41.13
N GLN G 78 -41.55 20.42 -41.12
CA GLN G 78 -42.50 21.20 -40.31
C GLN G 78 -42.80 22.48 -41.07
N PRO G 79 -43.71 22.44 -42.05
CA PRO G 79 -43.81 23.52 -43.03
C PRO G 79 -44.62 24.72 -42.59
N VAL G 80 -45.02 24.83 -41.32
CA VAL G 80 -45.71 26.01 -40.85
C VAL G 80 -44.74 27.03 -40.26
N VAL G 81 -43.50 26.62 -39.98
CA VAL G 81 -42.49 27.54 -39.46
C VAL G 81 -42.09 28.55 -40.52
N ASN G 82 -42.02 28.13 -41.78
CA ASN G 82 -41.66 29.03 -42.87
C ASN G 82 -42.81 29.91 -43.35
N ALA G 83 -44.05 29.57 -42.98
CA ALA G 83 -45.21 30.29 -43.50
C ALA G 83 -45.42 31.61 -42.76
N VAL G 84 -45.90 32.61 -43.51
CA VAL G 84 -46.11 33.95 -42.96
C VAL G 84 -47.54 34.38 -43.19
N ILE G 85 -47.86 35.61 -42.78
CA ILE G 85 -49.18 36.21 -42.98
C ILE G 85 -49.00 37.46 -43.82
N ASP G 86 -49.69 37.51 -44.95
CA ASP G 86 -49.76 38.71 -45.79
C ASP G 86 -51.23 39.15 -45.83
N GLY G 87 -51.62 39.93 -44.82
CA GLY G 87 -53.01 40.36 -44.70
C GLY G 87 -53.88 39.33 -44.02
N THR G 88 -54.69 38.62 -44.80
CA THR G 88 -55.56 37.57 -44.28
C THR G 88 -55.29 36.25 -45.01
N ASP G 89 -54.01 35.97 -45.28
CA ASP G 89 -53.63 34.78 -46.00
C ASP G 89 -52.38 34.17 -45.37
N ILE G 90 -52.32 32.85 -45.33
CA ILE G 90 -51.16 32.11 -44.84
C ILE G 90 -50.52 31.42 -46.04
N VAL G 91 -49.24 31.67 -46.26
CA VAL G 91 -48.54 31.19 -47.45
C VAL G 91 -47.63 30.05 -47.01
N TYR G 92 -48.14 28.82 -47.09
CA TYR G 92 -47.27 27.66 -46.96
C TYR G 92 -46.35 27.56 -48.17
N ARG G 93 -45.06 27.34 -47.93
CA ARG G 93 -44.07 27.24 -48.99
C ARG G 93 -43.30 25.94 -48.85
N ASP G 94 -43.05 25.28 -49.98
CA ASP G 94 -42.22 24.09 -50.00
C ASP G 94 -40.74 24.43 -50.16
N TYR G 95 -40.43 25.46 -50.95
CA TYR G 95 -39.07 25.92 -51.08
C TYR G 95 -38.65 26.66 -49.82
N VAL G 96 -37.38 26.53 -49.45
CA VAL G 96 -36.83 27.23 -48.30
C VAL G 96 -35.56 27.95 -48.72
N ASP G 97 -35.45 29.21 -48.33
CA ASP G 97 -34.29 30.05 -48.64
C ASP G 97 -33.79 30.67 -47.35
N ILE G 98 -32.62 30.26 -46.90
CA ILE G 98 -32.06 30.76 -45.65
C ILE G 98 -31.45 32.14 -45.88
N SER G 99 -31.88 33.11 -45.09
CA SER G 99 -31.45 34.50 -45.22
C SER G 99 -30.30 34.72 -44.24
N VAL G 100 -29.09 34.88 -44.76
CA VAL G 100 -27.86 34.84 -43.98
C VAL G 100 -27.30 36.24 -43.84
N ALA G 101 -26.96 36.64 -42.62
CA ALA G 101 -26.32 37.92 -42.39
C ALA G 101 -24.79 37.79 -42.51
N VAL G 102 -24.17 38.80 -43.12
CA VAL G 102 -22.71 38.85 -43.25
C VAL G 102 -22.30 40.32 -43.28
N ALA G 103 -21.08 40.61 -42.87
CA ALA G 103 -20.59 41.98 -42.81
C ALA G 103 -20.20 42.51 -44.18
N THR G 104 -20.43 43.79 -44.38
CA THR G 104 -20.05 44.53 -45.57
C THR G 104 -19.46 45.85 -45.09
N PRO G 105 -18.64 46.52 -45.92
CA PRO G 105 -18.09 47.83 -45.51
C PRO G 105 -19.12 48.91 -45.21
N ARG G 106 -20.28 48.90 -45.85
CA ARG G 106 -21.27 49.93 -45.56
C ARG G 106 -22.02 49.67 -44.26
N GLY G 107 -22.10 48.40 -43.83
CA GLY G 107 -22.97 48.03 -42.75
C GLY G 107 -23.10 46.52 -42.60
N LEU G 108 -24.34 46.03 -42.63
CA LEU G 108 -24.60 44.59 -42.57
C LEU G 108 -25.59 44.26 -43.69
N VAL G 109 -25.08 43.73 -44.81
CA VAL G 109 -25.93 43.31 -45.91
C VAL G 109 -26.33 41.86 -45.69
N VAL G 110 -27.49 41.47 -46.21
CA VAL G 110 -28.08 40.17 -45.92
C VAL G 110 -28.29 39.44 -47.24
N PRO G 111 -27.33 38.64 -47.68
CA PRO G 111 -27.55 37.77 -48.84
C PRO G 111 -28.33 36.52 -48.47
N VAL G 112 -29.02 35.96 -49.47
CA VAL G 112 -29.92 34.83 -49.28
C VAL G 112 -29.41 33.65 -50.08
N ILE G 113 -29.31 32.48 -49.44
CA ILE G 113 -28.98 31.23 -50.13
C ILE G 113 -30.26 30.65 -50.73
N ARG G 114 -30.22 30.33 -52.01
CA ARG G 114 -31.39 29.88 -52.75
C ARG G 114 -31.41 28.36 -52.87
N ASN G 115 -32.58 27.77 -52.61
CA ASN G 115 -32.87 26.33 -52.81
C ASN G 115 -31.93 25.46 -51.97
N VAL G 116 -32.09 25.60 -50.65
CA VAL G 116 -31.14 25.01 -49.70
C VAL G 116 -31.53 23.60 -49.28
N GLU G 117 -32.74 23.14 -49.60
CA GLU G 117 -33.21 21.87 -49.06
C GLU G 117 -32.57 20.67 -49.76
N GLY G 118 -32.38 20.75 -51.08
CA GLY G 118 -31.72 19.70 -51.82
C GLY G 118 -30.26 20.00 -52.07
N MET G 119 -29.52 20.31 -51.01
CA MET G 119 -28.22 20.93 -51.18
C MET G 119 -27.31 20.53 -50.03
N ASN G 120 -26.15 19.96 -50.36
CA ASN G 120 -25.26 19.35 -49.39
C ASN G 120 -24.51 20.42 -48.58
N TYR G 121 -23.63 19.94 -47.69
CA TYR G 121 -22.77 20.85 -46.93
C TYR G 121 -21.85 21.66 -47.84
N ALA G 122 -21.12 20.97 -48.72
CA ALA G 122 -20.12 21.64 -49.54
C ALA G 122 -20.76 22.58 -50.56
N ASP G 123 -21.93 22.23 -51.08
CA ASP G 123 -22.64 23.12 -51.98
C ASP G 123 -23.14 24.38 -51.26
N ILE G 124 -23.61 24.23 -50.02
CA ILE G 124 -24.01 25.39 -49.22
C ILE G 124 -22.82 26.29 -48.94
N GLU G 125 -21.64 25.68 -48.66
CA GLU G 125 -20.44 26.48 -48.46
C GLU G 125 -19.99 27.15 -49.75
N ILE G 126 -20.18 26.50 -50.90
CA ILE G 126 -19.88 27.11 -52.19
C ILE G 126 -20.75 28.34 -52.43
N ALA G 127 -22.06 28.22 -52.16
CA ALA G 127 -22.98 29.35 -52.34
C ALA G 127 -22.68 30.47 -51.35
N LEU G 128 -22.37 30.12 -50.11
CA LEU G 128 -22.10 31.15 -49.09
C LEU G 128 -20.78 31.85 -49.34
N ALA G 129 -19.75 31.09 -49.77
CA ALA G 129 -18.48 31.71 -50.13
C ALA G 129 -18.59 32.56 -51.38
N GLY G 130 -19.46 32.16 -52.33
CA GLY G 130 -19.70 33.01 -53.49
C GLY G 130 -20.40 34.31 -53.13
N LEU G 131 -21.37 34.24 -52.21
CA LEU G 131 -22.05 35.45 -51.77
C LEU G 131 -21.11 36.35 -50.95
N ALA G 132 -20.24 35.76 -50.14
CA ALA G 132 -19.27 36.55 -49.39
C ALA G 132 -18.21 37.15 -50.31
N ASP G 133 -17.83 36.44 -51.38
CA ASP G 133 -16.89 36.99 -52.35
C ASP G 133 -17.54 38.12 -53.15
N LYS G 134 -18.84 37.99 -53.44
CA LYS G 134 -19.57 39.08 -54.07
C LYS G 134 -19.66 40.29 -53.16
N ALA G 135 -19.79 40.06 -51.84
CA ALA G 135 -19.76 41.16 -50.89
C ALA G 135 -18.36 41.70 -50.67
N ARG G 136 -17.32 40.96 -51.07
CA ARG G 136 -15.94 41.43 -50.88
C ARG G 136 -15.62 42.61 -51.79
N ARG G 137 -15.93 42.51 -53.09
CA ARG G 137 -15.72 43.63 -54.00
C ARG G 137 -16.99 44.45 -54.21
N ASP G 138 -17.98 44.29 -53.33
CA ASP G 138 -19.24 45.05 -53.29
C ASP G 138 -20.04 44.87 -54.60
N ALA G 139 -20.43 43.61 -54.84
CA ALA G 139 -21.25 43.26 -55.99
C ALA G 139 -22.59 42.68 -55.58
N ILE G 140 -23.08 43.02 -54.40
CA ILE G 140 -24.37 42.51 -53.93
C ILE G 140 -25.49 43.25 -54.64
N THR G 141 -26.39 42.51 -55.26
CA THR G 141 -27.45 43.08 -56.07
C THR G 141 -28.72 43.26 -55.23
N VAL G 142 -29.82 43.58 -55.89
CA VAL G 142 -31.09 43.81 -55.20
C VAL G 142 -31.96 42.55 -55.21
N GLU G 143 -31.82 41.70 -56.24
CA GLU G 143 -32.65 40.51 -56.38
C GLU G 143 -32.40 39.46 -55.30
N ASP G 144 -31.24 39.49 -54.64
CA ASP G 144 -30.94 38.58 -53.55
C ASP G 144 -31.06 39.27 -52.18
N MET G 145 -32.06 40.14 -52.02
CA MET G 145 -32.30 40.84 -50.78
C MET G 145 -33.64 40.50 -50.14
N ASP G 146 -34.44 39.65 -50.77
CA ASP G 146 -35.77 39.32 -50.27
C ASP G 146 -36.01 37.83 -50.47
N GLY G 147 -37.21 37.39 -50.07
CA GLY G 147 -37.62 36.02 -50.28
C GLY G 147 -37.12 35.02 -49.25
N GLY G 148 -36.40 35.47 -48.23
CA GLY G 148 -35.88 34.56 -47.24
C GLY G 148 -36.97 34.05 -46.33
N THR G 149 -36.87 32.76 -45.98
CA THR G 149 -37.84 32.12 -45.09
C THR G 149 -37.29 31.81 -43.71
N PHE G 150 -35.97 31.87 -43.53
CA PHE G 150 -35.36 31.55 -42.25
C PHE G 150 -34.02 32.28 -42.15
N THR G 151 -33.49 32.36 -40.94
CA THR G 151 -32.29 33.15 -40.71
C THR G 151 -31.43 32.50 -39.63
N ILE G 152 -30.14 32.34 -39.92
CA ILE G 152 -29.15 31.73 -39.04
C ILE G 152 -28.15 32.83 -38.70
N SER G 153 -28.67 34.02 -38.37
CA SER G 153 -27.91 35.22 -38.04
C SER G 153 -26.77 34.95 -37.06
N ASN G 154 -25.54 35.20 -37.53
CA ASN G 154 -24.33 34.81 -36.84
C ASN G 154 -24.07 35.76 -35.69
N GLY G 155 -24.12 35.23 -34.47
CA GLY G 155 -23.70 35.97 -33.29
C GLY G 155 -22.65 35.18 -32.54
N GLY G 156 -22.14 34.14 -33.18
CA GLY G 156 -21.20 33.23 -32.56
C GLY G 156 -19.75 33.62 -32.68
N VAL G 157 -19.39 34.23 -33.81
CA VAL G 157 -18.03 34.68 -34.02
C VAL G 157 -17.71 35.90 -33.17
N PHE G 158 -18.73 36.62 -32.71
CA PHE G 158 -18.55 37.87 -32.00
C PHE G 158 -18.56 37.70 -30.48
N GLY G 159 -19.10 36.59 -29.98
CA GLY G 159 -18.94 36.26 -28.57
C GLY G 159 -20.14 36.51 -27.67
N SER G 160 -21.33 36.18 -28.15
CA SER G 160 -22.52 36.27 -27.31
C SER G 160 -22.80 34.94 -26.63
N LEU G 161 -23.69 34.97 -25.64
CA LEU G 161 -24.10 33.76 -24.95
C LEU G 161 -25.59 33.52 -25.07
N MET G 162 -26.42 34.54 -24.86
CA MET G 162 -27.84 34.49 -25.19
C MET G 162 -28.22 35.74 -25.97
N GLY G 163 -29.34 35.65 -26.68
CA GLY G 163 -29.83 36.75 -27.47
C GLY G 163 -31.25 36.48 -27.91
N THR G 164 -31.95 37.55 -28.29
CA THR G 164 -33.36 37.48 -28.67
C THR G 164 -33.58 38.26 -29.97
N PRO G 165 -33.11 37.74 -31.11
CA PRO G 165 -33.06 38.55 -32.33
C PRO G 165 -34.43 38.90 -32.89
N ILE G 166 -34.57 40.15 -33.34
CA ILE G 166 -35.86 40.68 -33.76
C ILE G 166 -36.27 40.04 -35.08
N ILE G 167 -37.54 39.64 -35.16
CA ILE G 167 -38.09 39.05 -36.38
C ILE G 167 -38.13 40.10 -37.49
N ASN G 168 -37.48 39.78 -38.62
CA ASN G 168 -37.43 40.68 -39.76
C ASN G 168 -38.32 40.17 -40.89
N PRO G 169 -38.95 41.06 -41.65
CA PRO G 169 -39.79 40.63 -42.77
C PRO G 169 -38.93 40.16 -43.94
N PRO G 170 -39.48 39.33 -44.84
CA PRO G 170 -40.81 38.68 -44.82
C PRO G 170 -40.80 37.24 -44.31
N GLN G 171 -40.09 36.91 -43.22
CA GLN G 171 -40.11 35.56 -42.68
C GLN G 171 -40.79 35.58 -41.31
N SER G 172 -40.79 34.42 -40.65
CA SER G 172 -41.56 34.28 -39.42
C SER G 172 -40.82 33.58 -38.27
N ALA G 173 -39.58 33.15 -38.47
CA ALA G 173 -38.81 32.53 -37.40
C ALA G 173 -37.33 32.70 -37.69
N ILE G 174 -36.57 33.14 -36.69
CA ILE G 174 -35.14 33.43 -36.83
C ILE G 174 -34.39 32.77 -35.69
N LEU G 175 -33.44 31.90 -36.05
CA LEU G 175 -32.59 31.21 -35.09
C LEU G 175 -31.25 31.92 -35.03
N GLY G 176 -30.96 32.56 -33.90
CA GLY G 176 -29.67 33.19 -33.73
C GLY G 176 -28.70 32.30 -32.98
N MET G 177 -27.79 31.65 -33.69
CA MET G 177 -26.78 30.82 -33.05
C MET G 177 -25.76 31.69 -32.33
N HIS G 178 -25.14 31.13 -31.29
CA HIS G 178 -24.29 31.89 -30.38
C HIS G 178 -22.92 31.23 -30.27
N GLY G 179 -22.05 31.86 -29.49
CA GLY G 179 -20.67 31.39 -29.40
C GLY G 179 -20.52 30.14 -28.56
N ILE G 180 -19.53 29.34 -28.91
CA ILE G 180 -19.26 28.09 -28.21
C ILE G 180 -18.38 28.36 -26.99
N PHE G 181 -18.87 27.97 -25.82
CA PHE G 181 -18.17 28.17 -24.55
C PHE G 181 -17.92 26.82 -23.91
N GLU G 182 -17.40 26.82 -22.68
CA GLU G 182 -17.06 25.61 -21.97
C GLU G 182 -17.93 25.48 -20.74
N ARG G 183 -18.69 24.39 -20.65
CA ARG G 183 -19.55 24.12 -19.50
C ARG G 183 -19.47 22.63 -19.15
N PRO G 184 -19.21 22.30 -17.88
CA PRO G 184 -18.99 20.89 -17.51
C PRO G 184 -20.28 20.12 -17.26
N ILE G 185 -20.87 19.57 -18.31
CA ILE G 185 -22.24 19.08 -18.25
C ILE G 185 -22.28 17.64 -17.76
N ALA G 186 -23.27 17.35 -16.91
CA ALA G 186 -23.52 15.99 -16.44
C ALA G 186 -24.14 15.18 -17.57
N VAL G 187 -23.38 14.22 -18.10
CA VAL G 187 -23.87 13.29 -19.11
C VAL G 187 -23.58 11.88 -18.63
N LYS G 188 -24.57 10.99 -18.79
CA LYS G 188 -24.49 9.57 -18.43
C LYS G 188 -24.18 9.34 -16.95
N GLY G 189 -24.60 10.27 -16.08
CA GLY G 189 -24.43 10.10 -14.66
C GLY G 189 -23.14 10.61 -14.06
N GLU G 190 -22.23 11.17 -14.86
CA GLU G 190 -21.00 11.74 -14.35
C GLU G 190 -20.73 13.09 -15.01
N VAL G 191 -19.89 13.87 -14.37
CA VAL G 191 -19.59 15.23 -14.82
C VAL G 191 -18.52 15.18 -15.90
N LYS G 192 -18.82 15.78 -17.05
CA LYS G 192 -17.87 15.83 -18.15
C LYS G 192 -17.87 17.22 -18.77
N ILE G 193 -16.70 17.72 -19.12
CA ILE G 193 -16.56 19.05 -19.71
C ILE G 193 -16.81 18.91 -21.21
N ARG G 194 -17.99 19.33 -21.66
CA ARG G 194 -18.33 19.30 -23.06
C ARG G 194 -18.65 20.70 -23.55
N PRO G 195 -18.00 21.18 -24.60
CA PRO G 195 -18.28 22.55 -25.09
C PRO G 195 -19.62 22.68 -25.79
N MET G 196 -20.56 23.40 -25.21
CA MET G 196 -21.82 23.69 -25.88
C MET G 196 -21.90 25.14 -26.30
N MET G 197 -23.06 25.46 -26.87
CA MET G 197 -23.41 26.80 -27.31
C MET G 197 -24.92 26.92 -27.31
N TYR G 198 -25.42 28.04 -26.80
CA TYR G 198 -26.86 28.24 -26.70
C TYR G 198 -27.44 28.66 -28.03
N ILE G 199 -28.72 28.35 -28.24
CA ILE G 199 -29.42 28.76 -29.44
C ILE G 199 -30.65 29.56 -29.03
N ALA G 200 -31.18 30.32 -29.99
CA ALA G 200 -32.37 31.13 -29.79
C ALA G 200 -33.37 30.82 -30.89
N LEU G 201 -34.64 31.14 -30.63
CA LEU G 201 -35.69 30.95 -31.62
C LEU G 201 -36.79 31.96 -31.31
N THR G 202 -36.80 33.08 -32.03
CA THR G 202 -37.83 34.10 -31.85
C THR G 202 -38.89 33.92 -32.92
N TYR G 203 -40.06 33.48 -32.49
CA TYR G 203 -41.10 32.98 -33.40
C TYR G 203 -42.41 33.70 -33.12
N ASP G 204 -43.15 33.99 -34.18
CA ASP G 204 -44.46 34.62 -34.04
C ASP G 204 -45.45 33.64 -33.45
N HIS G 205 -46.23 34.11 -32.48
CA HIS G 205 -47.32 33.31 -31.92
C HIS G 205 -48.57 33.34 -32.78
N ARG G 206 -48.64 34.24 -33.77
CA ARG G 206 -49.81 34.27 -34.63
C ARG G 206 -49.89 33.06 -35.55
N ILE G 207 -48.76 32.45 -35.88
CA ILE G 207 -48.77 31.27 -36.74
C ILE G 207 -48.02 30.08 -36.13
N ILE G 208 -46.83 30.28 -35.57
CA ILE G 208 -46.12 29.18 -34.92
C ILE G 208 -46.59 29.08 -33.47
N ASP G 209 -47.15 27.93 -33.11
CA ASP G 209 -47.53 27.66 -31.73
C ASP G 209 -46.28 27.36 -30.90
N GLY G 210 -46.44 27.42 -29.57
CA GLY G 210 -45.33 27.13 -28.68
C GLY G 210 -44.88 25.69 -28.74
N ARG G 211 -45.83 24.76 -28.89
CA ARG G 211 -45.51 23.35 -29.09
C ARG G 211 -44.70 23.16 -30.37
N GLU G 212 -45.11 23.87 -31.44
CA GLU G 212 -44.44 23.78 -32.73
C GLU G 212 -43.00 24.25 -32.64
N ALA G 213 -42.76 25.38 -31.97
CA ALA G 213 -41.42 25.93 -31.85
C ALA G 213 -40.55 25.10 -30.91
N VAL G 214 -41.14 24.52 -29.87
CA VAL G 214 -40.38 23.69 -28.94
C VAL G 214 -39.93 22.40 -29.61
N LEU G 215 -40.84 21.74 -30.34
CA LEU G 215 -40.46 20.53 -31.09
C LEU G 215 -39.49 20.87 -32.22
N PHE G 216 -39.65 22.04 -32.83
CA PHE G 216 -38.75 22.51 -33.87
C PHE G 216 -37.33 22.70 -33.34
N LEU G 217 -37.21 23.33 -32.17
CA LEU G 217 -35.90 23.56 -31.58
C LEU G 217 -35.27 22.27 -31.09
N ARG G 218 -36.08 21.35 -30.54
CA ARG G 218 -35.56 20.04 -30.14
C ARG G 218 -35.09 19.24 -31.35
N LYS G 219 -35.79 19.36 -32.47
CA LYS G 219 -35.39 18.63 -33.68
C LYS G 219 -34.10 19.20 -34.25
N ILE G 220 -33.93 20.52 -34.21
CA ILE G 220 -32.66 21.10 -34.66
C ILE G 220 -31.52 20.73 -33.71
N LYS G 221 -31.81 20.67 -32.40
CA LYS G 221 -30.80 20.24 -31.42
C LYS G 221 -30.36 18.80 -31.66
N ALA G 222 -31.31 17.92 -31.95
CA ALA G 222 -30.97 16.53 -32.28
C ALA G 222 -30.25 16.42 -33.62
N ALA G 223 -30.57 17.29 -34.58
CA ALA G 223 -29.92 17.23 -35.88
C ALA G 223 -28.50 17.76 -35.85
N VAL G 224 -28.20 18.72 -34.98
CA VAL G 224 -26.84 19.26 -34.90
C VAL G 224 -25.97 18.42 -33.97
N GLU G 225 -26.54 17.91 -32.87
CA GLU G 225 -25.80 16.97 -32.02
C GLU G 225 -25.49 15.67 -32.75
N ASN G 226 -26.41 15.19 -33.57
CA ASN G 226 -26.20 13.97 -34.36
C ASN G 226 -26.66 14.23 -35.79
N PRO G 227 -25.74 14.40 -36.74
CA PRO G 227 -26.14 14.64 -38.14
C PRO G 227 -26.49 13.39 -38.93
N ALA G 228 -26.73 12.25 -38.29
CA ALA G 228 -27.30 11.10 -38.95
C ALA G 228 -28.82 11.13 -38.96
N ILE G 229 -29.43 12.01 -38.16
CA ILE G 229 -30.88 12.13 -38.10
C ILE G 229 -31.42 12.71 -39.41
N ILE G 230 -30.63 13.55 -40.09
CA ILE G 230 -31.11 14.25 -41.27
C ILE G 230 -31.23 13.29 -42.47
N VAL G 231 -30.43 12.21 -42.48
CA VAL G 231 -30.64 11.15 -43.47
C VAL G 231 -31.52 10.06 -42.91
N ALA G 232 -31.66 9.99 -41.58
CA ALA G 232 -32.54 8.99 -40.96
C ALA G 232 -34.01 9.30 -41.18
N GLY G 233 -34.38 10.57 -41.25
CA GLY G 233 -35.79 10.93 -41.44
C GLY G 233 -36.60 10.92 -40.16
N LEU G 234 -36.28 11.80 -39.23
CA LEU G 234 -37.08 11.96 -38.01
C LEU G 234 -37.68 13.35 -37.90
N GLY H 1 -36.89 22.60 -54.78
CA GLY H 1 -36.48 23.67 -55.66
C GLY H 1 -37.57 24.09 -56.62
N THR H 2 -38.80 24.16 -56.12
CA THR H 2 -39.96 24.54 -56.93
C THR H 2 -40.54 25.86 -56.44
N ARG H 3 -40.96 26.69 -57.38
CA ARG H 3 -41.59 27.98 -57.06
C ARG H 3 -43.10 27.85 -56.93
N SER H 4 -43.55 26.91 -56.10
CA SER H 4 -44.97 26.60 -55.96
C SER H 4 -45.49 27.13 -54.64
N GLU H 5 -46.58 27.90 -54.69
CA GLU H 5 -47.25 28.43 -53.52
C GLU H 5 -48.75 28.24 -53.67
N GLN H 6 -49.45 28.21 -52.55
CA GLN H 6 -50.89 28.06 -52.55
C GLN H 6 -51.54 29.13 -51.67
N ARG H 7 -52.87 29.15 -51.72
CA ARG H 7 -53.67 30.24 -51.18
C ARG H 7 -54.60 29.75 -50.08
N VAL H 8 -54.06 28.99 -49.12
CA VAL H 8 -54.89 28.38 -48.08
C VAL H 8 -55.43 29.43 -47.13
N LYS H 9 -56.73 29.35 -46.85
CA LYS H 9 -57.43 30.30 -46.01
C LYS H 9 -57.69 29.67 -44.65
N MET H 10 -57.39 30.41 -43.58
CA MET H 10 -57.55 29.92 -42.23
C MET H 10 -58.96 30.19 -41.73
N ASN H 11 -59.23 29.80 -40.49
CA ASN H 11 -60.55 29.97 -39.89
C ASN H 11 -60.61 31.29 -39.11
N ARG H 12 -61.81 31.58 -38.59
CA ARG H 12 -62.03 32.82 -37.85
C ARG H 12 -61.30 32.80 -36.51
N MET H 13 -61.21 31.63 -35.88
CA MET H 13 -60.64 31.54 -34.53
C MET H 13 -59.15 31.82 -34.51
N ARG H 14 -58.44 31.51 -35.61
CA ARG H 14 -57.02 31.82 -35.66
C ARG H 14 -56.79 33.34 -35.65
N LEU H 15 -57.61 34.09 -36.40
CA LEU H 15 -57.60 35.54 -36.29
C LEU H 15 -58.07 36.02 -34.91
N LYS H 16 -58.96 35.26 -34.26
CA LYS H 16 -59.44 35.67 -32.93
C LYS H 16 -58.32 35.62 -31.89
N ILE H 17 -57.62 34.48 -31.79
CA ILE H 17 -56.46 34.40 -30.90
C ILE H 17 -55.32 35.31 -31.34
N ALA H 18 -55.12 35.51 -32.66
CA ALA H 18 -54.07 36.40 -33.14
C ALA H 18 -54.32 37.85 -32.72
N ALA H 19 -55.53 38.36 -32.95
CA ALA H 19 -55.87 39.71 -32.53
C ALA H 19 -55.93 39.84 -31.02
N ARG H 20 -56.31 38.77 -30.32
CA ARG H 20 -56.32 38.78 -28.86
C ARG H 20 -54.92 38.93 -28.29
N LEU H 21 -53.95 38.18 -28.81
CA LEU H 21 -52.58 38.31 -28.32
C LEU H 21 -51.95 39.61 -28.79
N LYS H 22 -52.37 40.12 -29.95
CA LYS H 22 -51.87 41.43 -30.40
C LYS H 22 -52.35 42.56 -29.50
N ASP H 23 -53.63 42.55 -29.12
CA ASP H 23 -54.14 43.54 -28.18
C ASP H 23 -53.56 43.34 -26.78
N ALA H 24 -53.26 42.09 -26.41
CA ALA H 24 -52.64 41.81 -25.13
C ALA H 24 -51.21 42.35 -25.06
N GLN H 25 -50.46 42.21 -26.15
CA GLN H 25 -49.11 42.77 -26.18
C GLN H 25 -49.13 44.29 -26.30
N ASN H 26 -50.13 44.84 -27.00
CA ASN H 26 -50.24 46.29 -27.12
C ASN H 26 -50.82 46.94 -25.88
N THR H 27 -51.43 46.17 -24.97
CA THR H 27 -51.94 46.70 -23.72
C THR H 27 -50.99 46.47 -22.56
N CYS H 28 -50.61 45.22 -22.31
CA CYS H 28 -49.68 44.91 -21.23
C CYS H 28 -48.25 45.20 -21.67
N ALA H 29 -47.36 45.30 -20.68
CA ALA H 29 -45.94 45.50 -20.95
C ALA H 29 -45.22 44.17 -20.82
N MET H 30 -44.49 43.79 -21.85
CA MET H 30 -43.79 42.52 -21.87
C MET H 30 -42.50 42.64 -21.06
N LEU H 31 -42.34 41.79 -20.06
CA LEU H 31 -41.24 41.92 -19.09
C LEU H 31 -41.10 40.60 -18.35
N THR H 32 -39.92 39.98 -18.43
CA THR H 32 -39.75 38.65 -17.88
C THR H 32 -38.59 38.58 -16.90
N THR H 33 -38.59 37.50 -16.12
CA THR H 33 -37.46 37.11 -15.28
C THR H 33 -37.51 35.61 -15.10
N PHE H 34 -36.36 35.01 -14.83
CA PHE H 34 -36.25 33.57 -14.73
C PHE H 34 -35.56 33.18 -13.43
N ASN H 35 -35.67 31.89 -13.10
CA ASN H 35 -35.01 31.31 -11.94
C ASN H 35 -34.92 29.81 -12.16
N GLU H 36 -34.20 29.14 -11.28
CA GLU H 36 -34.02 27.69 -11.34
C GLU H 36 -34.50 27.07 -10.03
N VAL H 37 -35.22 25.95 -10.15
CA VAL H 37 -35.85 25.29 -9.00
C VAL H 37 -35.37 23.85 -8.93
N ASP H 38 -34.87 23.45 -7.77
CA ASP H 38 -34.52 22.06 -7.55
C ASP H 38 -35.78 21.21 -7.46
N MET H 39 -35.73 20.02 -8.07
CA MET H 39 -36.88 19.15 -8.13
C MET H 39 -36.60 17.77 -7.54
N SER H 40 -35.43 17.58 -6.94
CA SER H 40 -35.05 16.26 -6.41
C SER H 40 -35.93 15.86 -5.24
N TYR H 41 -36.31 16.81 -4.39
CA TYR H 41 -37.26 16.51 -3.33
C TYR H 41 -38.63 16.18 -3.89
N ALA H 42 -39.01 16.85 -4.98
CA ALA H 42 -40.26 16.50 -5.66
C ALA H 42 -40.19 15.11 -6.28
N MET H 43 -39.02 14.74 -6.82
CA MET H 43 -38.82 13.39 -7.33
C MET H 43 -38.98 12.35 -6.24
N ASP H 44 -38.34 12.56 -5.09
CA ASP H 44 -38.45 11.63 -3.97
C ASP H 44 -39.86 11.56 -3.42
N PHE H 45 -40.54 12.71 -3.32
CA PHE H 45 -41.88 12.75 -2.76
C PHE H 45 -42.88 12.04 -3.67
N ARG H 46 -42.79 12.27 -4.98
CA ARG H 46 -43.66 11.57 -5.92
C ARG H 46 -43.35 10.08 -5.95
N LYS H 47 -42.06 9.71 -5.90
CA LYS H 47 -41.68 8.31 -5.93
C LYS H 47 -42.10 7.56 -4.66
N GLN H 48 -42.23 8.28 -3.54
CA GLN H 48 -42.69 7.63 -2.32
C GLN H 48 -44.20 7.69 -2.12
N ASN H 49 -44.90 8.61 -2.79
CA ASN H 49 -46.34 8.73 -2.58
C ASN H 49 -47.17 8.39 -3.82
N LEU H 50 -46.55 7.81 -4.85
CA LEU H 50 -47.29 7.36 -6.04
C LEU H 50 -48.37 6.35 -5.70
N ASP H 51 -47.98 5.25 -5.04
CA ASP H 51 -48.95 4.23 -4.67
C ASP H 51 -49.90 4.70 -3.58
N ALA H 52 -49.45 5.63 -2.73
CA ALA H 52 -50.31 6.18 -1.68
C ALA H 52 -51.46 6.99 -2.27
N PHE H 53 -51.15 7.92 -3.18
CA PHE H 53 -52.21 8.69 -3.84
C PHE H 53 -53.06 7.80 -4.76
N THR H 54 -52.46 6.79 -5.39
CA THR H 54 -53.21 5.89 -6.25
C THR H 54 -54.22 5.07 -5.45
N LYS H 55 -53.80 4.56 -4.29
CA LYS H 55 -54.71 3.75 -3.49
C LYS H 55 -55.68 4.60 -2.67
N LYS H 56 -55.39 5.88 -2.45
CA LYS H 56 -56.30 6.67 -1.65
C LYS H 56 -57.33 7.41 -2.50
N TYR H 57 -56.90 8.05 -3.59
CA TYR H 57 -57.81 8.88 -4.37
C TYR H 57 -58.18 8.29 -5.73
N GLY H 58 -57.41 7.33 -6.23
CA GLY H 58 -57.78 6.55 -7.40
C GLY H 58 -57.26 7.10 -8.71
N ILE H 59 -56.73 8.32 -8.73
CA ILE H 59 -56.29 8.96 -9.95
C ILE H 59 -54.77 9.12 -9.93
N LYS H 60 -54.20 9.38 -11.10
CA LYS H 60 -52.76 9.53 -11.24
C LYS H 60 -52.38 11.02 -11.23
N PHE H 61 -51.27 11.33 -10.58
CA PHE H 61 -50.85 12.69 -10.34
C PHE H 61 -49.44 12.89 -10.90
N GLY H 62 -49.15 14.09 -11.39
CA GLY H 62 -47.79 14.39 -11.75
C GLY H 62 -47.45 15.84 -12.03
N PHE H 63 -46.42 16.34 -11.36
CA PHE H 63 -45.58 17.47 -11.79
C PHE H 63 -46.28 18.82 -11.91
N MET H 64 -47.57 18.90 -11.59
CA MET H 64 -48.29 20.14 -11.87
C MET H 64 -48.92 20.72 -10.61
N SER H 65 -49.42 19.86 -9.72
CA SER H 65 -50.11 20.35 -8.53
C SER H 65 -49.16 20.99 -7.53
N ILE H 66 -47.90 20.55 -7.54
CA ILE H 66 -46.87 21.16 -6.70
C ILE H 66 -46.66 22.61 -7.10
N PHE H 67 -46.56 22.86 -8.40
CA PHE H 67 -46.42 24.21 -8.91
C PHE H 67 -47.70 25.02 -8.75
N ALA H 68 -48.86 24.37 -8.85
CA ALA H 68 -50.14 25.06 -8.76
C ALA H 68 -50.43 25.54 -7.34
N LYS H 69 -50.23 24.68 -6.35
CA LYS H 69 -50.51 25.03 -4.96
C LYS H 69 -49.51 26.05 -4.45
N ALA H 70 -48.24 25.95 -4.89
CA ALA H 70 -47.25 26.96 -4.53
C ALA H 70 -47.59 28.32 -5.12
N SER H 71 -48.07 28.33 -6.37
CA SER H 71 -48.49 29.58 -6.99
C SER H 71 -49.72 30.16 -6.29
N ALA H 72 -50.65 29.29 -5.86
CA ALA H 72 -51.81 29.75 -5.11
C ALA H 72 -51.41 30.38 -3.79
N TYR H 73 -50.44 29.78 -3.10
CA TYR H 73 -49.92 30.36 -1.86
C TYR H 73 -49.26 31.70 -2.11
N ALA H 74 -48.43 31.80 -3.15
CA ALA H 74 -47.72 33.04 -3.44
C ALA H 74 -48.66 34.14 -3.91
N LEU H 75 -49.79 33.80 -4.52
CA LEU H 75 -50.82 34.81 -4.81
C LEU H 75 -51.62 35.19 -3.57
N GLN H 76 -51.82 34.26 -2.62
CA GLN H 76 -52.51 34.65 -1.38
C GLN H 76 -51.66 35.55 -0.50
N ASP H 77 -50.35 35.36 -0.46
CA ASP H 77 -49.52 36.20 0.40
C ASP H 77 -48.87 37.37 -0.33
N GLN H 78 -49.22 37.60 -1.59
CA GLN H 78 -48.76 38.75 -2.36
C GLN H 78 -49.86 39.14 -3.34
N PRO H 79 -50.87 39.87 -2.88
CA PRO H 79 -52.12 39.99 -3.64
C PRO H 79 -52.11 41.02 -4.76
N VAL H 80 -50.96 41.62 -5.10
CA VAL H 80 -50.91 42.55 -6.22
C VAL H 80 -50.51 41.83 -7.51
N VAL H 81 -50.01 40.60 -7.42
CA VAL H 81 -49.65 39.83 -8.61
C VAL H 81 -50.90 39.41 -9.38
N ASN H 82 -51.99 39.10 -8.68
CA ASN H 82 -53.24 38.73 -9.33
C ASN H 82 -54.04 39.91 -9.83
N ALA H 83 -53.74 41.13 -9.38
CA ALA H 83 -54.55 42.29 -9.72
C ALA H 83 -54.22 42.81 -11.12
N VAL H 84 -55.24 43.31 -11.80
CA VAL H 84 -55.11 43.80 -13.17
C VAL H 84 -55.60 45.23 -13.27
N ILE H 85 -55.57 45.78 -14.48
CA ILE H 85 -56.05 47.13 -14.75
C ILE H 85 -57.19 47.01 -15.77
N ASP H 86 -58.36 47.53 -15.41
CA ASP H 86 -59.49 47.66 -16.34
C ASP H 86 -59.79 49.15 -16.47
N GLY H 87 -59.09 49.79 -17.39
CA GLY H 87 -59.24 51.23 -17.58
C GLY H 87 -58.39 52.04 -16.61
N THR H 88 -59.02 52.60 -15.59
CA THR H 88 -58.34 53.38 -14.56
C THR H 88 -58.64 52.81 -13.18
N ASP H 89 -58.70 51.49 -13.08
CA ASP H 89 -59.04 50.81 -11.83
C ASP H 89 -58.13 49.61 -11.64
N ILE H 90 -57.73 49.35 -10.39
CA ILE H 90 -56.95 48.18 -10.04
C ILE H 90 -57.83 47.28 -9.19
N VAL H 91 -57.98 46.03 -9.62
CA VAL H 91 -58.92 45.10 -8.98
C VAL H 91 -58.09 44.10 -8.17
N TYR H 92 -57.89 44.40 -6.90
CA TYR H 92 -57.36 43.40 -5.97
C TYR H 92 -58.40 42.31 -5.75
N ARG H 93 -57.97 41.06 -5.84
CA ARG H 93 -58.85 39.92 -5.66
C ARG H 93 -58.29 38.98 -4.60
N ASP H 94 -59.16 38.49 -3.73
CA ASP H 94 -58.78 37.49 -2.74
C ASP H 94 -58.87 36.08 -3.30
N TYR H 95 -59.88 35.80 -4.13
CA TYR H 95 -59.98 34.51 -4.79
C TYR H 95 -58.93 34.41 -5.88
N VAL H 96 -58.42 33.20 -6.09
CA VAL H 96 -57.44 32.93 -7.14
C VAL H 96 -57.91 31.73 -7.96
N ASP H 97 -57.86 31.87 -9.28
CA ASP H 97 -58.27 30.82 -10.20
C ASP H 97 -57.15 30.62 -11.20
N ILE H 98 -56.49 29.48 -11.14
CA ILE H 98 -55.37 29.19 -12.03
C ILE H 98 -55.90 28.77 -13.39
N SER H 99 -55.44 29.44 -14.43
CA SER H 99 -55.89 29.21 -15.80
C SER H 99 -54.90 28.27 -16.47
N VAL H 100 -55.32 27.03 -16.71
CA VAL H 100 -54.44 25.94 -17.09
C VAL H 100 -54.64 25.61 -18.56
N ALA H 101 -53.53 25.52 -19.31
CA ALA H 101 -53.59 25.12 -20.71
C ALA H 101 -53.50 23.60 -20.83
N VAL H 102 -54.30 23.04 -21.74
CA VAL H 102 -54.28 21.61 -22.03
C VAL H 102 -54.68 21.42 -23.49
N ALA H 103 -54.24 20.32 -24.09
CA ALA H 103 -54.50 20.07 -25.49
C ALA H 103 -55.91 19.55 -25.72
N THR H 104 -56.47 19.94 -26.85
CA THR H 104 -57.78 19.51 -27.34
C THR H 104 -57.61 19.19 -28.82
N PRO H 105 -58.50 18.37 -29.40
CA PRO H 105 -58.40 18.08 -30.84
C PRO H 105 -58.52 19.29 -31.76
N ARG H 106 -59.25 20.33 -31.37
CA ARG H 106 -59.36 21.50 -32.25
C ARG H 106 -58.11 22.38 -32.19
N GLY H 107 -57.37 22.34 -31.08
CA GLY H 107 -56.32 23.30 -30.83
C GLY H 107 -55.79 23.22 -29.42
N LEU H 108 -55.80 24.35 -28.71
CA LEU H 108 -55.39 24.40 -27.31
C LEU H 108 -56.47 25.16 -26.53
N VAL H 109 -57.34 24.42 -25.86
CA VAL H 109 -58.39 25.02 -25.02
C VAL H 109 -57.81 25.23 -23.61
N VAL H 110 -58.33 26.23 -22.91
CA VAL H 110 -57.77 26.65 -21.64
C VAL H 110 -58.85 26.55 -20.57
N PRO H 111 -58.96 25.43 -19.87
CA PRO H 111 -59.85 25.35 -18.71
C PRO H 111 -59.24 25.98 -17.48
N VAL H 112 -60.12 26.43 -16.57
CA VAL H 112 -59.72 27.16 -15.38
C VAL H 112 -60.12 26.36 -14.14
N ILE H 113 -59.18 26.20 -13.21
CA ILE H 113 -59.46 25.59 -11.92
C ILE H 113 -60.01 26.66 -10.99
N ARG H 114 -61.16 26.38 -10.37
CA ARG H 114 -61.86 27.36 -9.55
C ARG H 114 -61.56 27.13 -8.06
N ASN H 115 -61.28 28.22 -7.35
CA ASN H 115 -61.10 28.27 -5.89
C ASN H 115 -59.97 27.34 -5.43
N VAL H 116 -58.76 27.71 -5.87
CA VAL H 116 -57.60 26.83 -5.72
C VAL H 116 -56.84 27.07 -4.41
N GLU H 117 -57.15 28.14 -3.67
CA GLU H 117 -56.34 28.49 -2.51
C GLU H 117 -56.63 27.57 -1.31
N GLY H 118 -57.89 27.21 -1.10
CA GLY H 118 -58.24 26.30 -0.02
C GLY H 118 -58.42 24.88 -0.52
N MET H 119 -57.40 24.35 -1.21
CA MET H 119 -57.60 23.15 -2.00
C MET H 119 -56.30 22.38 -2.07
N ASN H 120 -56.34 21.11 -1.67
CA ASN H 120 -55.16 20.29 -1.49
C ASN H 120 -54.58 19.83 -2.83
N TYR H 121 -53.52 19.03 -2.77
CA TYR H 121 -52.95 18.43 -3.98
C TYR H 121 -53.94 17.53 -4.69
N ALA H 122 -54.53 16.58 -3.95
CA ALA H 122 -55.39 15.58 -4.57
C ALA H 122 -56.69 16.18 -5.08
N ASP H 123 -57.20 17.21 -4.41
CA ASP H 123 -58.38 17.91 -4.90
C ASP H 123 -58.09 18.69 -6.18
N ILE H 124 -56.91 19.31 -6.28
CA ILE H 124 -56.50 19.99 -7.50
C ILE H 124 -56.35 18.98 -8.63
N GLU H 125 -55.80 17.80 -8.34
CA GLU H 125 -55.69 16.78 -9.37
C GLU H 125 -57.07 16.23 -9.77
N ILE H 126 -58.01 16.17 -8.83
CA ILE H 126 -59.38 15.77 -9.15
C ILE H 126 -60.03 16.76 -10.10
N ALA H 127 -59.87 18.06 -9.81
CA ALA H 127 -60.44 19.10 -10.67
C ALA H 127 -59.78 19.12 -12.04
N LEU H 128 -58.46 18.96 -12.09
CA LEU H 128 -57.73 19.00 -13.36
C LEU H 128 -58.02 17.76 -14.20
N ALA H 129 -58.13 16.59 -13.56
CA ALA H 129 -58.50 15.38 -14.29
C ALA H 129 -59.95 15.44 -14.76
N GLY H 130 -60.83 16.08 -13.99
CA GLY H 130 -62.19 16.27 -14.46
C GLY H 130 -62.28 17.21 -15.66
N LEU H 131 -61.47 18.28 -15.65
CA LEU H 131 -61.45 19.19 -16.80
C LEU H 131 -60.82 18.53 -18.02
N ALA H 132 -59.78 17.71 -17.82
CA ALA H 132 -59.19 16.99 -18.93
C ALA H 132 -60.12 15.91 -19.47
N ASP H 133 -60.90 15.27 -18.60
CA ASP H 133 -61.89 14.30 -19.04
C ASP H 133 -63.03 14.98 -19.80
N LYS H 134 -63.42 16.18 -19.36
CA LYS H 134 -64.39 16.97 -20.12
C LYS H 134 -63.84 17.37 -21.48
N ALA H 135 -62.54 17.66 -21.57
CA ALA H 135 -61.92 17.93 -22.85
C ALA H 135 -61.71 16.67 -23.68
N ARG H 136 -61.80 15.48 -23.07
CA ARG H 136 -61.59 14.24 -23.81
C ARG H 136 -62.74 13.97 -24.77
N ARG H 137 -63.99 14.06 -24.29
CA ARG H 137 -65.15 13.89 -25.16
C ARG H 137 -65.70 15.22 -25.66
N ASP H 138 -64.92 16.30 -25.55
CA ASP H 138 -65.22 17.64 -26.05
C ASP H 138 -66.49 18.21 -25.41
N ALA H 139 -66.43 18.37 -24.09
CA ALA H 139 -67.53 18.93 -23.31
C ALA H 139 -67.12 20.23 -22.62
N ILE H 140 -66.12 20.94 -23.14
CA ILE H 140 -65.67 22.19 -22.54
C ILE H 140 -66.67 23.29 -22.87
N THR H 141 -67.17 23.96 -21.84
CA THR H 141 -68.20 24.97 -22.00
C THR H 141 -67.57 26.36 -22.14
N VAL H 142 -68.40 27.39 -22.08
CA VAL H 142 -67.94 28.76 -22.23
C VAL H 142 -67.70 29.43 -20.88
N GLU H 143 -68.43 29.01 -19.84
CA GLU H 143 -68.34 29.63 -18.52
C GLU H 143 -67.00 29.39 -17.84
N ASP H 144 -66.26 28.35 -18.24
CA ASP H 144 -64.92 28.08 -17.71
C ASP H 144 -63.83 28.51 -18.67
N MET H 145 -64.02 29.64 -19.36
CA MET H 145 -63.03 30.17 -20.29
C MET H 145 -62.47 31.52 -19.89
N ASP H 146 -62.92 32.08 -18.77
CA ASP H 146 -62.48 33.40 -18.34
C ASP H 146 -62.30 33.39 -16.83
N GLY H 147 -61.94 34.55 -16.29
CA GLY H 147 -61.80 34.72 -14.86
C GLY H 147 -60.50 34.24 -14.26
N GLY H 148 -59.57 33.75 -15.08
CA GLY H 148 -58.31 33.25 -14.55
C GLY H 148 -57.41 34.37 -14.08
N THR H 149 -56.72 34.14 -12.97
CA THR H 149 -55.80 35.12 -12.41
C THR H 149 -54.34 34.74 -12.55
N PHE H 150 -54.04 33.49 -12.91
CA PHE H 150 -52.67 33.03 -13.02
C PHE H 150 -52.64 31.85 -13.99
N THR H 151 -51.45 31.52 -14.47
CA THR H 151 -51.31 30.49 -15.49
C THR H 151 -50.01 29.72 -15.30
N ILE H 152 -50.12 28.39 -15.31
CA ILE H 152 -49.00 27.47 -15.13
C ILE H 152 -48.87 26.70 -16.44
N SER H 153 -48.93 27.43 -17.56
CA SER H 153 -48.85 26.92 -18.93
C SER H 153 -47.73 25.90 -19.12
N ASN H 154 -48.12 24.68 -19.46
CA ASN H 154 -47.23 23.53 -19.49
C ASN H 154 -46.35 23.59 -20.73
N GLY H 155 -45.05 23.74 -20.52
CA GLY H 155 -44.08 23.62 -21.58
C GLY H 155 -43.04 22.58 -21.21
N GLY H 156 -43.33 21.83 -20.15
CA GLY H 156 -42.38 20.88 -19.61
C GLY H 156 -42.46 19.50 -20.22
N VAL H 157 -43.67 19.07 -20.59
CA VAL H 157 -43.84 17.76 -21.21
C VAL H 157 -43.32 17.76 -22.64
N PHE H 158 -43.19 18.95 -23.26
CA PHE H 158 -42.82 19.06 -24.66
C PHE H 158 -41.33 19.26 -24.88
N GLY H 159 -40.59 19.69 -23.85
CA GLY H 159 -39.15 19.70 -23.90
C GLY H 159 -38.49 21.04 -24.14
N SER H 160 -38.97 22.09 -23.49
CA SER H 160 -38.32 23.39 -23.58
C SER H 160 -37.34 23.56 -22.43
N LEU H 161 -36.49 24.59 -22.55
CA LEU H 161 -35.54 24.91 -21.49
C LEU H 161 -35.74 26.32 -20.95
N MET H 162 -35.91 27.31 -21.83
CA MET H 162 -36.36 28.64 -21.45
C MET H 162 -37.48 29.09 -22.37
N GLY H 163 -38.26 30.06 -21.90
CA GLY H 163 -39.36 30.60 -22.67
C GLY H 163 -39.86 31.87 -22.04
N THR H 164 -40.57 32.65 -22.84
CA THR H 164 -41.08 33.96 -22.41
C THR H 164 -42.55 34.10 -22.79
N PRO H 165 -43.45 33.40 -22.10
CA PRO H 165 -44.84 33.29 -22.57
C PRO H 165 -45.61 34.61 -22.52
N ILE H 166 -46.38 34.86 -23.56
CA ILE H 166 -47.07 36.14 -23.74
C ILE H 166 -48.20 36.25 -22.73
N ILE H 167 -48.31 37.42 -22.09
CA ILE H 167 -49.36 37.68 -21.13
C ILE H 167 -50.71 37.71 -21.84
N ASN H 168 -51.65 36.87 -21.38
CA ASN H 168 -52.97 36.78 -21.96
C ASN H 168 -54.00 37.41 -21.03
N PRO H 169 -55.04 38.05 -21.57
CA PRO H 169 -56.09 38.63 -20.72
C PRO H 169 -56.99 37.56 -20.14
N PRO H 170 -57.68 37.83 -19.02
CA PRO H 170 -57.62 39.03 -18.17
C PRO H 170 -56.74 38.89 -16.93
N GLN H 171 -55.55 38.31 -17.02
CA GLN H 171 -54.66 38.21 -15.88
C GLN H 171 -53.42 39.08 -16.10
N SER H 172 -52.48 39.01 -15.17
CA SER H 172 -51.34 39.92 -15.20
C SER H 172 -49.98 39.26 -14.94
N ALA H 173 -49.92 37.96 -14.72
CA ALA H 173 -48.65 37.27 -14.53
C ALA H 173 -48.83 35.80 -14.89
N ILE H 174 -47.90 35.27 -15.69
CA ILE H 174 -47.97 33.90 -16.20
C ILE H 174 -46.63 33.23 -15.99
N LEU H 175 -46.64 32.12 -15.26
CA LEU H 175 -45.43 31.34 -14.98
C LEU H 175 -45.43 30.14 -15.93
N GLY H 176 -44.50 30.12 -16.86
CA GLY H 176 -44.36 28.97 -17.74
C GLY H 176 -43.31 28.00 -17.26
N MET H 177 -43.72 26.90 -16.64
CA MET H 177 -42.78 25.91 -16.19
C MET H 177 -42.21 25.14 -17.38
N HIS H 178 -41.01 24.60 -17.22
CA HIS H 178 -40.25 24.02 -18.32
C HIS H 178 -39.83 22.60 -17.97
N GLY H 179 -39.16 21.95 -18.92
CA GLY H 179 -38.80 20.55 -18.76
C GLY H 179 -37.64 20.34 -17.80
N ILE H 180 -37.66 19.20 -17.13
CA ILE H 180 -36.63 18.86 -16.17
C ILE H 180 -35.45 18.22 -16.89
N PHE H 181 -34.26 18.80 -16.72
CA PHE H 181 -33.04 18.35 -17.36
C PHE H 181 -32.03 17.99 -16.27
N GLU H 182 -30.81 17.66 -16.68
CA GLU H 182 -29.75 17.24 -15.76
C GLU H 182 -28.63 18.27 -15.79
N ARG H 183 -28.32 18.87 -14.63
CA ARG H 183 -27.24 19.84 -14.51
C ARG H 183 -26.50 19.59 -13.20
N PRO H 184 -25.17 19.47 -13.24
CA PRO H 184 -24.40 19.11 -12.04
C PRO H 184 -24.08 20.29 -11.13
N ILE H 185 -25.01 20.63 -10.24
CA ILE H 185 -24.97 21.90 -9.54
C ILE H 185 -24.10 21.80 -8.28
N ALA H 186 -23.32 22.85 -8.03
CA ALA H 186 -22.52 22.96 -6.82
C ALA H 186 -23.45 23.28 -5.65
N VAL H 187 -23.62 22.33 -4.75
CA VAL H 187 -24.39 22.51 -3.52
C VAL H 187 -23.52 22.08 -2.34
N LYS H 188 -23.53 22.90 -1.28
CA LYS H 188 -22.79 22.66 -0.03
C LYS H 188 -21.28 22.54 -0.24
N GLY H 189 -20.75 23.22 -1.26
CA GLY H 189 -19.32 23.25 -1.49
C GLY H 189 -18.76 22.14 -2.36
N GLU H 190 -19.59 21.23 -2.86
CA GLU H 190 -19.11 20.17 -3.75
C GLU H 190 -20.08 20.02 -4.92
N VAL H 191 -19.59 19.41 -5.98
CA VAL H 191 -20.36 19.25 -7.22
C VAL H 191 -21.27 18.04 -7.09
N LYS H 192 -22.57 18.25 -7.32
CA LYS H 192 -23.55 17.16 -7.27
C LYS H 192 -24.50 17.29 -8.44
N ILE H 193 -24.85 16.15 -9.04
CA ILE H 193 -25.77 16.13 -10.18
C ILE H 193 -27.19 16.12 -9.63
N ARG H 194 -27.86 17.27 -9.71
CA ARG H 194 -29.22 17.40 -9.25
C ARG H 194 -30.10 17.85 -10.41
N PRO H 195 -31.18 17.13 -10.73
CA PRO H 195 -32.03 17.54 -11.85
C PRO H 195 -32.89 18.76 -11.55
N MET H 196 -32.62 19.87 -12.22
CA MET H 196 -33.47 21.04 -12.10
C MET H 196 -34.27 21.28 -13.35
N MET H 197 -35.03 22.38 -13.31
CA MET H 197 -35.84 22.85 -14.41
C MET H 197 -36.03 24.35 -14.24
N TYR H 198 -35.90 25.07 -15.35
CA TYR H 198 -36.00 26.53 -15.30
C TYR H 198 -37.46 26.96 -15.27
N ILE H 199 -37.70 28.14 -14.69
CA ILE H 199 -39.04 28.71 -14.65
C ILE H 199 -38.99 30.09 -15.28
N ALA H 200 -40.17 30.58 -15.67
CA ALA H 200 -40.33 31.89 -16.27
C ALA H 200 -41.39 32.66 -15.51
N LEU H 201 -41.36 33.98 -15.67
CA LEU H 201 -42.36 34.84 -15.05
C LEU H 201 -42.46 36.12 -15.88
N THR H 202 -43.45 36.19 -16.76
CA THR H 202 -43.66 37.36 -17.60
C THR H 202 -44.74 38.22 -16.96
N TYR H 203 -44.35 39.37 -16.43
CA TYR H 203 -45.17 40.16 -15.55
C TYR H 203 -45.24 41.60 -16.06
N ASP H 204 -46.42 42.20 -15.95
CA ASP H 204 -46.60 43.59 -16.33
C ASP H 204 -45.86 44.52 -15.37
N HIS H 205 -45.14 45.50 -15.92
CA HIS H 205 -44.50 46.51 -15.09
C HIS H 205 -45.46 47.62 -14.68
N ARG H 206 -46.65 47.68 -15.27
CA ARG H 206 -47.61 48.70 -14.88
C ARG H 206 -48.17 48.45 -13.48
N ILE H 207 -48.20 47.20 -13.03
CA ILE H 207 -48.70 46.92 -11.69
C ILE H 207 -47.73 46.09 -10.84
N ILE H 208 -47.12 45.06 -11.40
CA ILE H 208 -46.13 44.29 -10.63
C ILE H 208 -44.76 44.95 -10.81
N ASP H 209 -44.16 45.36 -9.70
CA ASP H 209 -42.81 45.90 -9.74
C ASP H 209 -41.80 44.77 -9.86
N GLY H 210 -40.57 45.13 -10.25
CA GLY H 210 -39.52 44.13 -10.39
C GLY H 210 -39.14 43.47 -9.08
N ARG H 211 -39.13 44.24 -7.99
CA ARG H 211 -38.92 43.68 -6.66
C ARG H 211 -40.01 42.67 -6.30
N GLU H 212 -41.25 43.02 -6.63
CA GLU H 212 -42.39 42.16 -6.35
C GLU H 212 -42.29 40.84 -7.09
N ALA H 213 -41.93 40.88 -8.37
CA ALA H 213 -41.82 39.66 -9.16
C ALA H 213 -40.61 38.83 -8.77
N VAL H 214 -39.52 39.48 -8.36
CA VAL H 214 -38.32 38.75 -7.95
C VAL H 214 -38.57 38.01 -6.64
N LEU H 215 -39.19 38.69 -5.66
CA LEU H 215 -39.53 38.04 -4.40
C LEU H 215 -40.60 36.97 -4.61
N PHE H 216 -41.52 37.21 -5.54
CA PHE H 216 -42.55 36.24 -5.90
C PHE H 216 -41.95 34.96 -6.46
N LEU H 217 -41.00 35.11 -7.37
CA LEU H 217 -40.34 33.95 -7.99
C LEU H 217 -39.46 33.22 -7.00
N ARG H 218 -38.78 33.96 -6.10
CA ARG H 218 -37.99 33.31 -5.06
C ARG H 218 -38.87 32.55 -4.08
N LYS H 219 -40.06 33.09 -3.78
CA LYS H 219 -40.98 32.40 -2.87
C LYS H 219 -41.54 31.14 -3.49
N ILE H 220 -41.84 31.18 -4.79
CA ILE H 220 -42.29 29.96 -5.47
C ILE H 220 -41.16 28.94 -5.56
N LYS H 221 -39.93 29.40 -5.78
CA LYS H 221 -38.77 28.49 -5.80
C LYS H 221 -38.57 27.81 -4.44
N ALA H 222 -38.70 28.57 -3.36
CA ALA H 222 -38.60 27.98 -2.02
C ALA H 222 -39.79 27.07 -1.72
N ALA H 223 -40.97 27.37 -2.25
CA ALA H 223 -42.13 26.53 -1.98
C ALA H 223 -42.11 25.22 -2.76
N VAL H 224 -41.50 25.20 -3.93
CA VAL H 224 -41.42 23.97 -4.72
C VAL H 224 -40.21 23.13 -4.31
N GLU H 225 -39.08 23.77 -3.99
CA GLU H 225 -37.94 23.03 -3.45
C GLU H 225 -38.25 22.42 -2.09
N ASN H 226 -39.01 23.13 -1.26
CA ASN H 226 -39.41 22.64 0.06
C ASN H 226 -40.89 22.91 0.26
N PRO H 227 -41.76 21.89 0.16
CA PRO H 227 -43.20 22.11 0.36
C PRO H 227 -43.65 22.15 1.81
N ALA H 228 -42.75 22.31 2.77
CA ALA H 228 -43.15 22.60 4.14
C ALA H 228 -43.32 24.09 4.39
N ILE H 229 -42.85 24.93 3.47
CA ILE H 229 -42.99 26.37 3.59
C ILE H 229 -44.45 26.79 3.47
N ILE H 230 -45.23 26.06 2.69
CA ILE H 230 -46.61 26.45 2.41
C ILE H 230 -47.50 26.25 3.65
N VAL H 231 -47.15 25.31 4.53
CA VAL H 231 -47.84 25.21 5.82
C VAL H 231 -47.08 25.99 6.88
N ALA H 232 -45.81 26.31 6.65
CA ALA H 232 -45.04 27.11 7.58
C ALA H 232 -45.48 28.57 7.62
N GLY H 233 -45.93 29.11 6.51
CA GLY H 233 -46.35 30.50 6.47
C GLY H 233 -45.22 31.49 6.32
N LEU H 234 -44.53 31.44 5.17
CA LEU H 234 -43.50 32.43 4.87
C LEU H 234 -43.83 33.25 3.62
N GLY I 1 -62.36 31.31 -1.10
CA GLY I 1 -63.46 30.95 -1.99
C GLY I 1 -64.60 31.93 -1.94
N THR I 2 -64.27 33.21 -1.92
CA THR I 2 -65.27 34.27 -1.86
C THR I 2 -65.21 35.11 -3.13
N ARG I 3 -66.39 35.52 -3.61
CA ARG I 3 -66.50 36.36 -4.80
C ARG I 3 -66.50 37.84 -4.43
N SER I 4 -65.50 38.27 -3.67
CA SER I 4 -65.42 39.62 -3.15
C SER I 4 -64.36 40.41 -3.89
N GLU I 5 -64.73 41.58 -4.41
CA GLU I 5 -63.82 42.48 -5.09
C GLU I 5 -64.07 43.90 -4.60
N GLN I 6 -63.06 44.75 -4.73
CA GLN I 6 -63.17 46.13 -4.32
C GLN I 6 -62.70 47.06 -5.44
N ARG I 7 -62.87 48.36 -5.20
CA ARG I 7 -62.74 49.38 -6.24
C ARG I 7 -61.64 50.37 -5.87
N VAL I 8 -60.47 49.88 -5.49
CA VAL I 8 -59.40 50.76 -5.01
C VAL I 8 -58.83 51.58 -6.16
N LYS I 9 -58.68 52.88 -5.91
CA LYS I 9 -58.20 53.83 -6.90
C LYS I 9 -56.75 54.19 -6.60
N MET I 10 -55.90 54.16 -7.62
CA MET I 10 -54.49 54.45 -7.46
C MET I 10 -54.24 55.94 -7.59
N ASN I 11 -52.97 56.34 -7.48
CA ASN I 11 -52.57 57.73 -7.55
C ASN I 11 -52.20 58.10 -8.99
N ARG I 12 -51.91 59.40 -9.19
CA ARG I 12 -51.55 59.90 -10.51
C ARG I 12 -50.19 59.39 -10.96
N MET I 13 -49.26 59.22 -10.02
CA MET I 13 -47.89 58.86 -10.38
C MET I 13 -47.79 57.44 -10.92
N ARG I 14 -48.68 56.53 -10.48
CA ARG I 14 -48.67 55.18 -11.03
C ARG I 14 -49.05 55.19 -12.50
N LEU I 15 -50.05 55.99 -12.88
CA LEU I 15 -50.34 56.21 -14.29
C LEU I 15 -49.20 56.94 -15.00
N LYS I 16 -48.47 57.80 -14.30
CA LYS I 16 -47.36 58.52 -14.92
C LYS I 16 -46.23 57.57 -15.33
N ILE I 17 -45.75 56.74 -14.41
CA ILE I 17 -44.75 55.72 -14.76
C ILE I 17 -45.31 54.67 -15.73
N ALA I 18 -46.60 54.32 -15.62
CA ALA I 18 -47.19 53.35 -16.54
C ALA I 18 -47.22 53.86 -17.98
N ALA I 19 -47.70 55.10 -18.18
CA ALA I 19 -47.70 55.68 -19.52
C ALA I 19 -46.29 55.98 -20.00
N ARG I 20 -45.37 56.30 -19.09
CA ARG I 20 -43.97 56.53 -19.46
C ARG I 20 -43.32 55.27 -20.01
N LEU I 21 -43.53 54.14 -19.33
CA LEU I 21 -42.94 52.89 -19.83
C LEU I 21 -43.69 52.38 -21.06
N LYS I 22 -44.98 52.70 -21.19
CA LYS I 22 -45.70 52.34 -22.40
C LYS I 22 -45.20 53.11 -23.61
N ASP I 23 -44.98 54.42 -23.47
CA ASP I 23 -44.39 55.20 -24.55
C ASP I 23 -42.94 54.82 -24.82
N ALA I 24 -42.22 54.39 -23.77
CA ALA I 24 -40.84 53.93 -23.95
C ALA I 24 -40.78 52.63 -24.74
N GLN I 25 -41.70 51.70 -24.47
CA GLN I 25 -41.75 50.46 -25.23
C GLN I 25 -42.28 50.70 -26.64
N ASN I 26 -43.20 51.65 -26.81
CA ASN I 26 -43.72 51.94 -28.13
C ASN I 26 -42.78 52.80 -28.96
N THR I 27 -41.77 53.41 -28.35
CA THR I 27 -40.76 54.18 -29.08
C THR I 27 -39.49 53.39 -29.32
N CYS I 28 -38.87 52.86 -28.26
CA CYS I 28 -37.66 52.07 -28.41
C CYS I 28 -38.00 50.65 -28.83
N ALA I 29 -37.00 49.94 -29.33
CA ALA I 29 -37.16 48.54 -29.72
C ALA I 29 -36.59 47.65 -28.62
N MET I 30 -37.41 46.73 -28.12
CA MET I 30 -37.00 45.86 -27.03
C MET I 30 -36.13 44.74 -27.60
N LEU I 31 -34.91 44.60 -27.07
CA LEU I 31 -33.92 43.69 -27.62
C LEU I 31 -32.84 43.46 -26.58
N THR I 32 -32.62 42.22 -26.19
CA THR I 32 -31.72 41.92 -25.09
C THR I 32 -30.64 40.93 -25.48
N THR I 33 -29.61 40.89 -24.65
CA THR I 33 -28.58 39.85 -24.70
C THR I 33 -28.00 39.70 -23.30
N PHE I 34 -27.45 38.52 -23.01
CA PHE I 34 -26.96 38.22 -21.67
C PHE I 34 -25.54 37.69 -21.76
N ASN I 35 -24.89 37.65 -20.60
CA ASN I 35 -23.54 37.10 -20.45
C ASN I 35 -23.36 36.75 -18.98
N GLU I 36 -22.24 36.08 -18.71
CA GLU I 36 -21.89 35.68 -17.34
C GLU I 36 -20.51 36.25 -16.99
N VAL I 37 -20.39 36.77 -15.77
CA VAL I 37 -19.19 37.47 -15.31
C VAL I 37 -18.69 36.79 -14.05
N ASP I 38 -17.41 36.42 -14.05
CA ASP I 38 -16.79 35.90 -12.84
C ASP I 38 -16.59 37.02 -11.83
N MET I 39 -16.86 36.71 -10.56
CA MET I 39 -16.80 37.69 -9.49
C MET I 39 -15.83 37.31 -8.39
N SER I 40 -15.07 36.23 -8.57
CA SER I 40 -14.18 35.74 -7.52
C SER I 40 -13.03 36.71 -7.26
N TYR I 41 -12.52 37.35 -8.32
CA TYR I 41 -11.52 38.39 -8.13
C TYR I 41 -12.12 39.60 -7.43
N ALA I 42 -13.38 39.91 -7.72
CA ALA I 42 -14.06 40.98 -7.00
C ALA I 42 -14.27 40.61 -5.53
N MET I 43 -14.56 39.33 -5.25
CA MET I 43 -14.67 38.86 -3.87
C MET I 43 -13.35 39.03 -3.12
N ASP I 44 -12.25 38.61 -3.74
CA ASP I 44 -10.93 38.74 -3.11
C ASP I 44 -10.54 40.19 -2.93
N PHE I 45 -10.83 41.03 -3.92
CA PHE I 45 -10.44 42.45 -3.85
C PHE I 45 -11.22 43.18 -2.78
N ARG I 46 -12.53 42.93 -2.68
CA ARG I 46 -13.32 43.54 -1.62
C ARG I 46 -12.92 43.01 -0.25
N LYS I 47 -12.62 41.71 -0.15
CA LYS I 47 -12.23 41.12 1.13
C LYS I 47 -10.87 41.61 1.59
N GLN I 48 -10.01 42.00 0.66
CA GLN I 48 -8.70 42.54 1.05
C GLN I 48 -8.69 44.06 1.21
N ASN I 49 -9.66 44.79 0.63
CA ASN I 49 -9.64 46.25 0.73
C ASN I 49 -10.82 46.82 1.51
N LEU I 50 -11.60 45.98 2.21
CA LEU I 50 -12.68 46.45 3.06
C LEU I 50 -12.18 47.41 4.14
N ASP I 51 -11.21 46.97 4.95
CA ASP I 51 -10.68 47.82 6.00
C ASP I 51 -9.86 48.98 5.45
N ALA I 52 -9.26 48.80 4.28
CA ALA I 52 -8.49 49.88 3.66
C ALA I 52 -9.40 51.03 3.23
N PHE I 53 -10.49 50.74 2.53
CA PHE I 53 -11.44 51.79 2.16
C PHE I 53 -12.16 52.35 3.37
N THR I 54 -12.43 51.52 4.38
CA THR I 54 -13.10 51.99 5.59
C THR I 54 -12.21 52.97 6.36
N LYS I 55 -10.91 52.68 6.48
CA LYS I 55 -10.03 53.56 7.21
C LYS I 55 -9.57 54.75 6.37
N LYS I 56 -9.68 54.68 5.05
CA LYS I 56 -9.22 55.81 4.25
C LYS I 56 -10.34 56.80 3.95
N TYR I 57 -11.52 56.31 3.54
CA TYR I 57 -12.58 57.21 3.12
C TYR I 57 -13.76 57.28 4.08
N GLY I 58 -13.90 56.31 4.99
CA GLY I 58 -14.85 56.38 6.08
C GLY I 58 -16.20 55.77 5.79
N ILE I 59 -16.49 55.43 4.54
CA ILE I 59 -17.79 54.90 4.16
C ILE I 59 -17.65 53.45 3.73
N LYS I 60 -18.78 52.76 3.66
CA LYS I 60 -18.81 51.35 3.29
C LYS I 60 -19.16 51.20 1.82
N PHE I 61 -18.51 50.26 1.16
CA PHE I 61 -18.60 50.08 -0.28
C PHE I 61 -19.04 48.66 -0.58
N GLY I 62 -19.81 48.47 -1.64
CA GLY I 62 -20.09 47.13 -2.09
C GLY I 62 -20.73 46.98 -3.47
N PHE I 63 -20.11 46.13 -4.30
CA PHE I 63 -20.75 45.43 -5.41
C PHE I 63 -21.29 46.28 -6.54
N MET I 64 -21.15 47.61 -6.47
CA MET I 64 -21.83 48.45 -7.44
C MET I 64 -20.85 49.33 -8.20
N SER I 65 -19.82 49.83 -7.52
CA SER I 65 -18.88 50.76 -8.15
C SER I 65 -18.00 50.07 -9.17
N ILE I 66 -17.76 48.77 -8.99
CA ILE I 66 -17.01 47.97 -9.97
C ILE I 66 -17.77 47.93 -11.28
N PHE I 67 -19.07 47.68 -11.21
CA PHE I 67 -19.91 47.66 -12.40
C PHE I 67 -20.11 49.05 -12.97
N ALA I 68 -20.15 50.07 -12.12
CA ALA I 68 -20.38 51.44 -12.57
C ALA I 68 -19.19 52.00 -13.33
N LYS I 69 -17.98 51.83 -12.78
CA LYS I 69 -16.78 52.36 -13.42
C LYS I 69 -16.45 51.61 -14.70
N ALA I 70 -16.72 50.29 -14.73
CA ALA I 70 -16.55 49.51 -15.95
C ALA I 70 -17.52 49.96 -17.03
N SER I 71 -18.77 50.25 -16.65
CA SER I 71 -19.74 50.76 -17.61
C SER I 71 -19.36 52.14 -18.11
N ALA I 72 -18.81 52.99 -17.22
CA ALA I 72 -18.35 54.31 -17.63
C ALA I 72 -17.20 54.20 -18.63
N TYR I 73 -16.28 53.27 -18.41
CA TYR I 73 -15.20 53.03 -19.36
C TYR I 73 -15.73 52.54 -20.71
N ALA I 74 -16.67 51.59 -20.69
CA ALA I 74 -17.20 51.04 -21.92
C ALA I 74 -18.05 52.05 -22.68
N LEU I 75 -18.66 53.01 -22.00
CA LEU I 75 -19.31 54.11 -22.70
C LEU I 75 -18.32 55.15 -23.22
N GLN I 76 -17.18 55.35 -22.55
CA GLN I 76 -16.18 56.26 -23.11
C GLN I 76 -15.49 55.69 -24.33
N ASP I 77 -15.26 54.38 -24.40
CA ASP I 77 -14.57 53.83 -25.57
C ASP I 77 -15.52 53.25 -26.61
N GLN I 78 -16.83 53.44 -26.45
CA GLN I 78 -17.83 53.05 -27.45
C GLN I 78 -18.99 54.04 -27.36
N PRO I 79 -18.86 55.20 -27.99
CA PRO I 79 -19.74 56.33 -27.69
C PRO I 79 -21.10 56.31 -28.40
N VAL I 80 -21.46 55.23 -29.08
CA VAL I 80 -22.78 55.14 -29.70
C VAL I 80 -23.78 54.47 -28.76
N VAL I 81 -23.31 53.80 -27.71
CA VAL I 81 -24.19 53.16 -26.74
C VAL I 81 -24.95 54.21 -25.93
N ASN I 82 -24.30 55.33 -25.61
CA ASN I 82 -24.96 56.39 -24.86
C ASN I 82 -25.85 57.29 -25.72
N ALA I 83 -25.71 57.24 -27.04
CA ALA I 83 -26.43 58.15 -27.91
C ALA I 83 -27.88 57.69 -28.11
N VAL I 84 -28.78 58.68 -28.24
CA VAL I 84 -30.20 58.41 -28.37
C VAL I 84 -30.74 59.09 -29.64
N ILE I 85 -32.04 58.96 -29.86
CA ILE I 85 -32.72 59.59 -30.98
C ILE I 85 -33.79 60.52 -30.41
N ASP I 86 -33.70 61.80 -30.78
CA ASP I 86 -34.74 62.78 -30.47
C ASP I 86 -35.30 63.29 -31.79
N GLY I 87 -36.28 62.56 -32.32
CA GLY I 87 -36.87 62.88 -33.60
C GLY I 87 -36.08 62.32 -34.76
N THR I 88 -35.32 63.18 -35.44
CA THR I 88 -34.47 62.77 -36.56
C THR I 88 -33.03 63.19 -36.31
N ASP I 89 -32.57 63.06 -35.07
CA ASP I 89 -31.24 63.48 -34.69
C ASP I 89 -30.63 62.44 -33.74
N ILE I 90 -29.34 62.20 -33.89
CA ILE I 90 -28.59 61.31 -33.01
C ILE I 90 -27.63 62.18 -32.20
N VAL I 91 -27.70 62.07 -30.88
CA VAL I 91 -26.94 62.94 -29.98
C VAL I 91 -25.82 62.11 -29.38
N TYR I 92 -24.65 62.14 -30.02
CA TYR I 92 -23.45 61.61 -29.40
C TYR I 92 -23.04 62.51 -28.23
N ARG I 93 -22.74 61.89 -27.10
CA ARG I 93 -22.35 62.61 -25.90
C ARG I 93 -21.02 62.08 -25.38
N ASP I 94 -20.15 63.00 -24.96
CA ASP I 94 -18.89 62.61 -24.32
C ASP I 94 -19.05 62.41 -22.82
N TYR I 95 -19.88 63.23 -22.18
CA TYR I 95 -20.18 63.04 -20.77
C TYR I 95 -21.09 61.84 -20.58
N VAL I 96 -20.90 61.13 -19.47
CA VAL I 96 -21.72 59.98 -19.14
C VAL I 96 -22.23 60.15 -17.71
N ASP I 97 -23.52 59.92 -17.52
CA ASP I 97 -24.16 60.03 -16.21
C ASP I 97 -24.96 58.75 -15.97
N ILE I 98 -24.51 57.95 -15.01
CA ILE I 98 -25.18 56.67 -14.73
C ILE I 98 -26.42 56.94 -13.89
N SER I 99 -27.56 56.44 -14.36
CA SER I 99 -28.84 56.64 -13.70
C SER I 99 -29.11 55.42 -12.82
N VAL I 100 -29.05 55.63 -11.51
CA VAL I 100 -29.03 54.54 -10.54
C VAL I 100 -30.38 54.46 -9.82
N ALA I 101 -30.95 53.26 -9.76
CA ALA I 101 -32.18 53.05 -9.00
C ALA I 101 -31.87 52.73 -7.55
N VAL I 102 -32.68 53.30 -6.64
CA VAL I 102 -32.57 53.02 -5.21
C VAL I 102 -33.96 53.17 -4.60
N ALA I 103 -34.19 52.48 -3.48
CA ALA I 103 -35.49 52.49 -2.84
C ALA I 103 -35.71 53.77 -2.04
N THR I 104 -36.96 54.20 -2.02
CA THR I 104 -37.44 55.34 -1.25
C THR I 104 -38.75 54.92 -0.62
N PRO I 105 -39.18 55.58 0.47
CA PRO I 105 -40.47 55.22 1.09
C PRO I 105 -41.69 55.38 0.20
N ARG I 106 -41.68 56.31 -0.77
CA ARG I 106 -42.84 56.45 -1.63
C ARG I 106 -42.90 55.38 -2.72
N GLY I 107 -41.74 54.81 -3.08
CA GLY I 107 -41.67 53.96 -4.24
C GLY I 107 -40.23 53.64 -4.62
N LEU I 108 -39.86 53.92 -5.87
CA LEU I 108 -38.50 53.74 -6.34
C LEU I 108 -38.07 55.01 -7.07
N VAL I 109 -37.30 55.87 -6.38
CA VAL I 109 -36.78 57.09 -6.96
C VAL I 109 -35.44 56.78 -7.61
N VAL I 110 -35.08 57.53 -8.65
CA VAL I 110 -33.93 57.22 -9.48
C VAL I 110 -32.99 58.44 -9.46
N PRO I 111 -32.03 58.47 -8.54
CA PRO I 111 -30.99 59.51 -8.59
C PRO I 111 -29.92 59.19 -9.61
N VAL I 112 -29.27 60.24 -10.10
CA VAL I 112 -28.28 60.14 -11.17
C VAL I 112 -26.92 60.60 -10.64
N ILE I 113 -25.89 59.79 -10.89
CA ILE I 113 -24.52 60.17 -10.59
C ILE I 113 -23.97 61.00 -11.74
N ARG I 114 -23.42 62.17 -11.43
CA ARG I 114 -22.98 63.13 -12.44
C ARG I 114 -21.46 63.01 -12.64
N ASN I 115 -21.05 63.01 -13.91
CA ASN I 115 -19.64 63.06 -14.35
C ASN I 115 -18.84 61.88 -13.79
N VAL I 116 -19.22 60.69 -14.24
CA VAL I 116 -18.73 59.45 -13.67
C VAL I 116 -17.46 58.93 -14.35
N GLU I 117 -17.07 59.51 -15.49
CA GLU I 117 -15.97 58.94 -16.27
C GLU I 117 -14.61 59.26 -15.65
N GLY I 118 -14.43 60.47 -15.12
CA GLY I 118 -13.20 60.84 -14.46
C GLY I 118 -13.31 60.72 -12.96
N MET I 119 -13.72 59.57 -12.47
CA MET I 119 -14.17 59.46 -11.10
C MET I 119 -13.89 58.06 -10.58
N ASN I 120 -13.16 57.98 -9.46
CA ASN I 120 -12.65 56.72 -8.95
C ASN I 120 -13.75 55.90 -8.27
N TYR I 121 -13.36 54.75 -7.72
CA TYR I 121 -14.30 53.92 -6.96
C TYR I 121 -14.83 54.65 -5.73
N ALA I 122 -13.93 55.19 -4.91
CA ALA I 122 -14.33 55.80 -3.65
C ALA I 122 -15.13 57.08 -3.86
N ASP I 123 -14.82 57.84 -4.91
CA ASP I 123 -15.61 59.02 -5.23
C ASP I 123 -17.01 58.67 -5.71
N ILE I 124 -17.14 57.59 -6.49
CA ILE I 124 -18.45 57.10 -6.90
C ILE I 124 -19.26 56.64 -5.70
N GLU I 125 -18.60 55.96 -4.74
CA GLU I 125 -19.29 55.56 -3.53
C GLU I 125 -19.67 56.77 -2.67
N ILE I 126 -18.85 57.81 -2.67
CA ILE I 126 -19.19 59.05 -1.95
C ILE I 126 -20.44 59.70 -2.56
N ALA I 127 -20.49 59.78 -3.89
CA ALA I 127 -21.66 60.36 -4.56
C ALA I 127 -22.91 59.51 -4.36
N LEU I 128 -22.77 58.18 -4.43
CA LEU I 128 -23.92 57.29 -4.28
C LEU I 128 -24.42 57.28 -2.84
N ALA I 129 -23.51 57.30 -1.86
CA ALA I 129 -23.91 57.38 -0.47
C ALA I 129 -24.53 58.73 -0.14
N GLY I 130 -24.06 59.81 -0.78
CA GLY I 130 -24.70 61.10 -0.60
C GLY I 130 -26.10 61.13 -1.17
N LEU I 131 -26.31 60.51 -2.34
CA LEU I 131 -27.65 60.45 -2.93
C LEU I 131 -28.58 59.56 -2.10
N ALA I 132 -28.06 58.45 -1.56
CA ALA I 132 -28.86 57.59 -0.70
C ALA I 132 -29.18 58.27 0.63
N ASP I 133 -28.25 59.07 1.16
CA ASP I 133 -28.52 59.83 2.38
C ASP I 133 -29.54 60.93 2.12
N LYS I 134 -29.50 61.54 0.93
CA LYS I 134 -30.53 62.50 0.55
C LYS I 134 -31.89 61.82 0.41
N ALA I 135 -31.91 60.59 -0.07
CA ALA I 135 -33.15 59.82 -0.12
C ALA I 135 -33.58 59.32 1.25
N ARG I 136 -32.67 59.31 2.24
CA ARG I 136 -33.03 58.82 3.56
C ARG I 136 -33.99 59.77 4.27
N ARG I 137 -33.68 61.07 4.29
CA ARG I 137 -34.60 62.04 4.88
C ARG I 137 -35.50 62.71 3.83
N ASP I 138 -35.59 62.12 2.65
CA ASP I 138 -36.48 62.54 1.55
C ASP I 138 -36.14 63.97 1.08
N ALA I 139 -34.91 64.12 0.58
CA ALA I 139 -34.45 65.40 0.04
C ALA I 139 -34.09 65.29 -1.43
N ILE I 140 -34.68 64.33 -2.15
CA ILE I 140 -34.40 64.16 -3.57
C ILE I 140 -35.11 65.26 -4.35
N THR I 141 -34.36 65.99 -5.17
CA THR I 141 -34.89 67.13 -5.90
C THR I 141 -35.35 66.69 -7.30
N VAL I 142 -35.65 67.68 -8.15
CA VAL I 142 -36.13 67.40 -9.49
C VAL I 142 -34.99 67.46 -10.51
N GLU I 143 -33.96 68.28 -10.24
CA GLU I 143 -32.85 68.47 -11.17
C GLU I 143 -31.99 67.23 -11.35
N ASP I 144 -32.02 66.28 -10.41
CA ASP I 144 -31.30 65.02 -10.52
C ASP I 144 -32.22 63.86 -10.89
N MET I 145 -33.21 64.11 -11.76
CA MET I 145 -34.15 63.09 -12.20
C MET I 145 -34.07 62.80 -13.69
N ASP I 146 -33.20 63.49 -14.42
CA ASP I 146 -33.10 63.33 -15.86
C ASP I 146 -31.63 63.37 -16.26
N GLY I 147 -31.39 63.25 -17.57
CA GLY I 147 -30.05 63.36 -18.12
C GLY I 147 -29.22 62.10 -18.04
N GLY I 148 -29.77 61.01 -17.54
CA GLY I 148 -28.99 59.79 -17.43
C GLY I 148 -28.76 59.13 -18.78
N THR I 149 -27.56 58.59 -18.96
CA THR I 149 -27.20 57.93 -20.20
C THR I 149 -27.07 56.41 -20.06
N PHE I 150 -27.04 55.89 -18.84
CA PHE I 150 -26.89 54.46 -18.62
C PHE I 150 -27.48 54.11 -17.26
N THR I 151 -27.73 52.83 -17.05
CA THR I 151 -28.42 52.39 -15.84
C THR I 151 -27.89 51.04 -15.38
N ILE I 152 -27.55 50.94 -14.10
CA ILE I 152 -27.00 49.74 -13.47
C ILE I 152 -28.04 49.30 -12.43
N SER I 153 -29.31 49.30 -12.84
CA SER I 153 -30.48 48.96 -12.01
C SER I 153 -30.28 47.68 -11.21
N ASN I 154 -30.31 47.83 -9.88
CA ASN I 154 -29.92 46.78 -8.96
C ASN I 154 -31.03 45.75 -8.86
N GLY I 155 -30.74 44.53 -9.29
CA GLY I 155 -31.64 43.40 -9.08
C GLY I 155 -30.88 42.29 -8.37
N GLY I 156 -29.71 42.61 -7.87
CA GLY I 156 -28.82 41.63 -7.27
C GLY I 156 -29.03 41.41 -5.79
N VAL I 157 -29.41 42.48 -5.08
CA VAL I 157 -29.65 42.38 -3.65
C VAL I 157 -30.98 41.64 -3.39
N PHE I 158 -31.87 41.60 -4.38
CA PHE I 158 -33.20 41.04 -4.20
C PHE I 158 -33.31 39.59 -4.61
N GLY I 159 -32.36 39.09 -5.41
CA GLY I 159 -32.27 37.66 -5.68
C GLY I 159 -32.80 37.18 -7.00
N SER I 160 -32.51 37.90 -8.08
CA SER I 160 -32.88 37.45 -9.41
C SER I 160 -31.72 36.67 -10.04
N LEU I 161 -32.02 35.99 -11.13
CA LEU I 161 -31.01 35.26 -11.88
C LEU I 161 -30.90 35.74 -13.31
N MET I 162 -32.02 35.92 -14.01
CA MET I 162 -32.06 36.61 -15.29
C MET I 162 -33.18 37.64 -15.27
N GLY I 163 -33.08 38.61 -16.18
CA GLY I 163 -34.08 39.66 -16.29
C GLY I 163 -33.87 40.43 -17.58
N THR I 164 -34.92 41.12 -18.00
CA THR I 164 -34.92 41.86 -19.26
C THR I 164 -35.47 43.26 -19.03
N PRO I 165 -34.71 44.15 -18.37
CA PRO I 165 -35.28 45.43 -17.89
C PRO I 165 -35.66 46.38 -19.02
N ILE I 166 -36.83 47.02 -18.86
CA ILE I 166 -37.40 47.85 -19.91
C ILE I 166 -36.58 49.13 -20.06
N ILE I 167 -36.31 49.49 -21.31
CA ILE I 167 -35.56 50.71 -21.62
C ILE I 167 -36.39 51.92 -21.22
N ASN I 168 -35.81 52.78 -20.37
CA ASN I 168 -36.48 53.99 -19.90
C ASN I 168 -35.87 55.23 -20.54
N PRO I 169 -36.67 56.25 -20.83
CA PRO I 169 -36.13 57.48 -21.41
C PRO I 169 -35.38 58.28 -20.37
N PRO I 170 -34.45 59.18 -20.78
CA PRO I 170 -33.96 59.42 -22.15
C PRO I 170 -32.65 58.72 -22.48
N GLN I 171 -32.45 57.45 -22.13
CA GLN I 171 -31.22 56.74 -22.48
C GLN I 171 -31.56 55.63 -23.46
N SER I 172 -30.54 54.83 -23.80
CA SER I 172 -30.70 53.84 -24.86
C SER I 172 -30.14 52.47 -24.55
N ALA I 173 -29.57 52.24 -23.37
CA ALA I 173 -29.06 50.92 -23.00
C ALA I 173 -29.03 50.83 -21.49
N ILE I 174 -29.55 49.73 -20.94
CA ILE I 174 -29.68 49.52 -19.51
C ILE I 174 -29.16 48.14 -19.17
N LEU I 175 -28.15 48.09 -18.29
CA LEU I 175 -27.56 46.84 -17.82
C LEU I 175 -28.13 46.52 -16.45
N GLY I 176 -28.92 45.47 -16.37
CA GLY I 176 -29.43 45.05 -15.08
C GLY I 176 -28.60 43.93 -14.48
N MET I 177 -27.75 44.27 -13.51
CA MET I 177 -26.95 43.27 -12.85
C MET I 177 -27.83 42.42 -11.92
N HIS I 178 -27.40 41.19 -11.66
CA HIS I 178 -28.21 40.20 -10.97
C HIS I 178 -27.45 39.63 -9.79
N GLY I 179 -28.11 38.74 -9.04
CA GLY I 179 -27.54 38.22 -7.82
C GLY I 179 -26.46 37.20 -8.08
N ILE I 180 -25.50 37.13 -7.15
CA ILE I 180 -24.38 36.21 -7.27
C ILE I 180 -24.78 34.86 -6.68
N PHE I 181 -24.65 33.82 -7.49
CA PHE I 181 -25.00 32.46 -7.12
C PHE I 181 -23.76 31.58 -7.23
N GLU I 182 -23.94 30.27 -7.05
CA GLU I 182 -22.84 29.32 -7.07
C GLU I 182 -23.02 28.36 -8.25
N ARG I 183 -22.05 28.32 -9.16
CA ARG I 183 -22.08 27.43 -10.31
C ARG I 183 -20.69 26.86 -10.53
N PRO I 184 -20.55 25.53 -10.65
CA PRO I 184 -19.22 24.92 -10.74
C PRO I 184 -18.64 24.91 -12.15
N ILE I 185 -17.98 26.00 -12.52
CA ILE I 185 -17.65 26.24 -13.93
C ILE I 185 -16.33 25.57 -14.30
N ALA I 186 -16.30 24.99 -15.50
CA ALA I 186 -15.08 24.42 -16.06
C ALA I 186 -14.15 25.54 -16.49
N VAL I 187 -13.04 25.70 -15.77
CA VAL I 187 -12.00 26.66 -16.12
C VAL I 187 -10.67 25.92 -16.16
N LYS I 188 -9.87 26.21 -17.20
CA LYS I 188 -8.54 25.64 -17.42
C LYS I 188 -8.55 24.10 -17.53
N GLY I 189 -9.65 23.54 -18.01
CA GLY I 189 -9.73 22.11 -18.23
C GLY I 189 -10.21 21.27 -17.07
N GLU I 190 -10.51 21.88 -15.93
CA GLU I 190 -11.03 21.13 -14.79
C GLU I 190 -12.21 21.88 -14.18
N VAL I 191 -13.01 21.15 -13.41
CA VAL I 191 -14.22 21.69 -12.81
C VAL I 191 -13.87 22.43 -11.52
N LYS I 192 -14.28 23.69 -11.43
CA LYS I 192 -14.05 24.49 -10.25
C LYS I 192 -15.30 25.28 -9.89
N ILE I 193 -15.60 25.36 -8.60
CA ILE I 193 -16.77 26.08 -8.13
C ILE I 193 -16.39 27.55 -8.00
N ARG I 194 -16.85 28.36 -8.96
CA ARG I 194 -16.60 29.79 -8.95
C ARG I 194 -17.92 30.54 -8.92
N PRO I 195 -18.14 31.43 -7.97
CA PRO I 195 -19.41 32.16 -7.91
C PRO I 195 -19.55 33.23 -8.99
N MET I 196 -20.46 33.03 -9.94
CA MET I 196 -20.74 34.05 -10.93
C MET I 196 -22.11 34.69 -10.69
N MET I 197 -22.43 35.60 -11.62
CA MET I 197 -23.71 36.30 -11.64
C MET I 197 -23.97 36.72 -13.07
N TYR I 198 -25.21 36.55 -13.51
CA TYR I 198 -25.56 36.86 -14.88
C TYR I 198 -25.81 38.36 -15.05
N ILE I 199 -25.60 38.85 -16.26
CA ILE I 199 -25.85 40.25 -16.57
C ILE I 199 -26.83 40.31 -17.74
N ALA I 200 -27.45 41.48 -17.89
CA ALA I 200 -28.40 41.73 -18.95
C ALA I 200 -28.00 43.00 -19.68
N LEU I 201 -28.50 43.15 -20.92
CA LEU I 201 -28.25 44.35 -21.70
C LEU I 201 -29.40 44.50 -22.69
N THR I 202 -30.36 45.35 -22.35
CA THR I 202 -31.50 45.61 -23.23
C THR I 202 -31.24 46.89 -24.01
N TYR I 203 -31.01 46.74 -25.30
CA TYR I 203 -30.46 47.80 -26.13
C TYR I 203 -31.35 48.00 -27.36
N ASP I 204 -31.52 49.27 -27.74
CA ASP I 204 -32.29 49.58 -28.94
C ASP I 204 -31.54 49.15 -30.19
N HIS I 205 -32.26 48.50 -31.12
CA HIS I 205 -31.68 48.14 -32.41
C HIS I 205 -31.69 49.31 -33.38
N ARG I 206 -32.39 50.39 -33.07
CA ARG I 206 -32.39 51.54 -33.98
C ARG I 206 -31.05 52.26 -33.99
N ILE I 207 -30.27 52.18 -32.91
CA ILE I 207 -28.96 52.82 -32.89
C ILE I 207 -27.84 51.88 -32.49
N ILE I 208 -28.02 51.04 -31.46
CA ILE I 208 -26.98 50.07 -31.11
C ILE I 208 -27.19 48.81 -31.95
N ASP I 209 -26.18 48.44 -32.73
CA ASP I 209 -26.21 47.20 -33.47
C ASP I 209 -25.93 46.03 -32.54
N GLY I 210 -26.25 44.82 -33.01
CA GLY I 210 -26.01 43.62 -32.22
C GLY I 210 -24.55 43.34 -31.99
N ARG I 211 -23.70 43.61 -33.00
CA ARG I 211 -22.26 43.52 -32.84
C ARG I 211 -21.76 44.48 -31.77
N GLU I 212 -22.30 45.71 -31.78
CA GLU I 212 -21.91 46.74 -30.84
C GLU I 212 -22.24 46.33 -29.41
N ALA I 213 -23.45 45.79 -29.20
CA ALA I 213 -23.87 45.40 -27.86
C ALA I 213 -23.14 44.15 -27.39
N VAL I 214 -22.82 43.23 -28.30
CA VAL I 214 -22.10 42.02 -27.92
C VAL I 214 -20.66 42.35 -27.51
N LEU I 215 -19.98 43.19 -28.29
CA LEU I 215 -18.63 43.63 -27.92
C LEU I 215 -18.65 44.48 -26.67
N PHE I 216 -19.70 45.28 -26.49
CA PHE I 216 -19.89 46.10 -25.29
C PHE I 216 -20.02 45.23 -24.04
N LEU I 217 -20.84 44.17 -24.12
CA LEU I 217 -21.04 43.29 -22.99
C LEU I 217 -19.79 42.46 -22.70
N ARG I 218 -19.08 42.04 -23.75
CA ARG I 218 -17.82 41.32 -23.55
C ARG I 218 -16.77 42.22 -22.90
N LYS I 219 -16.75 43.51 -23.28
CA LYS I 219 -15.79 44.43 -22.69
C LYS I 219 -16.10 44.71 -21.23
N ILE I 220 -17.39 44.81 -20.88
CA ILE I 220 -17.75 44.98 -19.47
C ILE I 220 -17.44 43.71 -18.68
N LYS I 221 -17.64 42.54 -19.29
CA LYS I 221 -17.30 41.27 -18.63
C LYS I 221 -15.80 41.17 -18.36
N ALA I 222 -14.98 41.57 -19.33
CA ALA I 222 -13.53 41.59 -19.12
C ALA I 222 -13.11 42.66 -18.11
N ALA I 223 -13.83 43.78 -18.05
CA ALA I 223 -13.46 44.83 -17.12
C ALA I 223 -13.85 44.50 -15.68
N VAL I 224 -14.91 43.72 -15.48
CA VAL I 224 -15.31 43.36 -14.12
C VAL I 224 -14.57 42.11 -13.64
N GLU I 225 -14.31 41.15 -14.54
CA GLU I 225 -13.49 40.00 -14.17
C GLU I 225 -12.05 40.41 -13.88
N ASN I 226 -11.52 41.38 -14.63
CA ASN I 226 -10.17 41.89 -14.42
C ASN I 226 -10.21 43.42 -14.46
N PRO I 227 -10.11 44.09 -13.31
CA PRO I 227 -10.14 45.56 -13.31
C PRO I 227 -8.81 46.23 -13.62
N ALA I 228 -7.84 45.52 -14.18
CA ALA I 228 -6.64 46.15 -14.72
C ALA I 228 -6.83 46.57 -16.18
N ILE I 229 -7.89 46.10 -16.83
CA ILE I 229 -8.18 46.46 -18.21
C ILE I 229 -8.56 47.94 -18.31
N ILE I 230 -9.18 48.49 -17.27
CA ILE I 230 -9.69 49.85 -17.32
C ILE I 230 -8.56 50.87 -17.27
N VAL I 231 -7.42 50.52 -16.67
CA VAL I 231 -6.23 51.36 -16.77
C VAL I 231 -5.34 50.91 -17.92
N ALA I 232 -5.53 49.67 -18.40
CA ALA I 232 -4.76 49.17 -19.54
C ALA I 232 -5.17 49.83 -20.84
N GLY I 233 -6.44 50.19 -21.00
CA GLY I 233 -6.89 50.80 -22.24
C GLY I 233 -7.20 49.82 -23.35
N LEU I 234 -8.20 48.96 -23.14
CA LEU I 234 -8.65 48.04 -24.19
C LEU I 234 -10.10 48.30 -24.59
N GLY J 1 21.34 -12.36 -65.28
CA GLY J 1 21.21 -11.43 -66.39
C GLY J 1 21.55 -12.05 -67.73
N THR J 2 21.11 -13.28 -67.94
CA THR J 2 21.37 -14.00 -69.18
C THR J 2 20.07 -14.26 -69.92
N ARG J 3 20.13 -14.15 -71.25
CA ARG J 3 18.97 -14.40 -72.10
C ARG J 3 18.93 -15.86 -72.54
N SER J 4 18.98 -16.78 -71.59
CA SER J 4 19.06 -18.21 -71.87
C SER J 4 17.73 -18.88 -71.54
N GLU J 5 17.20 -19.62 -72.50
CA GLU J 5 15.96 -20.36 -72.35
C GLU J 5 16.15 -21.76 -72.92
N GLN J 6 15.34 -22.71 -72.45
CA GLN J 6 15.40 -24.08 -72.94
C GLN J 6 14.01 -24.57 -73.30
N ARG J 7 13.98 -25.78 -73.88
CA ARG J 7 12.79 -26.31 -74.54
C ARG J 7 12.34 -27.60 -73.87
N VAL J 8 12.22 -27.59 -72.54
CA VAL J 8 11.90 -28.81 -71.80
C VAL J 8 10.45 -29.23 -72.07
N LYS J 9 10.27 -30.52 -72.37
CA LYS J 9 8.97 -31.08 -72.69
C LYS J 9 8.45 -31.87 -71.50
N MET J 10 7.19 -31.66 -71.15
CA MET J 10 6.58 -32.30 -70.00
C MET J 10 5.99 -33.65 -70.42
N ASN J 11 5.39 -34.34 -69.47
CA ASN J 11 4.79 -35.65 -69.70
C ASN J 11 3.31 -35.50 -70.06
N ARG J 12 2.69 -36.65 -70.38
CA ARG J 12 1.29 -36.66 -70.77
C ARG J 12 0.37 -36.35 -69.59
N MET J 13 0.76 -36.80 -68.39
CA MET J 13 -0.11 -36.67 -67.23
C MET J 13 -0.26 -35.21 -66.78
N ARG J 14 0.75 -34.37 -67.02
CA ARG J 14 0.61 -32.96 -66.68
C ARG J 14 -0.46 -32.29 -67.54
N LEU J 15 -0.49 -32.62 -68.84
CA LEU J 15 -1.59 -32.20 -69.69
C LEU J 15 -2.91 -32.84 -69.28
N LYS J 16 -2.88 -34.05 -68.73
CA LYS J 16 -4.11 -34.72 -68.30
C LYS J 16 -4.78 -33.98 -67.14
N ILE J 17 -4.01 -33.72 -66.07
CA ILE J 17 -4.55 -32.92 -64.95
C ILE J 17 -4.83 -31.47 -65.36
N ALA J 18 -4.04 -30.90 -66.28
CA ALA J 18 -4.30 -29.53 -66.74
C ALA J 18 -5.63 -29.41 -67.49
N ALA J 19 -5.86 -30.31 -68.45
CA ALA J 19 -7.13 -30.31 -69.17
C ALA J 19 -8.30 -30.73 -68.28
N ARG J 20 -8.04 -31.59 -67.28
CA ARG J 20 -9.07 -31.99 -66.34
C ARG J 20 -9.54 -30.80 -65.50
N LEU J 21 -8.60 -30.01 -64.97
CA LEU J 21 -9.00 -28.85 -64.18
C LEU J 21 -9.56 -27.75 -65.06
N LYS J 22 -9.12 -27.66 -66.32
CA LYS J 22 -9.71 -26.69 -67.24
C LYS J 22 -11.16 -27.02 -67.55
N ASP J 23 -11.46 -28.29 -67.82
CA ASP J 23 -12.85 -28.70 -68.04
C ASP J 23 -13.67 -28.60 -66.75
N ALA J 24 -13.04 -28.81 -65.60
CA ALA J 24 -13.74 -28.66 -64.32
C ALA J 24 -14.11 -27.21 -64.06
N GLN J 25 -13.21 -26.27 -64.37
CA GLN J 25 -13.54 -24.87 -64.20
C GLN J 25 -14.53 -24.39 -65.26
N ASN J 26 -14.46 -24.94 -66.47
CA ASN J 26 -15.40 -24.57 -67.51
C ASN J 26 -16.76 -25.23 -67.35
N THR J 27 -16.87 -26.26 -66.51
CA THR J 27 -18.15 -26.89 -66.23
C THR J 27 -18.78 -26.40 -64.93
N CYS J 28 -18.06 -26.50 -63.82
CA CYS J 28 -18.56 -26.03 -62.54
C CYS J 28 -18.41 -24.52 -62.43
N ALA J 29 -19.14 -23.93 -61.49
CA ALA J 29 -19.06 -22.51 -61.21
C ALA J 29 -18.18 -22.28 -59.99
N MET J 30 -17.14 -21.46 -60.14
CA MET J 30 -16.21 -21.21 -59.05
C MET J 30 -16.82 -20.20 -58.08
N LEU J 31 -16.93 -20.58 -56.82
CA LEU J 31 -17.65 -19.80 -55.82
C LEU J 31 -17.24 -20.26 -54.44
N THR J 32 -16.71 -19.36 -53.63
CA THR J 32 -16.15 -19.75 -52.34
C THR J 32 -16.75 -18.97 -51.18
N THR J 33 -16.54 -19.51 -49.99
CA THR J 33 -16.81 -18.83 -48.73
C THR J 33 -15.87 -19.38 -47.68
N PHE J 34 -15.60 -18.58 -46.66
CA PHE J 34 -14.64 -18.95 -45.62
C PHE J 34 -15.27 -18.78 -44.25
N ASN J 35 -14.59 -19.36 -43.26
CA ASN J 35 -14.96 -19.26 -41.86
C ASN J 35 -13.74 -19.57 -41.02
N GLU J 36 -13.87 -19.34 -39.72
CA GLU J 36 -12.80 -19.61 -38.77
C GLU J 36 -13.29 -20.58 -37.69
N VAL J 37 -12.44 -21.56 -37.35
CA VAL J 37 -12.80 -22.64 -36.44
C VAL J 37 -11.82 -22.67 -35.28
N ASP J 38 -12.34 -22.63 -34.06
CA ASP J 38 -11.49 -22.79 -32.89
C ASP J 38 -10.99 -24.23 -32.80
N MET J 39 -9.73 -24.39 -32.43
CA MET J 39 -9.10 -25.69 -32.38
C MET J 39 -8.53 -26.02 -31.01
N SER J 40 -8.78 -25.17 -30.00
CA SER J 40 -8.21 -25.37 -28.68
C SER J 40 -8.78 -26.61 -27.99
N TYR J 41 -10.07 -26.88 -28.20
CA TYR J 41 -10.64 -28.12 -27.68
C TYR J 41 -10.07 -29.33 -28.40
N ALA J 42 -9.77 -29.19 -29.70
CA ALA J 42 -9.10 -30.26 -30.43
C ALA J 42 -7.68 -30.46 -29.93
N MET J 43 -6.98 -29.35 -29.58
CA MET J 43 -5.65 -29.45 -28.97
C MET J 43 -5.69 -30.21 -27.65
N ASP J 44 -6.64 -29.87 -26.78
CA ASP J 44 -6.77 -30.53 -25.49
C ASP J 44 -7.15 -32.00 -25.66
N PHE J 45 -8.06 -32.29 -26.59
CA PHE J 45 -8.53 -33.66 -26.79
C PHE J 45 -7.43 -34.55 -27.35
N ARG J 46 -6.66 -34.05 -28.32
CA ARG J 46 -5.53 -34.81 -28.84
C ARG J 46 -4.44 -34.98 -27.79
N LYS J 47 -4.18 -33.93 -26.99
CA LYS J 47 -3.14 -34.00 -25.97
C LYS J 47 -3.53 -34.95 -24.83
N GLN J 48 -4.83 -35.15 -24.60
CA GLN J 48 -5.26 -36.08 -23.57
C GLN J 48 -5.49 -37.50 -24.10
N ASN J 49 -5.69 -37.69 -25.40
CA ASN J 49 -5.97 -39.02 -25.93
C ASN J 49 -4.89 -39.55 -26.85
N LEU J 50 -3.73 -38.89 -26.93
CA LEU J 50 -2.60 -39.39 -27.71
C LEU J 50 -2.16 -40.78 -27.28
N ASP J 51 -1.84 -40.94 -25.98
CA ASP J 51 -1.40 -42.23 -25.48
C ASP J 51 -2.55 -43.25 -25.44
N ALA J 52 -3.79 -42.78 -25.30
CA ALA J 52 -4.94 -43.67 -25.30
C ALA J 52 -5.14 -44.32 -26.67
N PHE J 53 -5.14 -43.51 -27.74
CA PHE J 53 -5.26 -44.08 -29.09
C PHE J 53 -4.02 -44.87 -29.47
N THR J 54 -2.83 -44.46 -29.00
CA THR J 54 -1.62 -45.20 -29.31
C THR J 54 -1.63 -46.58 -28.66
N LYS J 55 -2.08 -46.68 -27.40
CA LYS J 55 -2.10 -47.96 -26.73
C LYS J 55 -3.31 -48.81 -27.12
N LYS J 56 -4.37 -48.20 -27.67
CA LYS J 56 -5.54 -49.01 -28.02
C LYS J 56 -5.48 -49.50 -29.46
N TYR J 57 -5.15 -48.62 -30.41
CA TYR J 57 -5.22 -48.99 -31.81
C TYR J 57 -3.86 -49.15 -32.48
N GLY J 58 -2.79 -48.60 -31.89
CA GLY J 58 -1.44 -48.87 -32.32
C GLY J 58 -0.88 -47.89 -33.34
N ILE J 59 -1.71 -47.02 -33.90
CA ILE J 59 -1.28 -46.10 -34.93
C ILE J 59 -1.36 -44.68 -34.40
N LYS J 60 -0.71 -43.76 -35.11
CA LYS J 60 -0.66 -42.36 -34.73
C LYS J 60 -1.71 -41.57 -35.50
N PHE J 61 -2.34 -40.63 -34.82
CA PHE J 61 -3.47 -39.88 -35.36
C PHE J 61 -3.16 -38.39 -35.28
N GLY J 62 -3.65 -37.62 -36.25
CA GLY J 62 -3.57 -36.19 -36.13
C GLY J 62 -4.38 -35.36 -37.10
N PHE J 63 -5.18 -34.44 -36.56
CA PHE J 63 -5.64 -33.22 -37.22
C PHE J 63 -6.54 -33.40 -38.45
N MET J 64 -6.87 -34.64 -38.81
CA MET J 64 -7.58 -34.85 -40.07
C MET J 64 -8.89 -35.57 -39.87
N SER J 65 -8.94 -36.53 -38.94
CA SER J 65 -10.14 -37.33 -38.74
C SER J 65 -11.26 -36.51 -38.11
N ILE J 66 -10.90 -35.49 -37.32
CA ILE J 66 -11.89 -34.59 -36.74
C ILE J 66 -12.63 -33.85 -37.84
N PHE J 67 -11.88 -33.34 -38.82
CA PHE J 67 -12.48 -32.66 -39.96
C PHE J 67 -13.21 -33.62 -40.88
N ALA J 68 -12.72 -34.85 -41.00
CA ALA J 68 -13.31 -35.84 -41.90
C ALA J 68 -14.67 -36.32 -41.39
N LYS J 69 -14.75 -36.68 -40.10
CA LYS J 69 -15.98 -37.18 -39.53
C LYS J 69 -17.03 -36.09 -39.43
N ALA J 70 -16.61 -34.85 -39.14
CA ALA J 70 -17.54 -33.72 -39.15
C ALA J 70 -18.10 -33.46 -40.54
N SER J 71 -17.25 -33.57 -41.57
CA SER J 71 -17.71 -33.41 -42.94
C SER J 71 -18.64 -34.54 -43.35
N ALA J 72 -18.38 -35.76 -42.88
CA ALA J 72 -19.26 -36.89 -43.16
C ALA J 72 -20.63 -36.68 -42.51
N TYR J 73 -20.66 -36.15 -41.29
CA TYR J 73 -21.92 -35.83 -40.63
C TYR J 73 -22.68 -34.74 -41.38
N ALA J 74 -21.98 -33.68 -41.79
CA ALA J 74 -22.64 -32.58 -42.49
C ALA J 74 -23.12 -32.97 -43.88
N LEU J 75 -22.48 -33.95 -44.51
CA LEU J 75 -23.02 -34.50 -45.76
C LEU J 75 -24.20 -35.45 -45.52
N GLN J 76 -24.22 -36.16 -44.38
CA GLN J 76 -25.39 -37.00 -44.10
C GLN J 76 -26.62 -36.18 -43.73
N ASP J 77 -26.46 -35.05 -43.05
CA ASP J 77 -27.64 -34.27 -42.69
C ASP J 77 -27.93 -33.10 -43.65
N GLN J 78 -27.21 -33.03 -44.78
CA GLN J 78 -27.48 -32.04 -45.82
C GLN J 78 -27.10 -32.68 -47.15
N PRO J 79 -27.98 -33.50 -47.73
CA PRO J 79 -27.56 -34.40 -48.81
C PRO J 79 -27.51 -33.78 -50.20
N VAL J 80 -27.65 -32.46 -50.34
CA VAL J 80 -27.52 -31.83 -51.64
C VAL J 80 -26.09 -31.35 -51.89
N VAL J 81 -25.26 -31.29 -50.83
CA VAL J 81 -23.86 -30.89 -50.98
C VAL J 81 -23.07 -31.96 -51.74
N ASN J 82 -23.39 -33.23 -51.50
CA ASN J 82 -22.71 -34.32 -52.20
C ASN J 82 -23.22 -34.56 -53.62
N ALA J 83 -24.39 -34.02 -53.96
CA ALA J 83 -25.00 -34.32 -55.25
C ALA J 83 -24.37 -33.49 -56.37
N VAL J 84 -24.28 -34.10 -57.56
CA VAL J 84 -23.65 -33.46 -58.71
C VAL J 84 -24.61 -33.44 -59.88
N ILE J 85 -24.15 -32.93 -61.02
CA ILE J 85 -24.92 -32.88 -62.25
C ILE J 85 -24.17 -33.68 -63.31
N ASP J 86 -24.83 -34.69 -63.87
CA ASP J 86 -24.31 -35.44 -65.01
C ASP J 86 -25.27 -35.22 -66.17
N GLY J 87 -25.07 -34.13 -66.90
CA GLY J 87 -25.95 -33.78 -68.00
C GLY J 87 -27.17 -33.02 -67.54
N THR J 88 -28.32 -33.69 -67.48
CA THR J 88 -29.57 -33.10 -67.02
C THR J 88 -30.15 -33.91 -65.87
N ASP J 89 -29.29 -34.40 -64.98
CA ASP J 89 -29.71 -35.24 -63.86
C ASP J 89 -28.96 -34.83 -62.61
N ILE J 90 -29.63 -34.87 -61.48
CA ILE J 90 -29.03 -34.61 -60.18
C ILE J 90 -29.03 -35.92 -59.41
N VAL J 91 -27.84 -36.34 -58.94
CA VAL J 91 -27.66 -37.65 -58.31
C VAL J 91 -27.49 -37.41 -56.82
N TYR J 92 -28.60 -37.46 -56.09
CA TYR J 92 -28.52 -37.53 -54.63
C TYR J 92 -27.94 -38.87 -54.21
N ARG J 93 -26.99 -38.85 -53.29
CA ARG J 93 -26.34 -40.06 -52.81
C ARG J 93 -26.40 -40.10 -51.29
N ASP J 94 -26.69 -41.29 -50.76
CA ASP J 94 -26.66 -41.51 -49.31
C ASP J 94 -25.27 -41.87 -48.82
N TYR J 95 -24.54 -42.66 -49.60
CA TYR J 95 -23.16 -42.97 -49.27
C TYR J 95 -22.27 -41.76 -49.49
N VAL J 96 -21.25 -41.61 -48.64
CA VAL J 96 -20.29 -40.52 -48.78
C VAL J 96 -18.88 -41.10 -48.74
N ASP J 97 -18.05 -40.67 -49.67
CA ASP J 97 -16.66 -41.13 -49.78
C ASP J 97 -15.77 -39.89 -49.86
N ILE J 98 -14.98 -39.66 -48.82
CA ILE J 98 -14.13 -38.49 -48.78
C ILE J 98 -12.88 -38.75 -49.62
N SER J 99 -12.61 -37.85 -50.56
CA SER J 99 -11.49 -37.97 -51.49
C SER J 99 -10.32 -37.18 -50.92
N VAL J 100 -9.29 -37.88 -50.47
CA VAL J 100 -8.22 -37.30 -49.67
C VAL J 100 -6.95 -37.20 -50.51
N ALA J 101 -6.33 -36.02 -50.50
CA ALA J 101 -5.06 -35.83 -51.18
C ALA J 101 -3.89 -36.20 -50.26
N VAL J 102 -2.88 -36.85 -50.84
CA VAL J 102 -1.66 -37.20 -50.11
C VAL J 102 -0.52 -37.23 -51.11
N ALA J 103 0.70 -37.01 -50.62
CA ALA J 103 1.87 -36.95 -51.50
C ALA J 103 2.34 -38.34 -51.90
N THR J 104 2.85 -38.44 -53.11
CA THR J 104 3.45 -39.64 -53.67
C THR J 104 4.71 -39.20 -54.39
N PRO J 105 5.68 -40.11 -54.60
CA PRO J 105 6.90 -39.72 -55.33
C PRO J 105 6.69 -39.22 -56.75
N ARG J 106 5.66 -39.67 -57.46
CA ARG J 106 5.44 -39.18 -58.81
C ARG J 106 4.82 -37.79 -58.84
N GLY J 107 4.09 -37.42 -57.78
CA GLY J 107 3.28 -36.22 -57.79
C GLY J 107 2.35 -36.13 -56.60
N LEU J 108 1.05 -35.98 -56.86
CA LEU J 108 0.04 -35.96 -55.81
C LEU J 108 -1.08 -36.92 -56.21
N VAL J 109 -1.06 -38.12 -55.65
CA VAL J 109 -2.12 -39.11 -55.90
C VAL J 109 -3.23 -38.89 -54.88
N VAL J 110 -4.45 -39.24 -55.25
CA VAL J 110 -5.63 -38.93 -54.46
C VAL J 110 -6.36 -40.24 -54.14
N PRO J 111 -6.05 -40.86 -53.00
CA PRO J 111 -6.85 -42.01 -52.55
C PRO J 111 -8.15 -41.58 -51.90
N VAL J 112 -9.12 -42.49 -51.93
CA VAL J 112 -10.47 -42.21 -51.46
C VAL J 112 -10.79 -43.15 -50.30
N ILE J 113 -11.30 -42.58 -49.20
CA ILE J 113 -11.79 -43.36 -48.07
C ILE J 113 -13.23 -43.79 -48.36
N ARG J 114 -13.51 -45.08 -48.23
CA ARG J 114 -14.80 -45.64 -48.60
C ARG J 114 -15.67 -45.83 -47.36
N ASN J 115 -16.94 -45.43 -47.46
CA ASN J 115 -18.00 -45.63 -46.47
C ASN J 115 -17.62 -45.00 -45.12
N VAL J 116 -17.53 -43.67 -45.15
CA VAL J 116 -16.98 -42.92 -44.03
C VAL J 116 -18.04 -42.50 -43.01
N GLU J 117 -19.33 -42.65 -43.33
CA GLU J 117 -20.37 -42.10 -42.46
C GLU J 117 -20.58 -42.96 -41.21
N GLY J 118 -20.51 -44.28 -41.34
CA GLY J 118 -20.64 -45.17 -40.20
C GLY J 118 -19.28 -45.62 -39.70
N MET J 119 -18.39 -44.69 -39.41
CA MET J 119 -16.99 -45.03 -39.25
C MET J 119 -16.35 -44.06 -38.27
N ASN J 120 -15.74 -44.60 -37.22
CA ASN J 120 -15.25 -43.81 -36.09
C ASN J 120 -13.95 -43.07 -36.47
N TYR J 121 -13.39 -42.36 -35.49
CA TYR J 121 -12.10 -41.70 -35.68
C TYR J 121 -10.99 -42.70 -35.96
N ALA J 122 -10.86 -43.73 -35.11
CA ALA J 122 -9.74 -44.66 -35.23
C ALA J 122 -9.86 -45.52 -36.48
N ASP J 123 -11.08 -45.86 -36.89
CA ASP J 123 -11.26 -46.60 -38.14
C ASP J 123 -10.90 -45.75 -39.36
N ILE J 124 -11.24 -44.46 -39.34
CA ILE J 124 -10.84 -43.55 -40.41
C ILE J 124 -9.32 -43.41 -40.46
N GLU J 125 -8.67 -43.36 -39.29
CA GLU J 125 -7.21 -43.31 -39.28
C GLU J 125 -6.59 -44.62 -39.75
N ILE J 126 -7.24 -45.75 -39.46
CA ILE J 126 -6.78 -47.04 -39.98
C ILE J 126 -6.85 -47.08 -41.50
N ALA J 127 -7.97 -46.62 -42.07
CA ALA J 127 -8.12 -46.59 -43.53
C ALA J 127 -7.13 -45.61 -44.17
N LEU J 128 -6.94 -44.44 -43.56
CA LEU J 128 -6.06 -43.44 -44.13
C LEU J 128 -4.59 -43.86 -44.02
N ALA J 129 -4.22 -44.48 -42.90
CA ALA J 129 -2.86 -45.01 -42.76
C ALA J 129 -2.62 -46.18 -43.69
N GLY J 130 -3.65 -47.00 -43.95
CA GLY J 130 -3.50 -48.07 -44.93
C GLY J 130 -3.32 -47.54 -46.34
N LEU J 131 -4.06 -46.48 -46.70
CA LEU J 131 -3.89 -45.87 -48.02
C LEU J 131 -2.54 -45.18 -48.15
N ALA J 132 -2.07 -44.53 -47.08
CA ALA J 132 -0.74 -43.92 -47.11
C ALA J 132 0.37 -44.97 -47.16
N ASP J 133 0.17 -46.11 -46.49
CA ASP J 133 1.15 -47.18 -46.57
C ASP J 133 1.15 -47.83 -47.96
N LYS J 134 -0.02 -47.92 -48.59
CA LYS J 134 -0.08 -48.37 -49.99
C LYS J 134 0.61 -47.38 -50.92
N ALA J 135 0.51 -46.09 -50.63
CA ALA J 135 1.26 -45.09 -51.39
C ALA J 135 2.74 -45.08 -51.05
N ARG J 136 3.14 -45.68 -49.93
CA ARG J 136 4.55 -45.68 -49.55
C ARG J 136 5.38 -46.57 -50.47
N ARG J 137 4.94 -47.80 -50.72
CA ARG J 137 5.63 -48.67 -51.65
C ARG J 137 5.03 -48.65 -53.05
N ASP J 138 4.20 -47.62 -53.34
CA ASP J 138 3.59 -47.36 -54.66
C ASP J 138 2.70 -48.52 -55.10
N ALA J 139 1.66 -48.76 -54.30
CA ALA J 139 0.67 -49.79 -54.60
C ALA J 139 -0.73 -49.21 -54.80
N ILE J 140 -0.82 -47.93 -55.19
CA ILE J 140 -2.12 -47.29 -55.41
C ILE J 140 -2.69 -47.79 -56.73
N THR J 141 -3.92 -48.30 -56.68
CA THR J 141 -4.56 -48.89 -57.83
C THR J 141 -5.41 -47.85 -58.56
N VAL J 142 -6.22 -48.32 -59.52
CA VAL J 142 -7.07 -47.43 -60.30
C VAL J 142 -8.49 -47.36 -59.73
N GLU J 143 -8.95 -48.44 -59.08
CA GLU J 143 -10.31 -48.51 -58.56
C GLU J 143 -10.57 -47.54 -57.42
N ASP J 144 -9.54 -47.06 -56.73
CA ASP J 144 -9.67 -46.07 -55.67
C ASP J 144 -9.26 -44.67 -56.14
N MET J 145 -9.57 -44.33 -57.38
CA MET J 145 -9.25 -43.01 -57.93
C MET J 145 -10.48 -42.20 -58.30
N ASP J 146 -11.68 -42.74 -58.10
CA ASP J 146 -12.90 -42.04 -58.48
C ASP J 146 -13.96 -42.28 -57.41
N GLY J 147 -15.14 -41.72 -57.64
CA GLY J 147 -16.27 -41.92 -56.75
C GLY J 147 -16.30 -41.03 -55.53
N GLY J 148 -15.34 -40.12 -55.38
CA GLY J 148 -15.33 -39.27 -54.21
C GLY J 148 -16.42 -38.22 -54.26
N THR J 149 -17.02 -37.95 -53.09
CA THR J 149 -18.08 -36.96 -52.97
C THR J 149 -17.65 -35.70 -52.24
N PHE J 150 -16.50 -35.72 -51.55
CA PHE J 150 -16.04 -34.58 -50.79
C PHE J 150 -14.53 -34.67 -50.66
N THR J 151 -13.91 -33.54 -50.28
CA THR J 151 -12.46 -33.46 -50.25
C THR J 151 -12.00 -32.56 -49.11
N ILE J 152 -11.06 -33.07 -48.32
CA ILE J 152 -10.50 -32.38 -47.16
C ILE J 152 -9.02 -32.15 -47.48
N SER J 153 -8.75 -31.69 -48.70
CA SER J 153 -7.42 -31.42 -49.25
C SER J 153 -6.52 -30.66 -48.28
N ASN J 154 -5.43 -31.30 -47.89
CA ASN J 154 -4.57 -30.82 -46.81
C ASN J 154 -3.70 -29.68 -47.31
N GLY J 155 -3.91 -28.49 -46.75
CA GLY J 155 -3.04 -27.37 -46.98
C GLY J 155 -2.53 -26.83 -45.66
N GLY J 156 -2.75 -27.61 -44.60
CA GLY J 156 -2.42 -27.17 -43.26
C GLY J 156 -1.02 -27.51 -42.81
N VAL J 157 -0.50 -28.65 -43.27
CA VAL J 157 0.85 -29.06 -42.92
C VAL J 157 1.88 -28.19 -43.65
N PHE J 158 1.48 -27.55 -44.75
CA PHE J 158 2.41 -26.81 -45.59
C PHE J 158 2.46 -25.32 -45.27
N GLY J 159 1.45 -24.80 -44.57
CA GLY J 159 1.54 -23.45 -44.03
C GLY J 159 0.79 -22.38 -44.77
N SER J 160 -0.43 -22.66 -45.21
CA SER J 160 -1.27 -21.65 -45.83
C SER J 160 -2.17 -20.99 -44.79
N LEU J 161 -2.78 -19.87 -45.17
CA LEU J 161 -3.72 -19.19 -44.29
C LEU J 161 -5.10 -19.09 -44.92
N MET J 162 -5.19 -18.70 -46.19
CA MET J 162 -6.42 -18.80 -46.96
C MET J 162 -6.12 -19.45 -48.30
N GLY J 163 -7.17 -19.98 -48.93
CA GLY J 163 -7.05 -20.62 -50.22
C GLY J 163 -8.41 -20.85 -50.82
N THR J 164 -8.43 -21.05 -52.13
CA THR J 164 -9.68 -21.22 -52.89
C THR J 164 -9.55 -22.42 -53.81
N PRO J 165 -9.58 -23.65 -53.28
CA PRO J 165 -9.22 -24.82 -54.08
C PRO J 165 -10.22 -25.14 -55.19
N ILE J 166 -9.68 -25.49 -56.36
CA ILE J 166 -10.50 -25.68 -57.56
C ILE J 166 -11.33 -26.94 -57.41
N ILE J 167 -12.60 -26.85 -57.79
CA ILE J 167 -13.51 -27.99 -57.74
C ILE J 167 -13.08 -29.02 -58.77
N ASN J 168 -12.84 -30.26 -58.31
CA ASN J 168 -12.42 -31.35 -59.17
C ASN J 168 -13.55 -32.34 -59.38
N PRO J 169 -13.65 -32.95 -60.56
CA PRO J 169 -14.71 -33.95 -60.79
C PRO J 169 -14.38 -35.26 -60.10
N PRO J 170 -15.39 -36.10 -59.81
CA PRO J 170 -16.84 -35.91 -59.99
C PRO J 170 -17.59 -35.46 -58.73
N GLN J 171 -17.07 -34.53 -57.93
CA GLN J 171 -17.78 -34.05 -56.76
C GLN J 171 -18.18 -32.59 -56.97
N SER J 172 -18.76 -32.00 -55.92
CA SER J 172 -19.34 -30.67 -56.06
C SER J 172 -19.01 -29.70 -54.93
N ALA J 173 -18.24 -30.10 -53.92
CA ALA J 173 -17.84 -29.20 -52.85
C ALA J 173 -16.55 -29.72 -52.23
N ILE J 174 -15.58 -28.82 -52.04
CA ILE J 174 -14.25 -29.17 -51.55
C ILE J 174 -13.88 -28.21 -50.43
N LEU J 175 -13.61 -28.75 -49.25
CA LEU J 175 -13.20 -27.97 -48.09
C LEU J 175 -11.69 -28.08 -47.94
N GLY J 176 -10.99 -26.99 -48.17
CA GLY J 176 -9.55 -27.00 -47.97
C GLY J 176 -9.16 -26.45 -46.61
N MET J 177 -8.85 -27.33 -45.67
CA MET J 177 -8.41 -26.89 -44.35
C MET J 177 -7.02 -26.30 -44.43
N HIS J 178 -6.71 -25.41 -43.49
CA HIS J 178 -5.48 -24.61 -43.54
C HIS J 178 -4.71 -24.74 -42.23
N GLY J 179 -3.56 -24.09 -42.18
CA GLY J 179 -2.67 -24.23 -41.04
C GLY J 179 -3.16 -23.48 -39.81
N ILE J 180 -2.82 -24.03 -38.65
CA ILE J 180 -3.23 -23.44 -37.39
C ILE J 180 -2.22 -22.36 -36.97
N PHE J 181 -2.71 -21.15 -36.77
CA PHE J 181 -1.90 -20.00 -36.40
C PHE J 181 -2.37 -19.48 -35.04
N GLU J 182 -1.81 -18.35 -34.61
CA GLU J 182 -2.13 -17.76 -33.32
C GLU J 182 -2.79 -16.40 -33.53
N ARG J 183 -4.02 -16.25 -33.02
CA ARG J 183 -4.76 -15.00 -33.12
C ARG J 183 -5.48 -14.74 -31.80
N PRO J 184 -5.32 -13.55 -31.22
CA PRO J 184 -5.88 -13.28 -29.89
C PRO J 184 -7.35 -12.86 -29.92
N ILE J 185 -8.25 -13.84 -29.91
CA ILE J 185 -9.64 -13.58 -30.24
C ILE J 185 -10.43 -13.16 -29.00
N ALA J 186 -11.32 -12.19 -29.20
CA ALA J 186 -12.22 -11.75 -28.15
C ALA J 186 -13.31 -12.80 -27.96
N VAL J 187 -13.27 -13.49 -26.82
CA VAL J 187 -14.29 -14.46 -26.44
C VAL J 187 -14.79 -14.10 -25.04
N LYS J 188 -16.12 -14.14 -24.86
CA LYS J 188 -16.81 -13.88 -23.59
C LYS J 188 -16.53 -12.47 -23.05
N GLY J 189 -16.26 -11.51 -23.93
CA GLY J 189 -16.07 -10.13 -23.53
C GLY J 189 -14.65 -9.73 -23.16
N GLU J 190 -13.69 -10.64 -23.24
CA GLU J 190 -12.29 -10.30 -22.98
C GLU J 190 -11.40 -10.93 -24.04
N VAL J 191 -10.19 -10.39 -24.15
CA VAL J 191 -9.23 -10.81 -25.17
C VAL J 191 -8.50 -12.05 -24.69
N LYS J 192 -8.53 -13.11 -25.49
CA LYS J 192 -7.83 -14.34 -25.16
C LYS J 192 -7.14 -14.88 -26.41
N ILE J 193 -5.92 -15.39 -26.23
CA ILE J 193 -5.13 -15.93 -27.32
C ILE J 193 -5.57 -17.37 -27.53
N ARG J 194 -6.35 -17.61 -28.58
CA ARG J 194 -6.81 -18.94 -28.93
C ARG J 194 -6.34 -19.30 -30.32
N PRO J 195 -5.65 -20.42 -30.50
CA PRO J 195 -5.17 -20.78 -31.84
C PRO J 195 -6.27 -21.27 -32.77
N MET J 196 -6.59 -20.50 -33.81
CA MET J 196 -7.54 -20.95 -34.81
C MET J 196 -6.84 -21.29 -36.13
N MET J 197 -7.67 -21.65 -37.09
CA MET J 197 -7.27 -21.96 -38.44
C MET J 197 -8.45 -21.71 -39.37
N TYR J 198 -8.18 -21.09 -40.51
CA TYR J 198 -9.25 -20.74 -41.44
C TYR J 198 -9.63 -21.95 -42.28
N ILE J 199 -10.88 -21.96 -42.74
CA ILE J 199 -11.36 -23.01 -43.61
C ILE J 199 -11.89 -22.38 -44.90
N ALA J 200 -12.00 -23.21 -45.93
CA ALA J 200 -12.51 -22.78 -47.22
C ALA J 200 -13.62 -23.73 -47.65
N LEU J 201 -14.45 -23.25 -48.57
CA LEU J 201 -15.53 -24.07 -49.12
C LEU J 201 -15.85 -23.55 -50.51
N THR J 202 -15.32 -24.19 -51.53
CA THR J 202 -15.57 -23.81 -52.92
C THR J 202 -16.65 -24.70 -53.48
N TYR J 203 -17.83 -24.12 -53.69
CA TYR J 203 -19.06 -24.86 -53.96
C TYR J 203 -19.70 -24.36 -55.23
N ASP J 204 -20.26 -25.27 -56.02
CA ASP J 204 -20.98 -24.90 -57.23
C ASP J 204 -22.28 -24.20 -56.89
N HIS J 205 -22.57 -23.09 -57.57
CA HIS J 205 -23.85 -22.42 -57.43
C HIS J 205 -24.95 -23.06 -58.24
N ARG J 206 -24.62 -23.98 -59.15
CA ARG J 206 -25.66 -24.64 -59.92
C ARG J 206 -26.49 -25.59 -59.07
N ILE J 207 -25.93 -26.14 -58.00
CA ILE J 207 -26.69 -27.04 -57.14
C ILE J 207 -26.66 -26.62 -55.66
N ILE J 208 -25.51 -26.23 -55.11
CA ILE J 208 -25.47 -25.76 -53.74
C ILE J 208 -25.76 -24.26 -53.72
N ASP J 209 -26.83 -23.88 -53.01
CA ASP J 209 -27.13 -22.47 -52.83
C ASP J 209 -26.20 -21.86 -51.78
N GLY J 210 -26.14 -20.53 -51.76
CA GLY J 210 -25.30 -19.82 -50.81
C GLY J 210 -25.74 -20.02 -49.37
N ARG J 211 -27.05 -20.07 -49.13
CA ARG J 211 -27.59 -20.40 -47.82
C ARG J 211 -27.17 -21.80 -47.38
N GLU J 212 -27.21 -22.75 -48.32
CA GLU J 212 -26.85 -24.13 -48.05
C GLU J 212 -25.39 -24.25 -47.65
N ALA J 213 -24.50 -23.56 -48.38
CA ALA J 213 -23.08 -23.64 -48.08
C ALA J 213 -22.73 -22.89 -46.81
N VAL J 214 -23.43 -21.79 -46.52
CA VAL J 214 -23.15 -21.04 -45.29
C VAL J 214 -23.58 -21.83 -44.06
N LEU J 215 -24.77 -22.44 -44.10
CA LEU J 215 -25.21 -23.30 -42.99
C LEU J 215 -24.34 -24.55 -42.88
N PHE J 216 -23.88 -25.07 -44.02
CA PHE J 216 -22.99 -26.21 -44.05
C PHE J 216 -21.66 -25.91 -43.37
N LEU J 217 -21.09 -24.74 -43.68
CA LEU J 217 -19.82 -24.35 -43.09
C LEU J 217 -19.96 -24.03 -41.60
N ARG J 218 -21.09 -23.41 -41.22
CA ARG J 218 -21.35 -23.16 -39.80
C ARG J 218 -21.53 -24.46 -39.03
N LYS J 219 -22.16 -25.47 -39.66
CA LYS J 219 -22.35 -26.75 -38.99
C LYS J 219 -21.03 -27.49 -38.82
N ILE J 220 -20.15 -27.42 -39.83
CA ILE J 220 -18.83 -28.03 -39.68
C ILE J 220 -17.99 -27.29 -38.63
N LYS J 221 -18.13 -25.95 -38.57
CA LYS J 221 -17.43 -25.17 -37.55
C LYS J 221 -17.89 -25.55 -36.14
N ALA J 222 -19.21 -25.72 -35.96
CA ALA J 222 -19.72 -26.17 -34.67
C ALA J 222 -19.34 -27.61 -34.36
N ALA J 223 -19.22 -28.46 -35.38
CA ALA J 223 -18.86 -29.85 -35.14
C ALA J 223 -17.38 -30.02 -34.81
N VAL J 224 -16.52 -29.16 -35.33
CA VAL J 224 -15.09 -29.27 -35.03
C VAL J 224 -14.74 -28.53 -33.74
N GLU J 225 -15.37 -27.39 -33.47
CA GLU J 225 -15.19 -26.71 -32.19
C GLU J 225 -15.73 -27.54 -31.04
N ASN J 226 -16.85 -28.23 -31.24
CA ASN J 226 -17.44 -29.09 -30.22
C ASN J 226 -17.82 -30.42 -30.87
N PRO J 227 -17.07 -31.50 -30.63
CA PRO J 227 -17.41 -32.79 -31.22
C PRO J 227 -18.48 -33.59 -30.48
N ALA J 228 -19.24 -32.97 -29.58
CA ALA J 228 -20.42 -33.59 -29.02
C ALA J 228 -21.67 -33.36 -29.87
N ILE J 229 -21.59 -32.43 -30.83
CA ILE J 229 -22.71 -32.14 -31.71
C ILE J 229 -22.97 -33.32 -32.65
N ILE J 230 -21.93 -34.07 -33.01
CA ILE J 230 -22.05 -35.13 -33.99
C ILE J 230 -22.80 -36.33 -33.42
N VAL J 231 -22.76 -36.53 -32.10
CA VAL J 231 -23.61 -37.52 -31.46
C VAL J 231 -24.90 -36.88 -30.95
N ALA J 232 -24.91 -35.55 -30.80
CA ALA J 232 -26.12 -34.85 -30.37
C ALA J 232 -27.19 -34.82 -31.46
N GLY J 233 -26.80 -34.77 -32.73
CA GLY J 233 -27.77 -34.71 -33.80
C GLY J 233 -28.32 -33.33 -34.08
N LEU J 234 -27.46 -32.41 -34.51
CA LEU J 234 -27.91 -31.08 -34.92
C LEU J 234 -27.62 -30.81 -36.39
N GLY K 1 -23.59 -47.13 -45.80
CA GLY K 1 -22.76 -48.00 -46.58
C GLY K 1 -23.52 -48.76 -47.66
N THR K 2 -24.44 -48.07 -48.31
CA THR K 2 -25.26 -48.67 -49.35
C THR K 2 -24.96 -48.02 -50.69
N ARG K 3 -24.95 -48.85 -51.75
CA ARG K 3 -24.72 -48.38 -53.11
C ARG K 3 -26.02 -48.01 -53.80
N SER K 4 -26.83 -47.17 -53.16
CA SER K 4 -28.15 -46.83 -53.66
C SER K 4 -28.16 -45.41 -54.21
N GLU K 5 -28.62 -45.26 -55.45
CA GLU K 5 -28.76 -43.96 -56.10
C GLU K 5 -30.12 -43.89 -56.77
N GLN K 6 -30.59 -42.67 -56.99
CA GLN K 6 -31.87 -42.45 -57.65
C GLN K 6 -31.72 -41.43 -58.78
N ARG K 7 -32.81 -41.27 -59.52
CA ARG K 7 -32.80 -40.55 -60.79
C ARG K 7 -33.73 -39.33 -60.75
N VAL K 8 -33.60 -38.52 -59.70
CA VAL K 8 -34.52 -37.39 -59.51
C VAL K 8 -34.28 -36.32 -60.56
N LYS K 9 -35.37 -35.85 -61.16
CA LYS K 9 -35.34 -34.85 -62.22
C LYS K 9 -35.75 -33.50 -61.66
N MET K 10 -34.98 -32.47 -61.98
CA MET K 10 -35.25 -31.13 -61.48
C MET K 10 -36.21 -30.40 -62.42
N ASN K 11 -36.53 -29.15 -62.08
CA ASN K 11 -37.44 -28.34 -62.85
C ASN K 11 -36.69 -27.51 -63.88
N ARG K 12 -37.45 -26.78 -64.70
CA ARG K 12 -36.87 -25.96 -65.76
C ARG K 12 -36.14 -24.75 -65.19
N MET K 13 -36.65 -24.20 -64.09
CA MET K 13 -36.10 -22.97 -63.53
C MET K 13 -34.70 -23.17 -62.94
N ARG K 14 -34.41 -24.38 -62.44
CA ARG K 14 -33.06 -24.64 -61.94
C ARG K 14 -32.03 -24.59 -63.07
N LEU K 15 -32.37 -25.17 -64.23
CA LEU K 15 -31.54 -24.99 -65.42
C LEU K 15 -31.52 -23.54 -65.89
N LYS K 16 -32.60 -22.78 -65.67
CA LYS K 16 -32.64 -21.38 -66.09
C LYS K 16 -31.63 -20.54 -65.31
N ILE K 17 -31.68 -20.60 -63.98
CA ILE K 17 -30.67 -19.90 -63.15
C ILE K 17 -29.26 -20.48 -63.35
N ALA K 18 -29.14 -21.80 -63.58
CA ALA K 18 -27.82 -22.39 -63.81
C ALA K 18 -27.18 -21.88 -65.10
N ALA K 19 -27.93 -21.88 -66.21
CA ALA K 19 -27.41 -21.35 -67.47
C ALA K 19 -27.22 -19.85 -67.41
N ARG K 20 -28.06 -19.14 -66.63
CA ARG K 20 -27.91 -17.70 -66.46
C ARG K 20 -26.61 -17.35 -65.75
N LEU K 21 -26.28 -18.06 -64.67
CA LEU K 21 -25.03 -17.78 -63.97
C LEU K 21 -23.83 -18.29 -64.77
N LYS K 22 -24.01 -19.34 -65.57
CA LYS K 22 -22.93 -19.80 -66.43
C LYS K 22 -22.60 -18.77 -67.52
N ASP K 23 -23.63 -18.20 -68.17
CA ASP K 23 -23.39 -17.15 -69.14
C ASP K 23 -22.89 -15.88 -68.48
N ALA K 24 -23.29 -15.61 -67.23
CA ALA K 24 -22.80 -14.45 -66.50
C ALA K 24 -21.31 -14.59 -66.17
N GLN K 25 -20.88 -15.79 -65.77
CA GLN K 25 -19.47 -16.01 -65.51
C GLN K 25 -18.66 -16.04 -66.80
N ASN K 26 -19.25 -16.55 -67.89
CA ASN K 26 -18.54 -16.58 -69.16
C ASN K 26 -18.53 -15.24 -69.87
N THR K 27 -19.36 -14.29 -69.44
CA THR K 27 -19.36 -12.94 -69.99
C THR K 27 -18.58 -11.96 -69.14
N CYS K 28 -18.93 -11.82 -67.87
CA CYS K 28 -18.23 -10.93 -66.96
C CYS K 28 -16.94 -11.57 -66.49
N ALA K 29 -16.04 -10.74 -65.95
CA ALA K 29 -14.78 -11.21 -65.39
C ALA K 29 -14.91 -11.26 -63.87
N MET K 30 -14.63 -12.42 -63.29
CA MET K 30 -14.77 -12.60 -61.85
C MET K 30 -13.55 -12.01 -61.16
N LEU K 31 -13.79 -11.08 -60.24
CA LEU K 31 -12.72 -10.30 -59.63
C LEU K 31 -13.24 -9.66 -58.35
N THR K 32 -12.62 -9.95 -57.22
CA THR K 32 -13.17 -9.51 -55.94
C THR K 32 -12.14 -8.72 -55.13
N THR K 33 -12.66 -8.00 -54.14
CA THR K 33 -11.86 -7.37 -53.10
C THR K 33 -12.73 -7.26 -51.85
N PHE K 34 -12.07 -7.21 -50.70
CA PHE K 34 -12.77 -7.20 -49.42
C PHE K 34 -12.29 -6.04 -48.56
N ASN K 35 -13.06 -5.77 -47.52
CA ASN K 35 -12.73 -4.75 -46.52
C ASN K 35 -13.50 -5.07 -45.26
N GLU K 36 -13.18 -4.34 -44.19
CA GLU K 36 -13.85 -4.49 -42.91
C GLU K 36 -14.45 -3.15 -42.48
N VAL K 37 -15.68 -3.20 -41.96
CA VAL K 37 -16.45 -2.02 -41.61
C VAL K 37 -16.84 -2.09 -40.14
N ASP K 38 -16.53 -1.05 -39.39
CA ASP K 38 -17.00 -0.95 -38.01
C ASP K 38 -18.49 -0.70 -37.97
N MET K 39 -19.18 -1.37 -37.06
CA MET K 39 -20.62 -1.30 -36.96
C MET K 39 -21.10 -0.83 -35.58
N SER K 40 -20.17 -0.41 -34.71
CA SER K 40 -20.54 -0.02 -33.35
C SER K 40 -21.36 1.26 -33.34
N TYR K 41 -21.06 2.20 -34.23
CA TYR K 41 -21.89 3.39 -34.36
C TYR K 41 -23.26 3.02 -34.91
N ALA K 42 -23.33 2.04 -35.80
CA ALA K 42 -24.62 1.55 -36.28
C ALA K 42 -25.40 0.86 -35.17
N MET K 43 -24.70 0.12 -34.29
CA MET K 43 -25.34 -0.48 -33.13
C MET K 43 -25.93 0.57 -32.21
N ASP K 44 -25.16 1.62 -31.90
CA ASP K 44 -25.65 2.69 -31.03
C ASP K 44 -26.81 3.46 -31.68
N PHE K 45 -26.71 3.72 -32.98
CA PHE K 45 -27.74 4.48 -33.68
C PHE K 45 -29.06 3.71 -33.75
N ARG K 46 -28.99 2.41 -34.06
CA ARG K 46 -30.20 1.59 -34.07
C ARG K 46 -30.77 1.44 -32.66
N LYS K 47 -29.90 1.27 -31.65
CA LYS K 47 -30.38 1.11 -30.28
C LYS K 47 -31.00 2.39 -29.73
N GLN K 48 -30.59 3.55 -30.25
CA GLN K 48 -31.21 4.81 -29.81
C GLN K 48 -32.39 5.24 -30.66
N ASN K 49 -32.54 4.73 -31.89
CA ASN K 49 -33.64 5.17 -32.74
C ASN K 49 -34.63 4.06 -33.07
N LEU K 50 -34.56 2.92 -32.38
CA LEU K 50 -35.54 1.84 -32.56
C LEU K 50 -36.95 2.30 -32.27
N ASP K 51 -37.17 2.84 -31.06
CA ASP K 51 -38.51 3.31 -30.69
C ASP K 51 -38.91 4.56 -31.46
N ALA K 52 -37.93 5.37 -31.88
CA ALA K 52 -38.23 6.56 -32.67
C ALA K 52 -38.79 6.21 -34.03
N PHE K 53 -38.12 5.30 -34.76
CA PHE K 53 -38.64 4.86 -36.05
C PHE K 53 -39.91 4.04 -35.89
N THR K 54 -40.04 3.27 -34.81
CA THR K 54 -41.26 2.49 -34.58
C THR K 54 -42.46 3.40 -34.35
N LYS K 55 -42.29 4.46 -33.55
CA LYS K 55 -43.41 5.35 -33.27
C LYS K 55 -43.64 6.36 -34.39
N LYS K 56 -42.66 6.59 -35.27
CA LYS K 56 -42.89 7.56 -36.32
C LYS K 56 -43.42 6.93 -37.59
N TYR K 57 -42.83 5.81 -38.03
CA TYR K 57 -43.20 5.22 -39.32
C TYR K 57 -43.97 3.92 -39.20
N GLY K 58 -43.92 3.25 -38.05
CA GLY K 58 -44.77 2.12 -37.76
C GLY K 58 -44.19 0.76 -38.11
N ILE K 59 -43.07 0.73 -38.83
CA ILE K 59 -42.48 -0.52 -39.27
C ILE K 59 -41.14 -0.73 -38.58
N LYS K 60 -40.65 -1.95 -38.64
CA LYS K 60 -39.39 -2.32 -38.00
C LYS K 60 -38.26 -2.29 -39.02
N PHE K 61 -37.09 -1.81 -38.58
CA PHE K 61 -35.96 -1.58 -39.47
C PHE K 61 -34.75 -2.34 -38.94
N GLY K 62 -33.90 -2.82 -39.84
CA GLY K 62 -32.63 -3.37 -39.39
C GLY K 62 -31.59 -3.63 -40.45
N PHE K 63 -30.38 -3.10 -40.21
CA PHE K 63 -29.12 -3.60 -40.76
C PHE K 63 -28.95 -3.55 -42.27
N MET K 64 -29.94 -3.03 -43.01
CA MET K 64 -29.88 -3.13 -44.45
C MET K 64 -29.93 -1.76 -45.12
N SER K 65 -30.73 -0.85 -44.57
CA SER K 65 -30.91 0.46 -45.20
C SER K 65 -29.66 1.33 -45.07
N ILE K 66 -28.86 1.10 -44.03
CA ILE K 66 -27.60 1.80 -43.86
C ILE K 66 -26.65 1.44 -45.01
N PHE K 67 -26.57 0.16 -45.33
CA PHE K 67 -25.75 -0.30 -46.44
C PHE K 67 -26.34 0.09 -47.78
N ALA K 68 -27.67 0.15 -47.89
CA ALA K 68 -28.33 0.47 -49.15
C ALA K 68 -28.15 1.94 -49.52
N LYS K 69 -28.37 2.84 -48.56
CA LYS K 69 -28.26 4.27 -48.83
C LYS K 69 -26.81 4.68 -49.07
N ALA K 70 -25.87 4.04 -48.35
CA ALA K 70 -24.45 4.27 -48.60
C ALA K 70 -24.04 3.81 -49.99
N SER K 71 -24.56 2.66 -50.43
CA SER K 71 -24.28 2.18 -51.77
C SER K 71 -24.89 3.09 -52.83
N ALA K 72 -26.10 3.61 -52.55
CA ALA K 72 -26.73 4.55 -53.47
C ALA K 72 -25.91 5.83 -53.61
N TYR K 73 -25.37 6.33 -52.49
CA TYR K 73 -24.49 7.50 -52.53
C TYR K 73 -23.22 7.22 -53.33
N ALA K 74 -22.60 6.06 -53.08
CA ALA K 74 -21.35 5.73 -53.77
C ALA K 74 -21.56 5.46 -55.26
N LEU K 75 -22.75 5.03 -55.67
CA LEU K 75 -23.06 4.96 -57.09
C LEU K 75 -23.38 6.32 -57.69
N GLN K 76 -23.96 7.24 -56.91
CA GLN K 76 -24.19 8.58 -57.45
C GLN K 76 -22.89 9.37 -57.62
N ASP K 77 -21.92 9.19 -56.74
CA ASP K 77 -20.68 9.96 -56.88
C ASP K 77 -19.57 9.19 -57.59
N GLN K 78 -19.86 8.00 -58.13
CA GLN K 78 -18.91 7.24 -58.94
C GLN K 78 -19.71 6.46 -59.97
N PRO K 79 -20.09 7.11 -61.08
CA PRO K 79 -21.14 6.56 -61.95
C PRO K 79 -20.67 5.51 -62.95
N VAL K 80 -19.43 5.02 -62.87
CA VAL K 80 -18.98 3.95 -63.74
C VAL K 80 -19.19 2.58 -63.10
N VAL K 81 -19.44 2.53 -61.79
CA VAL K 81 -19.71 1.26 -61.11
C VAL K 81 -21.05 0.68 -61.56
N ASN K 82 -22.05 1.54 -61.79
CA ASN K 82 -23.35 1.07 -62.23
C ASN K 82 -23.41 0.76 -63.73
N ALA K 83 -22.44 1.21 -64.52
CA ALA K 83 -22.50 1.06 -65.96
C ALA K 83 -22.09 -0.35 -66.39
N VAL K 84 -22.72 -0.83 -67.45
CA VAL K 84 -22.48 -2.18 -67.96
C VAL K 84 -22.10 -2.12 -69.42
N ILE K 85 -21.90 -3.30 -70.02
CA ILE K 85 -21.58 -3.42 -71.44
C ILE K 85 -22.67 -4.26 -72.08
N ASP K 86 -23.32 -3.69 -73.10
CA ASP K 86 -24.27 -4.42 -73.94
C ASP K 86 -23.71 -4.43 -75.36
N GLY K 87 -22.86 -5.42 -75.64
CA GLY K 87 -22.22 -5.51 -76.93
C GLY K 87 -20.97 -4.66 -77.02
N THR K 88 -21.06 -3.52 -77.70
CA THR K 88 -19.97 -2.57 -77.84
C THR K 88 -20.38 -1.19 -77.35
N ASP K 89 -21.16 -1.14 -76.28
CA ASP K 89 -21.68 0.11 -75.74
C ASP K 89 -21.58 0.09 -74.22
N ILE K 90 -21.26 1.24 -73.64
CA ILE K 90 -21.23 1.42 -72.19
C ILE K 90 -22.38 2.35 -71.82
N VAL K 91 -23.23 1.90 -70.91
CA VAL K 91 -24.46 2.62 -70.56
C VAL K 91 -24.25 3.23 -69.19
N TYR K 92 -23.77 4.48 -69.16
CA TYR K 92 -23.80 5.26 -67.93
C TYR K 92 -25.24 5.58 -67.56
N ARG K 93 -25.59 5.37 -66.30
CA ARG K 93 -26.94 5.63 -65.81
C ARG K 93 -26.88 6.54 -64.59
N ASP K 94 -27.79 7.52 -64.54
CA ASP K 94 -27.93 8.38 -63.38
C ASP K 94 -28.84 7.77 -62.33
N TYR K 95 -29.91 7.11 -62.76
CA TYR K 95 -30.78 6.40 -61.83
C TYR K 95 -30.09 5.15 -61.31
N VAL K 96 -30.36 4.81 -60.05
CA VAL K 96 -29.81 3.61 -59.44
C VAL K 96 -30.95 2.82 -58.80
N ASP K 97 -30.98 1.51 -59.05
CA ASP K 97 -32.00 0.62 -58.52
C ASP K 97 -31.28 -0.56 -57.88
N ILE K 98 -31.37 -0.65 -56.56
CA ILE K 98 -30.69 -1.73 -55.83
C ILE K 98 -31.51 -3.00 -55.95
N SER K 99 -30.86 -4.07 -56.39
CA SER K 99 -31.52 -5.36 -56.62
C SER K 99 -31.29 -6.22 -55.37
N VAL K 100 -32.35 -6.45 -54.61
CA VAL K 100 -32.26 -7.02 -53.27
C VAL K 100 -32.76 -8.46 -53.29
N ALA K 101 -31.97 -9.37 -52.72
CA ALA K 101 -32.39 -10.76 -52.59
C ALA K 101 -33.19 -10.96 -51.30
N VAL K 102 -34.25 -11.77 -51.39
CA VAL K 102 -35.06 -12.12 -50.23
C VAL K 102 -35.64 -13.52 -50.48
N ALA K 103 -35.95 -14.22 -49.40
CA ALA K 103 -36.46 -15.59 -49.50
C ALA K 103 -37.93 -15.62 -49.88
N THR K 104 -38.30 -16.63 -50.65
CA THR K 104 -39.67 -16.91 -51.06
C THR K 104 -39.86 -18.41 -50.91
N PRO K 105 -41.11 -18.88 -50.77
CA PRO K 105 -41.34 -20.34 -50.67
C PRO K 105 -40.86 -21.17 -51.85
N ARG K 106 -40.84 -20.62 -53.07
CA ARG K 106 -40.36 -21.41 -54.20
C ARG K 106 -38.85 -21.50 -54.25
N GLY K 107 -38.16 -20.52 -53.67
CA GLY K 107 -36.72 -20.41 -53.86
C GLY K 107 -36.18 -19.10 -53.33
N LEU K 108 -35.49 -18.34 -54.18
CA LEU K 108 -34.98 -17.02 -53.82
C LEU K 108 -35.36 -16.05 -54.94
N VAL K 109 -36.41 -15.27 -54.72
CA VAL K 109 -36.86 -14.26 -55.67
C VAL K 109 -36.12 -12.97 -55.36
N VAL K 110 -35.92 -12.14 -56.37
CA VAL K 110 -35.08 -10.94 -56.25
C VAL K 110 -35.92 -9.73 -56.63
N PRO K 111 -36.56 -9.07 -55.66
CA PRO K 111 -37.22 -7.79 -55.94
C PRO K 111 -36.23 -6.64 -55.97
N VAL K 112 -36.62 -5.60 -56.69
CA VAL K 112 -35.77 -4.44 -56.94
C VAL K 112 -36.41 -3.20 -56.34
N ILE K 113 -35.63 -2.44 -55.57
CA ILE K 113 -36.06 -1.15 -55.06
C ILE K 113 -35.82 -0.09 -56.12
N ARG K 114 -36.85 0.69 -56.42
CA ARG K 114 -36.81 1.66 -57.51
C ARG K 114 -36.53 3.06 -56.97
N ASN K 115 -35.62 3.78 -57.64
CA ASN K 115 -35.30 5.20 -57.39
C ASN K 115 -34.83 5.42 -55.95
N VAL K 116 -33.67 4.82 -55.65
CA VAL K 116 -33.18 4.74 -54.28
C VAL K 116 -32.29 5.92 -53.90
N GLU K 117 -31.88 6.75 -54.85
CA GLU K 117 -30.89 7.79 -54.56
C GLU K 117 -31.51 8.97 -53.81
N GLY K 118 -32.73 9.36 -54.15
CA GLY K 118 -33.41 10.43 -53.45
C GLY K 118 -34.39 9.90 -52.43
N MET K 119 -33.93 9.03 -51.54
CA MET K 119 -34.84 8.22 -50.75
C MET K 119 -34.21 7.92 -49.40
N ASN K 120 -34.90 8.26 -48.33
CA ASN K 120 -34.36 8.20 -46.97
C ASN K 120 -34.29 6.76 -46.46
N TYR K 121 -33.85 6.62 -45.21
CA TYR K 121 -33.83 5.31 -44.56
C TYR K 121 -35.23 4.72 -44.43
N ALA K 122 -36.16 5.49 -43.87
CA ALA K 122 -37.49 4.98 -43.59
C ALA K 122 -38.28 4.71 -44.86
N ASP K 123 -38.06 5.50 -45.91
CA ASP K 123 -38.71 5.22 -47.19
C ASP K 123 -38.17 3.96 -47.84
N ILE K 124 -36.86 3.72 -47.73
CA ILE K 124 -36.26 2.48 -48.23
C ILE K 124 -36.82 1.29 -47.46
N GLU K 125 -37.00 1.43 -46.15
CA GLU K 125 -37.59 0.34 -45.36
C GLU K 125 -39.06 0.14 -45.71
N ILE K 126 -39.77 1.21 -46.05
CA ILE K 126 -41.16 1.09 -46.49
C ILE K 126 -41.24 0.31 -47.80
N ALA K 127 -40.36 0.64 -48.76
CA ALA K 127 -40.35 -0.07 -50.04
C ALA K 127 -39.93 -1.53 -49.87
N LEU K 128 -38.93 -1.79 -49.02
CA LEU K 128 -38.45 -3.16 -48.83
C LEU K 128 -39.45 -4.00 -48.07
N ALA K 129 -40.13 -3.41 -47.07
CA ALA K 129 -41.18 -4.14 -46.36
C ALA K 129 -42.40 -4.37 -47.25
N GLY K 130 -42.69 -3.44 -48.17
CA GLY K 130 -43.75 -3.67 -49.13
C GLY K 130 -43.43 -4.79 -50.10
N LEU K 131 -42.18 -4.86 -50.56
CA LEU K 131 -41.77 -5.95 -51.44
C LEU K 131 -41.74 -7.29 -50.71
N ALA K 132 -41.32 -7.29 -49.45
CA ALA K 132 -41.35 -8.52 -48.65
C ALA K 132 -42.78 -8.96 -48.34
N ASP K 133 -43.69 -8.01 -48.12
CA ASP K 133 -45.09 -8.35 -47.91
C ASP K 133 -45.73 -8.87 -49.19
N LYS K 134 -45.33 -8.33 -50.34
CA LYS K 134 -45.77 -8.87 -51.62
C LYS K 134 -45.23 -10.29 -51.84
N ALA K 135 -44.02 -10.56 -51.38
CA ALA K 135 -43.48 -11.91 -51.43
C ALA K 135 -44.10 -12.82 -50.38
N ARG K 136 -44.76 -12.26 -49.36
CA ARG K 136 -45.37 -13.09 -48.31
C ARG K 136 -46.58 -13.86 -48.83
N ARG K 137 -47.50 -13.18 -49.53
CA ARG K 137 -48.63 -13.88 -50.13
C ARG K 137 -48.41 -14.22 -51.60
N ASP K 138 -47.14 -14.17 -52.04
CA ASP K 138 -46.71 -14.56 -53.40
C ASP K 138 -47.38 -13.69 -54.47
N ALA K 139 -47.09 -12.39 -54.40
CA ALA K 139 -47.60 -11.43 -55.37
C ALA K 139 -46.48 -10.75 -56.13
N ILE K 140 -45.32 -11.39 -56.24
CA ILE K 140 -44.19 -10.81 -56.96
C ILE K 140 -44.43 -10.92 -58.46
N THR K 141 -44.35 -9.78 -59.16
CA THR K 141 -44.66 -9.73 -60.57
C THR K 141 -43.39 -9.91 -61.40
N VAL K 142 -43.50 -9.66 -62.70
CA VAL K 142 -42.37 -9.82 -63.62
C VAL K 142 -41.65 -8.49 -63.86
N GLU K 143 -42.38 -7.38 -63.78
CA GLU K 143 -41.83 -6.05 -64.07
C GLU K 143 -40.78 -5.60 -63.05
N ASP K 144 -40.79 -6.17 -61.84
CA ASP K 144 -39.78 -5.87 -60.82
C ASP K 144 -38.74 -6.97 -60.71
N MET K 145 -38.34 -7.57 -61.84
CA MET K 145 -37.34 -8.62 -61.86
C MET K 145 -36.08 -8.24 -62.62
N ASP K 146 -36.02 -7.04 -63.19
CA ASP K 146 -34.88 -6.62 -64.00
C ASP K 146 -34.58 -5.16 -63.70
N GLY K 147 -33.58 -4.63 -64.39
CA GLY K 147 -33.21 -3.23 -64.27
C GLY K 147 -32.35 -2.87 -63.09
N GLY K 148 -31.94 -3.85 -62.29
CA GLY K 148 -31.13 -3.54 -61.12
C GLY K 148 -29.71 -3.18 -61.51
N THR K 149 -29.16 -2.20 -60.80
CA THR K 149 -27.80 -1.74 -61.04
C THR K 149 -26.82 -2.13 -59.94
N PHE K 150 -27.31 -2.58 -58.79
CA PHE K 150 -26.44 -2.95 -57.67
C PHE K 150 -27.17 -3.95 -56.80
N THR K 151 -26.42 -4.64 -55.94
CA THR K 151 -26.98 -5.71 -55.15
C THR K 151 -26.33 -5.76 -53.78
N ILE K 152 -27.15 -5.83 -52.73
CA ILE K 152 -26.72 -5.87 -51.34
C ILE K 152 -27.18 -7.22 -50.79
N SER K 153 -26.93 -8.28 -51.58
CA SER K 153 -27.31 -9.66 -51.29
C SER K 153 -26.96 -10.09 -49.87
N ASN K 154 -28.01 -10.42 -49.10
CA ASN K 154 -27.90 -10.63 -47.67
C ASN K 154 -27.28 -12.00 -47.40
N GLY K 155 -26.10 -11.99 -46.79
CA GLY K 155 -25.49 -13.21 -46.30
C GLY K 155 -25.16 -13.06 -44.83
N GLY K 156 -25.71 -12.00 -44.22
CA GLY K 156 -25.40 -11.66 -42.85
C GLY K 156 -26.29 -12.31 -41.82
N VAL K 157 -27.56 -12.51 -42.17
CA VAL K 157 -28.50 -13.16 -41.26
C VAL K 157 -28.22 -14.65 -41.17
N PHE K 158 -27.52 -15.22 -42.15
CA PHE K 158 -27.30 -16.66 -42.23
C PHE K 158 -25.98 -17.09 -41.61
N GLY K 159 -25.03 -16.17 -41.44
CA GLY K 159 -23.84 -16.46 -40.67
C GLY K 159 -22.57 -16.74 -41.45
N SER K 160 -22.31 -15.96 -42.50
CA SER K 160 -21.07 -16.09 -43.24
C SER K 160 -20.03 -15.10 -42.70
N LEU K 161 -18.79 -15.31 -43.11
CA LEU K 161 -17.72 -14.40 -42.72
C LEU K 161 -17.04 -13.77 -43.93
N MET K 162 -16.71 -14.56 -44.95
CA MET K 162 -16.30 -14.04 -46.25
C MET K 162 -17.08 -14.75 -47.34
N GLY K 163 -17.13 -14.12 -48.51
CA GLY K 163 -17.82 -14.68 -49.65
C GLY K 163 -17.46 -13.92 -50.91
N THR K 164 -17.70 -14.55 -52.05
CA THR K 164 -17.34 -13.99 -53.36
C THR K 164 -18.51 -14.13 -54.32
N PRO K 165 -19.58 -13.33 -54.14
CA PRO K 165 -20.84 -13.58 -54.87
C PRO K 165 -20.73 -13.34 -56.37
N ILE K 166 -21.34 -14.25 -57.13
CA ILE K 166 -21.21 -14.24 -58.59
C ILE K 166 -21.98 -13.06 -59.17
N ILE K 167 -21.34 -12.36 -60.11
CA ILE K 167 -21.97 -11.23 -60.77
C ILE K 167 -23.14 -11.72 -61.62
N ASN K 168 -24.33 -11.16 -61.38
CA ASN K 168 -25.53 -11.53 -62.10
C ASN K 168 -25.94 -10.41 -63.07
N PRO K 169 -26.51 -10.75 -64.22
CA PRO K 169 -26.94 -9.73 -65.17
C PRO K 169 -28.23 -9.06 -64.69
N PRO K 170 -28.53 -7.84 -65.15
CA PRO K 170 -27.72 -6.94 -66.01
C PRO K 170 -26.95 -5.87 -65.25
N GLN K 171 -26.29 -6.17 -64.14
CA GLN K 171 -25.50 -5.19 -63.42
C GLN K 171 -24.02 -5.57 -63.50
N SER K 172 -23.18 -4.79 -62.81
CA SER K 172 -21.74 -4.96 -62.95
C SER K 172 -20.96 -4.95 -61.64
N ALA K 173 -21.61 -4.81 -60.49
CA ALA K 173 -20.92 -4.87 -59.20
C ALA K 173 -21.92 -5.25 -58.13
N ILE K 174 -21.53 -6.22 -57.29
CA ILE K 174 -22.41 -6.78 -56.26
C ILE K 174 -21.65 -6.81 -54.94
N LEU K 175 -22.20 -6.14 -53.93
CA LEU K 175 -21.62 -6.11 -52.60
C LEU K 175 -22.38 -7.09 -51.72
N GLY K 176 -21.72 -8.16 -51.31
CA GLY K 176 -22.34 -9.10 -50.40
C GLY K 176 -21.95 -8.85 -48.97
N MET K 177 -22.84 -8.22 -48.20
CA MET K 177 -22.57 -7.97 -46.79
C MET K 177 -22.66 -9.28 -46.01
N HIS K 178 -21.95 -9.33 -44.88
CA HIS K 178 -21.76 -10.57 -44.14
C HIS K 178 -22.17 -10.36 -42.68
N GLY K 179 -22.08 -11.43 -41.90
CA GLY K 179 -22.54 -11.39 -40.52
C GLY K 179 -21.60 -10.65 -39.60
N ILE K 180 -22.18 -10.04 -38.58
CA ILE K 180 -21.41 -9.27 -37.61
C ILE K 180 -20.87 -10.20 -36.53
N PHE K 181 -19.55 -10.19 -36.35
CA PHE K 181 -18.86 -11.04 -35.39
C PHE K 181 -18.12 -10.14 -34.40
N GLU K 182 -17.33 -10.76 -33.53
CA GLU K 182 -16.59 -10.04 -32.49
C GLU K 182 -15.10 -10.19 -32.73
N ARG K 183 -14.40 -9.07 -32.91
CA ARG K 183 -12.95 -9.07 -33.12
C ARG K 183 -12.34 -7.91 -32.33
N PRO K 184 -11.32 -8.16 -31.51
CA PRO K 184 -10.76 -7.12 -30.64
C PRO K 184 -9.75 -6.22 -31.34
N ILE K 185 -10.23 -5.18 -32.01
CA ILE K 185 -9.41 -4.42 -32.95
C ILE K 185 -8.62 -3.32 -32.23
N ALA K 186 -7.37 -3.16 -32.65
CA ALA K 186 -6.53 -2.08 -32.15
C ALA K 186 -6.99 -0.76 -32.78
N VAL K 187 -7.56 0.10 -31.96
CA VAL K 187 -7.97 1.45 -32.37
C VAL K 187 -7.36 2.45 -31.39
N LYS K 188 -6.81 3.54 -31.94
CA LYS K 188 -6.20 4.65 -31.18
C LYS K 188 -5.04 4.20 -30.30
N GLY K 189 -4.34 3.13 -30.69
CA GLY K 189 -3.17 2.68 -29.98
C GLY K 189 -3.41 1.69 -28.86
N GLU K 190 -4.66 1.28 -28.61
CA GLU K 190 -4.94 0.28 -27.60
C GLU K 190 -5.95 -0.73 -28.15
N VAL K 191 -6.00 -1.89 -27.51
CA VAL K 191 -6.85 -2.99 -27.95
C VAL K 191 -8.26 -2.78 -27.43
N LYS K 192 -9.23 -2.79 -28.33
CA LYS K 192 -10.64 -2.64 -27.96
C LYS K 192 -11.48 -3.64 -28.73
N ILE K 193 -12.46 -4.23 -28.06
CA ILE K 193 -13.35 -5.21 -28.68
C ILE K 193 -14.47 -4.45 -29.38
N ARG K 194 -14.38 -4.36 -30.70
CA ARG K 194 -15.40 -3.69 -31.49
C ARG K 194 -15.99 -4.68 -32.49
N PRO K 195 -17.31 -4.86 -32.52
CA PRO K 195 -17.91 -5.80 -33.46
C PRO K 195 -17.90 -5.32 -34.90
N MET K 196 -17.13 -5.96 -35.77
CA MET K 196 -17.16 -5.65 -37.18
C MET K 196 -17.84 -6.75 -37.98
N MET K 197 -17.84 -6.53 -39.29
CA MET K 197 -18.36 -7.47 -40.27
C MET K 197 -17.66 -7.20 -41.60
N TYR K 198 -17.28 -8.28 -42.27
CA TYR K 198 -16.55 -8.14 -43.52
C TYR K 198 -17.50 -7.86 -44.67
N ILE K 199 -16.98 -7.20 -45.70
CA ILE K 199 -17.76 -6.91 -46.90
C ILE K 199 -17.03 -7.48 -48.11
N ALA K 200 -17.77 -7.65 -49.20
CA ALA K 200 -17.23 -8.15 -50.44
C ALA K 200 -17.61 -7.20 -51.57
N LEU K 201 -16.86 -7.29 -52.66
CA LEU K 201 -17.15 -6.48 -53.85
C LEU K 201 -16.60 -7.22 -55.06
N THR K 202 -17.47 -7.93 -55.76
CA THR K 202 -17.08 -8.67 -56.97
C THR K 202 -17.43 -7.83 -58.18
N TYR K 203 -16.41 -7.31 -58.84
CA TYR K 203 -16.55 -6.27 -59.85
C TYR K 203 -15.87 -6.69 -61.14
N ASP K 204 -16.49 -6.36 -62.27
CA ASP K 204 -15.90 -6.65 -63.57
C ASP K 204 -14.69 -5.77 -63.82
N HIS K 205 -13.60 -6.38 -64.30
CA HIS K 205 -12.42 -5.62 -64.70
C HIS K 205 -12.56 -5.00 -66.08
N ARG K 206 -13.57 -5.40 -66.85
CA ARG K 206 -13.75 -4.81 -68.17
C ARG K 206 -14.20 -3.36 -68.09
N ILE K 207 -14.88 -2.96 -67.02
CA ILE K 207 -15.31 -1.57 -66.88
C ILE K 207 -14.87 -0.93 -65.56
N ILE K 208 -15.01 -1.63 -64.44
CA ILE K 208 -14.53 -1.07 -63.16
C ILE K 208 -13.06 -1.43 -62.99
N ASP K 209 -12.22 -0.41 -62.87
CA ASP K 209 -10.80 -0.63 -62.59
C ASP K 209 -10.62 -0.97 -61.11
N GLY K 210 -9.44 -1.52 -60.80
CA GLY K 210 -9.15 -1.88 -59.42
C GLY K 210 -9.06 -0.69 -58.49
N ARG K 211 -8.51 0.43 -58.98
CA ARG K 211 -8.50 1.68 -58.23
C ARG K 211 -9.92 2.15 -57.94
N GLU K 212 -10.80 2.04 -58.94
CA GLU K 212 -12.20 2.46 -58.82
C GLU K 212 -12.92 1.65 -57.76
N ALA K 213 -12.73 0.33 -57.77
CA ALA K 213 -13.40 -0.52 -56.79
C ALA K 213 -12.82 -0.37 -55.40
N VAL K 214 -11.51 -0.12 -55.30
CA VAL K 214 -10.89 0.06 -53.98
C VAL K 214 -11.38 1.37 -53.34
N LEU K 215 -11.40 2.46 -54.12
CA LEU K 215 -11.92 3.73 -53.60
C LEU K 215 -13.42 3.65 -53.32
N PHE K 216 -14.14 2.88 -54.13
CA PHE K 216 -15.57 2.65 -53.94
C PHE K 216 -15.84 1.92 -52.62
N LEU K 217 -15.06 0.88 -52.34
CA LEU K 217 -15.24 0.11 -51.11
C LEU K 217 -14.81 0.93 -49.89
N ARG K 218 -13.75 1.73 -50.01
CA ARG K 218 -13.34 2.61 -48.93
C ARG K 218 -14.39 3.68 -48.65
N LYS K 219 -15.03 4.18 -49.70
CA LYS K 219 -16.08 5.19 -49.51
C LYS K 219 -17.31 4.60 -48.84
N ILE K 220 -17.68 3.37 -49.20
CA ILE K 220 -18.80 2.72 -48.53
C ILE K 220 -18.44 2.40 -47.08
N LYS K 221 -17.19 2.01 -46.81
CA LYS K 221 -16.75 1.77 -45.45
C LYS K 221 -16.82 3.02 -44.60
N ALA K 222 -16.39 4.17 -45.16
CA ALA K 222 -16.50 5.44 -44.44
C ALA K 222 -17.94 5.88 -44.29
N ALA K 223 -18.81 5.55 -45.25
CA ALA K 223 -20.20 5.97 -45.15
C ALA K 223 -20.99 5.13 -44.15
N VAL K 224 -20.62 3.87 -43.95
CA VAL K 224 -21.33 3.02 -42.99
C VAL K 224 -20.76 3.19 -41.58
N GLU K 225 -19.44 3.37 -41.46
CA GLU K 225 -18.85 3.68 -40.16
C GLU K 225 -19.30 5.04 -39.65
N ASN K 226 -19.44 6.02 -40.54
CA ASN K 226 -19.91 7.36 -40.17
C ASN K 226 -20.96 7.80 -41.18
N PRO K 227 -22.25 7.80 -40.82
CA PRO K 227 -23.29 8.23 -41.76
C PRO K 227 -23.50 9.73 -41.85
N ALA K 228 -22.56 10.54 -41.37
CA ALA K 228 -22.58 11.97 -41.66
C ALA K 228 -21.87 12.32 -42.96
N ILE K 229 -21.12 11.37 -43.52
CA ILE K 229 -20.41 11.59 -44.77
C ILE K 229 -21.39 11.72 -45.93
N ILE K 230 -22.54 11.05 -45.84
CA ILE K 230 -23.49 11.01 -46.95
C ILE K 230 -24.20 12.35 -47.11
N VAL K 231 -24.34 13.12 -46.03
CA VAL K 231 -24.83 14.49 -46.14
C VAL K 231 -23.66 15.47 -46.25
N ALA K 232 -22.46 15.04 -45.86
CA ALA K 232 -21.27 15.89 -45.98
C ALA K 232 -20.83 16.07 -47.43
N GLY K 233 -21.02 15.06 -48.27
CA GLY K 233 -20.60 15.16 -49.66
C GLY K 233 -19.13 14.87 -49.89
N LEU K 234 -18.70 13.64 -49.61
CA LEU K 234 -17.32 13.22 -49.90
C LEU K 234 -17.28 12.09 -50.92
N GLY L 1 -34.14 10.26 -59.99
CA GLY L 1 -35.34 9.55 -60.40
C GLY L 1 -35.74 9.81 -61.84
N THR L 2 -34.75 9.86 -62.71
CA THR L 2 -34.97 10.12 -64.13
C THR L 2 -34.59 8.90 -64.96
N ARG L 3 -35.39 8.63 -65.99
CA ARG L 3 -35.14 7.51 -66.90
C ARG L 3 -34.27 7.94 -68.08
N SER L 4 -33.13 8.56 -67.80
CA SER L 4 -32.26 9.13 -68.82
C SER L 4 -31.02 8.27 -68.98
N GLU L 5 -30.74 7.87 -70.22
CA GLU L 5 -29.56 7.10 -70.57
C GLU L 5 -28.93 7.70 -71.81
N GLN L 6 -27.63 7.44 -71.98
CA GLN L 6 -26.90 7.93 -73.15
C GLN L 6 -26.12 6.80 -73.80
N ARG L 7 -25.52 7.13 -74.94
CA ARG L 7 -24.95 6.14 -75.85
C ARG L 7 -23.45 6.36 -76.04
N VAL L 8 -22.72 6.54 -74.93
CA VAL L 8 -21.30 6.88 -75.02
C VAL L 8 -20.49 5.70 -75.55
N LYS L 9 -19.62 5.98 -76.51
CA LYS L 9 -18.80 4.97 -77.16
C LYS L 9 -17.38 5.07 -76.64
N MET L 10 -16.80 3.92 -76.29
CA MET L 10 -15.46 3.87 -75.73
C MET L 10 -14.44 3.78 -76.86
N ASN L 11 -13.15 3.70 -76.48
CA ASN L 11 -12.06 3.63 -77.42
C ASN L 11 -11.70 2.18 -77.72
N ARG L 12 -10.76 2.00 -78.66
CA ARG L 12 -10.32 0.67 -79.06
C ARG L 12 -9.53 -0.02 -77.95
N MET L 13 -8.75 0.75 -77.18
CA MET L 13 -7.87 0.16 -76.19
C MET L 13 -8.63 -0.45 -75.01
N ARG L 14 -9.82 0.08 -74.69
CA ARG L 14 -10.63 -0.53 -73.64
C ARG L 14 -11.09 -1.92 -74.03
N LEU L 15 -11.51 -2.10 -75.29
CA LEU L 15 -11.77 -3.43 -75.81
C LEU L 15 -10.51 -4.28 -75.89
N LYS L 16 -9.34 -3.66 -76.11
CA LYS L 16 -8.10 -4.41 -76.19
C LYS L 16 -7.74 -5.05 -74.85
N ILE L 17 -7.71 -4.25 -73.77
CA ILE L 17 -7.48 -4.81 -72.43
C ILE L 17 -8.63 -5.72 -71.98
N ALA L 18 -9.87 -5.43 -72.39
CA ALA L 18 -11.00 -6.29 -72.01
C ALA L 18 -10.89 -7.68 -72.64
N ALA L 19 -10.62 -7.75 -73.96
CA ALA L 19 -10.44 -9.03 -74.61
C ALA L 19 -9.15 -9.72 -74.16
N ARG L 20 -8.13 -8.95 -73.80
CA ARG L 20 -6.89 -9.52 -73.29
C ARG L 20 -7.11 -10.23 -71.95
N LEU L 21 -7.83 -9.58 -71.03
CA LEU L 21 -8.10 -10.23 -69.75
C LEU L 21 -9.12 -11.35 -69.89
N LYS L 22 -10.03 -11.26 -70.87
CA LYS L 22 -10.95 -12.36 -71.13
C LYS L 22 -10.23 -13.60 -71.65
N ASP L 23 -9.31 -13.42 -72.59
CA ASP L 23 -8.51 -14.54 -73.06
C ASP L 23 -7.55 -15.05 -71.99
N ALA L 24 -7.08 -14.17 -71.11
CA ALA L 24 -6.22 -14.57 -70.01
C ALA L 24 -6.98 -15.43 -68.99
N GLN L 25 -8.22 -15.05 -68.68
CA GLN L 25 -9.03 -15.87 -67.79
C GLN L 25 -9.48 -17.16 -68.44
N ASN L 26 -9.73 -17.14 -69.75
CA ASN L 26 -10.13 -18.35 -70.46
C ASN L 26 -8.97 -19.27 -70.76
N THR L 27 -7.73 -18.79 -70.63
CA THR L 27 -6.55 -19.63 -70.82
C THR L 27 -5.96 -20.11 -69.50
N CYS L 28 -5.64 -19.19 -68.60
CA CYS L 28 -5.09 -19.56 -67.30
C CYS L 28 -6.21 -19.99 -66.36
N ALA L 29 -5.83 -20.68 -65.29
CA ALA L 29 -6.78 -21.11 -64.27
C ALA L 29 -6.69 -20.16 -63.08
N MET L 30 -7.83 -19.58 -62.69
CA MET L 30 -7.86 -18.62 -61.61
C MET L 30 -7.83 -19.37 -60.28
N LEU L 31 -6.85 -19.04 -59.45
CA LEU L 31 -6.59 -19.79 -58.21
C LEU L 31 -5.71 -18.95 -57.31
N THR L 32 -6.19 -18.65 -56.10
CA THR L 32 -5.48 -17.73 -55.23
C THR L 32 -5.19 -18.33 -53.86
N THR L 33 -4.27 -17.68 -53.16
CA THR L 33 -4.00 -17.94 -51.75
C THR L 33 -3.46 -16.65 -51.14
N PHE L 34 -3.65 -16.51 -49.83
CA PHE L 34 -3.27 -15.29 -49.13
C PHE L 34 -2.39 -15.63 -47.93
N ASN L 35 -1.76 -14.59 -47.41
CA ASN L 35 -0.94 -14.68 -46.20
C ASN L 35 -0.82 -13.28 -45.61
N GLU L 36 -0.25 -13.21 -44.41
CA GLU L 36 -0.03 -11.94 -43.72
C GLU L 36 1.44 -11.79 -43.40
N VAL L 37 1.96 -10.57 -43.61
CA VAL L 37 3.38 -10.28 -43.47
C VAL L 37 3.57 -9.14 -42.48
N ASP L 38 4.41 -9.37 -41.47
CA ASP L 38 4.75 -8.30 -40.55
C ASP L 38 5.64 -7.28 -41.24
N MET L 39 5.39 -6.00 -40.97
CA MET L 39 6.10 -4.91 -41.62
C MET L 39 6.80 -3.99 -40.63
N SER L 40 6.79 -4.34 -39.34
CA SER L 40 7.38 -3.47 -38.32
C SER L 40 8.89 -3.35 -38.47
N TYR L 41 9.56 -4.45 -38.86
CA TYR L 41 10.99 -4.37 -39.15
C TYR L 41 11.24 -3.52 -40.39
N ALA L 42 10.34 -3.59 -41.37
CA ALA L 42 10.45 -2.72 -42.54
C ALA L 42 10.22 -1.25 -42.16
N MET L 43 9.29 -1.00 -41.23
CA MET L 43 9.09 0.36 -40.70
C MET L 43 10.34 0.89 -40.04
N ASP L 44 10.96 0.09 -39.17
CA ASP L 44 12.18 0.51 -38.48
C ASP L 44 13.34 0.70 -39.45
N PHE L 45 13.47 -0.19 -40.44
CA PHE L 45 14.57 -0.12 -41.38
C PHE L 45 14.45 1.11 -42.28
N ARG L 46 13.24 1.39 -42.77
CA ARG L 46 13.04 2.59 -43.57
C ARG L 46 13.22 3.86 -42.74
N LYS L 47 12.74 3.84 -41.49
CA LYS L 47 12.87 5.02 -40.63
C LYS L 47 14.32 5.27 -40.22
N GLN L 48 15.16 4.24 -40.21
CA GLN L 48 16.57 4.45 -39.90
C GLN L 48 17.44 4.68 -41.12
N ASN L 49 16.99 4.30 -42.32
CA ASN L 49 17.82 4.46 -43.51
C ASN L 49 17.25 5.44 -44.54
N LEU L 50 16.22 6.21 -44.16
CA LEU L 50 15.68 7.25 -45.04
C LEU L 50 16.73 8.28 -45.43
N ASP L 51 17.37 8.90 -44.43
CA ASP L 51 18.39 9.91 -44.71
C ASP L 51 19.65 9.28 -45.30
N ALA L 52 19.93 8.02 -44.98
CA ALA L 52 21.09 7.34 -45.53
C ALA L 52 20.95 7.13 -47.04
N PHE L 53 19.80 6.58 -47.47
CA PHE L 53 19.57 6.42 -48.91
C PHE L 53 19.42 7.76 -49.62
N THR L 54 18.83 8.76 -48.93
CA THR L 54 18.68 10.08 -49.53
C THR L 54 20.03 10.74 -49.77
N LYS L 55 20.94 10.65 -48.80
CA LYS L 55 22.25 11.27 -48.96
C LYS L 55 23.20 10.43 -49.82
N LYS L 56 22.93 9.13 -49.99
CA LYS L 56 23.86 8.33 -50.78
C LYS L 56 23.45 8.27 -52.24
N TYR L 57 22.17 8.02 -52.53
CA TYR L 57 21.75 7.81 -53.91
C TYR L 57 20.91 8.95 -54.47
N GLY L 58 20.36 9.82 -53.64
CA GLY L 58 19.73 11.05 -54.08
C GLY L 58 18.24 10.96 -54.33
N ILE L 59 17.68 9.74 -54.36
CA ILE L 59 16.28 9.55 -54.69
C ILE L 59 15.54 9.03 -53.46
N LYS L 60 14.22 9.12 -53.51
CA LYS L 60 13.37 8.69 -52.41
C LYS L 60 12.85 7.28 -52.67
N PHE L 61 12.79 6.48 -51.60
CA PHE L 61 12.46 5.07 -51.70
C PHE L 61 11.27 4.78 -50.79
N GLY L 62 10.42 3.83 -51.20
CA GLY L 62 9.40 3.38 -50.29
C GLY L 62 8.65 2.11 -50.68
N PHE L 63 8.60 1.15 -49.75
CA PHE L 63 7.56 0.12 -49.65
C PHE L 63 7.48 -0.87 -50.81
N MET L 64 8.34 -0.76 -51.82
CA MET L 64 8.15 -1.57 -53.01
C MET L 64 9.37 -2.42 -53.31
N SER L 65 10.57 -1.89 -53.08
CA SER L 65 11.79 -2.62 -53.42
C SER L 65 12.02 -3.80 -52.49
N ILE L 66 11.51 -3.73 -51.26
CA ILE L 66 11.59 -4.84 -50.33
C ILE L 66 10.80 -6.02 -50.86
N PHE L 67 9.59 -5.76 -51.35
CA PHE L 67 8.77 -6.79 -51.95
C PHE L 67 9.32 -7.27 -53.28
N ALA L 68 9.94 -6.37 -54.04
CA ALA L 68 10.47 -6.71 -55.37
C ALA L 68 11.68 -7.62 -55.28
N LYS L 69 12.63 -7.28 -54.41
CA LYS L 69 13.86 -8.07 -54.28
C LYS L 69 13.56 -9.43 -53.64
N ALA L 70 12.62 -9.47 -52.70
CA ALA L 70 12.20 -10.73 -52.11
C ALA L 70 11.54 -11.64 -53.15
N SER L 71 10.71 -11.04 -54.02
CA SER L 71 10.08 -11.81 -55.09
C SER L 71 11.11 -12.30 -56.10
N ALA L 72 12.13 -11.47 -56.39
CA ALA L 72 13.21 -11.88 -57.29
C ALA L 72 13.99 -13.06 -56.70
N TYR L 73 14.25 -13.02 -55.40
CA TYR L 73 14.91 -14.15 -54.74
C TYR L 73 14.06 -15.42 -54.79
N ALA L 74 12.76 -15.29 -54.50
CA ALA L 74 11.88 -16.45 -54.51
C ALA L 74 11.67 -17.02 -55.90
N LEU L 75 11.77 -16.19 -56.95
CA LEU L 75 11.77 -16.73 -58.30
C LEU L 75 13.11 -17.37 -58.69
N GLN L 76 14.23 -16.87 -58.15
CA GLN L 76 15.50 -17.53 -58.43
C GLN L 76 15.64 -18.88 -57.75
N ASP L 77 15.09 -19.04 -56.54
CA ASP L 77 15.22 -20.32 -55.86
C ASP L 77 14.00 -21.24 -56.03
N GLN L 78 13.05 -20.86 -56.88
CA GLN L 78 11.91 -21.70 -57.22
C GLN L 78 11.51 -21.38 -58.66
N PRO L 79 12.20 -21.98 -59.63
CA PRO L 79 12.12 -21.48 -61.01
C PRO L 79 10.92 -21.97 -61.82
N VAL L 80 9.95 -22.64 -61.20
CA VAL L 80 8.75 -23.04 -61.93
C VAL L 80 7.64 -21.99 -61.79
N VAL L 81 7.78 -21.06 -60.84
CA VAL L 81 6.80 -19.99 -60.68
C VAL L 81 6.84 -19.02 -61.86
N ASN L 82 8.03 -18.76 -62.38
CA ASN L 82 8.15 -17.87 -63.53
C ASN L 82 7.83 -18.53 -64.87
N ALA L 83 7.78 -19.85 -64.92
CA ALA L 83 7.60 -20.56 -66.18
C ALA L 83 6.13 -20.54 -66.62
N VAL L 84 5.92 -20.48 -67.93
CA VAL L 84 4.58 -20.41 -68.50
C VAL L 84 4.38 -21.52 -69.52
N ILE L 85 3.21 -21.55 -70.15
CA ILE L 85 2.89 -22.51 -71.19
C ILE L 85 2.59 -21.75 -72.47
N ASP L 86 3.33 -22.05 -73.53
CA ASP L 86 3.06 -21.53 -74.87
C ASP L 86 2.73 -22.73 -75.76
N GLY L 87 1.46 -23.13 -75.75
CA GLY L 87 1.02 -24.29 -76.51
C GLY L 87 1.24 -25.58 -75.76
N THR L 88 2.27 -26.33 -76.14
CA THR L 88 2.63 -27.59 -75.50
C THR L 88 4.08 -27.55 -75.03
N ASP L 89 4.51 -26.39 -74.51
CA ASP L 89 5.89 -26.22 -74.08
C ASP L 89 5.90 -25.44 -72.78
N ILE L 90 6.83 -25.79 -71.89
CA ILE L 90 7.04 -25.08 -70.63
C ILE L 90 8.40 -24.39 -70.72
N VAL L 91 8.42 -23.08 -70.50
CA VAL L 91 9.62 -22.28 -70.70
C VAL L 91 10.15 -21.91 -69.32
N TYR L 92 11.06 -22.73 -68.79
CA TYR L 92 11.83 -22.32 -67.63
C TYR L 92 12.77 -21.19 -68.00
N ARG L 93 12.80 -20.15 -67.17
CA ARG L 93 13.65 -18.99 -67.41
C ARG L 93 14.51 -18.71 -66.18
N ASP L 94 15.78 -18.40 -66.41
CA ASP L 94 16.67 -17.99 -65.33
C ASP L 94 16.58 -16.50 -65.06
N TYR L 95 16.42 -15.69 -66.11
CA TYR L 95 16.22 -14.26 -65.93
C TYR L 95 14.82 -13.99 -65.40
N VAL L 96 14.71 -12.96 -64.57
CA VAL L 96 13.41 -12.55 -64.02
C VAL L 96 13.24 -11.06 -64.24
N ASP L 97 12.07 -10.67 -64.74
CA ASP L 97 11.74 -9.28 -65.01
C ASP L 97 10.39 -8.98 -64.35
N ILE L 98 10.41 -8.14 -63.32
CA ILE L 98 9.19 -7.83 -62.59
C ILE L 98 8.41 -6.79 -63.37
N SER L 99 7.14 -7.09 -63.63
CA SER L 99 6.26 -6.24 -64.42
C SER L 99 5.45 -5.38 -63.45
N VAL L 100 5.75 -4.08 -63.41
CA VAL L 100 5.26 -3.18 -62.37
C VAL L 100 4.19 -2.27 -62.95
N ALA L 101 3.06 -2.17 -62.26
CA ALA L 101 2.00 -1.25 -62.65
C ALA L 101 2.23 0.13 -62.03
N VAL L 102 1.96 1.18 -62.82
CA VAL L 102 2.06 2.56 -62.35
C VAL L 102 1.06 3.38 -63.15
N ALA L 103 0.61 4.49 -62.56
CA ALA L 103 -0.39 5.33 -63.19
C ALA L 103 0.22 6.22 -64.27
N THR L 104 -0.57 6.46 -65.31
CA THR L 104 -0.25 7.35 -66.42
C THR L 104 -1.50 8.16 -66.70
N PRO L 105 -1.37 9.34 -67.34
CA PRO L 105 -2.57 10.13 -67.66
C PRO L 105 -3.59 9.45 -68.57
N ARG L 106 -3.16 8.54 -69.46
CA ARG L 106 -4.13 7.87 -70.32
C ARG L 106 -4.88 6.77 -69.60
N GLY L 107 -4.28 6.20 -68.55
CA GLY L 107 -4.82 4.99 -67.95
C GLY L 107 -3.85 4.38 -66.95
N LEU L 108 -3.52 3.10 -67.14
CA LEU L 108 -2.55 2.41 -66.31
C LEU L 108 -1.57 1.69 -67.24
N VAL L 109 -0.39 2.29 -67.44
CA VAL L 109 0.67 1.69 -68.25
C VAL L 109 1.52 0.82 -67.34
N VAL L 110 2.13 -0.22 -67.90
CA VAL L 110 2.84 -1.23 -67.12
C VAL L 110 4.28 -1.30 -67.61
N PRO L 111 5.19 -0.55 -67.00
CA PRO L 111 6.61 -0.71 -67.32
C PRO L 111 7.21 -1.91 -66.60
N VAL L 112 8.29 -2.43 -67.18
CA VAL L 112 8.93 -3.66 -66.70
C VAL L 112 10.36 -3.33 -66.27
N ILE L 113 10.73 -3.78 -65.07
CA ILE L 113 12.11 -3.68 -64.60
C ILE L 113 12.90 -4.86 -65.14
N ARG L 114 14.04 -4.58 -65.77
CA ARG L 114 14.84 -5.60 -66.45
C ARG L 114 15.99 -6.04 -65.56
N ASN L 115 16.21 -7.36 -65.49
CA ASN L 115 17.34 -8.01 -64.83
C ASN L 115 17.41 -7.63 -63.35
N VAL L 116 16.38 -8.09 -62.63
CA VAL L 116 16.16 -7.66 -61.24
C VAL L 116 16.85 -8.56 -60.22
N GLU L 117 17.37 -9.72 -60.64
CA GLU L 117 17.88 -10.68 -59.66
C GLU L 117 19.24 -10.28 -59.12
N GLY L 118 20.12 -9.73 -59.95
CA GLY L 118 21.42 -9.25 -59.51
C GLY L 118 21.42 -7.76 -59.28
N MET L 119 20.48 -7.26 -58.48
CA MET L 119 20.19 -5.85 -58.46
C MET L 119 19.71 -5.44 -57.08
N ASN L 120 20.38 -4.47 -56.47
CA ASN L 120 20.16 -4.09 -55.07
C ASN L 120 18.86 -3.30 -54.91
N TYR L 121 18.60 -2.87 -53.68
CA TYR L 121 17.45 -2.02 -53.40
C TYR L 121 17.54 -0.68 -54.14
N ALA L 122 18.67 0.01 -53.99
CA ALA L 122 18.80 1.35 -54.55
C ALA L 122 18.84 1.32 -56.08
N ASP L 123 19.41 0.28 -56.67
CA ASP L 123 19.39 0.14 -58.12
C ASP L 123 17.98 -0.12 -58.65
N ILE L 124 17.19 -0.93 -57.92
CA ILE L 124 15.79 -1.16 -58.29
C ILE L 124 15.00 0.15 -58.19
N GLU L 125 15.27 0.95 -57.16
CA GLU L 125 14.60 2.25 -57.04
C GLU L 125 15.05 3.21 -58.13
N ILE L 126 16.30 3.13 -58.55
CA ILE L 126 16.78 3.95 -59.67
C ILE L 126 16.06 3.58 -60.96
N ALA L 127 15.92 2.28 -61.24
CA ALA L 127 15.20 1.83 -62.44
C ALA L 127 13.73 2.19 -62.38
N LEU L 128 13.10 2.03 -61.21
CA LEU L 128 11.67 2.32 -61.08
C LEU L 128 11.39 3.81 -61.15
N ALA L 129 12.26 4.63 -60.55
CA ALA L 129 12.12 6.07 -60.66
C ALA L 129 12.39 6.57 -62.07
N GLY L 130 13.31 5.91 -62.79
CA GLY L 130 13.52 6.25 -64.19
C GLY L 130 12.33 5.91 -65.06
N LEU L 131 11.69 4.76 -64.81
CA LEU L 131 10.49 4.39 -65.55
C LEU L 131 9.31 5.31 -65.21
N ALA L 132 9.18 5.70 -63.94
CA ALA L 132 8.14 6.64 -63.56
C ALA L 132 8.38 8.03 -64.12
N ASP L 133 9.65 8.45 -64.21
CA ASP L 133 9.98 9.73 -64.83
C ASP L 133 9.72 9.69 -66.33
N LYS L 134 9.98 8.55 -66.98
CA LYS L 134 9.62 8.39 -68.38
C LYS L 134 8.10 8.42 -68.58
N ALA L 135 7.35 7.88 -67.61
CA ALA L 135 5.90 7.99 -67.67
C ALA L 135 5.40 9.39 -67.30
N ARG L 136 6.25 10.22 -66.68
CA ARG L 136 5.82 11.56 -66.30
C ARG L 136 5.63 12.46 -67.51
N ARG L 137 6.61 12.50 -68.43
CA ARG L 137 6.46 13.27 -69.65
C ARG L 137 5.99 12.42 -70.83
N ASP L 138 5.44 11.22 -70.53
CA ASP L 138 4.84 10.30 -71.51
C ASP L 138 5.85 9.86 -72.56
N ALA L 139 6.90 9.18 -72.10
CA ALA L 139 7.95 8.64 -72.97
C ALA L 139 8.03 7.12 -72.88
N ILE L 140 6.94 6.45 -72.50
CA ILE L 140 6.92 5.01 -72.39
C ILE L 140 6.86 4.40 -73.78
N THR L 141 7.80 3.51 -74.09
CA THR L 141 7.92 2.93 -75.42
C THR L 141 7.15 1.61 -75.47
N VAL L 142 7.36 0.87 -76.57
CA VAL L 142 6.67 -0.41 -76.77
C VAL L 142 7.54 -1.58 -76.32
N GLU L 143 8.87 -1.45 -76.41
CA GLU L 143 9.80 -2.53 -76.09
C GLU L 143 9.79 -2.90 -74.60
N ASP L 144 9.34 -2.01 -73.73
CA ASP L 144 9.22 -2.30 -72.29
C ASP L 144 7.78 -2.57 -71.90
N MET L 145 7.01 -3.25 -72.74
CA MET L 145 5.63 -3.60 -72.46
C MET L 145 5.38 -5.09 -72.36
N ASP L 146 6.40 -5.92 -72.56
CA ASP L 146 6.24 -7.37 -72.56
C ASP L 146 7.43 -7.99 -71.84
N GLY L 147 7.44 -9.32 -71.78
CA GLY L 147 8.53 -10.07 -71.22
C GLY L 147 8.53 -10.19 -69.71
N GLY L 148 7.52 -9.66 -69.03
CA GLY L 148 7.49 -9.73 -67.58
C GLY L 148 7.18 -11.13 -67.09
N THR L 149 7.85 -11.53 -66.01
CA THR L 149 7.64 -12.84 -65.42
C THR L 149 6.92 -12.80 -64.08
N PHE L 150 6.79 -11.62 -63.47
CA PHE L 150 6.14 -11.50 -62.17
C PHE L 150 5.60 -10.08 -62.04
N THR L 151 4.70 -9.89 -61.07
CA THR L 151 4.02 -8.61 -60.93
C THR L 151 3.75 -8.32 -59.46
N ILE L 152 4.12 -7.10 -59.03
CA ILE L 152 3.96 -6.63 -57.66
C ILE L 152 2.97 -5.46 -57.73
N SER L 153 1.88 -5.67 -58.48
CA SER L 153 0.81 -4.69 -58.72
C SER L 153 0.35 -3.98 -57.44
N ASN L 154 0.55 -2.67 -57.41
CA ASN L 154 0.38 -1.86 -56.21
C ASN L 154 -1.10 -1.63 -55.95
N GLY L 155 -1.58 -2.17 -54.84
CA GLY L 155 -2.92 -1.88 -54.36
C GLY L 155 -2.85 -1.35 -52.94
N GLY L 156 -1.64 -1.03 -52.50
CA GLY L 156 -1.40 -0.62 -51.13
C GLY L 156 -1.54 0.86 -50.88
N VAL L 157 -1.17 1.67 -51.86
CA VAL L 157 -1.30 3.12 -51.73
C VAL L 157 -2.75 3.54 -51.81
N PHE L 158 -3.63 2.70 -52.39
CA PHE L 158 -5.00 3.07 -52.63
C PHE L 158 -5.95 2.61 -51.53
N GLY L 159 -5.54 1.64 -50.71
CA GLY L 159 -6.28 1.30 -49.51
C GLY L 159 -7.12 0.05 -49.56
N SER L 160 -6.59 -1.02 -50.14
CA SER L 160 -7.29 -2.29 -50.14
C SER L 160 -6.83 -3.14 -48.95
N LEU L 161 -7.58 -4.20 -48.69
CA LEU L 161 -7.22 -5.13 -47.62
C LEU L 161 -7.01 -6.55 -48.15
N MET L 162 -7.91 -7.04 -48.99
CA MET L 162 -7.69 -8.27 -49.75
C MET L 162 -8.05 -8.03 -51.22
N GLY L 163 -7.52 -8.88 -52.07
CA GLY L 163 -7.77 -8.79 -53.50
C GLY L 163 -7.30 -10.05 -54.19
N THR L 164 -7.83 -10.27 -55.39
CA THR L 164 -7.55 -11.47 -56.17
C THR L 164 -7.20 -11.09 -57.60
N PRO L 165 -6.01 -10.52 -57.84
CA PRO L 165 -5.72 -9.89 -59.15
C PRO L 165 -5.63 -10.90 -60.29
N ILE L 166 -6.22 -10.53 -61.43
CA ILE L 166 -6.33 -11.43 -62.57
C ILE L 166 -4.96 -11.65 -63.20
N ILE L 167 -4.67 -12.91 -63.52
CA ILE L 167 -3.41 -13.26 -64.16
C ILE L 167 -3.37 -12.68 -65.57
N ASN L 168 -2.33 -11.90 -65.85
CA ASN L 168 -2.17 -11.27 -67.16
C ASN L 168 -1.04 -11.94 -67.94
N PRO L 169 -1.16 -12.04 -69.26
CA PRO L 169 -0.09 -12.64 -70.07
C PRO L 169 1.08 -11.69 -70.19
N PRO L 170 2.30 -12.20 -70.47
CA PRO L 170 2.70 -13.62 -70.59
C PRO L 170 3.36 -14.19 -69.34
N GLN L 171 2.87 -13.93 -68.14
CA GLN L 171 3.43 -14.50 -66.92
C GLN L 171 2.43 -15.48 -66.30
N SER L 172 2.79 -16.02 -65.13
CA SER L 172 2.00 -17.09 -64.54
C SER L 172 1.73 -16.94 -63.06
N ALA L 173 2.21 -15.87 -62.40
CA ALA L 173 1.92 -15.65 -60.99
C ALA L 173 2.06 -14.16 -60.69
N ILE L 174 1.07 -13.60 -60.00
CA ILE L 174 1.00 -12.17 -59.71
C ILE L 174 0.70 -11.98 -58.23
N LEU L 175 1.60 -11.29 -57.53
CA LEU L 175 1.44 -10.98 -56.12
C LEU L 175 0.93 -9.55 -55.98
N GLY L 176 -0.30 -9.39 -55.53
CA GLY L 176 -0.82 -8.06 -55.30
C GLY L 176 -0.68 -7.66 -53.84
N MET L 177 0.31 -6.82 -53.54
CA MET L 177 0.47 -6.33 -52.18
C MET L 177 -0.62 -5.33 -51.84
N HIS L 178 -0.93 -5.20 -50.56
CA HIS L 178 -2.07 -4.44 -50.09
C HIS L 178 -1.64 -3.42 -49.05
N GLY L 179 -2.60 -2.63 -48.57
CA GLY L 179 -2.29 -1.54 -47.67
C GLY L 179 -2.00 -2.01 -46.26
N ILE L 180 -1.14 -1.25 -45.59
CA ILE L 180 -0.74 -1.58 -44.22
C ILE L 180 -1.76 -1.02 -43.24
N PHE L 181 -2.33 -1.89 -42.41
CA PHE L 181 -3.34 -1.54 -41.43
C PHE L 181 -2.81 -1.88 -40.04
N GLU L 182 -3.66 -1.73 -39.02
CA GLU L 182 -3.29 -1.98 -37.64
C GLU L 182 -4.10 -3.15 -37.10
N ARG L 183 -3.40 -4.20 -36.66
CA ARG L 183 -4.05 -5.38 -36.07
C ARG L 183 -3.24 -5.85 -34.87
N PRO L 184 -3.88 -6.04 -33.71
CA PRO L 184 -3.14 -6.38 -32.48
C PRO L 184 -2.81 -7.86 -32.35
N ILE L 185 -1.69 -8.28 -32.94
CA ILE L 185 -1.44 -9.70 -33.14
C ILE L 185 -0.76 -10.31 -31.91
N ALA L 186 -1.18 -11.53 -31.58
CA ALA L 186 -0.56 -12.30 -30.51
C ALA L 186 0.79 -12.82 -30.99
N VAL L 187 1.86 -12.28 -30.43
CA VAL L 187 3.22 -12.74 -30.70
C VAL L 187 3.91 -13.03 -29.37
N LYS L 188 4.62 -14.17 -29.31
CA LYS L 188 5.38 -14.62 -28.14
C LYS L 188 4.51 -14.80 -26.89
N GLY L 189 3.23 -15.13 -27.08
CA GLY L 189 2.35 -15.41 -25.97
C GLY L 189 1.61 -14.22 -25.38
N GLU L 190 1.82 -13.02 -25.90
CA GLU L 190 1.08 -11.85 -25.42
C GLU L 190 0.59 -11.02 -26.60
N VAL L 191 -0.39 -10.17 -26.33
CA VAL L 191 -1.02 -9.37 -27.36
C VAL L 191 -0.20 -8.12 -27.63
N LYS L 192 0.18 -7.91 -28.88
CA LYS L 192 0.94 -6.72 -29.26
C LYS L 192 0.40 -6.15 -30.55
N ILE L 193 0.32 -4.83 -30.62
CA ILE L 193 -0.20 -4.13 -31.79
C ILE L 193 0.94 -3.99 -32.79
N ARG L 194 0.93 -4.82 -33.83
CA ARG L 194 1.92 -4.79 -34.88
C ARG L 194 1.25 -4.52 -36.22
N PRO L 195 1.68 -3.50 -36.95
CA PRO L 195 1.03 -3.21 -38.24
C PRO L 195 1.40 -4.20 -39.34
N MET L 196 0.43 -5.00 -39.79
CA MET L 196 0.66 -5.88 -40.92
C MET L 196 -0.07 -5.40 -42.16
N MET L 197 0.06 -6.21 -43.20
CA MET L 197 -0.60 -6.01 -44.48
C MET L 197 -0.73 -7.35 -45.17
N TYR L 198 -1.89 -7.60 -45.75
CA TYR L 198 -2.16 -8.88 -46.38
C TYR L 198 -1.54 -8.92 -47.77
N ILE L 199 -1.22 -10.13 -48.23
CA ILE L 199 -0.69 -10.34 -49.56
C ILE L 199 -1.58 -11.33 -50.29
N ALA L 200 -1.47 -11.31 -51.62
CA ALA L 200 -2.22 -12.21 -52.48
C ALA L 200 -1.25 -12.92 -53.41
N LEU L 201 -1.71 -14.06 -53.96
CA LEU L 201 -0.92 -14.81 -54.92
C LEU L 201 -1.88 -15.60 -55.80
N THR L 202 -2.17 -15.07 -56.98
CA THR L 202 -3.06 -15.74 -57.93
C THR L 202 -2.22 -16.49 -58.95
N TYR L 203 -2.24 -17.81 -58.86
CA TYR L 203 -1.30 -18.67 -59.56
C TYR L 203 -2.04 -19.72 -60.37
N ASP L 204 -1.52 -20.02 -61.55
CA ASP L 204 -2.11 -21.06 -62.38
C ASP L 204 -1.86 -22.44 -61.78
N HIS L 205 -2.91 -23.26 -61.75
CA HIS L 205 -2.77 -24.65 -61.31
C HIS L 205 -2.22 -25.54 -62.40
N ARG L 206 -2.16 -25.08 -63.65
CA ARG L 206 -1.63 -25.92 -64.71
C ARG L 206 -0.13 -26.11 -64.59
N ILE L 207 0.58 -25.17 -63.96
CA ILE L 207 2.02 -25.32 -63.78
C ILE L 207 2.47 -25.15 -62.33
N ILE L 208 1.96 -24.16 -61.60
CA ILE L 208 2.31 -24.02 -60.19
C ILE L 208 1.36 -24.86 -59.36
N ASP L 209 1.91 -25.82 -58.62
CA ASP L 209 1.11 -26.61 -57.69
C ASP L 209 0.78 -25.79 -56.44
N GLY L 210 -0.20 -26.26 -55.68
CA GLY L 210 -0.59 -25.58 -54.45
C GLY L 210 0.49 -25.59 -53.39
N ARG L 211 1.23 -26.70 -53.29
CA ARG L 211 2.39 -26.78 -52.40
C ARG L 211 3.44 -25.77 -52.80
N GLU L 212 3.68 -25.63 -54.10
CA GLU L 212 4.67 -24.71 -54.64
C GLU L 212 4.32 -23.27 -54.29
N ALA L 213 3.06 -22.90 -54.48
CA ALA L 213 2.63 -21.52 -54.20
C ALA L 213 2.59 -21.23 -52.71
N VAL L 214 2.24 -22.24 -51.90
CA VAL L 214 2.20 -22.03 -50.45
C VAL L 214 3.61 -21.84 -49.89
N LEU L 215 4.56 -22.68 -50.31
CA LEU L 215 5.95 -22.51 -49.89
C LEU L 215 6.54 -21.22 -50.45
N PHE L 216 6.14 -20.84 -51.67
CA PHE L 216 6.56 -19.59 -52.28
C PHE L 216 6.10 -18.38 -51.49
N LEU L 217 4.84 -18.39 -51.07
CA LEU L 217 4.30 -17.28 -50.29
C LEU L 217 4.89 -17.23 -48.89
N ARG L 218 5.13 -18.39 -48.28
CA ARG L 218 5.80 -18.43 -46.99
C ARG L 218 7.23 -17.92 -47.08
N LYS L 219 7.92 -18.22 -48.17
CA LYS L 219 9.29 -17.75 -48.35
C LYS L 219 9.34 -16.25 -48.56
N ILE L 220 8.38 -15.69 -49.30
CA ILE L 220 8.32 -14.24 -49.45
C ILE L 220 7.95 -13.57 -48.13
N LYS L 221 7.06 -14.20 -47.34
CA LYS L 221 6.72 -13.67 -46.03
C LYS L 221 7.92 -13.64 -45.10
N ALA L 222 8.73 -14.70 -45.11
CA ALA L 222 9.94 -14.73 -44.31
C ALA L 222 10.99 -13.75 -44.84
N ALA L 223 11.04 -13.52 -46.15
CA ALA L 223 12.01 -12.61 -46.71
C ALA L 223 11.67 -11.14 -46.44
N VAL L 224 10.38 -10.81 -46.36
CA VAL L 224 9.98 -9.43 -46.10
C VAL L 224 9.96 -9.13 -44.60
N GLU L 225 9.53 -10.10 -43.78
CA GLU L 225 9.63 -9.94 -42.33
C GLU L 225 11.07 -9.85 -41.86
N ASN L 226 11.96 -10.62 -42.47
CA ASN L 226 13.39 -10.60 -42.13
C ASN L 226 14.19 -10.56 -43.42
N PRO L 227 14.77 -9.42 -43.78
CA PRO L 227 15.56 -9.33 -45.02
C PRO L 227 17.01 -9.83 -44.89
N ALA L 228 17.34 -10.56 -43.84
CA ALA L 228 18.62 -11.26 -43.79
C ALA L 228 18.56 -12.64 -44.43
N ILE L 229 17.35 -13.14 -44.70
CA ILE L 229 17.18 -14.44 -45.33
C ILE L 229 17.66 -14.41 -46.78
N ILE L 230 17.56 -13.25 -47.42
CA ILE L 230 17.89 -13.16 -48.85
C ILE L 230 19.40 -13.25 -49.08
N VAL L 231 20.21 -12.84 -48.09
CA VAL L 231 21.65 -13.09 -48.15
C VAL L 231 22.00 -14.39 -47.44
N ALA L 232 21.12 -14.89 -46.57
CA ALA L 232 21.35 -16.15 -45.89
C ALA L 232 21.24 -17.35 -46.83
N GLY L 233 20.38 -17.29 -47.83
CA GLY L 233 20.21 -18.40 -48.74
C GLY L 233 19.30 -19.50 -48.23
N LEU L 234 18.02 -19.18 -48.04
CA LEU L 234 17.02 -20.19 -47.66
C LEU L 234 15.93 -20.34 -48.71
N GLY M 1 33.75 -12.13 -59.87
CA GLY M 1 34.49 -13.34 -60.17
C GLY M 1 35.30 -13.24 -61.45
N THR M 2 35.93 -12.09 -61.66
CA THR M 2 36.73 -11.83 -62.84
C THR M 2 38.19 -11.65 -62.45
N ARG M 3 39.08 -12.18 -63.29
CA ARG M 3 40.53 -12.05 -63.08
C ARG M 3 41.08 -10.82 -63.78
N SER M 4 40.48 -9.66 -63.52
CA SER M 4 40.83 -8.42 -64.20
C SER M 4 41.60 -7.51 -63.26
N GLU M 5 42.76 -7.04 -63.71
CA GLU M 5 43.59 -6.11 -62.96
C GLU M 5 44.07 -5.02 -63.91
N GLN M 6 44.41 -3.87 -63.34
CA GLN M 6 44.91 -2.74 -64.12
C GLN M 6 46.19 -2.20 -63.51
N ARG M 7 46.80 -1.26 -64.23
CA ARG M 7 48.16 -0.79 -63.96
C ARG M 7 48.17 0.69 -63.62
N VAL M 8 47.30 1.12 -62.71
CA VAL M 8 47.17 2.55 -62.41
C VAL M 8 48.41 3.06 -61.68
N LYS M 9 48.91 4.20 -62.15
CA LYS M 9 50.13 4.81 -61.60
C LYS M 9 49.73 6.00 -60.73
N MET M 10 50.32 6.08 -59.54
CA MET M 10 50.01 7.13 -58.60
C MET M 10 50.90 8.35 -58.86
N ASN M 11 50.73 9.39 -58.05
CA ASN M 11 51.49 10.62 -58.20
C ASN M 11 52.74 10.58 -57.31
N ARG M 12 53.55 11.63 -57.43
CA ARG M 12 54.79 11.73 -56.68
C ARG M 12 54.53 11.94 -55.19
N MET M 13 53.47 12.69 -54.86
CA MET M 13 53.21 13.05 -53.47
C MET M 13 52.81 11.85 -52.62
N ARG M 14 52.17 10.84 -53.23
CA ARG M 14 51.82 9.65 -52.47
C ARG M 14 53.07 8.90 -52.03
N LEU M 15 54.07 8.79 -52.92
CA LEU M 15 55.37 8.28 -52.53
C LEU M 15 56.07 9.19 -51.54
N LYS M 16 55.83 10.51 -51.61
CA LYS M 16 56.46 11.44 -50.67
C LYS M 16 55.98 11.21 -49.23
N ILE M 17 54.66 11.19 -49.02
CA ILE M 17 54.12 10.87 -47.70
C ILE M 17 54.41 9.43 -47.28
N ALA M 18 54.44 8.49 -48.24
CA ALA M 18 54.76 7.09 -47.90
C ALA M 18 56.18 6.93 -47.39
N ALA M 19 57.16 7.50 -48.11
CA ALA M 19 58.55 7.45 -47.65
C ALA M 19 58.77 8.29 -46.40
N ARG M 20 57.99 9.38 -46.23
CA ARG M 20 58.08 10.19 -45.03
C ARG M 20 57.64 9.42 -43.80
N LEU M 21 56.50 8.71 -43.89
CA LEU M 21 56.05 7.93 -42.74
C LEU M 21 56.91 6.69 -42.53
N LYS M 22 57.50 6.15 -43.61
CA LYS M 22 58.43 5.03 -43.45
C LYS M 22 59.69 5.45 -42.71
N ASP M 23 60.27 6.60 -43.08
CA ASP M 23 61.42 7.10 -42.35
C ASP M 23 61.06 7.54 -40.93
N ALA M 24 59.83 8.00 -40.73
CA ALA M 24 59.38 8.36 -39.39
C ALA M 24 59.24 7.15 -38.49
N GLN M 25 58.72 6.04 -39.03
CA GLN M 25 58.63 4.82 -38.25
C GLN M 25 59.99 4.18 -38.05
N ASN M 26 60.89 4.31 -39.03
CA ASN M 26 62.23 3.76 -38.89
C ASN M 26 63.13 4.62 -38.02
N THR M 27 62.76 5.86 -37.74
CA THR M 27 63.52 6.73 -36.85
C THR M 27 62.95 6.77 -35.44
N CYS M 28 61.68 7.11 -35.30
CA CYS M 28 61.05 7.15 -33.99
C CYS M 28 60.66 5.74 -33.55
N ALA M 29 60.40 5.59 -32.25
CA ALA M 29 59.95 4.33 -31.69
C ALA M 29 58.44 4.38 -31.48
N MET M 30 57.72 3.42 -32.05
CA MET M 30 56.27 3.40 -31.97
C MET M 30 55.86 2.85 -30.60
N LEU M 31 55.08 3.62 -29.86
CA LEU M 31 54.76 3.30 -28.48
C LEU M 31 53.55 4.12 -28.05
N THR M 32 52.48 3.45 -27.63
CA THR M 32 51.23 4.15 -27.37
C THR M 32 50.71 3.87 -25.97
N THR M 33 49.77 4.72 -25.54
CA THR M 33 48.98 4.52 -24.34
C THR M 33 47.66 5.24 -24.54
N PHE M 34 46.62 4.77 -23.83
CA PHE M 34 45.29 5.31 -23.99
C PHE M 34 44.70 5.68 -22.64
N ASN M 35 43.61 6.44 -22.69
CA ASN M 35 42.87 6.84 -21.51
C ASN M 35 41.46 7.23 -21.96
N GLU M 36 40.59 7.44 -20.99
CA GLU M 36 39.21 7.86 -21.24
C GLU M 36 38.93 9.17 -20.53
N VAL M 37 38.23 10.07 -21.23
CA VAL M 37 37.98 11.43 -20.75
C VAL M 37 36.48 11.68 -20.75
N ASP M 38 35.95 12.10 -19.59
CA ASP M 38 34.56 12.51 -19.52
C ASP M 38 34.35 13.83 -20.27
N MET M 39 33.25 13.91 -21.00
CA MET M 39 32.96 15.06 -21.84
C MET M 39 31.64 15.73 -21.48
N SER M 40 30.97 15.28 -20.41
CA SER M 40 29.66 15.80 -20.06
C SER M 40 29.73 17.26 -19.61
N TYR M 41 30.81 17.64 -18.91
CA TYR M 41 31.01 19.04 -18.58
C TYR M 41 31.29 19.86 -19.82
N ALA M 42 31.99 19.29 -20.79
CA ALA M 42 32.20 19.96 -22.07
C ALA M 42 30.90 20.10 -22.84
N MET M 43 30.01 19.09 -22.76
CA MET M 43 28.69 19.18 -23.37
C MET M 43 27.88 20.32 -22.75
N ASP M 44 27.85 20.40 -21.42
CA ASP M 44 27.11 21.46 -20.73
C ASP M 44 27.70 22.84 -21.02
N PHE M 45 29.04 22.94 -21.06
CA PHE M 45 29.69 24.22 -21.28
C PHE M 45 29.46 24.73 -22.70
N ARG M 46 29.54 23.84 -23.69
CA ARG M 46 29.25 24.23 -25.07
C ARG M 46 27.78 24.57 -25.25
N LYS M 47 26.89 23.81 -24.60
CA LYS M 47 25.46 24.06 -24.72
C LYS M 47 25.04 25.35 -24.04
N GLN M 48 25.78 25.80 -23.03
CA GLN M 48 25.48 27.06 -22.38
C GLN M 48 26.21 28.26 -22.99
N ASN M 49 27.31 28.04 -23.72
CA ASN M 49 28.06 29.17 -24.28
C ASN M 49 28.06 29.22 -25.79
N LEU M 50 27.21 28.42 -26.46
CA LEU M 50 27.08 28.48 -27.91
C LEU M 50 26.66 29.87 -28.40
N ASP M 51 25.53 30.37 -27.87
CA ASP M 51 25.06 31.69 -28.28
C ASP M 51 25.95 32.81 -27.77
N ALA M 52 26.64 32.59 -26.63
CA ALA M 52 27.55 33.58 -26.10
C ALA M 52 28.76 33.79 -27.01
N PHE M 53 29.41 32.68 -27.42
CA PHE M 53 30.53 32.81 -28.36
C PHE M 53 30.06 33.26 -29.74
N THR M 54 28.86 32.86 -30.16
CA THR M 54 28.34 33.29 -31.45
C THR M 54 28.09 34.79 -31.48
N LYS M 55 27.50 35.33 -30.41
CA LYS M 55 27.22 36.77 -30.38
C LYS M 55 28.44 37.60 -30.02
N LYS M 56 29.47 37.00 -29.42
CA LYS M 56 30.64 37.81 -29.06
C LYS M 56 31.70 37.80 -30.15
N TYR M 57 32.03 36.63 -30.71
CA TYR M 57 33.14 36.55 -31.65
C TYR M 57 32.70 36.30 -33.09
N GLY M 58 31.48 35.82 -33.31
CA GLY M 58 30.89 35.74 -34.63
C GLY M 58 31.09 34.43 -35.34
N ILE M 59 31.95 33.55 -34.83
CA ILE M 59 32.27 32.30 -35.48
C ILE M 59 31.74 31.14 -34.64
N LYS M 60 31.67 29.96 -35.26
CA LYS M 60 31.17 28.77 -34.62
C LYS M 60 32.33 27.92 -34.10
N PHE M 61 32.15 27.34 -32.92
CA PHE M 61 33.20 26.63 -32.23
C PHE M 61 32.73 25.21 -31.92
N GLY M 62 33.66 24.26 -31.93
CA GLY M 62 33.31 22.94 -31.46
C GLY M 62 34.45 21.97 -31.21
N PHE M 63 34.47 21.38 -30.02
CA PHE M 63 35.09 20.09 -29.71
C PHE M 63 36.61 20.01 -29.89
N MET M 64 37.27 21.10 -30.28
CA MET M 64 38.68 21.00 -30.63
C MET M 64 39.55 21.93 -29.79
N SER M 65 39.04 23.12 -29.48
CA SER M 65 39.84 24.11 -28.75
C SER M 65 40.04 23.70 -27.30
N ILE M 66 39.09 22.95 -26.74
CA ILE M 66 39.23 22.42 -25.38
C ILE M 66 40.42 21.47 -25.30
N PHE M 67 40.53 20.59 -26.29
CA PHE M 67 41.66 19.66 -26.35
C PHE M 67 42.95 20.37 -26.72
N ALA M 68 42.88 21.43 -27.53
CA ALA M 68 44.07 22.15 -27.97
C ALA M 68 44.70 22.96 -26.85
N LYS M 69 43.87 23.70 -26.11
CA LYS M 69 44.39 24.53 -25.02
C LYS M 69 44.89 23.69 -23.86
N ALA M 70 44.22 22.56 -23.59
CA ALA M 70 44.69 21.63 -22.57
C ALA M 70 46.04 21.02 -22.96
N SER M 71 46.20 20.68 -24.24
CA SER M 71 47.48 20.15 -24.71
C SER M 71 48.57 21.23 -24.66
N ALA M 72 48.22 22.48 -24.96
CA ALA M 72 49.18 23.57 -24.84
C ALA M 72 49.63 23.77 -23.41
N TYR M 73 48.71 23.67 -22.45
CA TYR M 73 49.05 23.75 -21.04
C TYR M 73 49.96 22.60 -20.61
N ALA M 74 49.62 21.38 -21.04
CA ALA M 74 50.42 20.21 -20.65
C ALA M 74 51.80 20.21 -21.30
N LEU M 75 51.95 20.84 -22.46
CA LEU M 75 53.29 21.03 -23.03
C LEU M 75 54.05 22.16 -22.34
N GLN M 76 53.36 23.19 -21.84
CA GLN M 76 54.07 24.24 -21.09
C GLN M 76 54.55 23.75 -19.73
N ASP M 77 53.80 22.89 -19.06
CA ASP M 77 54.23 22.43 -17.74
C ASP M 77 54.96 21.08 -17.76
N GLN M 78 55.26 20.55 -18.95
CA GLN M 78 56.05 19.33 -19.11
C GLN M 78 56.83 19.46 -20.41
N PRO M 79 57.96 20.17 -20.41
CA PRO M 79 58.57 20.60 -21.66
C PRO M 79 59.44 19.58 -22.37
N VAL M 80 59.45 18.32 -21.93
CA VAL M 80 60.21 17.29 -22.64
C VAL M 80 59.33 16.57 -23.66
N VAL M 81 58.01 16.73 -23.58
CA VAL M 81 57.10 16.11 -24.54
C VAL M 81 57.24 16.76 -25.91
N ASN M 82 57.47 18.07 -25.95
CA ASN M 82 57.66 18.77 -27.22
C ASN M 82 59.05 18.62 -27.81
N ALA M 83 60.02 18.18 -27.02
CA ALA M 83 61.40 18.13 -27.48
C ALA M 83 61.65 16.91 -28.36
N VAL M 84 62.53 17.09 -29.36
CA VAL M 84 62.83 16.04 -30.33
C VAL M 84 64.34 15.78 -30.36
N ILE M 85 64.74 14.87 -31.24
CA ILE M 85 66.16 14.55 -31.44
C ILE M 85 66.50 14.86 -32.89
N ASP M 86 67.49 15.72 -33.10
CA ASP M 86 68.06 15.99 -34.42
C ASP M 86 69.52 15.55 -34.38
N GLY M 87 69.75 14.28 -34.64
CA GLY M 87 71.09 13.72 -34.58
C GLY M 87 71.49 13.31 -33.18
N THR M 88 72.33 14.13 -32.54
CA THR M 88 72.78 13.90 -31.16
C THR M 88 72.46 15.11 -30.29
N ASP M 89 71.31 15.72 -30.50
CA ASP M 89 70.91 16.92 -29.78
C ASP M 89 69.45 16.83 -29.41
N ILE M 90 69.11 17.33 -28.22
CA ILE M 90 67.73 17.40 -27.76
C ILE M 90 67.35 18.89 -27.71
N VAL M 91 66.27 19.25 -28.39
CA VAL M 91 65.88 20.65 -28.54
C VAL M 91 64.66 20.88 -27.65
N TYR M 92 64.91 21.32 -26.42
CA TYR M 92 63.82 21.84 -25.59
C TYR M 92 63.31 23.15 -26.17
N ARG M 93 61.99 23.27 -26.27
CA ARG M 93 61.37 24.47 -26.82
C ARG M 93 60.34 25.01 -25.85
N ASP M 94 60.33 26.33 -25.68
CA ASP M 94 59.30 26.99 -24.87
C ASP M 94 58.04 27.29 -25.68
N TYR M 95 58.20 27.67 -26.93
CA TYR M 95 57.06 27.88 -27.81
C TYR M 95 56.45 26.55 -28.20
N VAL M 96 55.12 26.54 -28.35
CA VAL M 96 54.41 25.34 -28.77
C VAL M 96 53.50 25.70 -29.94
N ASP M 97 53.54 24.88 -30.99
CA ASP M 97 52.73 25.08 -32.18
C ASP M 97 52.01 23.78 -32.48
N ILE M 98 50.69 23.77 -32.32
CA ILE M 98 49.90 22.56 -32.54
C ILE M 98 49.69 22.38 -34.03
N SER M 99 50.04 21.19 -34.52
CA SER M 99 49.96 20.86 -35.95
C SER M 99 48.65 20.12 -36.17
N VAL M 100 47.72 20.79 -36.85
CA VAL M 100 46.32 20.34 -36.93
C VAL M 100 46.05 19.80 -38.33
N ALA M 101 45.45 18.61 -38.40
CA ALA M 101 45.03 18.04 -39.66
C ALA M 101 43.63 18.51 -40.04
N VAL M 102 43.44 18.80 -41.33
CA VAL M 102 42.13 19.19 -41.86
C VAL M 102 42.07 18.74 -43.32
N ALA M 103 40.85 18.52 -43.81
CA ALA M 103 40.66 18.03 -45.16
C ALA M 103 40.81 19.14 -46.19
N THR M 104 41.36 18.78 -47.35
CA THR M 104 41.52 19.64 -48.51
C THR M 104 41.09 18.82 -49.72
N PRO M 105 40.71 19.47 -50.83
CA PRO M 105 40.34 18.71 -52.04
C PRO M 105 41.43 17.81 -52.61
N ARG M 106 42.71 18.16 -52.45
CA ARG M 106 43.75 17.29 -52.99
C ARG M 106 44.00 16.06 -52.11
N GLY M 107 43.69 16.16 -50.82
CA GLY M 107 44.09 15.14 -49.87
C GLY M 107 43.87 15.57 -48.43
N LEU M 108 44.92 15.53 -47.62
CA LEU M 108 44.86 15.99 -46.23
C LEU M 108 46.05 16.90 -45.99
N VAL M 109 45.81 18.22 -46.03
CA VAL M 109 46.84 19.21 -45.75
C VAL M 109 46.84 19.49 -44.26
N VAL M 110 48.00 19.87 -43.72
CA VAL M 110 48.20 19.99 -42.28
C VAL M 110 48.64 21.42 -41.98
N PRO M 111 47.71 22.33 -41.69
CA PRO M 111 48.09 23.65 -41.20
C PRO M 111 48.46 23.64 -39.73
N VAL M 112 49.28 24.62 -39.34
CA VAL M 112 49.83 24.70 -37.99
C VAL M 112 49.35 25.99 -37.34
N ILE M 113 48.83 25.88 -36.12
CA ILE M 113 48.48 27.04 -35.31
C ILE M 113 49.72 27.55 -34.59
N ARG M 114 50.00 28.84 -34.73
CA ARG M 114 51.23 29.42 -34.20
C ARG M 114 50.97 30.12 -32.87
N ASN M 115 51.86 29.89 -31.91
CA ASN M 115 51.90 30.54 -30.59
C ASN M 115 50.59 30.33 -29.81
N VAL M 116 50.37 29.06 -29.47
CA VAL M 116 49.08 28.62 -28.93
C VAL M 116 49.02 28.70 -27.41
N GLU M 117 50.16 28.93 -26.74
CA GLU M 117 50.17 28.84 -25.27
C GLU M 117 49.54 30.07 -24.63
N GLY M 118 49.77 31.26 -25.17
CA GLY M 118 49.17 32.47 -24.65
C GLY M 118 47.95 32.87 -25.44
N MET M 119 47.00 31.96 -25.61
CA MET M 119 45.97 32.13 -26.62
C MET M 119 44.69 31.44 -26.15
N ASN M 120 43.59 32.19 -26.10
CA ASN M 120 42.35 31.73 -25.51
C ASN M 120 41.63 30.75 -26.43
N TYR M 121 40.44 30.31 -26.00
CA TYR M 121 39.59 29.46 -26.83
C TYR M 121 39.18 30.14 -28.12
N ALA M 122 38.62 31.35 -28.00
CA ALA M 122 38.07 32.04 -29.16
C ALA M 122 39.15 32.47 -30.14
N ASP M 123 40.35 32.82 -29.64
CA ASP M 123 41.45 33.15 -30.52
C ASP M 123 41.97 31.91 -31.27
N ILE M 124 42.01 30.75 -30.60
CA ILE M 124 42.37 29.50 -31.27
C ILE M 124 41.36 29.16 -32.34
N GLU M 125 40.06 29.38 -32.06
CA GLU M 125 39.04 29.14 -33.08
C GLU M 125 39.13 30.13 -34.23
N ILE M 126 39.54 31.36 -33.94
CA ILE M 126 39.76 32.35 -35.01
C ILE M 126 40.91 31.92 -35.92
N ALA M 127 42.02 31.46 -35.32
CA ALA M 127 43.16 30.99 -36.12
C ALA M 127 42.82 29.73 -36.91
N LEU M 128 42.08 28.80 -36.29
CA LEU M 128 41.74 27.55 -36.97
C LEU M 128 40.72 27.78 -38.08
N ALA M 129 39.74 28.67 -37.85
CA ALA M 129 38.78 29.02 -38.90
C ALA M 129 39.45 29.79 -40.03
N GLY M 130 40.45 30.61 -39.72
CA GLY M 130 41.20 31.28 -40.76
C GLY M 130 42.01 30.32 -41.61
N LEU M 131 42.63 29.32 -40.97
CA LEU M 131 43.37 28.30 -41.71
C LEU M 131 42.44 27.42 -42.55
N ALA M 132 41.26 27.09 -42.01
CA ALA M 132 40.29 26.32 -42.78
C ALA M 132 39.70 27.13 -43.93
N ASP M 133 39.53 28.43 -43.74
CA ASP M 133 39.06 29.30 -44.82
C ASP M 133 40.14 29.44 -45.89
N LYS M 134 41.41 29.49 -45.49
CA LYS M 134 42.50 29.49 -46.46
C LYS M 134 42.56 28.18 -47.22
N ALA M 135 42.24 27.06 -46.56
CA ALA M 135 42.15 25.78 -47.24
C ALA M 135 40.88 25.67 -48.09
N ARG M 136 39.89 26.53 -47.87
CA ARG M 136 38.64 26.45 -48.63
C ARG M 136 38.86 26.88 -50.09
N ARG M 137 39.52 28.02 -50.31
CA ARG M 137 39.83 28.45 -51.67
C ARG M 137 41.25 28.05 -52.10
N ASP M 138 41.87 27.13 -51.37
CA ASP M 138 43.18 26.55 -51.67
C ASP M 138 44.28 27.62 -51.67
N ALA M 139 44.46 28.24 -50.51
CA ALA M 139 45.49 29.25 -50.32
C ALA M 139 46.51 28.83 -49.27
N ILE M 140 46.68 27.54 -49.04
CA ILE M 140 47.63 27.05 -48.04
C ILE M 140 49.03 27.17 -48.61
N THR M 141 49.91 27.84 -47.86
CA THR M 141 51.26 28.12 -48.32
C THR M 141 52.23 27.03 -47.83
N VAL M 142 53.52 27.28 -47.99
CA VAL M 142 54.54 26.32 -47.60
C VAL M 142 55.09 26.63 -46.21
N GLU M 143 55.10 27.91 -45.82
CA GLU M 143 55.67 28.33 -44.54
C GLU M 143 54.89 27.82 -43.33
N ASP M 144 53.63 27.45 -43.50
CA ASP M 144 52.82 26.87 -42.41
C ASP M 144 52.68 25.36 -42.57
N MET M 145 53.74 24.68 -43.00
CA MET M 145 53.73 23.23 -43.16
C MET M 145 54.72 22.51 -42.26
N ASP M 146 55.48 23.25 -41.45
CA ASP M 146 56.49 22.66 -40.59
C ASP M 146 56.48 23.36 -39.25
N GLY M 147 57.38 22.93 -38.36
CA GLY M 147 57.55 23.56 -37.07
C GLY M 147 56.57 23.13 -36.00
N GLY M 148 55.69 22.17 -36.29
CA GLY M 148 54.71 21.75 -35.31
C GLY M 148 55.35 20.90 -34.22
N THR M 149 54.89 21.10 -33.00
CA THR M 149 55.40 20.36 -31.84
C THR M 149 54.40 19.36 -31.29
N PHE M 150 53.13 19.43 -31.69
CA PHE M 150 52.11 18.53 -31.17
C PHE M 150 50.99 18.44 -32.20
N THR M 151 50.15 17.42 -32.05
CA THR M 151 49.11 17.16 -33.05
C THR M 151 47.86 16.62 -32.37
N ILE M 152 46.71 17.20 -32.71
CA ILE M 152 45.41 16.84 -32.17
C ILE M 152 44.59 16.32 -33.36
N SER M 153 45.22 15.46 -34.17
CA SER M 153 44.66 14.85 -35.37
C SER M 153 43.25 14.31 -35.17
N ASN M 154 42.30 14.89 -35.90
CA ASN M 154 40.88 14.66 -35.69
C ASN M 154 40.48 13.31 -36.26
N GLY M 155 40.06 12.41 -35.39
CA GLY M 155 39.47 11.15 -35.81
C GLY M 155 38.10 11.00 -35.18
N GLY M 156 37.60 12.09 -34.60
CA GLY M 156 36.37 12.06 -33.85
C GLY M 156 35.12 12.32 -34.68
N VAL M 157 35.26 13.18 -35.70
CA VAL M 157 34.14 13.48 -36.58
C VAL M 157 33.83 12.29 -37.50
N PHE M 158 34.80 11.40 -37.69
CA PHE M 158 34.67 10.31 -38.65
C PHE M 158 34.19 9.01 -38.02
N GLY M 159 34.31 8.88 -36.69
CA GLY M 159 33.67 7.77 -35.99
C GLY M 159 34.58 6.63 -35.57
N SER M 160 35.76 6.94 -35.06
CA SER M 160 36.64 5.91 -34.53
C SER M 160 36.41 5.75 -33.03
N LEU M 161 36.95 4.66 -32.48
CA LEU M 161 36.88 4.43 -31.05
C LEU M 161 38.26 4.32 -30.41
N MET M 162 39.18 3.57 -31.02
CA MET M 162 40.58 3.59 -30.66
C MET M 162 41.43 3.73 -31.91
N GLY M 163 42.67 4.18 -31.71
CA GLY M 163 43.59 4.35 -32.82
C GLY M 163 44.99 4.57 -32.29
N THR M 164 45.97 4.36 -33.16
CA THR M 164 47.38 4.44 -32.79
C THR M 164 48.13 5.26 -33.84
N PRO M 165 47.94 6.58 -33.88
CA PRO M 165 48.43 7.39 -35.00
C PRO M 165 49.95 7.47 -35.08
N ILE M 166 50.47 7.36 -36.31
CA ILE M 166 51.90 7.26 -36.54
C ILE M 166 52.55 8.61 -36.26
N ILE M 167 53.68 8.58 -35.54
CA ILE M 167 54.42 9.80 -35.23
C ILE M 167 55.01 10.38 -36.51
N ASN M 168 54.69 11.64 -36.78
CA ASN M 168 55.17 12.33 -37.98
C ASN M 168 56.24 13.37 -37.61
N PRO M 169 57.22 13.58 -38.46
CA PRO M 169 58.25 14.58 -38.17
C PRO M 169 57.71 15.98 -38.38
N PRO M 170 58.32 17.01 -37.75
CA PRO M 170 59.42 16.97 -36.76
C PRO M 170 58.97 17.07 -35.31
N GLN M 171 57.92 16.37 -34.88
CA GLN M 171 57.49 16.39 -33.50
C GLN M 171 57.71 15.01 -32.87
N SER M 172 57.28 14.86 -31.62
CA SER M 172 57.59 13.66 -30.87
C SER M 172 56.43 13.06 -30.09
N ALA M 173 55.23 13.64 -30.15
CA ALA M 173 54.07 13.09 -29.47
C ALA M 173 52.82 13.60 -30.16
N ILE M 174 51.89 12.67 -30.46
CA ILE M 174 50.68 12.97 -31.21
C ILE M 174 49.48 12.37 -30.48
N LEU M 175 48.53 13.21 -30.10
CA LEU M 175 47.31 12.79 -29.42
C LEU M 175 46.19 12.74 -30.45
N GLY M 176 45.71 11.53 -30.75
CA GLY M 176 44.59 11.41 -31.64
C GLY M 176 43.28 11.27 -30.90
N MET M 177 42.51 12.35 -30.83
CA MET M 177 41.21 12.29 -30.16
C MET M 177 40.22 11.52 -31.03
N HIS M 178 39.22 10.94 -30.38
CA HIS M 178 38.31 10.00 -31.02
C HIS M 178 36.86 10.43 -30.81
N GLY M 179 35.93 9.67 -31.39
CA GLY M 179 34.54 10.05 -31.36
C GLY M 179 33.89 9.79 -30.02
N ILE M 180 32.90 10.63 -29.70
CA ILE M 180 32.19 10.54 -28.43
C ILE M 180 31.06 9.51 -28.56
N PHE M 181 31.08 8.51 -27.69
CA PHE M 181 30.10 7.44 -27.68
C PHE M 181 29.38 7.44 -26.33
N GLU M 182 28.53 6.45 -26.10
CA GLU M 182 27.75 6.34 -24.88
C GLU M 182 28.18 5.10 -24.11
N ARG M 183 28.63 5.29 -22.87
CA ARG M 183 29.03 4.18 -22.01
C ARG M 183 28.54 4.46 -20.58
N PRO M 184 27.84 3.51 -19.95
CA PRO M 184 27.24 3.75 -18.64
C PRO M 184 28.21 3.56 -17.48
N ILE M 185 28.96 4.61 -17.15
CA ILE M 185 30.12 4.46 -16.27
C ILE M 185 29.71 4.56 -14.80
N ALA M 186 30.33 3.71 -13.97
CA ALA M 186 30.14 3.76 -12.53
C ALA M 186 30.90 4.96 -11.97
N VAL M 187 30.15 5.96 -11.51
CA VAL M 187 30.72 7.13 -10.85
C VAL M 187 30.01 7.31 -9.51
N LYS M 188 30.80 7.59 -8.46
CA LYS M 188 30.33 7.84 -7.10
C LYS M 188 29.55 6.65 -6.52
N GLY M 189 29.86 5.44 -6.95
CA GLY M 189 29.25 4.25 -6.39
C GLY M 189 27.97 3.78 -7.05
N GLU M 190 27.48 4.47 -8.08
CA GLU M 190 26.29 4.05 -8.80
C GLU M 190 26.52 4.17 -10.30
N VAL M 191 25.69 3.46 -11.06
CA VAL M 191 25.84 3.40 -12.51
C VAL M 191 25.16 4.61 -13.13
N LYS M 192 25.91 5.36 -13.95
CA LYS M 192 25.36 6.52 -14.64
C LYS M 192 25.84 6.54 -16.08
N ILE M 193 24.95 6.90 -16.99
CA ILE M 193 25.27 6.95 -18.41
C ILE M 193 25.91 8.30 -18.69
N ARG M 194 27.24 8.29 -18.86
CA ARG M 194 27.98 9.50 -19.17
C ARG M 194 28.71 9.32 -20.49
N PRO M 195 28.52 10.23 -21.46
CA PRO M 195 29.19 10.08 -22.75
C PRO M 195 30.68 10.39 -22.69
N MET M 196 31.53 9.39 -22.87
CA MET M 196 32.97 9.62 -22.96
C MET M 196 33.47 9.43 -24.38
N MET M 197 34.78 9.57 -24.51
CA MET M 197 35.51 9.38 -25.74
C MET M 197 36.95 9.03 -25.39
N TYR M 198 37.50 8.03 -26.10
CA TYR M 198 38.84 7.56 -25.80
C TYR M 198 39.87 8.49 -26.44
N ILE M 199 41.05 8.52 -25.84
CA ILE M 199 42.16 9.30 -26.38
C ILE M 199 43.36 8.38 -26.59
N ALA M 200 44.29 8.84 -27.42
CA ALA M 200 45.50 8.10 -27.73
C ALA M 200 46.70 9.00 -27.50
N LEU M 201 47.86 8.38 -27.33
CA LEU M 201 49.11 9.14 -27.16
C LEU M 201 50.25 8.24 -27.64
N THR M 202 50.70 8.45 -28.86
CA THR M 202 51.81 7.68 -29.42
C THR M 202 53.08 8.50 -29.28
N TYR M 203 53.96 8.05 -28.38
CA TYR M 203 55.09 8.84 -27.92
C TYR M 203 56.38 8.04 -28.09
N ASP M 204 57.44 8.74 -28.46
CA ASP M 204 58.74 8.11 -28.60
C ASP M 204 59.31 7.74 -27.22
N HIS M 205 59.84 6.53 -27.10
CA HIS M 205 60.50 6.11 -25.88
C HIS M 205 61.94 6.62 -25.80
N ARG M 206 62.49 7.14 -26.90
CA ARG M 206 63.85 7.66 -26.85
C ARG M 206 63.95 8.94 -26.03
N ILE M 207 62.86 9.71 -25.94
CA ILE M 207 62.89 10.93 -25.14
C ILE M 207 61.77 11.01 -24.10
N ILE M 208 60.54 10.66 -24.46
CA ILE M 208 59.46 10.65 -23.48
C ILE M 208 59.43 9.29 -22.78
N ASP M 209 59.60 9.31 -21.46
CA ASP M 209 59.49 8.09 -20.69
C ASP M 209 58.02 7.71 -20.51
N GLY M 210 57.78 6.46 -20.10
CA GLY M 210 56.42 6.00 -19.89
C GLY M 210 55.72 6.69 -18.75
N ARG M 211 56.46 6.99 -17.67
CA ARG M 211 55.94 7.79 -16.57
C ARG M 211 55.52 9.18 -17.05
N GLU M 212 56.36 9.79 -17.90
CA GLU M 212 56.12 11.11 -18.43
C GLU M 212 54.84 11.15 -19.26
N ALA M 213 54.66 10.15 -20.13
CA ALA M 213 53.48 10.11 -20.99
C ALA M 213 52.22 9.77 -20.21
N VAL M 214 52.35 8.92 -19.18
CA VAL M 214 51.18 8.57 -18.37
C VAL M 214 50.70 9.77 -17.55
N LEU M 215 51.63 10.49 -16.92
CA LEU M 215 51.26 11.71 -16.18
C LEU M 215 50.76 12.79 -17.13
N PHE M 216 51.33 12.85 -18.33
CA PHE M 216 50.90 13.80 -19.36
C PHE M 216 49.46 13.54 -19.78
N LEU M 217 49.12 12.27 -20.02
CA LEU M 217 47.77 11.91 -20.43
C LEU M 217 46.77 12.10 -19.30
N ARG M 218 47.18 11.80 -18.06
CA ARG M 218 46.31 12.05 -16.92
C ARG M 218 46.06 13.54 -16.71
N LYS M 219 47.09 14.37 -16.97
CA LYS M 219 46.92 15.81 -16.83
C LYS M 219 46.00 16.37 -17.90
N ILE M 220 46.10 15.86 -19.14
CA ILE M 220 45.17 16.30 -20.17
C ILE M 220 43.75 15.81 -19.88
N LYS M 221 43.61 14.61 -19.33
CA LYS M 221 42.29 14.11 -18.94
C LYS M 221 41.66 14.97 -17.85
N ALA M 222 42.46 15.37 -16.85
CA ALA M 222 41.94 16.27 -15.82
C ALA M 222 41.66 17.67 -16.36
N ALA M 223 42.43 18.13 -17.36
CA ALA M 223 42.20 19.46 -17.91
C ALA M 223 40.97 19.51 -18.80
N VAL M 224 40.63 18.42 -19.48
CA VAL M 224 39.46 18.42 -20.34
C VAL M 224 38.18 18.08 -19.55
N GLU M 225 38.28 17.17 -18.57
CA GLU M 225 37.14 16.93 -17.68
C GLU M 225 36.80 18.15 -16.84
N ASN M 226 37.81 18.88 -16.39
CA ASN M 226 37.61 20.11 -15.60
C ASN M 226 38.52 21.20 -16.15
N PRO M 227 37.99 22.18 -16.89
CA PRO M 227 38.82 23.25 -17.43
C PRO M 227 39.13 24.38 -16.45
N ALA M 228 38.93 24.19 -15.16
CA ALA M 228 39.43 25.13 -14.15
C ALA M 228 40.85 24.81 -13.73
N ILE M 229 41.35 23.62 -14.08
CA ILE M 229 42.72 23.23 -13.74
C ILE M 229 43.72 24.07 -14.51
N ILE M 230 43.36 24.51 -15.72
CA ILE M 230 44.31 25.22 -16.58
C ILE M 230 44.58 26.63 -16.07
N VAL M 231 43.63 27.23 -15.35
CA VAL M 231 43.90 28.49 -14.65
C VAL M 231 44.33 28.22 -13.21
N ALA M 232 44.04 27.02 -12.68
CA ALA M 232 44.47 26.67 -11.34
C ALA M 232 45.98 26.45 -11.23
N GLY M 233 46.61 25.95 -12.29
CA GLY M 233 48.03 25.69 -12.24
C GLY M 233 48.42 24.38 -11.59
N LEU M 234 48.01 23.26 -12.18
CA LEU M 234 48.43 21.94 -11.70
C LEU M 234 49.24 21.18 -12.74
N GLY N 1 55.46 32.95 -26.64
CA GLY N 1 55.57 33.41 -28.02
C GLY N 1 56.96 33.89 -28.38
N THR N 2 57.97 33.16 -27.91
CA THR N 2 59.37 33.50 -28.16
C THR N 2 60.03 32.43 -29.02
N ARG N 3 60.88 32.87 -29.93
CA ARG N 3 61.63 31.96 -30.80
C ARG N 3 62.98 31.58 -30.20
N SER N 4 62.96 31.11 -28.95
CA SER N 4 64.16 30.82 -28.21
C SER N 4 64.36 29.31 -28.09
N GLU N 5 65.55 28.85 -28.48
CA GLU N 5 65.93 27.45 -28.39
C GLU N 5 67.33 27.35 -27.80
N GLN N 6 67.64 26.20 -27.22
CA GLN N 6 68.95 25.96 -26.65
C GLN N 6 69.52 24.63 -27.14
N ARG N 7 70.78 24.39 -26.76
CA ARG N 7 71.58 23.31 -27.33
C ARG N 7 72.01 22.33 -26.26
N VAL N 8 71.07 21.87 -25.43
CA VAL N 8 71.41 21.01 -24.30
C VAL N 8 71.84 19.64 -24.79
N LYS N 9 72.95 19.15 -24.25
CA LYS N 9 73.54 17.87 -24.61
C LYS N 9 73.25 16.84 -23.53
N MET N 10 72.79 15.67 -23.96
CA MET N 10 72.43 14.60 -23.03
C MET N 10 73.66 13.76 -22.69
N ASN N 11 73.46 12.75 -21.87
CA ASN N 11 74.54 11.87 -21.44
C ASN N 11 74.64 10.65 -22.35
N ARG N 12 75.65 9.81 -22.09
CA ARG N 12 75.90 8.63 -22.90
C ARG N 12 74.81 7.58 -22.68
N MET N 13 74.29 7.47 -21.45
CA MET N 13 73.35 6.42 -21.11
C MET N 13 72.00 6.60 -21.81
N ARG N 14 71.60 7.85 -22.09
CA ARG N 14 70.36 8.06 -22.83
C ARG N 14 70.46 7.52 -24.25
N LEU N 15 71.60 7.74 -24.91
CA LEU N 15 71.86 7.08 -26.19
C LEU N 15 71.97 5.56 -26.04
N LYS N 16 72.45 5.07 -24.88
CA LYS N 16 72.59 3.63 -24.67
C LYS N 16 71.22 2.94 -24.64
N ILE N 17 70.31 3.44 -23.80
CA ILE N 17 68.94 2.90 -23.77
C ILE N 17 68.19 3.18 -25.09
N ALA N 18 68.45 4.33 -25.73
CA ALA N 18 67.79 4.63 -27.01
C ALA N 18 68.20 3.65 -28.12
N ALA N 19 69.51 3.41 -28.28
CA ALA N 19 69.98 2.44 -29.26
C ALA N 19 69.60 1.02 -28.87
N ARG N 20 69.52 0.73 -27.58
CA ARG N 20 69.10 -0.59 -27.11
C ARG N 20 67.65 -0.89 -27.49
N LEU N 21 66.76 0.08 -27.27
CA LEU N 21 65.36 -0.14 -27.64
C LEU N 21 65.17 -0.08 -29.16
N LYS N 22 66.01 0.68 -29.86
CA LYS N 22 65.95 0.67 -31.32
C LYS N 22 66.36 -0.67 -31.91
N ASP N 23 67.45 -1.27 -31.39
CA ASP N 23 67.83 -2.60 -31.83
C ASP N 23 66.84 -3.66 -31.38
N ALA N 24 66.19 -3.44 -30.23
CA ALA N 24 65.17 -4.38 -29.76
C ALA N 24 63.94 -4.35 -30.66
N GLN N 25 63.52 -3.16 -31.10
CA GLN N 25 62.39 -3.07 -32.02
C GLN N 25 62.77 -3.55 -33.40
N ASN N 26 64.01 -3.33 -33.83
CA ASN N 26 64.45 -3.81 -35.14
C ASN N 26 64.75 -5.30 -35.15
N THR N 27 64.89 -5.94 -34.00
CA THR N 27 65.10 -7.38 -33.92
C THR N 27 63.81 -8.14 -33.62
N CYS N 28 63.13 -7.80 -32.54
CA CYS N 28 61.88 -8.46 -32.20
C CYS N 28 60.73 -7.90 -33.02
N ALA N 29 59.63 -8.63 -33.07
CA ALA N 29 58.43 -8.19 -33.76
C ALA N 29 57.44 -7.64 -32.74
N MET N 30 57.00 -6.40 -32.94
CA MET N 30 56.08 -5.76 -32.01
C MET N 30 54.67 -6.27 -32.27
N LEU N 31 54.04 -6.82 -31.23
CA LEU N 31 52.76 -7.50 -31.36
C LEU N 31 52.13 -7.63 -29.99
N THR N 32 50.94 -7.08 -29.81
CA THR N 32 50.33 -7.01 -28.49
C THR N 32 48.94 -7.64 -28.46
N THR N 33 48.48 -7.92 -27.24
CA THR N 33 47.11 -8.30 -26.96
C THR N 33 46.79 -7.89 -25.54
N PHE N 34 45.51 -7.66 -25.26
CA PHE N 34 45.08 -7.17 -23.97
C PHE N 34 43.97 -8.06 -23.41
N ASN N 35 43.72 -7.87 -22.12
CA ASN N 35 42.64 -8.56 -21.42
C ASN N 35 42.31 -7.75 -20.18
N GLU N 36 41.23 -8.15 -19.50
CA GLU N 36 40.80 -7.50 -18.27
C GLU N 36 40.71 -8.52 -17.15
N VAL N 37 41.18 -8.14 -15.97
CA VAL N 37 41.30 -9.04 -14.82
C VAL N 37 40.54 -8.45 -13.65
N ASP N 38 39.63 -9.24 -13.07
CA ASP N 38 38.96 -8.82 -11.85
C ASP N 38 39.92 -8.83 -10.68
N MET N 39 39.83 -7.82 -9.84
CA MET N 39 40.74 -7.65 -8.72
C MET N 39 40.02 -7.60 -7.37
N SER N 40 38.70 -7.83 -7.36
CA SER N 40 37.92 -7.71 -6.11
C SER N 40 38.31 -8.79 -5.11
N TYR N 41 38.60 -10.01 -5.60
CA TYR N 41 39.10 -11.04 -4.70
C TYR N 41 40.49 -10.69 -4.17
N ALA N 42 41.31 -10.03 -5.00
CA ALA N 42 42.60 -9.55 -4.53
C ALA N 42 42.43 -8.44 -3.50
N MET N 43 41.43 -7.58 -3.69
CA MET N 43 41.12 -6.55 -2.69
C MET N 43 40.72 -7.16 -1.36
N ASP N 44 39.84 -8.15 -1.38
CA ASP N 44 39.39 -8.81 -0.16
C ASP N 44 40.54 -9.58 0.50
N PHE N 45 41.38 -10.25 -0.29
CA PHE N 45 42.47 -11.04 0.25
C PHE N 45 43.53 -10.16 0.90
N ARG N 46 43.88 -9.04 0.25
CA ARG N 46 44.83 -8.10 0.85
C ARG N 46 44.25 -7.43 2.08
N LYS N 47 42.96 -7.09 2.04
CA LYS N 47 42.32 -6.43 3.18
C LYS N 47 42.18 -7.37 4.38
N GLN N 48 42.11 -8.68 4.14
CA GLN N 48 42.04 -9.63 5.23
C GLN N 48 43.40 -10.13 5.70
N ASN N 49 44.44 -10.04 4.87
CA ASN N 49 45.75 -10.56 5.26
C ASN N 49 46.82 -9.48 5.42
N LEU N 50 46.43 -8.20 5.43
CA LEU N 50 47.39 -7.11 5.67
C LEU N 50 48.08 -7.25 7.02
N ASP N 51 47.30 -7.35 8.10
CA ASP N 51 47.88 -7.48 9.44
C ASP N 51 48.53 -8.83 9.64
N ALA N 52 48.06 -9.87 8.94
CA ALA N 52 48.65 -11.20 9.04
C ALA N 52 50.06 -11.21 8.47
N PHE N 53 50.24 -10.69 7.25
CA PHE N 53 51.58 -10.62 6.67
C PHE N 53 52.47 -9.63 7.43
N THR N 54 51.88 -8.54 7.95
CA THR N 54 52.66 -7.57 8.72
C THR N 54 53.19 -8.17 10.01
N LYS N 55 52.35 -8.94 10.72
CA LYS N 55 52.80 -9.53 11.96
C LYS N 55 53.63 -10.80 11.76
N LYS N 56 53.55 -11.43 10.58
CA LYS N 56 54.32 -12.65 10.40
C LYS N 56 55.68 -12.37 9.79
N TYR N 57 55.74 -11.55 8.73
CA TYR N 57 57.00 -11.36 8.01
C TYR N 57 57.63 -9.99 8.22
N GLY N 58 56.86 -9.00 8.69
CA GLY N 58 57.40 -7.73 9.12
C GLY N 58 57.43 -6.65 8.05
N ILE N 59 57.19 -7.00 6.80
CA ILE N 59 57.27 -6.05 5.70
C ILE N 59 55.88 -5.83 5.12
N LYS N 60 55.76 -4.76 4.33
CA LYS N 60 54.49 -4.40 3.71
C LYS N 60 54.44 -4.91 2.28
N PHE N 61 53.27 -5.38 1.87
CA PHE N 61 53.09 -6.03 0.58
C PHE N 61 51.98 -5.33 -0.18
N GLY N 62 52.11 -5.29 -1.51
CA GLY N 62 51.01 -4.80 -2.30
C GLY N 62 51.08 -5.04 -3.80
N PHE N 63 50.01 -5.63 -4.35
CA PHE N 63 49.60 -5.50 -5.75
C PHE N 63 50.56 -6.07 -6.79
N MET N 64 51.69 -6.64 -6.38
CA MET N 64 52.69 -7.02 -7.36
C MET N 64 53.01 -8.50 -7.30
N SER N 65 53.04 -9.07 -6.09
CA SER N 65 53.43 -10.47 -5.94
C SER N 65 52.38 -11.42 -6.49
N ILE N 66 51.11 -10.99 -6.47
CA ILE N 66 50.02 -11.77 -7.06
C ILE N 66 50.24 -11.93 -8.56
N PHE N 67 50.60 -10.83 -9.23
CA PHE N 67 50.89 -10.87 -10.65
C PHE N 67 52.21 -11.59 -10.94
N ALA N 68 53.18 -11.48 -10.04
CA ALA N 68 54.49 -12.10 -10.24
C ALA N 68 54.43 -13.61 -10.14
N LYS N 69 53.77 -14.13 -9.11
CA LYS N 69 53.69 -15.57 -8.90
C LYS N 69 52.80 -16.23 -9.96
N ALA N 70 51.74 -15.53 -10.38
CA ALA N 70 50.91 -16.04 -11.47
C ALA N 70 51.68 -16.11 -12.78
N SER N 71 52.51 -15.09 -13.04
CA SER N 71 53.35 -15.11 -14.24
C SER N 71 54.40 -16.20 -14.17
N ALA N 72 54.96 -16.44 -12.97
CA ALA N 72 55.91 -17.53 -12.80
C ALA N 72 55.27 -18.88 -13.06
N TYR N 73 54.03 -19.08 -12.59
CA TYR N 73 53.29 -20.30 -12.87
C TYR N 73 53.03 -20.47 -14.36
N ALA N 74 52.59 -19.40 -15.02
CA ALA N 74 52.27 -19.47 -16.44
C ALA N 74 53.52 -19.66 -17.31
N LEU N 75 54.68 -19.22 -16.85
CA LEU N 75 55.92 -19.56 -17.55
C LEU N 75 56.39 -20.98 -17.26
N GLN N 76 56.10 -21.52 -16.06
CA GLN N 76 56.44 -22.92 -15.81
C GLN N 76 55.58 -23.90 -16.59
N ASP N 77 54.30 -23.59 -16.79
CA ASP N 77 53.44 -24.51 -17.53
C ASP N 77 53.29 -24.18 -19.01
N GLN N 78 54.05 -23.20 -19.51
CA GLN N 78 54.08 -22.86 -20.94
C GLN N 78 55.49 -22.36 -21.26
N PRO N 79 56.44 -23.26 -21.47
CA PRO N 79 57.85 -22.88 -21.44
C PRO N 79 58.39 -22.27 -22.73
N VAL N 80 57.55 -21.96 -23.72
CA VAL N 80 58.03 -21.30 -24.92
C VAL N 80 57.90 -19.78 -24.81
N VAL N 81 57.15 -19.28 -23.83
CA VAL N 81 57.02 -17.84 -23.62
C VAL N 81 58.33 -17.24 -23.12
N ASN N 82 59.06 -17.98 -22.29
CA ASN N 82 60.34 -17.51 -21.79
C ASN N 82 61.49 -17.67 -22.77
N ALA N 83 61.32 -18.49 -23.81
CA ALA N 83 62.42 -18.80 -24.72
C ALA N 83 62.64 -17.67 -25.72
N VAL N 84 63.90 -17.47 -26.08
CA VAL N 84 64.28 -16.39 -27.00
C VAL N 84 65.06 -16.97 -28.17
N ILE N 85 65.52 -16.08 -29.06
CA ILE N 85 66.32 -16.45 -30.22
C ILE N 85 67.65 -15.72 -30.09
N ASP N 86 68.75 -16.48 -30.09
CA ASP N 86 70.11 -15.93 -30.16
C ASP N 86 70.73 -16.45 -31.45
N GLY N 87 70.49 -15.73 -32.55
CA GLY N 87 70.97 -16.15 -33.84
C GLY N 87 70.06 -17.15 -34.51
N THR N 88 70.47 -18.42 -34.51
CA THR N 88 69.68 -19.51 -35.09
C THR N 88 69.43 -20.59 -34.05
N ASP N 89 69.18 -20.18 -32.80
CA ASP N 89 68.97 -21.12 -31.70
C ASP N 89 67.83 -20.64 -30.83
N ILE N 90 67.03 -21.58 -30.33
CA ILE N 90 65.96 -21.28 -29.40
C ILE N 90 66.34 -21.88 -28.05
N VAL N 91 66.34 -21.05 -27.01
CA VAL N 91 66.84 -21.44 -25.69
C VAL N 91 65.62 -21.62 -24.79
N TYR N 92 65.11 -22.84 -24.72
CA TYR N 92 64.13 -23.17 -23.68
C TYR N 92 64.82 -23.16 -22.32
N ARG N 93 64.18 -22.52 -21.34
CA ARG N 93 64.72 -22.42 -20.00
C ARG N 93 63.69 -22.89 -18.99
N ASP N 94 64.15 -23.66 -18.00
CA ASP N 94 63.28 -24.08 -16.90
C ASP N 94 63.24 -23.05 -15.79
N TYR N 95 64.37 -22.41 -15.50
CA TYR N 95 64.40 -21.33 -14.52
C TYR N 95 63.73 -20.09 -15.09
N VAL N 96 63.06 -19.34 -14.22
CA VAL N 96 62.42 -18.09 -14.60
C VAL N 96 62.86 -16.99 -13.65
N ASP N 97 63.24 -15.85 -14.20
CA ASP N 97 63.68 -14.70 -13.43
C ASP N 97 62.89 -13.48 -13.91
N ILE N 98 62.02 -12.95 -13.06
CA ILE N 98 61.19 -11.82 -13.43
C ILE N 98 62.01 -10.55 -13.32
N SER N 99 62.03 -9.78 -14.40
CA SER N 99 62.82 -8.55 -14.48
C SER N 99 61.90 -7.39 -14.14
N VAL N 100 62.11 -6.77 -12.99
CA VAL N 100 61.17 -5.82 -12.39
C VAL N 100 61.73 -4.41 -12.51
N ALA N 101 60.91 -3.49 -13.00
CA ALA N 101 61.29 -2.08 -13.06
C ALA N 101 60.95 -1.38 -11.75
N VAL N 102 61.85 -0.49 -11.30
CA VAL N 102 61.63 0.31 -10.11
C VAL N 102 62.39 1.62 -10.29
N ALA N 103 61.93 2.68 -9.63
CA ALA N 103 62.54 3.99 -9.77
C ALA N 103 63.84 4.10 -8.96
N THR N 104 64.78 4.86 -9.49
CA THR N 104 66.04 5.19 -8.86
C THR N 104 66.28 6.67 -9.10
N PRO N 105 67.11 7.33 -8.28
CA PRO N 105 67.38 8.76 -8.51
C PRO N 105 68.01 9.10 -9.86
N ARG N 106 68.80 8.19 -10.46
CA ARG N 106 69.39 8.52 -11.75
C ARG N 106 68.40 8.37 -12.89
N GLY N 107 67.37 7.54 -12.72
CA GLY N 107 66.51 7.17 -13.82
C GLY N 107 65.58 6.03 -13.46
N LEU N 108 65.61 4.96 -14.25
CA LEU N 108 64.82 3.75 -13.97
C LEU N 108 65.74 2.55 -14.09
N VAL N 109 66.21 2.04 -12.94
CA VAL N 109 67.04 0.85 -12.90
C VAL N 109 66.13 -0.37 -12.81
N VAL N 110 66.60 -1.50 -13.33
CA VAL N 110 65.79 -2.69 -13.48
C VAL N 110 66.45 -3.84 -12.73
N PRO N 111 66.12 -4.05 -11.46
CA PRO N 111 66.59 -5.24 -10.75
C PRO N 111 65.77 -6.48 -11.12
N VAL N 112 66.41 -7.63 -10.96
CA VAL N 112 65.83 -8.92 -11.36
C VAL N 112 65.67 -9.80 -10.13
N ILE N 113 64.48 -10.38 -9.97
CA ILE N 113 64.23 -11.36 -8.92
C ILE N 113 64.68 -12.73 -9.42
N ARG N 114 65.49 -13.42 -8.63
CA ARG N 114 66.10 -14.68 -9.04
C ARG N 114 65.34 -15.86 -8.45
N ASN N 115 65.08 -16.87 -9.28
CA ASN N 115 64.49 -18.17 -8.92
C ASN N 115 63.11 -17.98 -8.28
N VAL N 116 62.19 -17.48 -9.11
CA VAL N 116 60.88 -17.04 -8.63
C VAL N 116 59.84 -18.16 -8.65
N GLU N 117 60.13 -19.30 -9.28
CA GLU N 117 59.09 -20.31 -9.47
C GLU N 117 58.81 -21.09 -8.18
N GLY N 118 59.85 -21.41 -7.40
CA GLY N 118 59.67 -22.09 -6.14
C GLY N 118 59.69 -21.13 -4.98
N MET N 119 58.84 -20.10 -5.02
CA MET N 119 59.02 -18.97 -4.14
C MET N 119 57.67 -18.34 -3.84
N ASN N 120 57.32 -18.23 -2.57
CA ASN N 120 56.00 -17.81 -2.13
C ASN N 120 55.77 -16.32 -2.32
N TYR N 121 54.60 -15.84 -1.89
CA TYR N 121 54.31 -14.40 -1.93
C TYR N 121 55.26 -13.63 -1.03
N ALA N 122 55.39 -14.04 0.23
CA ALA N 122 56.17 -13.27 1.19
C ALA N 122 57.66 -13.31 0.87
N ASP N 123 58.15 -14.42 0.32
CA ASP N 123 59.54 -14.49 -0.10
C ASP N 123 59.81 -13.58 -1.30
N ILE N 124 58.87 -13.50 -2.24
CA ILE N 124 58.99 -12.58 -3.37
C ILE N 124 58.99 -11.13 -2.88
N GLU N 125 58.14 -10.83 -1.89
CA GLU N 125 58.15 -9.48 -1.32
C GLU N 125 59.44 -9.19 -0.55
N ILE N 126 60.01 -10.21 0.09
CA ILE N 126 61.31 -10.04 0.76
C ILE N 126 62.39 -9.71 -0.24
N ALA N 127 62.44 -10.44 -1.36
CA ALA N 127 63.43 -10.19 -2.40
C ALA N 127 63.23 -8.82 -3.06
N LEU N 128 61.97 -8.45 -3.31
CA LEU N 128 61.70 -7.18 -3.98
C LEU N 128 61.97 -6.00 -3.04
N ALA N 129 61.64 -6.13 -1.76
CA ALA N 129 61.96 -5.09 -0.79
C ALA N 129 63.46 -4.99 -0.55
N GLY N 130 64.18 -6.11 -0.62
CA GLY N 130 65.63 -6.04 -0.54
C GLY N 130 66.25 -5.35 -1.73
N LEU N 131 65.73 -5.60 -2.93
CA LEU N 131 66.24 -4.92 -4.12
C LEU N 131 65.89 -3.43 -4.11
N ALA N 132 64.69 -3.09 -3.62
CA ALA N 132 64.31 -1.68 -3.50
C ALA N 132 65.12 -0.97 -2.42
N ASP N 133 65.46 -1.68 -1.33
CA ASP N 133 66.32 -1.09 -0.31
C ASP N 133 67.74 -0.91 -0.81
N LYS N 134 68.22 -1.85 -1.65
CA LYS N 134 69.52 -1.67 -2.30
C LYS N 134 69.50 -0.49 -3.26
N ALA N 135 68.37 -0.27 -3.93
CA ALA N 135 68.23 0.91 -4.77
C ALA N 135 68.03 2.20 -3.97
N ARG N 136 67.68 2.08 -2.69
CA ARG N 136 67.46 3.27 -1.86
C ARG N 136 68.77 4.00 -1.57
N ARG N 137 69.80 3.28 -1.12
CA ARG N 137 71.10 3.90 -0.91
C ARG N 137 72.05 3.72 -2.10
N ASP N 138 71.49 3.35 -3.27
CA ASP N 138 72.21 3.23 -4.54
C ASP N 138 73.32 2.17 -4.47
N ALA N 139 72.90 0.93 -4.20
CA ALA N 139 73.80 -0.21 -4.14
C ALA N 139 73.48 -1.25 -5.20
N ILE N 140 72.86 -0.85 -6.31
CA ILE N 140 72.51 -1.78 -7.37
C ILE N 140 73.76 -2.11 -8.17
N THR N 141 74.04 -3.40 -8.30
CA THR N 141 75.27 -3.86 -8.95
C THR N 141 75.01 -4.14 -10.43
N VAL N 142 75.98 -4.76 -11.09
CA VAL N 142 75.88 -5.06 -12.51
C VAL N 142 75.38 -6.49 -12.75
N GLU N 143 75.67 -7.41 -11.82
CA GLU N 143 75.31 -8.82 -11.99
C GLU N 143 73.80 -9.06 -11.95
N ASP N 144 73.02 -8.15 -11.38
CA ASP N 144 71.56 -8.25 -11.37
C ASP N 144 70.91 -7.32 -12.39
N MET N 145 71.54 -7.17 -13.56
CA MET N 145 71.01 -6.34 -14.63
C MET N 145 70.64 -7.12 -15.88
N ASP N 146 70.84 -8.43 -15.90
CA ASP N 146 70.58 -9.24 -17.09
C ASP N 146 69.95 -10.56 -16.65
N GLY N 147 69.69 -11.41 -17.63
CA GLY N 147 69.16 -12.74 -17.37
C GLY N 147 67.67 -12.81 -17.13
N GLY N 148 66.95 -11.71 -17.23
CA GLY N 148 65.52 -11.74 -16.99
C GLY N 148 64.77 -12.40 -18.13
N THR N 149 63.75 -13.17 -17.77
CA THR N 149 62.92 -13.87 -18.75
C THR N 149 61.53 -13.29 -18.88
N PHE N 150 61.10 -12.43 -17.96
CA PHE N 150 59.76 -11.86 -18.01
C PHE N 150 59.78 -10.53 -17.25
N THR N 151 58.74 -9.73 -17.48
CA THR N 151 58.71 -8.38 -16.92
C THR N 151 57.28 -8.00 -16.55
N ILE N 152 57.11 -7.49 -15.33
CA ILE N 152 55.84 -7.06 -14.78
C ILE N 152 55.94 -5.57 -14.55
N SER N 153 56.48 -4.86 -15.54
CA SER N 153 56.73 -3.41 -15.53
C SER N 153 55.54 -2.61 -15.02
N ASN N 154 55.75 -1.92 -13.91
CA ASN N 154 54.68 -1.27 -13.16
C ASN N 154 54.25 0.01 -13.86
N GLY N 155 53.01 0.03 -14.33
CA GLY N 155 52.40 1.24 -14.85
C GLY N 155 51.11 1.52 -14.11
N GLY N 156 50.90 0.79 -13.02
CA GLY N 156 49.67 0.87 -12.28
C GLY N 156 49.63 1.94 -11.20
N VAL N 157 50.78 2.18 -10.56
CA VAL N 157 50.87 3.21 -9.54
C VAL N 157 50.82 4.61 -10.15
N PHE N 158 51.12 4.73 -11.44
CA PHE N 158 51.22 6.02 -12.11
C PHE N 158 49.93 6.44 -12.80
N GLY N 159 49.03 5.50 -13.08
CA GLY N 159 47.70 5.84 -13.55
C GLY N 159 47.44 5.68 -15.02
N SER N 160 47.90 4.58 -15.62
CA SER N 160 47.59 4.29 -17.01
C SER N 160 46.36 3.40 -17.10
N LEU N 161 45.82 3.28 -18.31
CA LEU N 161 44.69 2.40 -18.54
C LEU N 161 45.00 1.34 -19.58
N MET N 162 45.62 1.70 -20.70
CA MET N 162 46.19 0.75 -21.64
C MET N 162 47.60 1.18 -21.99
N GLY N 163 48.38 0.22 -22.48
CA GLY N 163 49.75 0.48 -22.88
C GLY N 163 50.29 -0.69 -23.68
N THR N 164 51.37 -0.42 -24.42
CA THR N 164 51.97 -1.40 -25.32
C THR N 164 53.48 -1.42 -25.12
N PRO N 165 53.97 -1.96 -24.00
CA PRO N 165 55.39 -1.77 -23.62
C PRO N 165 56.35 -2.49 -24.56
N ILE N 166 57.45 -1.80 -24.90
CA ILE N 166 58.40 -2.29 -25.89
C ILE N 166 59.17 -3.47 -25.33
N ILE N 167 59.32 -4.51 -26.15
CA ILE N 167 60.07 -5.70 -25.76
C ILE N 167 61.55 -5.35 -25.61
N ASN N 168 62.10 -5.63 -24.43
CA ASN N 168 63.49 -5.35 -24.14
C ASN N 168 64.31 -6.63 -24.09
N PRO N 169 65.57 -6.61 -24.53
CA PRO N 169 66.39 -7.81 -24.47
C PRO N 169 66.84 -8.09 -23.05
N PRO N 170 67.21 -9.35 -22.72
CA PRO N 170 67.15 -10.57 -23.55
C PRO N 170 65.93 -11.45 -23.30
N GLN N 171 64.73 -10.90 -23.17
CA GLN N 171 63.52 -11.72 -22.97
C GLN N 171 62.63 -11.58 -24.19
N SER N 172 61.45 -12.21 -24.12
CA SER N 172 60.59 -12.30 -25.29
C SER N 172 59.11 -12.00 -25.03
N ALA N 173 58.72 -11.68 -23.80
CA ALA N 173 57.34 -11.31 -23.50
C ALA N 173 57.30 -10.47 -22.25
N ILE N 174 56.58 -9.36 -22.31
CA ILE N 174 56.52 -8.38 -21.22
C ILE N 174 55.07 -8.03 -20.95
N LEU N 175 54.62 -8.26 -19.72
CA LEU N 175 53.26 -7.95 -19.28
C LEU N 175 53.30 -6.66 -18.50
N GLY N 176 52.71 -5.60 -19.06
CA GLY N 176 52.61 -4.35 -18.35
C GLY N 176 51.28 -4.19 -17.65
N MET N 177 51.26 -4.41 -16.34
CA MET N 177 50.03 -4.24 -15.58
C MET N 177 49.71 -2.75 -15.44
N HIS N 178 48.42 -2.44 -15.26
CA HIS N 178 47.94 -1.07 -15.31
C HIS N 178 47.14 -0.75 -14.06
N GLY N 179 46.68 0.49 -13.98
CA GLY N 179 46.01 0.96 -12.78
C GLY N 179 44.60 0.42 -12.63
N ILE N 180 44.18 0.25 -11.39
CA ILE N 180 42.85 -0.27 -11.09
C ILE N 180 41.83 0.87 -11.09
N PHE N 181 40.81 0.74 -11.92
CA PHE N 181 39.76 1.74 -12.09
C PHE N 181 38.42 1.11 -11.71
N GLU N 182 37.34 1.84 -11.93
CA GLU N 182 36.00 1.39 -11.58
C GLU N 182 35.17 1.26 -12.84
N ARG N 183 34.66 0.05 -13.10
CA ARG N 183 33.82 -0.22 -14.26
C ARG N 183 32.68 -1.15 -13.84
N PRO N 184 31.43 -0.79 -14.14
CA PRO N 184 30.28 -1.58 -13.66
C PRO N 184 29.95 -2.78 -14.54
N ILE N 185 30.62 -3.91 -14.27
CA ILE N 185 30.62 -5.02 -15.22
C ILE N 185 29.42 -5.94 -14.99
N ALA N 186 28.84 -6.40 -16.08
CA ALA N 186 27.75 -7.38 -16.04
C ALA N 186 28.33 -8.74 -15.68
N VAL N 187 28.01 -9.22 -14.47
CA VAL N 187 28.40 -10.55 -14.03
C VAL N 187 27.15 -11.26 -13.53
N LYS N 188 27.01 -12.53 -13.92
CA LYS N 188 25.90 -13.41 -13.52
C LYS N 188 24.54 -12.87 -13.94
N GLY N 189 24.48 -12.10 -15.03
CA GLY N 189 23.23 -11.62 -15.56
C GLY N 189 22.74 -10.30 -15.01
N GLU N 190 23.47 -9.67 -14.09
CA GLU N 190 23.08 -8.36 -13.58
C GLU N 190 24.31 -7.45 -13.52
N VAL N 191 24.04 -6.15 -13.45
CA VAL N 191 25.09 -5.14 -13.47
C VAL N 191 25.66 -4.96 -12.07
N LYS N 192 26.97 -5.11 -11.95
CA LYS N 192 27.64 -4.93 -10.67
C LYS N 192 28.92 -4.13 -10.85
N ILE N 193 29.19 -3.22 -9.92
CA ILE N 193 30.37 -2.38 -9.99
C ILE N 193 31.53 -3.16 -9.38
N ARG N 194 32.41 -3.67 -10.23
CA ARG N 194 33.58 -4.41 -9.80
C ARG N 194 34.84 -3.71 -10.31
N PRO N 195 35.79 -3.37 -9.44
CA PRO N 195 37.01 -2.70 -9.90
C PRO N 195 37.97 -3.61 -10.65
N MET N 196 38.14 -3.38 -11.94
CA MET N 196 39.13 -4.13 -12.71
C MET N 196 40.31 -3.25 -13.07
N MET N 197 41.22 -3.88 -13.82
CA MET N 197 42.41 -3.23 -14.35
C MET N 197 42.85 -4.00 -15.59
N TYR N 198 43.21 -3.26 -16.64
CA TYR N 198 43.59 -3.89 -17.89
C TYR N 198 45.02 -4.39 -17.83
N ILE N 199 45.31 -5.41 -18.64
CA ILE N 199 46.67 -5.94 -18.74
C ILE N 199 47.10 -5.89 -20.20
N ALA N 200 48.41 -5.97 -20.40
CA ALA N 200 48.99 -5.97 -21.72
C ALA N 200 49.93 -7.16 -21.86
N LEU N 201 50.21 -7.54 -23.10
CA LEU N 201 51.14 -8.63 -23.37
C LEU N 201 51.74 -8.39 -24.76
N THR N 202 52.94 -7.83 -24.80
CA THR N 202 53.63 -7.58 -26.06
C THR N 202 54.63 -8.70 -26.31
N TYR N 203 54.32 -9.54 -27.28
CA TYR N 203 55.00 -10.82 -27.48
C TYR N 203 55.51 -10.93 -28.90
N ASP N 204 56.69 -11.51 -29.06
CA ASP N 204 57.25 -11.73 -30.38
C ASP N 204 56.47 -12.81 -31.13
N HIS N 205 56.17 -12.54 -32.39
CA HIS N 205 55.54 -13.55 -33.25
C HIS N 205 56.53 -14.53 -33.82
N ARG N 206 57.83 -14.27 -33.69
CA ARG N 206 58.82 -15.22 -34.21
C ARG N 206 58.86 -16.49 -33.38
N ILE N 207 58.51 -16.43 -32.10
CA ILE N 207 58.52 -17.63 -31.26
C ILE N 207 57.18 -17.87 -30.55
N ILE N 208 56.56 -16.84 -29.97
CA ILE N 208 55.26 -17.02 -29.34
C ILE N 208 54.18 -16.84 -30.40
N ASP N 209 53.37 -17.87 -30.60
CA ASP N 209 52.23 -17.78 -31.50
C ASP N 209 51.09 -17.01 -30.82
N GLY N 210 50.14 -16.56 -31.63
CA GLY N 210 48.99 -15.83 -31.10
C GLY N 210 48.11 -16.66 -30.20
N ARG N 211 47.93 -17.95 -30.56
CA ARG N 211 47.22 -18.89 -29.70
C ARG N 211 47.91 -19.04 -28.35
N GLU N 212 49.25 -19.13 -28.39
CA GLU N 212 50.06 -19.29 -27.18
C GLU N 212 49.90 -18.10 -26.25
N ALA N 213 49.97 -16.88 -26.82
CA ALA N 213 49.86 -15.67 -26.00
C ALA N 213 48.44 -15.46 -25.49
N VAL N 214 47.43 -15.85 -26.28
CA VAL N 214 46.04 -15.69 -25.84
C VAL N 214 45.73 -16.64 -24.69
N LEU N 215 46.15 -17.91 -24.80
CA LEU N 215 45.96 -18.86 -23.72
C LEU N 215 46.80 -18.48 -22.50
N PHE N 216 47.98 -17.92 -22.73
CA PHE N 216 48.86 -17.44 -21.66
C PHE N 216 48.20 -16.31 -20.88
N LEU N 217 47.62 -15.35 -21.59
CA LEU N 217 46.95 -14.22 -20.93
C LEU N 217 45.68 -14.65 -20.23
N ARG N 218 44.94 -15.59 -20.81
CA ARG N 218 43.75 -16.12 -20.14
C ARG N 218 44.13 -16.89 -18.88
N LYS N 219 45.25 -17.62 -18.91
CA LYS N 219 45.69 -18.36 -17.73
C LYS N 219 46.14 -17.42 -16.62
N ILE N 220 46.82 -16.32 -16.98
CA ILE N 220 47.20 -15.34 -15.96
C ILE N 220 45.96 -14.63 -15.40
N LYS N 221 44.97 -14.37 -16.26
CA LYS N 221 43.71 -13.76 -15.80
C LYS N 221 42.98 -14.67 -14.83
N ALA N 222 42.94 -15.97 -15.12
CA ALA N 222 42.32 -16.92 -14.20
C ALA N 222 43.14 -17.09 -12.92
N ALA N 223 44.47 -16.96 -13.00
CA ALA N 223 45.30 -17.12 -11.82
C ALA N 223 45.24 -15.91 -10.90
N VAL N 224 45.02 -14.71 -11.44
CA VAL N 224 44.93 -13.52 -10.60
C VAL N 224 43.51 -13.32 -10.08
N GLU N 225 42.49 -13.62 -10.89
CA GLU N 225 41.12 -13.59 -10.39
C GLU N 225 40.86 -14.64 -9.32
N ASN N 226 41.47 -15.82 -9.46
CA ASN N 226 41.34 -16.89 -8.48
C ASN N 226 42.72 -17.48 -8.22
N PRO N 227 43.35 -17.18 -7.07
CA PRO N 227 44.68 -17.73 -6.78
C PRO N 227 44.68 -19.14 -6.22
N ALA N 228 43.58 -19.89 -6.33
CA ALA N 228 43.60 -21.32 -6.03
C ALA N 228 43.99 -22.16 -7.24
N ILE N 229 44.00 -21.55 -8.44
CA ILE N 229 44.38 -22.25 -9.65
C ILE N 229 45.87 -22.60 -9.63
N ILE N 230 46.68 -21.77 -8.97
CA ILE N 230 48.13 -21.96 -8.99
C ILE N 230 48.55 -23.17 -8.16
N VAL N 231 47.77 -23.52 -7.14
CA VAL N 231 47.99 -24.78 -6.43
C VAL N 231 47.14 -25.89 -7.01
N ALA N 232 46.08 -25.54 -7.77
CA ALA N 232 45.24 -26.54 -8.42
C ALA N 232 45.95 -27.24 -9.58
N GLY N 233 46.82 -26.53 -10.29
CA GLY N 233 47.50 -27.12 -11.42
C GLY N 233 46.70 -27.13 -12.71
N LEU N 234 46.38 -25.95 -13.24
CA LEU N 234 45.71 -25.84 -14.53
C LEU N 234 46.57 -25.10 -15.56
N GLY O 1 64.85 -23.90 -9.74
CA GLY O 1 66.06 -23.19 -9.37
C GLY O 1 67.32 -23.85 -9.90
N THR O 2 67.27 -24.30 -11.14
CA THR O 2 68.39 -24.97 -11.78
C THR O 2 68.90 -24.13 -12.96
N ARG O 3 70.21 -24.11 -13.12
CA ARG O 3 70.85 -23.38 -14.21
C ARG O 3 71.04 -24.28 -15.44
N SER O 4 69.96 -24.93 -15.88
CA SER O 4 70.03 -25.91 -16.95
C SER O 4 69.40 -25.33 -18.22
N GLU O 5 70.15 -25.39 -19.32
CA GLU O 5 69.69 -24.93 -20.63
C GLU O 5 70.06 -25.98 -21.66
N GLN O 6 69.33 -25.98 -22.78
CA GLN O 6 69.60 -26.91 -23.87
C GLN O 6 69.68 -26.17 -25.19
N ARG O 7 70.05 -26.92 -26.23
CA ARG O 7 70.43 -26.36 -27.52
C ARG O 7 69.51 -26.84 -28.63
N VAL O 8 68.20 -26.76 -28.41
CA VAL O 8 67.24 -27.30 -29.36
C VAL O 8 67.23 -26.47 -30.65
N LYS O 9 67.28 -27.16 -31.78
CA LYS O 9 67.31 -26.55 -33.10
C LYS O 9 65.95 -26.66 -33.76
N MET O 10 65.47 -25.56 -34.31
CA MET O 10 64.16 -25.52 -34.94
C MET O 10 64.27 -25.93 -36.40
N ASN O 11 63.14 -25.92 -37.10
CA ASN O 11 63.07 -26.32 -38.50
C ASN O 11 63.23 -25.09 -39.40
N ARG O 12 63.28 -25.36 -40.71
CA ARG O 12 63.45 -24.29 -41.69
C ARG O 12 62.22 -23.41 -41.79
N MET O 13 61.03 -24.00 -41.62
CA MET O 13 59.79 -23.25 -41.81
C MET O 13 59.57 -22.20 -40.73
N ARG O 14 60.08 -22.42 -39.52
CA ARG O 14 59.96 -21.41 -38.48
C ARG O 14 60.75 -20.16 -38.85
N LEU O 15 61.96 -20.33 -39.38
CA LEU O 15 62.71 -19.21 -39.95
C LEU O 15 62.02 -18.62 -41.17
N LYS O 16 61.28 -19.44 -41.93
CA LYS O 16 60.59 -18.93 -43.12
C LYS O 16 59.48 -17.96 -42.73
N ILE O 17 58.57 -18.37 -41.83
CA ILE O 17 57.54 -17.45 -41.33
C ILE O 17 58.13 -16.29 -40.53
N ALA O 18 59.23 -16.52 -39.79
CA ALA O 18 59.86 -15.44 -39.03
C ALA O 18 60.43 -14.35 -39.95
N ALA O 19 61.19 -14.75 -40.98
CA ALA O 19 61.72 -13.77 -41.93
C ALA O 19 60.61 -13.16 -42.78
N ARG O 20 59.54 -13.92 -43.04
CA ARG O 20 58.40 -13.38 -43.79
C ARG O 20 57.70 -12.27 -43.02
N LEU O 21 57.44 -12.48 -41.73
CA LEU O 21 56.80 -11.43 -40.94
C LEU O 21 57.76 -10.28 -40.66
N LYS O 22 59.07 -10.55 -40.60
CA LYS O 22 60.04 -9.47 -40.44
C LYS O 22 60.09 -8.58 -41.67
N ASP O 23 60.10 -9.17 -42.87
CA ASP O 23 60.05 -8.37 -44.09
C ASP O 23 58.70 -7.69 -44.26
N ALA O 24 57.62 -8.32 -43.77
CA ALA O 24 56.31 -7.70 -43.83
C ALA O 24 56.22 -6.47 -42.93
N GLN O 25 56.80 -6.55 -41.72
CA GLN O 25 56.82 -5.39 -40.84
C GLN O 25 57.79 -4.32 -41.35
N ASN O 26 58.89 -4.73 -41.97
CA ASN O 26 59.84 -3.76 -42.50
C ASN O 26 59.38 -3.15 -43.83
N THR O 27 58.37 -3.73 -44.48
CA THR O 27 57.81 -3.17 -45.70
C THR O 27 56.54 -2.38 -45.45
N CYS O 28 55.54 -3.01 -44.83
CA CYS O 28 54.29 -2.32 -44.52
C CYS O 28 54.45 -1.46 -43.28
N ALA O 29 53.52 -0.52 -43.10
CA ALA O 29 53.50 0.33 -41.92
C ALA O 29 52.46 -0.20 -40.94
N MET O 30 52.88 -0.45 -39.70
CA MET O 30 52.00 -1.01 -38.70
C MET O 30 51.13 0.10 -38.13
N LEU O 31 49.82 -0.07 -38.21
CA LEU O 31 48.87 0.98 -37.87
C LEU O 31 47.50 0.36 -37.65
N THR O 32 46.93 0.54 -36.47
CA THR O 32 45.69 -0.16 -36.13
C THR O 32 44.60 0.81 -35.68
N THR O 33 43.37 0.29 -35.69
CA THR O 33 42.22 0.94 -35.08
C THR O 33 41.23 -0.14 -34.67
N PHE O 34 40.39 0.17 -33.69
CA PHE O 34 39.47 -0.81 -33.14
C PHE O 34 38.07 -0.24 -33.11
N ASN O 35 37.10 -1.13 -32.91
CA ASN O 35 35.70 -0.77 -32.77
C ASN O 35 35.00 -1.91 -32.04
N GLU O 36 33.74 -1.68 -31.68
CA GLU O 36 32.93 -2.68 -31.01
C GLU O 36 31.66 -2.94 -31.80
N VAL O 37 31.28 -4.21 -31.92
CA VAL O 37 30.17 -4.64 -32.76
C VAL O 37 29.18 -5.42 -31.91
N ASP O 38 27.91 -5.01 -31.95
CA ASP O 38 26.87 -5.76 -31.29
C ASP O 38 26.61 -7.07 -32.02
N MET O 39 26.41 -8.14 -31.27
CA MET O 39 26.24 -9.47 -31.83
C MET O 39 24.92 -10.11 -31.42
N SER O 40 24.05 -9.37 -30.72
CA SER O 40 22.79 -9.95 -30.23
C SER O 40 21.85 -10.32 -31.36
N TYR O 41 21.83 -9.51 -32.43
CA TYR O 41 21.04 -9.88 -33.61
C TYR O 41 21.64 -11.10 -34.29
N ALA O 42 22.97 -11.23 -34.29
CA ALA O 42 23.61 -12.43 -34.82
C ALA O 42 23.29 -13.64 -33.96
N MET O 43 23.22 -13.46 -32.63
CA MET O 43 22.80 -14.53 -31.73
C MET O 43 21.39 -15.01 -32.03
N ASP O 44 20.45 -14.06 -32.19
CA ASP O 44 19.07 -14.41 -32.49
C ASP O 44 18.93 -15.05 -33.86
N PHE O 45 19.67 -14.54 -34.85
CA PHE O 45 19.59 -15.07 -36.22
C PHE O 45 20.14 -16.49 -36.31
N ARG O 46 21.28 -16.75 -35.65
CA ARG O 46 21.82 -18.10 -35.62
C ARG O 46 20.92 -19.04 -34.83
N LYS O 47 20.36 -18.56 -33.72
CA LYS O 47 19.49 -19.40 -32.90
C LYS O 47 18.17 -19.73 -33.59
N GLN O 48 17.73 -18.87 -34.51
CA GLN O 48 16.52 -19.16 -35.26
C GLN O 48 16.76 -19.89 -36.58
N ASN O 49 17.98 -19.85 -37.13
CA ASN O 49 18.24 -20.50 -38.41
C ASN O 49 19.22 -21.66 -38.32
N LEU O 50 19.55 -22.13 -37.11
CA LEU O 50 20.40 -23.30 -36.94
C LEU O 50 19.82 -24.54 -37.61
N ASP O 51 18.58 -24.89 -37.24
CA ASP O 51 17.94 -26.06 -37.83
C ASP O 51 17.58 -25.85 -39.29
N ALA O 52 17.34 -24.60 -39.69
CA ALA O 52 17.04 -24.30 -41.10
C ALA O 52 18.23 -24.55 -41.99
N PHE O 53 19.41 -24.02 -41.62
CA PHE O 53 20.61 -24.30 -42.40
C PHE O 53 21.04 -25.75 -42.30
N THR O 54 20.82 -26.40 -41.15
CA THR O 54 21.17 -27.80 -40.99
C THR O 54 20.31 -28.69 -41.89
N LYS O 55 19.01 -28.42 -41.98
CA LYS O 55 18.14 -29.23 -42.81
C LYS O 55 18.21 -28.85 -44.28
N LYS O 56 18.70 -27.65 -44.61
CA LYS O 56 18.74 -27.28 -46.02
C LYS O 56 20.08 -27.63 -46.66
N TYR O 57 21.20 -27.31 -46.00
CA TYR O 57 22.50 -27.49 -46.62
C TYR O 57 23.32 -28.63 -46.03
N GLY O 58 22.98 -29.09 -44.82
CA GLY O 58 23.55 -30.29 -44.27
C GLY O 58 24.78 -30.08 -43.40
N ILE O 59 25.35 -28.88 -43.40
CA ILE O 59 26.57 -28.61 -42.67
C ILE O 59 26.27 -27.63 -41.53
N LYS O 60 27.20 -27.53 -40.59
CA LYS O 60 27.05 -26.67 -39.43
C LYS O 60 27.79 -25.36 -39.67
N PHE O 61 27.18 -24.26 -39.22
CA PHE O 61 27.68 -22.92 -39.49
C PHE O 61 27.89 -22.19 -38.17
N GLY O 62 28.89 -21.32 -38.12
CA GLY O 62 29.01 -20.45 -36.96
C GLY O 62 29.97 -19.29 -37.07
N PHE O 63 29.47 -18.09 -36.77
CA PHE O 63 30.27 -16.94 -36.29
C PHE O 63 31.29 -16.37 -37.26
N MET O 64 31.40 -16.92 -38.48
CA MET O 64 32.50 -16.51 -39.34
C MET O 64 31.99 -15.97 -40.67
N SER O 65 30.93 -16.57 -41.21
CA SER O 65 30.43 -16.16 -42.53
C SER O 65 29.79 -14.79 -42.49
N ILE O 66 29.24 -14.41 -41.34
CA ILE O 66 28.67 -13.07 -41.16
C ILE O 66 29.76 -12.02 -41.31
N PHE O 67 30.91 -12.26 -40.67
CA PHE O 67 32.04 -11.35 -40.78
C PHE O 67 32.69 -11.42 -42.16
N ALA O 68 32.67 -12.59 -42.80
CA ALA O 68 33.30 -12.76 -44.10
C ALA O 68 32.54 -12.05 -45.21
N LYS O 69 31.22 -12.23 -45.23
CA LYS O 69 30.40 -11.61 -46.27
C LYS O 69 30.33 -10.10 -46.10
N ALA O 70 30.31 -9.62 -44.85
CA ALA O 70 30.36 -8.19 -44.59
C ALA O 70 31.68 -7.59 -45.05
N SER O 71 32.78 -8.30 -44.81
CA SER O 71 34.08 -7.83 -45.28
C SER O 71 34.17 -7.84 -46.80
N ALA O 72 33.56 -8.85 -47.44
CA ALA O 72 33.52 -8.90 -48.90
C ALA O 72 32.73 -7.72 -49.47
N TYR O 73 31.61 -7.37 -48.83
CA TYR O 73 30.84 -6.20 -49.24
C TYR O 73 31.64 -4.91 -49.08
N ALA O 74 32.31 -4.76 -47.93
CA ALA O 74 33.08 -3.55 -47.68
C ALA O 74 34.30 -3.43 -48.57
N LEU O 75 34.86 -4.54 -49.03
CA LEU O 75 35.91 -4.47 -50.05
C LEU O 75 35.35 -4.20 -51.44
N GLN O 76 34.13 -4.64 -51.75
CA GLN O 76 33.55 -4.29 -53.04
C GLN O 76 33.15 -2.83 -53.14
N ASP O 77 32.69 -2.21 -52.05
CA ASP O 77 32.30 -0.82 -52.14
C ASP O 77 33.38 0.16 -51.65
N GLN O 78 34.59 -0.34 -51.39
CA GLN O 78 35.73 0.51 -51.05
C GLN O 78 36.99 -0.19 -51.56
N PRO O 79 37.29 -0.04 -52.86
CA PRO O 79 38.26 -0.94 -53.51
C PRO O 79 39.72 -0.57 -53.30
N VAL O 80 40.05 0.39 -52.44
CA VAL O 80 41.45 0.71 -52.16
C VAL O 80 41.96 -0.07 -50.95
N VAL O 81 41.06 -0.67 -50.16
CA VAL O 81 41.47 -1.47 -49.01
C VAL O 81 42.15 -2.76 -49.47
N ASN O 82 41.67 -3.35 -50.57
CA ASN O 82 42.28 -4.56 -51.10
C ASN O 82 43.55 -4.33 -51.90
N ALA O 83 43.81 -3.10 -52.32
CA ALA O 83 44.93 -2.81 -53.20
C ALA O 83 46.24 -2.74 -52.43
N VAL O 84 47.31 -3.20 -53.07
CA VAL O 84 48.64 -3.26 -52.45
C VAL O 84 49.65 -2.51 -53.30
N ILE O 85 50.90 -2.53 -52.87
CA ILE O 85 52.01 -1.90 -53.59
C ILE O 85 53.01 -2.99 -53.93
N ASP O 86 53.31 -3.14 -55.22
CA ASP O 86 54.38 -4.01 -55.69
C ASP O 86 55.41 -3.12 -56.40
N GLY O 87 56.33 -2.59 -55.61
CA GLY O 87 57.33 -1.67 -56.14
C GLY O 87 56.83 -0.25 -56.24
N THR O 88 56.50 0.18 -57.45
CA THR O 88 55.96 1.52 -57.70
C THR O 88 54.63 1.43 -58.43
N ASP O 89 53.81 0.46 -58.06
CA ASP O 89 52.53 0.23 -58.70
C ASP O 89 51.48 -0.09 -57.66
N ILE O 90 50.26 0.40 -57.88
CA ILE O 90 49.11 0.10 -57.02
C ILE O 90 48.15 -0.76 -57.83
N VAL O 91 47.80 -1.92 -57.29
CA VAL O 91 47.00 -2.91 -58.01
C VAL O 91 45.61 -2.90 -57.42
N TYR O 92 44.72 -2.09 -58.00
CA TYR O 92 43.30 -2.20 -57.69
C TYR O 92 42.76 -3.51 -58.23
N ARG O 93 42.01 -4.23 -57.41
CA ARG O 93 41.44 -5.51 -57.80
C ARG O 93 39.94 -5.50 -57.55
N ASP O 94 39.18 -6.05 -58.50
CA ASP O 94 37.74 -6.22 -58.33
C ASP O 94 37.40 -7.51 -57.62
N TYR O 95 38.14 -8.58 -57.91
CA TYR O 95 37.95 -9.84 -57.21
C TYR O 95 38.49 -9.72 -55.79
N VAL O 96 37.84 -10.41 -54.85
CA VAL O 96 38.28 -10.44 -53.46
C VAL O 96 38.35 -11.89 -53.01
N ASP O 97 39.46 -12.25 -52.35
CA ASP O 97 39.68 -13.59 -51.85
C ASP O 97 40.09 -13.47 -50.38
N ILE O 98 39.22 -13.93 -49.49
CA ILE O 98 39.49 -13.83 -48.06
C ILE O 98 40.44 -14.94 -47.65
N SER O 99 41.54 -14.56 -47.01
CA SER O 99 42.59 -15.48 -46.60
C SER O 99 42.33 -15.87 -45.14
N VAL O 100 41.92 -17.11 -44.92
CA VAL O 100 41.38 -17.57 -43.64
C VAL O 100 42.40 -18.45 -42.94
N ALA O 101 42.68 -18.17 -41.67
CA ALA O 101 43.55 -19.01 -40.86
C ALA O 101 42.76 -20.14 -40.21
N VAL O 102 43.36 -21.34 -40.18
CA VAL O 102 42.77 -22.49 -39.51
C VAL O 102 43.91 -23.38 -39.03
N ALA O 103 43.63 -24.17 -38.00
CA ALA O 103 44.66 -25.01 -37.40
C ALA O 103 44.90 -26.28 -38.23
N THR O 104 46.14 -26.72 -38.24
CA THR O 104 46.59 -27.95 -38.88
C THR O 104 47.54 -28.63 -37.91
N PRO O 105 47.73 -29.95 -38.03
CA PRO O 105 48.68 -30.63 -37.11
C PRO O 105 50.12 -30.14 -37.18
N ARG O 106 50.59 -29.63 -38.32
CA ARG O 106 51.96 -29.15 -38.37
C ARG O 106 52.11 -27.77 -37.74
N GLY O 107 51.03 -26.98 -37.70
CA GLY O 107 51.14 -25.59 -37.33
C GLY O 107 49.86 -24.83 -37.58
N LEU O 108 49.95 -23.74 -38.35
CA LEU O 108 48.77 -22.96 -38.75
C LEU O 108 48.86 -22.72 -40.25
N VAL O 109 48.11 -23.52 -41.03
CA VAL O 109 48.05 -23.36 -42.47
C VAL O 109 46.93 -22.37 -42.79
N VAL O 110 47.07 -21.66 -43.91
CA VAL O 110 46.18 -20.57 -44.25
C VAL O 110 45.54 -20.86 -45.61
N PRO O 111 44.37 -21.50 -45.64
CA PRO O 111 43.65 -21.64 -46.90
C PRO O 111 42.89 -20.37 -47.25
N VAL O 112 42.63 -20.21 -48.56
CA VAL O 112 42.02 -19.00 -49.11
C VAL O 112 40.70 -19.38 -49.75
N ILE O 113 39.65 -18.63 -49.41
CA ILE O 113 38.34 -18.77 -50.08
C ILE O 113 38.36 -17.94 -51.35
N ARG O 114 37.98 -18.57 -52.47
CA ARG O 114 38.07 -17.94 -53.78
C ARG O 114 36.69 -17.40 -54.20
N ASN O 115 36.69 -16.17 -54.72
CA ASN O 115 35.52 -15.51 -55.33
C ASN O 115 34.37 -15.39 -54.33
N VAL O 116 34.62 -14.60 -53.29
CA VAL O 116 33.73 -14.54 -52.14
C VAL O 116 32.65 -13.46 -52.28
N GLU O 117 32.76 -12.58 -53.28
CA GLU O 117 31.84 -11.43 -53.33
C GLU O 117 30.45 -11.84 -53.84
N GLY O 118 30.38 -12.74 -54.82
CA GLY O 118 29.11 -13.23 -55.31
C GLY O 118 28.73 -14.55 -54.69
N MET O 119 28.73 -14.62 -53.36
CA MET O 119 28.72 -15.92 -52.70
C MET O 119 28.01 -15.79 -51.36
N ASN O 120 26.98 -16.60 -51.16
CA ASN O 120 26.08 -16.47 -50.01
C ASN O 120 26.75 -16.99 -48.73
N TYR O 121 25.98 -16.97 -47.63
CA TYR O 121 26.45 -17.52 -46.36
C TYR O 121 26.74 -19.01 -46.47
N ALA O 122 25.76 -19.77 -46.97
CA ALA O 122 25.87 -21.22 -46.98
C ALA O 122 26.94 -21.69 -47.97
N ASP O 123 27.13 -20.97 -49.08
CA ASP O 123 28.20 -21.31 -50.01
C ASP O 123 29.58 -21.03 -49.42
N ILE O 124 29.71 -19.94 -48.66
CA ILE O 124 30.96 -19.64 -47.96
C ILE O 124 31.26 -20.72 -46.92
N GLU O 125 30.22 -21.18 -46.21
CA GLU O 125 30.41 -22.26 -45.25
C GLU O 125 30.75 -23.58 -45.94
N ILE O 126 30.20 -23.82 -47.14
CA ILE O 126 30.55 -25.00 -47.91
C ILE O 126 32.03 -24.97 -48.31
N ALA O 127 32.51 -23.82 -48.79
CA ALA O 127 33.91 -23.67 -49.18
C ALA O 127 34.84 -23.78 -47.97
N LEU O 128 34.45 -23.18 -46.84
CA LEU O 128 35.30 -23.21 -45.66
C LEU O 128 35.34 -24.59 -45.03
N ALA O 129 34.20 -25.29 -45.01
CA ALA O 129 34.17 -26.66 -44.51
C ALA O 129 34.91 -27.60 -45.44
N GLY O 130 34.89 -27.35 -46.75
CA GLY O 130 35.70 -28.15 -47.67
C GLY O 130 37.19 -27.93 -47.47
N LEU O 131 37.60 -26.69 -47.21
CA LEU O 131 39.02 -26.41 -46.95
C LEU O 131 39.45 -27.00 -45.60
N ALA O 132 38.57 -26.95 -44.59
CA ALA O 132 38.89 -27.55 -43.30
C ALA O 132 38.92 -29.08 -43.39
N ASP O 133 38.07 -29.67 -44.22
CA ASP O 133 38.11 -31.11 -44.44
C ASP O 133 39.35 -31.52 -45.20
N LYS O 134 39.80 -30.68 -46.15
CA LYS O 134 41.07 -30.92 -46.81
C LYS O 134 42.25 -30.81 -45.85
N ALA O 135 42.15 -29.90 -44.88
CA ALA O 135 43.16 -29.81 -43.84
C ALA O 135 43.06 -30.94 -42.82
N ARG O 136 41.92 -31.64 -42.77
CA ARG O 136 41.74 -32.72 -41.80
C ARG O 136 42.62 -33.92 -42.14
N ARG O 137 42.60 -34.38 -43.39
CA ARG O 137 43.47 -35.47 -43.81
C ARG O 137 44.75 -34.97 -44.47
N ASP O 138 45.09 -33.69 -44.28
CA ASP O 138 46.32 -33.06 -44.75
C ASP O 138 46.44 -33.12 -46.28
N ALA O 139 45.48 -32.48 -46.95
CA ALA O 139 45.46 -32.39 -48.40
C ALA O 139 45.55 -30.95 -48.88
N ILE O 140 46.12 -30.06 -48.08
CA ILE O 140 46.25 -28.66 -48.47
C ILE O 140 47.38 -28.52 -49.48
N THR O 141 47.08 -27.92 -50.63
CA THR O 141 48.02 -27.81 -51.72
C THR O 141 48.77 -26.48 -51.64
N VAL O 142 49.52 -26.17 -52.70
CA VAL O 142 50.31 -24.95 -52.75
C VAL O 142 49.56 -23.81 -53.46
N GLU O 143 48.68 -24.16 -54.42
CA GLU O 143 47.98 -23.17 -55.22
C GLU O 143 46.98 -22.34 -54.42
N ASP O 144 46.53 -22.84 -53.26
CA ASP O 144 45.63 -22.09 -52.37
C ASP O 144 46.37 -21.51 -51.18
N MET O 145 47.60 -21.03 -51.39
CA MET O 145 48.40 -20.43 -50.32
C MET O 145 48.71 -18.96 -50.56
N ASP O 146 48.26 -18.39 -51.67
CA ASP O 146 48.57 -17.01 -52.02
C ASP O 146 47.34 -16.37 -52.63
N GLY O 147 47.48 -15.10 -53.02
CA GLY O 147 46.42 -14.38 -53.68
C GLY O 147 45.36 -13.78 -52.78
N GLY O 148 45.50 -13.92 -51.46
CA GLY O 148 44.49 -13.39 -50.56
C GLY O 148 44.56 -11.87 -50.48
N THR O 149 43.38 -11.26 -50.41
CA THR O 149 43.27 -9.81 -50.31
C THR O 149 42.81 -9.33 -48.94
N PHE O 150 42.31 -10.21 -48.10
CA PHE O 150 41.81 -9.82 -46.78
C PHE O 150 41.88 -11.04 -45.86
N THR O 151 41.78 -10.78 -44.56
CA THR O 151 41.97 -11.84 -43.58
C THR O 151 41.06 -11.61 -42.37
N ILE O 152 40.34 -12.67 -41.99
CA ILE O 152 39.41 -12.66 -40.86
C ILE O 152 39.96 -13.62 -39.83
N SER O 153 41.27 -13.53 -39.58
CA SER O 153 42.03 -14.36 -38.66
C SER O 153 41.35 -14.56 -37.31
N ASN O 154 41.00 -15.81 -37.02
CA ASN O 154 40.15 -16.16 -35.89
C ASN O 154 40.95 -16.09 -34.60
N GLY O 155 40.57 -15.16 -33.72
CA GLY O 155 41.09 -15.10 -32.39
C GLY O 155 39.96 -15.15 -31.39
N GLY O 156 38.77 -15.48 -31.87
CA GLY O 156 37.57 -15.46 -31.06
C GLY O 156 37.28 -16.75 -30.32
N VAL O 157 37.62 -17.88 -30.95
CA VAL O 157 37.41 -19.17 -30.32
C VAL O 157 38.41 -19.40 -29.19
N PHE O 158 39.53 -18.67 -29.18
CA PHE O 158 40.61 -18.89 -28.24
C PHE O 158 40.53 -17.98 -27.02
N GLY O 159 39.79 -16.88 -27.11
CA GLY O 159 39.49 -16.07 -25.94
C GLY O 159 40.28 -14.79 -25.78
N SER O 160 40.48 -14.05 -26.85
CA SER O 160 41.14 -12.75 -26.76
C SER O 160 40.10 -11.64 -26.62
N LEU O 161 40.57 -10.47 -26.25
CA LEU O 161 39.69 -9.31 -26.14
C LEU O 161 40.12 -8.18 -27.07
N MET O 162 41.41 -7.85 -27.10
CA MET O 162 41.97 -6.97 -28.13
C MET O 162 43.23 -7.62 -28.71
N GLY O 163 43.60 -7.16 -29.90
CA GLY O 163 44.78 -7.66 -30.58
C GLY O 163 45.13 -6.77 -31.74
N THR O 164 46.36 -6.87 -32.19
CA THR O 164 46.91 -6.03 -33.26
C THR O 164 47.64 -6.89 -34.28
N PRO O 165 46.91 -7.68 -35.09
CA PRO O 165 47.56 -8.70 -35.91
C PRO O 165 48.44 -8.14 -37.02
N ILE O 166 49.61 -8.77 -37.19
CA ILE O 166 50.63 -8.27 -38.11
C ILE O 166 50.17 -8.46 -39.55
N ILE O 167 50.37 -7.41 -40.35
CA ILE O 167 50.01 -7.47 -41.77
C ILE O 167 50.91 -8.46 -42.49
N ASN O 168 50.30 -9.44 -43.16
CA ASN O 168 51.03 -10.46 -43.89
C ASN O 168 50.91 -10.24 -45.39
N PRO O 169 51.95 -10.55 -46.16
CA PRO O 169 51.86 -10.39 -47.62
C PRO O 169 51.02 -11.48 -48.24
N PRO O 170 50.46 -11.27 -49.44
CA PRO O 170 50.46 -10.03 -50.25
C PRO O 170 49.20 -9.19 -50.12
N GLN O 171 48.65 -8.98 -48.94
CA GLN O 171 47.47 -8.14 -48.76
C GLN O 171 47.84 -6.88 -47.98
N SER O 172 46.84 -6.06 -47.68
CA SER O 172 47.11 -4.75 -47.08
C SER O 172 46.21 -4.39 -45.91
N ALA O 173 45.28 -5.25 -45.51
CA ALA O 173 44.43 -4.97 -44.35
C ALA O 173 43.92 -6.29 -43.79
N ILE O 174 44.03 -6.45 -42.48
CA ILE O 174 43.66 -7.69 -41.79
C ILE O 174 42.79 -7.36 -40.59
N LEU O 175 41.58 -7.92 -40.57
CA LEU O 175 40.63 -7.72 -39.48
C LEU O 175 40.68 -8.96 -38.59
N GLY O 176 41.19 -8.79 -37.38
CA GLY O 176 41.19 -9.88 -36.42
C GLY O 176 40.00 -9.83 -35.49
N MET O 177 38.99 -10.66 -35.74
CA MET O 177 37.84 -10.69 -34.86
C MET O 177 38.21 -11.39 -33.55
N HIS O 178 37.48 -11.05 -32.48
CA HIS O 178 37.83 -11.46 -31.13
C HIS O 178 36.64 -12.15 -30.47
N GLY O 179 36.86 -12.61 -29.24
CA GLY O 179 35.85 -13.38 -28.54
C GLY O 179 34.70 -12.53 -28.03
N ILE O 180 33.53 -13.14 -27.98
CA ILE O 180 32.32 -12.46 -27.51
C ILE O 180 32.24 -12.53 -26.00
N PHE O 181 32.16 -11.38 -25.35
CA PHE O 181 32.10 -11.26 -23.90
C PHE O 181 30.79 -10.56 -23.53
N GLU O 182 30.64 -10.26 -22.23
CA GLU O 182 29.42 -9.64 -21.72
C GLU O 182 29.77 -8.26 -21.18
N ARG O 183 29.11 -7.23 -21.72
CA ARG O 183 29.30 -5.86 -21.28
C ARG O 183 27.95 -5.14 -21.26
N PRO O 184 27.59 -4.50 -20.14
CA PRO O 184 26.26 -3.90 -20.01
C PRO O 184 26.15 -2.51 -20.63
N ILE O 185 25.86 -2.46 -21.92
CA ILE O 185 26.02 -1.23 -22.69
C ILE O 185 24.77 -0.36 -22.60
N ALA O 186 24.99 0.95 -22.48
CA ALA O 186 23.90 1.92 -22.50
C ALA O 186 23.39 2.07 -23.93
N VAL O 187 22.18 1.59 -24.17
CA VAL O 187 21.51 1.74 -25.46
C VAL O 187 20.13 2.35 -25.20
N LYS O 188 19.76 3.33 -26.03
CA LYS O 188 18.46 4.02 -25.99
C LYS O 188 18.19 4.71 -24.66
N GLY O 189 19.25 5.13 -23.96
CA GLY O 189 19.10 5.87 -22.73
C GLY O 189 19.02 5.06 -21.46
N GLU O 190 19.08 3.73 -21.54
CA GLU O 190 19.08 2.89 -20.35
C GLU O 190 20.15 1.80 -20.48
N VAL O 191 20.50 1.24 -19.33
CA VAL O 191 21.57 0.24 -19.27
C VAL O 191 21.01 -1.14 -19.63
N LYS O 192 21.62 -1.79 -20.61
CA LYS O 192 21.20 -3.12 -21.02
C LYS O 192 22.42 -4.00 -21.25
N ILE O 193 22.33 -5.24 -20.82
CA ILE O 193 23.43 -6.19 -20.96
C ILE O 193 23.34 -6.80 -22.35
N ARG O 194 24.22 -6.35 -23.25
CA ARG O 194 24.28 -6.86 -24.61
C ARG O 194 25.65 -7.45 -24.88
N PRO O 195 25.75 -8.69 -25.31
CA PRO O 195 27.06 -9.28 -25.58
C PRO O 195 27.74 -8.75 -26.84
N MET O 196 28.83 -8.01 -26.67
CA MET O 196 29.60 -7.58 -27.82
C MET O 196 30.92 -8.32 -27.92
N MET O 197 31.69 -7.91 -28.93
CA MET O 197 33.03 -8.41 -29.19
C MET O 197 33.80 -7.35 -29.95
N TYR O 198 35.05 -7.14 -29.56
CA TYR O 198 35.86 -6.10 -30.17
C TYR O 198 36.43 -6.59 -31.49
N ILE O 199 36.70 -5.64 -32.38
CA ILE O 199 37.33 -5.96 -33.66
C ILE O 199 38.60 -5.13 -33.81
N ALA O 200 39.45 -5.58 -34.71
CA ALA O 200 40.72 -4.91 -35.00
C ALA O 200 40.82 -4.66 -36.49
N LEU O 201 41.69 -3.72 -36.86
CA LEU O 201 41.93 -3.42 -38.27
C LEU O 201 43.33 -2.83 -38.38
N THR O 202 44.31 -3.66 -38.74
CA THR O 202 45.68 -3.20 -38.91
C THR O 202 45.93 -2.96 -40.39
N TYR O 203 46.07 -1.68 -40.74
CA TYR O 203 46.04 -1.22 -42.12
C TYR O 203 47.27 -0.40 -42.43
N ASP O 204 47.80 -0.56 -43.63
CA ASP O 204 48.94 0.23 -44.07
C ASP O 204 48.54 1.68 -44.30
N HIS O 205 49.35 2.60 -43.80
CA HIS O 205 49.12 4.02 -44.06
C HIS O 205 49.66 4.45 -45.42
N ARG O 206 50.45 3.60 -46.09
CA ARG O 206 50.95 3.98 -47.41
C ARG O 206 49.85 3.99 -48.46
N ILE O 207 48.79 3.21 -48.28
CA ILE O 207 47.70 3.20 -49.24
C ILE O 207 46.33 3.45 -48.60
N ILE O 208 46.03 2.81 -47.46
CA ILE O 208 44.75 3.08 -46.80
C ILE O 208 44.93 4.27 -45.86
N ASP O 209 44.15 5.33 -46.09
CA ASP O 209 44.16 6.48 -45.20
C ASP O 209 43.37 6.15 -43.93
N GLY O 210 43.58 6.97 -42.90
CA GLY O 210 42.87 6.78 -41.64
C GLY O 210 41.37 6.97 -41.75
N ARG O 211 40.95 7.94 -42.56
CA ARG O 211 39.53 8.14 -42.86
C ARG O 211 38.95 6.91 -43.54
N GLU O 212 39.70 6.33 -44.49
CA GLU O 212 39.26 5.17 -45.23
C GLU O 212 39.07 3.97 -44.31
N ALA O 213 40.01 3.74 -43.40
CA ALA O 213 39.92 2.60 -42.49
C ALA O 213 38.85 2.81 -41.43
N VAL O 214 38.64 4.06 -40.99
CA VAL O 214 37.60 4.33 -40.00
C VAL O 214 36.21 4.13 -40.60
N LEU O 215 35.97 4.64 -41.81
CA LEU O 215 34.70 4.42 -42.48
C LEU O 215 34.51 2.96 -42.85
N PHE O 216 35.60 2.27 -43.19
CA PHE O 216 35.58 0.85 -43.49
C PHE O 216 35.16 0.03 -42.27
N LEU O 217 35.73 0.35 -41.11
CA LEU O 217 35.39 -0.38 -39.90
C LEU O 217 33.97 -0.06 -39.43
N ARG O 218 33.54 1.20 -39.59
CA ARG O 218 32.16 1.54 -39.26
C ARG O 218 31.17 0.84 -40.18
N LYS O 219 31.52 0.68 -41.46
CA LYS O 219 30.64 -0.01 -42.39
C LYS O 219 30.55 -1.49 -42.08
N ILE O 220 31.66 -2.11 -41.68
CA ILE O 220 31.60 -3.52 -41.28
C ILE O 220 30.82 -3.67 -39.97
N LYS O 221 30.95 -2.71 -39.05
CA LYS O 221 30.18 -2.74 -37.81
C LYS O 221 28.68 -2.64 -38.08
N ALA O 222 28.29 -1.76 -39.00
CA ALA O 222 26.88 -1.65 -39.38
C ALA O 222 26.40 -2.89 -40.15
N ALA O 223 27.29 -3.52 -40.92
CA ALA O 223 26.88 -4.70 -41.68
C ALA O 223 26.74 -5.94 -40.81
N VAL O 224 27.51 -6.04 -39.73
CA VAL O 224 27.39 -7.19 -38.84
C VAL O 224 26.31 -6.99 -37.79
N GLU O 225 26.15 -5.76 -37.29
CA GLU O 225 25.02 -5.47 -36.39
C GLU O 225 23.68 -5.60 -37.10
N ASN O 226 23.61 -5.20 -38.37
CA ASN O 226 22.40 -5.31 -39.17
C ASN O 226 22.76 -5.88 -40.53
N PRO O 227 22.46 -7.15 -40.81
CA PRO O 227 22.79 -7.73 -42.12
C PRO O 227 21.78 -7.42 -43.22
N ALA O 228 20.89 -6.45 -43.05
CA ALA O 228 20.07 -5.96 -44.15
C ALA O 228 20.77 -4.85 -44.94
N ILE O 229 21.87 -4.30 -44.40
CA ILE O 229 22.62 -3.26 -45.08
C ILE O 229 23.31 -3.82 -46.33
N ILE O 230 23.68 -5.09 -46.30
CA ILE O 230 24.46 -5.68 -47.39
C ILE O 230 23.60 -5.89 -48.63
N VAL O 231 22.28 -6.05 -48.47
CA VAL O 231 21.37 -6.05 -49.61
C VAL O 231 20.80 -4.65 -49.83
N ALA O 232 20.85 -3.79 -48.82
CA ALA O 232 20.39 -2.42 -48.96
C ALA O 232 21.30 -1.57 -49.85
N GLY O 233 22.60 -1.84 -49.84
CA GLY O 233 23.52 -1.05 -50.64
C GLY O 233 23.94 0.27 -50.01
N LEU O 234 24.63 0.21 -48.89
CA LEU O 234 25.18 1.41 -48.26
C LEU O 234 26.71 1.37 -48.19
N GLY P 1 -2.76 67.85 -16.07
CA GLY P 1 -2.12 68.46 -17.22
C GLY P 1 -2.17 69.97 -17.20
N THR P 2 -1.94 70.55 -16.03
CA THR P 2 -1.96 71.99 -15.85
C THR P 2 -0.58 72.50 -15.46
N ARG P 3 -0.21 73.66 -16.00
CA ARG P 3 1.08 74.29 -15.70
C ARG P 3 0.95 75.24 -14.51
N SER P 4 0.42 74.74 -13.39
CA SER P 4 0.14 75.57 -12.22
C SER P 4 1.14 75.26 -11.12
N GLU P 5 1.78 76.30 -10.60
CA GLU P 5 2.72 76.20 -9.50
C GLU P 5 2.43 77.29 -8.48
N GLN P 6 2.84 77.06 -7.25
CA GLN P 6 2.65 78.04 -6.19
C GLN P 6 3.96 78.28 -5.44
N ARG P 7 3.91 79.26 -4.53
CA ARG P 7 5.10 79.81 -3.90
C ARG P 7 5.07 79.62 -2.39
N VAL P 8 4.77 78.39 -1.94
CA VAL P 8 4.60 78.14 -0.51
C VAL P 8 5.94 78.25 0.22
N LYS P 9 5.94 78.96 1.33
CA LYS P 9 7.12 79.21 2.14
C LYS P 9 7.08 78.33 3.37
N MET P 10 8.20 77.68 3.67
CA MET P 10 8.28 76.78 4.80
C MET P 10 8.70 77.55 6.05
N ASN P 11 8.83 76.83 7.17
CA ASN P 11 9.18 77.43 8.45
C ASN P 11 10.70 77.39 8.66
N ARG P 12 11.13 78.00 9.76
CA ARG P 12 12.56 78.07 10.08
C ARG P 12 13.11 76.70 10.44
N MET P 13 12.30 75.87 11.12
CA MET P 13 12.78 74.58 11.63
C MET P 13 13.10 73.59 10.51
N ARG P 14 12.40 73.69 9.38
CA ARG P 14 12.71 72.82 8.25
C ARG P 14 14.11 73.12 7.70
N LEU P 15 14.46 74.40 7.59
CA LEU P 15 15.83 74.78 7.27
C LEU P 15 16.81 74.38 8.37
N LYS P 16 16.35 74.36 9.63
CA LYS P 16 17.24 73.99 10.74
C LYS P 16 17.65 72.52 10.64
N ILE P 17 16.69 71.60 10.52
CA ILE P 17 17.00 70.19 10.32
C ILE P 17 17.70 69.94 8.97
N ALA P 18 17.36 70.70 7.92
CA ALA P 18 18.02 70.53 6.62
C ALA P 18 19.50 70.90 6.68
N ALA P 19 19.83 72.06 7.26
CA ALA P 19 21.22 72.45 7.41
C ALA P 19 21.95 71.56 8.42
N ARG P 20 21.24 71.06 9.43
CA ARG P 20 21.84 70.15 10.39
C ARG P 20 22.25 68.84 9.74
N LEU P 21 21.39 68.25 8.92
CA LEU P 21 21.76 67.00 8.24
C LEU P 21 22.78 67.26 7.14
N LYS P 22 22.76 68.45 6.53
CA LYS P 22 23.79 68.77 5.54
C LYS P 22 25.17 68.90 6.17
N ASP P 23 25.26 69.57 7.33
CA ASP P 23 26.54 69.63 8.05
C ASP P 23 26.94 68.28 8.62
N ALA P 24 25.96 67.44 8.97
CA ALA P 24 26.25 66.10 9.46
C ALA P 24 26.82 65.21 8.35
N GLN P 25 26.27 65.32 7.14
CA GLN P 25 26.82 64.56 6.02
C GLN P 25 28.15 65.12 5.56
N ASN P 26 28.34 66.44 5.65
CA ASN P 26 29.61 67.04 5.27
C ASN P 26 30.69 66.87 6.32
N THR P 27 30.34 66.49 7.55
CA THR P 27 31.31 66.22 8.60
C THR P 27 31.60 64.73 8.75
N CYS P 28 30.57 63.92 8.98
CA CYS P 28 30.75 62.48 9.11
C CYS P 28 30.89 61.83 7.74
N ALA P 29 31.41 60.61 7.73
CA ALA P 29 31.55 59.83 6.51
C ALA P 29 30.40 58.82 6.43
N MET P 30 29.66 58.85 5.34
CA MET P 30 28.51 57.97 5.18
C MET P 30 29.00 56.58 4.76
N LEU P 31 28.64 55.57 5.54
CA LEU P 31 29.17 54.22 5.37
C LEU P 31 28.28 53.25 6.10
N THR P 32 27.72 52.27 5.38
CA THR P 32 26.74 51.39 5.97
C THR P 32 27.11 49.92 5.82
N THR P 33 26.43 49.10 6.62
CA THR P 33 26.46 47.65 6.49
C THR P 33 25.15 47.10 7.04
N PHE P 34 24.76 45.93 6.55
CA PHE P 34 23.48 45.34 6.93
C PHE P 34 23.67 43.91 7.40
N ASN P 35 22.63 43.38 8.04
CA ASN P 35 22.59 42.01 8.49
C ASN P 35 21.13 41.62 8.67
N GLU P 36 20.90 40.33 8.93
CA GLU P 36 19.57 39.80 9.15
C GLU P 36 19.50 39.12 10.50
N VAL P 37 18.40 39.35 11.24
CA VAL P 37 18.24 38.88 12.60
C VAL P 37 16.97 38.06 12.70
N ASP P 38 17.10 36.84 13.21
CA ASP P 38 15.92 36.02 13.47
C ASP P 38 15.14 36.59 14.65
N MET P 39 13.81 36.59 14.52
CA MET P 39 12.94 37.17 15.52
C MET P 39 11.94 36.17 16.09
N SER P 40 12.05 34.89 15.71
CA SER P 40 11.07 33.89 16.14
C SER P 40 11.14 33.64 17.64
N TYR P 41 12.35 33.67 18.21
CA TYR P 41 12.47 33.57 19.66
C TYR P 41 11.89 34.80 20.35
N ALA P 42 12.05 35.97 19.71
CA ALA P 42 11.42 37.18 20.24
C ALA P 42 9.90 37.10 20.15
N MET P 43 9.38 36.49 19.07
CA MET P 43 7.94 36.26 18.95
C MET P 43 7.42 35.36 20.06
N ASP P 44 8.11 34.24 20.31
CA ASP P 44 7.71 33.32 21.36
C ASP P 44 7.82 33.96 22.74
N PHE P 45 8.89 34.72 22.98
CA PHE P 45 9.10 35.34 24.29
C PHE P 45 8.06 36.41 24.58
N ARG P 46 7.73 37.24 23.59
CA ARG P 46 6.68 38.24 23.78
C ARG P 46 5.31 37.57 23.92
N LYS P 47 5.06 36.52 23.16
CA LYS P 47 3.77 35.84 23.24
C LYS P 47 3.58 35.09 24.56
N GLN P 48 4.68 34.70 25.21
CA GLN P 48 4.58 34.05 26.50
C GLN P 48 4.65 35.02 27.68
N ASN P 49 5.21 36.22 27.50
CA ASN P 49 5.35 37.14 28.62
C ASN P 49 4.51 38.41 28.48
N LEU P 50 3.57 38.46 27.51
CA LEU P 50 2.67 39.59 27.36
C LEU P 50 1.85 39.82 28.62
N ASP P 51 1.13 38.79 29.07
CA ASP P 51 0.31 38.93 30.27
C ASP P 51 1.14 39.05 31.53
N ALA P 52 2.35 38.48 31.53
CA ALA P 52 3.24 38.60 32.68
C ALA P 52 3.70 40.03 32.88
N PHE P 53 4.19 40.68 31.82
CA PHE P 53 4.59 42.09 31.94
C PHE P 53 3.39 43.00 32.16
N THR P 54 2.24 42.66 31.58
CA THR P 54 1.03 43.47 31.78
C THR P 54 0.57 43.42 33.23
N LYS P 55 0.59 42.23 33.86
CA LYS P 55 0.14 42.12 35.23
C LYS P 55 1.21 42.54 36.23
N LYS P 56 2.48 42.59 35.82
CA LYS P 56 3.51 42.97 36.79
C LYS P 56 3.80 44.47 36.76
N TYR P 57 3.96 45.06 35.57
CA TYR P 57 4.36 46.45 35.48
C TYR P 57 3.27 47.38 35.00
N GLY P 58 2.20 46.88 34.37
CA GLY P 58 1.01 47.64 34.07
C GLY P 58 1.00 48.27 32.70
N ILE P 59 2.12 48.28 32.00
CA ILE P 59 2.23 48.95 30.71
C ILE P 59 2.43 47.90 29.62
N LYS P 60 2.23 48.32 28.37
CA LYS P 60 2.36 47.44 27.22
C LYS P 60 3.73 47.62 26.58
N PHE P 61 4.31 46.51 26.14
CA PHE P 61 5.68 46.48 25.63
C PHE P 61 5.68 45.90 24.23
N GLY P 62 6.58 46.38 23.38
CA GLY P 62 6.76 45.72 22.10
C GLY P 62 7.98 46.12 21.30
N PHE P 63 8.75 45.10 20.88
CA PHE P 63 9.64 45.15 19.70
C PHE P 63 10.80 46.13 19.76
N MET P 64 10.96 46.87 20.86
CA MET P 64 11.95 47.93 20.85
C MET P 64 12.97 47.75 21.97
N SER P 65 12.53 47.29 23.14
CA SER P 65 13.43 47.18 24.28
C SER P 65 14.45 46.05 24.09
N ILE P 66 14.09 45.03 23.31
CA ILE P 66 15.02 43.96 22.99
C ILE P 66 16.19 44.50 22.19
N PHE P 67 15.90 45.35 21.19
CA PHE P 67 16.94 45.98 20.40
C PHE P 67 17.69 47.04 21.19
N ALA P 68 17.02 47.72 22.12
CA ALA P 68 17.65 48.78 22.90
C ALA P 68 18.65 48.24 23.90
N LYS P 69 18.25 47.20 24.65
CA LYS P 69 19.13 46.62 25.66
C LYS P 69 20.32 45.89 25.03
N ALA P 70 20.09 45.26 23.87
CA ALA P 70 21.18 44.62 23.14
C ALA P 70 22.17 45.66 22.63
N SER P 71 21.67 46.80 22.15
CA SER P 71 22.55 47.88 21.70
C SER P 71 23.31 48.48 22.88
N ALA P 72 22.66 48.60 24.04
CA ALA P 72 23.34 49.09 25.24
C ALA P 72 24.46 48.16 25.66
N TYR P 73 24.23 46.85 25.59
CA TYR P 73 25.28 45.88 25.89
C TYR P 73 26.43 45.98 24.90
N ALA P 74 26.13 46.08 23.61
CA ALA P 74 27.17 46.14 22.59
C ALA P 74 27.96 47.45 22.64
N LEU P 75 27.35 48.53 23.13
CA LEU P 75 28.12 49.74 23.40
C LEU P 75 28.94 49.65 24.68
N GLN P 76 28.48 48.90 25.69
CA GLN P 76 29.31 48.73 26.88
C GLN P 76 30.52 47.83 26.63
N ASP P 77 30.40 46.82 25.79
CA ASP P 77 31.55 45.95 25.55
C ASP P 77 32.34 46.31 24.29
N GLN P 78 32.03 47.43 23.65
CA GLN P 78 32.80 47.95 22.51
C GLN P 78 32.71 49.47 22.54
N PRO P 79 33.53 50.13 23.36
CA PRO P 79 33.28 51.53 23.71
C PRO P 79 33.79 52.55 22.70
N VAL P 80 34.23 52.13 21.51
CA VAL P 80 34.62 53.09 20.49
C VAL P 80 33.46 53.41 19.54
N VAL P 81 32.39 52.62 19.57
CA VAL P 81 31.21 52.88 18.75
C VAL P 81 30.48 54.13 19.23
N ASN P 82 30.45 54.35 20.54
CA ASN P 82 29.80 55.54 21.09
C ASN P 82 30.65 56.79 21.01
N ALA P 83 31.96 56.67 20.78
CA ALA P 83 32.85 57.81 20.81
C ALA P 83 32.77 58.63 19.53
N VAL P 84 32.91 59.94 19.67
CA VAL P 84 32.81 60.87 18.54
C VAL P 84 34.07 61.71 18.44
N ILE P 85 34.08 62.64 17.47
CA ILE P 85 35.18 63.57 17.28
C ILE P 85 34.63 64.98 17.44
N ASP P 86 35.20 65.74 18.37
CA ASP P 86 34.90 67.16 18.52
C ASP P 86 36.20 67.92 18.25
N GLY P 87 36.46 68.21 16.97
CA GLY P 87 37.68 68.88 16.58
C GLY P 87 38.83 67.91 16.40
N THR P 88 39.75 67.88 17.37
CA THR P 88 40.89 66.99 17.37
C THR P 88 40.92 66.16 18.64
N ASP P 89 39.75 65.71 19.09
CA ASP P 89 39.63 64.95 20.33
C ASP P 89 38.64 63.82 20.14
N ILE P 90 38.93 62.67 20.74
CA ILE P 90 38.02 61.53 20.74
C ILE P 90 37.51 61.35 22.16
N VAL P 91 36.19 61.33 22.31
CA VAL P 91 35.57 61.31 23.63
C VAL P 91 35.01 59.90 23.85
N TYR P 92 35.81 59.03 24.47
CA TYR P 92 35.29 57.77 24.96
C TYR P 92 34.34 58.03 26.13
N ARG P 93 33.18 57.39 26.11
CA ARG P 93 32.18 57.56 27.15
C ARG P 93 31.77 56.20 27.69
N ASP P 94 31.63 56.11 29.02
CA ASP P 94 31.13 54.91 29.66
C ASP P 94 29.61 54.89 29.73
N TYR P 95 29.00 56.05 29.96
CA TYR P 95 27.55 56.14 29.94
C TYR P 95 27.04 56.06 28.51
N VAL P 96 25.87 55.45 28.34
CA VAL P 96 25.24 55.35 27.03
C VAL P 96 23.80 55.83 27.14
N ASP P 97 23.40 56.68 26.20
CA ASP P 97 22.04 57.23 26.16
C ASP P 97 21.49 57.01 24.76
N ILE P 98 20.49 56.15 24.63
CA ILE P 98 19.91 55.83 23.33
C ILE P 98 18.96 56.95 22.93
N SER P 99 19.17 57.49 21.74
CA SER P 99 18.39 58.61 21.22
C SER P 99 17.29 58.03 20.33
N VAL P 100 16.05 58.11 20.80
CA VAL P 100 14.93 57.38 20.22
C VAL P 100 14.03 58.35 19.47
N ALA P 101 13.68 58.02 18.22
CA ALA P 101 12.75 58.83 17.45
C ALA P 101 11.31 58.37 17.72
N VAL P 102 10.40 59.35 17.82
CA VAL P 102 8.98 59.08 18.00
C VAL P 102 8.20 60.23 17.37
N ALA P 103 6.97 59.96 16.95
CA ALA P 103 6.15 60.95 16.28
C ALA P 103 5.55 61.95 17.26
N THR P 104 5.42 63.18 16.80
CA THR P 104 4.78 64.27 17.53
C THR P 104 3.91 65.01 16.53
N PRO P 105 2.89 65.75 16.98
CA PRO P 105 2.05 66.50 16.03
C PRO P 105 2.78 67.55 15.19
N ARG P 106 3.87 68.14 15.68
CA ARG P 106 4.57 69.13 14.86
C ARG P 106 5.45 68.48 13.81
N GLY P 107 5.88 67.24 14.04
CA GLY P 107 6.89 66.63 13.19
C GLY P 107 7.41 65.33 13.77
N LEU P 108 8.73 65.24 13.95
CA LEU P 108 9.36 64.08 14.57
C LEU P 108 10.33 64.59 15.63
N VAL P 109 9.90 64.54 16.89
CA VAL P 109 10.74 64.93 18.02
C VAL P 109 11.52 63.71 18.48
N VAL P 110 12.70 63.92 19.04
CA VAL P 110 13.63 62.85 19.37
C VAL P 110 13.93 62.92 20.87
N PRO P 111 13.18 62.20 21.70
CA PRO P 111 13.55 62.08 23.11
C PRO P 111 14.65 61.05 23.33
N VAL P 112 15.38 61.24 24.43
CA VAL P 112 16.56 60.42 24.74
C VAL P 112 16.30 59.68 26.05
N ILE P 113 16.56 58.37 26.04
CA ILE P 113 16.53 57.56 27.25
C ILE P 113 17.86 57.68 27.96
N ARG P 114 17.82 58.00 29.26
CA ARG P 114 19.03 58.28 30.03
C ARG P 114 19.41 57.07 30.85
N ASN P 115 20.72 56.75 30.85
CA ASN P 115 21.35 55.71 31.66
C ASN P 115 20.73 54.34 31.41
N VAL P 116 20.93 53.86 30.17
CA VAL P 116 20.24 52.68 29.68
C VAL P 116 21.01 51.39 29.95
N GLU P 117 22.26 51.47 30.38
CA GLU P 117 23.09 50.26 30.48
C GLU P 117 22.73 49.43 31.71
N GLY P 118 22.44 50.07 32.84
CA GLY P 118 22.03 49.35 34.03
C GLY P 118 20.53 49.35 34.20
N MET P 119 19.80 48.92 33.17
CA MET P 119 18.37 49.19 33.11
C MET P 119 17.69 48.07 32.35
N ASN P 120 16.69 47.46 32.99
CA ASN P 120 16.05 46.24 32.48
C ASN P 120 15.11 46.56 31.32
N TYR P 121 14.43 45.52 30.82
CA TYR P 121 13.42 45.69 29.77
C TYR P 121 12.27 46.57 30.26
N ALA P 122 11.69 46.22 31.40
CA ALA P 122 10.49 46.91 31.87
C ALA P 122 10.80 48.35 32.28
N ASP P 123 11.99 48.61 32.82
CA ASP P 123 12.38 49.97 33.14
C ASP P 123 12.59 50.82 31.89
N ILE P 124 13.16 50.23 30.83
CA ILE P 124 13.30 50.93 29.56
C ILE P 124 11.93 51.24 28.96
N GLU P 125 10.99 50.29 29.09
CA GLU P 125 9.63 50.56 28.60
C GLU P 125 8.93 51.62 29.45
N ILE P 126 9.22 51.66 30.75
CA ILE P 126 8.67 52.72 31.61
C ILE P 126 9.18 54.09 31.18
N ALA P 127 10.49 54.19 30.92
CA ALA P 127 11.07 55.47 30.48
C ALA P 127 10.56 55.87 29.10
N LEU P 128 10.44 54.91 28.18
CA LEU P 128 9.98 55.21 26.83
C LEU P 128 8.51 55.57 26.80
N ALA P 129 7.68 54.89 27.60
CA ALA P 129 6.28 55.24 27.72
C ALA P 129 6.09 56.58 28.41
N GLY P 130 6.95 56.92 29.37
CA GLY P 130 6.90 58.24 29.97
C GLY P 130 7.25 59.34 28.99
N LEU P 131 8.27 59.11 28.15
CA LEU P 131 8.64 60.09 27.14
C LEU P 131 7.56 60.22 26.06
N ALA P 132 6.94 59.11 25.68
CA ALA P 132 5.84 59.17 24.72
C ALA P 132 4.60 59.83 25.31
N ASP P 133 4.34 59.64 26.60
CA ASP P 133 3.24 60.33 27.26
C ASP P 133 3.52 61.82 27.39
N LYS P 134 4.78 62.20 27.62
CA LYS P 134 5.16 63.60 27.61
C LYS P 134 5.00 64.21 26.21
N ALA P 135 5.27 63.42 25.17
CA ALA P 135 5.02 63.88 23.81
C ALA P 135 3.54 63.88 23.45
N ARG P 136 2.70 63.18 24.23
CA ARG P 136 1.27 63.12 23.92
C ARG P 136 0.60 64.46 24.18
N ARG P 137 0.84 65.07 25.35
CA ARG P 137 0.29 66.39 25.63
C ARG P 137 1.29 67.51 25.34
N ASP P 138 2.34 67.21 24.58
CA ASP P 138 3.35 68.17 24.11
C ASP P 138 4.09 68.83 25.28
N ALA P 139 4.77 68.00 26.07
CA ALA P 139 5.57 68.46 27.20
C ALA P 139 7.04 68.13 27.02
N ILE P 140 7.51 67.97 25.79
CA ILE P 140 8.91 67.65 25.54
C ILE P 140 9.75 68.90 25.73
N THR P 141 10.76 68.81 26.58
CA THR P 141 11.59 69.95 26.94
C THR P 141 12.82 70.03 26.03
N VAL P 142 13.75 70.90 26.39
CA VAL P 142 14.97 71.10 25.60
C VAL P 142 16.13 70.26 26.14
N GLU P 143 16.14 69.99 27.45
CA GLU P 143 17.24 69.28 28.09
C GLU P 143 17.35 67.82 27.66
N ASP P 144 16.26 67.23 27.14
CA ASP P 144 16.28 65.86 26.63
C ASP P 144 16.32 65.83 25.10
N MET P 145 17.06 66.75 24.49
CA MET P 145 17.19 66.81 23.04
C MET P 145 18.62 66.57 22.56
N ASP P 146 19.57 66.35 23.46
CA ASP P 146 20.97 66.18 23.10
C ASP P 146 21.58 65.09 23.95
N GLY P 147 22.86 64.84 23.75
CA GLY P 147 23.61 63.89 24.54
C GLY P 147 23.45 62.44 24.14
N GLY P 148 22.71 62.15 23.08
CA GLY P 148 22.50 60.76 22.68
C GLY P 148 23.76 60.18 22.06
N THR P 149 24.01 58.92 22.36
CA THR P 149 25.17 58.21 21.83
C THR P 149 24.81 57.15 20.80
N PHE P 150 23.53 56.78 20.69
CA PHE P 150 23.11 55.73 19.76
C PHE P 150 21.65 55.96 19.42
N THR P 151 21.19 55.31 18.35
CA THR P 151 19.84 55.56 17.85
C THR P 151 19.27 54.27 17.27
N ILE P 152 18.04 53.94 17.69
CA ILE P 152 17.31 52.76 17.27
C ILE P 152 16.08 53.25 16.52
N SER P 153 16.29 54.24 15.62
CA SER P 153 15.27 54.89 14.81
C SER P 153 14.30 53.92 14.16
N ASN P 154 13.03 54.03 14.54
CA ASN P 154 12.01 53.05 14.19
C ASN P 154 11.58 53.24 12.74
N GLY P 155 11.86 52.24 11.91
CA GLY P 155 11.35 52.19 10.57
C GLY P 155 10.58 50.91 10.36
N GLY P 156 10.31 50.20 11.45
CA GLY P 156 9.70 48.89 11.39
C GLY P 156 8.19 48.90 11.42
N VAL P 157 7.61 49.86 12.13
CA VAL P 157 6.16 49.98 12.19
C VAL P 157 5.59 50.52 10.88
N PHE P 158 6.43 51.18 10.08
CA PHE P 158 5.98 51.84 8.86
C PHE P 158 6.12 50.98 7.62
N GLY P 159 6.96 49.95 7.66
CA GLY P 159 7.00 48.96 6.60
C GLY P 159 8.15 49.06 5.62
N SER P 160 9.35 49.31 6.12
CA SER P 160 10.53 49.30 5.26
C SER P 160 11.19 47.93 5.27
N LEU P 161 12.10 47.72 4.33
CA LEU P 161 12.85 46.48 4.27
C LEU P 161 14.35 46.71 4.39
N MET P 162 14.90 47.69 3.67
CA MET P 162 16.25 48.17 3.89
C MET P 162 16.25 49.69 3.95
N GLY P 163 17.30 50.24 4.55
CA GLY P 163 17.44 51.68 4.68
C GLY P 163 18.85 52.02 5.11
N THR P 164 19.22 53.27 4.89
CA THR P 164 20.57 53.77 5.17
C THR P 164 20.49 55.09 5.92
N PRO P 165 20.10 55.08 7.20
CA PRO P 165 19.76 56.32 7.90
C PRO P 165 20.96 57.24 8.13
N ILE P 166 20.74 58.54 7.91
CA ILE P 166 21.82 59.52 7.95
C ILE P 166 22.29 59.71 9.38
N ILE P 167 23.61 59.75 9.56
CA ILE P 167 24.20 59.96 10.87
C ILE P 167 23.90 61.38 11.35
N ASN P 168 23.29 61.49 12.53
CA ASN P 168 22.93 62.78 13.10
C ASN P 168 23.84 63.11 14.28
N PRO P 169 24.16 64.39 14.49
CA PRO P 169 25.01 64.76 15.63
C PRO P 169 24.22 64.70 16.92
N PRO P 170 24.90 64.57 18.08
CA PRO P 170 26.35 64.36 18.28
C PRO P 170 26.75 62.90 18.51
N GLN P 171 26.23 61.93 17.77
CA GLN P 171 26.63 60.54 17.92
C GLN P 171 27.36 60.09 16.67
N SER P 172 27.72 58.80 16.64
CA SER P 172 28.58 58.29 15.57
C SER P 172 28.13 56.97 14.96
N ALA P 173 27.02 56.38 15.41
CA ALA P 173 26.52 55.14 14.81
C ALA P 173 25.03 55.04 15.09
N ILE P 174 24.25 54.74 14.06
CA ILE P 174 22.79 54.69 14.13
C ILE P 174 22.31 53.39 13.50
N LEU P 175 21.59 52.60 14.28
CA LEU P 175 21.02 51.34 13.82
C LEU P 175 19.55 51.56 13.52
N GLY P 176 19.18 51.48 12.25
CA GLY P 176 17.78 51.60 11.88
C GLY P 176 17.13 50.24 11.71
N MET P 177 16.37 49.81 12.70
CA MET P 177 15.66 48.53 12.60
C MET P 177 14.50 48.66 11.62
N HIS P 178 14.11 47.54 11.02
CA HIS P 178 13.16 47.52 9.92
C HIS P 178 12.02 46.56 10.22
N GLY P 179 11.06 46.50 9.30
CA GLY P 179 9.87 45.71 9.52
C GLY P 179 10.10 44.22 9.39
N ILE P 180 9.33 43.46 10.14
CA ILE P 180 9.44 42.00 10.13
C ILE P 180 8.61 41.43 9.00
N PHE P 181 9.25 40.67 8.12
CA PHE P 181 8.62 40.06 6.96
C PHE P 181 8.76 38.54 7.07
N GLU P 182 8.34 37.83 6.02
CA GLU P 182 8.37 36.38 5.99
C GLU P 182 9.34 35.92 4.91
N ARG P 183 10.36 35.15 5.30
CA ARG P 183 11.33 34.60 4.36
C ARG P 183 11.66 33.17 4.76
N PRO P 184 11.58 32.21 3.83
CA PRO P 184 11.77 30.79 4.18
C PRO P 184 13.21 30.36 4.24
N ILE P 185 13.86 30.56 5.39
CA ILE P 185 15.31 30.46 5.49
C ILE P 185 15.75 29.02 5.73
N ALA P 186 16.84 28.63 5.06
CA ALA P 186 17.46 27.33 5.27
C ALA P 186 18.20 27.34 6.61
N VAL P 187 17.68 26.60 7.57
CA VAL P 187 18.31 26.42 8.86
C VAL P 187 18.44 24.93 9.14
N LYS P 188 19.61 24.51 9.64
CA LYS P 188 19.92 23.12 10.01
C LYS P 188 19.78 22.15 8.83
N GLY P 189 20.00 22.63 7.61
CA GLY P 189 19.98 21.77 6.45
C GLY P 189 18.64 21.58 5.77
N GLU P 190 17.57 22.20 6.27
CA GLU P 190 16.27 22.12 5.62
C GLU P 190 15.62 23.50 5.58
N VAL P 191 14.65 23.63 4.70
CA VAL P 191 13.98 24.91 4.47
C VAL P 191 12.89 25.11 5.51
N LYS P 192 12.95 26.23 6.23
CA LYS P 192 11.95 26.56 7.22
C LYS P 192 11.55 28.02 7.11
N ILE P 193 10.26 28.30 7.26
CA ILE P 193 9.75 29.66 7.16
C ILE P 193 9.91 30.32 8.52
N ARG P 194 10.91 31.19 8.64
CA ARG P 194 11.17 31.92 9.86
C ARG P 194 11.08 33.42 9.59
N PRO P 195 10.25 34.16 10.34
CA PRO P 195 10.13 35.60 10.09
C PRO P 195 11.34 36.39 10.57
N MET P 196 12.10 36.96 9.65
CA MET P 196 13.20 37.85 10.02
C MET P 196 12.88 39.30 9.69
N MET P 197 13.87 40.14 9.96
CA MET P 197 13.83 41.56 9.69
C MET P 197 15.26 42.05 9.54
N TYR P 198 15.49 42.89 8.52
CA TYR P 198 16.83 43.36 8.24
C TYR P 198 17.18 44.51 9.18
N ILE P 199 18.48 44.68 9.42
CA ILE P 199 18.98 45.78 10.23
C ILE P 199 19.99 46.57 9.41
N ALA P 200 20.23 47.80 9.86
CA ALA P 200 21.18 48.69 9.22
C ALA P 200 22.16 49.22 10.27
N LEU P 201 23.31 49.69 9.81
CA LEU P 201 24.30 50.28 10.70
C LEU P 201 25.14 51.27 9.87
N THR P 202 24.81 52.54 9.98
CA THR P 202 25.53 53.59 9.25
C THR P 202 26.54 54.21 10.22
N TYR P 203 27.81 53.95 9.98
CA TYR P 203 28.87 54.22 10.93
C TYR P 203 29.97 55.03 10.27
N ASP P 204 30.53 55.98 11.02
CA ASP P 204 31.64 56.78 10.51
C ASP P 204 32.90 55.93 10.39
N HIS P 205 33.60 56.07 9.26
CA HIS P 205 34.88 55.40 9.08
C HIS P 205 36.02 56.16 9.73
N ARG P 206 35.80 57.40 10.17
CA ARG P 206 36.86 58.15 10.83
C ARG P 206 37.18 57.58 12.21
N ILE P 207 36.23 56.93 12.86
CA ILE P 207 36.49 56.35 14.17
C ILE P 207 36.11 54.86 14.26
N ILE P 208 34.95 54.47 13.74
CA ILE P 208 34.60 53.05 13.75
C ILE P 208 35.17 52.39 12.50
N ASP P 209 36.03 51.39 12.69
CA ASP P 209 36.55 50.62 11.58
C ASP P 209 35.49 49.64 11.08
N GLY P 210 35.71 49.11 9.87
CA GLY P 210 34.78 48.16 9.29
C GLY P 210 34.72 46.85 10.06
N ARG P 211 35.86 46.39 10.57
CA ARG P 211 35.90 45.22 11.44
C ARG P 211 35.08 45.45 12.71
N GLU P 212 35.22 46.66 13.28
CA GLU P 212 34.52 47.02 14.50
C GLU P 212 33.00 47.01 14.29
N ALA P 213 32.54 47.58 13.18
CA ALA P 213 31.11 47.64 12.91
C ALA P 213 30.55 46.27 12.53
N VAL P 214 31.35 45.44 11.85
CA VAL P 214 30.88 44.10 11.47
C VAL P 214 30.73 43.22 12.72
N LEU P 215 31.73 43.25 13.61
CA LEU P 215 31.63 42.49 14.85
C LEU P 215 30.54 43.05 15.76
N PHE P 216 30.35 44.37 15.73
CA PHE P 216 29.28 45.03 16.48
C PHE P 216 27.91 44.56 16.02
N LEU P 217 27.70 44.51 14.69
CA LEU P 217 26.42 44.09 14.15
C LEU P 217 26.18 42.60 14.37
N ARG P 218 27.24 41.78 14.28
CA ARG P 218 27.11 40.36 14.59
C ARG P 218 26.77 40.13 16.05
N LYS P 219 27.34 40.94 16.94
CA LYS P 219 27.05 40.81 18.37
C LYS P 219 25.63 41.22 18.69
N ILE P 220 25.12 42.26 18.04
CA ILE P 220 23.72 42.64 18.24
C ILE P 220 22.79 41.58 17.66
N LYS P 221 23.17 40.98 16.51
CA LYS P 221 22.37 39.90 15.93
C LYS P 221 22.30 38.69 16.86
N ALA P 222 23.43 38.33 17.46
CA ALA P 222 23.44 37.23 18.43
C ALA P 222 22.68 37.59 19.70
N ALA P 223 22.70 38.86 20.11
CA ALA P 223 22.00 39.26 21.33
C ALA P 223 20.50 39.33 21.14
N VAL P 224 20.02 39.64 19.94
CA VAL P 224 18.58 39.70 19.71
C VAL P 224 18.02 38.33 19.34
N GLU P 225 18.78 37.53 18.59
CA GLU P 225 18.35 36.14 18.33
C GLU P 225 18.34 35.30 19.61
N ASN P 226 19.30 35.54 20.50
CA ASN P 226 19.36 34.83 21.78
C ASN P 226 19.64 35.84 22.88
N PRO P 227 18.65 36.20 23.70
CA PRO P 227 18.87 37.17 24.78
C PRO P 227 19.48 36.59 26.05
N ALA P 228 20.05 35.38 26.01
CA ALA P 228 20.86 34.88 27.11
C ALA P 228 22.32 35.30 27.00
N ILE P 229 22.73 35.81 25.84
CA ILE P 229 24.10 36.27 25.64
C ILE P 229 24.37 37.51 26.48
N ILE P 230 23.35 38.34 26.71
CA ILE P 230 23.56 39.61 27.40
C ILE P 230 23.83 39.40 28.89
N VAL P 231 23.35 38.31 29.47
CA VAL P 231 23.75 37.94 30.83
C VAL P 231 24.92 36.97 30.79
N ALA P 232 25.16 36.31 29.66
CA ALA P 232 26.30 35.41 29.52
C ALA P 232 27.64 36.15 29.47
N GLY P 233 27.67 37.36 28.91
CA GLY P 233 28.90 38.10 28.82
C GLY P 233 29.79 37.71 27.65
N LEU P 234 29.31 37.91 26.43
CA LEU P 234 30.12 37.68 25.24
C LEU P 234 30.35 38.96 24.43
N GLY Q 1 26.09 54.54 34.89
CA GLY Q 1 25.36 55.77 35.18
C GLY Q 1 26.25 56.86 35.76
N THR Q 2 27.44 57.00 35.21
CA THR Q 2 28.41 57.99 35.65
C THR Q 2 28.65 59.02 34.56
N ARG Q 3 28.80 60.28 34.96
CA ARG Q 3 29.08 61.37 34.03
C ARG Q 3 30.58 61.59 33.87
N SER Q 4 31.31 60.52 33.57
CA SER Q 4 32.77 60.56 33.50
C SER Q 4 33.23 60.50 32.04
N GLU Q 5 34.07 61.46 31.66
CA GLU Q 5 34.65 61.53 30.34
C GLU Q 5 36.14 61.82 30.46
N GLN Q 6 36.90 61.45 29.44
CA GLN Q 6 38.32 61.69 29.41
C GLN Q 6 38.74 62.35 28.09
N ARG Q 7 40.01 62.72 28.03
CA ARG Q 7 40.53 63.59 26.99
C ARG Q 7 41.63 62.88 26.19
N VAL Q 8 41.37 61.65 25.75
CA VAL Q 8 42.40 60.85 25.08
C VAL Q 8 42.71 61.44 23.70
N LYS Q 9 44.00 61.58 23.41
CA LYS Q 9 44.48 62.15 22.16
C LYS Q 9 44.99 61.04 21.26
N MET Q 10 44.57 61.09 19.99
CA MET Q 10 44.94 60.06 19.03
C MET Q 10 46.27 60.43 18.37
N ASN Q 11 46.72 59.57 17.44
CA ASN Q 11 47.98 59.76 16.75
C ASN Q 11 47.75 60.52 15.44
N ARG Q 12 48.86 60.82 14.76
CA ARG Q 12 48.80 61.58 13.51
C ARG Q 12 48.19 60.75 12.38
N MET Q 13 48.45 59.43 12.38
CA MET Q 13 48.02 58.57 11.29
C MET Q 13 46.50 58.41 11.24
N ARG Q 14 45.83 58.49 12.40
CA ARG Q 14 44.37 58.42 12.39
C ARG Q 14 43.77 59.62 11.68
N LEU Q 15 44.31 60.82 11.92
CA LEU Q 15 43.94 61.99 11.14
C LEU Q 15 44.36 61.85 9.68
N LYS Q 16 45.46 61.15 9.40
CA LYS Q 16 45.90 60.98 8.01
C LYS Q 16 44.90 60.15 7.20
N ILE Q 17 44.53 58.97 7.69
CA ILE Q 17 43.49 58.17 7.03
C ILE Q 17 42.12 58.86 7.06
N ALA Q 18 41.80 59.59 8.13
CA ALA Q 18 40.52 60.30 8.20
C ALA Q 18 40.41 61.40 7.14
N ALA Q 19 41.44 62.24 7.01
CA ALA Q 19 41.44 63.27 5.97
C ALA Q 19 41.57 62.67 4.59
N ARG Q 20 42.25 61.53 4.46
CA ARG Q 20 42.37 60.86 3.17
C ARG Q 20 41.00 60.35 2.69
N LEU Q 21 40.24 59.71 3.57
CA LEU Q 21 38.92 59.24 3.17
C LEU Q 21 37.94 60.40 3.01
N LYS Q 22 38.12 61.49 3.76
CA LYS Q 22 37.28 62.67 3.56
C LYS Q 22 37.52 63.31 2.20
N ASP Q 23 38.78 63.45 1.79
CA ASP Q 23 39.08 63.98 0.46
C ASP Q 23 38.66 63.00 -0.63
N ALA Q 24 38.72 61.69 -0.34
CA ALA Q 24 38.27 60.69 -1.30
C ALA Q 24 36.77 60.74 -1.52
N GLN Q 25 36.00 60.93 -0.44
CA GLN Q 25 34.55 61.08 -0.60
C GLN Q 25 34.18 62.42 -1.21
N ASN Q 26 34.95 63.47 -0.92
CA ASN Q 26 34.68 64.78 -1.51
C ASN Q 26 35.15 64.89 -2.95
N THR Q 27 36.00 63.98 -3.42
CA THR Q 27 36.44 63.95 -4.81
C THR Q 27 35.66 62.96 -5.65
N CYS Q 28 35.63 61.69 -5.26
CA CYS Q 28 34.88 60.69 -5.99
C CYS Q 28 33.40 60.76 -5.65
N ALA Q 29 32.58 60.15 -6.50
CA ALA Q 29 31.14 60.08 -6.27
C ALA Q 29 30.79 58.71 -5.71
N MET Q 30 30.12 58.69 -4.57
CA MET Q 30 29.77 57.45 -3.90
C MET Q 30 28.55 56.85 -4.58
N LEU Q 31 28.68 55.61 -5.05
CA LEU Q 31 27.66 54.97 -5.88
C LEU Q 31 27.91 53.48 -5.90
N THR Q 32 26.93 52.70 -5.46
CA THR Q 32 27.14 51.27 -5.29
C THR Q 32 26.10 50.45 -6.05
N THR Q 33 26.44 49.16 -6.22
CA THR Q 33 25.50 48.15 -6.70
C THR Q 33 25.95 46.80 -6.14
N PHE Q 34 25.02 45.88 -6.02
CA PHE Q 34 25.29 44.58 -5.42
C PHE Q 34 24.81 43.47 -6.32
N ASN Q 35 25.27 42.25 -6.01
CA ASN Q 35 24.86 41.05 -6.71
C ASN Q 35 25.14 39.86 -5.79
N GLU Q 36 24.67 38.70 -6.20
CA GLU Q 36 24.88 37.47 -5.45
C GLU Q 36 25.59 36.44 -6.33
N VAL Q 37 26.55 35.73 -5.75
CA VAL Q 37 27.42 34.80 -6.48
C VAL Q 37 27.32 33.44 -5.83
N ASP Q 38 27.01 32.42 -6.62
CA ASP Q 38 27.05 31.04 -6.13
C ASP Q 38 28.49 30.61 -5.89
N MET Q 39 28.71 29.90 -4.79
CA MET Q 39 30.05 29.49 -4.39
C MET Q 39 30.17 27.98 -4.24
N SER Q 40 29.13 27.22 -4.61
CA SER Q 40 29.14 25.77 -4.41
C SER Q 40 30.17 25.10 -5.31
N TYR Q 41 30.34 25.60 -6.53
CA TYR Q 41 31.41 25.08 -7.39
C TYR Q 41 32.78 25.43 -6.83
N ALA Q 42 32.90 26.61 -6.21
CA ALA Q 42 34.15 26.95 -5.54
C ALA Q 42 34.41 26.06 -4.33
N MET Q 43 33.33 25.70 -3.60
CA MET Q 43 33.45 24.76 -2.49
C MET Q 43 33.95 23.40 -2.97
N ASP Q 44 33.36 22.88 -4.04
CA ASP Q 44 33.76 21.58 -4.59
C ASP Q 44 35.19 21.63 -5.13
N PHE Q 45 35.55 22.72 -5.81
CA PHE Q 45 36.87 22.84 -6.41
C PHE Q 45 37.96 22.93 -5.34
N ARG Q 46 37.72 23.72 -4.29
CA ARG Q 46 38.68 23.80 -3.20
C ARG Q 46 38.77 22.48 -2.44
N LYS Q 47 37.62 21.82 -2.23
CA LYS Q 47 37.61 20.55 -1.51
C LYS Q 47 38.29 19.44 -2.29
N GLN Q 48 38.31 19.53 -3.62
CA GLN Q 48 39.00 18.53 -4.42
C GLN Q 48 40.45 18.88 -4.72
N ASN Q 49 40.85 20.15 -4.63
CA ASN Q 49 42.23 20.52 -4.96
C ASN Q 49 43.02 21.04 -3.77
N LEU Q 50 42.51 20.89 -2.54
CA LEU Q 50 43.26 21.26 -1.34
C LEU Q 50 44.58 20.52 -1.23
N ASP Q 51 44.53 19.19 -1.26
CA ASP Q 51 45.75 18.39 -1.17
C ASP Q 51 46.62 18.52 -2.41
N ALA Q 52 46.01 18.79 -3.57
CA ALA Q 52 46.77 18.97 -4.80
C ALA Q 52 47.62 20.22 -4.75
N PHE Q 53 47.03 21.36 -4.36
CA PHE Q 53 47.81 22.58 -4.22
C PHE Q 53 48.80 22.50 -3.06
N THR Q 54 48.42 21.79 -1.98
CA THR Q 54 49.32 21.65 -0.85
C THR Q 54 50.56 20.82 -1.22
N LYS Q 55 50.38 19.74 -1.98
CA LYS Q 55 51.51 18.92 -2.36
C LYS Q 55 52.28 19.49 -3.54
N LYS Q 56 51.68 20.39 -4.32
CA LYS Q 56 52.41 20.91 -5.47
C LYS Q 56 53.16 22.20 -5.14
N TYR Q 57 52.51 23.14 -4.46
CA TYR Q 57 53.11 24.44 -4.22
C TYR Q 57 53.53 24.69 -2.78
N GLY Q 58 53.01 23.92 -1.83
CA GLY Q 58 53.48 23.93 -0.46
C GLY Q 58 52.76 24.88 0.47
N ILE Q 59 51.93 25.76 -0.07
CA ILE Q 59 51.26 26.78 0.74
C ILE Q 59 49.76 26.50 0.74
N LYS Q 60 49.06 27.14 1.68
CA LYS Q 60 47.62 26.96 1.84
C LYS Q 60 46.89 28.10 1.14
N PHE Q 61 45.78 27.77 0.50
CA PHE Q 61 45.03 28.70 -0.33
C PHE Q 61 43.59 28.77 0.16
N GLY Q 62 42.97 29.94 0.05
CA GLY Q 62 41.54 30.01 0.31
C GLY Q 62 40.83 31.27 -0.11
N PHE Q 63 39.75 31.11 -0.88
CA PHE Q 63 38.63 32.04 -0.97
C PHE Q 63 38.94 33.43 -1.56
N MET Q 64 40.18 33.67 -1.96
CA MET Q 64 40.55 35.03 -2.35
C MET Q 64 41.08 35.09 -3.77
N SER Q 65 41.85 34.08 -4.18
CA SER Q 65 42.48 34.09 -5.50
C SER Q 65 41.45 33.91 -6.62
N ILE Q 66 40.34 33.22 -6.32
CA ILE Q 66 39.25 33.06 -7.28
C ILE Q 66 38.65 34.43 -7.61
N PHE Q 67 38.40 35.23 -6.57
CA PHE Q 67 37.89 36.57 -6.76
C PHE Q 67 38.91 37.51 -7.37
N ALA Q 68 40.20 37.31 -7.05
CA ALA Q 68 41.26 38.17 -7.54
C ALA Q 68 41.51 37.98 -9.03
N LYS Q 69 41.61 36.73 -9.48
CA LYS Q 69 41.88 36.44 -10.88
C LYS Q 69 40.68 36.79 -11.75
N ALA Q 70 39.46 36.59 -11.23
CA ALA Q 70 38.26 37.01 -11.96
C ALA Q 70 38.20 38.52 -12.11
N SER Q 71 38.58 39.25 -11.06
CA SER Q 71 38.62 40.71 -11.14
C SER Q 71 39.71 41.18 -12.10
N ALA Q 72 40.85 40.48 -12.13
CA ALA Q 72 41.91 40.82 -13.07
C ALA Q 72 41.45 40.62 -14.51
N TYR Q 73 40.71 39.52 -14.77
CA TYR Q 73 40.14 39.30 -16.09
C TYR Q 73 39.14 40.37 -16.48
N ALA Q 74 38.24 40.73 -15.54
CA ALA Q 74 37.23 41.74 -15.84
C ALA Q 74 37.82 43.13 -16.01
N LEU Q 75 38.96 43.42 -15.39
CA LEU Q 75 39.66 44.66 -15.68
C LEU Q 75 40.42 44.61 -17.00
N GLN Q 76 40.91 43.44 -17.41
CA GLN Q 76 41.56 43.35 -18.72
C GLN Q 76 40.57 43.47 -19.87
N ASP Q 77 39.36 42.94 -19.73
CA ASP Q 77 38.40 43.03 -20.83
C ASP Q 77 37.42 44.20 -20.70
N GLN Q 78 37.61 45.08 -19.72
CA GLN Q 78 36.82 46.31 -19.57
C GLN Q 78 37.72 47.36 -18.96
N PRO Q 79 38.54 48.03 -19.78
CA PRO Q 79 39.66 48.82 -19.25
C PRO Q 79 39.31 50.22 -18.76
N VAL Q 80 38.03 50.58 -18.67
CA VAL Q 80 37.66 51.88 -18.13
C VAL Q 80 37.38 51.79 -16.63
N VAL Q 81 37.22 50.57 -16.09
CA VAL Q 81 37.00 50.41 -14.65
C VAL Q 81 38.26 50.74 -13.86
N ASN Q 82 39.42 50.42 -14.41
CA ASN Q 82 40.68 50.74 -13.74
C ASN Q 82 41.12 52.19 -13.91
N ALA Q 83 40.56 52.92 -14.87
CA ALA Q 83 41.01 54.26 -15.17
C ALA Q 83 40.46 55.27 -14.18
N VAL Q 84 41.28 56.29 -13.89
CA VAL Q 84 40.93 57.31 -12.90
C VAL Q 84 41.03 58.69 -13.54
N ILE Q 85 40.78 59.72 -12.73
CA ILE Q 85 40.88 61.12 -13.15
C ILE Q 85 41.93 61.80 -12.29
N ASP Q 86 42.95 62.35 -12.92
CA ASP Q 86 43.95 63.19 -12.24
C ASP Q 86 43.85 64.59 -12.85
N GLY Q 87 42.94 65.39 -12.31
CA GLY Q 87 42.70 66.72 -12.84
C GLY Q 87 41.74 66.73 -14.01
N THR Q 88 42.28 66.88 -15.22
CA THR Q 88 41.48 66.87 -16.44
C THR Q 88 42.02 65.81 -17.41
N ASP Q 89 42.42 64.66 -16.87
CA ASP Q 89 42.99 63.59 -17.68
C ASP Q 89 42.44 62.25 -17.20
N ILE Q 90 42.21 61.35 -18.15
CA ILE Q 90 41.77 59.98 -17.86
C ILE Q 90 42.92 59.05 -18.23
N VAL Q 91 43.36 58.24 -17.28
CA VAL Q 91 44.54 57.40 -17.45
C VAL Q 91 44.06 55.97 -17.62
N TYR Q 92 43.86 55.55 -18.89
CA TYR Q 92 43.68 54.14 -19.18
C TYR Q 92 44.97 53.39 -18.92
N ARG Q 93 44.87 52.26 -18.23
CA ARG Q 93 46.04 51.45 -17.90
C ARG Q 93 45.80 50.02 -18.35
N ASP Q 94 46.84 49.40 -18.93
CA ASP Q 94 46.79 47.99 -19.30
C ASP Q 94 47.20 47.10 -18.14
N TYR Q 95 48.19 47.52 -17.36
CA TYR Q 95 48.58 46.78 -16.17
C TYR Q 95 47.51 46.93 -15.09
N VAL Q 96 47.32 45.88 -14.30
CA VAL Q 96 46.38 45.91 -13.19
C VAL Q 96 47.09 45.41 -11.94
N ASP Q 97 46.92 46.14 -10.84
CA ASP Q 97 47.52 45.80 -9.56
C ASP Q 97 46.42 45.82 -8.50
N ILE Q 98 46.08 44.65 -7.97
CA ILE Q 98 45.02 44.55 -6.99
C ILE Q 98 45.56 44.98 -5.62
N SER Q 99 44.87 45.93 -5.00
CA SER Q 99 45.28 46.49 -3.72
C SER Q 99 44.52 45.75 -2.62
N VAL Q 100 45.23 44.94 -1.84
CA VAL Q 100 44.63 43.98 -0.94
C VAL Q 100 44.80 44.45 0.50
N ALA Q 101 43.72 44.45 1.27
CA ALA Q 101 43.78 44.77 2.68
C ALA Q 101 44.09 43.54 3.52
N VAL Q 102 44.94 43.71 4.53
CA VAL Q 102 45.27 42.64 5.46
C VAL Q 102 45.61 43.28 6.80
N ALA Q 103 45.43 42.52 7.88
CA ALA Q 103 45.65 43.04 9.22
C ALA Q 103 47.13 43.08 9.57
N THR Q 104 47.49 44.09 10.35
CA THR Q 104 48.83 44.29 10.89
C THR Q 104 48.66 44.69 12.34
N PRO Q 105 49.69 44.49 13.18
CA PRO Q 105 49.57 44.91 14.60
C PRO Q 105 49.31 46.40 14.81
N ARG Q 106 49.77 47.28 13.93
CA ARG Q 106 49.51 48.71 14.14
C ARG Q 106 48.09 49.09 13.75
N GLY Q 107 47.47 48.34 12.85
CA GLY Q 107 46.22 48.76 12.24
C GLY Q 107 45.82 47.89 11.08
N LEU Q 108 45.59 48.51 9.92
CA LEU Q 108 45.27 47.78 8.70
C LEU Q 108 46.17 48.33 7.58
N VAL Q 109 47.25 47.61 7.27
CA VAL Q 109 48.15 47.98 6.19
C VAL Q 109 47.63 47.35 4.90
N VAL Q 110 47.92 47.98 3.78
CA VAL Q 110 47.35 47.59 2.50
C VAL Q 110 48.50 47.28 1.53
N PRO Q 111 48.94 46.03 1.44
CA PRO Q 111 49.90 45.65 0.41
C PRO Q 111 49.22 45.44 -0.94
N VAL Q 112 50.02 45.60 -2.00
CA VAL Q 112 49.52 45.55 -3.37
C VAL Q 112 50.19 44.40 -4.10
N ILE Q 113 49.39 43.58 -4.77
CA ILE Q 113 49.90 42.52 -5.65
C ILE Q 113 50.22 43.12 -7.01
N ARG Q 114 51.44 42.88 -7.50
CA ARG Q 114 51.91 43.50 -8.73
C ARG Q 114 51.78 42.52 -9.90
N ASN Q 115 51.28 43.03 -11.03
CA ASN Q 115 51.19 42.33 -12.32
C ASN Q 115 50.37 41.04 -12.20
N VAL Q 116 49.08 41.24 -11.91
CA VAL Q 116 48.19 40.14 -11.55
C VAL Q 116 47.50 39.52 -12.76
N GLU Q 117 47.57 40.15 -13.94
CA GLU Q 117 46.77 39.68 -15.07
C GLU Q 117 47.36 38.43 -15.70
N GLY Q 118 48.68 38.33 -15.81
CA GLY Q 118 49.33 37.15 -16.34
C GLY Q 118 49.83 36.24 -15.24
N MET Q 119 48.95 35.87 -14.32
CA MET Q 119 49.40 35.28 -13.06
C MET Q 119 48.33 34.32 -12.56
N ASN Q 120 48.73 33.07 -12.31
CA ASN Q 120 47.80 31.99 -12.00
C ASN Q 120 47.29 32.11 -10.56
N TYR Q 121 46.47 31.12 -10.16
CA TYR Q 121 45.99 31.05 -8.78
C TYR Q 121 47.14 30.88 -7.79
N ALA Q 122 47.99 29.89 -8.03
CA ALA Q 122 49.04 29.55 -7.07
C ALA Q 122 50.10 30.64 -7.00
N ASP Q 123 50.38 31.32 -8.11
CA ASP Q 123 51.31 32.44 -8.08
C ASP Q 123 50.74 33.63 -7.31
N ILE Q 124 49.44 33.89 -7.45
CA ILE Q 124 48.78 34.95 -6.66
C ILE Q 124 48.83 34.61 -5.19
N GLU Q 125 48.61 33.32 -4.84
CA GLU Q 125 48.71 32.92 -3.44
C GLU Q 125 50.15 33.01 -2.92
N ILE Q 126 51.13 32.75 -3.79
CA ILE Q 126 52.53 32.92 -3.40
C ILE Q 126 52.84 34.38 -3.10
N ALA Q 127 52.38 35.30 -3.96
CA ALA Q 127 52.60 36.73 -3.73
C ALA Q 127 51.87 37.22 -2.49
N LEU Q 128 50.63 36.76 -2.28
CA LEU Q 128 49.84 37.21 -1.14
C LEU Q 128 50.38 36.65 0.17
N ALA Q 129 50.83 35.39 0.16
CA ALA Q 129 51.45 34.81 1.34
C ALA Q 129 52.80 35.45 1.64
N GLY Q 130 53.54 35.86 0.60
CA GLY Q 130 54.77 36.59 0.82
C GLY Q 130 54.53 37.96 1.43
N LEU Q 131 53.49 38.66 0.97
CA LEU Q 131 53.15 39.96 1.54
C LEU Q 131 52.63 39.83 2.97
N ALA Q 132 51.86 38.77 3.25
CA ALA Q 132 51.39 38.54 4.62
C ALA Q 132 52.54 38.13 5.53
N ASP Q 133 53.52 37.38 5.01
CA ASP Q 133 54.69 37.03 5.81
C ASP Q 133 55.56 38.24 6.07
N LYS Q 134 55.65 39.16 5.09
CA LYS Q 134 56.33 40.42 5.32
C LYS Q 134 55.62 41.28 6.36
N ALA Q 135 54.28 41.22 6.38
CA ALA Q 135 53.52 41.89 7.42
C ALA Q 135 53.60 41.18 8.76
N ARG Q 136 54.02 39.91 8.78
CA ARG Q 136 54.10 39.16 10.04
C ARG Q 136 55.22 39.68 10.93
N ARG Q 137 56.43 39.86 10.38
CA ARG Q 137 57.52 40.42 11.15
C ARG Q 137 57.69 41.94 10.92
N ASP Q 138 56.65 42.58 10.36
CA ASP Q 138 56.57 44.03 10.14
C ASP Q 138 57.70 44.52 9.23
N ALA Q 139 57.68 44.02 7.99
CA ALA Q 139 58.64 44.41 6.96
C ALA Q 139 57.96 45.06 5.78
N ILE Q 140 56.79 45.65 5.97
CA ILE Q 140 56.07 46.30 4.88
C ILE Q 140 56.72 47.64 4.58
N THR Q 141 57.09 47.84 3.31
CA THR Q 141 57.82 49.03 2.91
C THR Q 141 56.84 50.11 2.42
N VAL Q 142 57.40 51.16 1.81
CA VAL Q 142 56.58 52.28 1.33
C VAL Q 142 56.26 52.13 -0.15
N GLU Q 143 57.15 51.47 -0.92
CA GLU Q 143 56.99 51.33 -2.36
C GLU Q 143 55.80 50.46 -2.76
N ASP Q 144 55.32 49.59 -1.86
CA ASP Q 144 54.14 48.77 -2.12
C ASP Q 144 52.91 49.31 -1.40
N MET Q 145 52.75 50.63 -1.34
CA MET Q 145 51.61 51.27 -0.71
C MET Q 145 50.75 52.07 -1.67
N ASP Q 146 51.12 52.12 -2.94
CA ASP Q 146 50.38 52.92 -3.92
C ASP Q 146 50.31 52.15 -5.23
N GLY Q 147 49.68 52.77 -6.23
CA GLY Q 147 49.60 52.20 -7.56
C GLY Q 147 48.51 51.18 -7.77
N GLY Q 148 47.70 50.91 -6.75
CA GLY Q 148 46.65 49.92 -6.90
C GLY Q 148 45.52 50.41 -7.79
N THR Q 149 44.98 49.51 -8.60
CA THR Q 149 43.89 49.83 -9.50
C THR Q 149 42.56 49.20 -9.09
N PHE Q 150 42.58 48.24 -8.17
CA PHE Q 150 41.37 47.56 -7.75
C PHE Q 150 41.58 47.01 -6.35
N THR Q 151 40.48 46.65 -5.69
CA THR Q 151 40.54 46.24 -4.29
C THR Q 151 39.51 45.16 -4.01
N ILE Q 152 39.95 44.08 -3.38
CA ILE Q 152 39.13 42.93 -3.02
C ILE Q 152 39.11 42.87 -1.50
N SER Q 153 38.90 44.03 -0.86
CA SER Q 153 38.87 44.23 0.58
C SER Q 153 38.04 43.19 1.32
N ASN Q 154 38.71 42.41 2.16
CA ASN Q 154 38.14 41.23 2.79
C ASN Q 154 37.20 41.64 3.91
N GLY Q 155 35.92 41.35 3.74
CA GLY Q 155 34.95 41.49 4.80
C GLY Q 155 34.24 40.18 5.04
N GLY Q 156 34.78 39.11 4.45
CA GLY Q 156 34.14 37.81 4.49
C GLY Q 156 34.53 36.95 5.68
N VAL Q 157 35.78 37.08 6.11
CA VAL Q 157 36.25 36.32 7.27
C VAL Q 157 35.66 36.87 8.56
N PHE Q 158 35.18 38.13 8.55
CA PHE Q 158 34.70 38.79 9.75
C PHE Q 158 33.20 38.68 9.94
N GLY Q 159 32.46 38.37 8.88
CA GLY Q 159 31.05 38.02 9.03
C GLY Q 159 30.05 39.10 8.65
N SER Q 160 30.29 39.80 7.55
CA SER Q 160 29.32 40.76 7.04
C SER Q 160 28.40 40.11 6.02
N LEU Q 161 27.32 40.81 5.70
CA LEU Q 161 26.39 40.33 4.68
C LEU Q 161 26.26 41.31 3.53
N MET Q 162 26.10 42.60 3.82
CA MET Q 162 26.22 43.66 2.81
C MET Q 162 27.12 44.76 3.34
N GLY Q 163 27.65 45.55 2.41
CA GLY Q 163 28.52 46.66 2.76
C GLY Q 163 28.72 47.56 1.56
N THR Q 164 29.16 48.78 1.84
CA THR Q 164 29.33 49.82 0.82
C THR Q 164 30.68 50.49 0.99
N PRO Q 165 31.79 49.81 0.65
CA PRO Q 165 33.12 50.29 1.03
C PRO Q 165 33.52 51.57 0.30
N ILE Q 166 34.14 52.49 1.06
CA ILE Q 166 34.46 53.82 0.55
C ILE Q 166 35.59 53.72 -0.47
N ILE Q 167 35.43 54.43 -1.58
CA ILE Q 167 36.45 54.46 -2.64
C ILE Q 167 37.69 55.18 -2.11
N ASN Q 168 38.84 54.49 -2.19
CA ASN Q 168 40.10 55.03 -1.72
C ASN Q 168 41.00 55.39 -2.90
N PRO Q 169 41.80 56.45 -2.80
CA PRO Q 169 42.70 56.80 -3.89
C PRO Q 169 43.88 55.85 -3.95
N PRO Q 170 44.56 55.73 -5.11
CA PRO Q 170 44.25 56.33 -6.42
C PRO Q 170 43.52 55.39 -7.37
N GLN Q 171 42.51 54.64 -6.95
CA GLN Q 171 41.76 53.78 -7.85
C GLN Q 171 40.33 54.30 -7.97
N SER Q 172 39.50 53.55 -8.70
CA SER Q 172 38.16 54.04 -9.03
C SER Q 172 37.04 53.03 -8.85
N ALA Q 173 37.33 51.79 -8.42
CA ALA Q 173 36.30 50.81 -8.17
C ALA Q 173 36.82 49.78 -7.17
N ILE Q 174 36.01 49.48 -6.16
CA ILE Q 174 36.40 48.59 -5.06
C ILE Q 174 35.29 47.58 -4.83
N LEU Q 175 35.63 46.30 -4.97
CA LEU Q 175 34.70 45.20 -4.75
C LEU Q 175 34.95 44.64 -3.35
N GLY Q 176 33.99 44.83 -2.45
CA GLY Q 176 34.09 44.24 -1.13
C GLY Q 176 33.35 42.93 -1.02
N MET Q 177 34.08 41.82 -1.07
CA MET Q 177 33.45 40.52 -0.93
C MET Q 177 33.03 40.30 0.52
N HIS Q 178 32.03 39.45 0.71
CA HIS Q 178 31.37 39.29 2.00
C HIS Q 178 31.35 37.82 2.40
N GLY Q 179 30.81 37.55 3.59
CA GLY Q 179 30.84 36.21 4.13
C GLY Q 179 29.83 35.29 3.47
N ILE Q 180 30.20 34.00 3.43
CA ILE Q 180 29.35 33.00 2.81
C ILE Q 180 28.32 32.49 3.83
N PHE Q 181 27.04 32.61 3.48
CA PHE Q 181 25.94 32.21 4.34
C PHE Q 181 25.13 31.12 3.62
N GLU Q 182 24.01 30.73 4.21
CA GLU Q 182 23.16 29.67 3.67
C GLU Q 182 21.81 30.26 3.29
N ARG Q 183 21.44 30.14 2.01
CA ARG Q 183 20.16 30.61 1.51
C ARG Q 183 19.59 29.59 0.53
N PRO Q 184 18.34 29.16 0.71
CA PRO Q 184 17.77 28.09 -0.11
C PRO Q 184 17.22 28.57 -1.45
N ILE Q 185 18.09 28.67 -2.45
CA ILE Q 185 17.75 29.39 -3.67
C ILE Q 185 17.03 28.50 -4.67
N ALA Q 186 16.03 29.06 -5.33
CA ALA Q 186 15.32 28.38 -6.40
C ALA Q 186 16.20 28.33 -7.64
N VAL Q 187 16.67 27.14 -7.99
CA VAL Q 187 17.44 26.92 -9.20
C VAL Q 187 16.79 25.77 -9.97
N LYS Q 188 16.66 25.95 -11.30
CA LYS Q 188 16.09 24.97 -12.23
C LYS Q 188 14.65 24.58 -11.89
N GLY Q 189 13.91 25.48 -11.27
CA GLY Q 189 12.50 25.25 -11.00
C GLY Q 189 12.19 24.59 -9.67
N GLU Q 190 13.19 24.27 -8.86
CA GLU Q 190 12.95 23.69 -7.54
C GLU Q 190 13.85 24.37 -6.50
N VAL Q 191 13.46 24.22 -5.25
CA VAL Q 191 14.16 24.87 -4.14
C VAL Q 191 15.36 24.04 -3.73
N LYS Q 192 16.54 24.65 -3.73
CA LYS Q 192 17.76 23.97 -3.32
C LYS Q 192 18.58 24.87 -2.42
N ILE Q 193 19.16 24.30 -1.37
CA ILE Q 193 19.97 25.05 -0.43
C ILE Q 193 21.38 25.15 -1.00
N ARG Q 194 21.72 26.33 -1.52
CA ARG Q 194 23.05 26.58 -2.07
C ARG Q 194 23.70 27.73 -1.32
N PRO Q 195 24.89 27.55 -0.78
CA PRO Q 195 25.54 28.64 -0.05
C PRO Q 195 26.07 29.75 -0.94
N MET Q 196 25.48 30.94 -0.87
CA MET Q 196 26.00 32.09 -1.59
C MET Q 196 26.64 33.09 -0.65
N MET Q 197 27.08 34.18 -1.26
CA MET Q 197 27.68 35.31 -0.57
C MET Q 197 27.49 36.54 -1.44
N TYR Q 198 27.10 37.65 -0.81
CA TYR Q 198 26.82 38.87 -1.55
C TYR Q 198 28.12 39.60 -1.89
N ILE Q 199 28.08 40.38 -2.97
CA ILE Q 199 29.23 41.19 -3.36
C ILE Q 199 28.79 42.63 -3.46
N ALA Q 200 29.77 43.52 -3.43
CA ALA Q 200 29.55 44.96 -3.54
C ALA Q 200 30.42 45.53 -4.64
N LEU Q 201 30.05 46.70 -5.13
CA LEU Q 201 30.83 47.38 -6.15
C LEU Q 201 30.54 48.88 -6.03
N THR Q 202 31.41 49.62 -5.35
CA THR Q 202 31.27 51.05 -5.20
C THR Q 202 32.13 51.75 -6.24
N TYR Q 203 31.48 52.36 -7.21
CA TYR Q 203 32.13 52.83 -8.43
C TYR Q 203 31.79 54.30 -8.66
N ASP Q 204 32.79 55.05 -9.13
CA ASP Q 204 32.57 56.45 -9.46
C ASP Q 204 31.69 56.58 -10.70
N HIS Q 205 30.70 57.48 -10.64
CA HIS Q 205 29.88 57.78 -11.80
C HIS Q 205 30.55 58.75 -12.74
N ARG Q 206 31.64 59.40 -12.33
CA ARG Q 206 32.33 60.32 -13.23
C ARG Q 206 33.02 59.60 -14.37
N ILE Q 207 33.40 58.34 -14.19
CA ILE Q 207 34.05 57.59 -15.26
C ILE Q 207 33.38 56.25 -15.55
N ILE Q 208 33.03 55.47 -14.52
CA ILE Q 208 32.31 54.22 -14.76
C ILE Q 208 30.82 54.50 -14.82
N ASP Q 209 30.21 54.17 -15.96
CA ASP Q 209 28.76 54.29 -16.10
C ASP Q 209 28.07 53.13 -15.37
N GLY Q 210 26.77 53.30 -15.14
CA GLY Q 210 26.00 52.26 -14.45
C GLY Q 210 25.89 50.98 -15.26
N ARG Q 211 25.75 51.11 -16.59
CA ARG Q 211 25.78 49.95 -17.48
C ARG Q 211 27.11 49.22 -17.38
N GLU Q 212 28.20 49.98 -17.34
CA GLU Q 212 29.55 49.42 -17.26
C GLU Q 212 29.73 48.63 -15.98
N ALA Q 213 29.29 49.18 -14.85
CA ALA Q 213 29.46 48.51 -13.56
C ALA Q 213 28.53 47.31 -13.43
N VAL Q 214 27.33 47.39 -14.02
CA VAL Q 214 26.40 46.26 -13.96
C VAL Q 214 26.91 45.08 -14.78
N LEU Q 215 27.40 45.35 -16.00
CA LEU Q 215 27.98 44.29 -16.83
C LEU Q 215 29.27 43.77 -16.21
N PHE Q 216 30.04 44.65 -15.56
CA PHE Q 216 31.26 44.27 -14.86
C PHE Q 216 30.97 43.31 -13.71
N LEU Q 217 29.94 43.62 -12.91
CA LEU Q 217 29.58 42.76 -11.79
C LEU Q 217 28.98 41.45 -12.26
N ARG Q 218 28.19 41.47 -13.33
CA ARG Q 218 27.67 40.23 -13.90
C ARG Q 218 28.78 39.36 -14.46
N LYS Q 219 29.80 39.96 -15.05
CA LYS Q 219 30.92 39.20 -15.59
C LYS Q 219 31.76 38.58 -14.47
N ILE Q 220 31.95 39.30 -13.36
CA ILE Q 220 32.65 38.70 -12.23
C ILE Q 220 31.82 37.60 -11.59
N LYS Q 221 30.50 37.77 -11.53
CA LYS Q 221 29.62 36.74 -11.01
C LYS Q 221 29.69 35.46 -11.85
N ALA Q 222 29.69 35.62 -13.19
CA ALA Q 222 29.84 34.46 -14.07
C ALA Q 222 31.23 33.85 -13.99
N ALA Q 223 32.26 34.67 -13.73
CA ALA Q 223 33.61 34.13 -13.65
C ALA Q 223 33.87 33.39 -12.35
N VAL Q 224 33.21 33.78 -11.26
CA VAL Q 224 33.40 33.09 -9.99
C VAL Q 224 32.49 31.88 -9.86
N GLU Q 225 31.25 31.98 -10.38
CA GLU Q 225 30.38 30.80 -10.42
C GLU Q 225 30.92 29.72 -11.35
N ASN Q 226 31.53 30.12 -12.47
CA ASN Q 226 32.12 29.18 -13.41
C ASN Q 226 33.50 29.70 -13.81
N PRO Q 227 34.59 29.11 -13.31
CA PRO Q 227 35.93 29.58 -13.68
C PRO Q 227 36.46 29.04 -15.00
N ALA Q 228 35.61 28.48 -15.86
CA ALA Q 228 36.00 28.17 -17.23
C ALA Q 228 35.80 29.35 -18.17
N ILE Q 229 35.07 30.38 -17.72
CA ILE Q 229 34.83 31.57 -18.53
C ILE Q 229 36.13 32.36 -18.72
N ILE Q 230 37.03 32.31 -17.74
CA ILE Q 230 38.23 33.12 -17.77
C ILE Q 230 39.23 32.60 -18.81
N VAL Q 231 39.20 31.30 -19.12
CA VAL Q 231 39.96 30.77 -20.25
C VAL Q 231 39.11 30.74 -21.51
N ALA Q 232 37.78 30.79 -21.37
CA ALA Q 232 36.89 30.82 -22.52
C ALA Q 232 36.95 32.14 -23.28
N GLY Q 233 37.18 33.24 -22.58
CA GLY Q 233 37.22 34.54 -23.23
C GLY Q 233 35.86 35.16 -23.48
N LEU Q 234 35.12 35.48 -22.43
CA LEU Q 234 33.86 36.19 -22.55
C LEU Q 234 33.89 37.56 -21.87
N GLY R 1 51.95 42.97 -18.03
CA GLY R 1 53.03 43.36 -17.16
C GLY R 1 53.90 44.47 -17.74
N THR R 2 53.24 45.44 -18.36
CA THR R 2 53.93 46.57 -18.98
C THR R 2 53.58 47.87 -18.26
N ARG R 3 54.57 48.73 -18.10
CA ARG R 3 54.38 50.04 -17.46
C ARG R 3 54.02 51.11 -18.49
N SER R 4 53.00 50.85 -19.30
CA SER R 4 52.61 51.72 -20.39
C SER R 4 51.32 52.45 -20.05
N GLU R 5 51.36 53.78 -20.17
CA GLU R 5 50.20 54.63 -19.94
C GLU R 5 50.10 55.65 -21.07
N GLN R 6 48.90 56.16 -21.29
CA GLN R 6 48.67 57.17 -22.31
C GLN R 6 47.91 58.35 -21.74
N ARG R 7 47.76 59.39 -22.58
CA ARG R 7 47.29 60.70 -22.15
C ARG R 7 46.00 61.08 -22.86
N VAL R 8 45.02 60.18 -22.88
CA VAL R 8 43.80 60.40 -23.65
C VAL R 8 42.96 61.50 -22.99
N LYS R 9 42.49 62.44 -23.81
CA LYS R 9 41.71 63.59 -23.37
C LYS R 9 40.25 63.37 -23.72
N MET R 10 39.38 63.61 -22.74
CA MET R 10 37.95 63.40 -22.93
C MET R 10 37.31 64.66 -23.51
N ASN R 11 36.00 64.61 -23.70
CA ASN R 11 35.25 65.72 -24.27
C ASN R 11 34.69 66.62 -23.17
N ARG R 12 34.06 67.72 -23.59
CA ARG R 12 33.50 68.69 -22.65
C ARG R 12 32.30 68.11 -21.92
N MET R 13 31.50 67.29 -22.59
CA MET R 13 30.26 66.79 -22.02
C MET R 13 30.50 65.83 -20.86
N ARG R 14 31.61 65.09 -20.88
CA ARG R 14 31.92 64.21 -19.76
C ARG R 14 32.18 65.01 -18.49
N LEU R 15 32.92 66.13 -18.60
CA LEU R 15 33.05 67.07 -17.49
C LEU R 15 31.71 67.73 -17.14
N LYS R 16 30.82 67.92 -18.12
CA LYS R 16 29.53 68.53 -17.84
C LYS R 16 28.66 67.65 -16.95
N ILE R 17 28.48 66.38 -17.33
CA ILE R 17 27.76 65.43 -16.47
C ILE R 17 28.50 65.15 -15.17
N ALA R 18 29.84 65.14 -15.18
CA ALA R 18 30.60 64.91 -13.94
C ALA R 18 30.40 66.04 -12.93
N ALA R 19 30.53 67.30 -13.38
CA ALA R 19 30.29 68.43 -12.49
C ALA R 19 28.82 68.55 -12.10
N ARG R 20 27.92 68.14 -12.99
CA ARG R 20 26.48 68.15 -12.68
C ARG R 20 26.15 67.18 -11.56
N LEU R 21 26.68 65.95 -11.63
CA LEU R 21 26.41 64.99 -10.55
C LEU R 21 27.17 65.35 -9.29
N LYS R 22 28.33 66.01 -9.41
CA LYS R 22 29.05 66.47 -8.23
C LYS R 22 28.27 67.56 -7.49
N ASP R 23 27.73 68.53 -8.23
CA ASP R 23 26.90 69.57 -7.61
C ASP R 23 25.59 68.98 -7.10
N ALA R 24 25.06 67.95 -7.76
CA ALA R 24 23.85 67.29 -7.30
C ALA R 24 24.07 66.55 -5.98
N GLN R 25 25.21 65.88 -5.84
CA GLN R 25 25.53 65.22 -4.58
C GLN R 25 25.88 66.22 -3.49
N ASN R 26 26.52 67.33 -3.86
CA ASN R 26 26.85 68.35 -2.88
C ASN R 26 25.67 69.22 -2.49
N THR R 27 24.58 69.18 -3.25
CA THR R 27 23.35 69.92 -2.92
C THR R 27 22.32 69.03 -2.23
N CYS R 28 21.93 67.93 -2.87
CA CYS R 28 20.97 67.02 -2.29
C CYS R 28 21.63 66.12 -1.27
N ALA R 29 20.82 65.50 -0.41
CA ALA R 29 21.30 64.54 0.57
C ALA R 29 21.06 63.13 0.07
N MET R 30 22.12 62.33 0.02
CA MET R 30 22.02 60.97 -0.49
C MET R 30 21.44 60.07 0.59
N LEU R 31 20.34 59.39 0.27
CA LEU R 31 19.58 58.64 1.26
C LEU R 31 18.67 57.67 0.53
N THR R 32 18.80 56.38 0.79
CA THR R 32 18.08 55.37 0.03
C THR R 32 17.27 54.44 0.92
N THR R 33 16.34 53.74 0.28
CA THR R 33 15.61 52.64 0.87
C THR R 33 15.19 51.70 -0.24
N PHE R 34 14.99 50.43 0.10
CA PHE R 34 14.68 49.41 -0.89
C PHE R 34 13.44 48.64 -0.46
N ASN R 35 12.90 47.89 -1.42
CA ASN R 35 11.76 47.00 -1.20
C ASN R 35 11.76 45.96 -2.30
N GLU R 36 10.88 44.98 -2.15
CA GLU R 36 10.74 43.90 -3.14
C GLU R 36 9.29 43.86 -3.62
N VAL R 37 9.12 43.67 -4.93
CA VAL R 37 7.82 43.74 -5.58
C VAL R 37 7.58 42.44 -6.34
N ASP R 38 6.45 41.80 -6.07
CA ASP R 38 6.07 40.62 -6.84
C ASP R 38 5.66 41.03 -8.25
N MET R 39 6.07 40.24 -9.23
CA MET R 39 5.83 40.54 -10.63
C MET R 39 5.08 39.44 -11.35
N SER R 40 4.61 38.41 -10.62
CA SER R 40 3.94 37.29 -11.26
C SER R 40 2.61 37.68 -11.86
N TYR R 41 1.88 38.59 -11.21
CA TYR R 41 0.65 39.11 -11.80
C TYR R 41 0.97 39.95 -13.04
N ALA R 42 2.08 40.68 -13.02
CA ALA R 42 2.51 41.41 -14.20
C ALA R 42 2.91 40.46 -15.33
N MET R 43 3.53 39.33 -14.99
CA MET R 43 3.85 38.30 -15.97
C MET R 43 2.59 37.75 -16.62
N ASP R 44 1.59 37.40 -15.81
CA ASP R 44 0.33 36.86 -16.34
C ASP R 44 -0.42 37.90 -17.16
N PHE R 45 -0.42 39.15 -16.71
CA PHE R 45 -1.15 40.21 -17.41
C PHE R 45 -0.52 40.52 -18.75
N ARG R 46 0.82 40.60 -18.81
CA ARG R 46 1.49 40.81 -20.08
C ARG R 46 1.33 39.61 -21.01
N LYS R 47 1.39 38.40 -20.46
CA LYS R 47 1.25 37.20 -21.27
C LYS R 47 -0.16 37.02 -21.81
N GLN R 48 -1.16 37.58 -21.13
CA GLN R 48 -2.52 37.51 -21.64
C GLN R 48 -2.91 38.71 -22.50
N ASN R 49 -2.22 39.84 -22.40
CA ASN R 49 -2.60 41.01 -23.18
C ASN R 49 -1.56 41.44 -24.22
N LEU R 50 -0.55 40.59 -24.48
CA LEU R 50 0.42 40.87 -25.53
C LEU R 50 -0.22 41.03 -26.90
N ASP R 51 -0.99 40.03 -27.33
CA ASP R 51 -1.66 40.10 -28.63
C ASP R 51 -2.78 41.12 -28.64
N ALA R 52 -3.40 41.38 -27.48
CA ALA R 52 -4.45 42.39 -27.40
C ALA R 52 -3.91 43.79 -27.64
N PHE R 53 -2.82 44.16 -26.95
CA PHE R 53 -2.22 45.47 -27.20
C PHE R 53 -1.57 45.54 -28.57
N THR R 54 -1.03 44.43 -29.08
CA THR R 54 -0.44 44.43 -30.41
C THR R 54 -1.49 44.66 -31.49
N LYS R 55 -2.66 44.02 -31.37
CA LYS R 55 -3.69 44.18 -32.37
C LYS R 55 -4.50 45.46 -32.17
N LYS R 56 -4.46 46.06 -30.98
CA LYS R 56 -5.25 47.28 -30.79
C LYS R 56 -4.45 48.54 -31.08
N TYR R 57 -3.22 48.63 -30.56
CA TYR R 57 -2.44 49.86 -30.68
C TYR R 57 -1.27 49.77 -31.65
N GLY R 58 -0.82 48.56 -31.99
CA GLY R 58 0.15 48.35 -33.05
C GLY R 58 1.60 48.31 -32.59
N ILE R 59 1.86 48.70 -31.35
CA ILE R 59 3.24 48.77 -30.86
C ILE R 59 3.45 47.71 -29.78
N LYS R 60 4.71 47.46 -29.47
CA LYS R 60 5.09 46.46 -28.49
C LYS R 60 5.36 47.14 -27.14
N PHE R 61 4.93 46.48 -26.06
CA PHE R 61 4.98 47.04 -24.73
C PHE R 61 5.76 46.09 -23.82
N GLY R 62 6.47 46.65 -22.84
CA GLY R 62 7.06 45.81 -21.83
C GLY R 62 7.61 46.49 -20.60
N PHE R 63 7.19 46.02 -19.43
CA PHE R 63 7.91 46.12 -18.15
C PHE R 63 8.14 47.52 -17.61
N MET R 64 7.66 48.56 -18.29
CA MET R 64 8.03 49.91 -17.89
C MET R 64 6.80 50.76 -17.58
N SER R 65 5.73 50.59 -18.35
CA SER R 65 4.55 51.43 -18.17
C SER R 65 3.81 51.10 -16.88
N ILE R 66 3.92 49.86 -16.40
CA ILE R 66 3.34 49.46 -15.12
C ILE R 66 4.00 50.25 -13.99
N PHE R 67 5.33 50.33 -14.03
CA PHE R 67 6.06 51.10 -13.03
C PHE R 67 5.85 52.60 -13.20
N ALA R 68 5.69 53.06 -14.44
CA ALA R 68 5.52 54.49 -14.71
C ALA R 68 4.18 55.01 -14.23
N LYS R 69 3.10 54.29 -14.55
CA LYS R 69 1.76 54.74 -14.16
C LYS R 69 1.56 54.62 -12.65
N ALA R 70 2.15 53.60 -12.02
CA ALA R 70 2.11 53.48 -10.57
C ALA R 70 2.85 54.63 -9.90
N SER R 71 4.00 55.02 -10.46
CA SER R 71 4.75 56.15 -9.92
C SER R 71 3.99 57.45 -10.12
N ALA R 72 3.30 57.60 -11.26
CA ALA R 72 2.48 58.77 -11.50
C ALA R 72 1.34 58.88 -10.49
N TYR R 73 0.70 57.74 -10.18
CA TYR R 73 -0.33 57.71 -9.15
C TYR R 73 0.21 58.09 -7.78
N ALA R 74 1.37 57.51 -7.41
CA ALA R 74 1.95 57.79 -6.11
C ALA R 74 2.45 59.21 -5.97
N LEU R 75 2.83 59.86 -7.08
CA LEU R 75 3.13 61.28 -7.02
C LEU R 75 1.88 62.14 -6.98
N GLN R 76 0.77 61.70 -7.60
CA GLN R 76 -0.47 62.47 -7.48
C GLN R 76 -1.08 62.40 -6.09
N ASP R 77 -0.97 61.27 -5.40
CA ASP R 77 -1.55 61.18 -4.06
C ASP R 77 -0.56 61.44 -2.93
N GLN R 78 0.67 61.86 -3.25
CA GLN R 78 1.67 62.26 -2.26
C GLN R 78 2.53 63.35 -2.88
N PRO R 79 2.05 64.59 -2.88
CA PRO R 79 2.65 65.63 -3.74
C PRO R 79 3.90 66.30 -3.20
N VAL R 80 4.48 65.81 -2.10
CA VAL R 80 5.74 66.37 -1.61
C VAL R 80 6.95 65.60 -2.17
N VAL R 81 6.72 64.43 -2.76
CA VAL R 81 7.82 63.66 -3.36
C VAL R 81 8.32 64.35 -4.62
N ASN R 82 7.43 64.98 -5.39
CA ASN R 82 7.84 65.69 -6.59
C ASN R 82 8.41 67.07 -6.33
N ALA R 83 8.20 67.62 -5.14
CA ALA R 83 8.60 68.99 -4.86
C ALA R 83 10.10 69.08 -4.57
N VAL R 84 10.71 70.19 -4.97
CA VAL R 84 12.13 70.41 -4.82
C VAL R 84 12.39 71.71 -4.08
N ILE R 85 13.67 72.05 -3.91
CA ILE R 85 14.09 73.29 -3.27
C ILE R 85 14.90 74.08 -4.28
N ASP R 86 14.48 75.31 -4.57
CA ASP R 86 15.24 76.25 -5.38
C ASP R 86 15.57 77.45 -4.49
N GLY R 87 16.66 77.34 -3.75
CA GLY R 87 17.06 78.38 -2.82
C GLY R 87 16.36 78.24 -1.48
N THR R 88 15.37 79.10 -1.24
CA THR R 88 14.57 79.08 -0.01
C THR R 88 13.10 78.93 -0.33
N ASP R 89 12.77 78.11 -1.33
CA ASP R 89 11.40 77.94 -1.77
C ASP R 89 11.15 76.47 -2.06
N ILE R 90 9.95 75.99 -1.73
CA ILE R 90 9.52 74.63 -2.03
C ILE R 90 8.43 74.73 -3.09
N VAL R 91 8.62 74.03 -4.20
CA VAL R 91 7.72 74.13 -5.36
C VAL R 91 6.88 72.86 -5.41
N TYR R 92 5.71 72.90 -4.77
CA TYR R 92 4.73 71.84 -4.99
C TYR R 92 4.19 71.93 -6.42
N ARG R 93 4.13 70.79 -7.10
CA ARG R 93 3.65 70.73 -8.47
C ARG R 93 2.54 69.69 -8.58
N ASP R 94 1.50 70.03 -9.33
CA ASP R 94 0.42 69.09 -9.62
C ASP R 94 0.73 68.25 -10.84
N TYR R 95 1.35 68.84 -11.86
CA TYR R 95 1.78 68.09 -13.03
C TYR R 95 2.97 67.23 -12.68
N VAL R 96 3.05 66.05 -13.30
CA VAL R 96 4.17 65.14 -13.10
C VAL R 96 4.71 64.72 -14.47
N ASP R 97 6.03 64.78 -14.62
CA ASP R 97 6.71 64.42 -15.86
C ASP R 97 7.81 63.44 -15.51
N ILE R 98 7.66 62.19 -15.94
CA ILE R 98 8.64 61.16 -15.63
C ILE R 98 9.82 61.29 -16.58
N SER R 99 11.02 61.39 -16.01
CA SER R 99 12.26 61.59 -16.76
C SER R 99 12.89 60.22 -16.98
N VAL R 100 12.87 59.74 -18.22
CA VAL R 100 13.19 58.36 -18.55
C VAL R 100 14.55 58.31 -19.23
N ALA R 101 15.42 57.41 -18.76
CA ALA R 101 16.71 57.20 -19.40
C ALA R 101 16.60 56.15 -20.51
N VAL R 102 17.29 56.41 -21.62
CA VAL R 102 17.34 55.47 -22.74
C VAL R 102 18.68 55.65 -23.44
N ALA R 103 19.15 54.60 -24.11
CA ALA R 103 20.45 54.64 -24.76
C ALA R 103 20.39 55.40 -26.09
N THR R 104 21.48 56.08 -26.40
CA THR R 104 21.70 56.80 -27.65
C THR R 104 23.12 56.48 -28.10
N PRO R 105 23.43 56.62 -29.40
CA PRO R 105 24.80 56.36 -29.85
C PRO R 105 25.88 57.24 -29.23
N ARG R 106 25.57 58.47 -28.83
CA ARG R 106 26.60 59.31 -28.21
C ARG R 106 26.84 58.93 -26.75
N GLY R 107 25.87 58.33 -26.09
CA GLY R 107 25.93 58.14 -24.65
C GLY R 107 24.60 57.69 -24.07
N LEU R 108 24.09 58.43 -23.09
CA LEU R 108 22.79 58.14 -22.48
C LEU R 108 22.01 59.45 -22.43
N VAL R 109 21.09 59.64 -23.39
CA VAL R 109 20.24 60.81 -23.42
C VAL R 109 18.98 60.51 -22.61
N VAL R 110 18.37 61.54 -22.04
CA VAL R 110 17.28 61.39 -21.09
C VAL R 110 16.07 62.15 -21.62
N PRO R 111 15.19 61.49 -22.38
CA PRO R 111 13.92 62.13 -22.76
C PRO R 111 12.90 62.07 -21.63
N VAL R 112 11.97 63.01 -21.67
CA VAL R 112 10.97 63.18 -20.61
C VAL R 112 9.58 62.97 -21.19
N ILE R 113 8.78 62.13 -20.53
CA ILE R 113 7.38 61.96 -20.88
C ILE R 113 6.56 63.06 -20.23
N ARG R 114 5.75 63.75 -21.02
CA ARG R 114 5.01 64.91 -20.55
C ARG R 114 3.56 64.53 -20.23
N ASN R 115 3.08 65.02 -19.08
CA ASN R 115 1.69 64.91 -18.63
C ASN R 115 1.25 63.44 -18.51
N VAL R 116 1.91 62.77 -17.56
CA VAL R 116 1.78 61.31 -17.45
C VAL R 116 0.65 60.88 -16.52
N GLU R 117 0.05 61.81 -15.76
CA GLU R 117 -0.91 61.40 -14.74
C GLU R 117 -2.26 61.05 -15.34
N GLY R 118 -2.71 61.76 -16.37
CA GLY R 118 -3.96 61.44 -17.04
C GLY R 118 -3.72 60.65 -18.31
N MET R 119 -2.99 59.55 -18.21
CA MET R 119 -2.44 58.92 -19.41
C MET R 119 -2.32 57.43 -19.18
N ASN R 120 -2.93 56.64 -20.06
CA ASN R 120 -3.05 55.20 -19.88
C ASN R 120 -1.74 54.48 -20.16
N TYR R 121 -1.78 53.14 -20.08
CA TYR R 121 -0.61 52.33 -20.40
C TYR R 121 -0.21 52.50 -21.86
N ALA R 122 -1.16 52.33 -22.78
CA ALA R 122 -0.84 52.34 -24.20
C ALA R 122 -0.42 53.73 -24.67
N ASP R 123 -0.99 54.79 -24.10
CA ASP R 123 -0.56 56.13 -24.43
C ASP R 123 0.85 56.42 -23.94
N ILE R 124 1.21 55.93 -22.75
CA ILE R 124 2.58 56.06 -22.24
C ILE R 124 3.55 55.30 -23.14
N GLU R 125 3.15 54.12 -23.61
CA GLU R 125 4.01 53.37 -24.54
C GLU R 125 4.12 54.07 -25.88
N ILE R 126 3.06 54.74 -26.32
CA ILE R 126 3.11 55.53 -27.56
C ILE R 126 4.10 56.67 -27.43
N ALA R 127 4.04 57.40 -26.30
CA ALA R 127 4.97 58.51 -26.06
C ALA R 127 6.41 58.02 -25.92
N LEU R 128 6.62 56.90 -25.22
CA LEU R 128 7.97 56.38 -25.01
C LEU R 128 8.55 55.81 -26.30
N ALA R 129 7.73 55.13 -27.10
CA ALA R 129 8.19 54.63 -28.39
C ALA R 129 8.46 55.77 -29.36
N GLY R 130 7.68 56.86 -29.28
CA GLY R 130 7.98 58.03 -30.09
C GLY R 130 9.29 58.70 -29.70
N LEU R 131 9.57 58.78 -28.40
CA LEU R 131 10.83 59.35 -27.94
C LEU R 131 12.01 58.45 -28.31
N ALA R 132 11.83 57.13 -28.22
CA ALA R 132 12.89 56.21 -28.62
C ALA R 132 13.11 56.23 -30.13
N ASP R 133 12.04 56.41 -30.91
CA ASP R 133 12.18 56.54 -32.36
C ASP R 133 12.86 57.84 -32.73
N LYS R 134 12.58 58.91 -31.98
CA LYS R 134 13.31 60.17 -32.17
C LYS R 134 14.78 60.02 -31.81
N ALA R 135 15.09 59.21 -30.80
CA ALA R 135 16.48 58.92 -30.47
C ALA R 135 17.12 57.95 -31.47
N ARG R 136 16.31 57.25 -32.27
CA ARG R 136 16.87 56.29 -33.23
C ARG R 136 17.59 57.00 -34.36
N ARG R 137 16.96 58.00 -34.98
CA ARG R 137 17.64 58.78 -36.02
C ARG R 137 18.26 60.07 -35.48
N ASP R 138 18.42 60.16 -34.16
CA ASP R 138 19.09 61.27 -33.46
C ASP R 138 18.37 62.60 -33.70
N ALA R 139 17.12 62.65 -33.26
CA ALA R 139 16.30 63.85 -33.36
C ALA R 139 15.88 64.38 -31.99
N ILE R 140 16.65 64.07 -30.95
CA ILE R 140 16.33 64.53 -29.60
C ILE R 140 16.69 66.00 -29.49
N THR R 141 15.72 66.82 -29.07
CA THR R 141 15.89 68.26 -29.01
C THR R 141 16.35 68.67 -27.61
N VAL R 142 16.33 69.98 -27.35
CA VAL R 142 16.77 70.52 -26.06
C VAL R 142 15.58 70.76 -25.13
N GLU R 143 14.39 71.05 -25.68
CA GLU R 143 13.22 71.36 -24.87
C GLU R 143 12.70 70.17 -24.07
N ASP R 144 13.04 68.95 -24.45
CA ASP R 144 12.66 67.75 -23.71
C ASP R 144 13.83 67.20 -22.89
N MET R 145 14.66 68.08 -22.32
CA MET R 145 15.79 67.67 -21.51
C MET R 145 15.69 68.12 -20.06
N ASP R 146 14.63 68.81 -19.69
CA ASP R 146 14.48 69.33 -18.33
C ASP R 146 13.03 69.19 -17.90
N GLY R 147 12.74 69.65 -16.69
CA GLY R 147 11.39 69.65 -16.16
C GLY R 147 10.92 68.34 -15.59
N GLY R 148 11.76 67.32 -15.53
CA GLY R 148 11.34 66.04 -15.00
C GLY R 148 11.19 66.08 -13.49
N THR R 149 10.17 65.40 -12.99
CA THR R 149 9.90 65.33 -11.57
C THR R 149 10.19 63.96 -10.97
N PHE R 150 10.37 62.93 -11.77
CA PHE R 150 10.61 61.59 -11.28
C PHE R 150 11.37 60.80 -12.35
N THR R 151 11.95 59.68 -11.94
CA THR R 151 12.81 58.92 -12.84
C THR R 151 12.67 57.42 -12.56
N ILE R 152 12.46 56.65 -13.61
CA ILE R 152 12.29 55.20 -13.56
C ILE R 152 13.46 54.61 -14.33
N SER R 153 14.66 55.13 -14.06
CA SER R 153 15.93 54.75 -14.70
C SER R 153 16.12 53.24 -14.79
N ASN R 154 16.19 52.74 -16.02
CA ASN R 154 16.16 51.32 -16.31
C ASN R 154 17.51 50.69 -15.98
N GLY R 155 17.52 49.80 -15.00
CA GLY R 155 18.68 48.99 -14.71
C GLY R 155 18.29 47.52 -14.75
N GLY R 156 17.09 47.24 -15.26
CA GLY R 156 16.55 45.91 -15.27
C GLY R 156 16.90 45.07 -16.47
N VAL R 157 17.03 45.72 -17.63
CA VAL R 157 17.40 45.02 -18.85
C VAL R 157 18.87 44.62 -18.83
N PHE R 158 19.68 45.29 -17.99
CA PHE R 158 21.12 45.08 -17.97
C PHE R 158 21.57 44.08 -16.93
N GLY R 159 20.75 43.80 -15.92
CA GLY R 159 21.00 42.70 -15.02
C GLY R 159 21.56 43.06 -13.65
N SER R 160 21.02 44.11 -13.03
CA SER R 160 21.40 44.45 -11.68
C SER R 160 20.45 43.80 -10.67
N LEU R 161 20.84 43.82 -9.41
CA LEU R 161 20.00 43.30 -8.35
C LEU R 161 19.67 44.36 -7.30
N MET R 162 20.67 45.13 -6.86
CA MET R 162 20.44 46.34 -6.06
C MET R 162 21.25 47.48 -6.64
N GLY R 163 20.84 48.70 -6.30
CA GLY R 163 21.52 49.90 -6.77
C GLY R 163 21.04 51.10 -6.00
N THR R 164 21.84 52.15 -6.03
CA THR R 164 21.57 53.38 -5.28
C THR R 164 21.75 54.59 -6.18
N PRO R 165 20.83 54.83 -7.13
CA PRO R 165 21.09 55.82 -8.19
C PRO R 165 21.13 57.25 -7.68
N ILE R 166 22.09 58.02 -8.20
CA ILE R 166 22.36 59.37 -7.72
C ILE R 166 21.23 60.29 -8.13
N ILE R 167 20.79 61.13 -7.19
CA ILE R 167 19.74 62.10 -7.46
C ILE R 167 20.24 63.15 -8.44
N ASN R 168 19.53 63.32 -9.55
CA ASN R 168 19.90 64.28 -10.58
C ASN R 168 18.94 65.47 -10.57
N PRO R 169 19.43 66.68 -10.86
CA PRO R 169 18.54 67.84 -10.90
C PRO R 169 17.68 67.83 -12.15
N PRO R 170 16.53 68.54 -12.14
CA PRO R 170 15.90 69.27 -11.02
C PRO R 170 14.79 68.50 -10.31
N GLN R 171 14.95 67.21 -10.00
CA GLN R 171 13.95 66.46 -9.28
C GLN R 171 14.49 66.08 -7.90
N SER R 172 13.69 65.31 -7.16
CA SER R 172 14.03 65.03 -5.77
C SER R 172 13.87 63.58 -5.34
N ALA R 173 13.45 62.68 -6.24
CA ALA R 173 13.34 61.26 -5.91
C ALA R 173 13.42 60.45 -7.18
N ILE R 174 14.25 59.41 -7.17
CA ILE R 174 14.52 58.58 -8.34
C ILE R 174 14.40 57.11 -7.95
N LEU R 175 13.50 56.41 -8.63
CA LEU R 175 13.28 54.98 -8.40
C LEU R 175 14.00 54.20 -9.50
N GLY R 176 15.05 53.48 -9.12
CA GLY R 176 15.73 52.65 -10.08
C GLY R 176 15.26 51.22 -10.03
N MET R 177 14.41 50.82 -10.97
CA MET R 177 13.95 49.44 -11.03
C MET R 177 15.07 48.53 -11.50
N HIS R 178 14.99 47.25 -11.10
CA HIS R 178 16.08 46.31 -11.30
C HIS R 178 15.57 45.07 -12.02
N GLY R 179 16.50 44.14 -12.28
CA GLY R 179 16.16 42.97 -13.07
C GLY R 179 15.36 41.95 -12.29
N ILE R 180 14.52 41.22 -13.00
CA ILE R 180 13.67 40.20 -12.40
C ILE R 180 14.44 38.88 -12.28
N PHE R 181 14.54 38.37 -11.06
CA PHE R 181 15.26 37.14 -10.76
C PHE R 181 14.28 36.13 -10.17
N GLU R 182 14.79 34.99 -9.72
CA GLU R 182 13.98 33.91 -9.18
C GLU R 182 14.33 33.72 -7.71
N ARG R 183 13.34 33.87 -6.83
CA ARG R 183 13.52 33.66 -5.40
C ARG R 183 12.31 32.93 -4.83
N PRO R 184 12.51 31.84 -4.09
CA PRO R 184 11.40 31.01 -3.63
C PRO R 184 10.75 31.53 -2.35
N ILE R 185 9.80 32.45 -2.49
CA ILE R 185 9.32 33.24 -1.36
C ILE R 185 8.20 32.52 -0.62
N ALA R 186 8.24 32.59 0.71
CA ALA R 186 7.18 32.06 1.56
C ALA R 186 5.97 32.97 1.46
N VAL R 187 4.90 32.47 0.83
CA VAL R 187 3.63 33.17 0.74
C VAL R 187 2.54 32.23 1.23
N LYS R 188 1.62 32.76 2.06
CA LYS R 188 0.47 32.04 2.61
C LYS R 188 0.87 30.82 3.43
N GLY R 189 2.05 30.84 4.05
CA GLY R 189 2.48 29.78 4.93
C GLY R 189 3.22 28.64 4.27
N GLU R 190 3.45 28.68 2.96
CA GLU R 190 4.22 27.65 2.28
C GLU R 190 5.20 28.29 1.31
N VAL R 191 6.21 27.51 0.92
CA VAL R 191 7.27 28.00 0.06
C VAL R 191 6.84 27.92 -1.39
N LYS R 192 6.91 29.05 -2.10
CA LYS R 192 6.56 29.08 -3.51
C LYS R 192 7.57 29.91 -4.28
N ILE R 193 7.93 29.44 -5.46
CA ILE R 193 8.91 30.12 -6.30
C ILE R 193 8.18 31.20 -7.09
N ARG R 194 8.34 32.45 -6.67
CA ARG R 194 7.73 33.59 -7.34
C ARG R 194 8.81 34.55 -7.80
N PRO R 195 8.85 34.90 -9.08
CA PRO R 195 9.88 35.81 -9.56
C PRO R 195 9.67 37.26 -9.13
N MET R 196 10.54 37.78 -8.27
CA MET R 196 10.49 39.19 -7.90
C MET R 196 11.64 39.96 -8.51
N MET R 197 11.67 41.24 -8.16
CA MET R 197 12.71 42.18 -8.55
C MET R 197 12.76 43.28 -7.51
N TYR R 198 13.97 43.67 -7.13
CA TYR R 198 14.14 44.67 -6.10
C TYR R 198 13.98 46.07 -6.69
N ILE R 199 13.57 47.01 -5.84
CA ILE R 199 13.43 48.40 -6.25
C ILE R 199 14.28 49.27 -5.32
N ALA R 200 14.57 50.47 -5.79
CA ALA R 200 15.34 51.45 -5.04
C ALA R 200 14.57 52.75 -4.97
N LEU R 201 14.94 53.59 -4.00
CA LEU R 201 14.34 54.91 -3.87
C LEU R 201 15.33 55.81 -3.15
N THR R 202 16.06 56.61 -3.90
CA THR R 202 17.04 57.53 -3.35
C THR R 202 16.41 58.91 -3.25
N TYR R 203 16.13 59.35 -2.03
CA TYR R 203 15.28 60.49 -1.77
C TYR R 203 16.01 61.47 -0.86
N ASP R 204 15.81 62.76 -1.12
CA ASP R 204 16.40 63.79 -0.27
C ASP R 204 15.70 63.82 1.08
N HIS R 205 16.50 63.91 2.15
CA HIS R 205 15.95 64.07 3.49
C HIS R 205 15.59 65.52 3.80
N ARG R 206 16.01 66.47 2.96
CA ARG R 206 15.66 67.86 3.20
C ARG R 206 14.17 68.13 2.97
N ILE R 207 13.52 67.35 2.11
CA ILE R 207 12.09 67.54 1.87
C ILE R 207 11.28 66.26 2.04
N ILE R 208 11.73 65.12 1.53
CA ILE R 208 11.01 63.87 1.76
C ILE R 208 11.48 63.25 3.07
N ASP R 209 10.54 63.06 4.00
CA ASP R 209 10.86 62.38 5.25
C ASP R 209 10.94 60.87 5.01
N GLY R 210 11.55 60.17 5.97
CA GLY R 210 11.68 58.72 5.86
C GLY R 210 10.34 57.99 5.89
N ARG R 211 9.40 58.48 6.70
CA ARG R 211 8.04 57.96 6.70
C ARG R 211 7.38 58.13 5.35
N GLU R 212 7.58 59.31 4.74
CA GLU R 212 7.01 59.62 3.44
C GLU R 212 7.53 58.69 2.36
N ALA R 213 8.84 58.45 2.34
CA ALA R 213 9.43 57.59 1.34
C ALA R 213 9.09 56.12 1.57
N VAL R 214 8.96 55.70 2.83
CA VAL R 214 8.60 54.31 3.11
C VAL R 214 7.16 54.02 2.70
N LEU R 215 6.23 54.93 3.02
CA LEU R 215 4.84 54.77 2.59
C LEU R 215 4.72 54.90 1.08
N PHE R 216 5.54 55.76 0.47
CA PHE R 216 5.59 55.92 -0.98
C PHE R 216 6.03 54.63 -1.67
N LEU R 217 7.08 54.00 -1.15
CA LEU R 217 7.57 52.76 -1.74
C LEU R 217 6.61 51.61 -1.52
N ARG R 218 5.97 51.56 -0.35
CA ARG R 218 4.95 50.54 -0.10
C ARG R 218 3.75 50.72 -1.02
N LYS R 219 3.37 51.97 -1.30
CA LYS R 219 2.25 52.23 -2.19
C LYS R 219 2.57 51.84 -3.63
N ILE R 220 3.81 52.10 -4.07
CA ILE R 220 4.20 51.66 -5.41
C ILE R 220 4.29 50.13 -5.49
N LYS R 221 4.74 49.49 -4.40
CA LYS R 221 4.79 48.03 -4.35
C LYS R 221 3.39 47.42 -4.45
N ALA R 222 2.42 48.01 -3.72
CA ALA R 222 1.04 47.56 -3.82
C ALA R 222 0.42 47.86 -5.18
N ALA R 223 0.83 48.96 -5.82
CA ALA R 223 0.27 49.30 -7.11
C ALA R 223 0.81 48.44 -8.24
N VAL R 224 2.06 47.97 -8.12
CA VAL R 224 2.63 47.12 -9.16
C VAL R 224 2.27 45.65 -8.94
N GLU R 225 2.21 45.20 -7.68
CA GLU R 225 1.73 43.85 -7.40
C GLU R 225 0.26 43.69 -7.75
N ASN R 226 -0.55 44.72 -7.53
CA ASN R 226 -1.97 44.70 -7.87
C ASN R 226 -2.33 46.01 -8.56
N PRO R 227 -2.53 46.00 -9.88
CA PRO R 227 -2.87 47.26 -10.58
C PRO R 227 -4.35 47.62 -10.53
N ALA R 228 -5.14 47.03 -9.64
CA ALA R 228 -6.49 47.51 -9.38
C ALA R 228 -6.52 48.61 -8.32
N ILE R 229 -5.41 48.80 -7.60
CA ILE R 229 -5.32 49.83 -6.58
C ILE R 229 -5.34 51.22 -7.21
N ILE R 230 -4.81 51.35 -8.43
CA ILE R 230 -4.67 52.65 -9.06
C ILE R 230 -6.02 53.20 -9.52
N VAL R 231 -7.00 52.32 -9.81
CA VAL R 231 -8.37 52.76 -10.04
C VAL R 231 -9.18 52.70 -8.75
N ALA R 232 -8.72 51.93 -7.76
CA ALA R 232 -9.40 51.86 -6.47
C ALA R 232 -9.26 53.14 -5.66
N GLY R 233 -8.14 53.84 -5.78
CA GLY R 233 -7.95 55.06 -5.01
C GLY R 233 -7.47 54.84 -3.59
N LEU R 234 -6.27 54.27 -3.43
CA LEU R 234 -5.67 54.13 -2.11
C LEU R 234 -4.37 54.91 -1.98
N GLY S 1 -21.70 15.03 64.59
CA GLY S 1 -21.88 16.37 65.10
C GLY S 1 -22.15 16.41 66.60
N THR S 2 -21.41 15.57 67.34
CA THR S 2 -21.57 15.48 68.78
C THR S 2 -20.29 15.96 69.47
N ARG S 3 -20.47 16.66 70.59
CA ARG S 3 -19.34 17.16 71.38
C ARG S 3 -18.95 16.15 72.46
N SER S 4 -18.71 14.90 72.06
CA SER S 4 -18.42 13.81 72.98
C SER S 4 -16.95 13.44 72.92
N GLU S 5 -16.30 13.41 74.09
CA GLU S 5 -14.91 13.02 74.21
C GLU S 5 -14.78 12.07 75.40
N GLN S 6 -13.72 11.26 75.38
CA GLN S 6 -13.46 10.31 76.46
C GLN S 6 -12.02 10.43 76.92
N ARG S 7 -11.71 9.70 77.99
CA ARG S 7 -10.48 9.87 78.74
C ARG S 7 -9.65 8.59 78.73
N VAL S 8 -9.45 7.99 77.56
CA VAL S 8 -8.79 6.70 77.47
C VAL S 8 -7.31 6.84 77.81
N LYS S 9 -6.81 5.94 78.65
CA LYS S 9 -5.44 5.95 79.13
C LYS S 9 -4.65 4.86 78.42
N MET S 10 -3.48 5.21 77.92
CA MET S 10 -2.64 4.27 77.18
C MET S 10 -1.75 3.50 78.15
N ASN S 11 -0.91 2.61 77.60
CA ASN S 11 -0.03 1.78 78.38
C ASN S 11 1.34 2.44 78.53
N ARG S 12 2.21 1.80 79.31
CA ARG S 12 3.54 2.33 79.57
C ARG S 12 4.42 2.27 78.33
N MET S 13 4.24 1.22 77.51
CA MET S 13 5.12 1.01 76.36
C MET S 13 4.92 2.06 75.28
N ARG S 14 3.71 2.62 75.15
CA ARG S 14 3.50 3.69 74.18
C ARG S 14 4.30 4.93 74.55
N LEU S 15 4.33 5.29 75.84
CA LEU S 15 5.23 6.33 76.32
C LEU S 15 6.70 5.93 76.17
N LYS S 16 7.01 4.64 76.26
CA LYS S 16 8.40 4.19 76.12
C LYS S 16 8.93 4.44 74.71
N ILE S 17 8.20 3.96 73.69
CA ILE S 17 8.58 4.23 72.30
C ILE S 17 8.46 5.73 71.96
N ALA S 18 7.49 6.45 72.54
CA ALA S 18 7.35 7.88 72.27
C ALA S 18 8.55 8.67 72.80
N ALA S 19 8.95 8.43 74.05
CA ALA S 19 10.13 9.10 74.60
C ALA S 19 11.41 8.62 73.93
N ARG S 20 11.44 7.37 73.49
CA ARG S 20 12.61 6.85 72.77
C ARG S 20 12.81 7.56 71.45
N LEU S 21 11.73 7.74 70.67
CA LEU S 21 11.87 8.45 69.40
C LEU S 21 12.07 9.94 69.61
N LYS S 22 11.55 10.50 70.71
CA LYS S 22 11.80 11.90 71.02
C LYS S 22 13.26 12.14 71.36
N ASP S 23 13.87 11.28 72.18
CA ASP S 23 15.29 11.40 72.46
C ASP S 23 16.14 11.08 71.24
N ALA S 24 15.66 10.20 70.36
CA ALA S 24 16.38 9.89 69.12
C ALA S 24 16.39 11.09 68.17
N GLN S 25 15.26 11.79 68.07
CA GLN S 25 15.22 12.99 67.23
C GLN S 25 15.99 14.15 67.88
N ASN S 26 15.98 14.23 69.20
CA ASN S 26 16.72 15.28 69.88
C ASN S 26 18.21 15.00 69.95
N THR S 27 18.64 13.77 69.69
CA THR S 27 20.06 13.43 69.67
C THR S 27 20.62 13.40 68.25
N CYS S 28 20.03 12.59 67.37
CA CYS S 28 20.48 12.51 65.99
C CYS S 28 19.95 13.70 65.19
N ALA S 29 20.56 13.94 64.04
CA ALA S 29 20.12 14.99 63.13
C ALA S 29 19.31 14.37 62.00
N MET S 30 18.09 14.86 61.81
CA MET S 30 17.19 14.32 60.81
C MET S 30 17.59 14.87 59.44
N LEU S 31 17.87 13.98 58.50
CA LEU S 31 18.43 14.35 57.20
C LEU S 31 18.24 13.20 56.23
N THR S 32 17.55 13.44 55.13
CA THR S 32 17.20 12.36 54.22
C THR S 32 17.65 12.62 52.80
N THR S 33 17.67 11.55 52.02
CA THR S 33 17.85 11.61 50.57
C THR S 33 17.14 10.39 49.96
N PHE S 34 16.75 10.52 48.71
CA PHE S 34 15.98 9.48 48.04
C PHE S 34 16.63 9.12 46.72
N ASN S 35 16.20 7.99 46.16
CA ASN S 35 16.63 7.52 44.85
C ASN S 35 15.58 6.55 44.35
N GLU S 36 15.73 6.15 43.09
CA GLU S 36 14.83 5.19 42.45
C GLU S 36 15.63 4.00 41.94
N VAL S 37 15.09 2.80 42.15
CA VAL S 37 15.77 1.54 41.84
C VAL S 37 14.91 0.72 40.90
N ASP S 38 15.48 0.31 39.77
CA ASP S 38 14.78 -0.60 38.88
C ASP S 38 14.69 -1.99 39.51
N MET S 39 13.53 -2.61 39.35
CA MET S 39 13.26 -3.91 39.97
C MET S 39 12.89 -4.97 38.95
N SER S 40 12.98 -4.67 37.64
CA SER S 40 12.56 -5.61 36.61
C SER S 40 13.48 -6.83 36.55
N TYR S 41 14.78 -6.63 36.79
CA TYR S 41 15.69 -7.77 36.89
C TYR S 41 15.39 -8.60 38.13
N ALA S 42 14.99 -7.94 39.22
CA ALA S 42 14.56 -8.67 40.41
C ALA S 42 13.28 -9.45 40.16
N MET S 43 12.35 -8.86 39.37
CA MET S 43 11.14 -9.57 38.97
C MET S 43 11.46 -10.82 38.17
N ASP S 44 12.34 -10.70 37.18
CA ASP S 44 12.72 -11.84 36.35
C ASP S 44 13.47 -12.90 37.17
N PHE S 45 14.35 -12.46 38.06
CA PHE S 45 15.14 -13.40 38.86
C PHE S 45 14.28 -14.17 39.84
N ARG S 46 13.33 -13.49 40.50
CA ARG S 46 12.41 -14.18 41.40
C ARG S 46 11.47 -15.10 40.62
N LYS S 47 11.01 -14.65 39.45
CA LYS S 47 10.09 -15.48 38.66
C LYS S 47 10.78 -16.70 38.08
N GLN S 48 12.10 -16.65 37.88
CA GLN S 48 12.82 -17.81 37.39
C GLN S 48 13.37 -18.69 38.50
N ASN S 49 13.54 -18.19 39.73
CA ASN S 49 14.12 -18.99 40.80
C ASN S 49 13.15 -19.28 41.94
N LEU S 50 11.85 -18.99 41.76
CA LEU S 50 10.84 -19.32 42.77
C LEU S 50 10.81 -20.82 43.07
N ASP S 51 10.62 -21.64 42.04
CA ASP S 51 10.58 -23.08 42.24
C ASP S 51 11.93 -23.66 42.61
N ALA S 52 13.02 -23.02 42.18
CA ALA S 52 14.36 -23.47 42.52
C ALA S 52 14.63 -23.32 44.01
N PHE S 53 14.35 -22.12 44.57
CA PHE S 53 14.52 -21.94 46.01
C PHE S 53 13.51 -22.75 46.81
N THR S 54 12.30 -22.93 46.28
CA THR S 54 11.29 -23.72 46.98
C THR S 54 11.70 -25.19 47.07
N LYS S 55 12.24 -25.74 45.98
CA LYS S 55 12.63 -27.15 46.00
C LYS S 55 13.99 -27.36 46.64
N LYS S 56 14.81 -26.30 46.77
CA LYS S 56 16.13 -26.52 47.38
C LYS S 56 16.11 -26.27 48.89
N TYR S 57 15.50 -25.16 49.33
CA TYR S 57 15.57 -24.79 50.73
C TYR S 57 14.26 -24.97 51.49
N GLY S 58 13.12 -25.06 50.78
CA GLY S 58 11.86 -25.43 51.38
C GLY S 58 11.00 -24.27 51.83
N ILE S 59 11.54 -23.06 51.87
CA ILE S 59 10.83 -21.90 52.37
C ILE S 59 10.57 -20.94 51.22
N LYS S 60 9.65 -20.00 51.46
CA LYS S 60 9.27 -19.01 50.46
C LYS S 60 10.03 -17.70 50.70
N PHE S 61 10.44 -17.07 49.61
CA PHE S 61 11.30 -15.89 49.66
C PHE S 61 10.62 -14.75 48.91
N GLY S 62 10.83 -13.53 49.37
CA GLY S 62 10.39 -12.40 48.59
C GLY S 62 10.90 -11.02 49.00
N PHE S 63 11.46 -10.30 48.03
CA PHE S 63 11.54 -8.83 48.00
C PHE S 63 12.39 -8.19 49.10
N MET S 64 13.00 -8.98 50.00
CA MET S 64 13.64 -8.37 51.15
C MET S 64 15.12 -8.74 51.22
N SER S 65 15.47 -9.97 50.85
CA SER S 65 16.85 -10.42 50.98
C SER S 65 17.76 -9.76 49.97
N ILE S 66 17.21 -9.36 48.82
CA ILE S 66 17.95 -8.62 47.81
C ILE S 66 18.41 -7.28 48.39
N PHE S 67 17.49 -6.58 49.05
CA PHE S 67 17.82 -5.32 49.69
C PHE S 67 18.70 -5.50 50.91
N ALA S 68 18.55 -6.61 51.62
CA ALA S 68 19.32 -6.86 52.84
C ALA S 68 20.77 -7.16 52.53
N LYS S 69 21.02 -8.05 51.56
CA LYS S 69 22.38 -8.43 51.22
C LYS S 69 23.13 -7.28 50.54
N ALA S 70 22.42 -6.48 49.74
CA ALA S 70 23.01 -5.29 49.14
C ALA S 70 23.40 -4.26 50.20
N SER S 71 22.54 -4.09 51.22
CA SER S 71 22.86 -3.19 52.31
C SER S 71 24.02 -3.70 53.14
N ALA S 72 24.10 -5.02 53.33
CA ALA S 72 25.23 -5.61 54.05
C ALA S 72 26.54 -5.39 53.29
N TYR S 73 26.51 -5.53 51.97
CA TYR S 73 27.68 -5.23 51.15
C TYR S 73 28.10 -3.76 51.25
N ALA S 74 27.11 -2.86 51.15
CA ALA S 74 27.42 -1.43 51.20
C ALA S 74 27.89 -0.98 52.58
N LEU S 75 27.48 -1.67 53.64
CA LEU S 75 28.07 -1.40 54.96
C LEU S 75 29.46 -2.01 55.11
N GLN S 76 29.75 -3.14 54.46
CA GLN S 76 31.10 -3.68 54.51
C GLN S 76 32.11 -2.84 53.73
N ASP S 77 31.71 -2.25 52.61
CA ASP S 77 32.67 -1.46 51.84
C ASP S 77 32.58 0.05 52.12
N GLN S 78 31.79 0.45 53.12
CA GLN S 78 31.72 1.85 53.56
C GLN S 78 31.43 1.85 55.05
N PRO S 79 32.45 1.64 55.89
CA PRO S 79 32.22 1.29 57.30
C PRO S 79 31.91 2.46 58.22
N VAL S 80 31.70 3.68 57.71
CA VAL S 80 31.33 4.79 58.57
C VAL S 80 29.81 4.94 58.64
N VAL S 81 29.06 4.28 57.75
CA VAL S 81 27.61 4.33 57.78
C VAL S 81 27.07 3.58 59.00
N ASN S 82 27.71 2.47 59.38
CA ASN S 82 27.28 1.72 60.55
C ASN S 82 27.75 2.32 61.88
N ALA S 83 28.72 3.22 61.85
CA ALA S 83 29.30 3.75 63.08
C ALA S 83 28.40 4.81 63.71
N VAL S 84 28.39 4.85 65.04
CA VAL S 84 27.55 5.76 65.80
C VAL S 84 28.39 6.59 66.76
N ILE S 85 27.74 7.43 67.54
CA ILE S 85 28.39 8.25 68.56
C ILE S 85 27.80 7.88 69.91
N ASP S 86 28.66 7.46 70.84
CA ASP S 86 28.28 7.24 72.23
C ASP S 86 29.08 8.22 73.08
N GLY S 87 28.54 9.43 73.23
CA GLY S 87 29.24 10.48 73.96
C GLY S 87 30.24 11.22 73.11
N THR S 88 31.52 10.92 73.31
CA THR S 88 32.62 11.52 72.54
C THR S 88 33.46 10.44 71.88
N ASP S 89 32.81 9.39 71.39
CA ASP S 89 33.50 8.26 70.77
C ASP S 89 32.76 7.82 69.53
N ILE S 90 33.50 7.42 68.51
CA ILE S 90 32.93 6.87 67.27
C ILE S 90 33.32 5.40 67.22
N VAL S 91 32.31 4.53 67.09
CA VAL S 91 32.51 3.09 67.16
C VAL S 91 32.40 2.53 65.75
N TYR S 92 33.53 2.42 65.06
CA TYR S 92 33.57 1.66 63.81
C TYR S 92 33.38 0.18 64.13
N ARG S 93 32.51 -0.48 63.37
CA ARG S 93 32.22 -1.90 63.56
C ARG S 93 32.40 -2.64 62.24
N ASP S 94 33.02 -3.81 62.31
CA ASP S 94 33.15 -4.68 61.15
C ASP S 94 31.94 -5.59 60.99
N TYR S 95 31.37 -6.06 62.09
CA TYR S 95 30.15 -6.85 62.03
C TYR S 95 28.97 -5.95 61.71
N VAL S 96 28.01 -6.48 60.97
CA VAL S 96 26.79 -5.75 60.64
C VAL S 96 25.58 -6.62 60.98
N ASP S 97 24.60 -6.04 61.65
CA ASP S 97 23.38 -6.72 62.04
C ASP S 97 22.21 -5.87 61.59
N ILE S 98 21.45 -6.37 60.62
CA ILE S 98 20.32 -5.62 60.09
C ILE S 98 19.13 -5.77 61.03
N SER S 99 18.58 -4.64 61.44
CA SER S 99 17.47 -4.59 62.41
C SER S 99 16.17 -4.49 61.60
N VAL S 100 15.39 -5.57 61.61
CA VAL S 100 14.26 -5.73 60.70
C VAL S 100 12.95 -5.57 61.47
N ALA S 101 12.06 -4.74 60.95
CA ALA S 101 10.73 -4.59 61.54
C ALA S 101 9.77 -5.63 60.99
N VAL S 102 8.92 -6.17 61.87
CA VAL S 102 7.89 -7.13 61.47
C VAL S 102 6.73 -6.98 62.44
N ALA S 103 5.52 -7.33 61.99
CA ALA S 103 4.33 -7.18 62.81
C ALA S 103 4.21 -8.28 63.85
N THR S 104 3.66 -7.92 65.00
CA THR S 104 3.35 -8.82 66.10
C THR S 104 1.97 -8.44 66.61
N PRO S 105 1.27 -9.36 67.29
CA PRO S 105 -0.07 -8.99 67.82
C PRO S 105 -0.09 -7.85 68.82
N ARG S 106 0.99 -7.63 69.59
CA ARG S 106 0.97 -6.51 70.53
C ARG S 106 1.22 -5.17 69.83
N GLY S 107 1.89 -5.17 68.69
CA GLY S 107 2.36 -3.94 68.09
C GLY S 107 3.32 -4.19 66.94
N LEU S 108 4.51 -3.61 67.00
CA LEU S 108 5.55 -3.83 66.01
C LEU S 108 6.85 -4.15 66.74
N VAL S 109 7.19 -5.44 66.81
CA VAL S 109 8.43 -5.88 67.43
C VAL S 109 9.51 -5.90 66.37
N VAL S 110 10.76 -5.70 66.77
CA VAL S 110 11.87 -5.51 65.85
C VAL S 110 12.93 -6.57 66.13
N PRO S 111 12.88 -7.71 65.45
CA PRO S 111 13.96 -8.69 65.55
C PRO S 111 15.15 -8.30 64.68
N VAL S 112 16.32 -8.80 65.08
CA VAL S 112 17.59 -8.44 64.44
C VAL S 112 18.21 -9.70 63.84
N ILE S 113 18.62 -9.61 62.59
CA ILE S 113 19.38 -10.67 61.93
C ILE S 113 20.85 -10.53 62.28
N ARG S 114 21.46 -11.60 62.77
CA ARG S 114 22.84 -11.56 63.26
C ARG S 114 23.80 -12.09 62.20
N ASN S 115 24.91 -11.36 62.03
CA ASN S 115 26.05 -11.75 61.17
C ASN S 115 25.61 -11.95 59.72
N VAL S 116 25.18 -10.84 59.12
CA VAL S 116 24.53 -10.86 57.82
C VAL S 116 25.51 -10.73 56.65
N GLU S 117 26.77 -10.37 56.92
CA GLU S 117 27.69 -10.06 55.83
C GLU S 117 28.20 -11.31 55.12
N GLY S 118 28.47 -12.38 55.87
CA GLY S 118 28.89 -13.64 55.27
C GLY S 118 27.74 -14.60 55.14
N MET S 119 26.66 -14.18 54.50
CA MET S 119 25.40 -14.91 54.62
C MET S 119 24.60 -14.72 53.33
N ASN S 120 24.22 -15.83 52.71
CA ASN S 120 23.61 -15.82 51.38
C ASN S 120 22.15 -15.37 51.45
N TYR S 121 21.49 -15.37 50.28
CA TYR S 121 20.06 -15.06 50.22
C TYR S 121 19.23 -16.05 51.03
N ALA S 122 19.43 -17.35 50.77
CA ALA S 122 18.58 -18.37 51.38
C ALA S 122 18.84 -18.48 52.88
N ASP S 123 20.07 -18.25 53.33
CA ASP S 123 20.36 -18.24 54.76
C ASP S 123 19.71 -17.03 55.46
N ILE S 124 19.70 -15.87 54.81
CA ILE S 124 19.02 -14.69 55.34
C ILE S 124 17.52 -14.95 55.42
N GLU S 125 16.95 -15.62 54.42
CA GLU S 125 15.53 -15.97 54.47
C GLU S 125 15.24 -17.01 55.55
N ILE S 126 16.19 -17.93 55.79
CA ILE S 126 16.03 -18.89 56.89
C ILE S 126 16.01 -18.19 58.23
N ALA S 127 16.93 -17.24 58.44
CA ALA S 127 16.97 -16.49 59.70
C ALA S 127 15.73 -15.61 59.88
N LEU S 128 15.28 -14.97 58.80
CA LEU S 128 14.12 -14.08 58.88
C LEU S 128 12.83 -14.86 59.08
N ALA S 129 12.70 -16.02 58.42
CA ALA S 129 11.55 -16.88 58.63
C ALA S 129 11.55 -17.49 60.02
N GLY S 130 12.74 -17.79 60.56
CA GLY S 130 12.81 -18.26 61.94
C GLY S 130 12.40 -17.20 62.94
N LEU S 131 12.82 -15.95 62.70
CA LEU S 131 12.41 -14.86 63.59
C LEU S 131 10.92 -14.55 63.47
N ALA S 132 10.37 -14.64 62.25
CA ALA S 132 8.93 -14.44 62.08
C ALA S 132 8.13 -15.59 62.68
N ASP S 133 8.65 -16.82 62.63
CA ASP S 133 7.99 -17.95 63.27
C ASP S 133 8.06 -17.83 64.78
N LYS S 134 9.17 -17.31 65.32
CA LYS S 134 9.25 -17.01 66.75
C LYS S 134 8.27 -15.91 67.15
N ALA S 135 8.05 -14.94 66.27
CA ALA S 135 7.03 -13.93 66.53
C ALA S 135 5.62 -14.45 66.32
N ARG S 136 5.46 -15.59 65.64
CA ARG S 136 4.12 -16.14 65.40
C ARG S 136 3.49 -16.67 66.68
N ARG S 137 4.23 -17.47 67.45
CA ARG S 137 3.72 -17.95 68.74
C ARG S 137 4.21 -17.10 69.92
N ASP S 138 4.71 -15.89 69.63
CA ASP S 138 5.14 -14.91 70.62
C ASP S 138 6.27 -15.43 71.50
N ALA S 139 7.40 -15.74 70.85
CA ALA S 139 8.59 -16.22 71.52
C ALA S 139 9.77 -15.27 71.33
N ILE S 140 9.51 -13.99 71.07
CA ILE S 140 10.58 -13.02 70.87
C ILE S 140 11.18 -12.66 72.22
N THR S 141 12.49 -12.80 72.34
CA THR S 141 13.19 -12.58 73.60
C THR S 141 13.70 -11.14 73.69
N VAL S 142 14.53 -10.87 74.69
CA VAL S 142 15.07 -9.54 74.91
C VAL S 142 16.45 -9.38 74.28
N GLU S 143 17.22 -10.47 74.18
CA GLU S 143 18.59 -10.43 73.67
C GLU S 143 18.67 -10.08 72.19
N ASP S 144 17.58 -10.28 71.43
CA ASP S 144 17.53 -9.90 70.02
C ASP S 144 16.74 -8.63 69.80
N MET S 145 16.87 -7.65 70.70
CA MET S 145 16.18 -6.37 70.59
C MET S 145 17.13 -5.19 70.45
N ASP S 146 18.45 -5.43 70.45
CA ASP S 146 19.42 -4.35 70.37
C ASP S 146 20.57 -4.78 69.47
N GLY S 147 21.55 -3.89 69.33
CA GLY S 147 22.75 -4.19 68.58
C GLY S 147 22.62 -4.02 67.08
N GLY S 148 21.49 -3.57 66.58
CA GLY S 148 21.32 -3.41 65.15
C GLY S 148 22.10 -2.22 64.61
N THR S 149 22.68 -2.40 63.43
CA THR S 149 23.45 -1.34 62.79
C THR S 149 22.76 -0.74 61.57
N PHE S 150 21.71 -1.37 61.06
CA PHE S 150 21.03 -0.89 59.88
C PHE S 150 19.60 -1.41 59.90
N THR S 151 18.74 -0.80 59.09
CA THR S 151 17.32 -1.13 59.12
C THR S 151 16.73 -1.03 57.72
N ILE S 152 16.00 -2.08 57.32
CA ILE S 152 15.35 -2.19 56.01
C ILE S 152 13.85 -2.23 56.29
N SER S 153 13.39 -1.31 57.16
CA SER S 153 12.00 -1.18 57.60
C SER S 153 11.00 -1.23 56.45
N ASN S 154 10.15 -2.24 56.48
CA ASN S 154 9.27 -2.57 55.36
C ASN S 154 8.10 -1.59 55.32
N GLY S 155 8.03 -0.80 54.25
CA GLY S 155 6.88 0.03 53.98
C GLY S 155 6.34 -0.28 52.60
N GLY S 156 6.83 -1.37 52.02
CA GLY S 156 6.49 -1.73 50.66
C GLY S 156 5.25 -2.59 50.52
N VAL S 157 5.02 -3.46 51.50
CA VAL S 157 3.84 -4.32 51.47
C VAL S 157 2.58 -3.51 51.78
N PHE S 158 2.72 -2.35 52.41
CA PHE S 158 1.58 -1.56 52.86
C PHE S 158 1.17 -0.48 51.87
N GLY S 159 2.05 -0.11 50.95
CA GLY S 159 1.65 0.75 49.84
C GLY S 159 2.05 2.21 49.94
N SER S 160 3.28 2.48 50.37
CA SER S 160 3.78 3.85 50.38
C SER S 160 4.55 4.14 49.09
N LEU S 161 4.81 5.41 48.87
CA LEU S 161 5.60 5.82 47.71
C LEU S 161 6.87 6.57 48.11
N MET S 162 6.77 7.52 49.04
CA MET S 162 7.93 8.11 49.69
C MET S 162 7.73 8.12 51.19
N GLY S 163 8.83 8.24 51.92
CA GLY S 163 8.80 8.28 53.37
C GLY S 163 10.13 8.73 53.91
N THR S 164 10.11 9.17 55.16
CA THR S 164 11.30 9.72 55.83
C THR S 164 11.43 9.10 57.22
N PRO S 165 11.81 7.83 57.32
CA PRO S 165 11.72 7.12 58.62
C PRO S 165 12.69 7.64 59.66
N ILE S 166 12.19 7.76 60.90
CA ILE S 166 12.94 8.37 61.98
C ILE S 166 14.08 7.46 62.40
N ILE S 167 15.26 8.04 62.60
CA ILE S 167 16.42 7.29 63.04
C ILE S 167 16.21 6.79 64.46
N ASN S 168 16.33 5.48 64.66
CA ASN S 168 16.14 4.87 65.96
C ASN S 168 17.48 4.42 66.54
N PRO S 169 17.66 4.48 67.85
CA PRO S 169 18.92 4.03 68.46
C PRO S 169 18.99 2.51 68.48
N PRO S 170 20.19 1.92 68.57
CA PRO S 170 21.53 2.55 68.54
C PRO S 170 22.21 2.52 67.17
N GLN S 171 21.54 2.79 66.07
CA GLN S 171 22.17 2.82 64.76
C GLN S 171 22.17 4.25 64.22
N SER S 172 22.64 4.41 62.98
CA SER S 172 22.85 5.74 62.44
C SER S 172 22.35 5.95 61.02
N ALA S 173 21.78 4.93 60.37
CA ALA S 173 21.23 5.09 59.03
C ALA S 173 20.17 4.02 58.81
N ILE S 174 19.01 4.43 58.30
CA ILE S 174 17.87 3.56 58.10
C ILE S 174 17.32 3.75 56.69
N LEU S 175 17.29 2.66 55.92
CA LEU S 175 16.76 2.67 54.56
C LEU S 175 15.34 2.11 54.59
N GLY S 176 14.37 2.95 54.32
CA GLY S 176 13.00 2.49 54.23
C GLY S 176 12.58 2.21 52.81
N MET S 177 12.56 0.93 52.43
CA MET S 177 12.12 0.58 51.09
C MET S 177 10.61 0.75 50.97
N HIS S 178 10.14 0.98 49.74
CA HIS S 178 8.76 1.36 49.49
C HIS S 178 8.14 0.43 48.46
N GLY S 179 6.86 0.65 48.18
CA GLY S 179 6.12 -0.24 47.31
C GLY S 179 6.48 -0.06 45.84
N ILE S 180 6.37 -1.15 45.10
CA ILE S 180 6.69 -1.15 43.67
C ILE S 180 5.47 -0.70 42.88
N PHE S 181 5.64 0.35 42.08
CA PHE S 181 4.58 0.93 41.28
C PHE S 181 5.00 0.86 39.80
N GLU S 182 4.20 1.46 38.93
CA GLU S 182 4.43 1.43 37.49
C GLU S 182 4.71 2.84 37.00
N ARG S 183 5.89 3.04 36.40
CA ARG S 183 6.27 4.35 35.85
C ARG S 183 6.98 4.13 34.52
N PRO S 184 6.56 4.80 33.45
CA PRO S 184 7.12 4.55 32.11
C PRO S 184 8.42 5.29 31.85
N ILE S 185 9.54 4.70 32.25
CA ILE S 185 10.80 5.43 32.32
C ILE S 185 11.53 5.40 30.98
N ALA S 186 12.12 6.55 30.63
CA ALA S 186 12.96 6.65 29.45
C ALA S 186 14.28 5.96 29.69
N VAL S 187 14.50 4.83 29.02
CA VAL S 187 15.76 4.10 29.08
C VAL S 187 16.24 3.86 27.65
N LYS S 188 17.54 4.09 27.43
CA LYS S 188 18.21 3.89 26.14
C LYS S 188 17.62 4.74 25.02
N GLY S 189 17.06 5.89 25.36
CA GLY S 189 16.56 6.82 24.36
C GLY S 189 15.11 6.63 23.95
N GLU S 190 14.40 5.65 24.51
CA GLU S 190 12.99 5.45 24.21
C GLU S 190 12.22 5.19 25.50
N VAL S 191 10.90 5.38 25.42
CA VAL S 191 10.03 5.27 26.58
C VAL S 191 9.67 3.80 26.79
N LYS S 192 9.92 3.30 28.00
CA LYS S 192 9.59 1.93 28.34
C LYS S 192 8.98 1.88 29.73
N ILE S 193 7.95 1.04 29.89
CA ILE S 193 7.25 0.91 31.16
C ILE S 193 8.02 -0.10 32.00
N ARG S 194 8.78 0.40 32.97
CA ARG S 194 9.54 -0.44 33.88
C ARG S 194 9.08 -0.20 35.31
N PRO S 195 8.69 -1.24 36.05
CA PRO S 195 8.24 -1.03 37.43
C PRO S 195 9.37 -0.72 38.39
N MET S 196 9.40 0.50 38.93
CA MET S 196 10.37 0.84 39.95
C MET S 196 9.69 1.00 41.31
N MET S 197 10.54 1.37 42.28
CA MET S 197 10.12 1.64 43.65
C MET S 197 11.14 2.59 44.26
N TYR S 198 10.64 3.59 44.98
CA TYR S 198 11.52 4.59 45.56
C TYR S 198 12.15 4.07 46.85
N ILE S 199 13.32 4.60 47.17
CA ILE S 199 14.00 4.25 48.42
C ILE S 199 14.27 5.53 49.20
N ALA S 200 14.52 5.35 50.50
CA ALA S 200 14.82 6.44 51.39
C ALA S 200 16.10 6.14 52.15
N LEU S 201 16.72 7.19 52.67
CA LEU S 201 17.94 7.04 53.47
C LEU S 201 18.02 8.22 54.42
N THR S 202 17.60 8.02 55.67
CA THR S 202 17.65 9.07 56.68
C THR S 202 18.89 8.87 57.52
N TYR S 203 19.86 9.76 57.37
CA TYR S 203 21.21 9.57 57.86
C TYR S 203 21.62 10.77 58.71
N ASP S 204 22.35 10.51 59.79
CA ASP S 204 22.86 11.59 60.63
C ASP S 204 23.97 12.34 59.91
N HIS S 205 23.91 13.67 59.97
CA HIS S 205 24.97 14.51 59.44
C HIS S 205 26.16 14.64 60.38
N ARG S 206 26.01 14.20 61.64
CA ARG S 206 27.12 14.28 62.56
C ARG S 206 28.23 13.29 62.22
N ILE S 207 27.89 12.18 61.56
CA ILE S 207 28.92 11.21 61.18
C ILE S 207 28.89 10.86 59.69
N ILE S 208 27.71 10.63 59.11
CA ILE S 208 27.65 10.36 57.67
C ILE S 208 27.54 11.69 56.92
N ASP S 209 28.51 11.96 56.05
CA ASP S 209 28.46 13.14 55.21
C ASP S 209 27.47 12.91 54.06
N GLY S 210 27.08 14.02 53.42
CA GLY S 210 26.15 13.93 52.31
C GLY S 210 26.71 13.20 51.10
N ARG S 211 28.01 13.39 50.83
CA ARG S 211 28.69 12.63 49.80
C ARG S 211 28.68 11.14 50.10
N GLU S 212 28.91 10.79 51.37
CA GLU S 212 28.93 9.40 51.82
C GLU S 212 27.58 8.74 51.61
N ALA S 213 26.50 9.43 51.99
CA ALA S 213 25.17 8.87 51.86
C ALA S 213 24.72 8.80 50.41
N VAL S 214 25.13 9.77 49.58
CA VAL S 214 24.75 9.75 48.17
C VAL S 214 25.45 8.61 47.44
N LEU S 215 26.75 8.42 47.68
CA LEU S 215 27.47 7.29 47.09
C LEU S 215 26.97 5.97 47.63
N PHE S 216 26.58 5.94 48.91
CA PHE S 216 26.01 4.76 49.55
C PHE S 216 24.69 4.36 48.89
N LEU S 217 23.82 5.33 48.65
CA LEU S 217 22.53 5.06 48.02
C LEU S 217 22.69 4.67 46.56
N ARG S 218 23.64 5.29 45.86
CA ARG S 218 23.92 4.90 44.48
C ARG S 218 24.49 3.48 44.40
N LYS S 219 25.31 3.11 45.38
CA LYS S 219 25.87 1.76 45.39
C LYS S 219 24.80 0.71 45.68
N ILE S 220 23.86 1.02 46.58
CA ILE S 220 22.75 0.09 46.83
C ILE S 220 21.83 0.00 45.61
N LYS S 221 21.62 1.14 44.92
CA LYS S 221 20.82 1.13 43.70
C LYS S 221 21.45 0.27 42.61
N ALA S 222 22.78 0.38 42.45
CA ALA S 222 23.48 -0.48 41.49
C ALA S 222 23.50 -1.94 41.93
N ALA S 223 23.53 -2.20 43.24
CA ALA S 223 23.56 -3.58 43.71
C ALA S 223 22.20 -4.26 43.58
N VAL S 224 21.11 -3.52 43.70
CA VAL S 224 19.78 -4.12 43.58
C VAL S 224 19.34 -4.19 42.12
N GLU S 225 19.67 -3.18 41.30
CA GLU S 225 19.41 -3.28 39.87
C GLU S 225 20.22 -4.38 39.21
N ASN S 226 21.45 -4.58 39.65
CA ASN S 226 22.32 -5.64 39.11
C ASN S 226 22.99 -6.35 40.29
N PRO S 227 22.56 -7.56 40.64
CA PRO S 227 23.18 -8.29 41.75
C PRO S 227 24.46 -9.03 41.39
N ALA S 228 25.10 -8.74 40.27
CA ALA S 228 26.43 -9.23 39.99
C ALA S 228 27.51 -8.31 40.55
N ILE S 229 27.14 -7.09 40.95
CA ILE S 229 28.08 -6.14 41.52
C ILE S 229 28.58 -6.62 42.88
N ILE S 230 27.74 -7.34 43.62
CA ILE S 230 28.07 -7.74 44.98
C ILE S 230 29.15 -8.83 45.00
N VAL S 231 29.24 -9.64 43.94
CA VAL S 231 30.36 -10.56 43.79
C VAL S 231 31.46 -9.92 42.95
N ALA S 232 31.15 -8.88 42.18
CA ALA S 232 32.16 -8.17 41.40
C ALA S 232 33.12 -7.36 42.26
N GLY S 233 32.64 -6.82 43.38
CA GLY S 233 33.50 -6.02 44.24
C GLY S 233 33.65 -4.58 43.79
N LEU S 234 32.55 -3.81 43.79
CA LEU S 234 32.61 -2.39 43.49
C LEU S 234 32.17 -1.54 44.67
N GLY T 1 31.88 -11.87 60.94
CA GLY T 1 31.25 -12.46 62.11
C GLY T 1 32.11 -12.39 63.35
N THR T 2 32.77 -11.26 63.54
CA THR T 2 33.66 -11.05 64.67
C THR T 2 33.10 -9.95 65.58
N ARG T 3 33.24 -10.15 66.88
CA ARG T 3 32.80 -9.18 67.88
C ARG T 3 33.92 -8.20 68.23
N SER T 4 34.53 -7.58 67.22
CA SER T 4 35.68 -6.72 67.40
C SER T 4 35.28 -5.26 67.21
N GLU T 5 35.61 -4.43 68.18
CA GLU T 5 35.36 -2.99 68.14
C GLU T 5 36.61 -2.26 68.61
N GLN T 6 36.73 -1.01 68.19
CA GLN T 6 37.87 -0.18 68.58
C GLN T 6 37.39 1.17 69.10
N ARG T 7 38.35 1.95 69.60
CA ARG T 7 38.08 3.14 70.37
C ARG T 7 38.65 4.38 69.70
N VAL T 8 38.39 4.55 68.40
CA VAL T 8 39.00 5.63 67.64
C VAL T 8 38.42 6.98 68.07
N LYS T 9 39.30 7.95 68.30
CA LYS T 9 38.94 9.28 68.77
C LYS T 9 39.04 10.25 67.60
N MET T 10 38.00 11.08 67.45
CA MET T 10 37.95 12.04 66.35
C MET T 10 38.62 13.34 66.76
N ASN T 11 38.63 14.31 65.86
CA ASN T 11 39.25 15.59 66.09
C ASN T 11 38.24 16.59 66.65
N ARG T 12 38.74 17.79 66.98
CA ARG T 12 37.89 18.83 67.56
C ARG T 12 36.91 19.39 66.53
N MET T 13 37.33 19.47 65.26
CA MET T 13 36.52 20.10 64.23
C MET T 13 35.27 19.28 63.90
N ARG T 14 35.32 17.96 64.05
CA ARG T 14 34.13 17.15 63.83
C ARG T 14 33.05 17.46 64.86
N LEU T 15 33.45 17.62 66.14
CA LEU T 15 32.53 18.12 67.15
C LEU T 15 32.11 19.55 66.88
N LYS T 16 32.97 20.36 66.26
CA LYS T 16 32.61 21.75 65.96
C LYS T 16 31.47 21.84 64.94
N ILE T 17 31.62 21.16 63.80
CA ILE T 17 30.53 21.10 62.82
C ILE T 17 29.31 20.35 63.36
N ALA T 18 29.51 19.32 64.19
CA ALA T 18 28.37 18.58 64.76
C ALA T 18 27.54 19.46 65.70
N ALA T 19 28.19 20.17 66.61
CA ALA T 19 27.47 21.08 67.50
C ALA T 19 26.91 22.28 66.75
N ARG T 20 27.59 22.70 65.68
CA ARG T 20 27.09 23.80 64.86
C ARG T 20 25.78 23.43 64.16
N LEU T 21 25.72 22.24 63.56
CA LEU T 21 24.49 21.82 62.90
C LEU T 21 23.41 21.46 63.92
N LYS T 22 23.81 21.00 65.12
CA LYS T 22 22.82 20.74 66.16
C LYS T 22 22.17 22.04 66.65
N ASP T 23 22.97 23.08 66.88
CA ASP T 23 22.40 24.38 67.25
C ASP T 23 21.64 25.00 66.10
N ALA T 24 22.04 24.74 64.85
CA ALA T 24 21.31 25.24 63.70
C ALA T 24 19.94 24.59 63.57
N GLN T 25 19.86 23.27 63.81
CA GLN T 25 18.56 22.61 63.79
C GLN T 25 17.71 22.97 64.99
N ASN T 26 18.34 23.21 66.15
CA ASN T 26 17.58 23.61 67.33
C ASN T 26 17.17 25.07 67.31
N THR T 27 17.76 25.89 66.44
CA THR T 27 17.38 27.29 66.29
C THR T 27 16.42 27.50 65.11
N CYS T 28 16.82 27.10 63.92
CA CYS T 28 15.96 27.24 62.75
C CYS T 28 14.92 26.14 62.71
N ALA T 29 13.87 26.36 61.92
CA ALA T 29 12.81 25.38 61.73
C ALA T 29 13.05 24.65 60.42
N MET T 30 13.12 23.32 60.46
CA MET T 30 13.40 22.53 59.28
C MET T 30 12.11 22.38 58.47
N LEU T 31 12.16 22.78 57.20
CA LEU T 31 10.96 22.87 56.38
C LEU T 31 11.39 22.95 54.93
N THR T 32 10.95 22.01 54.10
CA THR T 32 11.44 21.92 52.73
C THR T 32 10.30 21.93 51.72
N THR T 33 10.68 22.20 50.47
CA THR T 33 9.82 22.04 49.31
C THR T 33 10.70 21.75 48.11
N PHE T 34 10.13 21.08 47.11
CA PHE T 34 10.89 20.67 45.94
C PHE T 34 10.18 21.11 44.67
N ASN T 35 10.92 21.05 43.57
CA ASN T 35 10.40 21.35 42.24
C ASN T 35 11.31 20.68 41.22
N GLU T 36 10.88 20.71 39.96
CA GLU T 36 11.65 20.14 38.86
C GLU T 36 11.91 21.22 37.81
N VAL T 37 13.15 21.24 37.30
CA VAL T 37 13.61 22.28 36.37
C VAL T 37 14.10 21.62 35.10
N ASP T 38 13.57 22.06 33.96
CA ASP T 38 14.09 21.61 32.67
C ASP T 38 15.48 22.19 32.43
N MET T 39 16.36 21.36 31.89
CA MET T 39 17.74 21.75 31.67
C MET T 39 18.17 21.63 30.22
N SER T 40 17.23 21.31 29.31
CA SER T 40 17.57 21.09 27.91
C SER T 40 18.05 22.38 27.23
N TYR T 41 17.44 23.52 27.60
CA TYR T 41 17.93 24.79 27.09
C TYR T 41 19.32 25.11 27.65
N ALA T 42 19.57 24.72 28.90
CA ALA T 42 20.91 24.87 29.46
C ALA T 42 21.91 23.96 28.76
N MET T 43 21.48 22.75 28.39
CA MET T 43 22.33 21.85 27.61
C MET T 43 22.70 22.45 26.26
N ASP T 44 21.70 22.99 25.54
CA ASP T 44 21.95 23.61 24.24
C ASP T 44 22.82 24.85 24.37
N PHE T 45 22.58 25.67 25.39
CA PHE T 45 23.33 26.91 25.57
C PHE T 45 24.79 26.63 25.92
N ARG T 46 25.04 25.66 26.80
CA ARG T 46 26.42 25.29 27.12
C ARG T 46 27.11 24.64 25.92
N LYS T 47 26.37 23.81 25.17
CA LYS T 47 26.96 23.14 24.02
C LYS T 47 27.27 24.11 22.88
N GLN T 48 26.55 25.23 22.81
CA GLN T 48 26.83 26.24 21.80
C GLN T 48 27.82 27.31 22.25
N ASN T 49 28.00 27.51 23.57
CA ASN T 49 28.90 28.56 24.03
C ASN T 49 30.12 28.04 24.78
N LEU T 50 30.39 26.73 24.72
CA LEU T 50 31.60 26.16 25.33
C LEU T 50 32.87 26.78 24.74
N ASP T 51 33.02 26.72 23.42
CA ASP T 51 34.20 27.27 22.79
C ASP T 51 34.22 28.80 22.83
N ALA T 52 33.05 29.43 22.88
CA ALA T 52 32.97 30.88 23.00
C ALA T 52 33.51 31.37 24.33
N PHE T 53 33.05 30.78 25.44
CA PHE T 53 33.58 31.15 26.74
C PHE T 53 35.03 30.73 26.91
N THR T 54 35.43 29.60 26.31
CA THR T 54 36.81 29.15 26.41
C THR T 54 37.76 30.11 25.68
N LYS T 55 37.36 30.58 24.49
CA LYS T 55 38.22 31.48 23.75
C LYS T 55 38.12 32.92 24.24
N LYS T 56 37.06 33.28 24.97
CA LYS T 56 36.96 34.66 25.42
C LYS T 56 37.55 34.86 26.81
N TYR T 57 37.24 33.98 27.76
CA TYR T 57 37.66 34.18 29.14
C TYR T 57 38.75 33.23 29.60
N GLY T 58 38.96 32.11 28.91
CA GLY T 58 40.09 31.24 29.14
C GLY T 58 39.86 30.12 30.11
N ILE T 59 38.74 30.15 30.84
CA ILE T 59 38.47 29.14 31.87
C ILE T 59 37.27 28.30 31.44
N LYS T 60 37.10 27.17 32.12
CA LYS T 60 36.03 26.23 31.81
C LYS T 60 34.87 26.44 32.77
N PHE T 61 33.65 26.34 32.23
CA PHE T 61 32.44 26.67 32.98
C PHE T 61 31.51 25.46 32.96
N GLY T 62 30.74 25.27 34.03
CA GLY T 62 29.71 24.27 33.98
C GLY T 62 28.69 24.28 35.10
N PHE T 63 27.41 24.31 34.73
CA PHE T 63 26.28 23.81 35.53
C PHE T 63 26.01 24.54 36.85
N MET T 64 26.77 25.57 37.17
CA MET T 64 26.65 26.16 38.51
C MET T 64 26.31 27.64 38.43
N SER T 65 26.88 28.35 37.46
CA SER T 65 26.67 29.80 37.37
C SER T 65 25.25 30.15 36.95
N ILE T 66 24.61 29.25 36.19
CA ILE T 66 23.21 29.43 35.80
C ILE T 66 22.32 29.43 37.05
N PHE T 67 22.56 28.47 37.93
CA PHE T 67 21.82 28.40 39.18
C PHE T 67 22.19 29.53 40.14
N ALA T 68 23.45 29.96 40.11
CA ALA T 68 23.92 31.01 41.02
C ALA T 68 23.34 32.37 40.66
N LYS T 69 23.38 32.74 39.38
CA LYS T 69 22.88 34.04 38.95
C LYS T 69 21.37 34.12 39.06
N ALA T 70 20.68 33.00 38.80
CA ALA T 70 19.23 32.95 39.00
C ALA T 70 18.87 33.12 40.47
N SER T 71 19.64 32.49 41.36
CA SER T 71 19.40 32.65 42.80
C SER T 71 19.69 34.07 43.24
N ALA T 72 20.72 34.70 42.67
CA ALA T 72 21.03 36.09 42.99
C ALA T 72 19.91 37.02 42.57
N TYR T 73 19.33 36.77 41.39
CA TYR T 73 18.18 37.54 40.93
C TYR T 73 16.98 37.35 41.84
N ALA T 74 16.69 36.10 42.22
CA ALA T 74 15.53 35.83 43.06
C ALA T 74 15.70 36.37 44.48
N LEU T 75 16.94 36.49 44.96
CA LEU T 75 17.15 37.18 46.23
C LEU T 75 17.08 38.70 46.09
N GLN T 76 17.45 39.26 44.92
CA GLN T 76 17.28 40.70 44.74
C GLN T 76 15.83 41.11 44.61
N ASP T 77 14.98 40.30 43.98
CA ASP T 77 13.58 40.68 43.83
C ASP T 77 12.66 40.08 44.90
N GLN T 78 13.22 39.42 45.91
CA GLN T 78 12.45 38.92 47.05
C GLN T 78 13.36 38.96 48.27
N PRO T 79 13.49 40.12 48.91
CA PRO T 79 14.58 40.35 49.86
C PRO T 79 14.32 39.81 51.26
N VAL T 80 13.26 39.05 51.51
CA VAL T 80 13.05 38.44 52.82
C VAL T 80 13.65 37.04 52.89
N VAL T 81 14.00 36.44 51.75
CA VAL T 81 14.62 35.12 51.73
C VAL T 81 16.03 35.18 52.30
N ASN T 82 16.75 36.28 52.04
CA ASN T 82 18.10 36.43 52.57
C ASN T 82 18.15 36.89 54.02
N ALA T 83 17.04 37.41 54.56
CA ALA T 83 17.04 37.97 55.89
C ALA T 83 16.98 36.89 56.96
N VAL T 84 17.65 37.14 58.08
CA VAL T 84 17.74 36.19 59.18
C VAL T 84 17.25 36.82 60.47
N ILE T 85 17.32 36.07 61.57
CA ILE T 85 16.95 36.55 62.89
C ILE T 85 18.19 36.44 63.79
N ASP T 86 18.59 37.56 64.37
CA ASP T 86 19.65 37.60 65.38
C ASP T 86 19.02 38.12 66.67
N GLY T 87 18.43 37.19 67.44
CA GLY T 87 17.75 37.56 68.66
C GLY T 87 16.32 37.99 68.41
N THR T 88 16.08 39.31 68.47
CA THR T 88 14.77 39.89 68.22
C THR T 88 14.84 40.93 67.11
N ASP T 89 15.64 40.66 66.09
CA ASP T 89 15.86 41.59 64.99
C ASP T 89 15.86 40.83 63.67
N ILE T 90 15.31 41.44 62.64
CA ILE T 90 15.32 40.90 61.28
C ILE T 90 16.21 41.80 60.44
N VAL T 91 17.21 41.20 59.79
CA VAL T 91 18.22 41.97 59.07
C VAL T 91 17.96 41.78 57.59
N TYR T 92 17.18 42.70 57.00
CA TYR T 92 17.09 42.77 55.55
C TYR T 92 18.41 43.24 54.98
N ARG T 93 18.88 42.55 53.94
CA ARG T 93 20.15 42.89 53.30
C ARG T 93 19.94 43.07 51.80
N ASP T 94 20.57 44.10 51.24
CA ASP T 94 20.55 44.31 49.79
C ASP T 94 21.66 43.53 49.09
N TYR T 95 22.84 43.44 49.72
CA TYR T 95 23.92 42.64 49.18
C TYR T 95 23.61 41.16 49.36
N VAL T 96 24.03 40.35 48.41
CA VAL T 96 23.86 38.91 48.46
C VAL T 96 25.21 38.24 48.20
N ASP T 97 25.55 37.27 49.05
CA ASP T 97 26.80 36.52 48.94
C ASP T 97 26.46 35.03 48.98
N ILE T 98 26.66 34.35 47.85
CA ILE T 98 26.33 32.94 47.77
C ILE T 98 27.43 32.12 48.42
N SER T 99 27.06 31.27 49.36
CA SER T 99 28.00 30.46 50.13
C SER T 99 28.09 29.09 49.46
N VAL T 100 29.22 28.81 48.82
CA VAL T 100 29.38 27.67 47.92
C VAL T 100 30.22 26.61 48.59
N ALA T 101 29.75 25.36 48.57
CA ALA T 101 30.51 24.23 49.09
C ALA T 101 31.42 23.66 48.00
N VAL T 102 32.64 23.29 48.39
CA VAL T 102 33.59 22.65 47.48
C VAL T 102 34.49 21.75 48.32
N ALA T 103 35.05 20.72 47.69
CA ALA T 103 35.88 19.76 48.39
C ALA T 103 37.29 20.30 48.64
N THR T 104 37.85 19.90 49.77
CA THR T 104 39.22 20.20 50.17
C THR T 104 39.80 18.92 50.74
N PRO T 105 41.13 18.78 50.76
CA PRO T 105 41.73 17.56 51.33
C PRO T 105 41.42 17.31 52.80
N ARG T 106 41.18 18.34 53.61
CA ARG T 106 40.85 18.08 55.01
C ARG T 106 39.40 17.65 55.20
N GLY T 107 38.52 18.01 54.28
CA GLY T 107 37.09 17.83 54.48
C GLY T 107 36.27 18.54 53.43
N LEU T 108 35.35 19.41 53.87
CA LEU T 108 34.54 20.22 52.97
C LEU T 108 34.59 21.66 53.46
N VAL T 109 35.42 22.48 52.83
CA VAL T 109 35.52 23.90 53.15
C VAL T 109 34.50 24.65 52.31
N VAL T 110 34.02 25.77 52.82
CA VAL T 110 32.92 26.51 52.21
C VAL T 110 33.39 27.93 51.91
N PRO T 111 33.90 28.18 50.70
CA PRO T 111 34.19 29.56 50.29
C PRO T 111 32.93 30.29 49.86
N VAL T 112 32.99 31.62 49.96
CA VAL T 112 31.84 32.49 49.68
C VAL T 112 32.18 33.41 48.53
N ILE T 113 31.28 33.48 47.55
CA ILE T 113 31.40 34.44 46.45
C ILE T 113 30.83 35.78 46.91
N ARG T 114 31.59 36.85 46.73
CA ARG T 114 31.22 38.16 47.23
C ARG T 114 30.64 39.01 46.11
N ASN T 115 29.53 39.70 46.42
CA ASN T 115 28.87 40.69 45.55
C ASN T 115 28.46 40.07 44.21
N VAL T 116 27.52 39.12 44.31
CA VAL T 116 27.16 38.29 43.18
C VAL T 116 26.01 38.87 42.34
N GLU T 117 25.34 39.92 42.82
CA GLU T 117 24.14 40.39 42.13
C GLU T 117 24.48 41.19 40.87
N GLY T 118 25.53 42.01 40.91
CA GLY T 118 25.97 42.75 39.74
C GLY T 118 27.11 42.07 39.03
N MET T 119 26.95 40.79 38.69
CA MET T 119 28.09 39.97 38.32
C MET T 119 27.64 38.92 37.32
N ASN T 120 28.30 38.87 36.16
CA ASN T 120 27.88 38.05 35.05
C ASN T 120 28.22 36.58 35.28
N TYR T 121 27.91 35.75 34.27
CA TYR T 121 28.27 34.32 34.33
C TYR T 121 29.78 34.14 34.40
N ALA T 122 30.51 34.76 33.48
CA ALA T 122 31.95 34.54 33.38
C ALA T 122 32.69 35.11 34.58
N ASP T 123 32.21 36.22 35.15
CA ASP T 123 32.82 36.76 36.34
C ASP T 123 32.59 35.86 37.56
N ILE T 124 31.39 35.27 37.66
CA ILE T 124 31.11 34.31 38.73
C ILE T 124 32.00 33.08 38.59
N GLU T 125 32.21 32.62 37.35
CA GLU T 125 33.12 31.49 37.13
C GLU T 125 34.57 31.87 37.45
N ILE T 126 34.96 33.12 37.18
CA ILE T 126 36.30 33.58 37.53
C ILE T 126 36.49 33.57 39.05
N ALA T 127 35.50 34.07 39.79
CA ALA T 127 35.57 34.08 41.25
C ALA T 127 35.57 32.66 41.82
N LEU T 128 34.73 31.78 41.27
CA LEU T 128 34.63 30.41 41.78
C LEU T 128 35.87 29.60 41.44
N ALA T 129 36.44 29.80 40.24
CA ALA T 129 37.68 29.14 39.89
C ALA T 129 38.86 29.67 40.70
N GLY T 130 38.84 30.97 41.04
CA GLY T 130 39.86 31.49 41.93
C GLY T 130 39.78 30.92 43.33
N LEU T 131 38.55 30.76 43.86
CA LEU T 131 38.38 30.16 45.17
C LEU T 131 38.75 28.68 45.17
N ALA T 132 38.43 27.97 44.09
CA ALA T 132 38.83 26.56 43.98
C ALA T 132 40.34 26.41 43.81
N ASP T 133 40.98 27.35 43.11
CA ASP T 133 42.43 27.33 42.98
C ASP T 133 43.10 27.66 44.31
N LYS T 134 42.50 28.56 45.09
CA LYS T 134 42.98 28.81 46.45
C LYS T 134 42.82 27.59 47.34
N ALA T 135 41.75 26.83 47.14
CA ALA T 135 41.58 25.57 47.87
C ALA T 135 42.48 24.47 47.34
N ARG T 136 43.04 24.63 46.13
CA ARG T 136 43.90 23.60 45.56
C ARG T 136 45.22 23.51 46.31
N ARG T 137 45.90 24.64 46.53
CA ARG T 137 47.13 24.63 47.31
C ARG T 137 46.90 24.98 48.78
N ASP T 138 45.65 24.90 49.24
CA ASP T 138 45.24 25.12 50.63
C ASP T 138 45.59 26.52 51.13
N ALA T 139 44.99 27.51 50.46
CA ALA T 139 45.16 28.91 50.83
C ALA T 139 43.85 29.57 51.25
N ILE T 140 42.89 28.78 51.72
CA ILE T 140 41.60 29.31 52.15
C ILE T 140 41.77 29.98 53.51
N THR T 141 41.35 31.25 53.59
CA THR T 141 41.55 32.05 54.78
C THR T 141 40.31 31.96 55.68
N VAL T 142 40.27 32.82 56.70
CA VAL T 142 39.17 32.82 57.66
C VAL T 142 38.11 33.87 57.28
N GLU T 143 38.53 34.96 56.63
CA GLU T 143 37.64 36.07 56.30
C GLU T 143 36.58 35.70 55.26
N ASP T 144 36.81 34.65 54.48
CA ASP T 144 35.82 34.16 53.51
C ASP T 144 35.12 32.91 54.00
N MET T 145 34.81 32.84 55.30
CA MET T 145 34.12 31.70 55.88
C MET T 145 32.76 32.07 56.46
N ASP T 146 32.35 33.33 56.39
CA ASP T 146 31.09 33.78 56.98
C ASP T 146 30.45 34.78 56.05
N GLY T 147 29.29 35.30 56.47
CA GLY T 147 28.59 36.33 55.73
C GLY T 147 27.75 35.84 54.57
N GLY T 148 27.65 34.53 54.36
CA GLY T 148 26.87 34.02 53.25
C GLY T 148 25.38 34.15 53.51
N THR T 149 24.64 34.50 52.46
CA THR T 149 23.19 34.64 52.54
C THR T 149 22.43 33.55 51.83
N PHE T 150 23.09 32.74 51.00
CA PHE T 150 22.42 31.69 50.25
C PHE T 150 23.44 30.62 49.92
N THR T 151 22.95 29.44 49.53
CA THR T 151 23.83 28.30 49.31
C THR T 151 23.29 27.43 48.17
N ILE T 152 24.17 27.10 47.23
CA ILE T 152 23.87 26.30 46.06
C ILE T 152 24.69 25.02 46.19
N SER T 153 24.68 24.44 47.39
CA SER T 153 25.41 23.23 47.77
C SER T 153 25.29 22.11 46.74
N ASN T 154 26.43 21.74 46.16
CA ASN T 154 26.48 20.85 45.01
C ASN T 154 26.25 19.41 45.45
N GLY T 155 25.15 18.83 45.01
CA GLY T 155 24.90 17.41 45.19
C GLY T 155 24.65 16.76 43.85
N GLY T 156 24.93 17.50 42.78
CA GLY T 156 24.64 17.05 41.43
C GLY T 156 25.74 16.25 40.78
N VAL T 157 27.00 16.58 41.09
CA VAL T 157 28.13 15.84 40.54
C VAL T 157 28.25 14.46 41.18
N PHE T 158 27.66 14.28 42.36
CA PHE T 158 27.81 13.05 43.12
C PHE T 158 26.69 12.04 42.88
N GLY T 159 25.55 12.49 42.36
CA GLY T 159 24.52 11.58 41.90
C GLY T 159 23.33 11.39 42.80
N SER T 160 22.81 12.48 43.38
CA SER T 160 21.59 12.40 44.17
C SER T 160 20.37 12.70 43.30
N LEU T 161 19.20 12.40 43.83
CA LEU T 161 17.96 12.70 43.13
C LEU T 161 17.06 13.64 43.94
N MET T 162 16.88 13.37 45.23
CA MET T 162 16.28 14.32 46.16
C MET T 162 17.14 14.44 47.41
N GLY T 163 16.94 15.54 48.13
CA GLY T 163 17.68 15.79 49.35
C GLY T 163 17.05 16.93 50.11
N THR T 164 17.37 17.00 51.41
CA THR T 164 16.79 17.99 52.31
C THR T 164 17.89 18.64 53.14
N PRO T 165 18.73 19.49 52.53
CA PRO T 165 19.95 19.95 53.20
C PRO T 165 19.69 20.84 54.41
N ILE T 166 20.46 20.60 55.48
CA ILE T 166 20.25 21.26 56.75
C ILE T 166 20.63 22.73 56.65
N ILE T 167 19.79 23.60 57.20
CA ILE T 167 20.06 25.03 57.20
C ILE T 167 21.26 25.32 58.10
N ASN T 168 22.27 25.98 57.54
CA ASN T 168 23.47 26.33 58.26
C ASN T 168 23.51 27.83 58.55
N PRO T 169 24.07 28.23 59.69
CA PRO T 169 24.16 29.66 60.01
C PRO T 169 25.26 30.33 59.19
N PRO T 170 25.21 31.65 59.00
CA PRO T 170 24.14 32.60 59.37
C PRO T 170 23.16 32.95 58.26
N GLN T 171 22.69 32.00 57.46
CA GLN T 171 21.71 32.28 56.42
C GLN T 171 20.38 31.61 56.77
N SER T 172 19.42 31.72 55.85
CA SER T 172 18.06 31.28 56.15
C SER T 172 17.40 30.46 55.06
N ALA T 173 18.07 30.20 53.93
CA ALA T 173 17.50 29.37 52.88
C ALA T 173 18.63 28.79 52.05
N ILE T 174 18.57 27.49 51.80
CA ILE T 174 19.62 26.74 51.10
C ILE T 174 18.99 25.90 50.01
N LEU T 175 19.40 26.13 48.77
CA LEU T 175 18.92 25.37 47.61
C LEU T 175 19.97 24.32 47.26
N GLY T 176 19.64 23.06 47.46
CA GLY T 176 20.54 21.99 47.06
C GLY T 176 20.19 21.43 45.70
N MET T 177 20.94 21.83 44.68
CA MET T 177 20.70 21.29 43.34
C MET T 177 21.18 19.85 43.26
N HIS T 178 20.58 19.08 42.35
CA HIS T 178 20.77 17.65 42.29
C HIS T 178 21.21 17.23 40.88
N GLY T 179 21.44 15.93 40.72
CA GLY T 179 21.98 15.43 39.46
C GLY T 179 20.94 15.38 38.36
N ILE T 180 21.40 15.56 37.13
CA ILE T 180 20.53 15.55 35.96
C ILE T 180 20.32 14.12 35.49
N PHE T 181 19.06 13.70 35.43
CA PHE T 181 18.67 12.36 35.02
C PHE T 181 17.79 12.45 33.79
N GLU T 182 17.25 11.31 33.36
CA GLU T 182 16.42 11.24 32.16
C GLU T 182 15.00 10.84 32.55
N ARG T 183 14.03 11.69 32.22
CA ARG T 183 12.62 11.41 32.49
C ARG T 183 11.78 11.87 31.31
N PRO T 184 10.91 10.99 30.77
CA PRO T 184 10.16 11.32 29.54
C PRO T 184 8.91 12.15 29.80
N ILE T 185 9.07 13.47 29.86
CA ILE T 185 8.01 14.33 30.39
C ILE T 185 7.02 14.72 29.29
N ALA T 186 5.74 14.73 29.66
CA ALA T 186 4.67 15.19 28.77
C ALA T 186 4.75 16.71 28.67
N VAL T 187 5.13 17.20 27.50
CA VAL T 187 5.14 18.63 27.21
C VAL T 187 4.36 18.85 25.91
N LYS T 188 3.51 19.88 25.91
CA LYS T 188 2.69 20.30 24.76
C LYS T 188 1.76 19.20 24.26
N GLY T 189 1.32 18.31 25.16
CA GLY T 189 0.36 17.29 24.82
C GLY T 189 0.92 15.98 24.31
N GLU T 190 2.24 15.85 24.20
CA GLU T 190 2.84 14.60 23.77
C GLU T 190 4.04 14.28 24.65
N VAL T 191 4.43 13.00 24.64
CA VAL T 191 5.50 12.50 25.49
C VAL T 191 6.84 12.79 24.84
N LYS T 192 7.72 13.47 25.57
CA LYS T 192 9.05 13.78 25.08
C LYS T 192 10.08 13.53 26.17
N ILE T 193 11.23 12.96 25.79
CA ILE T 193 12.29 12.66 26.74
C ILE T 193 13.13 13.92 26.92
N ARG T 194 12.94 14.61 28.04
CA ARG T 194 13.68 15.80 28.36
C ARG T 194 14.44 15.60 29.67
N PRO T 195 15.76 15.81 29.68
CA PRO T 195 16.53 15.60 30.92
C PRO T 195 16.30 16.69 31.95
N MET T 196 15.67 16.36 33.07
CA MET T 196 15.52 17.31 34.16
C MET T 196 16.41 16.93 35.35
N MET T 197 16.27 17.73 36.39
CA MET T 197 16.95 17.55 37.65
C MET T 197 16.12 18.21 38.74
N TYR T 198 15.98 17.54 39.87
CA TYR T 198 15.16 18.05 40.95
C TYR T 198 15.93 19.08 41.76
N ILE T 199 15.19 19.99 42.38
CA ILE T 199 15.80 21.00 43.25
C ILE T 199 15.15 20.91 44.62
N ALA T 200 15.84 21.47 45.62
CA ALA T 200 15.37 21.50 46.98
C ALA T 200 15.41 22.93 47.50
N LEU T 201 14.64 23.18 48.56
CA LEU T 201 14.63 24.50 49.20
C LEU T 201 14.21 24.31 50.64
N THR T 202 15.19 24.27 51.54
CA THR T 202 14.93 24.12 52.97
C THR T 202 14.97 25.49 53.62
N TYR T 203 13.80 25.98 54.03
CA TYR T 203 13.61 27.37 54.41
C TYR T 203 12.98 27.44 55.79
N ASP T 204 13.41 28.42 56.58
CA ASP T 204 12.84 28.64 57.89
C ASP T 204 11.41 29.19 57.78
N HIS T 205 10.50 28.62 58.56
CA HIS T 205 9.14 29.14 58.62
C HIS T 205 9.03 30.35 59.54
N ARG T 206 10.05 30.65 60.34
CA ARG T 206 9.98 31.82 61.21
C ARG T 206 10.05 33.13 60.42
N ILE T 207 10.67 33.12 59.24
CA ILE T 207 10.74 34.33 58.43
C ILE T 207 10.23 34.13 57.00
N ILE T 208 10.63 33.04 56.34
CA ILE T 208 10.10 32.79 54.99
C ILE T 208 8.79 32.03 55.10
N ASP T 209 7.71 32.61 54.58
CA ASP T 209 6.43 31.93 54.52
C ASP T 209 6.44 30.90 53.40
N GLY T 210 5.47 29.97 53.46
CA GLY T 210 5.36 28.94 52.44
C GLY T 210 5.03 29.48 51.07
N ARG T 211 4.19 30.52 51.00
CA ARG T 211 3.91 31.22 49.75
C ARG T 211 5.17 31.84 49.19
N GLU T 212 5.98 32.45 50.06
CA GLU T 212 7.21 33.10 49.66
C GLU T 212 8.20 32.10 49.06
N ALA T 213 8.35 30.95 49.70
CA ALA T 213 9.29 29.95 49.22
C ALA T 213 8.78 29.26 47.96
N VAL T 214 7.46 29.08 47.83
CA VAL T 214 6.91 28.46 46.62
C VAL T 214 7.07 29.38 45.41
N LEU T 215 6.76 30.67 45.57
CA LEU T 215 6.97 31.63 44.49
C LEU T 215 8.45 31.81 44.19
N PHE T 216 9.30 31.74 45.22
CA PHE T 216 10.74 31.81 45.05
C PHE T 216 11.28 30.66 44.22
N LEU T 217 10.82 29.44 44.52
CA LEU T 217 11.26 28.26 43.79
C LEU T 217 10.73 28.26 42.37
N ARG T 218 9.48 28.71 42.17
CA ARG T 218 8.94 28.83 40.82
C ARG T 218 9.69 29.87 40.00
N LYS T 219 10.12 30.96 40.64
CA LYS T 219 10.86 31.99 39.93
C LYS T 219 12.25 31.50 39.55
N ILE T 220 12.90 30.72 40.42
CA ILE T 220 14.20 30.15 40.05
C ILE T 220 14.03 29.10 38.96
N LYS T 221 12.94 28.33 38.99
CA LYS T 221 12.66 27.36 37.93
C LYS T 221 12.46 28.04 36.59
N ALA T 222 11.72 29.15 36.57
CA ALA T 222 11.54 29.91 35.34
C ALA T 222 12.83 30.58 34.89
N ALA T 223 13.68 30.99 35.83
CA ALA T 223 14.93 31.65 35.46
C ALA T 223 15.97 30.67 34.91
N VAL T 224 15.95 29.41 35.37
CA VAL T 224 16.92 28.43 34.87
C VAL T 224 16.42 27.76 33.60
N GLU T 225 15.10 27.51 33.49
CA GLU T 225 14.54 27.00 32.25
C GLU T 225 14.65 28.03 31.12
N ASN T 226 14.49 29.30 31.42
CA ASN T 226 14.61 30.37 30.45
C ASN T 226 15.45 31.50 31.05
N PRO T 227 16.71 31.66 30.65
CA PRO T 227 17.55 32.73 31.20
C PRO T 227 17.34 34.10 30.57
N ALA T 228 16.27 34.31 29.81
CA ALA T 228 15.90 35.66 29.38
C ALA T 228 15.04 36.39 30.41
N ILE T 229 14.52 35.66 31.39
CA ILE T 229 13.70 36.25 32.45
C ILE T 229 14.53 37.17 33.34
N ILE T 230 15.82 36.85 33.50
CA ILE T 230 16.67 37.58 34.43
C ILE T 230 17.01 38.97 33.89
N VAL T 231 17.01 39.16 32.56
CA VAL T 231 17.12 40.49 31.98
C VAL T 231 15.74 41.05 31.69
N ALA T 232 14.71 40.20 31.62
CA ALA T 232 13.34 40.67 31.41
C ALA T 232 12.77 41.39 32.63
N GLY T 233 13.16 40.99 33.83
CA GLY T 233 12.64 41.62 35.03
C GLY T 233 11.28 41.10 35.47
N LEU T 234 11.20 39.83 35.84
CA LEU T 234 9.97 39.26 36.39
C LEU T 234 10.15 38.77 37.82
N GLY U 1 26.28 45.90 45.53
CA GLY U 1 27.60 45.79 46.14
C GLY U 1 27.81 46.80 47.25
N THR U 2 26.79 47.00 48.07
CA THR U 2 26.83 47.94 49.17
C THR U 2 26.74 47.21 50.51
N ARG U 3 27.50 47.68 51.48
CA ARG U 3 27.49 47.11 52.83
C ARG U 3 26.47 47.81 53.72
N SER U 4 25.22 47.89 53.25
CA SER U 4 24.18 48.64 53.94
C SER U 4 23.18 47.67 54.57
N GLU U 5 22.93 47.85 55.86
CA GLU U 5 21.97 47.06 56.61
C GLU U 5 21.12 47.98 57.46
N GLN U 6 19.92 47.53 57.83
CA GLN U 6 19.03 48.30 58.66
C GLN U 6 18.52 47.45 59.82
N ARG U 7 17.78 48.11 60.71
CA ARG U 7 17.42 47.56 62.01
C ARG U 7 15.91 47.46 62.17
N VAL U 8 15.23 46.89 61.16
CA VAL U 8 13.77 46.85 61.17
C VAL U 8 13.26 45.90 62.25
N LYS U 9 12.29 46.36 63.02
CA LYS U 9 11.71 45.62 64.12
C LYS U 9 10.34 45.07 63.71
N MET U 10 10.12 43.79 63.98
CA MET U 10 8.88 43.14 63.61
C MET U 10 7.83 43.33 64.71
N ASN U 11 6.65 42.76 64.50
CA ASN U 11 5.55 42.87 65.44
C ASN U 11 5.55 41.69 66.41
N ARG U 12 4.62 41.74 67.38
CA ARG U 12 4.53 40.70 68.39
C ARG U 12 4.02 39.39 67.79
N MET U 13 3.12 39.47 66.81
CA MET U 13 2.48 38.28 66.26
C MET U 13 3.46 37.40 65.48
N ARG U 14 4.48 38.00 64.87
CA ARG U 14 5.49 37.20 64.17
C ARG U 14 6.27 36.33 65.16
N LEU U 15 6.64 36.89 66.32
CA LEU U 15 7.20 36.08 67.40
C LEU U 15 6.19 35.08 67.95
N LYS U 16 4.89 35.42 67.92
CA LYS U 16 3.88 34.48 68.43
C LYS U 16 3.79 33.22 67.57
N ILE U 17 3.63 33.38 66.26
CA ILE U 17 3.64 32.22 65.35
C ILE U 17 5.01 31.54 65.32
N ALA U 18 6.11 32.29 65.45
CA ALA U 18 7.44 31.68 65.46
C ALA U 18 7.65 30.78 66.68
N ALA U 19 7.33 31.27 67.88
CA ALA U 19 7.43 30.46 69.08
C ALA U 19 6.41 29.34 69.09
N ARG U 20 5.24 29.54 68.48
CA ARG U 20 4.23 28.50 68.38
C ARG U 20 4.71 27.33 67.53
N LEU U 21 5.31 27.63 66.37
CA LEU U 21 5.81 26.54 65.53
C LEU U 21 7.08 25.93 66.12
N LYS U 22 7.86 26.70 66.88
CA LYS U 22 9.02 26.14 67.56
C LYS U 22 8.61 25.16 68.64
N ASP U 23 7.61 25.51 69.45
CA ASP U 23 7.10 24.58 70.46
C ASP U 23 6.38 23.40 69.82
N ALA U 24 5.76 23.61 68.66
CA ALA U 24 5.11 22.52 67.94
C ALA U 24 6.12 21.51 67.40
N GLN U 25 7.26 22.01 66.88
CA GLN U 25 8.30 21.10 66.41
C GLN U 25 9.02 20.44 67.58
N ASN U 26 9.17 21.15 68.70
CA ASN U 26 9.82 20.57 69.87
C ASN U 26 8.92 19.62 70.64
N THR U 27 7.61 19.66 70.39
CA THR U 27 6.68 18.73 71.03
C THR U 27 6.33 17.55 70.14
N CYS U 28 5.83 17.82 68.94
CA CYS U 28 5.49 16.75 68.01
C CYS U 28 6.74 16.23 67.31
N ALA U 29 6.62 15.04 66.72
CA ALA U 29 7.72 14.44 65.96
C ALA U 29 7.46 14.66 64.47
N MET U 30 8.44 15.25 63.79
CA MET U 30 8.29 15.56 62.37
C MET U 30 8.54 14.29 61.56
N LEU U 31 7.57 13.92 60.74
CA LEU U 31 7.59 12.64 60.03
C LEU U 31 6.60 12.68 58.90
N THR U 32 7.06 12.49 57.67
CA THR U 32 6.21 12.67 56.51
C THR U 32 6.17 11.44 55.61
N THR U 33 5.16 11.41 54.75
CA THR U 33 5.06 10.47 53.65
C THR U 33 4.25 11.11 52.54
N PHE U 34 4.47 10.66 51.31
CA PHE U 34 3.84 11.25 50.15
C PHE U 34 3.17 10.18 49.30
N ASN U 35 2.32 10.64 48.39
CA ASN U 35 1.65 9.79 47.43
C ASN U 35 1.20 10.65 46.27
N GLU U 36 0.72 9.99 45.22
CA GLU U 36 0.23 10.67 44.03
C GLU U 36 -1.22 10.27 43.76
N VAL U 37 -2.05 11.26 43.40
CA VAL U 37 -3.49 11.08 43.25
C VAL U 37 -3.89 11.51 41.84
N ASP U 38 -4.57 10.63 41.12
CA ASP U 38 -5.12 11.00 39.83
C ASP U 38 -6.28 11.97 40.01
N MET U 39 -6.35 12.97 39.14
CA MET U 39 -7.36 14.02 39.25
C MET U 39 -8.21 14.14 37.99
N SER U 40 -8.03 13.23 37.02
CA SER U 40 -8.75 13.33 35.75
C SER U 40 -10.24 13.11 35.93
N TYR U 41 -10.63 12.21 36.84
CA TYR U 41 -12.05 12.04 37.15
C TYR U 41 -12.59 13.27 37.85
N ALA U 42 -11.78 13.92 38.69
CA ALA U 42 -12.18 15.18 39.31
C ALA U 42 -12.31 16.29 38.27
N MET U 43 -11.43 16.30 37.26
CA MET U 43 -11.55 17.24 36.15
C MET U 43 -12.85 17.06 35.39
N ASP U 44 -13.18 15.81 35.05
CA ASP U 44 -14.41 15.52 34.33
C ASP U 44 -15.64 15.84 35.16
N PHE U 45 -15.60 15.52 36.46
CA PHE U 45 -16.75 15.75 37.34
C PHE U 45 -17.01 17.24 37.54
N ARG U 46 -15.95 18.03 37.74
CA ARG U 46 -16.12 19.47 37.87
C ARG U 46 -16.56 20.09 36.55
N LYS U 47 -16.02 19.60 35.43
CA LYS U 47 -16.38 20.14 34.12
C LYS U 47 -17.82 19.81 33.74
N GLN U 48 -18.36 18.71 34.27
CA GLN U 48 -19.76 18.37 33.99
C GLN U 48 -20.74 18.93 35.02
N ASN U 49 -20.29 19.29 36.23
CA ASN U 49 -21.21 19.78 37.24
C ASN U 49 -20.98 21.23 37.64
N LEU U 50 -20.16 21.97 36.87
CA LEU U 50 -19.97 23.41 37.12
C LEU U 50 -21.27 24.18 37.05
N ASP U 51 -21.98 24.07 35.92
CA ASP U 51 -23.24 24.78 35.76
C ASP U 51 -24.34 24.21 36.65
N ALA U 52 -24.26 22.92 36.98
CA ALA U 52 -25.24 22.31 37.88
C ALA U 52 -25.15 22.88 39.28
N PHE U 53 -23.93 22.93 39.86
CA PHE U 53 -23.76 23.53 41.17
C PHE U 53 -24.00 25.03 41.14
N THR U 54 -23.65 25.71 40.04
CA THR U 54 -23.89 27.14 39.93
C THR U 54 -25.38 27.46 39.91
N LYS U 55 -26.17 26.68 39.17
CA LYS U 55 -27.60 26.94 39.10
C LYS U 55 -28.35 26.40 40.30
N LYS U 56 -27.77 25.45 41.05
CA LYS U 56 -28.51 24.91 42.19
C LYS U 56 -28.20 25.66 43.48
N TYR U 57 -26.92 25.92 43.77
CA TYR U 57 -26.55 26.51 45.04
C TYR U 57 -26.08 27.96 44.95
N GLY U 58 -25.70 28.43 43.76
CA GLY U 58 -25.45 29.83 43.53
C GLY U 58 -24.01 30.26 43.69
N ILE U 59 -23.16 29.40 44.26
CA ILE U 59 -21.78 29.75 44.54
C ILE U 59 -20.85 28.92 43.66
N LYS U 60 -19.60 29.36 43.58
CA LYS U 60 -18.60 28.70 42.76
C LYS U 60 -17.76 27.77 43.62
N PHE U 61 -17.42 26.60 43.06
CA PHE U 61 -16.74 25.55 43.79
C PHE U 61 -15.46 25.18 43.06
N GLY U 62 -14.43 24.80 43.81
CA GLY U 62 -13.26 24.24 43.15
C GLY U 62 -12.24 23.56 44.04
N PHE U 63 -11.88 22.33 43.69
CA PHE U 63 -10.61 21.67 44.01
C PHE U 63 -10.34 21.42 45.50
N MET U 64 -11.28 21.78 46.38
CA MET U 64 -10.96 21.70 47.81
C MET U 64 -11.94 20.81 48.55
N SER U 65 -13.22 20.83 48.18
CA SER U 65 -14.22 20.08 48.90
C SER U 65 -14.08 18.58 48.67
N ILE U 66 -13.54 18.18 47.50
CA ILE U 66 -13.25 16.79 47.22
C ILE U 66 -12.23 16.24 48.20
N PHE U 67 -11.16 17.02 48.43
CA PHE U 67 -10.14 16.63 49.39
C PHE U 67 -10.63 16.73 50.82
N ALA U 68 -11.53 17.68 51.11
CA ALA U 68 -12.03 17.90 52.45
C ALA U 68 -12.95 16.77 52.89
N LYS U 69 -13.90 16.40 52.04
CA LYS U 69 -14.87 15.36 52.38
C LYS U 69 -14.19 13.98 52.43
N ALA U 70 -13.21 13.74 51.57
CA ALA U 70 -12.43 12.51 51.63
C ALA U 70 -11.63 12.42 52.92
N SER U 71 -11.05 13.54 53.35
CA SER U 71 -10.32 13.56 54.62
C SER U 71 -11.26 13.37 55.80
N ALA U 72 -12.47 13.94 55.73
CA ALA U 72 -13.46 13.74 56.78
C ALA U 72 -13.86 12.27 56.88
N TYR U 73 -14.05 11.61 55.74
CA TYR U 73 -14.35 10.17 55.73
C TYR U 73 -13.21 9.35 56.33
N ALA U 74 -11.97 9.67 55.92
CA ALA U 74 -10.82 8.91 56.42
C ALA U 74 -10.55 9.15 57.90
N LEU U 75 -10.94 10.31 58.43
CA LEU U 75 -10.89 10.51 59.88
C LEU U 75 -12.04 9.82 60.60
N GLN U 76 -13.21 9.68 59.97
CA GLN U 76 -14.29 8.93 60.61
C GLN U 76 -14.02 7.44 60.66
N ASP U 77 -13.38 6.87 59.64
CA ASP U 77 -13.13 5.43 59.66
C ASP U 77 -11.73 5.06 60.16
N GLN U 78 -10.96 6.03 60.67
CA GLN U 78 -9.66 5.78 61.30
C GLN U 78 -9.46 6.82 62.38
N PRO U 79 -10.04 6.62 63.56
CA PRO U 79 -10.18 7.71 64.53
C PRO U 79 -8.96 7.98 65.39
N VAL U 80 -7.81 7.38 65.11
CA VAL U 80 -6.59 7.70 65.85
C VAL U 80 -5.78 8.80 65.15
N VAL U 81 -6.10 9.10 63.90
CA VAL U 81 -5.41 10.17 63.18
C VAL U 81 -5.78 11.54 63.76
N ASN U 82 -7.03 11.70 64.18
CA ASN U 82 -7.46 12.97 64.77
C ASN U 82 -7.06 13.13 66.24
N ALA U 83 -6.68 12.05 66.91
CA ALA U 83 -6.40 12.10 68.33
C ALA U 83 -5.03 12.69 68.61
N VAL U 84 -4.93 13.43 69.73
CA VAL U 84 -3.70 14.11 70.10
C VAL U 84 -3.28 13.70 71.50
N ILE U 85 -2.19 14.29 71.99
CA ILE U 85 -1.70 14.04 73.34
C ILE U 85 -1.69 15.37 74.08
N ASP U 86 -2.40 15.43 75.21
CA ASP U 86 -2.36 16.56 76.12
C ASP U 86 -1.79 16.07 77.45
N GLY U 87 -0.46 16.06 77.55
CA GLY U 87 0.20 15.55 78.72
C GLY U 87 0.37 14.05 78.70
N THR U 88 -0.45 13.33 79.46
CA THR U 88 -0.43 11.88 79.51
C THR U 88 -1.80 11.32 79.18
N ASP U 89 -2.48 11.93 78.21
CA ASP U 89 -3.83 11.52 77.84
C ASP U 89 -3.96 11.56 76.32
N ILE U 90 -4.69 10.59 75.78
CA ILE U 90 -5.00 10.54 74.34
C ILE U 90 -6.49 10.82 74.19
N VAL U 91 -6.83 11.81 73.38
CA VAL U 91 -8.21 12.27 73.25
C VAL U 91 -8.73 11.80 71.89
N TYR U 92 -9.36 10.62 71.88
CA TYR U 92 -10.12 10.20 70.72
C TYR U 92 -11.35 11.09 70.57
N ARG U 93 -11.60 11.57 69.36
CA ARG U 93 -12.73 12.44 69.07
C ARG U 93 -13.54 11.87 67.91
N ASP U 94 -14.86 11.92 68.05
CA ASP U 94 -15.76 11.52 66.97
C ASP U 94 -16.04 12.66 66.02
N TYR U 95 -16.16 13.88 66.55
CA TYR U 95 -16.34 15.06 65.70
C TYR U 95 -15.01 15.39 65.01
N VAL U 96 -15.10 15.89 63.79
CA VAL U 96 -13.94 16.31 63.03
C VAL U 96 -14.17 17.72 62.50
N ASP U 97 -13.17 18.59 62.68
CA ASP U 97 -13.23 19.97 62.23
C ASP U 97 -11.97 20.25 61.43
N ILE U 98 -12.13 20.46 60.13
CA ILE U 98 -10.99 20.70 59.25
C ILE U 98 -10.55 22.15 59.39
N SER U 99 -9.27 22.35 59.68
CA SER U 99 -8.70 23.67 59.91
C SER U 99 -8.08 24.14 58.60
N VAL U 100 -8.69 25.13 57.97
CA VAL U 100 -8.39 25.52 56.60
C VAL U 100 -7.62 26.84 56.60
N ALA U 101 -6.51 26.89 55.87
CA ALA U 101 -5.77 28.12 55.71
C ALA U 101 -6.29 28.94 54.53
N VAL U 102 -6.36 30.26 54.71
CA VAL U 102 -6.78 31.17 53.65
C VAL U 102 -6.09 32.51 53.88
N ALA U 103 -5.90 33.28 52.81
CA ALA U 103 -5.19 34.53 52.91
C ALA U 103 -6.08 35.64 53.47
N THR U 104 -5.46 36.54 54.23
CA THR U 104 -6.06 37.73 54.79
C THR U 104 -5.08 38.87 54.57
N PRO U 105 -5.56 40.13 54.59
CA PRO U 105 -4.63 41.26 54.41
C PRO U 105 -3.54 41.37 55.47
N ARG U 106 -3.78 40.93 56.70
CA ARG U 106 -2.72 41.03 57.71
C ARG U 106 -1.67 39.94 57.55
N GLY U 107 -2.02 38.81 56.94
CA GLY U 107 -1.15 37.64 56.95
C GLY U 107 -1.86 36.41 56.42
N LEU U 108 -1.86 35.35 57.23
CA LEU U 108 -2.56 34.11 56.89
C LEU U 108 -3.39 33.69 58.10
N VAL U 109 -4.70 33.99 58.07
CA VAL U 109 -5.61 33.59 59.14
C VAL U 109 -6.15 32.21 58.80
N VAL U 110 -6.50 31.44 59.84
CA VAL U 110 -6.87 30.05 59.69
C VAL U 110 -8.27 29.85 60.24
N PRO U 111 -9.31 29.96 59.42
CA PRO U 111 -10.66 29.60 59.86
C PRO U 111 -10.88 28.09 59.83
N VAL U 112 -11.82 27.65 60.67
CA VAL U 112 -12.09 26.23 60.86
C VAL U 112 -13.52 25.93 60.43
N ILE U 113 -13.69 24.89 59.62
CA ILE U 113 -15.01 24.40 59.24
C ILE U 113 -15.51 23.45 60.33
N ARG U 114 -16.72 23.70 60.82
CA ARG U 114 -17.27 22.95 61.95
C ARG U 114 -18.21 21.86 61.46
N ASN U 115 -18.07 20.66 62.04
CA ASN U 115 -18.95 19.50 61.85
C ASN U 115 -19.01 19.09 60.37
N VAL U 116 -17.86 18.64 59.88
CA VAL U 116 -17.67 18.41 58.45
C VAL U 116 -18.03 16.99 58.03
N GLU U 117 -18.26 16.07 58.98
CA GLU U 117 -18.43 14.67 58.61
C GLU U 117 -19.81 14.40 58.02
N GLY U 118 -20.86 15.03 58.56
CA GLY U 118 -22.20 14.89 58.02
C GLY U 118 -22.57 16.03 57.12
N MET U 119 -21.74 16.31 56.11
CA MET U 119 -21.83 17.58 55.41
C MET U 119 -21.37 17.37 53.97
N ASN U 120 -22.23 17.74 53.02
CA ASN U 120 -22.02 17.45 51.61
C ASN U 120 -20.97 18.38 51.00
N TYR U 121 -20.74 18.23 49.70
CA TYR U 121 -19.83 19.11 48.97
C TYR U 121 -20.32 20.55 49.00
N ALA U 122 -21.58 20.77 48.62
CA ALA U 122 -22.08 22.13 48.48
C ALA U 122 -22.22 22.83 49.82
N ASP U 123 -22.53 22.08 50.89
CA ASP U 123 -22.58 22.66 52.21
C ASP U 123 -21.18 23.05 52.71
N ILE U 124 -20.17 22.23 52.41
CA ILE U 124 -18.78 22.57 52.75
C ILE U 124 -18.36 23.83 51.99
N GLU U 125 -18.75 23.94 50.72
CA GLU U 125 -18.44 25.15 49.95
C GLU U 125 -19.18 26.36 50.49
N ILE U 126 -20.41 26.18 50.98
CA ILE U 126 -21.15 27.27 51.60
C ILE U 126 -20.44 27.76 52.86
N ALA U 127 -19.99 26.83 53.71
CA ALA U 127 -19.27 27.20 54.93
C ALA U 127 -17.93 27.86 54.62
N LEU U 128 -17.20 27.34 53.62
CA LEU U 128 -15.90 27.88 53.28
C LEU U 128 -16.02 29.26 52.61
N ALA U 129 -17.03 29.43 51.75
CA ALA U 129 -17.27 30.73 51.16
C ALA U 129 -17.76 31.74 52.19
N GLY U 130 -18.52 31.29 53.19
CA GLY U 130 -18.90 32.20 54.27
C GLY U 130 -17.72 32.63 55.11
N LEU U 131 -16.79 31.71 55.39
CA LEU U 131 -15.60 32.06 56.14
C LEU U 131 -14.68 32.97 55.34
N ALA U 132 -14.57 32.73 54.03
CA ALA U 132 -13.77 33.61 53.17
C ALA U 132 -14.42 34.99 53.02
N ASP U 133 -15.75 35.05 53.00
CA ASP U 133 -16.43 36.34 52.94
C ASP U 133 -16.27 37.09 54.27
N LYS U 134 -16.27 36.36 55.38
CA LYS U 134 -15.97 36.98 56.67
C LYS U 134 -14.54 37.49 56.72
N ALA U 135 -13.61 36.78 56.09
CA ALA U 135 -12.24 37.27 55.99
C ALA U 135 -12.10 38.41 54.97
N ARG U 136 -13.09 38.59 54.09
CA ARG U 136 -13.00 39.65 53.09
C ARG U 136 -13.12 41.03 53.72
N ARG U 137 -14.13 41.24 54.57
CA ARG U 137 -14.28 42.51 55.27
C ARG U 137 -13.67 42.47 56.67
N ASP U 138 -12.82 41.48 56.95
CA ASP U 138 -12.08 41.31 58.20
C ASP U 138 -13.00 41.19 59.41
N ALA U 139 -13.82 40.12 59.38
CA ALA U 139 -14.73 39.80 60.47
C ALA U 139 -14.42 38.46 61.12
N ILE U 140 -13.16 38.01 61.03
CA ILE U 140 -12.78 36.73 61.62
C ILE U 140 -12.64 36.90 63.12
N THR U 141 -13.34 36.05 63.87
CA THR U 141 -13.40 36.16 65.33
C THR U 141 -12.32 35.28 65.96
N VAL U 142 -12.41 35.12 67.28
CA VAL U 142 -11.42 34.32 68.02
C VAL U 142 -11.93 32.89 68.25
N GLU U 143 -13.25 32.71 68.34
CA GLU U 143 -13.85 31.40 68.63
C GLU U 143 -13.64 30.39 67.50
N ASP U 144 -13.38 30.83 66.28
CA ASP U 144 -13.10 29.94 65.16
C ASP U 144 -11.60 29.89 64.83
N MET U 145 -10.75 29.93 65.85
CA MET U 145 -9.31 29.86 65.67
C MET U 145 -8.68 28.62 66.29
N ASP U 146 -9.46 27.75 66.92
CA ASP U 146 -8.93 26.57 67.59
C ASP U 146 -9.87 25.40 67.34
N GLY U 147 -9.52 24.26 67.92
CA GLY U 147 -10.35 23.08 67.85
C GLY U 147 -10.22 22.26 66.58
N GLY U 148 -9.33 22.64 65.67
CA GLY U 148 -9.20 21.91 64.42
C GLY U 148 -8.50 20.57 64.64
N THR U 149 -8.97 19.56 63.92
CA THR U 149 -8.40 18.22 64.01
C THR U 149 -7.62 17.82 62.77
N PHE U 150 -7.75 18.55 61.66
CA PHE U 150 -7.07 18.20 60.42
C PHE U 150 -6.91 19.47 59.60
N THR U 151 -6.03 19.41 58.60
CA THR U 151 -5.69 20.59 57.82
C THR U 151 -5.42 20.21 56.38
N ILE U 152 -6.04 20.94 55.45
CA ILE U 152 -5.92 20.72 54.01
C ILE U 152 -5.28 21.99 53.45
N SER U 153 -4.22 22.46 54.13
CA SER U 153 -3.47 23.67 53.80
C SER U 153 -3.12 23.78 52.32
N ASN U 154 -3.65 24.83 51.69
CA ASN U 154 -3.62 24.98 50.24
C ASN U 154 -2.22 25.42 49.81
N GLY U 155 -1.54 24.57 49.05
CA GLY U 155 -0.31 24.93 48.40
C GLY U 155 -0.42 24.69 46.92
N GLY U 156 -1.64 24.44 46.45
CA GLY U 156 -1.88 24.06 45.07
C GLY U 156 -2.11 25.23 44.14
N VAL U 157 -2.74 26.29 44.64
CA VAL U 157 -2.99 27.48 43.83
C VAL U 157 -1.69 28.25 43.61
N PHE U 158 -0.68 28.04 44.45
CA PHE U 158 0.55 28.82 44.39
C PHE U 158 1.65 28.16 43.59
N GLY U 159 1.55 26.84 43.35
CA GLY U 159 2.43 26.19 42.41
C GLY U 159 3.57 25.38 42.99
N SER U 160 3.30 24.61 44.05
CA SER U 160 4.30 23.71 44.60
C SER U 160 4.15 22.32 43.99
N LEU U 161 5.17 21.49 44.21
CA LEU U 161 5.13 20.11 43.74
C LEU U 161 5.26 19.12 44.89
N MET U 162 6.20 19.34 45.81
CA MET U 162 6.25 18.61 47.07
C MET U 162 6.44 19.59 48.21
N GLY U 163 6.09 19.14 49.41
CA GLY U 163 6.22 19.96 50.60
C GLY U 163 6.05 19.11 51.83
N THR U 164 6.51 19.64 52.96
CA THR U 164 6.52 18.91 54.24
C THR U 164 5.99 19.83 55.33
N PRO U 165 4.68 20.11 55.35
CA PRO U 165 4.15 21.19 56.22
C PRO U 165 4.23 20.86 57.70
N ILE U 166 4.63 21.86 58.49
CA ILE U 166 4.90 21.67 59.91
C ILE U 166 3.61 21.43 60.66
N ILE U 167 3.61 20.44 61.55
CA ILE U 167 2.44 20.12 62.37
C ILE U 167 2.17 21.27 63.34
N ASN U 168 0.95 21.80 63.29
CA ASN U 168 0.55 22.91 64.15
C ASN U 168 -0.42 22.42 65.22
N PRO U 169 -0.37 22.99 66.42
CA PRO U 169 -1.30 22.59 67.48
C PRO U 169 -2.69 23.15 67.22
N PRO U 170 -3.75 22.54 67.79
CA PRO U 170 -3.77 21.29 68.59
C PRO U 170 -4.18 20.05 67.80
N GLN U 171 -3.69 19.82 66.59
CA GLN U 171 -4.01 18.62 65.84
C GLN U 171 -2.75 17.77 65.69
N SER U 172 -2.88 16.67 64.94
CA SER U 172 -1.81 15.69 64.87
C SER U 172 -1.48 15.18 63.48
N ALA U 173 -2.17 15.64 62.43
CA ALA U 173 -1.85 15.24 61.07
C ALA U 173 -2.36 16.31 60.12
N ILE U 174 -1.50 16.71 59.17
CA ILE U 174 -1.78 17.80 58.25
C ILE U 174 -1.45 17.33 56.84
N LEU U 175 -2.44 17.36 55.95
CA LEU U 175 -2.27 16.98 54.55
C LEU U 175 -2.15 18.26 53.72
N GLY U 176 -0.97 18.50 53.17
CA GLY U 176 -0.79 19.63 52.30
C GLY U 176 -0.93 19.26 50.84
N MET U 177 -2.08 19.55 50.24
CA MET U 177 -2.27 19.28 48.82
C MET U 177 -1.47 20.25 47.98
N HIS U 178 -1.11 19.82 46.77
CA HIS U 178 -0.17 20.54 45.92
C HIS U 178 -0.78 20.79 44.55
N GLY U 179 -0.03 21.48 43.70
CA GLY U 179 -0.55 21.89 42.41
C GLY U 179 -0.62 20.75 41.42
N ILE U 180 -1.59 20.84 40.51
CA ILE U 180 -1.80 19.82 39.51
C ILE U 180 -0.90 20.09 38.30
N PHE U 181 -0.08 19.11 37.95
CA PHE U 181 0.87 19.21 36.85
C PHE U 181 0.54 18.12 35.83
N GLU U 182 1.39 17.98 34.82
CA GLU U 182 1.19 17.02 33.75
C GLU U 182 2.31 15.99 33.77
N ARG U 183 1.94 14.71 33.92
CA ARG U 183 2.91 13.62 33.93
C ARG U 183 2.33 12.44 33.15
N PRO U 184 3.07 11.89 32.18
CA PRO U 184 2.53 10.83 31.31
C PRO U 184 2.60 9.45 31.92
N ILE U 185 1.60 9.07 32.71
CA ILE U 185 1.70 7.91 33.58
C ILE U 185 1.29 6.64 32.84
N ALA U 186 2.03 5.56 33.09
CA ALA U 186 1.70 4.25 32.56
C ALA U 186 0.50 3.69 33.32
N VAL U 187 -0.64 3.60 32.63
CA VAL U 187 -1.84 3.00 33.18
C VAL U 187 -2.34 1.94 32.19
N LYS U 188 -2.72 0.77 32.72
CA LYS U 188 -3.26 -0.36 31.96
C LYS U 188 -2.29 -0.88 30.91
N GLY U 189 -0.99 -0.73 31.14
CA GLY U 189 0.00 -1.28 30.24
C GLY U 189 0.45 -0.37 29.11
N GLU U 190 -0.08 0.85 29.01
CA GLU U 190 0.34 1.79 27.99
C GLU U 190 0.52 3.17 28.60
N VAL U 191 1.27 4.01 27.89
CA VAL U 191 1.60 5.34 28.38
C VAL U 191 0.47 6.30 28.06
N LYS U 192 -0.04 6.99 29.09
CA LYS U 192 -1.10 7.96 28.92
C LYS U 192 -0.80 9.20 29.74
N ILE U 193 -1.09 10.37 29.16
CA ILE U 193 -0.84 11.64 29.84
C ILE U 193 -2.05 11.94 30.72
N ARG U 194 -1.87 11.74 32.03
CA ARG U 194 -2.92 12.00 33.00
C ARG U 194 -2.43 13.04 34.00
N PRO U 195 -3.16 14.14 34.19
CA PRO U 195 -2.70 15.16 35.14
C PRO U 195 -2.86 14.75 36.60
N MET U 196 -1.76 14.54 37.31
CA MET U 196 -1.83 14.27 38.74
C MET U 196 -1.33 15.45 39.54
N MET U 197 -1.32 15.23 40.86
CA MET U 197 -0.82 16.19 41.84
C MET U 197 -0.39 15.40 43.07
N TYR U 198 0.76 15.78 43.62
CA TYR U 198 1.31 15.07 44.77
C TYR U 198 0.63 15.52 46.05
N ILE U 199 0.61 14.64 47.04
CA ILE U 199 0.05 14.97 48.35
C ILE U 199 1.11 14.71 49.40
N ALA U 200 0.91 15.32 50.57
CA ALA U 200 1.81 15.17 51.69
C ALA U 200 1.01 14.76 52.92
N LEU U 201 1.71 14.19 53.91
CA LEU U 201 1.08 13.80 55.16
C LEU U 201 2.15 13.80 56.25
N THR U 202 2.21 14.88 57.01
CA THR U 202 3.18 15.00 58.10
C THR U 202 2.49 14.63 59.40
N TYR U 203 2.85 13.48 59.96
CA TYR U 203 2.12 12.85 61.03
C TYR U 203 3.05 12.53 62.19
N ASP U 204 2.55 12.72 63.41
CA ASP U 204 3.33 12.38 64.60
C ASP U 204 3.49 10.88 64.73
N HIS U 205 4.71 10.43 65.03
CA HIS U 205 4.96 9.03 65.31
C HIS U 205 4.60 8.64 66.73
N ARG U 206 4.34 9.61 67.61
CA ARG U 206 3.97 9.28 68.97
C ARG U 206 2.58 8.66 69.05
N ILE U 207 1.69 8.98 68.10
CA ILE U 207 0.36 8.39 68.11
C ILE U 207 -0.03 7.73 66.78
N ILE U 208 0.26 8.35 65.65
CA ILE U 208 -0.02 7.71 64.36
C ILE U 208 1.17 6.85 63.97
N ASP U 209 0.94 5.56 63.80
CA ASP U 209 1.98 4.66 63.31
C ASP U 209 2.16 4.84 61.81
N GLY U 210 3.29 4.33 61.30
CA GLY U 210 3.56 4.43 59.87
C GLY U 210 2.60 3.64 59.02
N ARG U 211 2.18 2.46 59.50
CA ARG U 211 1.14 1.68 58.84
C ARG U 211 -0.17 2.45 58.78
N GLU U 212 -0.52 3.12 59.88
CA GLU U 212 -1.74 3.89 59.97
C GLU U 212 -1.76 5.03 58.97
N ALA U 213 -0.64 5.76 58.87
CA ALA U 213 -0.56 6.89 57.95
C ALA U 213 -0.50 6.43 56.49
N VAL U 214 0.15 5.29 56.23
CA VAL U 214 0.23 4.79 54.86
C VAL U 214 -1.15 4.33 54.37
N LEU U 215 -1.88 3.58 55.20
CA LEU U 215 -3.23 3.17 54.85
C LEU U 215 -4.18 4.36 54.77
N PHE U 216 -3.96 5.36 55.62
CA PHE U 216 -4.74 6.59 55.61
C PHE U 216 -4.55 7.35 54.30
N LEU U 217 -3.30 7.48 53.85
CA LEU U 217 -3.01 8.18 52.60
C LEU U 217 -3.51 7.40 51.39
N ARG U 218 -3.40 6.07 51.43
CA ARG U 218 -3.94 5.26 50.35
C ARG U 218 -5.46 5.36 50.28
N LYS U 219 -6.12 5.44 51.44
CA LYS U 219 -7.57 5.57 51.46
C LYS U 219 -8.02 6.92 50.93
N ILE U 220 -7.29 7.99 51.26
CA ILE U 220 -7.62 9.30 50.70
C ILE U 220 -7.35 9.33 49.20
N LYS U 221 -6.28 8.66 48.75
CA LYS U 221 -5.99 8.58 47.32
C LYS U 221 -7.10 7.84 46.56
N ALA U 222 -7.60 6.75 47.13
CA ALA U 222 -8.72 6.03 46.52
C ALA U 222 -10.02 6.84 46.59
N ALA U 223 -10.20 7.64 47.64
CA ALA U 223 -11.42 8.42 47.76
C ALA U 223 -11.44 9.63 46.81
N VAL U 224 -10.28 10.19 46.50
CA VAL U 224 -10.25 11.33 45.59
C VAL U 224 -10.19 10.87 44.13
N GLU U 225 -9.47 9.78 43.83
CA GLU U 225 -9.51 9.21 42.49
C GLU U 225 -10.89 8.68 42.13
N ASN U 226 -11.59 8.10 43.09
CA ASN U 226 -12.95 7.59 42.88
C ASN U 226 -13.82 8.03 44.05
N PRO U 227 -14.70 9.01 43.86
CA PRO U 227 -15.57 9.46 44.96
C PRO U 227 -16.82 8.61 45.18
N ALA U 228 -16.89 7.41 44.62
CA ALA U 228 -17.94 6.47 45.00
C ALA U 228 -17.56 5.62 46.21
N ILE U 229 -16.29 5.64 46.60
CA ILE U 229 -15.82 4.89 47.76
C ILE U 229 -16.40 5.48 49.05
N ILE U 230 -16.65 6.78 49.07
CA ILE U 230 -17.08 7.45 50.29
C ILE U 230 -18.53 7.10 50.63
N VAL U 231 -19.34 6.75 49.63
CA VAL U 231 -20.67 6.22 49.90
C VAL U 231 -20.64 4.70 49.90
N ALA U 232 -19.59 4.08 49.33
CA ALA U 232 -19.44 2.64 49.34
C ALA U 232 -19.10 2.10 50.72
N GLY U 233 -18.35 2.86 51.52
CA GLY U 233 -17.96 2.39 52.83
C GLY U 233 -16.76 1.46 52.84
N LEU U 234 -15.60 1.97 52.44
CA LEU U 234 -14.36 1.20 52.52
C LEU U 234 -13.33 1.85 53.44
N GLY V 1 14.80 -64.95 20.78
CA GLY V 1 14.72 -65.42 22.15
C GLY V 1 15.31 -66.81 22.35
N THR V 2 16.45 -67.06 21.70
CA THR V 2 17.12 -68.34 21.78
C THR V 2 18.47 -68.18 22.47
N ARG V 3 18.82 -69.17 23.29
CA ARG V 3 20.10 -69.18 24.00
C ARG V 3 21.18 -69.90 23.18
N SER V 4 21.35 -69.50 21.93
CA SER V 4 22.25 -70.17 21.01
C SER V 4 23.50 -69.31 20.78
N GLU V 5 24.66 -69.93 20.97
CA GLU V 5 25.95 -69.27 20.75
C GLU V 5 26.85 -70.23 19.98
N GLN V 6 27.83 -69.67 19.28
CA GLN V 6 28.78 -70.46 18.52
C GLN V 6 30.22 -70.04 18.84
N ARG V 7 31.16 -70.80 18.29
CA ARG V 7 32.56 -70.73 18.68
C ARG V 7 33.44 -70.32 17.50
N VAL V 8 33.06 -69.26 16.79
CA VAL V 8 33.77 -68.88 15.57
C VAL V 8 35.15 -68.33 15.91
N LYS V 9 36.16 -68.81 15.19
CA LYS V 9 37.54 -68.43 15.40
C LYS V 9 37.98 -67.47 14.32
N MET V 10 38.63 -66.37 14.72
CA MET V 10 39.06 -65.35 13.79
C MET V 10 40.45 -65.69 13.24
N ASN V 11 40.97 -64.82 12.38
CA ASN V 11 42.26 -65.01 11.75
C ASN V 11 43.36 -64.35 12.57
N ARG V 12 44.61 -64.54 12.13
CA ARG V 12 45.76 -63.99 12.83
C ARG V 12 45.82 -62.47 12.70
N MET V 13 45.40 -61.94 11.55
CA MET V 13 45.53 -60.51 11.28
C MET V 13 44.61 -59.67 12.15
N ARG V 14 43.46 -60.21 12.57
CA ARG V 14 42.59 -59.47 13.48
C ARG V 14 43.25 -59.27 14.83
N LEU V 15 43.93 -60.31 15.34
CA LEU V 15 44.76 -60.16 16.53
C LEU V 15 45.95 -59.24 16.27
N LYS V 16 46.47 -59.20 15.04
CA LYS V 16 47.61 -58.34 14.73
C LYS V 16 47.24 -56.86 14.84
N ILE V 17 46.16 -56.44 14.17
CA ILE V 17 45.67 -55.06 14.30
C ILE V 17 45.16 -54.77 15.72
N ALA V 18 44.56 -55.76 16.40
CA ALA V 18 44.07 -55.55 17.76
C ALA V 18 45.22 -55.28 18.74
N ALA V 19 46.27 -56.11 18.70
CA ALA V 19 47.43 -55.88 19.55
C ALA V 19 48.20 -54.64 19.14
N ARG V 20 48.19 -54.31 17.84
CA ARG V 20 48.84 -53.09 17.37
C ARG V 20 48.17 -51.83 17.93
N LEU V 21 46.84 -51.78 17.88
CA LEU V 21 46.15 -50.62 18.43
C LEU V 21 46.19 -50.62 19.96
N LYS V 22 46.27 -51.79 20.59
CA LYS V 22 46.42 -51.83 22.04
C LYS V 22 47.77 -51.29 22.48
N ASP V 23 48.86 -51.68 21.78
CA ASP V 23 50.16 -51.12 22.09
C ASP V 23 50.25 -49.65 21.72
N ALA V 24 49.52 -49.23 20.68
CA ALA V 24 49.49 -47.82 20.30
C ALA V 24 48.79 -46.97 21.35
N GLN V 25 47.69 -47.47 21.91
CA GLN V 25 47.02 -46.74 22.98
C GLN V 25 47.81 -46.79 24.27
N ASN V 26 48.51 -47.90 24.54
CA ASN V 26 49.33 -47.99 25.75
C ASN V 26 50.64 -47.23 25.63
N THR V 27 51.06 -46.84 24.43
CA THR V 27 52.26 -46.05 24.23
C THR V 27 51.96 -44.57 24.08
N CYS V 28 51.12 -44.20 23.11
CA CYS V 28 50.75 -42.82 22.92
C CYS V 28 49.69 -42.38 23.92
N ALA V 29 49.54 -41.08 24.07
CA ALA V 29 48.52 -40.51 24.95
C ALA V 29 47.33 -40.06 24.10
N MET V 30 46.14 -40.56 24.44
CA MET V 30 44.94 -40.25 23.68
C MET V 30 44.45 -38.86 24.09
N LEU V 31 44.31 -37.97 23.12
CA LEU V 31 44.01 -36.56 23.38
C LEU V 31 43.51 -35.92 22.10
N THR V 32 42.30 -35.37 22.12
CA THR V 32 41.69 -34.88 20.90
C THR V 32 41.24 -33.42 21.03
N THR V 33 41.00 -32.82 19.87
CA THR V 33 40.36 -31.52 19.76
C THR V 33 39.64 -31.47 18.41
N PHE V 34 38.61 -30.64 18.34
CA PHE V 34 37.78 -30.55 17.14
C PHE V 34 37.66 -29.11 16.69
N ASN V 35 37.18 -28.95 15.46
CA ASN V 35 36.89 -27.65 14.87
C ASN V 35 35.91 -27.85 13.74
N GLU V 36 35.42 -26.74 13.20
CA GLU V 36 34.48 -26.76 12.08
C GLU V 36 35.04 -25.95 10.92
N VAL V 37 34.90 -26.49 9.70
CA VAL V 37 35.49 -25.91 8.51
C VAL V 37 34.40 -25.66 7.49
N ASP V 38 34.33 -24.43 6.99
CA ASP V 38 33.42 -24.11 5.90
C ASP V 38 33.89 -24.76 4.61
N MET V 39 32.95 -25.30 3.84
CA MET V 39 33.27 -26.02 2.62
C MET V 39 32.58 -25.43 1.40
N SER V 40 31.90 -24.28 1.55
CA SER V 40 31.15 -23.70 0.44
C SER V 40 32.06 -23.22 -0.67
N TYR V 41 33.23 -22.67 -0.31
CA TYR V 41 34.21 -22.30 -1.33
C TYR V 41 34.77 -23.54 -2.01
N ALA V 42 34.93 -24.64 -1.27
CA ALA V 42 35.34 -25.89 -1.88
C ALA V 42 34.26 -26.44 -2.81
N MET V 43 32.98 -26.27 -2.43
CA MET V 43 31.88 -26.65 -3.31
C MET V 43 31.90 -25.87 -4.61
N ASP V 44 32.07 -24.54 -4.53
CA ASP V 44 32.12 -23.71 -5.72
C ASP V 44 33.34 -24.02 -6.58
N PHE V 45 34.49 -24.25 -5.95
CA PHE V 45 35.72 -24.51 -6.68
C PHE V 45 35.66 -25.85 -7.41
N ARG V 46 35.14 -26.90 -6.75
CA ARG V 46 34.97 -28.18 -7.42
C ARG V 46 33.92 -28.10 -8.52
N LYS V 47 32.84 -27.37 -8.28
CA LYS V 47 31.78 -27.25 -9.28
C LYS V 47 32.22 -26.45 -10.50
N GLN V 48 33.19 -25.56 -10.33
CA GLN V 48 33.71 -24.81 -11.47
C GLN V 48 34.91 -25.46 -12.13
N ASN V 49 35.63 -26.36 -11.46
CA ASN V 49 36.81 -26.97 -12.06
C ASN V 49 36.68 -28.48 -12.29
N LEU V 50 35.47 -29.03 -12.17
CA LEU V 50 35.24 -30.44 -12.47
C LEU V 50 35.61 -30.78 -13.91
N ASP V 51 35.02 -30.07 -14.88
CA ASP V 51 35.32 -30.33 -16.28
C ASP V 51 36.73 -29.91 -16.66
N ALA V 52 37.30 -28.92 -15.96
CA ALA V 52 38.66 -28.48 -16.22
C ALA V 52 39.67 -29.56 -15.85
N PHE V 53 39.56 -30.13 -14.64
CA PHE V 53 40.44 -31.22 -14.25
C PHE V 53 40.17 -32.49 -15.06
N THR V 54 38.91 -32.73 -15.42
CA THR V 54 38.58 -33.90 -16.23
C THR V 54 39.21 -33.81 -17.62
N LYS V 55 39.14 -32.65 -18.26
CA LYS V 55 39.70 -32.50 -19.58
C LYS V 55 41.21 -32.30 -19.57
N LYS V 56 41.80 -31.90 -18.44
CA LYS V 56 43.24 -31.69 -18.43
C LYS V 56 44.00 -32.93 -17.99
N TYR V 57 43.56 -33.59 -16.91
CA TYR V 57 44.33 -34.69 -16.35
C TYR V 57 43.68 -36.05 -16.57
N GLY V 58 42.38 -36.11 -16.86
CA GLY V 58 41.71 -37.32 -17.29
C GLY V 58 41.08 -38.12 -16.18
N ILE V 59 41.35 -37.78 -14.93
CA ILE V 59 40.84 -38.54 -13.79
C ILE V 59 39.85 -37.69 -13.01
N LYS V 60 39.08 -38.35 -12.15
CA LYS V 60 38.07 -37.68 -11.35
C LYS V 60 38.61 -37.40 -9.95
N PHE V 61 38.26 -36.22 -9.42
CA PHE V 61 38.81 -35.74 -8.17
C PHE V 61 37.67 -35.44 -7.21
N GLY V 62 37.89 -35.65 -5.91
CA GLY V 62 36.92 -35.18 -4.94
C GLY V 62 37.34 -35.17 -3.49
N PHE V 63 37.17 -34.03 -2.84
CA PHE V 63 37.00 -33.89 -1.39
C PHE V 63 38.19 -34.30 -0.52
N MET V 64 39.29 -34.74 -1.13
CA MET V 64 40.37 -35.31 -0.31
C MET V 64 41.67 -34.57 -0.50
N SER V 65 41.96 -34.14 -1.73
CA SER V 65 43.24 -33.49 -2.02
C SER V 65 43.33 -32.11 -1.39
N ILE V 66 42.20 -31.44 -1.21
CA ILE V 66 42.16 -30.15 -0.52
C ILE V 66 42.62 -30.31 0.91
N PHE V 67 42.11 -31.34 1.59
CA PHE V 67 42.52 -31.63 2.96
C PHE V 67 43.95 -32.15 3.03
N ALA V 68 44.39 -32.89 2.01
CA ALA V 68 45.72 -33.48 2.00
C ALA V 68 46.80 -32.44 1.81
N LYS V 69 46.62 -31.54 0.84
CA LYS V 69 47.62 -30.51 0.56
C LYS V 69 47.69 -29.48 1.69
N ALA V 70 46.54 -29.16 2.30
CA ALA V 70 46.52 -28.29 3.46
C ALA V 70 47.25 -28.90 4.64
N SER V 71 47.06 -30.22 4.85
CA SER V 71 47.77 -30.91 5.92
C SER V 71 49.27 -30.97 5.64
N ALA V 72 49.65 -31.14 4.37
CA ALA V 72 51.06 -31.14 4.00
C ALA V 72 51.69 -29.78 4.26
N TYR V 73 50.97 -28.70 3.96
CA TYR V 73 51.45 -27.35 4.26
C TYR V 73 51.60 -27.13 5.76
N ALA V 74 50.60 -27.56 6.55
CA ALA V 74 50.65 -27.37 7.98
C ALA V 74 51.72 -28.21 8.66
N LEU V 75 52.08 -29.36 8.07
CA LEU V 75 53.23 -30.11 8.57
C LEU V 75 54.55 -29.50 8.13
N GLN V 76 54.61 -28.85 6.96
CA GLN V 76 55.85 -28.17 6.57
C GLN V 76 56.12 -26.93 7.41
N ASP V 77 55.09 -26.18 7.81
CA ASP V 77 55.33 -24.98 8.59
C ASP V 77 55.18 -25.18 10.10
N GLN V 78 55.01 -26.43 10.55
CA GLN V 78 54.97 -26.76 11.98
C GLN V 78 55.54 -28.17 12.13
N PRO V 79 56.86 -28.30 12.15
CA PRO V 79 57.50 -29.62 11.96
C PRO V 79 57.56 -30.50 13.20
N VAL V 80 56.92 -30.13 14.31
CA VAL V 80 56.89 -31.00 15.48
C VAL V 80 55.66 -31.90 15.47
N VAL V 81 54.66 -31.61 14.63
CA VAL V 81 53.47 -32.44 14.53
C VAL V 81 53.81 -33.78 13.90
N ASN V 82 54.72 -33.80 12.93
CA ASN V 82 55.12 -35.04 12.28
C ASN V 82 56.14 -35.86 13.09
N ALA V 83 56.78 -35.26 14.09
CA ALA V 83 57.83 -35.93 14.82
C ALA V 83 57.27 -36.90 15.85
N VAL V 84 57.98 -38.00 16.05
CA VAL V 84 57.55 -39.06 16.95
C VAL V 84 58.64 -39.34 17.98
N ILE V 85 58.40 -40.32 18.85
CA ILE V 85 59.35 -40.76 19.87
C ILE V 85 59.65 -42.22 19.61
N ASP V 86 60.93 -42.54 19.40
CA ASP V 86 61.40 -43.92 19.32
C ASP V 86 62.38 -44.13 20.48
N GLY V 87 61.83 -44.49 21.64
CA GLY V 87 62.63 -44.67 22.84
C GLY V 87 62.88 -43.36 23.56
N THR V 88 64.09 -42.83 23.42
CA THR V 88 64.48 -41.56 24.04
C THR V 88 64.98 -40.59 22.97
N ASP V 89 64.35 -40.59 21.81
CA ASP V 89 64.77 -39.75 20.69
C ASP V 89 63.55 -39.15 20.02
N ILE V 90 63.67 -37.92 19.57
CA ILE V 90 62.62 -37.24 18.81
C ILE V 90 63.14 -37.05 17.39
N VAL V 91 62.37 -37.54 16.42
CA VAL V 91 62.81 -37.56 15.03
C VAL V 91 62.03 -36.48 14.28
N TYR V 92 62.61 -35.28 14.21
CA TYR V 92 62.09 -34.26 13.29
C TYR V 92 62.34 -34.70 11.86
N ARG V 93 61.31 -34.59 11.02
CA ARG V 93 61.40 -34.97 9.62
C ARG V 93 60.95 -33.82 8.74
N ASP V 94 61.69 -33.59 7.65
CA ASP V 94 61.30 -32.59 6.66
C ASP V 94 60.35 -33.17 5.62
N TYR V 95 60.57 -34.42 5.22
CA TYR V 95 59.65 -35.10 4.32
C TYR V 95 58.36 -35.44 5.05
N VAL V 96 57.24 -35.39 4.32
CA VAL V 96 55.95 -35.75 4.87
C VAL V 96 55.27 -36.74 3.92
N ASP V 97 54.73 -37.82 4.50
CA ASP V 97 54.05 -38.86 3.74
C ASP V 97 52.70 -39.10 4.39
N ILE V 98 51.63 -38.75 3.70
CA ILE V 98 50.29 -38.89 4.24
C ILE V 98 49.84 -40.33 4.10
N SER V 99 49.43 -40.94 5.21
CA SER V 99 49.03 -42.34 5.26
C SER V 99 47.51 -42.40 5.12
N VAL V 100 47.04 -42.88 3.98
CA VAL V 100 45.64 -42.76 3.58
C VAL V 100 44.96 -44.12 3.71
N ALA V 101 43.80 -44.15 4.36
CA ALA V 101 43.01 -45.36 4.45
C ALA V 101 42.08 -45.49 3.25
N VAL V 102 41.94 -46.72 2.74
CA VAL V 102 41.02 -47.01 1.64
C VAL V 102 40.57 -48.47 1.79
N ALA V 103 39.39 -48.77 1.25
CA ALA V 103 38.82 -50.10 1.39
C ALA V 103 39.46 -51.08 0.42
N THR V 104 39.58 -52.33 0.86
CA THR V 104 40.06 -53.45 0.08
C THR V 104 39.14 -54.62 0.38
N PRO V 105 39.07 -55.63 -0.51
CA PRO V 105 38.21 -56.79 -0.23
C PRO V 105 38.55 -57.57 1.03
N ARG V 106 39.81 -57.60 1.46
CA ARG V 106 40.14 -58.34 2.68
C ARG V 106 39.75 -57.57 3.94
N GLY V 107 39.69 -56.24 3.86
CA GLY V 107 39.56 -55.42 5.04
C GLY V 107 39.75 -53.95 4.75
N LEU V 108 40.69 -53.31 5.46
CA LEU V 108 41.04 -51.92 5.22
C LEU V 108 42.55 -51.82 5.14
N VAL V 109 43.08 -51.75 3.91
CA VAL V 109 44.51 -51.60 3.68
C VAL V 109 44.83 -50.11 3.65
N VAL V 110 46.05 -49.75 4.02
CA VAL V 110 46.43 -48.35 4.21
C VAL V 110 47.62 -48.05 3.31
N PRO V 111 47.39 -47.58 2.09
CA PRO V 111 48.50 -47.11 1.26
C PRO V 111 48.94 -45.70 1.66
N VAL V 112 50.20 -45.40 1.34
CA VAL V 112 50.84 -44.16 1.73
C VAL V 112 51.23 -43.37 0.49
N ILE V 113 50.87 -42.09 0.46
CA ILE V 113 51.31 -41.19 -0.60
C ILE V 113 52.69 -40.66 -0.25
N ARG V 114 53.63 -40.76 -1.19
CA ARG V 114 55.03 -40.41 -0.94
C ARG V 114 55.33 -39.02 -1.49
N ASN V 115 56.04 -38.22 -0.69
CA ASN V 115 56.58 -36.90 -1.05
C ASN V 115 55.46 -35.94 -1.48
N VAL V 116 54.59 -35.64 -0.50
CA VAL V 116 53.36 -34.92 -0.77
C VAL V 116 53.52 -33.40 -0.68
N GLU V 117 54.65 -32.90 -0.16
CA GLU V 117 54.76 -31.47 0.11
C GLU V 117 54.99 -30.66 -1.17
N GLY V 118 55.79 -31.18 -2.11
CA GLY V 118 56.01 -30.51 -3.37
C GLY V 118 55.14 -31.09 -4.47
N MET V 119 53.84 -31.15 -4.25
CA MET V 119 52.98 -31.97 -5.08
C MET V 119 51.59 -31.35 -5.14
N ASN V 120 51.11 -31.08 -6.36
CA ASN V 120 49.88 -30.33 -6.58
C ASN V 120 48.65 -31.17 -6.28
N TYR V 121 47.47 -30.57 -6.51
CA TYR V 121 46.21 -31.30 -6.35
C TYR V 121 46.12 -32.47 -7.31
N ALA V 122 46.35 -32.22 -8.60
CA ALA V 122 46.15 -33.24 -9.62
C ALA V 122 47.18 -34.36 -9.51
N ASP V 123 48.41 -34.03 -9.09
CA ASP V 123 49.42 -35.06 -8.87
C ASP V 123 49.08 -35.94 -7.67
N ILE V 124 48.53 -35.34 -6.60
CA ILE V 124 48.07 -36.11 -5.44
C ILE V 124 46.92 -37.03 -5.85
N GLU V 125 46.01 -36.54 -6.70
CA GLU V 125 44.93 -37.39 -7.18
C GLU V 125 45.44 -38.49 -8.10
N ILE V 126 46.49 -38.22 -8.87
CA ILE V 126 47.11 -39.25 -9.70
C ILE V 126 47.71 -40.35 -8.84
N ALA V 127 48.43 -39.97 -7.78
CA ALA V 127 49.03 -40.95 -6.87
C ALA V 127 47.97 -41.74 -6.12
N LEU V 128 46.91 -41.07 -5.66
CA LEU V 128 45.86 -41.74 -4.90
C LEU V 128 45.03 -42.65 -5.78
N ALA V 129 44.74 -42.24 -7.02
CA ALA V 129 44.04 -43.10 -7.95
C ALA V 129 44.90 -44.28 -8.38
N GLY V 130 46.21 -44.09 -8.49
CA GLY V 130 47.09 -45.21 -8.77
C GLY V 130 47.14 -46.21 -7.63
N LEU V 131 47.15 -45.73 -6.39
CA LEU V 131 47.12 -46.63 -5.23
C LEU V 131 45.79 -47.35 -5.12
N ALA V 132 44.68 -46.65 -5.41
CA ALA V 132 43.37 -47.29 -5.39
C ALA V 132 43.21 -48.29 -6.53
N ASP V 133 43.81 -48.02 -7.69
CA ASP V 133 43.79 -48.98 -8.79
C ASP V 133 44.65 -50.19 -8.47
N LYS V 134 45.77 -49.99 -7.77
CA LYS V 134 46.57 -51.12 -7.29
C LYS V 134 45.81 -51.94 -6.26
N ALA V 135 44.99 -51.29 -5.44
CA ALA V 135 44.13 -52.01 -4.51
C ALA V 135 42.94 -52.66 -5.20
N ARG V 136 42.62 -52.24 -6.44
CA ARG V 136 41.47 -52.80 -7.15
C ARG V 136 41.73 -54.25 -7.57
N ARG V 137 42.89 -54.52 -8.18
CA ARG V 137 43.24 -55.89 -8.54
C ARG V 137 44.15 -56.55 -7.50
N ASP V 138 44.22 -55.98 -6.30
CA ASP V 138 44.95 -56.51 -5.15
C ASP V 138 46.45 -56.64 -5.44
N ALA V 139 47.07 -55.48 -5.70
CA ALA V 139 48.50 -55.41 -5.97
C ALA V 139 49.22 -54.55 -4.93
N ILE V 140 48.66 -54.41 -3.74
CA ILE V 140 49.27 -53.61 -2.68
C ILE V 140 50.45 -54.38 -2.09
N THR V 141 51.61 -53.75 -2.08
CA THR V 141 52.84 -54.41 -1.63
C THR V 141 53.08 -54.12 -0.15
N VAL V 142 54.27 -54.48 0.33
CA VAL V 142 54.62 -54.30 1.74
C VAL V 142 55.40 -53.00 1.96
N GLU V 143 56.15 -52.55 0.94
CA GLU V 143 56.99 -51.36 1.07
C GLU V 143 56.19 -50.07 1.23
N ASP V 144 54.92 -50.05 0.82
CA ASP V 144 54.05 -48.89 1.00
C ASP V 144 53.07 -49.08 2.15
N MET V 145 53.53 -49.71 3.24
CA MET V 145 52.70 -49.94 4.42
C MET V 145 53.22 -49.23 5.67
N ASP V 146 54.33 -48.52 5.57
CA ASP V 146 54.92 -47.86 6.73
C ASP V 146 55.46 -46.50 6.30
N GLY V 147 56.05 -45.78 7.26
CA GLY V 147 56.67 -44.51 7.00
C GLY V 147 55.73 -43.33 6.96
N GLY V 148 54.44 -43.53 7.22
CA GLY V 148 53.51 -42.42 7.18
C GLY V 148 53.68 -41.49 8.36
N THR V 149 53.54 -40.19 8.11
CA THR V 149 53.66 -39.18 9.15
C THR V 149 52.34 -38.52 9.51
N PHE V 150 51.30 -38.71 8.71
CA PHE V 150 50.00 -38.09 8.96
C PHE V 150 48.92 -38.93 8.30
N THR V 151 47.67 -38.69 8.71
CA THR V 151 46.57 -39.52 8.23
C THR V 151 45.31 -38.69 8.10
N ILE V 152 44.65 -38.81 6.94
CA ILE V 152 43.44 -38.09 6.60
C ILE V 152 42.35 -39.16 6.44
N SER V 153 42.31 -40.09 7.39
CA SER V 153 41.37 -41.22 7.44
C SER V 153 39.94 -40.83 7.15
N ASN V 154 39.40 -41.38 6.06
CA ASN V 154 38.12 -40.95 5.49
C ASN V 154 36.98 -41.52 6.33
N GLY V 155 36.22 -40.63 6.96
CA GLY V 155 35.00 -41.01 7.64
C GLY V 155 33.86 -40.18 7.09
N GLY V 156 34.11 -39.48 6.00
CA GLY V 156 33.15 -38.55 5.43
C GLY V 156 32.19 -39.16 4.44
N VAL V 157 32.66 -40.15 3.67
CA VAL V 157 31.80 -40.82 2.71
C VAL V 157 30.80 -41.74 3.41
N PHE V 158 31.09 -42.12 4.65
CA PHE V 158 30.27 -43.10 5.36
C PHE V 158 29.22 -42.45 6.26
N GLY V 159 29.38 -41.18 6.60
CA GLY V 159 28.32 -40.44 7.27
C GLY V 159 28.47 -40.23 8.75
N SER V 160 29.67 -39.89 9.21
CA SER V 160 29.88 -39.56 10.61
C SER V 160 29.77 -38.05 10.81
N LEU V 161 29.67 -37.65 12.08
CA LEU V 161 29.63 -36.23 12.41
C LEU V 161 30.77 -35.82 13.32
N MET V 162 31.04 -36.60 14.37
CA MET V 162 32.25 -36.46 15.17
C MET V 162 32.90 -37.83 15.35
N GLY V 163 34.19 -37.82 15.67
CA GLY V 163 34.94 -39.04 15.89
C GLY V 163 36.26 -38.73 16.54
N THR V 164 36.86 -39.75 17.13
CA THR V 164 38.11 -39.61 17.89
C THR V 164 39.07 -40.72 17.48
N PRO V 165 39.64 -40.67 16.27
CA PRO V 165 40.37 -41.81 15.73
C PRO V 165 41.66 -42.13 16.47
N ILE V 166 41.90 -43.41 16.70
CA ILE V 166 43.01 -43.88 17.52
C ILE V 166 44.33 -43.64 16.79
N ILE V 167 45.31 -43.11 17.52
CA ILE V 167 46.63 -42.87 16.95
C ILE V 167 47.30 -44.19 16.62
N ASN V 168 47.71 -44.35 15.36
CA ASN V 168 48.37 -45.57 14.90
C ASN V 168 49.86 -45.33 14.67
N PRO V 169 50.70 -46.31 14.93
CA PRO V 169 52.14 -46.14 14.69
C PRO V 169 52.45 -46.19 13.20
N PRO V 170 53.59 -45.63 12.75
CA PRO V 170 54.58 -44.82 13.52
C PRO V 170 54.41 -43.31 13.37
N GLN V 171 53.20 -42.76 13.44
CA GLN V 171 53.01 -41.32 13.36
C GLN V 171 52.49 -40.81 14.71
N SER V 172 52.19 -39.51 14.76
CA SER V 172 51.85 -38.88 16.02
C SER V 172 50.64 -37.95 15.98
N ALA V 173 49.98 -37.79 14.85
CA ALA V 173 48.78 -36.97 14.76
C ALA V 173 47.95 -37.43 13.57
N ILE V 174 46.65 -37.62 13.80
CA ILE V 174 45.73 -38.16 12.79
C ILE V 174 44.49 -37.28 12.74
N LEU V 175 44.21 -36.71 11.57
CA LEU V 175 43.05 -35.87 11.35
C LEU V 175 41.98 -36.71 10.65
N GLY V 176 40.89 -36.99 11.35
CA GLY V 176 39.79 -37.69 10.73
C GLY V 176 38.71 -36.76 10.23
N MET V 177 38.70 -36.52 8.92
CA MET V 177 37.66 -35.67 8.35
C MET V 177 36.32 -36.40 8.34
N HIS V 178 35.23 -35.63 8.36
CA HIS V 178 33.89 -36.17 8.57
C HIS V 178 32.97 -35.70 7.44
N GLY V 179 31.73 -36.17 7.50
CA GLY V 179 30.78 -35.90 6.44
C GLY V 179 30.25 -34.48 6.46
N ILE V 180 29.94 -33.98 5.27
CA ILE V 180 29.42 -32.62 5.13
C ILE V 180 27.92 -32.61 5.34
N PHE V 181 27.47 -31.80 6.30
CA PHE V 181 26.05 -31.69 6.66
C PHE V 181 25.62 -30.24 6.43
N GLU V 182 24.39 -29.94 6.83
CA GLU V 182 23.81 -28.61 6.64
C GLU V 182 23.54 -27.99 8.00
N ARG V 183 24.15 -26.82 8.25
CA ARG V 183 23.96 -26.08 9.49
C ARG V 183 23.87 -24.59 9.18
N PRO V 184 22.82 -23.90 9.67
CA PRO V 184 22.61 -22.50 9.31
C PRO V 184 23.42 -21.52 10.14
N ILE V 185 24.65 -21.26 9.73
CA ILE V 185 25.62 -20.59 10.59
C ILE V 185 25.49 -19.07 10.48
N ALA V 186 25.61 -18.39 11.62
CA ALA V 186 25.64 -16.93 11.66
C ALA V 186 26.99 -16.44 11.14
N VAL V 187 26.98 -15.82 9.97
CA VAL V 187 28.16 -15.21 9.38
C VAL V 187 27.82 -13.76 9.02
N LYS V 188 28.74 -12.84 9.35
CA LYS V 188 28.62 -11.41 9.06
C LYS V 188 27.39 -10.77 9.70
N GLY V 189 26.92 -11.31 10.81
CA GLY V 189 25.82 -10.72 11.54
C GLY V 189 24.44 -11.19 11.15
N GLU V 190 24.31 -12.09 10.19
CA GLU V 190 23.02 -12.64 9.80
C GLU V 190 23.12 -14.15 9.63
N VAL V 191 21.96 -14.80 9.68
CA VAL V 191 21.89 -16.25 9.62
C VAL V 191 21.94 -16.70 8.17
N LYS V 192 22.88 -17.59 7.85
CA LYS V 192 23.00 -18.12 6.50
C LYS V 192 23.26 -19.62 6.56
N ILE V 193 22.63 -20.37 5.66
CA ILE V 193 22.78 -21.82 5.62
C ILE V 193 24.03 -22.12 4.81
N ARG V 194 25.10 -22.50 5.51
CA ARG V 194 26.35 -22.86 4.87
C ARG V 194 26.72 -24.29 5.25
N PRO V 195 26.96 -25.17 4.27
CA PRO V 195 27.30 -26.57 4.61
C PRO V 195 28.70 -26.72 5.15
N MET V 196 28.83 -27.09 6.43
CA MET V 196 30.13 -27.39 7.00
C MET V 196 30.29 -28.88 7.26
N MET V 197 31.44 -29.20 7.83
CA MET V 197 31.81 -30.55 8.24
C MET V 197 32.83 -30.44 9.36
N TYR V 198 32.65 -31.27 10.38
CA TYR V 198 33.53 -31.21 11.54
C TYR V 198 34.83 -31.96 11.25
N ILE V 199 35.89 -31.56 11.94
CA ILE V 199 37.18 -32.23 11.83
C ILE V 199 37.62 -32.67 13.21
N ALA V 200 38.56 -33.61 13.23
CA ALA V 200 39.12 -34.14 14.46
C ALA V 200 40.64 -34.06 14.39
N LEU V 201 41.27 -34.10 15.56
CA LEU V 201 42.73 -34.10 15.64
C LEU V 201 43.12 -34.79 16.94
N THR V 202 43.49 -36.07 16.86
CA THR V 202 43.92 -36.83 18.03
C THR V 202 45.43 -36.84 18.05
N TYR V 203 46.00 -36.13 19.02
CA TYR V 203 47.42 -35.81 19.04
C TYR V 203 48.02 -36.21 20.38
N ASP V 204 49.25 -36.72 20.34
CA ASP V 204 49.96 -37.08 21.55
C ASP V 204 50.36 -35.84 22.32
N HIS V 205 50.13 -35.86 23.64
CA HIS V 205 50.59 -34.77 24.51
C HIS V 205 52.06 -34.91 24.88
N ARG V 206 52.69 -36.05 24.60
CA ARG V 206 54.10 -36.19 24.91
C ARG V 206 54.98 -35.34 24.00
N ILE V 207 54.53 -35.03 22.79
CA ILE V 207 55.32 -34.20 21.89
C ILE V 207 54.53 -32.99 21.35
N ILE V 208 53.28 -33.17 20.92
CA ILE V 208 52.49 -32.03 20.47
C ILE V 208 51.79 -31.40 21.68
N ASP V 209 52.07 -30.13 21.93
CA ASP V 209 51.39 -29.40 22.97
C ASP V 209 49.98 -29.01 22.50
N GLY V 210 49.14 -28.64 23.47
CA GLY V 210 47.78 -28.23 23.14
C GLY V 210 47.71 -26.96 22.33
N ARG V 211 48.59 -26.01 22.62
CA ARG V 211 48.72 -24.80 21.81
C ARG V 211 49.11 -25.13 20.38
N GLU V 212 50.05 -26.07 20.22
CA GLU V 212 50.52 -26.50 18.92
C GLU V 212 49.41 -27.12 18.09
N ALA V 213 48.61 -28.00 18.70
CA ALA V 213 47.53 -28.66 17.99
C ALA V 213 46.38 -27.70 17.69
N VAL V 214 46.12 -26.74 18.58
CA VAL V 214 45.05 -25.78 18.36
C VAL V 214 45.40 -24.84 17.20
N LEU V 215 46.64 -24.33 17.18
CA LEU V 215 47.08 -23.49 16.07
C LEU V 215 47.18 -24.30 14.78
N PHE V 216 47.56 -25.57 14.88
CA PHE V 216 47.62 -26.46 13.73
C PHE V 216 46.25 -26.68 13.11
N LEU V 217 45.23 -26.91 13.96
CA LEU V 217 43.88 -27.12 13.47
C LEU V 217 43.27 -25.84 12.91
N ARG V 218 43.58 -24.69 13.54
CA ARG V 218 43.12 -23.41 13.00
C ARG V 218 43.76 -23.10 11.66
N LYS V 219 45.03 -23.48 11.48
CA LYS V 219 45.72 -23.24 10.22
C LYS V 219 45.16 -24.14 9.12
N ILE V 220 44.83 -25.38 9.44
CA ILE V 220 44.20 -26.25 8.44
C ILE V 220 42.79 -25.75 8.10
N LYS V 221 42.07 -25.24 9.11
CA LYS V 221 40.74 -24.67 8.86
C LYS V 221 40.81 -23.47 7.94
N ALA V 222 41.79 -22.59 8.16
CA ALA V 222 41.98 -21.45 7.27
C ALA V 222 42.47 -21.87 5.89
N ALA V 223 43.24 -22.95 5.80
CA ALA V 223 43.75 -23.39 4.50
C ALA V 223 42.67 -24.08 3.67
N VAL V 224 41.70 -24.74 4.31
CA VAL V 224 40.64 -25.41 3.56
C VAL V 224 39.50 -24.45 3.25
N GLU V 225 39.17 -23.53 4.18
CA GLU V 225 38.19 -22.50 3.88
C GLU V 225 38.68 -21.55 2.79
N ASN V 226 39.96 -21.24 2.78
CA ASN V 226 40.56 -20.37 1.76
C ASN V 226 41.85 -21.00 1.28
N PRO V 227 41.88 -21.59 0.08
CA PRO V 227 43.12 -22.20 -0.42
C PRO V 227 44.09 -21.24 -1.07
N ALA V 228 43.96 -19.93 -0.86
CA ALA V 228 45.00 -18.99 -1.24
C ALA V 228 46.04 -18.80 -0.15
N ILE V 229 45.76 -19.28 1.06
CA ILE V 229 46.71 -19.19 2.18
C ILE V 229 47.92 -20.07 1.93
N ILE V 230 47.74 -21.17 1.22
CA ILE V 230 48.83 -22.14 1.03
C ILE V 230 49.89 -21.61 0.07
N VAL V 231 49.51 -20.71 -0.85
CA VAL V 231 50.50 -20.01 -1.65
C VAL V 231 50.87 -18.67 -1.02
N ALA V 232 50.02 -18.17 -0.13
CA ALA V 232 50.31 -16.92 0.58
C ALA V 232 51.45 -17.07 1.59
N GLY V 233 51.58 -18.23 2.22
CA GLY V 233 52.61 -18.42 3.21
C GLY V 233 52.27 -17.90 4.60
N LEU V 234 51.25 -18.48 5.23
CA LEU V 234 50.91 -18.13 6.61
C LEU V 234 51.05 -19.31 7.55
N GLY W 1 61.27 -33.48 -0.59
CA GLY W 1 61.47 -34.82 -1.08
C GLY W 1 62.85 -35.37 -0.77
N THR W 2 63.32 -35.11 0.45
CA THR W 2 64.63 -35.55 0.88
C THR W 2 64.49 -36.55 2.02
N ARG W 3 65.35 -37.57 2.01
CA ARG W 3 65.37 -38.59 3.06
C ARG W 3 66.34 -38.21 4.19
N SER W 4 66.18 -37.01 4.73
CA SER W 4 67.09 -36.47 5.72
C SER W 4 66.44 -36.47 7.09
N GLU W 5 67.11 -37.05 8.08
CA GLU W 5 66.65 -37.09 9.45
C GLU W 5 67.82 -36.75 10.37
N GLN W 6 67.49 -36.26 11.56
CA GLN W 6 68.51 -35.91 12.55
C GLN W 6 68.19 -36.55 13.90
N ARG W 7 69.13 -36.39 14.83
CA ARG W 7 69.13 -37.13 16.08
C ARG W 7 69.04 -36.18 17.28
N VAL W 8 68.10 -35.24 17.24
CA VAL W 8 68.01 -34.21 18.28
C VAL W 8 67.56 -34.84 19.60
N LYS W 9 68.26 -34.49 20.67
CA LYS W 9 68.00 -35.01 22.01
C LYS W 9 67.29 -33.95 22.83
N MET W 10 66.22 -34.35 23.52
CA MET W 10 65.43 -33.43 24.32
C MET W 10 66.01 -33.33 25.72
N ASN W 11 65.37 -32.53 26.57
CA ASN W 11 65.80 -32.31 27.93
C ASN W 11 65.12 -33.29 28.88
N ARG W 12 65.51 -33.23 30.16
CA ARG W 12 64.97 -34.13 31.17
C ARG W 12 63.51 -33.79 31.48
N MET W 13 63.16 -32.50 31.44
CA MET W 13 61.83 -32.07 31.85
C MET W 13 60.75 -32.53 30.87
N ARG W 14 61.08 -32.69 29.59
CA ARG W 14 60.11 -33.21 28.63
C ARG W 14 59.73 -34.65 28.97
N LEU W 15 60.72 -35.47 29.32
CA LEU W 15 60.44 -36.81 29.85
C LEU W 15 59.71 -36.75 31.19
N LYS W 16 59.95 -35.71 31.99
CA LYS W 16 59.28 -35.59 33.30
C LYS W 16 57.78 -35.38 33.13
N ILE W 17 57.39 -34.38 32.33
CA ILE W 17 55.96 -34.18 32.03
C ILE W 17 55.36 -35.34 31.22
N ALA W 18 56.15 -35.96 30.34
CA ALA W 18 55.64 -37.10 29.56
C ALA W 18 55.32 -38.30 30.46
N ALA W 19 56.24 -38.67 31.35
CA ALA W 19 55.98 -39.77 32.29
C ALA W 19 54.93 -39.39 33.31
N ARG W 20 54.83 -38.11 33.67
CA ARG W 20 53.80 -37.66 34.59
C ARG W 20 52.41 -37.82 34.00
N LEU W 21 52.22 -37.41 32.74
CA LEU W 21 50.92 -37.57 32.11
C LEU W 21 50.63 -39.03 31.78
N LYS W 22 51.68 -39.83 31.51
CA LYS W 22 51.48 -41.26 31.30
C LYS W 22 51.01 -41.95 32.57
N ASP W 23 51.61 -41.65 33.72
CA ASP W 23 51.15 -42.21 34.97
C ASP W 23 49.79 -41.66 35.37
N ALA W 24 49.49 -40.41 34.99
CA ALA W 24 48.18 -39.83 35.25
C ALA W 24 47.09 -40.51 34.45
N GLN W 25 47.35 -40.83 33.19
CA GLN W 25 46.38 -41.56 32.38
C GLN W 25 46.28 -43.01 32.81
N ASN W 26 47.38 -43.61 33.26
CA ASN W 26 47.34 -44.99 33.72
C ASN W 26 46.76 -45.13 35.12
N THR W 27 46.63 -44.04 35.88
CA THR W 27 46.02 -44.06 37.20
C THR W 27 44.57 -43.61 37.16
N CYS W 28 44.30 -42.41 36.65
CA CYS W 28 42.94 -41.91 36.56
C CYS W 28 42.23 -42.52 35.35
N ALA W 29 40.91 -42.43 35.36
CA ALA W 29 40.09 -42.90 34.25
C ALA W 29 39.68 -41.72 33.38
N MET W 30 39.97 -41.79 32.10
CA MET W 30 39.69 -40.69 31.18
C MET W 30 38.21 -40.75 30.80
N LEU W 31 37.50 -39.65 31.05
CA LEU W 31 36.05 -39.61 30.90
C LEU W 31 35.60 -38.16 30.84
N THR W 32 34.94 -37.78 29.75
CA THR W 32 34.61 -36.37 29.54
C THR W 32 33.13 -36.16 29.31
N THR W 33 32.71 -34.90 29.45
CA THR W 33 31.40 -34.43 29.05
C THR W 33 31.52 -32.95 28.71
N PHE W 34 30.61 -32.47 27.86
CA PHE W 34 30.67 -31.10 27.38
C PHE W 34 29.32 -30.41 27.58
N ASN W 35 29.34 -29.10 27.45
CA ASN W 35 28.14 -28.27 27.52
C ASN W 35 28.45 -26.95 26.83
N GLU W 36 27.42 -26.14 26.65
CA GLU W 36 27.54 -24.83 26.04
C GLU W 36 27.02 -23.76 26.99
N VAL W 37 27.75 -22.64 27.07
CA VAL W 37 27.46 -21.58 28.03
C VAL W 37 27.29 -20.27 27.28
N ASP W 38 26.17 -19.59 27.51
CA ASP W 38 25.96 -18.27 26.94
C ASP W 38 26.88 -17.27 27.63
N MET W 39 27.45 -16.36 26.84
CA MET W 39 28.41 -15.39 27.35
C MET W 39 27.98 -13.95 27.07
N SER W 40 26.77 -13.75 26.55
CA SER W 40 26.32 -12.39 26.19
C SER W 40 26.14 -11.51 27.42
N TYR W 41 25.66 -12.09 28.53
CA TYR W 41 25.59 -11.34 29.78
C TYR W 41 26.99 -11.02 30.30
N ALA W 42 27.93 -11.93 30.10
CA ALA W 42 29.32 -11.65 30.46
C ALA W 42 29.91 -10.56 29.58
N MET W 43 29.55 -10.54 28.29
CA MET W 43 29.96 -9.47 27.40
C MET W 43 29.45 -8.12 27.85
N ASP W 44 28.15 -8.05 28.20
CA ASP W 44 27.55 -6.80 28.66
C ASP W 44 28.14 -6.36 30.00
N PHE W 45 28.37 -7.31 30.90
CA PHE W 45 28.89 -6.98 32.22
C PHE W 45 30.32 -6.47 32.16
N ARG W 46 31.16 -7.11 31.33
CA ARG W 46 32.53 -6.63 31.16
C ARG W 46 32.55 -5.28 30.43
N LYS W 47 31.67 -5.10 29.44
CA LYS W 47 31.63 -3.85 28.70
C LYS W 47 31.12 -2.69 29.54
N GLN W 48 30.30 -2.98 30.57
CA GLN W 48 29.83 -1.93 31.45
C GLN W 48 30.72 -1.71 32.67
N ASN W 49 31.55 -2.68 33.06
CA ASN W 49 32.38 -2.53 34.24
C ASN W 49 33.87 -2.49 33.96
N LEU W 50 34.28 -2.36 32.68
CA LEU W 50 35.69 -2.22 32.33
C LEU W 50 36.33 -1.00 32.99
N ASP W 51 35.74 0.18 32.78
CA ASP W 51 36.28 1.40 33.38
C ASP W 51 36.09 1.44 34.88
N ALA W 52 35.05 0.77 35.39
CA ALA W 52 34.80 0.71 36.83
C ALA W 52 35.90 -0.07 37.55
N PHE W 53 36.22 -1.28 37.05
CA PHE W 53 37.31 -2.05 37.65
C PHE W 53 38.66 -1.40 37.39
N THR W 54 38.84 -0.75 36.24
CA THR W 54 40.10 -0.07 35.96
C THR W 54 40.34 1.10 36.91
N LYS W 55 39.30 1.90 37.19
CA LYS W 55 39.46 3.03 38.07
C LYS W 55 39.42 2.64 39.54
N LYS W 56 38.88 1.46 39.87
CA LYS W 56 38.82 1.09 41.29
C LYS W 56 40.03 0.29 41.73
N TYR W 57 40.43 -0.72 40.94
CA TYR W 57 41.49 -1.61 41.37
C TYR W 57 42.79 -1.44 40.60
N GLY W 58 42.76 -0.81 39.43
CA GLY W 58 43.96 -0.42 38.72
C GLY W 58 44.48 -1.42 37.71
N ILE W 59 43.94 -2.63 37.71
CA ILE W 59 44.43 -3.69 36.83
C ILE W 59 43.35 -4.03 35.82
N LYS W 60 43.76 -4.75 34.77
CA LYS W 60 42.85 -5.14 33.69
C LYS W 60 42.38 -6.56 33.91
N PHE W 61 41.11 -6.80 33.61
CA PHE W 61 40.45 -8.08 33.90
C PHE W 61 39.86 -8.64 32.61
N GLY W 62 39.86 -9.95 32.47
CA GLY W 62 39.12 -10.55 31.37
C GLY W 62 38.90 -12.04 31.42
N PHE W 63 37.64 -12.44 31.25
CA PHE W 63 37.21 -13.76 30.75
C PHE W 63 37.58 -14.97 31.62
N MET W 64 38.24 -14.76 32.76
CA MET W 64 38.76 -15.91 33.49
C MET W 64 38.21 -15.96 34.91
N SER W 65 38.04 -14.80 35.55
CA SER W 65 37.59 -14.78 36.94
C SER W 65 36.13 -15.19 37.08
N ILE W 66 35.33 -14.97 36.04
CA ILE W 66 33.95 -15.42 36.02
C ILE W 66 33.88 -16.93 36.08
N PHE W 67 34.71 -17.59 35.28
CA PHE W 67 34.79 -19.05 35.29
C PHE W 67 35.43 -19.58 36.56
N ALA W 68 36.40 -18.83 37.13
CA ALA W 68 37.11 -19.27 38.32
C ALA W 68 36.23 -19.23 39.56
N LYS W 69 35.51 -18.12 39.76
CA LYS W 69 34.65 -17.97 40.93
C LYS W 69 33.45 -18.91 40.87
N ALA W 70 32.92 -19.13 39.66
CA ALA W 70 31.84 -20.10 39.49
C ALA W 70 32.31 -21.52 39.80
N SER W 71 33.53 -21.86 39.37
CA SER W 71 34.08 -23.18 39.69
C SER W 71 34.35 -23.32 41.18
N ALA W 72 34.79 -22.24 41.83
CA ALA W 72 35.00 -22.27 43.28
C ALA W 72 33.69 -22.49 44.02
N TYR W 73 32.62 -21.85 43.56
CA TYR W 73 31.29 -22.07 44.15
C TYR W 73 30.82 -23.49 43.95
N ALA W 74 30.99 -24.04 42.73
CA ALA W 74 30.54 -25.39 42.45
C ALA W 74 31.37 -26.44 43.17
N LEU W 75 32.62 -26.15 43.50
CA LEU W 75 33.38 -27.05 44.36
C LEU W 75 33.01 -26.90 45.84
N GLN W 76 32.59 -25.71 46.27
CA GLN W 76 32.12 -25.58 47.65
C GLN W 76 30.78 -26.26 47.90
N ASP W 77 29.88 -26.24 46.92
CA ASP W 77 28.59 -26.88 47.13
C ASP W 77 28.49 -28.30 46.58
N GLN W 78 29.61 -28.87 46.12
CA GLN W 78 29.68 -30.27 45.68
C GLN W 78 31.07 -30.77 45.98
N PRO W 79 31.34 -31.17 47.22
CA PRO W 79 32.73 -31.36 47.67
C PRO W 79 33.36 -32.68 47.31
N VAL W 80 32.74 -33.51 46.47
CA VAL W 80 33.38 -34.75 46.02
C VAL W 80 34.13 -34.54 44.71
N VAL W 81 33.89 -33.42 44.01
CA VAL W 81 34.60 -33.13 42.78
C VAL W 81 36.07 -32.81 43.05
N ASN W 82 36.35 -32.14 44.17
CA ASN W 82 37.73 -31.83 44.53
C ASN W 82 38.48 -32.98 45.18
N ALA W 83 37.78 -34.02 45.63
CA ALA W 83 38.41 -35.10 46.36
C ALA W 83 39.11 -36.08 45.42
N VAL W 84 40.23 -36.62 45.89
CA VAL W 84 41.05 -37.54 45.10
C VAL W 84 41.25 -38.84 45.84
N ILE W 85 42.02 -39.74 45.24
CA ILE W 85 42.37 -41.02 45.85
C ILE W 85 43.89 -41.09 45.98
N ASP W 86 44.36 -41.29 47.21
CA ASP W 86 45.77 -41.54 47.48
C ASP W 86 45.87 -42.94 48.09
N GLY W 87 45.95 -43.95 47.22
CA GLY W 87 45.99 -45.32 47.67
C GLY W 87 44.60 -45.89 47.92
N THR W 88 44.23 -46.01 49.19
CA THR W 88 42.92 -46.50 49.60
C THR W 88 42.22 -45.49 50.49
N ASP W 89 42.37 -44.21 50.17
CA ASP W 89 41.79 -43.14 50.98
C ASP W 89 41.21 -42.07 50.06
N ILE W 90 40.09 -41.50 50.46
CA ILE W 90 39.45 -40.39 49.76
C ILE W 90 39.59 -39.15 50.63
N VAL W 91 40.16 -38.09 50.07
CA VAL W 91 40.48 -36.89 50.84
C VAL W 91 39.47 -35.81 50.44
N TYR W 92 38.38 -35.72 51.18
CA TYR W 92 37.50 -34.56 51.06
C TYR W 92 38.21 -33.32 51.60
N ARG W 93 38.15 -32.23 50.83
CA ARG W 93 38.79 -30.99 51.22
C ARG W 93 37.77 -29.85 51.17
N ASP W 94 37.82 -28.98 52.18
CA ASP W 94 37.00 -27.78 52.20
C ASP W 94 37.65 -26.62 51.47
N TYR W 95 38.98 -26.49 51.59
CA TYR W 95 39.70 -25.48 50.83
C TYR W 95 39.78 -25.88 49.37
N VAL W 96 39.74 -24.88 48.49
CA VAL W 96 39.85 -25.11 47.05
C VAL W 96 40.93 -24.17 46.50
N ASP W 97 41.83 -24.73 45.68
CA ASP W 97 42.91 -23.97 45.06
C ASP W 97 42.88 -24.27 43.58
N ILE W 98 42.55 -23.27 42.78
CA ILE W 98 42.46 -23.45 41.33
C ILE W 98 43.85 -23.41 40.74
N SER W 99 44.19 -24.44 39.97
CA SER W 99 45.51 -24.59 39.38
C SER W 99 45.43 -24.05 37.94
N VAL W 100 46.08 -22.91 37.70
CA VAL W 100 45.89 -22.14 36.48
C VAL W 100 47.12 -22.27 35.60
N ALA W 101 46.91 -22.59 34.32
CA ALA W 101 48.00 -22.63 33.36
C ALA W 101 48.25 -21.26 32.75
N VAL W 102 49.53 -20.92 32.57
CA VAL W 102 49.91 -19.67 31.92
C VAL W 102 51.26 -19.91 31.23
N ALA W 103 51.54 -19.13 30.19
CA ALA W 103 52.75 -19.29 29.41
C ALA W 103 53.96 -18.69 30.12
N THR W 104 55.11 -19.34 29.95
CA THR W 104 56.41 -18.90 30.44
C THR W 104 57.40 -19.10 29.30
N PRO W 105 58.53 -18.39 29.31
CA PRO W 105 59.53 -18.59 28.25
C PRO W 105 60.10 -20.00 28.15
N ARG W 106 60.18 -20.75 29.24
CA ARG W 106 60.71 -22.11 29.13
C ARG W 106 59.69 -23.09 28.58
N GLY W 107 58.40 -22.80 28.73
CA GLY W 107 57.37 -23.77 28.43
C GLY W 107 56.00 -23.32 28.91
N LEU W 108 55.35 -24.15 29.71
CA LEU W 108 54.06 -23.82 30.31
C LEU W 108 54.14 -24.13 31.80
N VAL W 109 54.35 -23.09 32.62
CA VAL W 109 54.39 -23.24 34.08
C VAL W 109 52.97 -23.07 34.60
N VAL W 110 52.67 -23.71 35.73
CA VAL W 110 51.31 -23.78 36.26
C VAL W 110 51.31 -23.20 37.67
N PRO W 111 51.04 -21.91 37.82
CA PRO W 111 50.84 -21.34 39.15
C PRO W 111 49.45 -21.64 39.69
N VAL W 112 49.34 -21.63 41.01
CA VAL W 112 48.11 -21.99 41.71
C VAL W 112 47.62 -20.79 42.51
N ILE W 113 46.33 -20.48 42.37
CA ILE W 113 45.69 -19.45 43.18
C ILE W 113 45.25 -20.09 44.49
N ARG W 114 45.62 -19.46 45.61
CA ARG W 114 45.38 -20.02 46.93
C ARG W 114 44.15 -19.37 47.57
N ASN W 115 43.29 -20.21 48.16
CA ASN W 115 42.12 -19.82 48.96
C ASN W 115 41.16 -18.96 48.13
N VAL W 116 40.58 -19.62 47.12
CA VAL W 116 39.79 -18.91 46.11
C VAL W 116 38.31 -18.82 46.46
N GLU W 117 37.85 -19.54 47.48
CA GLU W 117 36.42 -19.61 47.74
C GLU W 117 35.88 -18.34 48.40
N GLY W 118 36.65 -17.75 49.31
CA GLY W 118 36.25 -16.50 49.95
C GLY W 118 36.91 -15.31 49.30
N MET W 119 36.79 -15.18 47.98
CA MET W 119 37.66 -14.28 47.25
C MET W 119 36.93 -13.75 46.03
N ASN W 120 36.84 -12.43 45.91
CA ASN W 120 36.01 -11.77 44.90
C ASN W 120 36.65 -11.85 43.51
N TYR W 121 35.99 -11.23 42.54
CA TYR W 121 36.55 -11.14 41.19
C TYR W 121 37.86 -10.38 41.16
N ALA W 122 37.86 -9.17 41.74
CA ALA W 122 39.03 -8.31 41.66
C ALA W 122 40.20 -8.85 42.45
N ASP W 123 39.94 -9.53 43.57
CA ASP W 123 41.00 -10.17 44.33
C ASP W 123 41.61 -11.35 43.57
N ILE W 124 40.78 -12.13 42.88
CA ILE W 124 41.27 -13.22 42.04
C ILE W 124 42.12 -12.66 40.90
N GLU W 125 41.70 -11.53 40.30
CA GLU W 125 42.51 -10.91 39.26
C GLU W 125 43.82 -10.34 39.82
N ILE W 126 43.79 -9.84 41.06
CA ILE W 126 45.02 -9.38 41.71
C ILE W 126 46.01 -10.53 41.91
N ALA W 127 45.51 -11.68 42.39
CA ALA W 127 46.37 -12.84 42.59
C ALA W 127 46.89 -13.39 41.27
N LEU W 128 46.04 -13.44 40.24
CA LEU W 128 46.44 -13.98 38.95
C LEU W 128 47.42 -13.05 38.23
N ALA W 129 47.20 -11.74 38.34
CA ALA W 129 48.14 -10.78 37.76
C ALA W 129 49.46 -10.78 38.52
N GLY W 130 49.43 -11.01 39.84
CA GLY W 130 50.67 -11.15 40.58
C GLY W 130 51.45 -12.39 40.19
N LEU W 131 50.75 -13.51 39.97
CA LEU W 131 51.42 -14.73 39.53
C LEU W 131 51.97 -14.58 38.10
N ALA W 132 51.22 -13.90 37.23
CA ALA W 132 51.71 -13.67 35.87
C ALA W 132 52.89 -12.69 35.86
N ASP W 133 52.89 -11.70 36.77
CA ASP W 133 54.02 -10.80 36.88
C ASP W 133 55.24 -11.51 37.44
N LYS W 134 55.03 -12.45 38.37
CA LYS W 134 56.13 -13.29 38.85
C LYS W 134 56.67 -14.18 37.73
N ALA W 135 55.79 -14.65 36.84
CA ALA W 135 56.25 -15.40 35.69
C ALA W 135 56.88 -14.52 34.62
N ARG W 136 56.66 -13.20 34.68
CA ARG W 136 57.23 -12.31 33.69
C ARG W 136 58.74 -12.19 33.83
N ARG W 137 59.24 -11.95 35.04
CA ARG W 137 60.68 -11.90 35.27
C ARG W 137 61.23 -13.23 35.78
N ASP W 138 60.46 -14.32 35.64
CA ASP W 138 60.84 -15.69 35.97
C ASP W 138 61.17 -15.84 37.45
N ALA W 139 60.17 -15.58 38.28
CA ALA W 139 60.28 -15.71 39.73
C ALA W 139 59.32 -16.76 40.29
N ILE W 140 58.91 -17.72 39.48
CA ILE W 140 58.00 -18.78 39.92
C ILE W 140 58.78 -19.77 40.77
N THR W 141 58.28 -20.00 41.99
CA THR W 141 58.95 -20.85 42.96
C THR W 141 58.44 -22.29 42.85
N VAL W 142 58.82 -23.12 43.82
CA VAL W 142 58.43 -24.52 43.83
C VAL W 142 57.19 -24.75 44.72
N GLU W 143 57.01 -23.92 45.75
CA GLU W 143 55.92 -24.09 46.71
C GLU W 143 54.54 -23.83 46.09
N ASP W 144 54.47 -23.10 44.98
CA ASP W 144 53.21 -22.87 44.28
C ASP W 144 53.09 -23.73 43.02
N MET W 145 53.56 -24.98 43.09
CA MET W 145 53.48 -25.91 41.97
C MET W 145 52.61 -27.12 42.26
N ASP W 146 52.04 -27.24 43.46
CA ASP W 146 51.25 -28.40 43.84
C ASP W 146 50.05 -27.93 44.65
N GLY W 147 49.25 -28.90 45.08
CA GLY W 147 48.11 -28.63 45.93
C GLY W 147 46.86 -28.16 45.21
N GLY W 148 46.87 -28.10 43.89
CA GLY W 148 45.70 -27.64 43.16
C GLY W 148 44.59 -28.67 43.17
N THR W 149 43.36 -28.20 43.30
CA THR W 149 42.19 -29.06 43.30
C THR W 149 41.35 -28.95 42.04
N PHE W 150 41.57 -27.94 41.22
CA PHE W 150 40.77 -27.74 40.01
C PHE W 150 41.61 -26.94 39.01
N THR W 151 41.18 -26.95 37.76
CA THR W 151 41.97 -26.34 36.70
C THR W 151 41.04 -25.73 35.65
N ILE W 152 41.31 -24.48 35.29
CA ILE W 152 40.54 -23.71 34.31
C ILE W 152 41.50 -23.43 33.15
N SER W 153 42.24 -24.46 32.73
CA SER W 153 43.24 -24.43 31.66
C SER W 153 42.75 -23.70 30.41
N ASN W 154 43.44 -22.60 30.10
CA ASN W 154 42.99 -21.66 29.07
C ASN W 154 43.27 -22.23 27.68
N GLY W 155 42.21 -22.50 26.93
CA GLY W 155 42.33 -22.85 25.55
C GLY W 155 41.50 -21.91 24.71
N GLY W 156 41.04 -20.83 25.32
CA GLY W 156 40.14 -19.90 24.68
C GLY W 156 40.82 -18.78 23.91
N VAL W 157 41.97 -18.33 24.42
CA VAL W 157 42.72 -17.28 23.75
C VAL W 157 43.39 -17.81 22.48
N PHE W 158 43.56 -19.13 22.38
CA PHE W 158 44.30 -19.73 21.28
C PHE W 158 43.40 -20.20 20.14
N GLY W 159 42.11 -20.38 20.39
CA GLY W 159 41.15 -20.61 19.33
C GLY W 159 40.69 -22.04 19.13
N SER W 160 40.40 -22.75 20.22
CA SER W 160 39.84 -24.09 20.12
C SER W 160 38.32 -24.02 20.17
N LEU W 161 37.68 -25.13 19.84
CA LEU W 161 36.24 -25.23 19.91
C LEU W 161 35.79 -26.36 20.84
N MET W 162 36.39 -27.54 20.72
CA MET W 162 36.23 -28.60 21.71
C MET W 162 37.61 -29.15 22.08
N GLY W 163 37.66 -29.80 23.24
CA GLY W 163 38.90 -30.40 23.72
C GLY W 163 38.61 -31.32 24.87
N THR W 164 39.56 -32.22 25.14
CA THR W 164 39.42 -33.24 26.18
C THR W 164 40.68 -33.28 27.04
N PRO W 165 40.90 -32.28 27.90
CA PRO W 165 42.20 -32.12 28.55
C PRO W 165 42.50 -33.23 29.56
N ILE W 166 43.75 -33.70 29.53
CA ILE W 166 44.17 -34.85 30.33
C ILE W 166 44.20 -34.48 31.80
N ILE W 167 43.65 -35.35 32.64
CA ILE W 167 43.65 -35.14 34.09
C ILE W 167 45.08 -35.21 34.62
N ASN W 168 45.50 -34.15 35.30
CA ASN W 168 46.84 -34.06 35.87
C ASN W 168 46.80 -34.21 37.38
N PRO W 169 47.82 -34.83 37.99
CA PRO W 169 47.83 -34.96 39.44
C PRO W 169 48.19 -33.64 40.10
N PRO W 170 47.83 -33.44 41.39
CA PRO W 170 47.01 -34.31 42.26
C PRO W 170 45.54 -33.91 42.35
N GLN W 171 44.87 -33.56 41.26
CA GLN W 171 43.45 -33.22 41.31
C GLN W 171 42.65 -34.28 40.56
N SER W 172 41.34 -34.05 40.44
CA SER W 172 40.46 -35.07 39.90
C SER W 172 39.44 -34.58 38.89
N ALA W 173 39.42 -33.28 38.56
CA ALA W 173 38.51 -32.76 37.55
C ALA W 173 39.09 -31.47 36.98
N ILE W 174 39.11 -31.36 35.66
CA ILE W 174 39.71 -30.23 34.95
C ILE W 174 38.74 -29.73 33.91
N LEU W 175 38.37 -28.45 34.01
CA LEU W 175 37.46 -27.80 33.09
C LEU W 175 38.29 -26.97 32.11
N GLY W 176 38.33 -27.39 30.85
CA GLY W 176 39.03 -26.60 29.85
C GLY W 176 38.10 -25.69 29.08
N MET W 177 38.09 -24.41 29.42
CA MET W 177 37.26 -23.46 28.70
C MET W 177 37.84 -23.20 27.31
N HIS W 178 36.96 -22.81 26.38
CA HIS W 178 37.31 -22.72 24.97
C HIS W 178 36.97 -21.34 24.43
N GLY W 179 37.29 -21.13 23.16
CA GLY W 179 37.13 -19.82 22.56
C GLY W 179 35.67 -19.49 22.26
N ILE W 180 35.37 -18.20 22.32
CA ILE W 180 34.01 -17.72 22.07
C ILE W 180 33.81 -17.51 20.57
N PHE W 181 32.79 -18.18 20.02
CA PHE W 181 32.48 -18.12 18.61
C PHE W 181 31.06 -17.58 18.44
N GLU W 182 30.56 -17.58 17.21
CA GLU W 182 29.23 -17.05 16.90
C GLU W 182 28.34 -18.18 16.41
N ARG W 183 27.22 -18.40 17.10
CA ARG W 183 26.26 -19.43 16.71
C ARG W 183 24.85 -18.89 16.92
N PRO W 184 23.99 -18.97 15.91
CA PRO W 184 22.65 -18.35 15.98
C PRO W 184 21.62 -19.21 16.70
N ILE W 185 21.57 -19.12 18.02
CA ILE W 185 20.85 -20.10 18.84
C ILE W 185 19.38 -19.72 18.97
N ALA W 186 18.52 -20.74 18.90
CA ALA W 186 17.09 -20.57 19.13
C ALA W 186 16.85 -20.37 20.61
N VAL W 187 16.45 -19.16 20.99
CA VAL W 187 16.08 -18.84 22.37
C VAL W 187 14.70 -18.19 22.33
N LYS W 188 13.83 -18.61 23.27
CA LYS W 188 12.47 -18.10 23.44
C LYS W 188 11.60 -18.26 22.20
N GLY W 189 11.87 -19.29 21.40
CA GLY W 189 11.05 -19.59 20.24
C GLY W 189 11.44 -18.91 18.94
N GLU W 190 12.49 -18.10 18.94
CA GLU W 190 12.96 -17.47 17.71
C GLU W 190 14.48 -17.56 17.63
N VAL W 191 14.99 -17.38 16.42
CA VAL W 191 16.42 -17.52 16.15
C VAL W 191 17.12 -16.21 16.49
N LYS W 192 18.14 -16.30 17.34
CA LYS W 192 18.92 -15.13 17.72
C LYS W 192 20.41 -15.49 17.72
N ILE W 193 21.23 -14.57 17.24
CA ILE W 193 22.67 -14.78 17.17
C ILE W 193 23.25 -14.39 18.52
N ARG W 194 23.60 -15.41 19.32
CA ARG W 194 24.21 -15.19 20.62
C ARG W 194 25.57 -15.86 20.67
N PRO W 195 26.63 -15.13 21.01
CA PRO W 195 27.96 -15.75 21.05
C PRO W 195 28.17 -16.68 22.24
N MET W 196 28.30 -17.97 21.99
CA MET W 196 28.63 -18.91 23.05
C MET W 196 30.05 -19.42 22.92
N MET W 197 30.38 -20.33 23.83
CA MET W 197 31.67 -21.01 23.88
C MET W 197 31.46 -22.34 24.59
N TYR W 198 32.06 -23.39 24.05
CA TYR W 198 31.90 -24.72 24.62
C TYR W 198 32.81 -24.91 25.81
N ILE W 199 32.40 -25.79 26.72
CA ILE W 199 33.20 -26.13 27.88
C ILE W 199 33.43 -27.63 27.89
N ALA W 200 34.45 -28.04 28.65
CA ALA W 200 34.79 -29.44 28.80
C ALA W 200 34.89 -29.78 30.29
N LEU W 201 34.78 -31.07 30.59
CA LEU W 201 34.92 -31.53 31.97
C LEU W 201 35.39 -32.98 31.92
N THR W 202 36.69 -33.19 32.10
CA THR W 202 37.27 -34.53 32.11
C THR W 202 37.44 -34.97 33.55
N TYR W 203 36.62 -35.94 33.96
CA TYR W 203 36.45 -36.29 35.36
C TYR W 203 36.66 -37.79 35.55
N ASP W 204 37.30 -38.14 36.66
CA ASP W 204 37.50 -39.55 36.98
C ASP W 204 36.18 -40.21 37.36
N HIS W 205 35.94 -41.40 36.80
CA HIS W 205 34.78 -42.19 37.19
C HIS W 205 34.98 -42.95 38.48
N ARG W 206 36.21 -43.02 38.98
CA ARG W 206 36.45 -43.74 40.24
C ARG W 206 35.87 -42.99 41.43
N ILE W 207 35.74 -41.67 41.34
CA ILE W 207 35.17 -40.90 42.44
C ILE W 207 34.01 -40.00 42.01
N ILE W 208 34.13 -39.27 40.89
CA ILE W 208 33.02 -38.46 40.42
C ILE W 208 32.12 -39.32 39.54
N ASP W 209 30.85 -39.45 39.94
CA ASP W 209 29.87 -40.16 39.12
C ASP W 209 29.43 -39.27 37.95
N GLY W 210 28.81 -39.90 36.96
CA GLY W 210 28.34 -39.16 35.80
C GLY W 210 27.23 -38.18 36.12
N ARG W 211 26.33 -38.55 37.05
CA ARG W 211 25.31 -37.63 37.55
C ARG W 211 25.95 -36.43 38.22
N GLU W 212 26.99 -36.67 39.02
CA GLU W 212 27.69 -35.62 39.74
C GLU W 212 28.33 -34.63 38.78
N ALA W 213 28.99 -35.13 37.74
CA ALA W 213 29.66 -34.25 36.78
C ALA W 213 28.67 -33.52 35.89
N VAL W 214 27.54 -34.16 35.57
CA VAL W 214 26.53 -33.51 34.74
C VAL W 214 25.86 -32.37 35.50
N LEU W 215 25.49 -32.61 36.76
CA LEU W 215 24.91 -31.55 37.59
C LEU W 215 25.94 -30.46 37.89
N PHE W 216 27.21 -30.84 38.04
CA PHE W 216 28.30 -29.90 38.24
C PHE W 216 28.47 -28.98 37.05
N LEU W 217 28.45 -29.53 35.84
CA LEU W 217 28.60 -28.74 34.63
C LEU W 217 27.39 -27.85 34.40
N ARG W 218 26.19 -28.36 34.69
CA ARG W 218 24.99 -27.55 34.57
C ARG W 218 25.00 -26.39 35.58
N LYS W 219 25.53 -26.63 36.77
CA LYS W 219 25.59 -25.58 37.78
C LYS W 219 26.61 -24.50 37.39
N ILE W 220 27.74 -24.91 36.80
CA ILE W 220 28.70 -23.92 36.32
C ILE W 220 28.13 -23.14 35.13
N LYS W 221 27.38 -23.82 34.26
CA LYS W 221 26.73 -23.14 33.13
C LYS W 221 25.72 -22.11 33.61
N ALA W 222 24.92 -22.44 34.62
CA ALA W 222 23.99 -21.49 35.20
C ALA W 222 24.70 -20.37 35.94
N ALA W 223 25.85 -20.65 36.55
CA ALA W 223 26.58 -19.62 37.29
C ALA W 223 27.29 -18.64 36.37
N VAL W 224 27.72 -19.08 35.19
CA VAL W 224 28.41 -18.19 34.26
C VAL W 224 27.40 -17.44 33.38
N GLU W 225 26.31 -18.10 32.98
CA GLU W 225 25.24 -17.39 32.26
C GLU W 225 24.56 -16.35 33.13
N ASN W 226 24.39 -16.63 34.42
CA ASN W 226 23.79 -15.71 35.37
C ASN W 226 24.63 -15.68 36.64
N PRO W 227 25.43 -14.64 36.88
CA PRO W 227 26.25 -14.58 38.09
C PRO W 227 25.52 -14.09 39.34
N ALA W 228 24.19 -14.06 39.34
CA ALA W 228 23.45 -13.85 40.57
C ALA W 228 23.18 -15.14 41.32
N ILE W 229 23.40 -16.29 40.68
CA ILE W 229 23.19 -17.58 41.32
C ILE W 229 24.22 -17.81 42.42
N ILE W 230 25.42 -17.24 42.26
CA ILE W 230 26.51 -17.51 43.20
C ILE W 230 26.27 -16.81 44.53
N VAL W 231 25.53 -15.69 44.53
CA VAL W 231 25.09 -15.09 45.79
C VAL W 231 23.71 -15.59 46.17
N ALA W 232 22.96 -16.14 45.22
CA ALA W 232 21.64 -16.71 45.50
C ALA W 232 21.72 -17.99 46.32
N GLY W 233 22.75 -18.80 46.11
CA GLY W 233 22.87 -20.05 46.83
C GLY W 233 22.07 -21.19 46.23
N LEU W 234 22.42 -21.61 45.02
CA LEU W 234 21.79 -22.77 44.40
C LEU W 234 22.79 -23.89 44.12
N GLY X 1 39.16 -20.98 53.81
CA GLY X 1 40.59 -20.76 53.93
C GLY X 1 41.21 -21.52 55.10
N THR X 2 40.78 -22.75 55.29
CA THR X 2 41.27 -23.59 56.37
C THR X 2 42.03 -24.79 55.81
N ARG X 3 43.11 -25.16 56.47
CA ARG X 3 43.93 -26.31 56.08
C ARG X 3 43.46 -27.59 56.78
N SER X 4 42.16 -27.88 56.67
CA SER X 4 41.56 -28.99 57.38
C SER X 4 41.23 -30.12 56.41
N GLU X 5 41.70 -31.32 56.72
CA GLU X 5 41.43 -32.52 55.94
C GLU X 5 41.05 -33.65 56.87
N GLN X 6 40.33 -34.63 56.34
CA GLN X 6 39.91 -35.79 57.11
C GLN X 6 40.26 -37.09 56.37
N ARG X 7 40.04 -38.20 57.06
CA ARG X 7 40.54 -39.50 56.65
C ARG X 7 39.38 -40.47 56.40
N VAL X 8 38.38 -40.05 55.64
CA VAL X 8 37.18 -40.86 55.46
C VAL X 8 37.50 -42.09 54.60
N LYS X 9 37.04 -43.25 55.05
CA LYS X 9 37.27 -44.53 54.40
C LYS X 9 36.01 -44.96 53.67
N MET X 10 36.17 -45.39 52.42
CA MET X 10 35.04 -45.79 51.60
C MET X 10 34.76 -47.28 51.81
N ASN X 11 33.76 -47.78 51.10
CA ASN X 11 33.34 -49.17 51.22
C ASN X 11 34.06 -50.03 50.18
N ARG X 12 33.81 -51.34 50.25
CA ARG X 12 34.45 -52.29 49.34
C ARG X 12 33.91 -52.15 47.93
N MET X 13 32.61 -51.82 47.78
CA MET X 13 31.99 -51.78 46.47
C MET X 13 32.50 -50.63 45.61
N ARG X 14 32.92 -49.53 46.23
CA ARG X 14 33.50 -48.43 45.45
C ARG X 14 34.82 -48.85 44.80
N LEU X 15 35.66 -49.58 45.54
CA LEU X 15 36.84 -50.21 44.94
C LEU X 15 36.46 -51.27 43.92
N LYS X 16 35.33 -51.95 44.11
CA LYS X 16 34.91 -52.99 43.16
C LYS X 16 34.57 -52.39 41.79
N ILE X 17 33.71 -51.38 41.75
CA ILE X 17 33.41 -50.67 40.50
C ILE X 17 34.63 -49.93 39.96
N ALA X 18 35.49 -49.38 40.84
CA ALA X 18 36.69 -48.68 40.38
C ALA X 18 37.67 -49.61 39.67
N ALA X 19 37.96 -50.77 40.28
CA ALA X 19 38.83 -51.75 39.64
C ALA X 19 38.18 -52.39 38.42
N ARG X 20 36.85 -52.51 38.43
CA ARG X 20 36.13 -53.04 37.28
C ARG X 20 36.25 -52.13 36.07
N LEU X 21 36.06 -50.82 36.26
CA LEU X 21 36.19 -49.89 35.15
C LEU X 21 37.65 -49.71 34.75
N LYS X 22 38.59 -49.86 35.70
CA LYS X 22 40.01 -49.82 35.35
C LYS X 22 40.41 -50.99 34.48
N ASP X 23 39.97 -52.21 34.82
CA ASP X 23 40.24 -53.36 33.98
C ASP X 23 39.49 -53.29 32.65
N ALA X 24 38.30 -52.66 32.65
CA ALA X 24 37.56 -52.48 31.41
C ALA X 24 38.26 -51.52 30.46
N GLN X 25 38.82 -50.43 31.00
CA GLN X 25 39.58 -49.51 30.16
C GLN X 25 40.92 -50.11 29.73
N ASN X 26 41.54 -50.92 30.59
CA ASN X 26 42.79 -51.55 30.24
C ASN X 26 42.62 -52.75 29.31
N THR X 27 41.40 -53.26 29.17
CA THR X 27 41.13 -54.36 28.25
C THR X 27 40.54 -53.87 26.93
N CYS X 28 39.44 -53.14 26.98
CA CYS X 28 38.82 -52.60 25.78
C CYS X 28 39.55 -51.36 25.30
N ALA X 29 39.33 -50.99 24.05
CA ALA X 29 39.92 -49.79 23.48
C ALA X 29 38.86 -48.68 23.47
N MET X 30 39.20 -47.54 24.07
CA MET X 30 38.26 -46.43 24.18
C MET X 30 38.23 -45.68 22.85
N LEU X 31 37.04 -45.56 22.27
CA LEU X 31 36.88 -45.02 20.92
C LEU X 31 35.42 -44.63 20.72
N THR X 32 35.17 -43.36 20.41
CA THR X 32 33.81 -42.87 20.36
C THR X 32 33.49 -42.20 19.03
N THR X 33 32.19 -42.05 18.79
CA THR X 33 31.67 -41.24 17.69
C THR X 33 30.30 -40.73 18.11
N PHE X 34 29.89 -39.61 17.52
CA PHE X 34 28.64 -38.97 17.90
C PHE X 34 27.79 -38.70 16.66
N ASN X 35 26.53 -38.38 16.90
CA ASN X 35 25.58 -38.00 15.86
C ASN X 35 24.45 -37.23 16.53
N GLU X 36 23.58 -36.66 15.69
CA GLU X 36 22.43 -35.91 16.16
C GLU X 36 21.15 -36.52 15.58
N VAL X 37 20.12 -36.63 16.43
CA VAL X 37 18.87 -37.31 16.06
C VAL X 37 17.72 -36.35 16.28
N ASP X 38 16.90 -36.17 15.25
CA ASP X 38 15.68 -35.39 15.39
C ASP X 38 14.67 -36.14 16.23
N MET X 39 13.99 -35.41 17.12
CA MET X 39 13.05 -36.01 18.05
C MET X 39 11.65 -35.42 17.92
N SER X 40 11.41 -34.57 16.92
CA SER X 40 10.12 -33.91 16.78
C SER X 40 9.01 -34.90 16.43
N TYR X 41 9.33 -35.91 15.62
CA TYR X 41 8.35 -36.96 15.35
C TYR X 41 8.09 -37.79 16.59
N ALA X 42 9.12 -37.99 17.42
CA ALA X 42 8.92 -38.67 18.70
C ALA X 42 8.07 -37.83 19.65
N MET X 43 8.25 -36.50 19.61
CA MET X 43 7.40 -35.60 20.40
C MET X 43 5.95 -35.70 19.97
N ASP X 44 5.68 -35.66 18.67
CA ASP X 44 4.32 -35.76 18.16
C ASP X 44 3.70 -37.12 18.46
N PHE X 45 4.49 -38.19 18.31
CA PHE X 45 3.99 -39.54 18.52
C PHE X 45 3.65 -39.79 19.99
N ARG X 46 4.51 -39.33 20.91
CA ARG X 46 4.21 -39.45 22.33
C ARG X 46 3.03 -38.58 22.73
N LYS X 47 2.95 -37.37 22.16
CA LYS X 47 1.85 -36.47 22.50
C LYS X 47 0.51 -36.96 21.95
N GLN X 48 0.52 -37.75 20.89
CA GLN X 48 -0.72 -38.32 20.36
C GLN X 48 -1.06 -39.69 20.94
N ASN X 49 -0.09 -40.42 21.50
CA ASN X 49 -0.38 -41.75 22.02
C ASN X 49 -0.20 -41.88 23.53
N LEU X 50 -0.06 -40.76 24.25
CA LEU X 50 0.01 -40.78 25.71
C LEU X 50 -1.24 -41.41 26.33
N ASP X 51 -2.42 -40.87 26.00
CA ASP X 51 -3.65 -41.40 26.55
C ASP X 51 -3.99 -42.78 25.99
N ALA X 52 -3.54 -43.08 24.77
CA ALA X 52 -3.76 -44.39 24.18
C ALA X 52 -3.01 -45.48 24.93
N PHE X 53 -1.70 -45.27 25.18
CA PHE X 53 -0.95 -46.25 25.95
C PHE X 53 -1.40 -46.28 27.42
N THR X 54 -1.82 -45.14 27.97
CA THR X 54 -2.30 -45.11 29.34
C THR X 54 -3.59 -45.90 29.50
N LYS X 55 -4.52 -45.77 28.56
CA LYS X 55 -5.77 -46.49 28.66
C LYS X 55 -5.66 -47.93 28.19
N LYS X 56 -4.62 -48.28 27.41
CA LYS X 56 -4.53 -49.65 26.95
C LYS X 56 -3.69 -50.53 27.89
N TYR X 57 -2.52 -50.04 28.32
CA TYR X 57 -1.62 -50.86 29.10
C TYR X 57 -1.51 -50.46 30.57
N GLY X 58 -1.92 -49.24 30.92
CA GLY X 58 -2.06 -48.82 32.30
C GLY X 58 -0.84 -48.15 32.90
N ILE X 59 0.29 -48.19 32.20
CA ILE X 59 1.53 -47.64 32.74
C ILE X 59 1.95 -46.44 31.90
N LYS X 60 2.87 -45.65 32.45
CA LYS X 60 3.36 -44.44 31.80
C LYS X 60 4.67 -44.73 31.08
N PHE X 61 4.82 -44.14 29.90
CA PHE X 61 5.95 -44.42 29.02
C PHE X 61 6.66 -43.12 28.70
N GLY X 62 7.98 -43.18 28.53
CA GLY X 62 8.68 -42.02 28.02
C GLY X 62 10.11 -42.23 27.57
N PHE X 63 10.40 -41.79 26.34
CA PHE X 63 11.73 -41.40 25.87
C PHE X 63 12.80 -42.49 25.84
N MET X 64 12.46 -43.72 26.20
CA MET X 64 13.51 -44.73 26.35
C MET X 64 13.25 -45.94 25.46
N SER X 65 11.98 -46.33 25.31
CA SER X 65 11.66 -47.54 24.54
C SER X 65 11.89 -47.33 23.05
N ILE X 66 11.77 -46.09 22.57
CA ILE X 66 12.07 -45.76 21.18
C ILE X 66 13.54 -46.02 20.89
N PHE X 67 14.42 -45.58 21.78
CA PHE X 67 15.84 -45.83 21.64
C PHE X 67 16.20 -47.30 21.87
N ALA X 68 15.46 -47.98 22.75
CA ALA X 68 15.75 -49.37 23.07
C ALA X 68 15.40 -50.31 21.93
N LYS X 69 14.21 -50.14 21.35
CA LYS X 69 13.77 -51.01 20.26
C LYS X 69 14.57 -50.75 18.99
N ALA X 70 14.95 -49.49 18.75
CA ALA X 70 15.82 -49.18 17.62
C ALA X 70 17.20 -49.81 17.78
N SER X 71 17.74 -49.78 19.00
CA SER X 71 19.02 -50.43 19.27
C SER X 71 18.91 -51.94 19.12
N ALA X 72 17.79 -52.53 19.54
CA ALA X 72 17.57 -53.95 19.38
C ALA X 72 17.52 -54.35 17.91
N TYR X 73 16.86 -53.52 17.08
CA TYR X 73 16.84 -53.75 15.64
C TYR X 73 18.22 -53.65 15.03
N ALA X 74 18.99 -52.62 15.42
CA ALA X 74 20.32 -52.43 14.85
C ALA X 74 21.30 -53.50 15.31
N LEU X 75 21.10 -54.10 16.48
CA LEU X 75 21.89 -55.26 16.86
C LEU X 75 21.44 -56.53 16.15
N GLN X 76 20.15 -56.66 15.82
CA GLN X 76 19.72 -57.83 15.04
C GLN X 76 20.20 -57.80 13.60
N ASP X 77 20.27 -56.62 12.98
CA ASP X 77 20.72 -56.57 11.60
C ASP X 77 22.21 -56.23 11.43
N GLN X 78 22.96 -56.18 12.54
CA GLN X 78 24.41 -55.98 12.50
C GLN X 78 25.00 -56.72 13.70
N PRO X 79 25.20 -58.03 13.58
CA PRO X 79 25.43 -58.87 14.77
C PRO X 79 26.86 -58.88 15.28
N VAL X 80 27.76 -58.04 14.77
CA VAL X 80 29.11 -57.97 15.31
C VAL X 80 29.23 -56.89 16.39
N VAL X 81 28.24 -56.00 16.50
CA VAL X 81 28.25 -54.97 17.54
C VAL X 81 28.03 -55.59 18.91
N ASN X 82 27.21 -56.63 19.01
CA ASN X 82 26.98 -57.30 20.27
C ASN X 82 28.07 -58.28 20.66
N ALA X 83 28.92 -58.68 19.72
CA ALA X 83 29.92 -59.71 19.98
C ALA X 83 31.11 -59.14 20.75
N VAL X 84 31.68 -59.98 21.63
CA VAL X 84 32.79 -59.58 22.48
C VAL X 84 33.97 -60.54 22.29
N ILE X 85 35.03 -60.30 23.05
CA ILE X 85 36.22 -61.16 23.03
C ILE X 85 36.41 -61.70 24.44
N ASP X 86 36.43 -63.03 24.56
CA ASP X 86 36.78 -63.71 25.81
C ASP X 86 38.05 -64.53 25.55
N GLY X 87 39.19 -63.86 25.70
CA GLY X 87 40.46 -64.50 25.41
C GLY X 87 40.83 -64.46 23.95
N THR X 88 40.67 -65.58 23.26
CA THR X 88 40.95 -65.68 21.83
C THR X 88 39.73 -66.19 21.09
N ASP X 89 38.54 -65.74 21.49
CA ASP X 89 37.29 -66.20 20.90
C ASP X 89 36.36 -65.00 20.72
N ILE X 90 35.61 -65.01 19.63
CA ILE X 90 34.59 -64.00 19.36
C ILE X 90 33.23 -64.68 19.46
N VAL X 91 32.35 -64.16 20.30
CA VAL X 91 31.07 -64.78 20.59
C VAL X 91 29.98 -63.97 19.90
N TYR X 92 29.64 -64.37 18.67
CA TYR X 92 28.45 -63.85 18.03
C TYR X 92 27.21 -64.36 18.75
N ARG X 93 26.27 -63.47 19.04
CA ARG X 93 25.05 -63.82 19.74
C ARG X 93 23.84 -63.34 18.96
N ASP X 94 22.82 -64.18 18.88
CA ASP X 94 21.56 -63.80 18.26
C ASP X 94 20.63 -63.11 19.24
N TYR X 95 20.62 -63.56 20.49
CA TYR X 95 19.83 -62.89 21.52
C TYR X 95 20.50 -61.57 21.90
N VAL X 96 19.68 -60.58 22.23
CA VAL X 96 20.16 -59.29 22.67
C VAL X 96 19.46 -58.91 23.97
N ASP X 97 20.24 -58.46 24.95
CA ASP X 97 19.73 -58.05 26.25
C ASP X 97 20.29 -56.67 26.56
N ILE X 98 19.42 -55.68 26.58
CA ILE X 98 19.85 -54.30 26.82
C ILE X 98 20.05 -54.10 28.32
N SER X 99 21.23 -53.62 28.68
CA SER X 99 21.63 -53.43 30.07
C SER X 99 21.36 -51.97 30.43
N VAL X 100 20.35 -51.74 31.27
CA VAL X 100 19.79 -50.41 31.51
C VAL X 100 20.21 -49.93 32.89
N ALA X 101 20.72 -48.71 32.96
CA ALA X 101 21.06 -48.09 34.24
C ALA X 101 19.85 -47.37 34.83
N VAL X 102 19.68 -47.49 36.15
CA VAL X 102 18.62 -46.80 36.88
C VAL X 102 19.11 -46.55 38.29
N ALA X 103 18.57 -45.52 38.93
CA ALA X 103 19.00 -45.14 40.26
C ALA X 103 18.40 -46.04 41.33
N THR X 104 19.18 -46.28 42.37
CA THR X 104 18.80 -47.03 43.56
C THR X 104 19.31 -46.25 44.76
N PRO X 105 18.72 -46.46 45.95
CA PRO X 105 19.22 -45.75 47.15
C PRO X 105 20.67 -46.01 47.51
N ARG X 106 21.22 -47.19 47.20
CA ARG X 106 22.62 -47.43 47.54
C ARG X 106 23.57 -46.77 46.55
N GLY X 107 23.13 -46.52 45.33
CA GLY X 107 24.03 -46.10 44.27
C GLY X 107 23.36 -46.12 42.92
N LEU X 108 23.96 -46.83 41.96
CA LEU X 108 23.39 -47.01 40.63
C LEU X 108 23.43 -48.49 40.28
N VAL X 109 22.30 -49.18 40.44
CA VAL X 109 22.19 -50.59 40.09
C VAL X 109 21.78 -50.68 38.62
N VAL X 110 22.17 -51.77 37.97
CA VAL X 110 22.00 -51.91 36.53
C VAL X 110 21.18 -53.17 36.26
N PRO X 111 19.86 -53.05 36.15
CA PRO X 111 19.04 -54.18 35.71
C PRO X 111 19.09 -54.35 34.20
N VAL X 112 18.83 -55.59 33.76
CA VAL X 112 18.94 -55.98 32.36
C VAL X 112 17.56 -56.42 31.87
N ILE X 113 17.15 -55.89 30.72
CA ILE X 113 15.94 -56.34 30.04
C ILE X 113 16.27 -57.56 29.21
N ARG X 114 15.50 -58.64 29.37
CA ARG X 114 15.79 -59.92 28.73
C ARG X 114 14.91 -60.09 27.50
N ASN X 115 15.53 -60.55 26.40
CA ASN X 115 14.87 -60.93 25.14
C ASN X 115 14.09 -59.76 24.54
N VAL X 116 14.85 -58.74 24.15
CA VAL X 116 14.27 -57.45 23.75
C VAL X 116 13.97 -57.37 22.26
N GLU X 117 14.44 -58.33 21.46
CA GLU X 117 14.31 -58.19 20.01
C GLU X 117 12.90 -58.49 19.52
N GLY X 118 12.23 -59.48 20.11
CA GLY X 118 10.86 -59.79 19.75
C GLY X 118 9.88 -59.19 20.73
N MET X 119 9.97 -57.88 20.97
CA MET X 119 9.31 -57.28 22.11
C MET X 119 8.94 -55.84 21.78
N ASN X 120 7.66 -55.52 21.93
CA ASN X 120 7.12 -54.24 21.48
C ASN X 120 7.51 -53.10 22.43
N TYR X 121 7.01 -51.90 22.13
CA TYR X 121 7.23 -50.75 23.01
C TYR X 121 6.61 -50.97 24.38
N ALA X 122 5.33 -51.35 24.43
CA ALA X 122 4.62 -51.45 25.69
C ALA X 122 5.14 -52.61 26.54
N ASP X 123 5.57 -53.70 25.89
CA ASP X 123 6.16 -54.80 26.65
C ASP X 123 7.52 -54.42 27.24
N ILE X 124 8.32 -53.64 26.50
CA ILE X 124 9.59 -53.14 27.02
C ILE X 124 9.34 -52.21 28.20
N GLU X 125 8.31 -51.37 28.11
CA GLU X 125 7.96 -50.50 29.24
C GLU X 125 7.45 -51.30 30.42
N ILE X 126 6.73 -52.40 30.18
CA ILE X 126 6.28 -53.28 31.26
C ILE X 126 7.46 -53.90 31.98
N ALA X 127 8.45 -54.40 31.21
CA ALA X 127 9.65 -55.00 31.81
C ALA X 127 10.48 -53.96 32.56
N LEU X 128 10.62 -52.76 32.00
CA LEU X 128 11.43 -51.72 32.63
C LEU X 128 10.74 -51.17 33.87
N ALA X 129 9.42 -51.01 33.84
CA ALA X 129 8.68 -50.58 35.03
C ALA X 129 8.68 -51.66 36.10
N GLY X 130 8.66 -52.93 35.71
CA GLY X 130 8.80 -54.00 36.69
C GLY X 130 10.16 -54.02 37.35
N LEU X 131 11.22 -53.78 36.58
CA LEU X 131 12.56 -53.72 37.14
C LEU X 131 12.74 -52.49 38.03
N ALA X 132 12.16 -51.36 37.64
CA ALA X 132 12.21 -50.17 38.49
C ALA X 132 11.39 -50.33 39.75
N ASP X 133 10.26 -51.05 39.67
CA ASP X 133 9.46 -51.32 40.87
C ASP X 133 10.19 -52.30 41.78
N LYS X 134 10.92 -53.26 41.22
CA LYS X 134 11.77 -54.14 42.03
C LYS X 134 12.89 -53.36 42.69
N ALA X 135 13.42 -52.34 42.01
CA ALA X 135 14.43 -51.48 42.62
C ALA X 135 13.81 -50.50 43.62
N ARG X 136 12.49 -50.30 43.58
CA ARG X 136 11.85 -49.38 44.51
C ARG X 136 11.86 -49.91 45.94
N ARG X 137 11.46 -51.16 46.15
CA ARG X 137 11.53 -51.75 47.47
C ARG X 137 12.80 -52.59 47.68
N ASP X 138 13.79 -52.40 46.81
CA ASP X 138 15.12 -53.02 46.90
C ASP X 138 15.03 -54.56 46.83
N ALA X 139 14.52 -55.03 45.69
CA ALA X 139 14.40 -56.45 45.43
C ALA X 139 15.23 -56.88 44.22
N ILE X 140 16.28 -56.14 43.89
CA ILE X 140 17.12 -56.47 42.75
C ILE X 140 18.03 -57.64 43.12
N THR X 141 17.99 -58.70 42.31
CA THR X 141 18.71 -59.92 42.60
C THR X 141 20.08 -59.89 41.92
N VAL X 142 20.76 -61.04 41.92
CA VAL X 142 22.09 -61.15 41.33
C VAL X 142 22.02 -61.69 39.90
N GLU X 143 21.01 -62.51 39.59
CA GLU X 143 20.89 -63.14 38.28
C GLU X 143 20.60 -62.15 37.16
N ASP X 144 20.09 -60.97 37.46
CA ASP X 144 19.86 -59.92 36.48
C ASP X 144 20.91 -58.83 36.54
N MET X 145 22.17 -59.20 36.79
CA MET X 145 23.27 -58.25 36.86
C MET X 145 24.32 -58.47 35.78
N ASP X 146 24.16 -59.47 34.92
CA ASP X 146 25.13 -59.79 33.90
C ASP X 146 24.42 -60.16 32.61
N GLY X 147 25.20 -60.50 31.59
CA GLY X 147 24.66 -60.96 30.33
C GLY X 147 24.21 -59.88 29.38
N GLY X 148 24.39 -58.60 29.74
CA GLY X 148 23.95 -57.54 28.86
C GLY X 148 24.85 -57.39 27.65
N THR X 149 24.23 -57.11 26.51
CA THR X 149 24.95 -56.93 25.25
C THR X 149 24.99 -55.49 24.78
N PHE X 150 24.17 -54.61 25.35
CA PHE X 150 24.11 -53.21 24.92
C PHE X 150 23.59 -52.38 26.09
N THR X 151 23.79 -51.06 25.98
CA THR X 151 23.46 -50.17 27.09
C THR X 151 22.96 -48.84 26.56
N ILE X 152 21.83 -48.39 27.09
CA ILE X 152 21.18 -47.14 26.71
C ILE X 152 21.21 -46.26 27.96
N SER X 153 22.37 -46.21 28.61
CA SER X 153 22.63 -45.45 29.84
C SER X 153 22.09 -44.03 29.80
N ASN X 154 21.14 -43.74 30.69
CA ASN X 154 20.36 -42.52 30.66
C ASN X 154 21.20 -41.36 31.19
N GLY X 155 21.48 -40.39 30.32
CA GLY X 155 22.10 -39.15 30.73
C GLY X 155 21.25 -38.00 30.29
N GLY X 156 20.03 -38.30 29.85
CA GLY X 156 19.14 -37.31 29.28
C GLY X 156 18.26 -36.60 30.29
N VAL X 157 17.85 -37.32 31.33
CA VAL X 157 17.02 -36.73 32.37
C VAL X 157 17.83 -35.78 33.25
N PHE X 158 19.15 -35.93 33.25
CA PHE X 158 20.02 -35.17 34.14
C PHE X 158 20.60 -33.91 33.49
N GLY X 159 20.59 -33.83 32.17
CA GLY X 159 20.91 -32.59 31.48
C GLY X 159 22.30 -32.49 30.88
N SER X 160 22.76 -33.56 30.23
CA SER X 160 24.03 -33.50 29.52
C SER X 160 23.80 -33.14 28.06
N LEU X 161 24.89 -32.80 27.37
CA LEU X 161 24.82 -32.50 25.95
C LEU X 161 25.70 -33.42 25.14
N MET X 162 26.95 -33.66 25.56
CA MET X 162 27.79 -34.71 25.01
C MET X 162 28.40 -35.51 26.15
N GLY X 163 28.84 -36.72 25.82
CA GLY X 163 29.46 -37.60 26.79
C GLY X 163 30.13 -38.76 26.09
N THR X 164 31.05 -39.41 26.81
CA THR X 164 31.85 -40.50 26.26
C THR X 164 31.86 -41.66 27.24
N PRO X 165 30.74 -42.39 27.39
CA PRO X 165 30.62 -43.35 28.51
C PRO X 165 31.54 -44.56 28.37
N ILE X 166 32.14 -44.94 29.50
CA ILE X 166 33.16 -45.97 29.53
C ILE X 166 32.53 -47.33 29.26
N ILE X 167 33.19 -48.12 28.39
CA ILE X 167 32.72 -49.45 28.06
C ILE X 167 32.84 -50.35 29.29
N ASN X 168 31.71 -50.97 29.68
CA ASN X 168 31.66 -51.84 30.83
C ASN X 168 31.53 -53.29 30.39
N PRO X 169 32.13 -54.24 31.12
CA PRO X 169 32.01 -55.65 30.75
C PRO X 169 30.63 -56.19 31.12
N PRO X 170 30.16 -57.28 30.49
CA PRO X 170 30.77 -58.01 29.37
C PRO X 170 30.21 -57.65 27.99
N GLN X 171 29.99 -56.38 27.67
CA GLN X 171 29.52 -55.99 26.35
C GLN X 171 30.60 -55.21 25.62
N SER X 172 30.26 -54.72 24.42
CA SER X 172 31.27 -54.12 23.56
C SER X 172 30.86 -52.79 22.92
N ALA X 173 29.65 -52.29 23.17
CA ALA X 173 29.23 -51.00 22.62
C ALA X 173 28.13 -50.43 23.51
N ILE X 174 28.27 -49.16 23.87
CA ILE X 174 27.36 -48.49 24.80
C ILE X 174 26.94 -47.15 24.20
N LEU X 175 25.64 -46.97 24.00
CA LEU X 175 25.08 -45.74 23.47
C LEU X 175 24.52 -44.92 24.63
N GLY X 176 25.16 -43.79 24.91
CA GLY X 176 24.65 -42.90 25.94
C GLY X 176 23.81 -41.79 25.38
N MET X 177 22.49 -41.93 25.48
CA MET X 177 21.61 -40.87 25.00
C MET X 177 21.66 -39.67 25.94
N HIS X 178 21.36 -38.50 25.39
CA HIS X 178 21.57 -37.24 26.09
C HIS X 178 20.28 -36.43 26.10
N GLY X 179 20.32 -35.26 26.76
CA GLY X 179 19.13 -34.46 26.94
C GLY X 179 18.73 -33.73 25.67
N ILE X 180 17.41 -33.52 25.56
CA ILE X 180 16.85 -32.85 24.38
C ILE X 180 16.89 -31.33 24.60
N PHE X 181 17.54 -30.63 23.67
CA PHE X 181 17.71 -29.19 23.73
C PHE X 181 17.06 -28.58 22.49
N GLU X 182 17.24 -27.27 22.32
CA GLU X 182 16.64 -26.53 21.20
C GLU X 182 17.74 -25.99 20.31
N ARG X 183 17.72 -26.39 19.04
CA ARG X 183 18.69 -25.90 18.05
C ARG X 183 17.98 -25.64 16.74
N PRO X 184 18.16 -24.45 16.15
CA PRO X 184 17.40 -24.08 14.93
C PRO X 184 18.01 -24.61 13.65
N ILE X 185 17.67 -25.84 13.29
CA ILE X 185 18.41 -26.56 12.25
C ILE X 185 17.87 -26.23 10.86
N ALA X 186 18.79 -26.09 9.91
CA ALA X 186 18.43 -25.90 8.51
C ALA X 186 17.94 -27.21 7.93
N VAL X 187 16.65 -27.28 7.64
CA VAL X 187 16.05 -28.44 6.99
C VAL X 187 15.27 -27.95 5.76
N LYS X 188 15.43 -28.66 4.65
CA LYS X 188 14.75 -28.38 3.37
C LYS X 188 15.05 -26.99 2.82
N GLY X 189 16.23 -26.45 3.13
CA GLY X 189 16.65 -25.18 2.59
C GLY X 189 16.26 -23.95 3.38
N GLU X 190 15.57 -24.10 4.51
CA GLU X 190 15.22 -22.97 5.36
C GLU X 190 15.49 -23.31 6.82
N VAL X 191 15.59 -22.27 7.64
CA VAL X 191 15.92 -22.42 9.05
C VAL X 191 14.65 -22.75 9.83
N LYS X 192 14.69 -23.85 10.58
CA LYS X 192 13.56 -24.25 11.42
C LYS X 192 14.05 -24.71 12.77
N ILE X 193 13.33 -24.33 13.82
CA ILE X 193 13.69 -24.69 15.19
C ILE X 193 13.13 -26.08 15.47
N ARG X 194 14.01 -27.08 15.45
CA ARG X 194 13.64 -28.45 15.73
C ARG X 194 14.42 -28.96 16.94
N PRO X 195 13.75 -29.47 17.97
CA PRO X 195 14.49 -29.95 19.14
C PRO X 195 15.20 -31.28 18.91
N MET X 196 16.53 -31.26 18.90
CA MET X 196 17.29 -32.50 18.81
C MET X 196 17.96 -32.83 20.14
N MET X 197 18.72 -33.93 20.10
CA MET X 197 19.50 -34.41 21.21
C MET X 197 20.66 -35.24 20.64
N TYR X 198 21.84 -35.03 21.20
CA TYR X 198 23.02 -35.72 20.70
C TYR X 198 23.08 -37.14 21.25
N ILE X 199 23.74 -38.02 20.50
CA ILE X 199 23.95 -39.39 20.93
C ILE X 199 25.43 -39.69 20.92
N ALA X 200 25.81 -40.74 21.65
CA ALA X 200 27.19 -41.18 21.75
C ALA X 200 27.25 -42.67 21.41
N LEU X 201 28.45 -43.13 21.04
CA LEU X 201 28.67 -44.54 20.76
C LEU X 201 30.14 -44.84 21.01
N THR X 202 30.44 -45.39 22.18
CA THR X 202 31.81 -45.75 22.53
C THR X 202 32.01 -47.23 22.28
N TYR X 203 32.79 -47.54 21.25
CA TYR X 203 32.87 -48.88 20.68
C TYR X 203 34.32 -49.34 20.62
N ASP X 204 34.54 -50.61 20.90
CA ASP X 204 35.87 -51.19 20.81
C ASP X 204 36.32 -51.29 19.36
N HIS X 205 37.56 -50.86 19.09
CA HIS X 205 38.14 -51.04 17.76
C HIS X 205 38.67 -52.43 17.52
N ARG X 206 38.78 -53.26 18.57
CA ARG X 206 39.27 -54.62 18.37
C ARG X 206 38.26 -55.48 17.62
N ILE X 207 36.97 -55.17 17.72
CA ILE X 207 35.96 -55.96 17.01
C ILE X 207 35.04 -55.09 16.14
N ILE X 208 34.55 -53.96 16.65
CA ILE X 208 33.72 -53.08 15.81
C ILE X 208 34.63 -52.13 15.04
N ASP X 209 34.56 -52.18 13.72
CA ASP X 209 35.29 -51.25 12.89
C ASP X 209 34.59 -49.89 12.89
N GLY X 210 35.33 -48.87 12.44
CA GLY X 210 34.76 -47.53 12.38
C GLY X 210 33.62 -47.39 11.39
N ARG X 211 33.73 -48.08 10.25
CA ARG X 211 32.64 -48.14 9.28
C ARG X 211 31.41 -48.78 9.89
N GLU X 212 31.61 -49.85 10.66
CA GLU X 212 30.53 -50.58 11.31
C GLU X 212 29.79 -49.69 12.30
N ALA X 213 30.54 -48.96 13.12
CA ALA X 213 29.92 -48.10 14.13
C ALA X 213 29.26 -46.88 13.51
N VAL X 214 29.83 -46.36 12.42
CA VAL X 214 29.23 -45.19 11.74
C VAL X 214 27.91 -45.58 11.08
N LEU X 215 27.88 -46.71 10.37
CA LEU X 215 26.63 -47.19 9.78
C LEU X 215 25.62 -47.59 10.85
N PHE X 216 26.11 -48.13 11.97
CA PHE X 216 25.27 -48.49 13.10
C PHE X 216 24.59 -47.25 13.70
N LEU X 217 25.36 -46.19 13.90
CA LEU X 217 24.81 -44.97 14.46
C LEU X 217 23.86 -44.26 13.49
N ARG X 218 24.18 -44.30 12.20
CA ARG X 218 23.28 -43.75 11.19
C ARG X 218 21.97 -44.53 11.12
N LYS X 219 22.04 -45.85 11.29
CA LYS X 219 20.84 -46.67 11.26
C LYS X 219 19.96 -46.42 12.49
N ILE X 220 20.58 -46.23 13.66
CA ILE X 220 19.79 -45.88 14.84
C ILE X 220 19.20 -44.48 14.71
N LYS X 221 19.94 -43.55 14.10
CA LYS X 221 19.41 -42.21 13.86
C LYS X 221 18.21 -42.23 12.93
N ALA X 222 18.28 -43.03 11.86
CA ALA X 222 17.14 -43.18 10.96
C ALA X 222 15.98 -43.93 11.63
N ALA X 223 16.26 -44.85 12.54
CA ALA X 223 15.20 -45.59 13.20
C ALA X 223 14.48 -44.77 14.25
N VAL X 224 15.18 -43.83 14.90
CA VAL X 224 14.53 -43.00 15.91
C VAL X 224 13.86 -41.78 15.28
N GLU X 225 14.46 -41.20 14.24
CA GLU X 225 13.80 -40.12 13.50
C GLU X 225 12.55 -40.62 12.78
N ASN X 226 12.57 -41.84 12.26
CA ASN X 226 11.43 -42.44 11.59
C ASN X 226 11.26 -43.87 12.07
N PRO X 227 10.28 -44.15 12.93
CA PRO X 227 10.09 -45.53 13.42
C PRO X 227 9.31 -46.44 12.49
N ALA X 228 9.15 -46.09 11.22
CA ALA X 228 8.63 -47.01 10.22
C ALA X 228 9.73 -47.85 9.59
N ILE X 229 10.99 -47.47 9.80
CA ILE X 229 12.12 -48.22 9.25
C ILE X 229 12.25 -49.57 9.93
N ILE X 230 11.86 -49.66 11.20
CA ILE X 230 12.06 -50.89 11.97
C ILE X 230 11.11 -51.99 11.52
N VAL X 231 9.94 -51.63 10.96
CA VAL X 231 9.07 -52.61 10.32
C VAL X 231 9.36 -52.68 8.83
N ALA X 232 9.99 -51.65 8.26
CA ALA X 232 10.36 -51.65 6.85
C ALA X 232 11.48 -52.63 6.54
N GLY X 233 12.41 -52.83 7.46
CA GLY X 233 13.52 -53.74 7.21
C GLY X 233 14.66 -53.12 6.42
N LEU X 234 15.31 -52.11 6.99
CA LEU X 234 16.51 -51.54 6.38
C LEU X 234 17.75 -51.70 7.25
#